data_7O0I
#
_entry.id   7O0I
#
_cell.length_a   1.00
_cell.length_b   1.00
_cell.length_c   1.00
_cell.angle_alpha   90.00
_cell.angle_beta   90.00
_cell.angle_gamma   90.00
#
_symmetry.space_group_name_H-M   'P 1'
#
loop_
_entity.id
_entity.type
_entity.pdbx_description
1 polymer 'RsbS, negative regulator of sigma-B'
2 polymer 'Anti-anti-sigma factor'
#
loop_
_entity_poly.entity_id
_entity_poly.type
_entity_poly.pdbx_seq_one_letter_code
_entity_poly.pdbx_strand_id
1 'polypeptide(L)'
;MQSAISISKLQDVLIASVQVDLTESTLRDFSLDLLDAVKSTRAKGVMIELSGVKTLDGESMHSLLDVVKTVEVMGRRCLL
VGLRPGVVIGLMDIGIDLASTLCVADLEQGFLYLE
;
a,b,A,D,O,P,e,f,g,t,u,v
2 'polypeptide(L)'
;MSLGSVLNKVEDADELLKLHDLTEADLALIRKFGQIMVPKLDEYVKHFYDWLRNTPEYEQYFGDAQKLQRVQDSQVRYWK
TFFDARIDSAYLKERRDVGEIHARVGLPLPTYFAGMNISMVIFTKRMYDGSLYSDEYSSLVTAFTKLLHLDTTIVVDTYS
RLINKRISEQSEALLAMSTPVTMIWQDILMLPIVGIIDSKRAQDIMSAVLNKISENRAKIFIMDISGVAVVDTAVANHFI
KITKATKLMGCDCLVSGVSPSIARTMVQLGINVGEVRTNATLRDALENAFKIVGLTVSGLKHFPHE
;
B,C,E,F,G,H,I,J,K,L,M,N,Q,R,S,T,U,V,W,X,Y,Z,c,d,h,i,j,k,l,m,n,o,p,q,r,s,w,x,y,z,1,2,4,5,6,7,8,9
#
# COMPACT_ATOMS: atom_id res chain seq x y z
N SER A 3 52.52 -59.07 3.69
CA SER A 3 51.99 -59.45 2.36
C SER A 3 51.80 -58.20 1.48
N ALA A 4 51.93 -58.35 0.17
CA ALA A 4 51.84 -57.20 -0.74
C ALA A 4 50.46 -56.54 -0.75
N ILE A 5 49.38 -57.32 -0.71
CA ILE A 5 48.02 -56.72 -0.89
C ILE A 5 47.72 -55.70 0.21
N SER A 6 47.12 -54.56 -0.18
CA SER A 6 46.73 -53.50 0.79
C SER A 6 45.58 -52.68 0.19
N ILE A 7 44.77 -52.05 1.02
CA ILE A 7 43.57 -51.31 0.53
C ILE A 7 43.29 -50.17 1.52
N SER A 8 42.82 -49.02 1.01
CA SER A 8 42.56 -47.85 1.89
C SER A 8 41.17 -47.32 1.59
N LYS A 9 40.62 -46.48 2.46
CA LYS A 9 39.22 -46.07 2.26
C LYS A 9 39.05 -44.56 2.27
N LEU A 10 38.19 -44.07 1.39
CA LEU A 10 37.87 -42.63 1.45
C LEU A 10 36.56 -42.51 2.20
N GLN A 11 36.39 -41.38 2.90
CA GLN A 11 35.18 -41.19 3.73
C GLN A 11 34.88 -42.48 4.48
N ASP A 12 33.61 -42.89 4.49
CA ASP A 12 33.25 -44.18 5.14
C ASP A 12 33.21 -45.20 4.02
N VAL A 13 33.82 -44.85 2.89
CA VAL A 13 33.73 -45.72 1.68
C VAL A 13 34.99 -46.57 1.55
N LEU A 14 34.84 -47.90 1.64
CA LEU A 14 36.00 -48.81 1.49
C LEU A 14 36.37 -48.87 0.01
N ILE A 15 37.63 -49.19 -0.27
CA ILE A 15 38.08 -49.31 -1.68
C ILE A 15 38.82 -50.62 -1.87
N ALA A 16 38.11 -51.74 -1.91
CA ALA A 16 38.79 -53.01 -2.21
C ALA A 16 39.19 -52.99 -3.68
N SER A 17 40.26 -53.70 -4.03
CA SER A 17 40.77 -53.60 -5.41
C SER A 17 41.24 -54.97 -5.91
N VAL A 18 40.64 -55.46 -6.98
CA VAL A 18 41.15 -56.73 -7.58
C VAL A 18 42.19 -56.32 -8.60
N GLN A 19 43.46 -56.54 -8.27
CA GLN A 19 44.54 -56.24 -9.25
C GLN A 19 44.49 -57.34 -10.31
N VAL A 20 44.47 -58.60 -9.86
CA VAL A 20 44.51 -59.74 -10.83
C VAL A 20 43.66 -60.87 -10.24
N ASP A 21 43.42 -61.92 -11.00
CA ASP A 21 42.69 -63.05 -10.37
C ASP A 21 43.63 -63.53 -9.28
N LEU A 22 43.13 -63.56 -8.04
CA LEU A 22 43.99 -64.00 -6.91
C LEU A 22 43.81 -65.50 -6.86
N THR A 23 44.81 -66.23 -7.34
CA THR A 23 44.66 -67.69 -7.41
C THR A 23 44.49 -68.17 -5.96
N GLU A 24 45.02 -67.41 -5.03
CA GLU A 24 45.00 -67.85 -3.62
C GLU A 24 43.65 -67.52 -3.02
N SER A 25 42.83 -68.56 -2.85
CA SER A 25 41.55 -68.36 -2.12
C SER A 25 42.00 -68.15 -0.67
N THR A 26 43.21 -68.61 -0.37
CA THR A 26 43.74 -68.32 0.98
C THR A 26 43.96 -66.82 1.02
N LEU A 27 44.46 -66.25 -0.06
CA LEU A 27 44.56 -64.77 -0.02
C LEU A 27 43.14 -64.23 -0.02
N ARG A 28 42.19 -64.99 -0.58
CA ARG A 28 40.80 -64.51 -0.49
C ARG A 28 40.44 -64.45 0.99
N ASP A 29 40.81 -65.50 1.72
CA ASP A 29 40.51 -65.58 3.16
C ASP A 29 41.23 -64.43 3.84
N PHE A 30 42.45 -64.18 3.40
CA PHE A 30 43.27 -63.14 4.06
C PHE A 30 42.57 -61.79 3.90
N SER A 31 42.07 -61.54 2.70
CA SER A 31 41.41 -60.25 2.40
C SER A 31 40.13 -60.17 3.22
N LEU A 32 39.45 -61.30 3.35
CA LEU A 32 38.18 -61.32 4.12
C LEU A 32 38.55 -60.89 5.53
N ASP A 33 39.63 -61.44 6.03
CA ASP A 33 40.03 -61.16 7.42
C ASP A 33 40.36 -59.69 7.54
N LEU A 34 41.06 -59.17 6.55
CA LEU A 34 41.49 -57.76 6.63
C LEU A 34 40.23 -56.93 6.68
N LEU A 35 39.27 -57.27 5.84
CA LEU A 35 38.05 -56.45 5.74
C LEU A 35 37.28 -56.52 7.05
N ASP A 36 37.29 -57.68 7.69
CA ASP A 36 36.46 -57.77 8.92
C ASP A 36 37.18 -56.97 9.98
N ALA A 37 38.51 -57.03 9.94
CA ALA A 37 39.30 -56.28 10.93
C ALA A 37 39.03 -54.80 10.71
N VAL A 38 39.02 -54.43 9.44
CA VAL A 38 38.81 -53.00 9.10
C VAL A 38 37.43 -52.64 9.59
N LYS A 39 36.47 -53.53 9.37
CA LYS A 39 35.08 -53.18 9.72
C LYS A 39 35.05 -52.92 11.22
N SER A 40 35.69 -53.81 11.97
CA SER A 40 35.63 -53.69 13.44
C SER A 40 36.26 -52.37 13.87
N THR A 41 37.41 -52.05 13.29
CA THR A 41 38.10 -50.85 13.80
C THR A 41 37.46 -49.58 13.27
N ARG A 42 37.39 -49.49 11.94
CA ARG A 42 36.92 -48.24 11.32
C ARG A 42 35.46 -47.99 11.68
N ALA A 43 34.65 -49.05 11.61
CA ALA A 43 33.20 -48.95 11.91
C ALA A 43 32.46 -48.17 10.80
N LYS A 44 33.15 -47.86 9.69
CA LYS A 44 32.54 -47.06 8.60
C LYS A 44 31.58 -47.92 7.79
N GLY A 45 30.67 -47.32 7.02
CA GLY A 45 29.64 -48.14 6.36
C GLY A 45 29.91 -48.50 4.91
N VAL A 46 30.28 -47.54 4.08
CA VAL A 46 30.39 -47.85 2.61
C VAL A 46 31.57 -48.78 2.32
N MET A 47 31.37 -49.76 1.42
CA MET A 47 32.46 -50.66 1.01
C MET A 47 32.43 -50.79 -0.50
N ILE A 48 33.59 -50.80 -1.17
CA ILE A 48 33.54 -51.03 -2.64
C ILE A 48 34.64 -52.00 -3.03
N GLU A 49 34.49 -52.65 -4.18
CA GLU A 49 35.55 -53.56 -4.68
C GLU A 49 35.69 -53.36 -6.19
N LEU A 50 36.93 -53.29 -6.68
CA LEU A 50 37.14 -53.04 -8.11
C LEU A 50 37.67 -54.31 -8.76
N SER A 51 36.91 -54.93 -9.65
CA SER A 51 37.52 -56.08 -10.34
C SER A 51 38.17 -55.55 -11.62
N GLY A 52 39.45 -55.19 -11.55
CA GLY A 52 40.08 -54.78 -12.80
C GLY A 52 40.07 -55.96 -13.75
N VAL A 53 40.42 -57.14 -13.25
CA VAL A 53 40.35 -58.38 -14.08
C VAL A 53 40.16 -59.56 -13.13
N LYS A 54 39.52 -60.61 -13.62
CA LYS A 54 39.40 -61.84 -12.79
C LYS A 54 39.83 -62.98 -13.68
N THR A 55 41.13 -63.04 -13.97
CA THR A 55 41.61 -64.08 -14.89
C THR A 55 40.91 -65.41 -14.64
N LEU A 56 40.58 -65.71 -13.38
CA LEU A 56 39.91 -67.01 -13.15
C LEU A 56 38.51 -66.75 -12.61
N ASP A 57 37.55 -67.54 -13.06
CA ASP A 57 36.13 -67.34 -12.66
C ASP A 57 35.58 -68.70 -12.25
N GLY A 58 34.39 -68.74 -11.65
CA GLY A 58 33.76 -70.02 -11.29
C GLY A 58 34.08 -70.42 -9.87
N GLU A 59 34.84 -69.56 -9.19
CA GLU A 59 35.07 -69.81 -7.76
C GLU A 59 33.71 -69.50 -7.14
N SER A 60 32.92 -70.54 -6.95
CA SER A 60 31.63 -70.33 -6.28
C SER A 60 32.02 -69.81 -4.91
N MET A 61 33.13 -70.30 -4.38
CA MET A 61 33.60 -69.89 -3.04
C MET A 61 33.92 -68.40 -3.04
N HIS A 62 34.55 -67.90 -4.09
CA HIS A 62 34.85 -66.45 -4.19
C HIS A 62 33.55 -65.67 -4.33
N SER A 63 32.59 -66.23 -5.07
CA SER A 63 31.30 -65.52 -5.18
C SER A 63 30.71 -65.47 -3.78
N LEU A 64 30.92 -66.53 -3.01
CA LEU A 64 30.38 -66.63 -1.64
C LEU A 64 31.08 -65.58 -0.81
N LEU A 65 32.36 -65.41 -1.06
CA LEU A 65 33.16 -64.43 -0.32
C LEU A 65 32.49 -63.09 -0.61
N ASP A 66 32.15 -62.88 -1.87
CA ASP A 66 31.56 -61.58 -2.24
C ASP A 66 30.26 -61.42 -1.47
N VAL A 67 29.47 -62.49 -1.42
CA VAL A 67 28.15 -62.41 -0.75
C VAL A 67 28.33 -62.10 0.73
N VAL A 68 29.25 -62.77 1.39
CA VAL A 68 29.44 -62.63 2.86
C VAL A 68 29.89 -61.19 3.12
N LYS A 69 30.72 -60.71 2.20
CA LYS A 69 31.25 -59.35 2.37
C LYS A 69 30.08 -58.39 2.29
N THR A 70 29.13 -58.59 1.40
CA THR A 70 28.00 -57.63 1.50
C THR A 70 27.31 -57.86 2.85
N VAL A 71 26.90 -59.09 3.13
CA VAL A 71 26.04 -59.38 4.32
C VAL A 71 26.66 -59.09 5.69
N GLU A 72 27.88 -59.54 5.93
CA GLU A 72 28.41 -59.35 7.30
C GLU A 72 28.60 -57.85 7.45
N VAL A 73 29.05 -57.23 6.37
CA VAL A 73 29.37 -55.78 6.48
C VAL A 73 28.04 -55.15 6.83
N MET A 74 26.98 -55.71 6.26
CA MET A 74 25.68 -55.05 6.41
C MET A 74 26.06 -53.67 5.87
N GLY A 75 26.86 -53.67 4.79
CA GLY A 75 27.41 -52.42 4.28
C GLY A 75 27.41 -52.36 2.76
N ARG A 76 27.54 -51.15 2.20
CA ARG A 76 27.51 -50.94 0.73
C ARG A 76 28.55 -51.76 -0.03
N ARG A 77 28.26 -52.11 -1.29
CA ARG A 77 29.13 -53.15 -1.90
C ARG A 77 28.94 -53.03 -3.41
N CYS A 78 30.00 -52.70 -4.15
CA CYS A 78 29.87 -52.51 -5.62
C CYS A 78 31.08 -53.11 -6.32
N LEU A 79 30.93 -53.45 -7.59
CA LEU A 79 32.03 -54.15 -8.29
C LEU A 79 32.32 -53.45 -9.61
N LEU A 80 33.60 -53.22 -9.90
CA LEU A 80 33.94 -52.71 -11.24
C LEU A 80 34.16 -53.96 -12.06
N VAL A 81 33.32 -54.17 -13.08
CA VAL A 81 33.39 -55.43 -13.87
C VAL A 81 34.66 -55.40 -14.71
N GLY A 82 35.51 -56.42 -14.54
CA GLY A 82 36.71 -56.51 -15.38
C GLY A 82 36.68 -57.85 -16.09
N LEU A 83 37.23 -57.91 -17.30
CA LEU A 83 37.32 -59.20 -18.03
C LEU A 83 35.92 -59.76 -18.28
N ARG A 84 34.92 -58.89 -18.14
CA ARG A 84 33.49 -59.33 -18.22
C ARG A 84 33.31 -60.38 -19.31
N PRO A 85 33.74 -60.12 -20.56
CA PRO A 85 33.50 -61.07 -21.67
C PRO A 85 33.80 -62.50 -21.22
N GLY A 86 34.97 -62.73 -20.61
CA GLY A 86 35.30 -64.06 -20.10
C GLY A 86 34.92 -64.21 -18.64
N VAL A 87 34.70 -63.08 -17.95
CA VAL A 87 34.39 -63.13 -16.51
C VAL A 87 32.93 -63.45 -16.43
N VAL A 88 32.11 -62.72 -17.17
CA VAL A 88 30.65 -62.81 -17.05
C VAL A 88 30.16 -64.12 -17.62
N ILE A 89 30.78 -64.57 -18.69
CA ILE A 89 30.20 -65.81 -19.25
C ILE A 89 30.38 -66.88 -18.17
N GLY A 90 31.58 -66.92 -17.60
CA GLY A 90 31.80 -67.86 -16.49
C GLY A 90 30.90 -67.48 -15.34
N LEU A 91 30.78 -66.18 -15.10
CA LEU A 91 29.93 -65.72 -13.97
C LEU A 91 28.50 -66.14 -14.26
N MET A 92 28.07 -66.00 -15.51
CA MET A 92 26.70 -66.36 -15.93
C MET A 92 26.52 -67.87 -15.86
N ASP A 93 27.56 -68.60 -16.20
CA ASP A 93 27.47 -70.07 -16.10
C ASP A 93 27.21 -70.37 -14.63
N ILE A 94 27.91 -69.63 -13.76
CA ILE A 94 27.71 -69.82 -12.29
C ILE A 94 26.29 -69.41 -11.94
N GLY A 95 25.79 -68.34 -12.55
CA GLY A 95 24.47 -67.81 -12.18
C GLY A 95 24.62 -66.90 -10.98
N ILE A 96 23.55 -66.27 -10.52
CA ILE A 96 23.61 -65.43 -9.28
C ILE A 96 22.26 -65.47 -8.58
N ASP A 97 22.25 -65.34 -7.25
CA ASP A 97 20.98 -65.30 -6.50
C ASP A 97 20.79 -63.92 -5.86
N LEU A 98 21.63 -62.94 -6.19
CA LEU A 98 21.54 -61.62 -5.50
C LEU A 98 21.54 -60.47 -6.49
N ALA A 99 21.06 -59.30 -6.07
CA ALA A 99 21.03 -58.10 -6.93
C ALA A 99 21.52 -56.88 -6.15
N SER A 100 22.05 -57.08 -4.96
CA SER A 100 22.50 -55.92 -4.15
C SER A 100 23.53 -55.11 -4.92
N THR A 101 24.66 -55.69 -5.31
CA THR A 101 25.74 -54.92 -5.98
C THR A 101 25.50 -54.83 -7.50
N LEU A 102 26.35 -54.07 -8.21
CA LEU A 102 26.25 -53.92 -9.70
C LEU A 102 27.59 -53.42 -10.23
N CYS A 103 27.75 -53.34 -11.56
CA CYS A 103 29.02 -52.73 -12.03
C CYS A 103 29.10 -51.34 -11.40
N VAL A 104 30.23 -51.00 -10.79
CA VAL A 104 30.36 -49.70 -10.08
C VAL A 104 30.05 -48.61 -11.09
N ALA A 105 29.19 -47.65 -10.73
CA ALA A 105 28.71 -46.70 -11.76
C ALA A 105 29.88 -46.03 -12.48
N ASP A 106 30.88 -45.54 -11.76
CA ASP A 106 32.07 -45.02 -12.47
C ASP A 106 33.26 -45.76 -11.87
N LEU A 107 33.00 -47.01 -11.49
CA LEU A 107 34.07 -47.83 -10.87
C LEU A 107 34.58 -47.07 -9.65
N GLU A 108 33.84 -46.06 -9.18
CA GLU A 108 34.23 -45.24 -8.01
C GLU A 108 33.33 -43.99 -8.08
N GLN A 109 33.63 -43.09 -9.01
CA GLN A 109 32.88 -41.81 -9.11
C GLN A 109 31.36 -42.07 -9.16
N GLY A 110 30.89 -43.14 -9.82
CA GLY A 110 29.42 -43.28 -9.87
C GLY A 110 28.79 -43.54 -8.52
N PHE A 111 29.31 -44.51 -7.78
CA PHE A 111 28.56 -44.85 -6.55
C PHE A 111 29.11 -44.04 -5.39
N LEU A 112 30.24 -43.41 -5.61
CA LEU A 112 30.75 -42.50 -4.56
C LEU A 112 29.67 -41.45 -4.53
N TYR A 113 29.28 -41.04 -5.73
CA TYR A 113 28.26 -39.98 -5.79
C TYR A 113 27.00 -40.59 -5.21
N LEU A 114 26.74 -41.84 -5.59
CA LEU A 114 25.47 -42.47 -5.15
C LEU A 114 25.23 -42.71 -3.68
N GLU A 115 26.16 -43.36 -2.99
CA GLU A 115 25.96 -43.60 -1.53
C GLU A 115 24.53 -43.24 -1.11
N GLU B 169 35.22 -68.96 33.89
CA GLU B 169 34.55 -68.39 32.73
C GLU B 169 33.45 -67.42 33.17
N GLN B 170 32.71 -67.80 34.21
CA GLN B 170 31.64 -66.94 34.72
C GLN B 170 32.20 -65.61 35.21
N SER B 171 33.41 -65.61 35.75
CA SER B 171 33.99 -64.32 36.13
C SER B 171 34.07 -63.50 34.81
N GLU B 172 34.82 -64.06 33.88
CA GLU B 172 35.07 -63.28 32.64
C GLU B 172 33.72 -62.99 32.03
N ALA B 173 32.75 -63.87 32.25
CA ALA B 173 31.39 -63.61 31.76
C ALA B 173 30.87 -62.38 32.48
N LEU B 174 31.19 -62.23 33.77
CA LEU B 174 30.77 -61.05 34.56
C LEU B 174 31.44 -59.80 33.98
N LEU B 175 32.73 -59.95 33.74
CA LEU B 175 33.53 -58.81 33.22
C LEU B 175 32.92 -58.47 31.87
N ALA B 176 32.40 -59.48 31.19
CA ALA B 176 31.80 -59.24 29.87
C ALA B 176 30.64 -58.27 30.09
N MET B 177 29.92 -58.41 31.20
CA MET B 177 28.71 -57.59 31.43
C MET B 177 28.93 -56.08 31.63
N SER B 178 29.92 -55.64 32.41
CA SER B 178 30.04 -54.21 32.77
C SER B 178 30.31 -53.23 31.62
N THR B 179 31.20 -53.59 30.69
CA THR B 179 31.60 -52.62 29.64
C THR B 179 30.41 -52.24 28.74
N PRO B 180 29.54 -53.17 28.30
CA PRO B 180 28.35 -52.79 27.56
C PRO B 180 27.42 -51.91 28.39
N VAL B 181 27.27 -52.28 29.67
CA VAL B 181 26.34 -51.51 30.54
C VAL B 181 26.94 -50.13 30.74
N THR B 182 28.18 -49.93 30.29
CA THR B 182 28.70 -48.53 30.30
C THR B 182 28.46 -47.80 28.97
N MET B 183 28.73 -48.42 27.83
CA MET B 183 28.69 -47.70 26.52
C MET B 183 27.28 -47.34 26.03
N ILE B 184 27.11 -46.15 25.43
CA ILE B 184 25.80 -45.81 24.79
C ILE B 184 25.99 -44.82 23.63
N TRP B 185 25.09 -44.87 22.65
CA TRP B 185 25.15 -43.95 21.49
C TRP B 185 25.32 -42.52 21.95
N GLN B 186 25.86 -41.68 21.08
CA GLN B 186 25.97 -40.24 21.41
C GLN B 186 26.84 -40.02 22.66
N ASP B 187 27.81 -40.90 22.93
CA ASP B 187 28.78 -40.63 24.03
C ASP B 187 28.09 -40.63 25.40
N ILE B 188 26.78 -40.91 25.44
CA ILE B 188 26.17 -40.99 26.78
C ILE B 188 26.75 -42.26 27.42
N LEU B 189 26.92 -42.27 28.75
CA LEU B 189 27.42 -43.49 29.43
C LEU B 189 26.51 -43.81 30.62
N MET B 190 26.57 -45.04 31.11
CA MET B 190 25.75 -45.45 32.28
C MET B 190 26.41 -46.70 32.87
N LEU B 191 25.83 -47.33 33.90
CA LEU B 191 26.45 -48.60 34.36
C LEU B 191 25.47 -49.50 35.11
N PRO B 192 24.47 -50.16 34.50
CA PRO B 192 23.66 -51.13 35.25
C PRO B 192 24.49 -52.33 35.74
N ILE B 193 24.18 -52.86 36.92
CA ILE B 193 24.92 -54.05 37.48
C ILE B 193 24.08 -54.83 38.50
N VAL B 194 24.52 -56.04 38.86
CA VAL B 194 23.80 -56.89 39.87
C VAL B 194 24.12 -56.37 41.28
N GLY B 195 23.14 -56.35 42.17
CA GLY B 195 23.35 -55.75 43.50
C GLY B 195 24.19 -56.60 44.44
N ILE B 196 23.94 -57.90 44.55
CA ILE B 196 24.86 -58.66 45.44
C ILE B 196 26.06 -59.02 44.59
N ILE B 197 27.16 -58.32 44.82
CA ILE B 197 28.33 -58.56 43.93
C ILE B 197 29.58 -58.57 44.81
N ASP B 198 30.70 -59.08 44.29
CA ASP B 198 32.00 -59.01 45.04
C ASP B 198 32.55 -57.58 45.12
N SER B 199 33.10 -57.21 46.28
CA SER B 199 33.72 -55.87 46.48
C SER B 199 34.95 -55.69 45.61
N LYS B 200 35.75 -56.75 45.49
CA LYS B 200 36.97 -56.67 44.65
C LYS B 200 36.50 -56.49 43.21
N ARG B 201 35.40 -57.14 42.85
CA ARG B 201 34.84 -57.03 41.49
C ARG B 201 34.39 -55.60 41.27
N ALA B 202 33.84 -54.99 42.32
CA ALA B 202 33.41 -53.58 42.24
C ALA B 202 34.63 -52.68 42.02
N GLN B 203 35.73 -53.01 42.68
CA GLN B 203 36.97 -52.25 42.43
C GLN B 203 37.36 -52.46 40.97
N ASP B 204 37.07 -53.65 40.49
CA ASP B 204 37.38 -53.91 39.08
C ASP B 204 36.54 -52.93 38.29
N ILE B 205 35.28 -52.82 38.67
CA ILE B 205 34.39 -51.96 37.86
C ILE B 205 34.97 -50.56 37.98
N MET B 206 35.44 -50.22 39.17
CA MET B 206 36.02 -48.89 39.38
C MET B 206 37.10 -48.69 38.32
N SER B 207 37.91 -49.71 38.10
CA SER B 207 39.08 -49.58 37.20
C SER B 207 38.51 -49.47 35.80
N ALA B 208 37.45 -50.23 35.56
CA ALA B 208 36.85 -50.27 34.22
C ALA B 208 36.36 -48.86 33.90
N VAL B 209 35.71 -48.22 34.85
CA VAL B 209 35.16 -46.89 34.49
C VAL B 209 36.34 -45.99 34.18
N LEU B 210 37.42 -46.08 34.95
CA LEU B 210 38.50 -45.12 34.64
C LEU B 210 38.95 -45.36 33.20
N ASN B 211 39.23 -46.61 32.88
CA ASN B 211 39.79 -46.83 31.52
C ASN B 211 38.72 -46.44 30.52
N LYS B 212 37.47 -46.73 30.85
CA LYS B 212 36.42 -46.48 29.84
C LYS B 212 36.44 -44.98 29.60
N ILE B 213 36.59 -44.23 30.68
CA ILE B 213 36.51 -42.77 30.51
C ILE B 213 37.67 -42.38 29.61
N SER B 214 38.83 -42.92 29.85
CA SER B 214 39.91 -42.47 28.95
C SER B 214 39.48 -42.82 27.55
N GLU B 215 39.06 -44.07 27.40
CA GLU B 215 38.83 -44.58 26.03
C GLU B 215 38.03 -43.54 25.29
N ASN B 216 36.92 -43.13 25.87
CA ASN B 216 36.26 -42.00 25.23
C ASN B 216 35.98 -41.11 26.39
N ARG B 217 36.66 -39.99 26.42
CA ARG B 217 36.29 -39.05 27.48
C ARG B 217 34.77 -38.81 27.36
N ALA B 218 34.01 -38.99 28.44
CA ALA B 218 32.54 -38.72 28.45
C ALA B 218 32.16 -37.89 29.67
N LYS B 219 31.58 -36.72 29.51
CA LYS B 219 31.12 -36.02 30.74
C LYS B 219 29.86 -36.74 31.19
N ILE B 220 29.25 -37.48 30.27
CA ILE B 220 27.96 -38.13 30.60
C ILE B 220 28.25 -39.57 31.03
N PHE B 221 27.74 -39.95 32.19
CA PHE B 221 27.88 -41.34 32.67
C PHE B 221 26.81 -41.54 33.73
N ILE B 222 26.35 -42.78 33.96
CA ILE B 222 25.35 -42.97 35.05
C ILE B 222 25.60 -44.26 35.80
N MET B 223 25.13 -44.30 37.04
CA MET B 223 25.20 -45.57 37.78
C MET B 223 23.80 -46.14 37.70
N ASP B 224 23.63 -47.28 37.05
CA ASP B 224 22.27 -47.87 37.06
C ASP B 224 22.29 -49.07 38.00
N ILE B 225 21.32 -49.14 38.91
CA ILE B 225 21.28 -50.26 39.89
C ILE B 225 19.87 -50.81 39.89
N SER B 226 19.18 -50.64 38.77
CA SER B 226 17.76 -51.07 38.75
C SER B 226 17.67 -52.46 39.36
N GLY B 227 16.69 -52.63 40.24
CA GLY B 227 16.50 -53.97 40.80
C GLY B 227 17.81 -54.46 41.40
N VAL B 228 18.44 -53.66 42.25
CA VAL B 228 19.77 -54.12 42.74
C VAL B 228 19.53 -55.51 43.33
N ALA B 229 20.38 -56.47 42.99
CA ALA B 229 20.11 -57.88 43.38
C ALA B 229 20.02 -58.00 44.90
N VAL B 230 20.96 -57.42 45.63
CA VAL B 230 20.85 -57.44 47.11
C VAL B 230 21.50 -56.15 47.59
N VAL B 231 20.89 -55.50 48.59
CA VAL B 231 21.46 -54.25 49.18
C VAL B 231 22.57 -54.63 50.16
N ASP B 232 23.74 -55.03 49.66
CA ASP B 232 24.88 -55.42 50.53
C ASP B 232 25.44 -54.19 51.25
N THR B 233 25.99 -54.37 52.45
CA THR B 233 26.51 -53.22 53.25
C THR B 233 27.69 -52.57 52.52
N ALA B 234 28.74 -53.34 52.22
CA ALA B 234 29.96 -52.75 51.59
C ALA B 234 29.60 -52.25 50.21
N VAL B 235 28.53 -52.80 49.66
CA VAL B 235 28.16 -52.43 48.27
C VAL B 235 27.82 -50.94 48.24
N ALA B 236 27.11 -50.46 49.26
CA ALA B 236 26.87 -49.02 49.27
C ALA B 236 28.24 -48.43 49.14
N ASN B 237 29.08 -48.78 50.08
CA ASN B 237 30.42 -48.17 50.13
C ASN B 237 30.92 -47.98 48.75
N HIS B 238 30.76 -48.99 47.94
CA HIS B 238 31.36 -48.83 46.61
C HIS B 238 30.74 -47.59 45.98
N PHE B 239 29.42 -47.66 45.72
CA PHE B 239 28.67 -46.54 45.12
C PHE B 239 28.80 -45.28 45.97
N ILE B 240 29.05 -45.41 47.27
CA ILE B 240 29.31 -44.18 48.05
C ILE B 240 30.57 -43.58 47.44
N LYS B 241 31.64 -44.34 47.58
CA LYS B 241 32.93 -43.82 47.08
C LYS B 241 32.80 -43.64 45.59
N ILE B 242 32.14 -44.58 44.94
CA ILE B 242 32.09 -44.56 43.45
C ILE B 242 31.36 -43.32 42.99
N THR B 243 30.25 -43.01 43.63
CA THR B 243 29.48 -41.89 43.10
C THR B 243 30.42 -40.70 43.22
N LYS B 244 31.05 -40.62 44.38
CA LYS B 244 31.86 -39.40 44.53
C LYS B 244 32.90 -39.35 43.43
N ALA B 245 33.60 -40.46 43.25
CA ALA B 245 34.74 -40.42 42.32
C ALA B 245 34.27 -40.06 40.92
N THR B 246 33.21 -40.70 40.48
CA THR B 246 32.83 -40.48 39.08
C THR B 246 32.43 -39.05 38.86
N LYS B 247 31.60 -38.52 39.75
CA LYS B 247 31.13 -37.16 39.41
C LYS B 247 32.34 -36.25 39.43
N LEU B 248 33.17 -36.43 40.45
CA LEU B 248 34.26 -35.45 40.64
C LEU B 248 35.34 -35.62 39.59
N MET B 249 35.30 -36.70 38.82
CA MET B 249 36.22 -36.86 37.69
C MET B 249 35.90 -35.72 36.75
N GLY B 250 34.73 -35.13 36.93
CA GLY B 250 34.28 -34.12 35.96
C GLY B 250 33.43 -34.91 35.03
N CYS B 251 33.27 -36.19 35.37
CA CYS B 251 32.40 -37.05 34.55
C CYS B 251 31.17 -37.38 35.39
N ASP B 252 30.07 -36.68 35.16
CA ASP B 252 28.86 -36.84 36.01
C ASP B 252 28.42 -38.31 36.16
N CYS B 253 27.76 -38.68 37.27
CA CYS B 253 27.20 -40.06 37.37
C CYS B 253 25.78 -39.94 37.95
N LEU B 254 24.82 -40.72 37.44
CA LEU B 254 23.43 -40.55 37.92
C LEU B 254 22.86 -41.92 38.29
N VAL B 255 21.91 -41.98 39.23
CA VAL B 255 21.24 -43.29 39.49
C VAL B 255 19.87 -43.30 38.82
N SER B 256 19.71 -44.13 37.79
CA SER B 256 18.44 -44.12 37.03
C SER B 256 17.47 -45.20 37.49
N GLY B 257 17.99 -46.37 37.87
CA GLY B 257 17.10 -47.48 38.25
C GLY B 257 17.55 -48.07 39.56
N VAL B 258 16.64 -48.59 40.38
CA VAL B 258 17.00 -49.12 41.73
C VAL B 258 15.76 -49.71 42.39
N SER B 259 15.93 -50.41 43.51
CA SER B 259 14.76 -50.93 44.24
C SER B 259 14.47 -49.98 45.42
N PRO B 260 13.23 -49.93 45.96
CA PRO B 260 12.93 -49.08 47.11
C PRO B 260 13.36 -49.55 48.50
N SER B 261 13.13 -50.82 48.82
CA SER B 261 13.59 -51.35 50.13
C SER B 261 15.10 -51.33 50.09
N ILE B 262 15.64 -51.44 48.88
CA ILE B 262 17.11 -51.34 48.74
C ILE B 262 17.42 -49.96 49.29
N ALA B 263 16.64 -48.98 48.83
CA ALA B 263 16.87 -47.60 49.26
C ALA B 263 16.61 -47.48 50.75
N ARG B 264 15.58 -48.17 51.23
CA ARG B 264 15.28 -47.95 52.65
C ARG B 264 16.48 -48.44 53.43
N THR B 265 16.97 -49.60 53.04
CA THR B 265 18.06 -50.21 53.80
C THR B 265 19.16 -49.18 53.83
N MET B 266 19.30 -48.48 52.72
CA MET B 266 20.34 -47.43 52.63
C MET B 266 20.01 -46.30 53.59
N VAL B 267 18.81 -45.75 53.47
CA VAL B 267 18.54 -44.56 54.31
C VAL B 267 18.65 -45.00 55.75
N GLN B 268 18.11 -46.18 56.06
CA GLN B 268 18.17 -46.72 57.44
C GLN B 268 19.63 -46.75 57.89
N LEU B 269 20.58 -46.76 56.94
CA LEU B 269 21.98 -46.84 57.41
C LEU B 269 22.28 -45.49 58.04
N GLY B 270 21.39 -44.53 57.80
CA GLY B 270 21.60 -43.18 58.34
C GLY B 270 22.47 -42.44 57.38
N ILE B 271 22.67 -43.03 56.20
CA ILE B 271 23.47 -42.33 55.14
C ILE B 271 23.04 -40.87 55.09
N ASN B 272 23.99 -39.94 54.92
CA ASN B 272 23.63 -38.50 54.96
C ASN B 272 24.33 -37.73 53.85
N VAL B 273 25.50 -38.20 53.42
CA VAL B 273 26.32 -37.43 52.45
C VAL B 273 25.66 -37.26 51.09
N GLY B 274 24.94 -38.26 50.60
CA GLY B 274 24.47 -38.18 49.21
C GLY B 274 23.69 -36.94 48.86
N GLU B 275 24.11 -36.24 47.80
CA GLU B 275 23.39 -35.04 47.31
C GLU B 275 23.68 -34.94 45.81
N VAL B 276 23.68 -36.08 45.10
CA VAL B 276 24.04 -36.09 43.66
C VAL B 276 22.78 -36.10 42.80
N ARG B 277 22.94 -36.23 41.48
CA ARG B 277 21.77 -36.23 40.56
C ARG B 277 21.31 -37.67 40.30
N THR B 278 20.00 -37.89 40.21
CA THR B 278 19.45 -39.24 39.89
C THR B 278 18.29 -39.09 38.90
N ASN B 279 17.62 -40.20 38.53
CA ASN B 279 16.54 -40.15 37.52
C ASN B 279 15.59 -41.35 37.67
N ALA B 280 14.60 -41.41 36.77
CA ALA B 280 13.60 -42.51 36.79
C ALA B 280 13.82 -43.41 35.58
N THR B 281 14.79 -44.31 35.65
CA THR B 281 15.00 -45.33 34.58
C THR B 281 15.62 -44.70 33.34
N LEU B 282 15.64 -45.48 32.25
CA LEU B 282 16.30 -45.00 31.02
C LEU B 282 15.60 -43.75 30.51
N ARG B 283 14.27 -43.73 30.48
CA ARG B 283 13.60 -42.56 29.84
C ARG B 283 13.88 -41.25 30.59
N ASP B 284 13.75 -41.24 31.92
CA ASP B 284 13.92 -39.95 32.63
C ASP B 284 15.38 -39.57 32.49
N ALA B 285 16.23 -40.58 32.58
CA ALA B 285 17.67 -40.30 32.51
C ALA B 285 17.95 -39.71 31.14
N LEU B 286 17.33 -40.27 30.11
CA LEU B 286 17.57 -39.84 28.71
C LEU B 286 17.08 -38.41 28.58
N GLU B 287 15.96 -38.12 29.22
CA GLU B 287 15.40 -36.77 29.07
C GLU B 287 16.44 -35.81 29.63
N ASN B 288 16.95 -36.13 30.81
CA ASN B 288 17.91 -35.18 31.43
C ASN B 288 19.11 -35.12 30.50
N ALA B 289 19.49 -36.27 29.97
CA ALA B 289 20.68 -36.35 29.10
C ALA B 289 20.38 -35.62 27.81
N PHE B 290 19.34 -36.04 27.08
CA PHE B 290 19.09 -35.41 25.77
C PHE B 290 18.82 -33.93 26.01
N LYS B 291 18.72 -33.57 27.28
CA LYS B 291 18.48 -32.14 27.65
C LYS B 291 19.83 -31.49 28.03
N ILE B 292 20.65 -32.33 28.67
CA ILE B 292 22.05 -31.91 28.89
C ILE B 292 22.61 -32.04 27.48
N VAL B 293 21.79 -32.60 26.58
CA VAL B 293 22.20 -32.76 25.15
C VAL B 293 21.23 -31.97 24.28
N SER C 3 53.39 -56.77 -14.76
CA SER C 3 53.94 -56.41 -13.43
C SER C 3 52.81 -56.18 -12.43
N ALA C 4 53.06 -56.45 -11.15
CA ALA C 4 52.02 -56.33 -10.12
C ALA C 4 51.54 -54.89 -9.92
N ILE C 5 52.43 -53.91 -9.94
CA ILE C 5 52.01 -52.51 -9.58
C ILE C 5 50.93 -51.99 -10.53
N SER C 6 49.91 -51.31 -9.98
CA SER C 6 48.84 -50.71 -10.80
C SER C 6 48.22 -49.55 -10.02
N ILE C 7 47.61 -48.59 -10.72
CA ILE C 7 47.06 -47.38 -10.04
C ILE C 7 45.88 -46.88 -10.88
N SER C 8 44.85 -46.34 -10.23
CA SER C 8 43.64 -45.86 -10.95
C SER C 8 43.31 -44.45 -10.48
N LYS C 9 42.47 -43.74 -11.21
CA LYS C 9 42.24 -42.33 -10.84
C LYS C 9 40.77 -41.99 -10.68
N LEU C 10 40.47 -41.17 -9.69
CA LEU C 10 39.08 -40.69 -9.57
C LEU C 10 39.06 -39.30 -10.19
N GLN C 11 37.90 -38.95 -10.75
CA GLN C 11 37.77 -37.65 -11.45
C GLN C 11 39.02 -37.41 -12.29
N ASP C 12 39.58 -36.20 -12.24
CA ASP C 12 40.83 -35.92 -12.97
C ASP C 12 41.94 -36.10 -11.96
N VAL C 13 41.63 -36.78 -10.85
CA VAL C 13 42.61 -36.92 -9.74
C VAL C 13 43.31 -38.27 -9.81
N LEU C 14 44.63 -38.25 -10.03
CA LEU C 14 45.40 -39.52 -10.07
C LEU C 14 45.56 -40.04 -8.65
N ILE C 15 45.75 -41.35 -8.50
CA ILE C 15 45.94 -41.94 -7.15
C ILE C 15 47.17 -42.85 -7.17
N ALA C 16 48.36 -42.27 -7.18
CA ALA C 16 49.56 -43.11 -7.08
C ALA C 16 49.62 -43.66 -5.65
N SER C 17 50.22 -44.83 -5.48
CA SER C 17 50.19 -45.46 -4.14
C SER C 17 51.53 -46.12 -3.83
N VAL C 18 52.19 -45.69 -2.76
CA VAL C 18 53.44 -46.39 -2.34
C VAL C 18 53.00 -47.48 -1.38
N GLN C 19 53.04 -48.73 -1.84
CA GLN C 19 52.70 -49.85 -0.94
C GLN C 19 53.89 -50.04 0.00
N VAL C 20 55.10 -50.11 -0.57
CA VAL C 20 56.30 -50.37 0.27
C VAL C 20 57.46 -49.60 -0.36
N ASP C 21 58.61 -49.55 0.32
CA ASP C 21 59.75 -48.89 -0.35
C ASP C 21 60.02 -49.76 -1.57
N LEU C 22 60.00 -49.15 -2.75
CA LEU C 22 60.23 -49.94 -3.99
C LEU C 22 61.73 -49.92 -4.18
N THR C 23 62.38 -51.02 -3.86
CA THR C 23 63.85 -51.05 -3.94
C THR C 23 64.21 -50.79 -5.39
N GLU C 24 63.30 -51.14 -6.30
CA GLU C 24 63.62 -51.03 -7.73
C GLU C 24 63.41 -49.60 -8.18
N SER C 25 64.50 -48.88 -8.37
CA SER C 25 64.40 -47.53 -8.96
C SER C 25 64.01 -47.79 -10.41
N THR C 26 64.30 -49.01 -10.86
CA THR C 26 63.83 -49.38 -12.22
C THR C 26 62.32 -49.41 -12.13
N LEU C 27 61.78 -49.96 -11.04
CA LEU C 27 60.31 -49.89 -10.94
C LEU C 27 59.94 -48.43 -10.76
N ARG C 28 60.85 -47.63 -10.20
CA ARG C 28 60.54 -46.19 -10.12
C ARG C 28 60.39 -45.68 -11.54
N ASP C 29 61.32 -46.09 -12.41
CA ASP C 29 61.30 -45.64 -13.82
C ASP C 29 60.03 -46.18 -14.44
N PHE C 30 59.66 -47.40 -14.09
CA PHE C 30 58.48 -48.02 -14.71
C PHE C 30 57.25 -47.20 -14.34
N SER C 31 57.17 -46.80 -13.09
CA SER C 31 56.00 -46.03 -12.60
C SER C 31 55.99 -44.67 -13.29
N LEU C 32 57.18 -44.11 -13.47
CA LEU C 32 57.28 -42.79 -14.12
C LEU C 32 56.69 -42.96 -15.51
N ASP C 33 57.06 -44.05 -16.16
CA ASP C 33 56.60 -44.27 -17.55
C ASP C 33 55.09 -44.42 -17.54
N LEU C 34 54.59 -45.16 -16.58
CA LEU C 34 53.14 -45.42 -16.56
C LEU C 34 52.46 -44.07 -16.41
N LEU C 35 52.99 -43.25 -15.53
CA LEU C 35 52.34 -41.96 -15.23
C LEU C 35 52.38 -41.08 -16.47
N ASP C 36 53.47 -41.15 -17.22
CA ASP C 36 53.55 -40.22 -18.37
C ASP C 36 52.58 -40.73 -19.41
N ALA C 37 52.48 -42.05 -19.49
CA ALA C 37 51.55 -42.65 -20.47
C ALA C 37 50.15 -42.24 -20.07
N VAL C 38 49.90 -42.32 -18.78
CA VAL C 38 48.54 -41.99 -18.29
C VAL C 38 48.30 -40.53 -18.61
N LYS C 39 49.32 -39.72 -18.40
CA LYS C 39 49.10 -38.26 -18.58
C LYS C 39 48.71 -38.05 -20.04
N SER C 40 49.45 -38.71 -20.92
CA SER C 40 49.21 -38.49 -22.36
C SER C 40 47.79 -38.92 -22.72
N THR C 41 47.38 -40.08 -22.21
CA THR C 41 46.07 -40.59 -22.66
C THR C 41 44.95 -39.85 -21.94
N ARG C 42 44.97 -39.92 -20.62
CA ARG C 42 43.85 -39.37 -19.83
C ARG C 42 43.75 -37.87 -20.03
N ALA C 43 44.90 -37.19 -19.99
CA ALA C 43 44.94 -35.72 -20.16
C ALA C 43 44.36 -35.02 -18.92
N LYS C 44 44.07 -35.77 -17.85
CA LYS C 44 43.44 -35.19 -16.63
C LYS C 44 44.50 -34.41 -15.83
N GLY C 45 44.07 -33.53 -14.92
CA GLY C 45 45.07 -32.67 -14.26
C GLY C 45 45.53 -33.12 -12.88
N VAL C 46 44.60 -33.47 -11.99
CA VAL C 46 45.02 -33.75 -10.58
C VAL C 46 45.83 -35.04 -10.49
N MET C 47 46.90 -35.05 -9.68
CA MET C 47 47.70 -36.27 -9.47
C MET C 47 47.98 -36.41 -7.97
N ILE C 48 47.90 -37.62 -7.42
CA ILE C 48 48.26 -37.75 -5.98
C ILE C 48 49.13 -38.97 -5.79
N GLU C 49 49.90 -39.01 -4.70
CA GLU C 49 50.72 -40.21 -4.39
C GLU C 49 50.64 -40.48 -2.90
N LEU C 50 50.46 -41.75 -2.52
CA LEU C 50 50.31 -42.07 -1.08
C LEU C 50 51.57 -42.80 -0.62
N SER C 51 52.36 -42.21 0.26
CA SER C 51 53.48 -43.01 0.78
C SER C 51 52.99 -43.73 2.04
N GLY C 52 52.48 -44.94 1.90
CA GLY C 52 52.11 -45.65 3.13
C GLY C 52 53.36 -45.86 3.95
N VAL C 53 54.44 -46.28 3.30
CA VAL C 53 55.75 -46.44 4.00
C VAL C 53 56.85 -46.28 2.97
N LYS C 54 58.02 -45.81 3.40
CA LYS C 54 59.16 -45.74 2.46
C LYS C 54 60.33 -46.40 3.18
N THR C 55 60.25 -47.71 3.34
CA THR C 55 61.30 -48.40 4.13
C THR C 55 62.68 -47.82 3.80
N LEU C 56 62.91 -47.41 2.55
CA LEU C 56 64.26 -46.86 2.25
C LEU C 56 64.11 -45.39 1.87
N ASP C 57 65.05 -44.58 2.33
CA ASP C 57 64.97 -43.12 2.07
C ASP C 57 66.36 -42.67 1.59
N GLY C 58 66.48 -41.44 1.09
CA GLY C 58 67.79 -40.92 0.67
C GLY C 58 68.03 -41.14 -0.82
N GLU C 59 67.02 -41.72 -1.47
CA GLU C 59 67.11 -41.83 -2.94
C GLU C 59 66.91 -40.40 -3.39
N SER C 60 68.02 -39.71 -3.61
CA SER C 60 67.89 -38.35 -4.14
C SER C 60 67.22 -38.54 -5.48
N MET C 61 67.53 -39.64 -6.17
CA MET C 61 66.94 -39.93 -7.49
C MET C 61 65.43 -40.07 -7.36
N HIS C 62 64.96 -40.76 -6.33
CA HIS C 62 63.50 -40.90 -6.12
C HIS C 62 62.90 -39.53 -5.78
N SER C 63 63.63 -38.73 -5.03
CA SER C 63 63.09 -37.38 -4.73
C SER C 63 62.99 -36.65 -6.05
N LEU C 64 63.94 -36.90 -6.93
CA LEU C 64 63.98 -36.24 -8.25
C LEU C 64 62.79 -36.73 -9.05
N LEU C 65 62.48 -38.00 -8.89
CA LEU C 65 61.35 -38.60 -9.60
C LEU C 65 60.13 -37.83 -9.12
N ASP C 66 60.08 -37.60 -7.81
CA ASP C 66 58.90 -36.91 -7.26
C ASP C 66 58.83 -35.53 -7.90
N VAL C 67 59.97 -34.86 -7.98
CA VAL C 67 59.98 -33.47 -8.52
C VAL C 67 59.53 -33.47 -9.97
N VAL C 68 60.03 -34.39 -10.78
CA VAL C 68 59.72 -34.41 -12.23
C VAL C 68 58.23 -34.68 -12.38
N LYS C 69 57.75 -35.53 -11.50
CA LYS C 69 56.32 -35.89 -11.57
C LYS C 69 55.51 -34.63 -11.30
N THR C 70 55.90 -33.81 -10.35
CA THR C 70 55.09 -32.58 -10.26
C THR C 70 55.26 -31.79 -11.55
N VAL C 71 56.51 -31.48 -11.91
CA VAL C 71 56.79 -30.54 -13.04
C VAL C 71 56.32 -30.98 -14.43
N GLU C 72 56.59 -32.22 -14.82
CA GLU C 72 56.21 -32.59 -16.20
C GLU C 72 54.69 -32.60 -16.23
N VAL C 73 54.12 -33.09 -15.13
CA VAL C 73 52.65 -33.23 -15.11
C VAL C 73 52.16 -31.81 -15.29
N MET C 74 52.89 -30.88 -14.68
CA MET C 74 52.36 -29.50 -14.65
C MET C 74 51.02 -29.79 -14.00
N GLY C 75 51.02 -30.69 -13.02
CA GLY C 75 49.75 -31.14 -12.43
C GLY C 75 49.82 -31.28 -10.92
N ARG C 76 48.67 -31.34 -10.26
CA ARG C 76 48.60 -31.43 -8.77
C ARG C 76 49.35 -32.63 -8.19
N ARG C 77 49.84 -32.51 -6.95
CA ARG C 77 50.82 -33.55 -6.53
C ARG C 77 50.86 -33.50 -5.00
N CYS C 78 50.47 -34.58 -4.34
CA CYS C 78 50.43 -34.58 -2.85
C CYS C 78 50.95 -35.91 -2.32
N LEU C 79 51.42 -35.92 -1.09
CA LEU C 79 52.03 -37.16 -0.55
C LEU C 79 51.43 -37.51 0.80
N LEU C 80 51.08 -38.78 0.99
CA LEU C 80 50.64 -39.20 2.34
C LEU C 80 51.94 -39.63 3.01
N VAL C 81 52.34 -38.91 4.06
CA VAL C 81 53.64 -39.21 4.73
C VAL C 81 53.54 -40.55 5.43
N GLY C 82 54.42 -41.48 5.09
CA GLY C 82 54.46 -42.76 5.81
C GLY C 82 55.83 -42.95 6.38
N LEU C 83 55.95 -43.62 7.52
CA LEU C 83 57.27 -43.92 8.12
C LEU C 83 58.02 -42.63 8.43
N ARG C 84 57.27 -41.53 8.47
CA ARG C 84 57.88 -40.19 8.63
C ARG C 84 59.04 -40.22 9.62
N PRO C 85 58.84 -40.74 10.86
CA PRO C 85 59.90 -40.73 11.86
C PRO C 85 61.25 -41.13 11.25
N GLY C 86 61.28 -42.25 10.52
CA GLY C 86 62.51 -42.67 9.86
C GLY C 86 62.56 -42.16 8.43
N VAL C 87 61.42 -41.76 7.88
CA VAL C 87 61.38 -41.32 6.46
C VAL C 87 61.85 -39.90 6.48
N VAL C 88 61.30 -39.09 7.37
CA VAL C 88 61.55 -37.63 7.37
C VAL C 88 62.96 -37.36 7.85
N ILE C 89 63.43 -38.12 8.81
CA ILE C 89 64.77 -37.73 9.28
C ILE C 89 65.71 -37.93 8.10
N GLY C 90 65.56 -39.07 7.41
CA GLY C 90 66.35 -39.28 6.20
C GLY C 90 65.98 -38.22 5.18
N LEU C 91 64.70 -37.93 5.08
CA LEU C 91 64.23 -36.93 4.09
C LEU C 91 64.85 -35.59 4.46
N MET C 92 64.88 -35.28 5.76
CA MET C 92 65.44 -34.00 6.26
C MET C 92 66.94 -33.97 6.05
N ASP C 93 67.58 -35.13 6.22
CA ASP C 93 69.03 -35.19 5.97
C ASP C 93 69.22 -34.82 4.51
N ILE C 94 68.34 -35.35 3.66
CA ILE C 94 68.41 -35.02 2.21
C ILE C 94 68.15 -33.52 2.04
N GLY C 95 67.19 -32.99 2.79
CA GLY C 95 66.79 -31.58 2.60
C GLY C 95 65.77 -31.51 1.48
N ILE C 96 65.23 -30.33 1.19
CA ILE C 96 64.29 -30.18 0.05
C ILE C 96 64.43 -28.77 -0.55
N ASP C 97 64.18 -28.62 -1.84
CA ASP C 97 64.22 -27.28 -2.47
C ASP C 97 62.82 -26.88 -2.95
N LEU C 98 61.78 -27.64 -2.59
CA LEU C 98 60.43 -27.34 -3.14
C LEU C 98 59.38 -27.31 -2.04
N ALA C 99 58.24 -26.66 -2.31
CA ALA C 99 57.13 -26.58 -1.33
C ALA C 99 55.80 -26.86 -2.01
N SER C 100 55.83 -27.29 -3.27
CA SER C 100 54.55 -27.52 -3.99
C SER C 100 53.70 -28.53 -3.23
N THR C 101 54.17 -29.75 -3.02
CA THR C 101 53.33 -30.79 -2.36
C THR C 101 53.46 -30.75 -0.83
N LEU C 102 52.75 -31.66 -0.13
CA LEU C 102 52.78 -31.73 1.36
C LEU C 102 52.06 -33.01 1.79
N CYS C 103 51.88 -33.23 3.10
CA CYS C 103 51.07 -34.41 3.49
C CYS C 103 49.69 -34.29 2.84
N VAL C 104 49.19 -35.35 2.22
CA VAL C 104 47.82 -35.30 1.64
C VAL C 104 46.89 -35.00 2.82
N ALA C 105 46.16 -33.89 2.77
CA ALA C 105 45.38 -33.41 3.92
C ALA C 105 44.65 -34.56 4.60
N ASP C 106 43.97 -35.43 3.83
CA ASP C 106 43.38 -36.62 4.49
C ASP C 106 43.92 -37.81 3.72
N LEU C 107 45.15 -37.66 3.24
CA LEU C 107 45.78 -38.74 2.45
C LEU C 107 44.86 -39.04 1.27
N GLU C 108 43.91 -38.15 0.97
CA GLU C 108 42.93 -38.32 -0.13
C GLU C 108 41.82 -37.31 0.13
N GLN C 109 40.97 -37.60 1.12
CA GLN C 109 39.82 -36.73 1.43
C GLN C 109 40.25 -35.27 1.59
N GLY C 110 41.43 -34.98 2.16
CA GLY C 110 41.73 -33.55 2.32
C GLY C 110 41.96 -32.81 1.03
N PHE C 111 42.78 -33.36 0.15
CA PHE C 111 43.10 -32.53 -1.04
C PHE C 111 42.13 -32.86 -2.16
N LEU C 112 41.39 -33.94 -1.97
CA LEU C 112 40.34 -34.24 -2.97
C LEU C 112 39.42 -33.05 -2.80
N TYR C 113 39.17 -32.74 -1.54
CA TYR C 113 38.25 -31.63 -1.28
C TYR C 113 38.96 -30.39 -1.80
N LEU C 114 40.25 -30.30 -1.53
CA LEU C 114 40.99 -29.08 -1.91
C LEU C 114 41.13 -28.71 -3.38
N GLU C 115 41.60 -29.64 -4.21
CA GLU C 115 41.73 -29.32 -5.66
C GLU C 115 41.50 -27.82 -5.91
N SER D 3 75.03 6.76 26.34
CA SER D 3 75.33 7.07 24.92
C SER D 3 74.28 8.02 24.35
N ALA D 4 74.67 8.86 23.40
CA ALA D 4 73.74 9.86 22.82
C ALA D 4 72.57 9.23 22.07
N ILE D 5 72.80 8.16 21.30
CA ILE D 5 71.72 7.63 20.42
C ILE D 5 70.51 7.17 21.24
N SER D 6 69.29 7.50 20.76
CA SER D 6 68.04 7.07 21.43
C SER D 6 66.91 7.04 20.38
N ILE D 7 65.87 6.25 20.63
CA ILE D 7 64.78 6.08 19.62
C ILE D 7 63.49 5.76 20.38
N SER D 8 62.35 6.24 19.90
CA SER D 8 61.05 6.01 20.60
C SER D 8 60.03 5.50 19.59
N LYS D 9 58.93 4.95 20.07
CA LYS D 9 58.00 4.32 19.10
C LYS D 9 56.58 4.84 19.25
N LEU D 10 55.91 5.02 18.12
CA LEU D 10 54.48 5.38 18.20
C LEU D 10 53.70 4.10 17.97
N GLN D 11 52.52 4.02 18.59
CA GLN D 11 51.71 2.79 18.51
C GLN D 11 52.62 1.57 18.69
N ASP D 12 52.45 0.56 17.84
CA ASP D 12 53.35 -0.62 17.90
C ASP D 12 54.41 -0.37 16.85
N VAL D 13 54.54 0.88 16.42
CA VAL D 13 55.45 1.22 15.31
C VAL D 13 56.77 1.77 15.85
N LEU D 14 57.86 1.05 15.61
CA LEU D 14 59.19 1.53 16.06
C LEU D 14 59.65 2.67 15.15
N ILE D 15 60.50 3.55 15.66
CA ILE D 15 61.01 4.67 14.84
C ILE D 15 62.53 4.74 14.95
N ALA D 16 63.22 3.82 14.28
CA ALA D 16 64.70 3.91 14.27
C ALA D 16 65.08 5.11 13.41
N SER D 17 66.21 5.74 13.69
CA SER D 17 66.55 6.98 12.96
C SER D 17 68.04 7.02 12.65
N VAL D 18 68.40 7.10 11.37
CA VAL D 18 69.83 7.27 11.02
C VAL D 18 70.07 8.76 10.95
N GLN D 19 70.76 9.31 11.95
CA GLN D 19 71.09 10.75 11.92
C GLN D 19 72.22 10.92 10.90
N VAL D 20 73.26 10.09 11.03
CA VAL D 20 74.44 10.25 10.12
C VAL D 20 75.00 8.84 9.88
N ASP D 21 75.96 8.72 8.96
CA ASP D 21 76.55 7.38 8.81
C ASP D 21 77.21 7.11 10.15
N LEU D 22 76.85 6.00 10.79
CA LEU D 22 77.43 5.67 12.11
C LEU D 22 78.69 4.90 11.79
N THR D 23 79.83 5.55 11.92
CA THR D 23 81.09 4.87 11.55
C THR D 23 81.22 3.67 12.46
N GLU D 24 80.62 3.76 13.65
CA GLU D 24 80.80 2.67 14.64
C GLU D 24 79.84 1.54 14.32
N SER D 25 80.38 0.46 13.75
CA SER D 25 79.56 -0.75 13.56
C SER D 25 79.34 -1.27 14.98
N THR D 26 80.22 -0.85 15.88
CA THR D 26 79.99 -1.22 17.29
C THR D 26 78.72 -0.48 17.71
N LEU D 27 78.59 0.77 17.28
CA LEU D 27 77.31 1.44 17.62
C LEU D 27 76.22 0.71 16.82
N ARG D 28 76.58 0.13 15.69
CA ARG D 28 75.55 -0.65 14.97
C ARG D 28 75.13 -1.79 15.88
N ASP D 29 76.11 -2.43 16.51
CA ASP D 29 75.82 -3.57 17.41
C ASP D 29 75.01 -3.03 18.57
N PHE D 30 75.36 -1.84 19.03
CA PHE D 30 74.67 -1.29 20.21
C PHE D 30 73.20 -1.08 19.87
N SER D 31 72.94 -0.55 18.68
CA SER D 31 71.56 -0.27 18.25
C SER D 31 70.83 -1.59 18.10
N LEU D 32 71.52 -2.58 17.59
CA LEU D 32 70.90 -3.91 17.39
C LEU D 32 70.45 -4.37 18.77
N ASP D 33 71.32 -4.20 19.73
CA ASP D 33 71.03 -4.69 21.10
C ASP D 33 69.83 -3.92 21.63
N LEU D 34 69.82 -2.63 21.40
CA LEU D 34 68.73 -1.81 21.96
C LEU D 34 67.44 -2.32 21.35
N LEU D 35 67.48 -2.57 20.05
CA LEU D 35 66.25 -2.97 19.35
C LEU D 35 65.78 -4.32 19.86
N ASP D 36 66.72 -5.20 20.17
CA ASP D 36 66.26 -6.56 20.57
C ASP D 36 65.69 -6.41 21.97
N ALA D 37 66.31 -5.53 22.76
CA ALA D 37 65.82 -5.32 24.13
C ALA D 37 64.42 -4.73 24.03
N VAL D 38 64.28 -3.80 23.11
CA VAL D 38 62.97 -3.12 22.96
C VAL D 38 61.98 -4.19 22.53
N LYS D 39 62.41 -5.05 21.62
CA LYS D 39 61.46 -6.04 21.09
C LYS D 39 60.99 -6.89 22.26
N SER D 40 61.93 -7.31 23.08
CA SER D 40 61.58 -8.21 24.19
C SER D 40 60.60 -7.51 25.13
N THR D 41 60.89 -6.27 25.45
CA THR D 41 60.02 -5.62 26.47
C THR D 41 58.71 -5.18 25.87
N ARG D 42 58.79 -4.37 24.83
CA ARG D 42 57.57 -3.75 24.26
C ARG D 42 56.68 -4.84 23.67
N ALA D 43 57.30 -5.77 22.94
CA ALA D 43 56.54 -6.87 22.29
C ALA D 43 55.71 -6.34 21.10
N LYS D 44 55.89 -5.07 20.74
CA LYS D 44 55.08 -4.44 19.64
C LYS D 44 55.58 -4.95 18.29
N GLY D 45 54.77 -4.81 17.23
CA GLY D 45 55.18 -5.42 15.95
C GLY D 45 55.83 -4.50 14.96
N VAL D 46 55.26 -3.32 14.70
CA VAL D 46 55.80 -2.47 13.60
C VAL D 46 57.17 -1.89 13.95
N MET D 47 58.09 -1.88 12.98
CA MET D 47 59.43 -1.28 13.20
C MET D 47 59.77 -0.41 11.98
N ILE D 48 60.36 0.77 12.20
CA ILE D 48 60.77 1.55 11.01
C ILE D 48 62.17 2.12 11.23
N GLU D 49 62.86 2.45 10.15
CA GLU D 49 64.19 3.08 10.27
C GLU D 49 64.30 4.21 9.25
N LEU D 50 64.83 5.36 9.65
CA LEU D 50 64.92 6.50 8.73
C LEU D 50 66.38 6.71 8.35
N SER D 51 66.75 6.51 7.10
CA SER D 51 68.15 6.87 6.76
C SER D 51 68.14 8.31 6.27
N GLY D 52 68.35 9.26 7.17
CA GLY D 52 68.45 10.64 6.68
C GLY D 52 69.63 10.73 5.75
N VAL D 53 70.76 10.15 6.16
CA VAL D 53 71.97 10.10 5.28
C VAL D 53 72.80 8.89 5.68
N LYS D 54 73.54 8.33 4.75
CA LYS D 54 74.45 7.22 5.10
C LYS D 54 75.80 7.58 4.52
N THR D 55 76.45 8.59 5.08
CA THR D 55 77.72 9.06 4.51
C THR D 55 78.56 7.87 4.05
N LEU D 56 78.50 6.75 4.76
CA LEU D 56 79.35 5.62 4.30
C LEU D 56 78.44 4.47 3.90
N ASP D 57 78.80 3.79 2.82
CA ASP D 57 77.97 2.68 2.29
C ASP D 57 78.89 1.49 2.03
N GLY D 58 78.32 0.32 1.74
CA GLY D 58 79.15 -0.86 1.42
C GLY D 58 79.43 -1.70 2.64
N GLU D 59 78.87 -1.26 3.77
CA GLU D 59 78.97 -2.12 4.96
C GLU D 59 78.03 -3.26 4.65
N SER D 60 78.59 -4.33 4.13
CA SER D 60 77.75 -5.52 3.89
C SER D 60 77.25 -5.90 5.26
N MET D 61 78.08 -5.70 6.28
CA MET D 61 77.70 -6.06 7.67
C MET D 61 76.50 -5.22 8.10
N HIS D 62 76.50 -3.94 7.78
CA HIS D 62 75.34 -3.08 8.12
C HIS D 62 74.11 -3.52 7.32
N SER D 63 74.32 -3.92 6.08
CA SER D 63 73.17 -4.42 5.30
C SER D 63 72.64 -5.66 6.02
N LEU D 64 73.57 -6.44 6.56
CA LEU D 64 73.22 -7.69 7.26
C LEU D 64 72.46 -7.31 8.51
N LEU D 65 72.88 -6.23 9.14
CA LEU D 65 72.22 -5.76 10.36
C LEU D 65 70.79 -5.46 9.95
N ASP D 66 70.65 -4.80 8.80
CA ASP D 66 69.30 -4.42 8.36
C ASP D 66 68.49 -5.70 8.17
N VAL D 67 69.10 -6.69 7.54
CA VAL D 67 68.36 -7.94 7.25
C VAL D 67 67.93 -8.62 8.54
N VAL D 68 68.84 -8.71 9.52
CA VAL D 68 68.55 -9.44 10.78
C VAL D 68 67.43 -8.70 11.49
N LYS D 69 67.49 -7.38 11.38
CA LYS D 69 66.47 -6.57 12.06
C LYS D 69 65.12 -6.90 11.43
N THR D 70 65.04 -7.04 10.13
CA THR D 70 63.70 -7.44 9.66
C THR D 70 63.40 -8.83 10.23
N VAL D 71 64.29 -9.80 9.98
CA VAL D 71 63.99 -11.24 10.31
C VAL D 71 63.79 -11.56 11.80
N GLU D 72 64.66 -11.09 12.67
CA GLU D 72 64.51 -11.51 14.08
C GLU D 72 63.24 -10.86 14.57
N VAL D 73 63.03 -9.62 14.12
CA VAL D 73 61.86 -8.88 14.62
C VAL D 73 60.68 -9.71 14.18
N MET D 74 60.82 -10.29 12.99
CA MET D 74 59.65 -10.96 12.40
C MET D 74 58.67 -9.79 12.45
N GLY D 75 59.18 -8.59 12.13
CA GLY D 75 58.36 -7.38 12.28
C GLY D 75 58.54 -6.42 11.12
N ARG D 76 57.60 -5.47 10.97
CA ARG D 76 57.63 -4.48 9.86
C ARG D 76 58.92 -3.67 9.80
N ARG D 77 59.30 -3.22 8.59
CA ARG D 77 60.68 -2.70 8.49
C ARG D 77 60.73 -1.83 7.23
N CYS D 78 61.00 -0.54 7.38
CA CYS D 78 61.00 0.38 6.20
C CYS D 78 62.15 1.35 6.32
N LEU D 79 62.59 1.91 5.19
CA LEU D 79 63.78 2.78 5.23
C LEU D 79 63.48 4.09 4.52
N LEU D 80 63.87 5.21 5.13
CA LEU D 80 63.76 6.49 4.40
C LEU D 80 65.09 6.62 3.69
N VAL D 81 65.08 6.59 2.36
CA VAL D 81 66.35 6.62 1.58
C VAL D 81 67.00 8.00 1.74
N GLY D 82 68.23 8.02 2.23
CA GLY D 82 68.96 9.30 2.32
C GLY D 82 70.25 9.16 1.54
N LEU D 83 70.72 10.25 0.94
CA LEU D 83 72.02 10.23 0.22
C LEU D 83 71.97 9.22 -0.93
N ARG D 84 70.75 8.84 -1.31
CA ARG D 84 70.56 7.77 -2.31
C ARG D 84 71.58 7.89 -3.44
N PRO D 85 71.72 9.06 -4.09
CA PRO D 85 72.63 9.20 -5.23
C PRO D 85 73.97 8.50 -4.95
N GLY D 86 74.57 8.81 -3.80
CA GLY D 86 75.83 8.15 -3.40
C GLY D 86 75.57 6.93 -2.55
N VAL D 87 74.37 6.83 -1.97
CA VAL D 87 74.07 5.69 -1.06
C VAL D 87 73.71 4.56 -1.97
N VAL D 88 72.84 4.79 -2.92
CA VAL D 88 72.27 3.70 -3.76
C VAL D 88 73.33 3.19 -4.71
N ILE D 89 74.15 4.07 -5.22
CA ILE D 89 75.10 3.51 -6.21
C ILE D 89 75.97 2.53 -5.44
N GLY D 90 76.43 2.93 -4.26
CA GLY D 90 77.19 1.99 -3.43
C GLY D 90 76.29 0.84 -3.05
N LEU D 91 75.04 1.15 -2.73
CA LEU D 91 74.10 0.08 -2.31
C LEU D 91 73.91 -0.85 -3.50
N MET D 92 73.80 -0.29 -4.69
CA MET D 92 73.60 -1.09 -5.93
C MET D 92 74.86 -1.89 -6.24
N ASP D 93 76.02 -1.30 -5.97
CA ASP D 93 77.27 -2.04 -6.19
C ASP D 93 77.20 -3.25 -5.26
N ILE D 94 76.71 -3.02 -4.05
CA ILE D 94 76.57 -4.15 -3.07
C ILE D 94 75.54 -5.13 -3.63
N GLY D 95 74.46 -4.63 -4.21
CA GLY D 95 73.38 -5.51 -4.68
C GLY D 95 72.45 -5.77 -3.51
N ILE D 96 71.36 -6.50 -3.73
CA ILE D 96 70.45 -6.88 -2.60
C ILE D 96 69.80 -8.24 -2.91
N ASP D 97 69.48 -9.01 -1.87
CA ASP D 97 68.79 -10.31 -2.09
C ASP D 97 67.38 -10.25 -1.49
N LEU D 98 66.92 -9.07 -1.05
CA LEU D 98 65.60 -9.01 -0.37
C LEU D 98 64.72 -7.92 -0.94
N ALA D 99 63.41 -8.01 -0.72
CA ALA D 99 62.45 -6.99 -1.20
C ALA D 99 61.45 -6.63 -0.11
N SER D 100 61.67 -7.12 1.11
CA SER D 100 60.70 -6.84 2.20
C SER D 100 60.53 -5.33 2.37
N THR D 101 61.59 -4.62 2.75
CA THR D 101 61.50 -3.15 3.04
C THR D 101 61.73 -2.32 1.77
N LEU D 102 61.60 -0.98 1.86
CA LEU D 102 61.79 -0.08 0.69
C LEU D 102 61.87 1.36 1.16
N CYS D 103 61.96 2.33 0.24
CA CYS D 103 61.91 3.75 0.69
C CYS D 103 60.59 3.91 1.45
N VAL D 104 60.63 4.54 2.64
CA VAL D 104 59.40 4.67 3.49
C VAL D 104 58.43 5.54 2.70
N ALA D 105 57.15 5.15 2.65
CA ALA D 105 56.26 5.87 1.72
C ALA D 105 56.27 7.37 2.01
N ASP D 106 56.14 7.79 3.26
CA ASP D 106 56.29 9.24 3.55
C ASP D 106 57.36 9.34 4.62
N LEU D 107 58.30 8.41 4.55
CA LEU D 107 59.39 8.38 5.55
C LEU D 107 58.75 8.28 6.93
N GLU D 108 57.46 7.92 6.99
CA GLU D 108 56.71 7.78 8.26
C GLU D 108 55.23 7.76 7.86
N GLN D 109 54.70 8.92 7.47
CA GLN D 109 53.25 9.02 7.13
C GLN D 109 52.84 7.95 6.12
N GLY D 110 53.70 7.58 5.15
CA GLY D 110 53.21 6.59 4.18
C GLY D 110 52.97 5.23 4.77
N PHE D 111 53.94 4.70 5.50
CA PHE D 111 53.74 3.29 5.93
C PHE D 111 53.07 3.27 7.29
N LEU D 112 53.03 4.43 7.92
CA LEU D 112 52.27 4.49 9.18
C LEU D 112 50.87 4.20 8.72
N TYR D 113 50.52 4.86 7.63
CA TYR D 113 49.16 4.67 7.12
C TYR D 113 49.08 3.22 6.68
N LEU D 114 50.14 2.76 6.02
CA LEU D 114 50.10 1.39 5.47
C LEU D 114 49.99 0.20 6.40
N GLU D 115 50.86 0.12 7.41
CA GLU D 115 50.76 -1.03 8.36
C GLU D 115 49.76 -2.07 7.85
N SER E 3 -19.06 -34.90 -68.53
CA SER E 3 -18.02 -35.89 -68.15
C SER E 3 -18.15 -36.27 -66.67
N ALA E 4 -17.80 -37.49 -66.31
CA ALA E 4 -17.96 -37.96 -64.92
C ALA E 4 -17.08 -37.19 -63.93
N ILE E 5 -15.85 -36.86 -64.27
CA ILE E 5 -14.93 -36.26 -63.25
C ILE E 5 -15.47 -34.94 -62.72
N SER E 6 -15.37 -34.74 -61.40
CA SER E 6 -15.81 -33.46 -60.75
C SER E 6 -15.03 -33.27 -59.45
N ILE E 7 -14.89 -32.04 -58.99
CA ILE E 7 -14.07 -31.75 -57.77
C ILE E 7 -14.66 -30.51 -57.10
N SER E 8 -14.63 -30.44 -55.77
CA SER E 8 -15.21 -29.29 -55.03
C SER E 8 -14.19 -28.81 -54.02
N LYS E 9 -14.38 -27.60 -53.48
CA LYS E 9 -13.32 -27.06 -52.60
C LYS E 9 -13.87 -26.62 -51.25
N LEU E 10 -13.09 -26.86 -50.20
CA LEU E 10 -13.49 -26.33 -48.89
C LEU E 10 -12.68 -25.06 -48.69
N GLN E 11 -13.26 -24.11 -47.94
CA GLN E 11 -12.59 -22.81 -47.73
C GLN E 11 -12.00 -22.34 -49.05
N ASP E 12 -10.75 -21.85 -49.01
CA ASP E 12 -10.07 -21.45 -50.26
C ASP E 12 -9.24 -22.64 -50.68
N VAL E 13 -9.54 -23.81 -50.12
CA VAL E 13 -8.71 -25.01 -50.35
C VAL E 13 -9.34 -25.88 -51.42
N LEU E 14 -8.65 -26.05 -52.54
CA LEU E 14 -9.17 -26.92 -53.64
C LEU E 14 -8.99 -28.38 -53.22
N ILE E 15 -9.81 -29.26 -53.77
CA ILE E 15 -9.69 -30.72 -53.44
C ILE E 15 -9.66 -31.53 -54.73
N ALA E 16 -8.54 -31.51 -55.45
CA ALA E 16 -8.45 -32.37 -56.65
C ALA E 16 -8.34 -33.81 -56.16
N SER E 17 -8.81 -34.76 -56.97
CA SER E 17 -8.86 -36.16 -56.48
C SER E 17 -8.48 -37.12 -57.60
N VAL E 18 -7.42 -37.89 -57.41
CA VAL E 18 -7.08 -38.94 -58.42
C VAL E 18 -7.82 -40.20 -57.99
N GLN E 19 -8.89 -40.54 -58.70
CA GLN E 19 -9.62 -41.79 -58.39
C GLN E 19 -8.76 -42.94 -58.90
N VAL E 20 -8.31 -42.84 -60.16
CA VAL E 20 -7.53 -43.96 -60.75
C VAL E 20 -6.51 -43.34 -61.69
N ASP E 21 -5.58 -44.15 -62.23
CA ASP E 21 -4.66 -43.54 -63.21
C ASP E 21 -5.57 -43.14 -64.36
N LEU E 22 -5.53 -41.87 -64.74
CA LEU E 22 -6.40 -41.38 -65.84
C LEU E 22 -5.59 -41.61 -67.09
N THR E 23 -5.94 -42.65 -67.83
CA THR E 23 -5.14 -42.99 -69.02
C THR E 23 -5.24 -41.79 -69.96
N GLU E 24 -6.32 -41.04 -69.85
CA GLU E 24 -6.54 -39.92 -70.79
C GLU E 24 -5.74 -38.71 -70.33
N SER E 25 -4.64 -38.45 -71.02
CA SER E 25 -3.89 -37.20 -70.75
C SER E 25 -4.81 -36.10 -71.30
N THR E 26 -5.70 -36.49 -72.19
CA THR E 26 -6.70 -35.51 -72.65
C THR E 26 -7.57 -35.20 -71.44
N LEU E 27 -7.91 -36.23 -70.67
CA LEU E 27 -8.67 -35.89 -69.44
C LEU E 27 -7.72 -35.12 -68.54
N ARG E 28 -6.43 -35.36 -68.66
CA ARG E 28 -5.49 -34.54 -67.85
C ARG E 28 -5.68 -33.09 -68.29
N ASP E 29 -5.75 -32.89 -69.60
CA ASP E 29 -5.90 -31.52 -70.15
C ASP E 29 -7.23 -30.99 -69.67
N PHE E 30 -8.24 -31.85 -69.65
CA PHE E 30 -9.59 -31.39 -69.27
C PHE E 30 -9.56 -30.90 -67.84
N SER E 31 -8.88 -31.66 -66.98
CA SER E 31 -8.82 -31.31 -65.54
C SER E 31 -8.05 -30.01 -65.40
N LEU E 32 -7.00 -29.86 -66.21
CA LEU E 32 -6.18 -28.64 -66.14
C LEU E 32 -7.11 -27.49 -66.45
N ASP E 33 -7.93 -27.67 -67.48
CA ASP E 33 -8.83 -26.58 -67.91
C ASP E 33 -9.79 -26.27 -66.79
N LEU E 34 -10.31 -27.32 -66.17
CA LEU E 34 -11.32 -27.11 -65.13
C LEU E 34 -10.66 -26.30 -64.04
N LEU E 35 -9.45 -26.67 -63.69
CA LEU E 35 -8.75 -26.02 -62.57
C LEU E 35 -8.49 -24.56 -62.91
N ASP E 36 -8.17 -24.29 -64.17
CA ASP E 36 -7.82 -22.88 -64.49
C ASP E 36 -9.12 -22.09 -64.45
N ALA E 37 -10.19 -22.73 -64.90
CA ALA E 37 -11.49 -22.06 -64.89
C ALA E 37 -11.85 -21.78 -63.45
N VAL E 38 -11.62 -22.78 -62.62
CA VAL E 38 -12.00 -22.63 -61.20
C VAL E 38 -11.15 -21.50 -60.63
N LYS E 39 -9.87 -21.48 -61.03
CA LYS E 39 -8.98 -20.47 -60.42
C LYS E 39 -9.54 -19.11 -60.79
N SER E 40 -9.91 -18.96 -62.06
CA SER E 40 -10.36 -17.64 -62.52
C SER E 40 -11.62 -17.24 -61.77
N THR E 41 -12.54 -18.17 -61.61
CA THR E 41 -13.83 -17.76 -61.00
C THR E 41 -13.69 -17.63 -59.49
N ARG E 42 -13.26 -18.71 -58.86
CA ARG E 42 -13.24 -18.73 -57.39
C ARG E 42 -12.24 -17.71 -56.87
N ALA E 43 -11.06 -17.67 -57.50
CA ALA E 43 -9.99 -16.74 -57.07
C ALA E 43 -9.38 -17.18 -55.73
N LYS E 44 -9.75 -18.36 -55.23
CA LYS E 44 -9.26 -18.84 -53.90
C LYS E 44 -7.81 -19.30 -54.03
N GLY E 45 -7.09 -19.41 -52.92
CA GLY E 45 -5.65 -19.72 -53.03
C GLY E 45 -5.26 -21.18 -52.85
N VAL E 46 -5.74 -21.84 -51.80
CA VAL E 46 -5.25 -23.21 -51.51
C VAL E 46 -5.72 -24.22 -52.56
N MET E 47 -4.83 -25.13 -52.97
CA MET E 47 -5.21 -26.20 -53.94
C MET E 47 -4.66 -27.52 -53.43
N ILE E 48 -5.42 -28.60 -53.53
CA ILE E 48 -4.82 -29.91 -53.12
C ILE E 48 -5.17 -30.97 -54.14
N GLU E 49 -4.39 -32.05 -54.20
CA GLU E 49 -4.71 -33.18 -55.11
C GLU E 49 -4.46 -34.49 -54.37
N LEU E 50 -5.38 -35.44 -54.50
CA LEU E 50 -5.23 -36.72 -53.78
C LEU E 50 -4.90 -37.81 -54.78
N SER E 51 -3.70 -38.40 -54.71
CA SER E 51 -3.48 -39.54 -55.62
C SER E 51 -3.87 -40.80 -54.86
N GLY E 52 -5.12 -41.23 -54.97
CA GLY E 52 -5.45 -42.50 -54.31
C GLY E 52 -4.61 -43.58 -54.93
N VAL E 53 -4.53 -43.60 -56.26
CA VAL E 53 -3.65 -44.57 -56.98
C VAL E 53 -3.26 -43.96 -58.31
N LYS E 54 -2.09 -44.34 -58.82
CA LYS E 54 -1.70 -43.87 -60.17
C LYS E 54 -1.27 -45.10 -60.93
N THR E 55 -2.24 -45.94 -61.28
CA THR E 55 -1.89 -47.22 -61.95
C THR E 55 -0.79 -46.99 -62.97
N LEU E 56 -0.77 -45.83 -63.64
CA LEU E 56 0.31 -45.65 -64.64
C LEU E 56 1.19 -44.49 -64.20
N ASP E 57 2.50 -44.64 -64.39
CA ASP E 57 3.46 -43.61 -63.94
C ASP E 57 4.41 -43.34 -65.10
N GLY E 58 5.24 -42.30 -64.99
CA GLY E 58 6.24 -42.01 -66.05
C GLY E 58 5.71 -41.02 -67.07
N GLU E 59 4.47 -40.58 -66.83
CA GLU E 59 3.95 -39.50 -67.69
C GLU E 59 4.75 -38.29 -67.25
N SER E 60 5.82 -38.02 -67.98
CA SER E 60 6.59 -36.80 -67.66
C SER E 60 5.61 -35.68 -67.89
N MET E 61 4.73 -35.85 -68.87
CA MET E 61 3.74 -34.79 -69.20
C MET E 61 2.80 -34.58 -68.01
N HIS E 62 2.38 -35.65 -67.38
CA HIS E 62 1.51 -35.53 -66.17
C HIS E 62 2.29 -34.88 -65.03
N SER E 63 3.57 -35.22 -64.93
CA SER E 63 4.38 -34.56 -63.88
C SER E 63 4.40 -33.09 -64.20
N LEU E 64 4.47 -32.77 -65.49
CA LEU E 64 4.54 -31.37 -65.95
C LEU E 64 3.22 -30.71 -65.61
N LEU E 65 2.15 -31.47 -65.75
CA LEU E 65 0.81 -30.94 -65.45
C LEU E 65 0.86 -30.58 -63.99
N ASP E 66 1.44 -31.46 -63.19
CA ASP E 66 1.47 -31.21 -61.74
C ASP E 66 2.24 -29.92 -61.51
N VAL E 67 3.37 -29.78 -62.20
CA VAL E 67 4.23 -28.59 -61.98
C VAL E 67 3.48 -27.32 -62.37
N VAL E 68 2.80 -27.33 -63.50
CA VAL E 68 2.12 -26.11 -64.03
C VAL E 68 1.03 -25.76 -63.03
N LYS E 69 0.40 -26.80 -62.52
CA LYS E 69 -0.71 -26.56 -61.58
C LYS E 69 -0.13 -25.87 -60.35
N THR E 70 1.02 -26.27 -59.86
CA THR E 70 1.51 -25.44 -58.73
C THR E 70 1.76 -24.02 -59.25
N VAL E 71 2.58 -23.89 -60.30
CA VAL E 71 3.05 -22.55 -60.75
C VAL E 71 1.98 -21.59 -61.25
N GLU E 72 1.09 -22.03 -62.11
CA GLU E 72 0.13 -21.04 -62.66
C GLU E 72 -0.75 -20.64 -61.50
N VAL E 73 -1.07 -21.63 -60.68
CA VAL E 73 -2.01 -21.33 -59.57
C VAL E 73 -1.30 -20.28 -58.76
N MET E 74 0.02 -20.43 -58.67
CA MET E 74 0.76 -19.56 -57.75
C MET E 74 0.00 -19.87 -56.47
N GLY E 75 -0.35 -21.15 -56.30
CA GLY E 75 -1.22 -21.54 -55.17
C GLY E 75 -0.77 -22.82 -54.51
N ARG E 76 -1.24 -23.09 -53.29
CA ARG E 76 -0.86 -24.29 -52.51
C ARG E 76 -1.13 -25.61 -53.24
N ARG E 77 -0.34 -26.64 -52.94
CA ARG E 77 -0.40 -27.81 -53.85
C ARG E 77 0.18 -28.99 -53.09
N CYS E 78 -0.64 -30.03 -52.83
CA CYS E 78 -0.15 -31.19 -52.05
C CYS E 78 -0.67 -32.47 -52.66
N LEU E 79 0.00 -33.58 -52.40
CA LEU E 79 -0.39 -34.85 -53.04
C LEU E 79 -0.55 -35.95 -52.02
N LEU E 80 -1.63 -36.72 -52.11
CA LEU E 80 -1.73 -37.90 -51.23
C LEU E 80 -1.09 -39.01 -52.05
N VAL E 81 0.03 -39.55 -51.55
CA VAL E 81 0.78 -40.57 -52.34
C VAL E 81 -0.04 -41.86 -52.38
N GLY E 82 -0.34 -42.33 -53.59
CA GLY E 82 -1.04 -43.62 -53.71
C GLY E 82 -0.20 -44.53 -54.56
N LEU E 83 -0.25 -45.84 -54.29
CA LEU E 83 0.48 -46.82 -55.14
C LEU E 83 1.98 -46.54 -55.09
N ARG E 84 2.40 -45.76 -54.08
CA ARG E 84 3.80 -45.30 -53.99
C ARG E 84 4.77 -46.40 -54.39
N PRO E 85 4.68 -47.62 -53.79
CA PRO E 85 5.64 -48.68 -54.09
C PRO E 85 5.91 -48.77 -55.60
N GLY E 86 4.84 -48.83 -56.39
CA GLY E 86 5.00 -48.86 -57.86
C GLY E 86 4.93 -47.46 -58.45
N VAL E 87 4.39 -46.50 -57.70
CA VAL E 87 4.22 -45.13 -58.23
C VAL E 87 5.57 -44.49 -58.07
N VAL E 88 6.16 -44.58 -56.89
CA VAL E 88 7.39 -43.85 -56.55
C VAL E 88 8.57 -44.44 -57.31
N ILE E 89 8.59 -45.75 -57.46
CA ILE E 89 9.80 -46.25 -58.11
C ILE E 89 9.78 -45.67 -59.52
N GLY E 90 8.62 -45.71 -60.16
CA GLY E 90 8.51 -45.08 -61.49
C GLY E 90 8.74 -43.60 -61.34
N LEU E 91 8.19 -43.02 -60.29
CA LEU E 91 8.34 -41.57 -60.07
C LEU E 91 9.82 -41.28 -59.86
N MET E 92 10.50 -42.14 -59.11
CA MET E 92 11.94 -41.96 -58.83
C MET E 92 12.76 -42.17 -60.09
N ASP E 93 12.31 -43.12 -60.92
CA ASP E 93 13.02 -43.34 -62.19
C ASP E 93 12.91 -42.03 -62.96
N ILE E 94 11.73 -41.41 -62.90
CA ILE E 94 11.52 -40.11 -63.58
C ILE E 94 12.42 -39.07 -62.92
N GLY E 95 12.54 -39.11 -61.60
CA GLY E 95 13.29 -38.08 -60.88
C GLY E 95 12.37 -36.89 -60.62
N ILE E 96 12.86 -35.87 -59.93
CA ILE E 96 12.04 -34.62 -59.73
C ILE E 96 12.98 -33.43 -59.63
N ASP E 97 12.51 -32.24 -60.04
CA ASP E 97 13.33 -31.02 -59.91
C ASP E 97 12.67 -30.05 -58.92
N LEU E 98 11.62 -30.48 -58.21
CA LEU E 98 10.88 -29.53 -57.33
C LEU E 98 10.68 -30.11 -55.93
N ALA E 99 10.41 -29.25 -54.95
CA ALA E 99 10.17 -29.68 -53.56
C ALA E 99 8.97 -28.95 -52.98
N SER E 100 8.24 -28.21 -53.80
CA SER E 100 7.10 -27.43 -53.26
C SER E 100 6.10 -28.36 -52.57
N THR E 101 5.54 -29.34 -53.29
CA THR E 101 4.52 -30.24 -52.68
C THR E 101 5.17 -31.43 -51.96
N LEU E 102 4.37 -32.26 -51.28
CA LEU E 102 4.88 -33.46 -50.56
C LEU E 102 3.69 -34.40 -50.31
N CYS E 103 3.94 -35.62 -49.80
CA CYS E 103 2.74 -36.43 -49.47
C CYS E 103 1.89 -35.58 -48.53
N VAL E 104 0.58 -35.46 -48.80
CA VAL E 104 -0.31 -34.59 -48.00
C VAL E 104 -0.22 -35.05 -46.55
N ALA E 105 -0.18 -34.12 -45.60
CA ALA E 105 0.11 -34.57 -44.22
C ALA E 105 -0.94 -35.55 -43.71
N ASP E 106 -2.23 -35.25 -43.90
CA ASP E 106 -3.25 -36.28 -43.54
C ASP E 106 -4.09 -36.48 -44.79
N LEU E 107 -3.43 -36.33 -45.93
CA LEU E 107 -4.15 -36.47 -47.22
C LEU E 107 -5.29 -35.47 -47.22
N GLU E 108 -5.27 -34.50 -46.31
CA GLU E 108 -6.33 -33.47 -46.18
C GLU E 108 -6.12 -32.82 -44.81
N GLN E 109 -6.49 -33.55 -43.75
CA GLN E 109 -6.40 -32.99 -42.38
C GLN E 109 -5.00 -32.42 -42.10
N GLY E 110 -3.92 -33.02 -42.62
CA GLY E 110 -2.62 -32.43 -42.25
C GLY E 110 -2.38 -31.06 -42.83
N PHE E 111 -2.61 -30.88 -44.12
CA PHE E 111 -2.22 -29.56 -44.67
C PHE E 111 -3.40 -28.60 -44.61
N LEU E 112 -4.56 -29.17 -44.33
CA LEU E 112 -5.72 -28.28 -44.14
C LEU E 112 -5.30 -27.51 -42.91
N TYR E 113 -4.79 -28.27 -41.95
CA TYR E 113 -4.39 -27.61 -40.69
C TYR E 113 -3.24 -26.69 -41.06
N LEU E 114 -2.34 -27.20 -41.90
CA LEU E 114 -1.14 -26.41 -42.22
C LEU E 114 -1.28 -25.09 -42.95
N GLU E 115 -1.98 -25.07 -44.07
CA GLU E 115 -2.16 -23.78 -44.80
C GLU E 115 -1.26 -22.69 -44.21
N SER F 3 -15.00 -50.52 -59.15
CA SER F 3 -16.02 -49.52 -59.56
C SER F 3 -15.48 -48.10 -59.42
N ALA F 4 -15.95 -47.19 -60.26
CA ALA F 4 -15.43 -45.79 -60.25
C ALA F 4 -15.74 -45.06 -58.95
N ILE F 5 -16.93 -45.23 -58.36
CA ILE F 5 -17.31 -44.38 -57.19
C ILE F 5 -16.35 -44.60 -56.02
N SER F 6 -15.97 -43.51 -55.34
CA SER F 6 -15.08 -43.58 -54.15
C SER F 6 -15.33 -42.35 -53.28
N ILE F 7 -15.04 -42.44 -51.98
CA ILE F 7 -15.33 -41.31 -51.04
C ILE F 7 -14.31 -41.38 -49.90
N SER F 8 -13.88 -40.23 -49.38
CA SER F 8 -12.86 -40.21 -48.30
C SER F 8 -13.36 -39.30 -47.18
N LYS F 9 -12.76 -39.38 -46.00
CA LYS F 9 -13.33 -38.61 -44.88
C LYS F 9 -12.28 -37.74 -44.19
N LEU F 10 -12.70 -36.55 -43.80
CA LEU F 10 -11.78 -35.71 -43.00
C LEU F 10 -12.20 -35.88 -41.55
N GLN F 11 -11.22 -35.77 -40.66
CA GLN F 11 -11.49 -35.99 -39.21
C GLN F 11 -12.39 -37.22 -39.06
N ASP F 12 -13.42 -37.11 -38.22
CA ASP F 12 -14.38 -38.22 -38.08
C ASP F 12 -15.53 -37.90 -39.00
N VAL F 13 -15.30 -36.98 -39.93
CA VAL F 13 -16.39 -36.49 -40.80
C VAL F 13 -16.35 -37.19 -42.15
N LEU F 14 -17.41 -37.96 -42.47
CA LEU F 14 -17.47 -38.64 -43.78
C LEU F 14 -17.80 -37.62 -44.86
N ILE F 15 -17.41 -37.91 -46.09
CA ILE F 15 -17.71 -36.98 -47.22
C ILE F 15 -18.33 -37.77 -48.37
N ALA F 16 -19.59 -38.15 -48.24
CA ALA F 16 -20.25 -38.81 -49.38
C ALA F 16 -20.48 -37.74 -50.45
N SER F 17 -20.51 -38.15 -51.72
CA SER F 17 -20.60 -37.13 -52.79
C SER F 17 -21.52 -37.63 -53.91
N VAL F 18 -22.60 -36.89 -54.18
CA VAL F 18 -23.46 -37.25 -55.34
C VAL F 18 -22.89 -36.50 -56.54
N GLN F 19 -22.22 -37.22 -57.44
CA GLN F 19 -21.70 -36.58 -58.66
C GLN F 19 -22.90 -36.35 -59.58
N VAL F 20 -23.71 -37.39 -59.77
CA VAL F 20 -24.86 -37.26 -60.72
C VAL F 20 -25.99 -38.12 -60.17
N ASP F 21 -27.17 -38.04 -60.76
CA ASP F 21 -28.23 -38.94 -60.27
C ASP F 21 -27.70 -40.33 -60.61
N LEU F 22 -27.59 -41.20 -59.61
CA LEU F 22 -27.06 -42.56 -59.84
C LEU F 22 -28.28 -43.38 -60.21
N THR F 23 -28.42 -43.67 -61.50
CA THR F 23 -29.62 -44.39 -61.95
C THR F 23 -29.60 -45.74 -61.25
N GLU F 24 -28.41 -46.21 -60.90
CA GLU F 24 -28.29 -47.55 -60.31
C GLU F 24 -28.62 -47.49 -58.83
N SER F 25 -29.82 -47.96 -58.48
CA SER F 25 -30.16 -48.08 -57.05
C SER F 25 -29.27 -49.23 -56.56
N THR F 26 -28.83 -50.06 -57.51
CA THR F 26 -27.86 -51.10 -57.13
C THR F 26 -26.60 -50.37 -56.71
N LEU F 27 -26.23 -49.33 -57.46
CA LEU F 27 -25.06 -48.57 -56.98
C LEU F 27 -25.47 -47.90 -55.68
N ARG F 28 -26.75 -47.61 -55.52
CA ARG F 28 -27.16 -47.04 -54.22
C ARG F 28 -26.85 -48.09 -53.15
N ASP F 29 -27.17 -49.34 -53.45
CA ASP F 29 -26.93 -50.44 -52.49
C ASP F 29 -25.44 -50.54 -52.28
N PHE F 30 -24.69 -50.38 -53.36
CA PHE F 30 -23.22 -50.54 -53.27
C PHE F 30 -22.67 -49.48 -52.32
N SER F 31 -23.16 -48.26 -52.47
CA SER F 31 -22.67 -47.13 -51.65
C SER F 31 -23.08 -47.39 -50.20
N LEU F 32 -24.27 -47.93 -50.02
CA LEU F 32 -24.75 -48.21 -48.65
C LEU F 32 -23.76 -49.19 -48.04
N ASP F 33 -23.39 -50.18 -48.81
CA ASP F 33 -22.48 -51.22 -48.30
C ASP F 33 -21.15 -50.60 -47.96
N LEU F 34 -20.69 -49.72 -48.84
CA LEU F 34 -19.36 -49.13 -48.60
C LEU F 34 -19.43 -48.36 -47.30
N LEU F 35 -20.52 -47.64 -47.13
CA LEU F 35 -20.65 -46.77 -45.93
C LEU F 35 -20.70 -47.63 -44.69
N ASP F 36 -21.36 -48.78 -44.79
CA ASP F 36 -21.51 -49.58 -43.54
C ASP F 36 -20.14 -50.17 -43.25
N ALA F 37 -19.43 -50.53 -44.31
CA ALA F 37 -18.09 -51.11 -44.14
C ALA F 37 -17.22 -50.05 -43.51
N VAL F 38 -17.36 -48.84 -44.03
CA VAL F 38 -16.51 -47.73 -43.52
C VAL F 38 -16.88 -47.53 -42.06
N LYS F 39 -18.17 -47.60 -41.77
CA LYS F 39 -18.58 -47.31 -40.38
C LYS F 39 -17.92 -48.34 -39.49
N SER F 40 -17.97 -49.60 -39.91
CA SER F 40 -17.43 -50.66 -39.06
C SER F 40 -15.94 -50.45 -38.85
N THR F 41 -15.23 -50.13 -39.91
CA THR F 41 -13.76 -50.05 -39.75
C THR F 41 -13.36 -48.76 -39.07
N ARG F 42 -13.75 -47.65 -39.67
CA ARG F 42 -13.29 -46.33 -39.17
C ARG F 42 -13.83 -46.09 -37.78
N ALA F 43 -15.11 -46.39 -37.57
CA ALA F 43 -15.75 -46.19 -36.25
C ALA F 43 -15.96 -44.69 -35.97
N LYS F 44 -15.70 -43.83 -36.97
CA LYS F 44 -15.80 -42.35 -36.77
C LYS F 44 -17.28 -41.94 -36.76
N GLY F 45 -17.60 -40.75 -36.24
CA GLY F 45 -19.02 -40.40 -36.09
C GLY F 45 -19.61 -39.53 -37.17
N VAL F 46 -18.95 -38.44 -37.56
CA VAL F 46 -19.60 -37.48 -38.51
C VAL F 46 -19.72 -38.09 -39.91
N MET F 47 -20.86 -37.86 -40.57
CA MET F 47 -21.05 -38.34 -41.96
C MET F 47 -21.67 -37.20 -42.78
N ILE F 48 -21.23 -37.00 -44.02
CA ILE F 48 -21.91 -35.95 -44.82
C ILE F 48 -22.14 -36.48 -46.23
N GLU F 49 -23.09 -35.89 -46.95
CA GLU F 49 -23.34 -36.27 -48.35
C GLU F 49 -23.59 -35.02 -49.18
N LEU F 50 -22.99 -34.93 -50.35
CA LEU F 50 -23.16 -33.71 -51.18
C LEU F 50 -24.02 -34.05 -52.38
N SER F 51 -25.22 -33.48 -52.48
CA SER F 51 -25.95 -33.74 -53.74
C SER F 51 -25.60 -32.62 -54.71
N GLY F 52 -24.58 -32.82 -55.54
CA GLY F 52 -24.31 -31.77 -56.53
C GLY F 52 -25.52 -31.67 -57.43
N VAL F 53 -26.04 -32.81 -57.88
CA VAL F 53 -27.28 -32.83 -58.70
C VAL F 53 -27.97 -34.17 -58.49
N LYS F 54 -29.29 -34.19 -58.63
CA LYS F 54 -30.00 -35.48 -58.55
C LYS F 54 -30.90 -35.53 -59.77
N THR F 55 -30.30 -35.69 -60.94
CA THR F 55 -31.10 -35.67 -62.18
C THR F 55 -32.43 -36.42 -61.97
N LEU F 56 -32.42 -37.48 -61.18
CA LEU F 56 -33.71 -38.19 -61.02
C LEU F 56 -34.13 -38.10 -59.55
N ASP F 57 -35.43 -37.91 -59.33
CA ASP F 57 -35.95 -37.75 -57.96
C ASP F 57 -37.17 -38.66 -57.81
N GLY F 58 -37.68 -38.83 -56.60
CA GLY F 58 -38.89 -39.65 -56.38
C GLY F 58 -38.53 -41.08 -56.04
N GLU F 59 -37.23 -41.35 -55.96
CA GLU F 59 -36.81 -42.68 -55.48
C GLU F 59 -37.15 -42.63 -54.00
N SER F 60 -38.33 -43.13 -53.68
CA SER F 60 -38.68 -43.21 -52.24
C SER F 60 -37.62 -44.10 -51.65
N MET F 61 -37.17 -45.10 -52.42
CA MET F 61 -36.17 -46.05 -51.93
C MET F 61 -34.87 -45.31 -51.63
N HIS F 62 -34.47 -44.39 -52.49
CA HIS F 62 -33.25 -43.59 -52.24
C HIS F 62 -33.45 -42.69 -51.03
N SER F 63 -34.66 -42.16 -50.88
CA SER F 63 -34.91 -41.33 -49.67
C SER F 63 -34.75 -42.26 -48.47
N LEU F 64 -35.18 -43.49 -48.63
CA LEU F 64 -35.11 -44.49 -47.53
C LEU F 64 -33.65 -44.76 -47.25
N LEU F 65 -32.87 -44.81 -48.32
CA LEU F 65 -31.42 -45.07 -48.19
C LEU F 65 -30.90 -43.92 -47.34
N ASP F 66 -31.35 -42.71 -47.65
CA ASP F 66 -30.83 -41.54 -46.92
C ASP F 66 -31.20 -41.72 -45.46
N VAL F 67 -32.44 -42.13 -45.21
CA VAL F 67 -32.92 -42.26 -43.80
C VAL F 67 -32.10 -43.31 -43.06
N VAL F 68 -31.85 -44.45 -43.68
CA VAL F 68 -31.16 -45.57 -43.01
C VAL F 68 -29.74 -45.11 -42.71
N LYS F 69 -29.21 -44.35 -43.65
CA LYS F 69 -27.83 -43.88 -43.47
C LYS F 69 -27.80 -42.96 -42.26
N THR F 70 -28.79 -42.11 -42.06
CA THR F 70 -28.69 -41.36 -40.78
C THR F 70 -28.80 -42.36 -39.64
N VAL F 71 -29.87 -43.15 -39.62
CA VAL F 71 -30.19 -44.02 -38.44
C VAL F 71 -29.17 -45.11 -38.10
N GLU F 72 -28.73 -45.87 -39.09
CA GLU F 72 -27.83 -46.99 -38.72
C GLU F 72 -26.55 -46.35 -38.24
N VAL F 73 -26.17 -45.27 -38.94
CA VAL F 73 -24.87 -44.64 -38.59
C VAL F 73 -25.05 -44.21 -37.15
N MET F 74 -26.26 -43.78 -36.83
CA MET F 74 -26.46 -43.18 -35.50
C MET F 74 -25.39 -42.09 -35.59
N GLY F 75 -25.28 -41.47 -36.76
CA GLY F 75 -24.19 -40.51 -37.00
C GLY F 75 -24.64 -39.29 -37.76
N ARG F 76 -23.85 -38.21 -37.72
CA ARG F 76 -24.19 -36.93 -38.38
C ARG F 76 -24.46 -37.07 -39.88
N ARG F 77 -25.30 -36.18 -40.44
CA ARG F 77 -25.78 -36.50 -41.80
C ARG F 77 -26.30 -35.20 -42.39
N CYS F 78 -25.68 -34.71 -43.48
CA CYS F 78 -26.10 -33.42 -44.08
C CYS F 78 -26.10 -33.53 -45.58
N LEU F 79 -26.85 -32.67 -46.25
CA LEU F 79 -26.96 -32.79 -47.72
C LEU F 79 -26.70 -31.45 -48.38
N LEU F 80 -25.91 -31.45 -49.44
CA LEU F 80 -25.76 -30.19 -50.21
C LEU F 80 -26.85 -30.30 -51.26
N VAL F 81 -27.83 -29.38 -51.20
CA VAL F 81 -28.99 -29.47 -52.13
C VAL F 81 -28.51 -29.15 -53.55
N GLY F 82 -28.73 -30.06 -54.48
CA GLY F 82 -28.40 -29.77 -55.89
C GLY F 82 -29.65 -29.94 -56.71
N LEU F 83 -29.78 -29.17 -57.78
CA LEU F 83 -30.94 -29.33 -58.71
C LEU F 83 -32.25 -29.07 -57.95
N ARG F 84 -32.13 -28.42 -56.80
CA ARG F 84 -33.29 -28.23 -55.89
C ARG F 84 -34.54 -27.90 -56.70
N PRO F 85 -34.51 -26.87 -57.59
CA PRO F 85 -35.72 -26.46 -58.32
C PRO F 85 -36.48 -27.68 -58.83
N GLY F 86 -35.78 -28.60 -59.50
CA GLY F 86 -36.42 -29.84 -59.99
C GLY F 86 -36.28 -30.96 -58.98
N VAL F 87 -35.32 -30.83 -58.05
CA VAL F 87 -35.07 -31.92 -57.08
C VAL F 87 -36.11 -31.76 -56.02
N VAL F 88 -36.28 -30.55 -55.52
CA VAL F 88 -37.15 -30.30 -54.35
C VAL F 88 -38.60 -30.43 -54.75
N ILE F 89 -38.94 -30.01 -55.94
CA ILE F 89 -40.39 -30.10 -56.23
C ILE F 89 -40.72 -31.58 -56.20
N GLY F 90 -39.87 -32.39 -56.85
CA GLY F 90 -40.08 -33.84 -56.78
C GLY F 90 -39.94 -34.29 -55.36
N LEU F 91 -38.96 -33.73 -54.65
CA LEU F 91 -38.73 -34.13 -53.26
C LEU F 91 -39.96 -33.75 -52.45
N MET F 92 -40.52 -32.57 -52.71
CA MET F 92 -41.70 -32.07 -52.00
C MET F 92 -42.93 -32.91 -52.37
N ASP F 93 -42.99 -33.33 -53.62
CA ASP F 93 -44.11 -34.20 -54.03
C ASP F 93 -44.00 -35.45 -53.17
N ILE F 94 -42.76 -35.92 -53.00
CA ILE F 94 -42.53 -37.12 -52.15
C ILE F 94 -42.93 -36.78 -50.72
N GLY F 95 -42.59 -35.59 -50.26
CA GLY F 95 -42.83 -35.21 -48.85
C GLY F 95 -41.67 -35.72 -48.02
N ILE F 96 -41.67 -35.43 -46.71
CA ILE F 96 -40.60 -35.97 -45.82
C ILE F 96 -41.17 -36.19 -44.42
N ASP F 97 -40.64 -37.16 -43.68
CA ASP F 97 -41.09 -37.38 -42.29
C ASP F 97 -39.95 -37.07 -41.30
N LEU F 98 -38.84 -36.49 -41.78
CA LEU F 98 -37.68 -36.30 -40.88
C LEU F 98 -37.13 -34.88 -40.97
N ALA F 99 -36.40 -34.43 -39.95
CA ALA F 99 -35.79 -33.08 -39.94
C ALA F 99 -34.35 -33.15 -39.48
N SER F 100 -33.79 -34.35 -39.34
CA SER F 100 -32.40 -34.47 -38.84
C SER F 100 -31.46 -33.69 -39.75
N THR F 101 -31.37 -34.02 -41.03
CA THR F 101 -30.40 -33.34 -41.93
C THR F 101 -30.98 -32.07 -42.57
N LEU F 102 -30.19 -31.37 -43.40
CA LEU F 102 -30.64 -30.12 -44.07
C LEU F 102 -29.60 -29.75 -45.13
N CYS F 103 -29.77 -28.63 -45.84
CA CYS F 103 -28.69 -28.22 -46.77
C CYS F 103 -27.40 -28.07 -45.96
N VAL F 104 -26.30 -28.65 -46.45
CA VAL F 104 -24.99 -28.55 -45.72
C VAL F 104 -24.69 -27.06 -45.64
N ALA F 105 -24.52 -26.52 -44.43
CA ALA F 105 -24.42 -25.06 -44.26
C ALA F 105 -23.49 -24.44 -45.29
N ASP F 106 -22.30 -25.01 -45.50
CA ASP F 106 -21.46 -24.49 -46.61
C ASP F 106 -21.14 -25.68 -47.48
N LEU F 107 -22.11 -26.61 -47.54
CA LEU F 107 -21.90 -27.83 -48.34
C LEU F 107 -20.65 -28.52 -47.83
N GLU F 108 -20.16 -28.13 -46.65
CA GLU F 108 -18.93 -28.69 -46.03
C GLU F 108 -18.53 -27.73 -44.93
N GLN F 109 -17.99 -26.57 -45.32
CA GLN F 109 -17.50 -25.58 -44.32
C GLN F 109 -18.57 -25.26 -43.27
N GLY F 110 -19.87 -25.22 -43.64
CA GLY F 110 -20.82 -24.86 -42.57
C GLY F 110 -20.95 -25.89 -41.48
N PHE F 111 -21.12 -27.15 -41.84
CA PHE F 111 -21.41 -28.11 -40.75
C PHE F 111 -20.10 -28.73 -40.28
N LEU F 112 -19.06 -28.51 -41.04
CA LEU F 112 -17.74 -28.98 -40.57
C LEU F 112 -17.55 -28.13 -39.33
N TYR F 113 -17.86 -26.85 -39.51
CA TYR F 113 -17.67 -25.94 -38.36
C TYR F 113 -18.67 -26.40 -37.30
N LEU F 114 -19.88 -26.72 -37.75
CA LEU F 114 -20.93 -27.06 -36.79
C LEU F 114 -20.78 -28.30 -35.91
N GLU F 115 -20.49 -29.45 -36.51
CA GLU F 115 -20.31 -30.68 -35.69
C GLU F 115 -20.71 -30.42 -34.23
N SER G 3 -74.08 -8.73 -28.16
CA SER G 3 -74.07 -10.02 -27.43
C SER G 3 -73.45 -9.83 -26.05
N ALA G 4 -73.89 -10.62 -25.07
CA ALA G 4 -73.40 -10.45 -23.68
C ALA G 4 -71.90 -10.76 -23.53
N ILE G 5 -71.38 -11.78 -24.21
CA ILE G 5 -69.97 -12.20 -23.95
C ILE G 5 -68.99 -11.07 -24.26
N SER G 6 -67.99 -10.87 -23.40
CA SER G 6 -66.94 -9.84 -23.61
C SER G 6 -65.67 -10.26 -22.86
N ILE G 7 -64.51 -9.80 -23.29
CA ILE G 7 -63.22 -10.22 -22.67
C ILE G 7 -62.22 -9.07 -22.83
N SER G 8 -61.33 -8.87 -21.85
CA SER G 8 -60.35 -7.76 -21.90
C SER G 8 -58.97 -8.31 -21.59
N LYS G 9 -57.93 -7.54 -21.89
CA LYS G 9 -56.58 -8.12 -21.73
C LYS G 9 -55.67 -7.25 -20.88
N LEU G 10 -54.86 -7.89 -20.05
CA LEU G 10 -53.86 -7.11 -19.30
C LEU G 10 -52.55 -7.27 -20.06
N GLN G 11 -51.71 -6.24 -19.98
CA GLN G 11 -50.43 -6.24 -20.74
C GLN G 11 -50.69 -6.79 -22.14
N ASP G 12 -49.83 -7.68 -22.61
CA ASP G 12 -50.05 -8.31 -23.94
C ASP G 12 -50.74 -9.63 -23.65
N VAL G 13 -51.30 -9.75 -22.46
CA VAL G 13 -51.89 -11.04 -22.02
C VAL G 13 -53.41 -11.01 -22.20
N LEU G 14 -53.93 -11.87 -23.07
CA LEU G 14 -55.39 -11.95 -23.28
C LEU G 14 -56.03 -12.66 -22.09
N ILE G 15 -57.30 -12.39 -21.83
CA ILE G 15 -58.00 -13.05 -20.70
C ILE G 15 -59.33 -13.61 -21.20
N ALA G 16 -59.29 -14.71 -21.94
CA ALA G 16 -60.57 -15.34 -22.33
C ALA G 16 -61.18 -15.97 -21.09
N SER G 17 -62.50 -16.07 -21.03
CA SER G 17 -63.15 -16.55 -19.80
C SER G 17 -64.32 -17.46 -20.12
N VAL G 18 -64.27 -18.71 -19.66
CA VAL G 18 -65.45 -19.61 -19.85
C VAL G 18 -66.33 -19.41 -18.62
N GLN G 19 -67.45 -18.70 -18.78
CA GLN G 19 -68.38 -18.53 -17.65
C GLN G 19 -69.10 -19.87 -17.47
N VAL G 20 -69.63 -20.42 -18.57
CA VAL G 20 -70.41 -21.68 -18.46
C VAL G 20 -70.16 -22.48 -19.73
N ASP G 21 -70.64 -23.72 -19.79
CA ASP G 21 -70.47 -24.44 -21.06
C ASP G 21 -71.30 -23.62 -22.05
N LEU G 22 -70.67 -23.18 -23.13
CA LEU G 22 -71.39 -22.36 -24.14
C LEU G 22 -72.00 -23.37 -25.10
N THR G 23 -73.29 -23.62 -24.96
CA THR G 23 -73.92 -24.65 -25.80
C THR G 23 -73.75 -24.20 -27.24
N GLU G 24 -73.63 -22.90 -27.44
CA GLU G 24 -73.58 -22.38 -28.83
C GLU G 24 -72.16 -22.51 -29.35
N SER G 25 -71.95 -23.49 -30.23
CA SER G 25 -70.64 -23.59 -30.91
C SER G 25 -70.63 -22.39 -31.87
N THR G 26 -71.83 -21.89 -32.16
CA THR G 26 -71.88 -20.65 -32.97
C THR G 26 -71.29 -19.56 -32.09
N LEU G 27 -71.62 -19.57 -30.80
CA LEU G 27 -70.96 -18.57 -29.95
C LEU G 27 -69.49 -18.95 -29.88
N ARG G 28 -69.18 -20.23 -30.05
CA ARG G 28 -67.75 -20.59 -30.07
C ARG G 28 -67.14 -19.89 -31.28
N ASP G 29 -67.85 -19.93 -32.41
CA ASP G 29 -67.35 -19.30 -33.64
C ASP G 29 -67.25 -17.81 -33.39
N PHE G 30 -68.24 -17.28 -32.67
CA PHE G 30 -68.27 -15.82 -32.45
C PHE G 30 -67.04 -15.43 -31.65
N SER G 31 -66.71 -16.21 -30.64
CA SER G 31 -65.56 -15.91 -29.76
C SER G 31 -64.29 -16.03 -30.58
N LEU G 32 -64.25 -17.03 -31.47
CA LEU G 32 -63.07 -17.24 -32.31
C LEU G 32 -62.88 -15.96 -33.11
N ASP G 33 -63.98 -15.46 -33.65
CA ASP G 33 -63.91 -14.27 -34.51
C ASP G 33 -63.42 -13.10 -33.68
N LEU G 34 -63.93 -12.99 -32.47
CA LEU G 34 -63.58 -11.83 -31.64
C LEU G 34 -62.07 -11.91 -31.41
N LEU G 35 -61.61 -13.11 -31.11
CA LEU G 35 -60.18 -13.28 -30.76
C LEU G 35 -59.33 -12.96 -31.98
N ASP G 36 -59.79 -13.32 -33.16
CA ASP G 36 -58.91 -13.08 -34.34
C ASP G 36 -58.91 -11.59 -34.59
N ALA G 37 -60.06 -10.97 -34.35
CA ALA G 37 -60.16 -9.51 -34.57
C ALA G 37 -59.22 -8.85 -33.57
N VAL G 38 -59.27 -9.36 -32.34
CA VAL G 38 -58.44 -8.75 -31.28
C VAL G 38 -56.99 -8.94 -31.69
N LYS G 39 -56.69 -10.13 -32.21
CA LYS G 39 -55.28 -10.41 -32.52
C LYS G 39 -54.83 -9.40 -33.56
N SER G 40 -55.67 -9.20 -34.56
CA SER G 40 -55.28 -8.30 -35.66
C SER G 40 -55.07 -6.90 -35.13
N THR G 41 -55.98 -6.44 -34.28
CA THR G 41 -55.86 -5.02 -33.86
C THR G 41 -54.78 -4.86 -32.80
N ARG G 42 -54.93 -5.60 -31.72
CA ARG G 42 -54.02 -5.41 -30.57
C ARG G 42 -52.60 -5.80 -30.96
N ALA G 43 -52.47 -6.93 -31.67
CA ALA G 43 -51.14 -7.42 -32.09
C ALA G 43 -50.34 -7.95 -30.90
N LYS G 44 -50.96 -8.05 -29.71
CA LYS G 44 -50.25 -8.49 -28.48
C LYS G 44 -50.03 -10.00 -28.53
N GLY G 45 -49.11 -10.52 -27.72
CA GLY G 45 -48.78 -11.95 -27.86
C GLY G 45 -49.47 -12.89 -26.88
N VAL G 46 -49.45 -12.57 -25.58
CA VAL G 46 -49.98 -13.56 -24.59
C VAL G 46 -51.49 -13.72 -24.69
N MET G 47 -51.99 -14.96 -24.58
CA MET G 47 -53.44 -15.21 -24.61
C MET G 47 -53.77 -16.19 -23.49
N ILE G 48 -54.88 -15.98 -22.76
CA ILE G 48 -55.23 -17.01 -21.75
C ILE G 48 -56.72 -17.30 -21.81
N GLU G 49 -57.15 -18.45 -21.31
CA GLU G 49 -58.59 -18.78 -21.26
C GLU G 49 -58.89 -19.45 -19.92
N LEU G 50 -59.99 -19.05 -19.28
CA LEU G 50 -60.31 -19.63 -17.96
C LEU G 50 -61.52 -20.53 -18.11
N SER G 51 -61.37 -21.83 -17.90
CA SER G 51 -62.60 -22.64 -17.91
C SER G 51 -63.12 -22.72 -16.48
N GLY G 52 -64.00 -21.80 -16.11
CA GLY G 52 -64.57 -21.94 -14.75
C GLY G 52 -65.32 -23.25 -14.70
N VAL G 53 -66.13 -23.53 -15.72
CA VAL G 53 -66.85 -24.83 -15.81
C VAL G 53 -67.11 -25.13 -17.28
N LYS G 54 -67.19 -26.40 -17.63
CA LYS G 54 -67.55 -26.76 -19.02
C LYS G 54 -68.67 -27.77 -18.91
N THR G 55 -69.84 -27.32 -18.49
CA THR G 55 -70.96 -28.27 -18.28
C THR G 55 -70.98 -29.32 -19.38
N LEU G 56 -70.62 -28.95 -20.62
CA LEU G 56 -70.67 -29.99 -21.68
C LEU G 56 -69.26 -30.22 -22.19
N ASP G 57 -68.93 -31.47 -22.46
CA ASP G 57 -67.56 -31.83 -22.91
C ASP G 57 -67.71 -32.75 -24.13
N GLY G 58 -66.61 -33.03 -24.82
CA GLY G 58 -66.66 -33.95 -25.97
C GLY G 58 -66.86 -33.22 -27.28
N GLU G 59 -66.93 -31.89 -27.18
CA GLU G 59 -66.98 -31.10 -28.41
C GLU G 59 -65.57 -31.24 -28.96
N SER G 60 -65.40 -32.20 -29.85
CA SER G 60 -64.08 -32.33 -30.49
C SER G 60 -63.88 -31.01 -31.20
N MET G 61 -64.97 -30.43 -31.72
CA MET G 61 -64.89 -29.16 -32.46
C MET G 61 -64.40 -28.05 -31.53
N HIS G 62 -64.90 -28.03 -30.30
CA HIS G 62 -64.43 -27.02 -29.32
C HIS G 62 -62.97 -27.27 -28.97
N SER G 63 -62.59 -28.54 -28.88
CA SER G 63 -61.16 -28.82 -28.62
C SER G 63 -60.37 -28.26 -29.79
N LEU G 64 -60.94 -28.40 -30.97
CA LEU G 64 -60.28 -27.93 -32.22
C LEU G 64 -60.17 -26.43 -32.14
N LEU G 65 -61.22 -25.81 -31.61
CA LEU G 65 -61.25 -24.35 -31.49
C LEU G 65 -60.07 -24.02 -30.59
N ASP G 66 -59.91 -24.78 -29.52
CA ASP G 66 -58.82 -24.48 -28.58
C ASP G 66 -57.51 -24.60 -29.33
N VAL G 67 -57.38 -25.65 -30.12
CA VAL G 67 -56.09 -25.88 -30.83
C VAL G 67 -55.80 -24.73 -31.79
N VAL G 68 -56.80 -24.31 -32.56
CA VAL G 68 -56.60 -23.26 -33.60
C VAL G 68 -56.21 -21.97 -32.88
N LYS G 69 -56.84 -21.78 -31.74
CA LYS G 69 -56.56 -20.55 -30.98
C LYS G 69 -55.10 -20.59 -30.55
N THR G 70 -54.57 -21.71 -30.13
CA THR G 70 -53.13 -21.63 -29.84
C THR G 70 -52.41 -21.33 -31.17
N VAL G 71 -52.62 -22.16 -32.18
CA VAL G 71 -51.82 -22.10 -33.44
C VAL G 71 -51.94 -20.81 -34.25
N GLU G 72 -53.15 -20.33 -34.49
CA GLU G 72 -53.23 -19.14 -35.36
C GLU G 72 -52.61 -18.00 -34.59
N VAL G 73 -52.89 -18.00 -33.28
CA VAL G 73 -52.40 -16.87 -32.46
C VAL G 73 -50.90 -16.95 -32.61
N MET G 74 -50.40 -18.18 -32.66
CA MET G 74 -48.93 -18.33 -32.62
C MET G 74 -48.67 -17.58 -31.33
N GLY G 75 -49.55 -17.79 -30.34
CA GLY G 75 -49.47 -17.01 -29.09
C GLY G 75 -49.72 -17.85 -27.87
N ARG G 76 -49.33 -17.35 -26.69
CA ARG G 76 -49.47 -18.08 -25.39
C ARG G 76 -50.91 -18.51 -25.10
N ARG G 77 -51.09 -19.61 -24.36
CA ARG G 77 -52.45 -20.18 -24.33
C ARG G 77 -52.52 -21.08 -23.09
N CYS G 78 -53.38 -20.76 -22.13
CA CYS G 78 -53.46 -21.56 -20.88
C CYS G 78 -54.92 -21.73 -20.47
N LEU G 79 -55.20 -22.77 -19.69
CA LEU G 79 -56.61 -23.04 -19.34
C LEU G 79 -56.75 -23.21 -17.84
N LEU G 80 -57.78 -22.59 -17.27
CA LEU G 80 -58.05 -22.86 -15.84
C LEU G 80 -59.03 -24.03 -15.89
N VAL G 81 -58.60 -25.18 -15.36
CA VAL G 81 -59.46 -26.40 -15.45
C VAL G 81 -60.69 -26.22 -14.55
N GLY G 82 -61.87 -26.33 -15.13
CA GLY G 82 -63.09 -26.27 -14.31
C GLY G 82 -63.87 -27.54 -14.54
N LEU G 83 -64.59 -28.00 -13.52
CA LEU G 83 -65.46 -29.19 -13.68
C LEU G 83 -64.61 -30.41 -14.06
N ARG G 84 -63.31 -30.30 -13.82
CA ARG G 84 -62.35 -31.34 -14.28
C ARG G 84 -62.93 -32.74 -14.06
N PRO G 85 -63.39 -33.08 -12.83
CA PRO G 85 -63.88 -34.44 -12.56
C PRO G 85 -64.77 -34.95 -13.70
N GLY G 86 -65.75 -34.13 -14.10
CA GLY G 86 -66.62 -34.50 -15.24
C GLY G 86 -66.09 -33.95 -16.55
N VAL G 87 -65.21 -32.94 -16.47
CA VAL G 87 -64.70 -32.30 -17.70
C VAL G 87 -63.62 -33.20 -18.20
N VAL G 88 -62.70 -33.59 -17.33
CA VAL G 88 -61.49 -34.33 -17.73
C VAL G 88 -61.86 -35.74 -18.13
N ILE G 89 -62.80 -36.33 -17.44
CA ILE G 89 -63.05 -37.74 -17.83
C ILE G 89 -63.54 -37.69 -19.27
N GLY G 90 -64.46 -36.76 -19.55
CA GLY G 90 -64.90 -36.60 -20.93
C GLY G 90 -63.75 -36.16 -21.78
N LEU G 91 -62.93 -35.26 -21.23
CA LEU G 91 -61.77 -34.75 -22.00
C LEU G 91 -60.83 -35.92 -22.26
N MET G 92 -60.64 -36.76 -21.26
CA MET G 92 -59.74 -37.95 -21.38
C MET G 92 -60.33 -38.95 -22.36
N ASP G 93 -61.66 -39.07 -22.33
CA ASP G 93 -62.31 -39.99 -23.29
C ASP G 93 -61.96 -39.46 -24.68
N ILE G 94 -62.02 -38.14 -24.82
CA ILE G 94 -61.66 -37.50 -26.11
C ILE G 94 -60.18 -37.78 -26.40
N GLY G 95 -59.34 -37.69 -25.38
CA GLY G 95 -57.89 -37.82 -25.58
C GLY G 95 -57.34 -36.47 -25.97
N ILE G 96 -56.02 -36.36 -26.16
CA ILE G 96 -55.42 -35.07 -26.63
C ILE G 96 -54.17 -35.38 -27.46
N ASP G 97 -53.84 -34.53 -28.44
CA ASP G 97 -52.60 -34.72 -29.23
C ASP G 97 -51.62 -33.57 -28.95
N LEU G 98 -51.91 -32.71 -27.97
CA LEU G 98 -51.04 -31.52 -27.77
C LEU G 98 -50.64 -31.37 -26.29
N ALA G 99 -49.57 -30.63 -26.03
CA ALA G 99 -49.09 -30.38 -24.65
C ALA G 99 -48.74 -28.90 -24.47
N SER G 100 -49.07 -28.07 -25.44
CA SER G 100 -48.70 -26.64 -25.33
C SER G 100 -49.30 -26.04 -24.05
N THR G 101 -50.64 -26.03 -23.93
CA THR G 101 -51.31 -25.40 -22.76
C THR G 101 -51.53 -26.41 -21.63
N LEU G 102 -52.05 -25.97 -20.48
CA LEU G 102 -52.28 -26.86 -19.30
C LEU G 102 -53.17 -26.14 -18.28
N CYS G 103 -53.42 -26.75 -17.12
CA CYS G 103 -54.16 -25.98 -16.09
C CYS G 103 -53.35 -24.72 -15.80
N VAL G 104 -54.00 -23.55 -15.77
CA VAL G 104 -53.28 -22.25 -15.60
C VAL G 104 -52.64 -22.30 -14.22
N ALA G 105 -51.40 -21.80 -14.11
CA ALA G 105 -50.71 -22.04 -12.82
C ALA G 105 -51.49 -21.43 -11.66
N ASP G 106 -51.94 -20.18 -11.77
CA ASP G 106 -52.83 -19.66 -10.69
C ASP G 106 -54.08 -19.18 -11.39
N LEU G 107 -54.42 -19.87 -12.47
CA LEU G 107 -55.62 -19.49 -13.26
C LEU G 107 -55.44 -18.04 -13.69
N GLU G 108 -54.21 -17.52 -13.59
CA GLU G 108 -53.89 -16.12 -13.97
C GLU G 108 -52.53 -15.82 -13.35
N GLN G 109 -52.50 -15.63 -12.03
CA GLN G 109 -51.25 -15.27 -11.33
C GLN G 109 -50.11 -16.23 -11.70
N GLY G 110 -50.37 -17.54 -11.90
CA GLY G 110 -49.21 -18.40 -12.19
C GLY G 110 -48.56 -18.12 -13.53
N PHE G 111 -49.34 -18.03 -14.59
CA PHE G 111 -48.65 -17.92 -15.89
C PHE G 111 -48.48 -16.45 -16.25
N LEU G 112 -49.16 -15.60 -15.49
CA LEU G 112 -48.94 -14.16 -15.71
C LEU G 112 -47.49 -14.01 -15.31
N TYR G 113 -47.19 -14.66 -14.18
CA TYR G 113 -45.80 -14.54 -13.69
C TYR G 113 -44.94 -15.24 -14.73
N LEU G 114 -45.42 -16.39 -15.20
CA LEU G 114 -44.60 -17.17 -16.14
C LEU G 114 -44.23 -16.60 -17.49
N GLU G 115 -45.22 -16.13 -18.26
CA GLU G 115 -44.88 -15.54 -19.59
C GLU G 115 -43.42 -15.79 -19.95
N SER H 3 -59.37 21.16 48.11
CA SER H 3 -58.65 22.48 48.17
C SER H 3 -58.17 22.88 46.78
N ALA H 4 -58.09 24.18 46.52
CA ALA H 4 -57.71 24.68 45.19
C ALA H 4 -56.28 24.31 44.81
N ILE H 5 -55.32 24.37 45.73
CA ILE H 5 -53.89 24.19 45.34
C ILE H 5 -53.65 22.80 44.72
N SER H 6 -52.86 22.74 43.64
CA SER H 6 -52.52 21.44 43.00
C SER H 6 -51.20 21.61 42.24
N ILE H 7 -50.47 20.53 42.01
CA ILE H 7 -49.12 20.62 41.37
C ILE H 7 -48.87 19.30 40.63
N SER H 8 -48.20 19.36 39.48
CA SER H 8 -47.95 18.14 38.67
C SER H 8 -46.46 18.08 38.32
N LYS H 9 -45.98 16.93 37.87
CA LYS H 9 -44.53 16.82 37.66
C LYS H 9 -44.18 16.33 36.26
N LEU H 10 -43.13 16.89 35.69
CA LEU H 10 -42.66 16.35 34.41
C LEU H 10 -41.48 15.44 34.72
N GLN H 11 -41.30 14.42 33.89
CA GLN H 11 -40.24 13.42 34.14
C GLN H 11 -40.23 13.07 35.63
N ASP H 12 -39.05 13.01 36.23
CA ASP H 12 -38.95 12.76 37.69
C ASP H 12 -38.85 14.12 38.34
N VAL H 13 -39.21 15.17 37.59
CA VAL H 13 -39.02 16.56 38.08
C VAL H 13 -40.33 17.10 38.63
N LEU H 14 -40.37 17.40 39.93
CA LEU H 14 -41.58 17.98 40.55
C LEU H 14 -41.69 19.43 40.15
N ILE H 15 -42.92 19.96 40.14
CA ILE H 15 -43.13 21.39 39.78
C ILE H 15 -43.99 22.06 40.84
N ALA H 16 -43.41 22.35 42.00
CA ALA H 16 -44.18 23.11 43.01
C ALA H 16 -44.32 24.55 42.50
N SER H 17 -45.40 25.22 42.89
CA SER H 17 -45.65 26.56 42.31
C SER H 17 -46.19 27.50 43.38
N VAL H 18 -45.47 28.60 43.65
CA VAL H 18 -46.01 29.62 44.59
C VAL H 18 -46.80 30.59 43.74
N GLN H 19 -48.13 30.51 43.83
CA GLN H 19 -48.98 31.48 43.09
C GLN H 19 -48.89 32.80 43.84
N VAL H 20 -49.10 32.77 45.15
CA VAL H 20 -49.10 34.03 45.94
C VAL H 20 -48.52 33.71 47.32
N ASP H 21 -48.28 34.73 48.14
CA ASP H 21 -47.80 34.39 49.50
C ASP H 21 -48.97 33.62 50.10
N LEU H 22 -48.71 32.40 50.57
CA LEU H 22 -49.79 31.58 51.17
C LEU H 22 -49.81 31.97 52.63
N THR H 23 -50.79 32.78 53.01
CA THR H 23 -50.81 33.27 54.40
C THR H 23 -50.95 32.03 55.28
N GLU H 24 -51.55 30.98 54.74
CA GLU H 24 -51.82 29.79 55.57
C GLU H 24 -50.56 28.95 55.66
N SER H 25 -49.90 29.00 56.82
CA SER H 25 -48.76 28.08 57.05
C SER H 25 -49.42 26.72 57.20
N THR H 26 -50.71 26.73 57.52
CA THR H 26 -51.43 25.45 57.54
C THR H 26 -51.46 24.96 56.10
N LEU H 27 -51.70 25.88 55.16
CA LEU H 27 -51.63 25.40 53.76
C LEU H 27 -50.17 25.05 53.50
N ARG H 28 -49.25 25.69 54.20
CA ARG H 28 -47.84 25.28 54.01
C ARG H 28 -47.74 23.82 54.44
N ASP H 29 -48.36 23.50 55.58
CA ASP H 29 -48.31 22.12 56.11
C ASP H 29 -49.00 21.23 55.11
N PHE H 30 -50.09 21.72 54.53
CA PHE H 30 -50.87 20.87 53.59
C PHE H 30 -49.99 20.54 52.40
N SER H 31 -49.27 21.52 51.90
CA SER H 31 -48.42 21.33 50.71
C SER H 31 -47.29 20.36 51.08
N LEU H 32 -46.78 20.50 52.30
CA LEU H 32 -45.69 19.62 52.74
C LEU H 32 -46.24 18.20 52.69
N ASP H 33 -47.46 18.04 53.17
CA ASP H 33 -48.05 16.69 53.22
C ASP H 33 -48.20 16.17 51.81
N LEU H 34 -48.65 17.03 50.93
CA LEU H 34 -48.93 16.58 49.55
C LEU H 34 -47.60 16.11 48.99
N LEU H 35 -46.57 16.89 49.24
CA LEU H 35 -45.24 16.58 48.64
C LEU H 35 -44.73 15.27 49.21
N ASP H 36 -44.99 15.02 50.48
CA ASP H 36 -44.40 13.78 51.06
C ASP H 36 -45.19 12.62 50.48
N ALA H 37 -46.48 12.85 50.30
CA ALA H 37 -47.33 11.78 49.75
C ALA H 37 -46.85 11.51 48.34
N VAL H 38 -46.58 12.59 47.62
CA VAL H 38 -46.15 12.44 46.22
C VAL H 38 -44.83 11.69 46.24
N LYS H 39 -43.97 12.05 47.19
CA LYS H 39 -42.63 11.44 47.19
C LYS H 39 -42.83 9.95 47.37
N SER H 40 -43.68 9.59 48.32
CA SER H 40 -43.87 8.15 48.63
C SER H 40 -44.39 7.43 47.41
N THR H 41 -45.37 8.02 46.75
CA THR H 41 -46.00 7.26 45.63
C THR H 41 -45.12 7.30 44.40
N ARG H 42 -44.82 8.50 43.95
CA ARG H 42 -44.10 8.64 42.66
C ARG H 42 -42.70 8.05 42.78
N ALA H 43 -42.03 8.34 43.90
CA ALA H 43 -40.65 7.83 44.12
C ALA H 43 -39.65 8.55 43.20
N LYS H 44 -40.09 9.58 42.48
CA LYS H 44 -39.20 10.29 41.50
C LYS H 44 -38.23 11.19 42.27
N GLY H 45 -37.14 11.61 41.62
CA GLY H 45 -36.12 12.37 42.38
C GLY H 45 -36.18 13.87 42.28
N VAL H 46 -36.29 14.42 41.06
CA VAL H 46 -36.18 15.91 40.91
C VAL H 46 -37.39 16.62 41.51
N MET H 47 -37.15 17.74 42.21
CA MET H 47 -38.27 18.54 42.77
C MET H 47 -37.99 20.01 42.47
N ILE H 48 -39.01 20.78 42.09
CA ILE H 48 -38.73 22.23 41.89
C ILE H 48 -39.86 23.04 42.52
N GLU H 49 -39.59 24.31 42.82
CA GLU H 49 -40.65 25.19 43.37
C GLU H 49 -40.51 26.57 42.72
N LEU H 50 -41.63 27.17 42.31
CA LEU H 50 -41.55 28.47 41.63
C LEU H 50 -42.12 29.54 42.55
N SER H 51 -41.30 30.47 43.01
CA SER H 51 -41.93 31.55 43.80
C SER H 51 -42.27 32.68 42.82
N GLY H 52 -43.48 32.67 42.30
CA GLY H 52 -43.85 33.80 41.44
C GLY H 52 -43.81 35.06 42.28
N VAL H 53 -44.38 35.00 43.48
CA VAL H 53 -44.32 36.15 44.43
C VAL H 53 -44.43 35.60 45.85
N LYS H 54 -43.85 36.30 46.81
CA LYS H 54 -44.03 35.87 48.22
C LYS H 54 -44.44 37.12 48.97
N THR H 55 -45.67 37.58 48.74
CA THR H 55 -46.11 38.83 49.37
C THR H 55 -45.63 38.91 50.81
N LEU H 56 -45.56 37.77 51.52
CA LEU H 56 -45.10 37.87 52.91
C LEU H 56 -43.79 37.10 53.05
N ASP H 57 -42.87 37.65 53.84
CA ASP H 57 -41.54 37.02 53.99
C ASP H 57 -41.22 36.99 55.49
N GLY H 58 -40.16 36.28 55.89
CA GLY H 58 -39.77 36.26 57.31
C GLY H 58 -40.37 35.08 58.04
N GLU H 59 -41.13 34.27 57.30
CA GLU H 59 -41.63 33.02 57.90
C GLU H 59 -40.38 32.18 58.01
N SER H 60 -39.77 32.22 59.18
CA SER H 60 -38.60 31.35 59.38
C SER H 60 -39.15 29.95 59.23
N MET H 61 -40.38 29.75 59.65
CA MET H 61 -41.03 28.41 59.56
C MET H 61 -41.14 28.00 58.11
N HIS H 62 -41.53 28.92 57.23
CA HIS H 62 -41.62 28.60 55.79
C HIS H 62 -40.23 28.34 55.23
N SER H 63 -39.24 29.08 55.71
CA SER H 63 -37.87 28.79 55.23
C SER H 63 -37.54 27.38 55.67
N LEU H 64 -37.99 27.02 56.86
CA LEU H 64 -37.71 25.68 57.43
C LEU H 64 -38.41 24.67 56.57
N LEU H 65 -39.60 25.02 56.11
CA LEU H 65 -40.38 24.12 55.26
C LEU H 65 -39.53 23.89 54.03
N ASP H 66 -38.95 24.98 53.53
CA ASP H 66 -38.15 24.85 52.29
C ASP H 66 -37.00 23.91 52.58
N VAL H 67 -36.36 24.08 53.73
CA VAL H 67 -35.17 23.26 54.07
C VAL H 67 -35.57 21.79 54.17
N VAL H 68 -36.67 21.50 54.85
CA VAL H 68 -37.09 20.08 55.08
C VAL H 68 -37.40 19.47 53.74
N LYS H 69 -37.99 20.29 52.89
CA LYS H 69 -38.37 19.77 51.55
C LYS H 69 -37.09 19.40 50.82
N THR H 70 -36.04 20.18 50.91
CA THR H 70 -34.84 19.65 50.23
C THR H 70 -34.43 18.36 50.94
N VAL H 71 -34.21 18.43 52.25
CA VAL H 71 -33.61 17.28 53.01
C VAL H 71 -34.41 15.98 53.03
N GLU H 72 -35.71 16.05 53.31
CA GLU H 72 -36.44 14.77 53.43
C GLU H 72 -36.48 14.19 52.03
N VAL H 73 -36.65 15.07 51.06
CA VAL H 73 -36.80 14.57 49.68
C VAL H 73 -35.49 13.87 49.41
N MET H 74 -34.42 14.45 49.95
CA MET H 74 -33.09 13.94 49.58
C MET H 74 -33.20 14.08 48.07
N GLY H 75 -33.81 15.19 47.63
CA GLY H 75 -34.11 15.35 46.19
C GLY H 75 -33.83 16.76 45.71
N ARG H 76 -33.72 16.94 44.39
CA ARG H 76 -33.41 18.26 43.77
C ARG H 76 -34.40 19.36 44.16
N ARG H 77 -33.95 20.62 44.18
CA ARG H 77 -34.81 21.63 44.83
C ARG H 77 -34.35 23.00 44.34
N CYS H 78 -35.21 23.72 43.62
CA CYS H 78 -34.81 25.03 43.05
C CYS H 78 -35.95 26.03 43.23
N LEU H 79 -35.63 27.32 43.21
CA LEU H 79 -36.67 28.33 43.47
C LEU H 79 -36.64 29.40 42.39
N LEU H 80 -37.82 29.76 41.89
CA LEU H 80 -37.85 30.91 40.95
C LEU H 80 -38.07 32.11 41.87
N VAL H 81 -37.11 33.01 41.93
CA VAL H 81 -37.19 34.17 42.87
C VAL H 81 -38.29 35.11 42.40
N GLY H 82 -39.27 35.36 43.25
CA GLY H 82 -40.31 36.34 42.91
C GLY H 82 -40.32 37.42 43.97
N LEU H 83 -40.65 38.65 43.60
CA LEU H 83 -40.78 39.75 44.58
C LEU H 83 -39.43 39.97 45.28
N ARG H 84 -38.36 39.45 44.67
CA ARG H 84 -37.02 39.47 45.30
C ARG H 84 -36.78 40.80 46.01
N PRO H 85 -36.95 41.96 45.33
CA PRO H 85 -36.64 43.25 45.95
C PRO H 85 -37.18 43.31 47.38
N GLY H 86 -38.46 42.96 47.57
CA GLY H 86 -39.05 42.94 48.92
C GLY H 86 -38.93 41.55 49.54
N VAL H 87 -38.71 40.52 48.71
CA VAL H 87 -38.66 39.14 49.23
C VAL H 87 -37.28 38.98 49.79
N VAL H 88 -36.27 39.35 49.03
CA VAL H 88 -34.86 39.07 49.40
C VAL H 88 -34.45 39.96 50.55
N ILE H 89 -34.92 41.18 50.57
CA ILE H 89 -34.41 42.01 51.68
C ILE H 89 -34.91 41.35 52.95
N GLY H 90 -36.18 40.97 52.96
CA GLY H 90 -36.70 40.24 54.13
C GLY H 90 -35.98 38.92 54.25
N LEU H 91 -35.74 38.28 53.10
CA LEU H 91 -35.04 36.97 53.13
C LEU H 91 -33.65 37.19 53.68
N MET H 92 -32.99 38.28 53.27
CA MET H 92 -31.62 38.61 53.72
C MET H 92 -31.64 38.98 55.20
N ASP H 93 -32.70 39.65 55.62
CA ASP H 93 -32.80 40.01 57.05
C ASP H 93 -32.84 38.67 57.79
N ILE H 94 -33.59 37.71 57.24
CA ILE H 94 -33.67 36.37 57.86
C ILE H 94 -32.27 35.73 57.81
N GLY H 95 -31.56 35.90 56.70
CA GLY H 95 -30.27 35.23 56.53
C GLY H 95 -30.52 33.84 55.98
N ILE H 96 -29.46 33.07 55.70
CA ILE H 96 -29.64 31.66 55.26
C ILE H 96 -28.44 30.83 55.72
N ASP H 97 -28.65 29.54 55.98
CA ASP H 97 -27.52 28.65 56.37
C ASP H 97 -27.28 27.60 55.28
N LEU H 98 -27.93 27.73 54.11
CA LEU H 98 -27.80 26.66 53.09
C LEU H 98 -27.49 27.25 51.72
N ALA H 99 -26.95 26.42 50.81
CA ALA H 99 -26.63 26.85 49.44
C ALA H 99 -27.09 25.81 48.43
N SER H 100 -27.85 24.82 48.87
CA SER H 100 -28.28 23.75 47.93
C SER H 100 -29.05 24.36 46.76
N THR H 101 -30.17 25.05 47.03
CA THR H 101 -31.01 25.59 45.92
C THR H 101 -30.49 26.95 45.44
N LEU H 102 -31.10 27.51 44.37
CA LEU H 102 -30.71 28.84 43.83
C LEU H 102 -31.86 29.37 42.99
N CYS H 103 -31.80 30.63 42.52
CA CYS H 103 -32.88 31.04 41.61
C CYS H 103 -32.89 30.03 40.45
N VAL H 104 -34.07 29.49 40.12
CA VAL H 104 -34.16 28.44 39.07
C VAL H 104 -33.55 29.03 37.81
N ALA H 105 -32.68 28.27 37.13
CA ALA H 105 -31.92 28.89 36.02
C ALA H 105 -32.86 29.51 34.99
N ASP H 106 -33.90 28.80 34.56
CA ASP H 106 -34.89 29.46 33.67
C ASP H 106 -36.24 29.29 34.34
N LEU H 107 -36.20 29.27 35.67
CA LEU H 107 -37.45 29.08 36.44
C LEU H 107 -38.06 27.76 35.99
N GLU H 108 -37.29 26.92 35.30
CA GLU H 108 -37.77 25.61 34.78
C GLU H 108 -36.75 25.17 33.74
N GLN H 109 -36.76 25.82 32.56
CA GLN H 109 -35.85 25.43 31.46
C GLN H 109 -34.40 25.36 31.93
N GLY H 110 -33.96 26.24 32.85
CA GLY H 110 -32.53 26.14 33.20
C GLY H 110 -32.17 24.88 33.95
N PHE H 111 -32.92 24.54 34.98
CA PHE H 111 -32.44 23.39 35.78
C PHE H 111 -33.08 22.11 35.26
N LEU H 112 -34.07 22.28 34.40
CA LEU H 112 -34.64 21.07 33.76
C LEU H 112 -33.47 20.58 32.96
N TYR H 113 -32.83 21.53 32.29
CA TYR H 113 -31.69 21.14 31.45
C TYR H 113 -30.63 20.62 32.40
N LEU H 114 -30.46 21.32 33.52
CA LEU H 114 -29.38 20.95 34.44
C LEU H 114 -29.43 19.60 35.14
N GLU H 115 -30.53 19.27 35.80
CA GLU H 115 -30.62 17.93 36.47
C GLU H 115 -29.24 17.25 36.48
N SER I 3 -56.68 37.59 40.64
CA SER I 3 -57.40 36.29 40.58
C SER I 3 -56.44 35.14 40.82
N ALA I 4 -56.92 34.04 41.40
CA ALA I 4 -56.06 32.90 41.75
C ALA I 4 -55.45 32.22 40.51
N ILE I 5 -56.19 32.06 39.43
CA ILE I 5 -55.68 31.25 38.28
C ILE I 5 -54.40 31.86 37.70
N SER I 6 -53.41 31.02 37.38
CA SER I 6 -52.15 31.48 36.76
C SER I 6 -51.53 30.32 35.97
N ILE I 7 -50.71 30.61 34.97
CA ILE I 7 -50.14 29.53 34.10
C ILE I 7 -48.78 30.03 33.59
N SER I 8 -47.82 29.13 33.42
CA SER I 8 -46.46 29.52 32.98
C SER I 8 -46.04 28.60 31.83
N LYS I 9 -45.00 28.99 31.09
CA LYS I 9 -44.68 28.19 29.89
C LYS I 9 -43.23 27.75 29.85
N LEU I 10 -43.00 26.53 29.41
CA LEU I 10 -41.59 26.10 29.21
C LEU I 10 -41.30 26.27 27.74
N GLN I 11 -40.03 26.55 27.43
CA GLN I 11 -39.63 26.81 26.03
C GLN I 11 -40.69 27.69 25.37
N ASP I 12 -41.09 27.35 24.14
CA ASP I 12 -42.16 28.12 23.47
C ASP I 12 -43.44 27.34 23.75
N VAL I 13 -43.41 26.47 24.74
CA VAL I 13 -44.56 25.57 25.02
C VAL I 13 -45.41 26.13 26.16
N LEU I 14 -46.65 26.49 25.87
CA LEU I 14 -47.56 27.01 26.93
C LEU I 14 -48.01 25.84 27.79
N ILE I 15 -48.38 26.12 29.04
CA ILE I 15 -48.86 25.04 29.95
C ILE I 15 -50.17 25.49 30.60
N ALA I 16 -51.27 25.46 29.85
CA ALA I 16 -52.56 25.76 30.47
C ALA I 16 -52.93 24.59 31.37
N SER I 17 -53.69 24.85 32.44
CA SER I 17 -53.95 23.77 33.41
C SER I 17 -55.39 23.84 33.90
N VAL I 18 -56.16 22.78 33.68
CA VAL I 18 -57.54 22.74 34.25
C VAL I 18 -57.41 22.10 35.63
N GLN I 19 -57.52 22.91 36.67
CA GLN I 19 -57.47 22.36 38.05
C GLN I 19 -58.82 21.68 38.28
N VAL I 20 -59.91 22.39 38.00
CA VAL I 20 -61.26 21.81 38.28
C VAL I 20 -62.20 22.32 37.18
N ASP I 21 -63.43 21.82 37.14
CA ASP I 21 -64.35 22.38 36.13
C ASP I 21 -64.52 23.84 36.58
N LEU I 22 -64.23 24.77 35.69
CA LEU I 22 -64.34 26.20 36.04
C LEU I 22 -65.78 26.57 35.72
N THR I 23 -66.59 26.67 36.76
CA THR I 23 -68.02 26.94 36.52
C THR I 23 -68.11 28.28 35.81
N GLU I 24 -67.11 29.13 36.04
CA GLU I 24 -67.17 30.49 35.48
C GLU I 24 -66.71 30.46 34.04
N SER I 25 -67.67 30.57 33.12
CA SER I 25 -67.30 30.70 31.69
C SER I 25 -66.72 32.11 31.60
N THR I 26 -67.06 32.95 32.59
CA THR I 26 -66.42 34.27 32.63
C THR I 26 -64.96 34.01 32.95
N LEU I 27 -64.68 33.07 33.85
CA LEU I 27 -63.26 32.77 34.05
C LEU I 27 -62.75 32.14 32.77
N ARG I 28 -63.63 31.47 32.03
CA ARG I 28 -63.17 30.92 30.74
C ARG I 28 -62.73 32.11 29.89
N ASP I 29 -63.54 33.16 29.89
CA ASP I 29 -63.24 34.36 29.08
C ASP I 29 -61.94 34.95 29.62
N PHE I 30 -61.80 34.92 30.93
CA PHE I 30 -60.60 35.56 31.54
C PHE I 30 -59.36 34.82 31.07
N SER I 31 -59.45 33.50 31.05
CA SER I 31 -58.29 32.66 30.64
C SER I 31 -58.01 32.91 29.18
N LEU I 32 -59.07 33.06 28.40
CA LEU I 32 -58.90 33.30 26.95
C LEU I 32 -58.11 34.58 26.82
N ASP I 33 -58.50 35.57 27.60
CA ASP I 33 -57.85 36.89 27.51
C ASP I 33 -56.39 36.74 27.90
N LEU I 34 -56.15 35.99 28.95
CA LEU I 34 -54.77 35.87 29.45
C LEU I 34 -53.96 35.24 28.32
N LEU I 35 -54.53 34.22 27.70
CA LEU I 35 -53.78 33.48 26.67
C LEU I 35 -53.52 34.39 25.48
N ASP I 36 -54.46 35.27 25.17
CA ASP I 36 -54.23 36.08 23.94
C ASP I 36 -53.18 37.10 24.31
N ALA I 37 -53.21 37.56 25.55
CA ALA I 37 -52.23 38.55 26.00
C ALA I 37 -50.87 37.88 25.95
N VAL I 38 -50.85 36.65 26.43
CA VAL I 38 -49.56 35.92 26.48
C VAL I 38 -49.09 35.74 25.04
N LYS I 39 -50.02 35.43 24.16
CA LYS I 39 -49.61 35.15 22.77
C LYS I 39 -48.96 36.41 22.23
N SER I 40 -49.61 37.54 22.48
CA SER I 40 -49.11 38.81 21.91
C SER I 40 -47.72 39.09 22.46
N THR I 41 -47.55 38.92 23.76
CA THR I 41 -46.25 39.32 24.34
C THR I 41 -45.18 38.29 24.03
N ARG I 42 -45.44 37.05 24.45
CA ARG I 42 -44.39 36.01 24.33
C ARG I 42 -44.08 35.74 22.88
N ALA I 43 -45.13 35.64 22.06
CA ALA I 43 -44.97 35.36 20.61
C ALA I 43 -44.52 33.90 20.38
N LYS I 44 -44.51 33.08 21.44
CA LYS I 44 -44.03 31.68 21.33
C LYS I 44 -45.09 30.83 20.64
N GLY I 45 -44.72 29.65 20.13
CA GLY I 45 -45.71 28.89 19.33
C GLY I 45 -46.44 27.78 20.07
N VAL I 46 -45.72 26.92 20.80
CA VAL I 46 -46.40 25.72 21.39
C VAL I 46 -47.37 26.12 22.51
N MET I 47 -48.55 25.49 22.55
CA MET I 47 -49.52 25.75 23.65
C MET I 47 -50.05 24.41 24.14
N ILE I 48 -50.21 24.25 25.45
CA ILE I 48 -50.83 22.97 25.91
C ILE I 48 -51.85 23.26 26.99
N GLU I 49 -52.79 22.34 27.20
CA GLU I 49 -53.79 22.50 28.29
C GLU I 49 -53.99 21.16 28.97
N LEU I 50 -54.03 21.15 30.30
CA LEU I 50 -54.17 19.88 31.03
C LEU I 50 -55.56 19.81 31.65
N SER I 51 -56.40 18.90 31.20
CA SER I 51 -57.69 18.78 31.93
C SER I 51 -57.51 17.75 33.02
N GLY I 52 -57.13 18.19 34.22
CA GLY I 52 -57.06 17.19 35.29
C GLY I 52 -58.44 16.63 35.51
N VAL I 53 -59.45 17.50 35.56
CA VAL I 53 -60.87 17.04 35.69
C VAL I 53 -61.75 18.11 35.06
N LYS I 54 -62.90 17.71 34.55
CA LYS I 54 -63.86 18.72 34.05
C LYS I 54 -65.20 18.37 34.67
N THR I 55 -65.32 18.59 35.96
CA THR I 55 -66.56 18.19 36.66
C THR I 55 -67.78 18.51 35.79
N LEU I 56 -67.75 19.59 35.01
CA LEU I 56 -68.95 19.88 34.19
C LEU I 56 -68.56 19.79 32.73
N ASP I 57 -69.46 19.23 31.92
CA ASP I 57 -69.18 19.03 30.49
C ASP I 57 -70.39 19.52 29.71
N GLY I 58 -70.28 19.63 28.38
CA GLY I 58 -71.42 20.05 27.55
C GLY I 58 -71.44 21.54 27.31
N GLU I 59 -70.42 22.21 27.85
CA GLU I 59 -70.27 23.64 27.54
C GLU I 59 -69.82 23.62 26.09
N SER I 60 -70.79 23.77 25.19
CA SER I 60 -70.42 23.85 23.76
C SER I 60 -69.55 25.08 23.69
N MET I 61 -69.87 26.09 24.50
CA MET I 61 -69.11 27.35 24.49
C MET I 61 -67.67 27.10 24.91
N HIS I 62 -67.46 26.26 25.91
CA HIS I 62 -66.09 25.92 26.35
C HIS I 62 -65.39 25.11 25.26
N SER I 63 -66.14 24.26 24.58
CA SER I 63 -65.50 23.50 23.48
C SER I 63 -65.08 24.53 22.44
N LEU I 64 -65.91 25.56 22.27
CA LEU I 64 -65.65 26.61 21.27
C LEU I 64 -64.41 27.36 21.71
N LEU I 65 -64.29 27.55 23.02
CA LEU I 65 -63.13 28.26 23.57
C LEU I 65 -61.94 27.42 23.18
N ASP I 66 -62.06 26.12 23.32
CA ASP I 66 -60.92 25.24 23.02
C ASP I 66 -60.58 25.42 21.55
N VAL I 67 -61.60 25.45 20.71
CA VAL I 67 -61.35 25.54 19.24
C VAL I 67 -60.66 26.85 18.90
N VAL I 68 -61.13 27.96 19.48
CA VAL I 68 -60.59 29.31 19.15
C VAL I 68 -59.14 29.34 19.59
N LYS I 69 -58.92 28.70 20.74
CA LYS I 69 -57.55 28.70 21.28
C LYS I 69 -56.66 27.96 20.30
N THR I 70 -57.09 26.86 19.72
CA THR I 70 -56.17 26.30 18.72
C THR I 70 -56.03 27.32 17.58
N VAL I 71 -57.15 27.73 16.98
CA VAL I 71 -57.12 28.55 15.74
C VAL I 71 -56.48 29.94 15.85
N GLU I 72 -56.83 30.71 16.87
CA GLU I 72 -56.27 32.09 16.89
C GLU I 72 -54.79 31.92 17.14
N VAL I 73 -54.47 30.96 18.01
CA VAL I 73 -53.05 30.80 18.38
C VAL I 73 -52.37 30.48 17.08
N MET I 74 -53.06 29.72 16.24
CA MET I 74 -52.40 29.22 15.03
C MET I 74 -51.22 28.52 15.70
N GLY I 75 -51.49 27.85 16.83
CA GLY I 75 -50.40 27.27 17.63
C GLY I 75 -50.75 25.90 18.17
N ARG I 76 -49.73 25.15 18.60
CA ARG I 76 -49.92 23.76 19.12
C ARG I 76 -50.91 23.67 20.28
N ARG I 77 -51.57 22.52 20.43
CA ARG I 77 -52.72 22.54 21.36
C ARG I 77 -53.02 21.09 21.73
N CYS I 78 -52.88 20.73 23.01
CA CYS I 78 -53.08 19.33 23.43
C CYS I 78 -53.84 19.29 24.74
N LEU I 79 -54.51 18.17 25.03
CA LEU I 79 -55.34 18.12 26.25
C LEU I 79 -55.02 16.87 27.05
N LEU I 80 -54.87 17.03 28.36
CA LEU I 80 -54.71 15.83 29.20
C LEU I 80 -56.14 15.48 29.59
N VAL I 81 -56.63 14.32 29.13
CA VAL I 81 -58.04 13.94 29.39
C VAL I 81 -58.23 13.66 30.88
N GLY I 82 -59.15 14.37 31.51
CA GLY I 82 -59.46 14.07 32.92
C GLY I 82 -60.93 13.76 33.02
N LEU I 83 -61.30 12.89 33.96
CA LEU I 83 -62.73 12.58 34.20
C LEU I 83 -63.36 12.01 32.93
N ARG I 84 -62.50 11.53 32.02
CA ARG I 84 -62.97 11.07 30.69
C ARG I 84 -64.26 10.28 30.82
N PRO I 85 -64.34 9.24 31.68
CA PRO I 85 -65.54 8.41 31.77
C PRO I 85 -66.81 9.28 31.76
N GLY I 86 -66.84 10.30 32.62
CA GLY I 86 -68.00 11.22 32.64
C GLY I 86 -67.76 12.42 31.74
N VAL I 87 -66.49 12.68 31.40
CA VAL I 87 -66.17 13.89 30.59
C VAL I 87 -66.46 13.49 29.17
N VAL I 88 -65.97 12.34 28.74
CA VAL I 88 -66.04 11.94 27.33
C VAL I 88 -67.47 11.58 26.96
N ILE I 89 -68.17 10.96 27.87
CA ILE I 89 -69.52 10.56 27.43
C ILE I 89 -70.26 11.85 27.13
N GLY I 90 -70.14 12.83 28.04
CA GLY I 90 -70.74 14.14 27.76
C GLY I 90 -70.09 14.74 26.55
N LEU I 91 -68.77 14.58 26.46
CA LEU I 91 -68.04 15.17 25.31
C LEU I 91 -68.53 14.49 24.04
N MET I 92 -68.74 13.18 24.10
CA MET I 92 -69.22 12.40 22.94
C MET I 92 -70.64 12.77 22.62
N ASP I 93 -71.43 13.04 23.65
CA ASP I 93 -72.83 13.46 23.40
C ASP I 93 -72.73 14.76 22.62
N ILE I 94 -71.78 15.61 23.01
CA ILE I 94 -71.58 16.90 22.30
C ILE I 94 -71.11 16.58 20.88
N GLY I 95 -70.23 15.60 20.73
CA GLY I 95 -69.63 15.30 19.42
C GLY I 95 -68.44 16.21 19.21
N ILE I 96 -67.73 16.07 18.10
CA ILE I 96 -66.59 16.99 17.79
C ILE I 96 -66.46 17.14 16.28
N ASP I 97 -65.98 18.30 15.80
CA ASP I 97 -65.76 18.49 14.35
C ASP I 97 -64.26 18.65 14.08
N LEU I 98 -63.39 18.42 15.07
CA LEU I 98 -61.94 18.67 14.85
C LEU I 98 -61.10 17.50 15.30
N ALA I 99 -59.86 17.41 14.81
CA ALA I 99 -58.93 16.33 15.18
C ALA I 99 -57.54 16.89 15.47
N SER I 100 -57.42 18.21 15.53
CA SER I 100 -56.08 18.81 15.75
C SER I 100 -55.48 18.28 17.05
N THR I 101 -56.13 18.51 18.19
CA THR I 101 -55.54 18.11 19.51
C THR I 101 -55.90 16.67 19.87
N LEU I 102 -55.48 16.21 21.06
CA LEU I 102 -55.76 14.82 21.55
C LEU I 102 -55.27 14.70 22.99
N CYS I 103 -55.30 13.50 23.57
CA CYS I 103 -54.71 13.35 24.93
C CYS I 103 -53.24 13.79 24.85
N VAL I 104 -52.78 14.63 25.79
CA VAL I 104 -51.34 14.98 25.80
C VAL I 104 -50.60 13.66 25.99
N ALA I 105 -49.77 13.28 25.03
CA ALA I 105 -49.13 11.94 25.03
C ALA I 105 -48.65 11.56 26.43
N ASP I 106 -47.98 12.45 27.15
CA ASP I 106 -47.65 12.12 28.55
C ASP I 106 -48.19 13.26 29.39
N LEU I 107 -49.30 13.83 28.90
CA LEU I 107 -49.92 14.98 29.61
C LEU I 107 -48.86 16.07 29.71
N GLU I 108 -47.77 15.96 28.94
CA GLU I 108 -46.66 16.94 28.95
C GLU I 108 -45.48 16.26 28.26
N GLN I 109 -44.85 15.30 28.95
CA GLN I 109 -43.66 14.60 28.39
C GLN I 109 -43.94 14.07 26.98
N GLY I 110 -45.16 13.59 26.68
CA GLY I 110 -45.31 13.04 25.32
C GLY I 110 -45.22 14.08 24.22
N PHE I 111 -45.95 15.18 24.36
CA PHE I 111 -45.96 16.09 23.19
C PHE I 111 -44.87 17.13 23.35
N LEU I 112 -44.31 17.18 24.55
CA LEU I 112 -43.15 18.08 24.73
C LEU I 112 -42.13 17.46 23.81
N TYR I 113 -42.07 16.14 23.91
CA TYR I 113 -41.07 15.45 23.07
C TYR I 113 -41.52 15.66 21.64
N LEU I 114 -42.82 15.53 21.42
CA LEU I 114 -43.34 15.62 20.04
C LEU I 114 -43.19 16.92 19.26
N GLU I 115 -43.62 18.03 19.83
CA GLU I 115 -43.46 19.33 19.10
C GLU I 115 -43.01 19.09 17.65
N SER J 3 -76.78 -17.81 -11.47
CA SER J 3 -76.82 -16.54 -12.23
C SER J 3 -75.57 -16.39 -13.10
N ALA J 4 -75.69 -15.71 -14.22
CA ALA J 4 -74.57 -15.57 -15.18
C ALA J 4 -73.38 -14.80 -14.59
N ILE J 5 -73.63 -13.73 -13.84
CA ILE J 5 -72.49 -12.85 -13.40
C ILE J 5 -71.49 -13.62 -12.54
N SER J 6 -70.18 -13.41 -12.78
CA SER J 6 -69.12 -14.06 -11.97
C SER J 6 -67.86 -13.19 -12.04
N ILE J 7 -66.98 -13.29 -11.05
CA ILE J 7 -65.77 -12.42 -10.99
C ILE J 7 -64.68 -13.18 -10.25
N SER J 8 -63.41 -13.01 -10.64
CA SER J 8 -62.29 -13.75 -10.01
C SER J 8 -61.20 -12.76 -9.64
N LYS J 9 -60.26 -13.16 -8.79
CA LYS J 9 -59.28 -12.16 -8.32
C LYS J 9 -57.84 -12.62 -8.52
N LEU J 10 -56.98 -11.69 -8.90
CA LEU J 10 -55.55 -12.04 -8.98
C LEU J 10 -54.92 -11.52 -7.70
N GLN J 11 -53.88 -12.22 -7.25
CA GLN J 11 -53.23 -11.86 -5.96
C GLN J 11 -54.30 -11.55 -4.93
N ASP J 12 -54.13 -10.47 -4.17
CA ASP J 12 -55.16 -10.07 -3.20
C ASP J 12 -56.01 -9.02 -3.91
N VAL J 13 -55.90 -8.98 -5.24
CA VAL J 13 -56.58 -7.92 -6.02
C VAL J 13 -57.88 -8.45 -6.61
N LEU J 14 -59.02 -7.89 -6.20
CA LEU J 14 -60.33 -8.32 -6.75
C LEU J 14 -60.47 -7.74 -8.15
N ILE J 15 -61.28 -8.39 -8.99
CA ILE J 15 -61.50 -7.90 -10.36
C ILE J 15 -63.00 -7.84 -10.65
N ALA J 16 -63.69 -6.86 -10.09
CA ALA J 16 -65.12 -6.72 -10.44
C ALA J 16 -65.19 -6.20 -11.88
N SER J 17 -66.27 -6.54 -12.58
CA SER J 17 -66.33 -6.19 -14.02
C SER J 17 -67.73 -5.74 -14.40
N VAL J 18 -67.87 -4.51 -14.89
CA VAL J 18 -69.20 -4.06 -15.39
C VAL J 18 -69.22 -4.42 -16.87
N GLN J 19 -69.99 -5.46 -17.21
CA GLN J 19 -70.13 -5.83 -18.64
C GLN J 19 -71.05 -4.79 -19.28
N VAL J 20 -72.19 -4.54 -18.65
CA VAL J 20 -73.18 -3.60 -19.24
C VAL J 20 -73.87 -2.87 -18.09
N ASP J 21 -74.68 -1.86 -18.39
CA ASP J 21 -75.41 -1.24 -17.26
C ASP J 21 -76.31 -2.36 -16.75
N LEU J 22 -76.19 -2.66 -15.46
CA LEU J 22 -77.01 -3.75 -14.88
C LEU J 22 -78.29 -3.07 -14.44
N THR J 23 -79.34 -3.26 -15.23
CA THR J 23 -80.61 -2.56 -14.90
C THR J 23 -81.04 -3.05 -13.53
N GLU J 24 -80.62 -4.26 -13.17
CA GLU J 24 -81.09 -4.85 -11.91
C GLU J 24 -80.26 -4.30 -10.76
N SER J 25 -80.84 -3.39 -10.00
CA SER J 25 -80.16 -2.94 -8.77
C SER J 25 -80.24 -4.14 -7.84
N THR J 26 -81.18 -5.03 -8.12
CA THR J 26 -81.23 -6.27 -7.34
C THR J 26 -79.96 -7.03 -7.70
N LEU J 27 -79.60 -7.03 -8.99
CA LEU J 27 -78.31 -7.68 -9.30
C LEU J 27 -77.22 -6.84 -8.66
N ARG J 28 -77.47 -5.55 -8.49
CA ARG J 28 -76.44 -4.75 -7.78
C ARG J 28 -76.32 -5.32 -6.38
N ASP J 29 -77.46 -5.60 -5.76
CA ASP J 29 -77.48 -6.13 -4.38
C ASP J 29 -76.79 -7.50 -4.42
N PHE J 30 -77.05 -8.25 -5.48
CA PHE J 30 -76.50 -9.62 -5.55
C PHE J 30 -74.98 -9.52 -5.59
N SER J 31 -74.47 -8.58 -6.38
CA SER J 31 -73.01 -8.42 -6.54
C SER J 31 -72.43 -7.97 -5.21
N LEU J 32 -73.17 -7.10 -4.52
CA LEU J 32 -72.69 -6.58 -3.23
C LEU J 32 -72.53 -7.79 -2.33
N ASP J 33 -73.52 -8.66 -2.36
CA ASP J 33 -73.51 -9.85 -1.47
C ASP J 33 -72.32 -10.71 -1.84
N LEU J 34 -72.10 -10.89 -3.12
CA LEU J 34 -71.03 -11.79 -3.55
C LEU J 34 -69.74 -11.20 -3.02
N LEU J 35 -69.60 -9.89 -3.16
CA LEU J 35 -68.33 -9.25 -2.77
C LEU J 35 -68.13 -9.37 -1.27
N ASP J 36 -69.22 -9.29 -0.51
CA ASP J 36 -69.01 -9.32 0.96
C ASP J 36 -68.65 -10.76 1.32
N ALA J 37 -69.26 -11.68 0.60
CA ALA J 37 -68.97 -13.11 0.86
C ALA J 37 -67.51 -13.34 0.53
N VAL J 38 -67.11 -12.78 -0.60
CA VAL J 38 -65.72 -13.00 -1.04
C VAL J 38 -64.81 -12.37 0.01
N LYS J 39 -65.21 -11.20 0.49
CA LYS J 39 -64.31 -10.50 1.44
C LYS J 39 -64.15 -11.41 2.64
N SER J 40 -65.27 -11.96 3.12
CA SER J 40 -65.20 -12.77 4.35
C SER J 40 -64.31 -13.98 4.11
N THR J 41 -64.47 -14.64 2.98
CA THR J 41 -63.72 -15.89 2.80
C THR J 41 -62.28 -15.59 2.44
N ARG J 42 -62.08 -14.85 1.36
CA ARG J 42 -60.72 -14.64 0.84
C ARG J 42 -59.90 -13.85 1.84
N ALA J 43 -60.50 -12.81 2.41
CA ALA J 43 -59.80 -11.95 3.39
C ALA J 43 -58.73 -11.09 2.70
N LYS J 44 -58.68 -11.10 1.37
CA LYS J 44 -57.64 -10.35 0.61
C LYS J 44 -57.98 -8.86 0.63
N GLY J 45 -56.99 -8.00 0.33
CA GLY J 45 -57.26 -6.55 0.47
C GLY J 45 -57.63 -5.81 -0.80
N VAL J 46 -56.88 -5.99 -1.88
CA VAL J 46 -57.12 -5.15 -3.09
C VAL J 46 -58.45 -5.50 -3.77
N MET J 47 -59.19 -4.48 -4.21
CA MET J 47 -60.46 -4.71 -4.93
C MET J 47 -60.49 -3.80 -6.16
N ILE J 48 -60.96 -4.29 -7.31
CA ILE J 48 -61.06 -3.35 -8.47
C ILE J 48 -62.39 -3.58 -9.17
N GLU J 49 -62.86 -2.57 -9.91
CA GLU J 49 -64.10 -2.74 -10.71
C GLU J 49 -63.90 -2.09 -12.07
N LEU J 50 -64.33 -2.77 -13.13
CA LEU J 50 -64.12 -2.21 -14.48
C LEU J 50 -65.46 -1.76 -15.04
N SER J 51 -65.65 -0.47 -15.27
CA SER J 51 -66.93 -0.10 -15.94
C SER J 51 -66.64 -0.08 -17.44
N GLY J 52 -66.88 -1.20 -18.12
CA GLY J 52 -66.71 -1.14 -19.57
C GLY J 52 -67.71 -0.15 -20.12
N VAL J 53 -68.97 -0.23 -19.66
CA VAL J 53 -70.01 0.75 -20.06
C VAL J 53 -71.04 0.83 -18.94
N LYS J 54 -71.69 1.97 -18.80
CA LYS J 54 -72.79 2.06 -17.81
C LYS J 54 -73.95 2.68 -18.55
N THR J 55 -74.56 1.90 -19.45
CA THR J 55 -75.64 2.45 -20.27
C THR J 55 -76.56 3.34 -19.42
N LEU J 56 -76.76 3.01 -18.15
CA LEU J 56 -77.65 3.87 -17.35
C LEU J 56 -76.85 4.50 -16.23
N ASP J 57 -77.12 5.76 -15.95
CA ASP J 57 -76.36 6.51 -14.91
C ASP J 57 -77.37 7.22 -14.02
N GLY J 58 -76.92 7.78 -12.90
CA GLY J 58 -77.83 8.55 -12.02
C GLY J 58 -78.41 7.68 -10.93
N GLU J 59 -77.99 6.42 -10.92
CA GLU J 59 -78.39 5.54 -9.81
C GLU J 59 -77.56 6.09 -8.65
N SER J 60 -78.18 6.96 -7.88
CA SER J 60 -77.46 7.47 -6.69
C SER J 60 -77.24 6.22 -5.85
N MET J 61 -78.19 5.29 -5.89
CA MET J 61 -78.08 4.05 -5.10
C MET J 61 -76.88 3.25 -5.56
N HIS J 62 -76.65 3.16 -6.87
CA HIS J 62 -75.46 2.45 -7.39
C HIS J 62 -74.19 3.19 -6.99
N SER J 63 -74.24 4.52 -6.99
CA SER J 63 -73.05 5.26 -6.55
C SER J 63 -72.82 4.90 -5.09
N LEU J 64 -73.91 4.73 -4.36
CA LEU J 64 -73.84 4.41 -2.91
C LEU J 64 -73.24 3.04 -2.78
N LEU J 65 -73.61 2.16 -3.70
CA LEU J 65 -73.11 0.78 -3.69
C LEU J 65 -71.60 0.93 -3.85
N ASP J 66 -71.20 1.79 -4.76
CA ASP J 66 -69.76 1.94 -5.03
C ASP J 66 -69.10 2.41 -3.73
N VAL J 67 -69.72 3.38 -3.07
CA VAL J 67 -69.12 3.95 -1.85
C VAL J 67 -68.99 2.88 -0.76
N VAL J 68 -70.04 2.09 -0.57
CA VAL J 68 -70.05 1.07 0.53
C VAL J 68 -68.98 0.06 0.22
N LYS J 69 -68.85 -0.23 -1.06
CA LYS J 69 -67.85 -1.24 -1.46
C LYS J 69 -66.48 -0.70 -1.11
N THR J 70 -66.20 0.57 -1.32
CA THR J 70 -64.87 0.99 -0.83
C THR J 70 -64.85 0.84 0.68
N VAL J 71 -65.80 1.46 1.38
CA VAL J 71 -65.76 1.55 2.86
C VAL J 71 -65.84 0.23 3.63
N GLU J 72 -66.77 -0.64 3.28
CA GLU J 72 -66.90 -1.87 4.11
C GLU J 72 -65.64 -2.67 3.84
N VAL J 73 -65.21 -2.64 2.58
CA VAL J 73 -64.05 -3.48 2.21
C VAL J 73 -62.93 -2.94 3.08
N MET J 74 -62.95 -1.62 3.26
CA MET J 74 -61.80 -1.00 3.93
C MET J 74 -60.70 -1.51 3.01
N GLY J 75 -60.99 -1.51 1.71
CA GLY J 75 -60.06 -2.12 0.74
C GLY J 75 -59.93 -1.30 -0.53
N ARG J 76 -58.86 -1.55 -1.30
CA ARG J 76 -58.58 -0.79 -2.55
C ARG J 76 -59.72 -0.83 -3.56
N ARG J 77 -59.86 0.21 -4.39
CA ARG J 77 -61.13 0.31 -5.14
C ARG J 77 -60.86 1.25 -6.33
N CYS J 78 -60.97 0.74 -7.56
CA CYS J 78 -60.68 1.58 -8.75
C CYS J 78 -61.70 1.30 -9.83
N LEU J 79 -61.87 2.26 -10.75
CA LEU J 79 -62.93 2.08 -11.76
C LEU J 79 -62.35 2.33 -13.16
N LEU J 80 -62.69 1.46 -14.10
CA LEU J 80 -62.30 1.74 -15.49
C LEU J 80 -63.48 2.53 -16.04
N VAL J 81 -63.25 3.79 -16.40
CA VAL J 81 -64.37 4.66 -16.86
C VAL J 81 -64.86 4.17 -18.22
N GLY J 82 -66.13 3.83 -18.32
CA GLY J 82 -66.69 3.46 -19.62
C GLY J 82 -67.84 4.37 -19.93
N LEU J 83 -68.08 4.67 -21.21
CA LEU J 83 -69.23 5.50 -21.61
C LEU J 83 -69.14 6.88 -20.98
N ARG J 84 -67.92 7.22 -20.52
CA ARG J 84 -67.72 8.48 -19.75
C ARG J 84 -68.51 9.62 -20.36
N PRO J 85 -68.40 9.90 -21.67
CA PRO J 85 -69.09 11.05 -22.28
C PRO J 85 -70.54 11.14 -21.78
N GLY J 86 -71.27 10.02 -21.84
CA GLY J 86 -72.66 10.00 -21.33
C GLY J 86 -72.69 9.53 -19.88
N VAL J 87 -71.62 8.87 -19.42
CA VAL J 87 -71.62 8.32 -18.05
C VAL J 87 -71.28 9.48 -17.16
N VAL J 88 -70.23 10.21 -17.50
CA VAL J 88 -69.70 11.28 -16.62
C VAL J 88 -70.65 12.45 -16.58
N ILE J 89 -71.26 12.76 -17.70
CA ILE J 89 -72.09 13.98 -17.62
C ILE J 89 -73.19 13.65 -16.61
N GLY J 90 -73.77 12.46 -16.74
CA GLY J 90 -74.77 12.03 -15.75
C GLY J 90 -74.11 11.92 -14.40
N LEU J 91 -72.89 11.39 -14.39
CA LEU J 91 -72.17 11.21 -13.10
C LEU J 91 -71.93 12.60 -12.53
N MET J 92 -71.55 13.55 -13.36
CA MET J 92 -71.26 14.94 -12.93
C MET J 92 -72.55 15.61 -12.48
N ASP J 93 -73.64 15.30 -13.16
CA ASP J 93 -74.94 15.88 -12.74
C ASP J 93 -75.17 15.37 -11.32
N ILE J 94 -74.86 14.09 -11.11
CA ILE J 94 -75.02 13.49 -9.75
C ILE J 94 -74.06 14.20 -8.80
N GLY J 95 -72.84 14.49 -9.26
CA GLY J 95 -71.81 15.07 -8.37
C GLY J 95 -71.13 13.93 -7.64
N ILE J 96 -70.12 14.24 -6.81
CA ILE J 96 -69.45 13.18 -5.98
C ILE J 96 -68.95 13.82 -4.69
N ASP J 97 -68.90 13.03 -3.61
CA ASP J 97 -68.35 13.54 -2.33
C ASP J 97 -67.07 12.80 -1.97
N LEU J 98 -66.53 11.98 -2.88
CA LEU J 98 -65.34 11.16 -2.52
C LEU J 98 -64.24 11.28 -3.58
N ALA J 99 -63.01 10.95 -3.20
CA ALA J 99 -61.86 10.99 -4.13
C ALA J 99 -61.02 9.72 -3.99
N SER J 100 -61.49 8.74 -3.24
CA SER J 100 -60.67 7.53 -3.02
C SER J 100 -60.33 6.88 -4.36
N THR J 101 -61.35 6.41 -5.11
CA THR J 101 -61.10 5.69 -6.40
C THR J 101 -61.01 6.65 -7.57
N LEU J 102 -60.72 6.14 -8.78
CA LEU J 102 -60.56 6.99 -10.00
C LEU J 102 -60.55 6.11 -11.25
N CYS J 103 -60.37 6.70 -12.44
CA CYS J 103 -60.21 5.85 -13.63
C CYS J 103 -59.03 4.91 -13.36
N VAL J 104 -59.19 3.61 -13.62
CA VAL J 104 -58.12 2.62 -13.29
C VAL J 104 -56.93 2.99 -14.18
N ALA J 105 -55.72 3.05 -13.60
CA ALA J 105 -54.62 3.61 -14.39
C ALA J 105 -54.47 2.87 -15.73
N ASP J 106 -54.49 1.55 -15.75
CA ASP J 106 -54.50 0.85 -17.06
C ASP J 106 -55.70 -0.06 -17.04
N LEU J 107 -56.73 0.40 -16.34
CA LEU J 107 -57.96 -0.41 -16.22
C LEU J 107 -57.56 -1.77 -15.61
N GLU J 108 -56.37 -1.85 -15.04
CA GLU J 108 -55.84 -3.11 -14.43
C GLU J 108 -54.34 -2.89 -14.27
N GLN J 109 -53.60 -2.94 -15.38
CA GLN J 109 -52.12 -2.81 -15.33
C GLN J 109 -51.70 -1.56 -14.53
N GLY J 110 -52.44 -0.44 -14.61
CA GLY J 110 -51.92 0.71 -13.87
C GLY J 110 -51.96 0.54 -12.36
N PHE J 111 -53.10 0.13 -11.83
CA PHE J 111 -53.15 0.13 -10.35
C PHE J 111 -52.71 -1.23 -9.82
N LEU J 112 -52.62 -2.18 -10.73
CA LEU J 112 -52.07 -3.49 -10.30
C LEU J 112 -50.66 -3.12 -9.92
N TYR J 113 -50.06 -2.32 -10.79
CA TYR J 113 -48.67 -1.95 -10.52
C TYR J 113 -48.72 -1.10 -9.26
N LEU J 114 -49.71 -0.21 -9.20
CA LEU J 114 -49.76 0.72 -8.06
C LEU J 114 -49.95 0.18 -6.65
N GLU J 115 -50.97 -0.64 -6.43
CA GLU J 115 -51.18 -1.21 -5.07
C GLU J 115 -50.26 -0.52 -4.06
N SER K 3 25.86 73.08 16.46
CA SER K 3 24.66 73.16 17.35
C SER K 3 24.50 71.87 18.14
N ALA K 4 23.94 71.96 19.35
CA ALA K 4 23.82 70.79 20.23
C ALA K 4 22.89 69.70 19.66
N ILE K 5 21.77 70.07 19.04
CA ILE K 5 20.78 69.04 18.62
C ILE K 5 21.38 68.05 17.62
N SER K 6 21.08 66.76 17.80
CA SER K 6 21.56 65.71 16.87
C SER K 6 20.60 64.51 16.95
N ILE K 7 20.54 63.69 15.89
CA ILE K 7 19.58 62.56 15.85
C ILE K 7 20.18 61.47 14.96
N SER K 8 19.94 60.20 15.30
CA SER K 8 20.53 59.08 14.53
C SER K 8 19.40 58.09 14.20
N LYS K 9 19.66 57.18 13.26
CA LYS K 9 18.54 56.30 12.83
C LYS K 9 18.90 54.83 12.89
N LEU K 10 17.94 54.02 13.31
CA LEU K 10 18.18 52.57 13.25
C LEU K 10 17.50 52.06 12.00
N GLN K 11 18.06 51.00 11.42
CA GLN K 11 17.53 50.47 10.14
C GLN K 11 17.22 51.64 9.21
N ASP K 12 16.05 51.60 8.57
CA ASP K 12 15.65 52.72 7.70
C ASP K 12 14.75 53.59 8.56
N VAL K 13 14.82 53.40 9.87
CA VAL K 13 13.90 54.10 10.80
C VAL K 13 14.59 55.31 11.42
N LEU K 14 14.08 56.51 11.13
CA LEU K 14 14.66 57.74 11.71
C LEU K 14 14.23 57.83 13.18
N ILE K 15 15.03 58.53 13.99
CA ILE K 15 14.69 58.69 15.43
C ILE K 15 14.78 60.17 15.80
N ALA K 16 13.80 60.97 15.39
CA ALA K 16 13.80 62.38 15.84
C ALA K 16 13.45 62.39 17.32
N SER K 17 13.93 63.39 18.05
CA SER K 17 13.73 63.37 19.52
C SER K 17 13.42 64.77 20.03
N VAL K 18 12.26 64.97 20.65
CA VAL K 18 11.97 66.28 21.27
C VAL K 18 12.48 66.19 22.71
N GLN K 19 13.60 66.84 22.99
CA GLN K 19 14.11 66.85 24.38
C GLN K 19 13.22 67.80 25.17
N VAL K 20 13.00 69.01 24.64
CA VAL K 20 12.20 70.02 25.39
C VAL K 20 11.42 70.83 24.36
N ASP K 21 10.52 71.69 24.81
CA ASP K 21 9.85 72.54 23.80
C ASP K 21 10.98 73.39 23.23
N LEU K 22 11.15 73.34 21.92
CA LEU K 22 12.24 74.11 21.28
C LEU K 22 11.64 75.47 20.99
N THR K 23 11.98 76.46 21.82
CA THR K 23 11.35 77.78 21.64
C THR K 23 11.74 78.27 20.25
N GLU K 24 12.88 77.79 19.76
CA GLU K 24 13.38 78.30 18.47
C GLU K 24 12.66 77.59 17.34
N SER K 25 11.73 78.28 16.70
CA SER K 25 11.11 77.73 15.49
C SER K 25 12.22 77.79 14.44
N THR K 26 13.20 78.64 14.69
CA THR K 26 14.37 78.65 13.79
C THR K 26 15.06 77.30 14.00
N LEU K 27 15.14 76.86 15.25
CA LEU K 27 15.72 75.51 15.42
C LEU K 27 14.73 74.53 14.80
N ARG K 28 13.46 74.88 14.78
CA ARG K 28 12.51 73.98 14.09
C ARG K 28 12.93 73.90 12.63
N ASP K 29 13.25 75.06 12.06
CA ASP K 29 13.65 75.13 10.64
C ASP K 29 14.94 74.35 10.50
N PHE K 30 15.81 74.48 11.48
CA PHE K 30 17.14 73.82 11.39
C PHE K 30 16.92 72.31 11.35
N SER K 31 16.03 71.82 12.20
CA SER K 31 15.77 70.37 12.28
C SER K 31 15.14 69.92 10.97
N LEU K 32 14.27 70.77 10.42
CA LEU K 32 13.60 70.41 9.16
C LEU K 32 14.70 70.22 8.13
N ASP K 33 15.65 71.15 8.14
CA ASP K 33 16.73 71.11 7.14
C ASP K 33 17.53 69.84 7.34
N LEU K 34 17.81 69.52 8.59
CA LEU K 34 18.66 68.36 8.85
C LEU K 34 17.93 67.14 8.31
N LEU K 35 16.63 67.10 8.56
CA LEU K 35 15.85 65.91 8.16
C LEU K 35 15.82 65.80 6.65
N ASP K 36 15.75 66.94 5.97
CA ASP K 36 15.62 66.84 4.50
C ASP K 36 16.98 66.40 3.98
N ALA K 37 18.03 66.89 4.63
CA ALA K 37 19.39 66.53 4.20
C ALA K 37 19.53 65.03 4.43
N VAL K 38 19.05 64.58 5.57
CA VAL K 38 19.19 63.16 5.92
C VAL K 38 18.41 62.38 4.88
N LYS K 39 17.23 62.89 4.54
CA LYS K 39 16.37 62.12 3.61
C LYS K 39 17.14 61.97 2.31
N SER K 40 17.73 63.07 1.86
CA SER K 40 18.42 63.04 0.56
C SER K 40 19.57 62.04 0.61
N THR K 41 20.34 62.07 1.68
CA THR K 41 21.54 61.22 1.68
C THR K 41 21.17 59.78 1.98
N ARG K 42 20.52 59.57 3.12
CA ARG K 42 20.25 58.20 3.57
C ARG K 42 19.30 57.51 2.60
N ALA K 43 18.26 58.21 2.18
CA ALA K 43 17.26 57.65 1.25
C ALA K 43 16.38 56.60 1.96
N LYS K 44 16.52 56.46 3.28
CA LYS K 44 15.76 55.43 4.04
C LYS K 44 14.31 55.87 4.20
N GLY K 45 13.40 54.94 4.52
CA GLY K 45 11.97 55.33 4.53
C GLY K 45 11.39 55.66 5.90
N VAL K 46 11.61 54.82 6.91
CA VAL K 46 10.91 55.04 8.20
C VAL K 46 11.43 56.29 8.92
N MET K 47 10.52 57.08 9.51
CA MET K 47 10.93 58.27 10.29
C MET K 47 10.14 58.28 11.60
N ILE K 48 10.77 58.63 12.71
CA ILE K 48 9.96 58.72 13.96
C ILE K 48 10.36 59.98 14.71
N GLU K 49 9.47 60.46 15.59
CA GLU K 49 9.80 61.63 16.43
C GLU K 49 9.27 61.39 17.85
N LEU K 50 10.08 61.70 18.86
CA LEU K 50 9.65 61.44 20.24
C LEU K 50 9.36 62.77 20.92
N SER K 51 8.12 63.03 21.29
CA SER K 51 7.92 64.27 22.07
C SER K 51 8.02 63.90 23.54
N GLY K 52 9.21 64.00 24.12
CA GLY K 52 9.27 63.74 25.56
C GLY K 52 8.43 64.77 26.26
N VAL K 53 8.56 66.04 25.88
CA VAL K 53 7.71 67.12 26.44
C VAL K 53 7.61 68.23 25.40
N LYS K 54 6.51 68.97 25.41
CA LYS K 54 6.41 70.14 24.51
C LYS K 54 5.97 71.30 25.37
N THR K 55 6.88 71.77 26.22
CA THR K 55 6.49 72.85 27.16
C THR K 55 5.61 73.87 26.47
N LEU K 56 5.84 74.13 25.18
CA LEU K 56 4.98 75.15 24.53
C LEU K 56 4.18 74.47 23.44
N ASP K 57 2.91 74.86 23.30
CA ASP K 57 2.02 74.23 22.31
C ASP K 57 1.30 75.35 21.55
N GLY K 58 0.61 75.02 20.46
CA GLY K 58 -0.16 76.04 19.73
C GLY K 58 0.64 76.62 18.58
N GLU K 59 1.86 76.12 18.42
CA GLU K 59 2.65 76.53 17.25
C GLU K 59 1.94 75.82 16.10
N SER K 60 1.04 76.55 15.47
CA SER K 60 0.38 75.97 14.30
C SER K 60 1.51 75.70 13.32
N MET K 61 2.51 76.57 13.33
CA MET K 61 3.66 76.43 12.42
C MET K 61 4.40 75.14 12.71
N HIS K 62 4.59 74.81 13.98
CA HIS K 62 5.25 73.55 14.36
C HIS K 62 4.38 72.37 13.96
N SER K 63 3.07 72.52 14.09
CA SER K 63 2.19 71.42 13.66
C SER K 63 2.39 71.27 12.17
N LEU K 64 2.58 72.39 11.48
CA LEU K 64 2.75 72.40 10.01
C LEU K 64 4.06 71.71 9.71
N LEU K 65 5.04 71.95 10.57
CA LEU K 65 6.37 71.34 10.38
C LEU K 65 6.12 69.85 10.46
N ASP K 66 5.33 69.44 11.43
CA ASP K 66 5.08 68.00 11.61
C ASP K 66 4.44 67.47 10.34
N VAL K 67 3.47 68.21 9.82
CA VAL K 67 2.73 67.74 8.61
C VAL K 67 3.68 67.61 7.43
N VAL K 68 4.53 68.60 7.21
CA VAL K 68 5.43 68.62 6.03
C VAL K 68 6.39 67.45 6.17
N LYS K 69 6.79 67.22 7.41
CA LYS K 69 7.74 66.12 7.64
C LYS K 69 7.06 64.82 7.26
N THR K 70 5.79 64.63 7.58
CA THR K 70 5.23 63.36 7.07
C THR K 70 5.24 63.44 5.53
N VAL K 71 4.63 64.47 4.97
CA VAL K 71 4.40 64.54 3.49
C VAL K 71 5.64 64.57 2.61
N GLU K 72 6.61 65.41 2.92
CA GLU K 72 7.75 65.50 1.99
C GLU K 72 8.47 64.18 2.09
N VAL K 73 8.54 63.67 3.32
CA VAL K 73 9.30 62.42 3.53
C VAL K 73 8.61 61.42 2.66
N MET K 74 7.28 61.54 2.60
CA MET K 74 6.51 60.49 1.93
C MET K 74 7.01 59.29 2.72
N GLY K 75 7.16 59.49 4.04
CA GLY K 75 7.78 58.45 4.88
C GLY K 75 7.07 58.29 6.21
N ARG K 76 7.31 57.16 6.90
CA ARG K 76 6.65 56.85 8.20
C ARG K 76 6.88 57.92 9.27
N ARG K 77 5.94 58.07 10.20
CA ARG K 77 6.01 59.28 11.04
C ARG K 77 5.18 59.00 12.29
N CYS K 78 5.81 59.00 13.47
CA CYS K 78 5.06 58.69 14.71
C CYS K 78 5.52 59.61 15.83
N LEU K 79 4.68 59.79 16.85
CA LEU K 79 5.03 60.75 17.90
C LEU K 79 4.87 60.11 19.27
N LEU K 80 5.85 60.31 20.14
CA LEU K 80 5.67 59.84 21.53
C LEU K 80 5.04 61.04 22.22
N VAL K 81 3.81 60.88 22.70
CA VAL K 81 3.08 62.04 23.30
C VAL K 81 3.74 62.38 24.64
N GLY K 82 4.17 63.63 24.78
CA GLY K 82 4.72 64.06 26.07
C GLY K 82 3.93 65.26 26.55
N LEU K 83 3.78 65.41 27.86
CA LEU K 83 3.09 66.60 28.42
C LEU K 83 1.64 66.65 27.91
N ARG K 84 1.16 65.50 27.42
CA ARG K 84 -0.17 65.44 26.77
C ARG K 84 -1.19 66.28 27.54
N PRO K 85 -1.34 66.09 28.86
CA PRO K 85 -2.37 66.82 29.62
C PRO K 85 -2.38 68.30 29.22
N GLY K 86 -1.21 68.95 29.21
CA GLY K 86 -1.13 70.35 28.78
C GLY K 86 -0.80 70.46 27.31
N VAL K 87 -0.27 69.38 26.72
CA VAL K 87 0.14 69.43 25.30
C VAL K 87 -1.13 69.24 24.51
N VAL K 88 -1.90 68.23 24.86
CA VAL K 88 -3.08 67.83 24.05
C VAL K 88 -4.18 68.86 24.19
N ILE K 89 -4.33 69.41 25.38
CA ILE K 89 -5.48 70.35 25.47
C ILE K 89 -5.15 71.48 24.50
N GLY K 90 -3.92 71.96 24.55
CA GLY K 90 -3.52 73.00 23.58
C GLY K 90 -3.59 72.42 22.19
N LEU K 91 -3.15 71.17 22.06
CA LEU K 91 -3.16 70.54 20.73
C LEU K 91 -4.60 70.43 20.26
N MET K 92 -5.51 70.07 21.18
CA MET K 92 -6.94 69.91 20.86
C MET K 92 -7.55 71.28 20.55
N ASP K 93 -7.09 72.30 21.28
CA ASP K 93 -7.60 73.66 20.99
C ASP K 93 -7.21 73.95 19.54
N ILE K 94 -5.99 73.55 19.18
CA ILE K 94 -5.52 73.76 17.79
C ILE K 94 -6.39 72.93 16.86
N GLY K 95 -6.72 71.70 17.27
CA GLY K 95 -7.46 70.79 16.38
C GLY K 95 -6.46 70.07 15.49
N ILE K 96 -6.93 69.15 14.64
CA ILE K 96 -6.01 68.47 13.68
C ILE K 96 -6.80 68.11 12.42
N ASP K 97 -6.13 68.07 11.27
CA ASP K 97 -6.81 67.65 10.01
C ASP K 97 -6.21 66.34 9.51
N LEU K 98 -5.35 65.68 10.30
CA LEU K 98 -4.66 64.46 9.78
C LEU K 98 -4.76 63.31 10.77
N ALA K 99 -4.57 62.08 10.29
CA ALA K 99 -4.62 60.87 11.15
C ALA K 99 -3.45 59.95 10.83
N SER K 100 -2.51 60.40 10.01
CA SER K 100 -1.38 59.52 9.62
C SER K 100 -0.64 59.04 10.87
N THR K 101 -0.09 59.94 11.67
CA THR K 101 0.72 59.54 12.87
C THR K 101 -0.18 59.28 14.08
N LEU K 102 0.41 58.79 15.18
CA LEU K 102 -0.35 58.51 16.44
C LEU K 102 0.65 58.45 17.60
N CYS K 103 0.18 58.37 18.85
CA CYS K 103 1.19 58.19 19.92
C CYS K 103 2.00 56.95 19.54
N VAL K 104 3.33 57.04 19.56
CA VAL K 104 4.20 55.91 19.13
C VAL K 104 3.81 54.71 19.99
N ALA K 105 3.67 53.54 19.38
CA ALA K 105 3.10 52.42 20.15
C ALA K 105 3.94 52.12 21.40
N ASP K 106 5.26 52.04 21.28
CA ASP K 106 6.07 51.91 22.51
C ASP K 106 7.07 53.04 22.48
N LEU K 107 6.64 54.15 21.89
CA LEU K 107 7.54 55.32 21.76
C LEU K 107 8.78 54.86 21.01
N GLU K 108 8.72 53.70 20.36
CA GLU K 108 9.86 53.13 19.60
C GLU K 108 9.51 51.67 19.36
N GLN K 109 9.61 50.85 20.41
CA GLN K 109 9.36 49.40 20.28
C GLN K 109 8.01 49.12 19.59
N GLY K 110 6.97 49.93 19.83
CA GLY K 110 5.70 49.55 19.17
C GLY K 110 5.73 49.69 17.66
N PHE K 111 6.20 50.83 17.16
CA PHE K 111 6.05 50.98 15.69
C PHE K 111 7.31 50.48 15.01
N LEU K 112 8.34 50.25 15.82
CA LEU K 112 9.54 49.65 15.22
C LEU K 112 9.03 48.29 14.79
N TYR K 113 8.27 47.70 15.70
CA TYR K 113 7.76 46.36 15.38
C TYR K 113 6.80 46.55 14.23
N LEU K 114 6.00 47.60 14.31
CA LEU K 114 4.97 47.80 13.28
C LEU K 114 5.39 48.06 11.83
N GLU K 115 6.26 49.03 11.60
CA GLU K 115 6.72 49.28 10.20
C GLU K 115 5.86 48.49 9.20
N SER L 3 18.36 69.36 33.52
CA SER L 3 19.55 69.32 32.64
C SER L 3 19.16 68.82 31.25
N ALA L 4 19.87 69.29 30.22
CA ALA L 4 19.53 68.93 28.83
C ALA L 4 19.70 67.44 28.54
N ILE L 5 20.74 66.78 29.05
CA ILE L 5 21.02 65.38 28.64
C ILE L 5 19.87 64.44 29.02
N SER L 6 19.50 63.53 28.11
CA SER L 6 18.42 62.54 28.37
C SER L 6 18.66 61.32 27.48
N ILE L 7 18.15 60.15 27.88
CA ILE L 7 18.41 58.89 27.12
C ILE L 7 17.21 57.97 27.35
N SER L 8 16.84 57.18 26.33
CA SER L 8 15.66 56.28 26.44
C SER L 8 16.08 54.89 25.97
N LYS L 9 15.28 53.88 26.28
CA LYS L 9 15.73 52.51 25.96
C LYS L 9 14.69 51.73 25.15
N LEU L 10 15.18 50.95 24.20
CA LEU L 10 14.25 50.06 23.49
C LEU L 10 14.39 48.69 24.12
N GLN L 11 13.29 47.92 24.10
CA GLN L 11 13.29 46.59 24.75
C GLN L 11 13.99 46.71 26.10
N ASP L 12 14.87 45.75 26.40
CA ASP L 12 15.65 45.83 27.65
C ASP L 12 16.98 46.45 27.27
N VAL L 13 17.02 47.09 26.10
CA VAL L 13 18.30 47.63 25.57
C VAL L 13 18.40 49.12 25.86
N LEU L 14 19.39 49.51 26.66
CA LEU L 14 19.59 50.95 26.97
C LEU L 14 20.22 51.63 25.75
N ILE L 15 20.01 52.92 25.62
CA ILE L 15 20.60 53.67 24.47
C ILE L 15 21.31 54.92 25.00
N ALA L 16 22.48 54.75 25.60
CA ALA L 16 23.24 55.94 26.01
C ALA L 16 23.78 56.61 24.74
N SER L 17 23.97 57.93 24.79
CA SER L 17 24.36 58.63 23.54
C SER L 17 25.39 59.71 23.85
N VAL L 18 26.57 59.61 23.24
CA VAL L 18 27.57 60.71 23.40
C VAL L 18 27.31 61.69 22.27
N GLN L 19 26.72 62.83 22.60
CA GLN L 19 26.49 63.87 21.56
C GLN L 19 27.84 64.51 21.28
N VAL L 20 28.54 64.92 22.34
CA VAL L 20 29.85 65.62 22.15
C VAL L 20 30.76 65.21 23.30
N ASP L 21 32.03 65.60 23.24
CA ASP L 21 32.88 65.28 24.41
C ASP L 21 32.24 66.08 25.55
N LEU L 22 31.87 65.40 26.63
CA LEU L 22 31.23 66.09 27.77
C LEU L 22 32.38 66.54 28.64
N THR L 23 32.70 67.83 28.57
CA THR L 23 33.87 68.32 29.33
C THR L 23 33.57 68.06 30.80
N GLU L 24 32.29 68.03 31.14
CA GLU L 24 31.92 67.89 32.57
C GLU L 24 32.00 66.42 32.97
N SER L 25 33.06 66.08 33.70
CA SER L 25 33.12 64.72 34.29
C SER L 25 32.05 64.72 35.36
N THR L 26 31.67 65.91 35.80
CA THR L 26 30.54 65.99 36.75
C THR L 26 29.31 65.54 35.96
N LEU L 27 29.21 65.98 34.70
CA LEU L 27 28.07 65.45 33.93
C LEU L 27 28.33 63.97 33.71
N ARG L 28 29.60 63.57 33.70
CA ARG L 28 29.85 62.11 33.59
C ARG L 28 29.23 61.46 34.82
N ASP L 29 29.45 62.07 35.98
CA ASP L 29 28.93 61.52 37.26
C ASP L 29 27.41 61.54 37.16
N PHE L 30 26.88 62.61 36.58
CA PHE L 30 25.41 62.77 36.53
C PHE L 30 24.84 61.62 35.70
N SER L 31 25.49 61.33 34.58
CA SER L 31 25.00 60.27 33.66
C SER L 31 25.12 58.94 34.37
N LEU L 32 26.20 58.77 35.13
CA LEU L 32 26.41 57.50 35.85
C LEU L 32 25.22 57.35 36.78
N ASP L 33 24.87 58.43 37.45
CA ASP L 33 23.77 58.37 38.44
C ASP L 33 22.49 58.02 37.72
N LEU L 34 22.28 58.64 36.57
CA LEU L 34 21.02 58.42 35.86
C LEU L 34 20.96 56.95 35.51
N LEU L 35 22.08 56.42 35.05
CA LEU L 35 22.10 55.02 34.58
C LEU L 35 21.85 54.10 35.75
N ASP L 36 22.37 54.45 36.92
CA ASP L 36 22.20 53.49 38.04
C ASP L 36 20.75 53.57 38.46
N ALA L 37 20.20 54.77 38.39
CA ALA L 37 18.79 54.95 38.77
C ALA L 37 17.95 54.15 37.79
N VAL L 38 18.32 54.25 36.53
CA VAL L 38 17.53 53.56 35.48
C VAL L 38 17.67 52.07 35.77
N LYS L 39 18.87 51.64 36.12
CA LYS L 39 19.08 50.19 36.29
C LYS L 39 18.16 49.75 37.41
N SER L 40 18.13 50.51 38.48
CA SER L 40 17.33 50.09 39.66
C SER L 40 15.86 50.03 39.27
N THR L 41 15.38 51.02 38.55
CA THR L 41 13.93 51.03 38.28
C THR L 41 13.58 50.06 37.18
N ARG L 42 14.20 50.24 36.03
CA ARG L 42 13.81 49.44 34.85
C ARG L 42 14.13 47.97 35.10
N ALA L 43 15.32 47.71 35.65
CA ALA L 43 15.76 46.31 35.92
C ALA L 43 16.09 45.58 34.61
N LYS L 44 16.10 46.29 33.47
CA LYS L 44 16.35 45.65 32.15
C LYS L 44 17.83 45.33 32.01
N GLY L 45 18.19 44.44 31.08
CA GLY L 45 19.61 44.01 31.02
C GLY L 45 20.47 44.71 29.99
N VAL L 46 20.02 44.81 28.75
CA VAL L 46 20.93 45.35 27.69
C VAL L 46 21.21 46.84 27.88
N MET L 47 22.46 47.26 27.67
CA MET L 47 22.83 48.68 27.77
C MET L 47 23.70 49.04 26.57
N ILE L 48 23.51 50.20 25.95
CA ILE L 48 24.43 50.57 24.84
C ILE L 48 24.84 52.02 25.00
N GLU L 49 25.97 52.41 24.39
CA GLU L 49 26.39 53.83 24.41
C GLU L 49 26.93 54.19 23.03
N LEU L 50 26.55 55.36 22.52
CA LEU L 50 26.99 55.75 21.16
C LEU L 50 28.00 56.88 21.29
N SER L 51 29.25 56.66 20.91
CA SER L 51 30.15 57.83 20.93
C SER L 51 30.11 58.45 19.55
N GLY L 52 29.23 59.42 19.34
CA GLY L 52 29.26 60.08 18.03
C GLY L 52 30.60 60.75 17.87
N VAL L 53 31.05 61.45 18.92
CA VAL L 53 32.40 62.08 18.90
C VAL L 53 32.89 62.19 20.34
N LYS L 54 34.20 62.16 20.54
CA LYS L 54 34.72 62.39 21.91
C LYS L 54 35.81 63.44 21.76
N THR L 55 35.40 64.67 21.49
CA THR L 55 36.40 65.73 21.24
C THR L 55 37.56 65.59 22.22
N LEU L 56 37.31 65.17 23.46
CA LEU L 56 38.45 65.06 24.39
C LEU L 56 38.63 63.60 24.77
N ASP L 57 39.88 63.17 24.88
CA ASP L 57 40.18 61.75 25.18
C ASP L 57 41.23 61.74 26.29
N GLY L 58 41.51 60.56 26.87
CA GLY L 58 42.56 60.46 27.90
C GLY L 58 41.98 60.61 29.30
N GLU L 59 40.67 60.77 29.36
CA GLU L 59 40.02 60.78 30.68
C GLU L 59 40.11 59.32 31.10
N SER L 60 41.15 59.01 31.86
CA SER L 60 41.25 57.64 32.38
C SER L 60 39.99 57.48 33.23
N MET L 61 39.57 58.55 33.88
CA MET L 61 38.39 58.51 34.75
C MET L 61 37.15 58.17 33.93
N HIS L 62 37.02 58.75 32.75
CA HIS L 62 35.88 58.44 31.86
C HIS L 62 35.98 57.00 31.38
N SER L 63 37.20 56.53 31.12
CA SER L 63 37.34 55.13 30.72
C SER L 63 36.86 54.28 31.89
N LEU L 64 37.16 54.74 33.09
CA LEU L 64 36.80 54.02 34.32
C LEU L 64 35.28 54.03 34.42
N LEU L 65 34.69 55.14 34.04
CA LEU L 65 33.23 55.27 34.09
C LEU L 65 32.71 54.20 33.15
N ASP L 66 33.35 54.08 32.00
CA ASP L 66 32.86 53.10 31.01
C ASP L 66 32.95 51.72 31.64
N VAL L 67 34.07 51.44 32.31
CA VAL L 67 34.29 50.10 32.90
C VAL L 67 33.23 49.82 33.96
N VAL L 68 32.97 50.78 34.84
CA VAL L 68 32.03 50.57 35.97
C VAL L 68 30.66 50.32 35.38
N LYS L 69 30.38 51.05 34.31
CA LYS L 69 29.05 50.92 33.69
C LYS L 69 28.94 49.50 33.16
N THR L 70 29.97 48.93 32.57
CA THR L 70 29.74 47.52 32.19
C THR L 70 29.54 46.71 33.48
N VAL L 71 30.50 46.80 34.41
CA VAL L 71 30.50 45.90 35.60
C VAL L 71 29.32 46.04 36.57
N GLU L 72 28.96 47.25 36.95
CA GLU L 72 27.89 47.35 37.96
C GLU L 72 26.63 46.87 37.27
N VAL L 73 26.50 47.25 36.00
CA VAL L 73 25.26 46.90 35.29
C VAL L 73 25.24 45.40 35.31
N MET L 74 26.42 44.81 35.18
CA MET L 74 26.46 43.35 35.02
C MET L 74 25.55 43.24 33.80
N GLY L 75 25.72 44.18 32.87
CA GLY L 75 24.80 44.25 31.71
C GLY L 75 25.52 44.55 30.42
N ARG L 76 24.86 44.28 29.29
CA ARG L 76 25.46 44.48 27.94
C ARG L 76 25.96 45.90 27.70
N ARG L 77 26.98 46.07 26.84
CA ARG L 77 27.65 47.38 26.85
C ARG L 77 28.42 47.49 25.53
N CYS L 78 28.05 48.45 24.68
CA CYS L 78 28.71 48.57 23.34
C CYS L 78 28.95 50.04 23.03
N LEU L 79 29.91 50.31 22.15
CA LEU L 79 30.25 51.72 21.88
C LEU L 79 30.26 51.98 20.38
N LEU L 80 29.66 53.08 19.96
CA LEU L 80 29.79 53.45 18.53
C LEU L 80 31.03 54.34 18.51
N VAL L 81 32.08 53.88 17.82
CA VAL L 81 33.37 54.65 17.83
C VAL L 81 33.18 55.95 17.05
N GLY L 82 33.44 57.07 17.70
CA GLY L 82 33.38 58.36 16.98
C GLY L 82 34.73 59.04 17.12
N LEU L 83 35.12 59.80 16.11
CA LEU L 83 36.40 60.57 16.18
C LEU L 83 37.58 59.62 16.36
N ARG L 84 37.35 58.34 16.06
CA ARG L 84 38.36 57.28 16.31
C ARG L 84 39.75 57.78 15.97
N PRO L 85 40.00 58.32 14.75
CA PRO L 85 41.35 58.73 14.36
C PRO L 85 42.04 59.49 15.50
N GLY L 86 41.36 60.49 16.07
CA GLY L 86 41.92 61.24 17.20
C GLY L 86 41.46 60.64 18.53
N VAL L 87 40.40 59.85 18.50
CA VAL L 87 39.85 59.28 19.76
C VAL L 87 40.72 58.10 20.07
N VAL L 88 40.94 57.24 19.10
CA VAL L 88 41.63 55.95 19.32
C VAL L 88 43.10 56.19 19.59
N ILE L 89 43.67 57.15 18.90
CA ILE L 89 45.13 57.26 19.14
C ILE L 89 45.28 57.64 20.61
N GLY L 90 44.47 58.59 21.05
CA GLY L 90 44.49 58.94 22.49
C GLY L 90 44.05 57.75 23.29
N LEU L 91 43.05 57.04 22.79
CA LEU L 91 42.53 55.86 23.53
C LEU L 91 43.64 54.83 23.58
N MET L 92 44.37 54.66 22.48
CA MET L 92 45.48 53.68 22.40
C MET L 92 46.63 54.12 23.29
N ASP L 93 46.86 55.44 23.35
CA ASP L 93 47.92 55.94 24.24
C ASP L 93 47.51 55.52 25.64
N ILE L 94 46.23 55.65 25.95
CA ILE L 94 45.71 55.24 27.28
C ILE L 94 45.90 53.73 27.42
N GLY L 95 45.64 52.98 26.36
CA GLY L 95 45.68 51.51 26.45
C GLY L 95 44.34 51.02 26.95
N ILE L 96 44.15 49.70 27.05
CA ILE L 96 42.88 49.15 27.63
C ILE L 96 43.19 47.82 28.31
N ASP L 97 42.43 47.48 29.35
CA ASP L 97 42.61 46.16 30.03
C ASP L 97 41.37 45.29 29.82
N LEU L 98 40.43 45.72 28.97
CA LEU L 98 39.16 44.94 28.84
C LEU L 98 38.81 44.67 27.38
N ALA L 99 37.98 43.68 27.12
CA ALA L 99 37.54 43.33 25.76
C ALA L 99 36.03 43.10 25.71
N SER L 100 35.33 43.40 26.80
CA SER L 100 33.87 43.14 26.82
C SER L 100 33.19 43.88 25.68
N THR L 101 33.26 45.21 25.64
CA THR L 101 32.53 45.99 24.59
C THR L 101 33.36 46.14 23.32
N LEU L 102 32.82 46.83 22.31
CA LEU L 102 33.52 47.04 21.00
C LEU L 102 32.72 48.05 20.18
N CYS L 103 33.11 48.31 18.93
CA CYS L 103 32.26 49.19 18.10
C CYS L 103 30.86 48.56 18.02
N VAL L 104 29.80 49.35 18.25
CA VAL L 104 28.42 48.81 18.11
C VAL L 104 28.32 48.33 16.67
N ALA L 105 28.05 47.04 16.46
CA ALA L 105 28.09 46.45 15.11
C ALA L 105 27.42 47.36 14.09
N ASP L 106 26.24 47.88 14.37
CA ASP L 106 25.66 48.88 13.43
C ASP L 106 25.36 50.11 14.26
N LEU L 107 26.19 50.31 15.28
CA LEU L 107 25.99 51.47 16.18
C LEU L 107 24.58 51.34 16.77
N GLU L 108 23.96 50.17 16.65
CA GLU L 108 22.58 49.92 17.16
C GLU L 108 22.13 48.64 16.48
N GLN L 109 21.80 48.73 15.19
CA GLN L 109 21.27 47.55 14.44
C GLN L 109 22.17 46.33 14.62
N GLY L 110 23.51 46.49 14.69
CA GLY L 110 24.31 45.26 14.80
C GLY L 110 24.12 44.52 16.10
N PHE L 111 24.21 45.22 17.21
CA PHE L 111 24.19 44.44 18.48
C PHE L 111 22.76 44.33 18.98
N LEU L 112 21.89 45.13 18.38
CA LEU L 112 20.46 44.99 18.75
C LEU L 112 20.17 43.59 18.26
N TYR L 113 20.65 43.32 17.06
CA TYR L 113 20.39 42.00 16.49
C TYR L 113 21.13 41.01 17.37
N LEU L 114 22.35 41.38 17.74
CA LEU L 114 23.17 40.43 18.51
C LEU L 114 22.73 40.00 19.90
N GLU L 115 22.42 40.95 20.78
CA GLU L 115 21.95 40.55 22.14
C GLU L 115 22.14 39.05 22.37
N SER M 3 76.15 20.03 13.00
CA SER M 3 75.85 19.71 14.42
C SER M 3 75.01 18.43 14.52
N ALA M 4 75.16 17.69 15.60
CA ALA M 4 74.45 16.39 15.75
C ALA M 4 72.93 16.54 15.81
N ILE M 5 72.41 17.56 16.51
CA ILE M 5 70.94 17.64 16.72
C ILE M 5 70.18 17.73 15.39
N SER M 6 69.07 16.98 15.28
CA SER M 6 68.22 17.03 14.06
C SER M 6 66.80 16.61 14.44
N ILE M 7 65.79 17.05 13.67
CA ILE M 7 64.37 16.75 14.02
C ILE M 7 63.57 16.70 12.72
N SER M 8 62.56 15.83 12.65
CA SER M 8 61.76 15.68 11.41
C SER M 8 60.28 15.75 11.78
N LYS M 9 59.42 15.95 10.79
CA LYS M 9 58.00 16.15 11.15
C LYS M 9 57.07 15.21 10.39
N LEU M 10 56.04 14.73 11.09
CA LEU M 10 55.03 13.93 10.36
C LEU M 10 53.88 14.87 10.09
N GLN M 11 53.17 14.60 8.98
CA GLN M 11 52.06 15.49 8.56
C GLN M 11 52.50 16.94 8.73
N ASP M 12 51.63 17.77 9.31
CA ASP M 12 52.00 19.17 9.58
C ASP M 12 52.46 19.20 11.02
N VAL M 13 52.76 18.04 11.56
CA VAL M 13 53.11 17.92 13.01
C VAL M 13 54.62 17.88 13.20
N LEU M 14 55.17 18.89 13.87
CA LEU M 14 56.64 18.91 14.13
C LEU M 14 56.95 17.92 15.24
N ILE M 15 58.17 17.41 15.27
CA ILE M 15 58.57 16.45 16.33
C ILE M 15 59.88 16.90 16.96
N ALA M 16 59.84 17.94 17.79
CA ALA M 16 61.08 18.32 18.50
C ALA M 16 61.37 17.25 19.54
N SER M 17 62.64 17.06 19.88
CA SER M 17 62.98 15.94 20.78
C SER M 17 64.07 16.35 21.77
N VAL M 18 63.78 16.30 23.07
CA VAL M 18 64.85 16.58 24.06
C VAL M 18 65.50 15.24 24.37
N GLN M 19 66.72 15.04 23.85
CA GLN M 19 67.44 13.79 24.16
C GLN M 19 67.94 13.91 25.59
N VAL M 20 68.59 15.04 25.91
CA VAL M 20 69.17 15.21 27.27
C VAL M 20 69.06 16.69 27.63
N ASP M 21 69.37 17.05 28.87
CA ASP M 21 69.34 18.49 29.17
C ASP M 21 70.44 19.07 28.28
N LEU M 22 70.08 20.05 27.46
CA LEU M 22 71.07 20.65 26.54
C LEU M 22 71.70 21.78 27.34
N THR M 23 72.91 21.54 27.82
CA THR M 23 73.54 22.56 28.69
C THR M 23 73.69 23.81 27.84
N GLU M 24 73.78 23.63 26.53
CA GLU M 24 74.04 24.79 25.65
C GLU M 24 72.73 25.52 25.38
N SER M 25 72.56 26.67 26.03
CA SER M 25 71.40 27.52 25.71
C SER M 25 71.72 28.06 24.32
N THR M 26 72.99 28.02 23.97
CA THR M 26 73.36 28.42 22.59
C THR M 26 72.75 27.34 21.69
N LEU M 27 72.85 26.08 22.12
CA LEU M 27 72.17 25.06 21.28
C LEU M 27 70.68 25.32 21.40
N ARG M 28 70.25 25.90 22.52
CA ARG M 28 68.81 26.23 22.60
C ARG M 28 68.52 27.24 21.50
N ASP M 29 69.41 28.22 21.36
CA ASP M 29 69.23 29.27 20.34
C ASP M 29 69.28 28.60 18.98
N PHE M 30 70.18 27.63 18.84
CA PHE M 30 70.35 26.98 17.53
C PHE M 30 69.06 26.28 17.16
N SER M 31 68.46 25.60 18.13
CA SER M 31 67.22 24.83 17.88
C SER M 31 66.11 25.82 17.55
N LEU M 32 66.11 26.95 18.24
CA LEU M 32 65.07 27.97 18.00
C LEU M 32 65.21 28.38 16.55
N ASP M 33 66.43 28.58 16.12
CA ASP M 33 66.68 29.05 14.74
C ASP M 33 66.19 27.99 13.78
N LEU M 34 66.49 26.75 14.09
CA LEU M 34 66.14 25.67 13.15
C LEU M 34 64.62 25.68 13.05
N LEU M 35 63.96 25.81 14.17
CA LEU M 35 62.49 25.73 14.18
C LEU M 35 61.91 26.90 13.39
N ASP M 36 62.54 28.06 13.48
CA ASP M 36 61.91 29.21 12.80
C ASP M 36 62.15 29.01 11.31
N ALA M 37 63.31 28.45 11.00
CA ALA M 37 63.63 28.20 9.58
C ALA M 37 62.63 27.19 9.06
N VAL M 38 62.38 26.18 9.88
CA VAL M 38 61.46 25.11 9.45
C VAL M 38 60.10 25.75 9.27
N LYS M 39 59.75 26.63 10.19
CA LYS M 39 58.38 27.21 10.13
C LYS M 39 58.27 27.94 8.81
N SER M 40 59.29 28.72 8.49
CA SER M 40 59.24 29.54 7.27
C SER M 40 59.10 28.65 6.05
N THR M 41 59.90 27.58 6.01
CA THR M 41 59.88 26.78 4.76
C THR M 41 58.66 25.88 4.72
N ARG M 42 58.51 25.06 5.74
CA ARG M 42 57.44 24.04 5.72
C ARG M 42 56.09 24.72 5.73
N ALA M 43 55.93 25.74 6.57
CA ALA M 43 54.65 26.47 6.69
C ALA M 43 53.58 25.60 7.39
N LYS M 44 53.97 24.44 7.91
CA LYS M 44 53.00 23.49 8.53
C LYS M 44 52.60 24.02 9.92
N GLY M 45 51.49 23.53 10.47
CA GLY M 45 51.01 24.14 11.73
C GLY M 45 51.38 23.39 13.00
N VAL M 46 51.18 22.08 13.06
CA VAL M 46 51.39 21.36 14.36
C VAL M 46 52.86 21.30 14.74
N MET M 47 53.16 21.50 16.03
CA MET M 47 54.56 21.40 16.51
C MET M 47 54.55 20.59 17.81
N ILE M 48 55.52 19.70 18.01
CA ILE M 48 55.55 18.99 19.32
C ILE M 48 56.98 18.94 19.82
N GLU M 49 57.15 18.75 21.13
CA GLU M 49 58.52 18.61 21.71
C GLU M 49 58.48 17.51 22.75
N LEU M 50 59.49 16.63 22.75
CA LEU M 50 59.49 15.50 23.70
C LEU M 50 60.58 15.75 24.73
N SER M 51 60.23 15.95 26.00
CA SER M 51 61.33 16.05 26.97
C SER M 51 61.56 14.64 27.52
N GLY M 52 62.47 13.89 26.91
CA GLY M 52 62.77 12.58 27.51
C GLY M 52 63.33 12.82 28.90
N VAL M 53 64.27 13.76 29.01
CA VAL M 53 64.82 14.13 30.35
C VAL M 53 65.29 15.57 30.28
N LYS M 54 65.28 16.27 31.41
CA LYS M 54 65.84 17.64 31.42
C LYS M 54 66.78 17.70 32.61
N THR M 55 67.90 17.00 32.50
CA THR M 55 68.82 16.93 33.65
C THR M 55 68.91 18.29 34.35
N LEU M 56 68.84 19.39 33.60
CA LEU M 56 68.94 20.69 34.29
C LEU M 56 67.63 21.44 34.13
N ASP M 57 67.20 22.11 35.18
CA ASP M 57 65.91 22.83 35.16
C ASP M 57 66.15 24.23 35.72
N GLY M 58 65.17 25.13 35.60
CA GLY M 58 65.30 26.48 36.18
C GLY M 58 65.83 27.46 35.16
N GLU M 59 66.06 26.97 33.94
CA GLU M 59 66.43 27.90 32.86
C GLU M 59 65.13 28.64 32.60
N SER M 60 65.00 29.80 33.23
CA SER M 60 63.80 30.61 32.95
C SER M 60 63.91 30.93 31.47
N MET M 61 65.14 31.09 30.99
CA MET M 61 65.37 31.42 29.56
C MET M 61 64.86 30.29 28.69
N HIS M 62 65.12 29.04 29.08
CA HIS M 62 64.61 27.87 28.31
C HIS M 62 63.09 27.82 28.39
N SER M 63 62.54 28.17 29.55
CA SER M 63 61.07 28.19 29.64
C SER M 63 60.58 29.24 28.66
N LEU M 64 61.34 30.33 28.55
CA LEU M 64 60.97 31.45 27.67
C LEU M 64 61.05 30.96 26.24
N LEU M 65 62.04 30.12 25.99
CA LEU M 65 62.24 29.58 24.64
C LEU M 65 60.97 28.78 24.36
N ASP M 66 60.54 28.02 25.35
CA ASP M 66 59.34 27.18 25.15
C ASP M 66 58.18 28.11 24.81
N VAL M 67 58.05 29.19 25.56
CA VAL M 67 56.90 30.10 25.37
C VAL M 67 56.94 30.71 23.98
N VAL M 68 58.10 31.17 23.53
CA VAL M 68 58.24 31.87 22.22
C VAL M 68 57.89 30.86 21.14
N LYS M 69 58.32 29.63 21.37
CA LYS M 69 58.06 28.59 20.36
C LYS M 69 56.56 28.40 20.27
N THR M 70 55.83 28.40 21.36
CA THR M 70 54.38 28.31 21.10
C THR M 70 53.95 29.57 20.33
N VAL M 71 54.24 30.74 20.89
CA VAL M 71 53.69 32.02 20.33
C VAL M 71 54.11 32.39 18.91
N GLU M 72 55.40 32.30 18.61
CA GLU M 72 55.80 32.77 17.25
C GLU M 72 55.19 31.78 16.29
N VAL M 73 55.22 30.51 16.69
CA VAL M 73 54.75 29.47 15.76
C VAL M 73 53.30 29.83 15.52
N MET M 74 52.65 30.31 16.58
CA MET M 74 51.20 30.52 16.49
C MET M 74 50.80 29.11 16.09
N GLY M 75 51.47 28.12 16.71
CA GLY M 75 51.25 26.72 16.30
C GLY M 75 51.18 25.77 17.48
N ARG M 76 50.64 24.56 17.26
CA ARG M 76 50.46 23.55 18.32
C ARG M 76 51.76 23.20 19.06
N ARG M 77 51.65 22.80 20.34
CA ARG M 77 52.90 22.75 21.12
C ARG M 77 52.63 21.86 22.33
N CYS M 78 53.34 20.73 22.42
CA CYS M 78 53.09 19.78 23.54
C CYS M 78 54.42 19.24 24.07
N LEU M 79 54.42 18.77 25.30
CA LEU M 79 55.69 18.33 25.91
C LEU M 79 55.54 16.95 26.52
N LEU M 80 56.51 16.08 26.26
CA LEU M 80 56.49 14.77 26.95
C LEU M 80 57.30 15.03 28.21
N VAL M 81 56.65 14.93 29.37
CA VAL M 81 57.34 15.26 30.66
C VAL M 81 58.40 14.20 30.93
N GLY M 82 59.65 14.61 31.09
CA GLY M 82 60.69 13.66 31.47
C GLY M 82 61.34 14.14 32.74
N LEU M 83 61.80 13.22 33.59
CA LEU M 83 62.52 13.60 34.82
C LEU M 83 61.61 14.44 35.73
N ARG M 84 60.30 14.38 35.46
CA ARG M 84 59.32 15.24 36.15
C ARG M 84 59.67 15.37 37.63
N PRO M 85 59.85 14.25 38.36
CA PRO M 85 60.11 14.32 39.81
C PRO M 85 61.12 15.44 40.13
N GLY M 86 62.26 15.44 39.43
CA GLY M 86 63.25 16.51 39.62
C GLY M 86 63.05 17.65 38.65
N VAL M 87 62.30 17.40 37.56
CA VAL M 87 62.12 18.44 36.52
C VAL M 87 61.02 19.32 37.05
N VAL M 88 59.93 18.74 37.50
CA VAL M 88 58.72 19.51 37.88
C VAL M 88 58.98 20.26 39.17
N ILE M 89 59.70 19.65 40.09
CA ILE M 89 59.82 20.41 41.35
C ILE M 89 60.58 21.68 41.00
N GLY M 90 61.63 21.55 40.21
CA GLY M 90 62.35 22.75 39.75
C GLY M 90 61.42 23.57 38.89
N LEU M 91 60.64 22.90 38.06
CA LEU M 91 59.72 23.63 37.16
C LEU M 91 58.71 24.35 38.04
N MET M 92 58.23 23.69 39.07
CA MET M 92 57.22 24.27 40.00
C MET M 92 57.85 25.41 40.79
N ASP M 93 59.12 25.25 41.14
CA ASP M 93 59.81 26.34 41.87
C ASP M 93 59.78 27.54 40.92
N ILE M 94 60.02 27.27 39.64
CA ILE M 94 60.00 28.36 38.62
C ILE M 94 58.58 28.90 38.55
N GLY M 95 57.58 28.03 38.60
CA GLY M 95 56.19 28.46 38.42
C GLY M 95 55.89 28.50 36.93
N ILE M 96 54.65 28.82 36.55
CA ILE M 96 54.32 28.97 35.09
C ILE M 96 53.20 30.00 34.95
N ASP M 97 53.17 30.72 33.82
CA ASP M 97 52.08 31.69 33.57
C ASP M 97 51.23 31.23 32.39
N LEU M 98 51.44 30.01 31.88
CA LEU M 98 50.70 29.58 30.66
C LEU M 98 50.07 28.20 30.85
N ALA M 99 49.07 27.88 30.04
CA ALA M 99 48.38 26.56 30.10
C ALA M 99 48.20 25.99 28.69
N SER M 100 48.80 26.62 27.69
CA SER M 100 48.61 26.14 26.31
C SER M 100 49.03 24.67 26.19
N THR M 101 50.33 24.38 26.41
CA THR M 101 50.86 22.99 26.24
C THR M 101 50.73 22.19 27.53
N LEU M 102 51.08 20.90 27.50
CA LEU M 102 50.96 20.01 28.69
C LEU M 102 51.74 18.71 28.45
N CYS M 103 51.70 17.76 29.39
CA CYS M 103 52.33 16.46 29.10
C CYS M 103 51.67 15.92 27.83
N VAL M 104 52.46 15.45 26.86
CA VAL M 104 51.90 14.99 25.54
C VAL M 104 51.01 13.79 25.86
N ALA M 105 49.83 13.73 25.26
CA ALA M 105 48.90 12.68 25.72
C ALA M 105 49.52 11.29 25.59
N ASP M 106 50.14 10.97 24.47
CA ASP M 106 50.87 9.67 24.41
C ASP M 106 52.28 10.01 23.99
N LEU M 107 52.73 11.20 24.42
CA LEU M 107 54.08 11.66 24.05
C LEU M 107 54.16 11.67 22.53
N GLU M 108 53.03 11.58 21.84
CA GLU M 108 52.96 11.56 20.35
C GLU M 108 51.56 11.07 20.00
N GLN M 109 51.31 9.77 20.19
CA GLN M 109 50.00 9.17 19.82
C GLN M 109 48.84 9.97 20.44
N GLY M 110 48.97 10.52 21.66
CA GLY M 110 47.78 11.20 22.19
C GLY M 110 47.42 12.46 21.44
N PHE M 111 48.39 13.33 21.21
CA PHE M 111 47.96 14.62 20.62
C PHE M 111 48.05 14.54 19.11
N LEU M 112 48.69 13.50 18.63
CA LEU M 112 48.69 13.30 17.17
C LEU M 112 47.23 13.07 16.89
N TYR M 113 46.63 12.24 17.75
CA TYR M 113 45.21 11.93 17.54
C TYR M 113 44.48 13.24 17.76
N LEU M 114 44.88 13.96 18.80
CA LEU M 114 44.15 15.19 19.15
C LEU M 114 44.11 16.36 18.17
N GLU M 115 45.27 16.80 17.69
CA GLU M 115 45.26 17.92 16.71
C GLU M 115 43.86 18.54 16.59
N GLU N 169 23.97 -68.93 42.00
CA GLU N 169 23.79 -67.48 42.03
C GLU N 169 24.21 -66.87 40.69
N GLN N 170 25.30 -67.36 40.12
CA GLN N 170 25.78 -66.85 38.84
C GLN N 170 24.75 -67.09 37.74
N SER N 171 24.00 -68.18 37.82
CA SER N 171 22.93 -68.35 36.83
C SER N 171 22.00 -67.13 37.01
N GLU N 172 21.46 -67.04 38.22
CA GLU N 172 20.44 -65.99 38.43
C GLU N 172 21.10 -64.66 38.13
N ALA N 173 22.42 -64.59 38.34
CA ALA N 173 23.14 -63.36 37.98
C ALA N 173 23.07 -63.19 36.47
N LEU N 174 23.13 -64.30 35.72
CA LEU N 174 23.02 -64.25 34.24
C LEU N 174 21.62 -63.78 33.86
N LEU N 175 20.64 -64.37 34.54
CA LEU N 175 19.22 -64.04 34.25
C LEU N 175 19.07 -62.57 34.57
N ALA N 176 19.84 -62.11 35.55
CA ALA N 176 19.75 -60.69 35.93
C ALA N 176 20.14 -59.87 34.71
N MET N 177 21.11 -60.35 33.93
CA MET N 177 21.63 -59.57 32.79
C MET N 177 20.66 -59.34 31.62
N SER N 178 19.91 -60.35 31.17
CA SER N 178 19.10 -60.19 29.92
C SER N 178 17.97 -59.14 29.96
N THR N 179 17.22 -59.08 31.05
CA THR N 179 16.04 -58.17 31.06
C THR N 179 16.43 -56.69 30.91
N PRO N 180 17.50 -56.19 31.58
CA PRO N 180 17.95 -54.82 31.33
C PRO N 180 18.41 -54.64 29.88
N VAL N 181 19.13 -55.64 29.37
CA VAL N 181 19.68 -55.51 28.00
C VAL N 181 18.48 -55.54 27.05
N THR N 182 17.29 -55.83 27.55
CA THR N 182 16.09 -55.67 26.68
C THR N 182 15.45 -54.28 26.81
N MET N 183 15.25 -53.76 28.04
CA MET N 183 14.46 -52.51 28.23
C MET N 183 15.17 -51.24 27.79
N ILE N 184 14.44 -50.28 27.20
CA ILE N 184 15.03 -48.95 26.88
C ILE N 184 13.96 -47.85 26.88
N TRP N 185 14.36 -46.63 27.18
CA TRP N 185 13.44 -45.46 27.20
C TRP N 185 12.63 -45.43 25.91
N GLN N 186 11.46 -44.79 25.96
CA GLN N 186 10.66 -44.61 24.73
C GLN N 186 10.27 -45.96 24.13
N ASP N 187 10.12 -47.02 24.94
CA ASP N 187 9.57 -48.31 24.43
C ASP N 187 10.52 -48.94 23.41
N ILE N 188 11.67 -48.33 23.17
CA ILE N 188 12.61 -49.04 22.26
C ILE N 188 13.10 -50.27 23.01
N LEU N 189 13.38 -51.37 22.31
CA LEU N 189 13.92 -52.58 22.99
C LEU N 189 15.14 -53.08 22.24
N MET N 190 15.96 -53.89 22.90
CA MET N 190 17.19 -54.46 22.27
C MET N 190 17.58 -55.69 23.08
N LEU N 191 18.70 -56.36 22.75
CA LEU N 191 19.10 -57.47 23.64
C LEU N 191 20.59 -57.80 23.56
N PRO N 192 21.54 -56.99 24.08
CA PRO N 192 22.95 -57.42 24.10
C PRO N 192 23.16 -58.67 24.99
N ILE N 193 24.06 -59.57 24.60
CA ILE N 193 24.35 -60.81 25.41
C ILE N 193 25.75 -61.37 25.12
N VAL N 194 26.22 -62.30 25.97
CA VAL N 194 27.56 -62.94 25.78
C VAL N 194 27.46 -64.00 24.69
N GLY N 195 28.48 -64.13 23.83
CA GLY N 195 28.39 -65.05 22.68
C GLY N 195 28.52 -66.51 23.04
N ILE N 196 29.48 -66.90 23.87
CA ILE N 196 29.50 -68.34 24.21
C ILE N 196 28.53 -68.49 25.38
N ILE N 197 27.38 -69.05 25.08
CA ILE N 197 26.36 -69.12 26.16
C ILE N 197 25.68 -70.49 26.07
N ASP N 198 24.95 -70.90 27.13
CA ASP N 198 24.16 -72.16 27.07
C ASP N 198 22.95 -72.06 26.13
N SER N 199 22.68 -73.13 25.36
CA SER N 199 21.51 -73.17 24.44
C SER N 199 20.19 -73.14 25.22
N LYS N 200 20.16 -73.87 26.33
CA LYS N 200 18.93 -73.88 27.17
C LYS N 200 18.74 -72.48 27.70
N ARG N 201 19.83 -71.81 28.05
CA ARG N 201 19.76 -70.41 28.57
C ARG N 201 19.23 -69.51 27.47
N ALA N 202 19.62 -69.79 26.24
CA ALA N 202 19.11 -69.02 25.08
C ALA N 202 17.62 -69.25 24.94
N GLN N 203 17.16 -70.47 25.17
CA GLN N 203 15.71 -70.72 25.14
C GLN N 203 15.08 -69.91 26.27
N ASP N 204 15.83 -69.78 27.35
CA ASP N 204 15.31 -68.98 28.46
C ASP N 204 15.13 -67.59 27.92
N ILE N 205 16.16 -67.12 27.20
CA ILE N 205 16.09 -65.73 26.73
C ILE N 205 14.88 -65.66 25.80
N MET N 206 14.71 -66.71 25.01
CA MET N 206 13.55 -66.75 24.08
C MET N 206 12.29 -66.49 24.91
N SER N 207 12.19 -67.13 26.06
CA SER N 207 10.96 -67.06 26.87
C SER N 207 10.90 -65.65 27.42
N ALA N 208 12.06 -65.12 27.77
CA ALA N 208 12.12 -63.79 28.38
C ALA N 208 11.59 -62.80 27.35
N VAL N 209 12.00 -62.93 26.11
CA VAL N 209 11.55 -61.91 25.14
C VAL N 209 10.04 -62.03 25.05
N LEU N 210 9.51 -63.24 25.01
CA LEU N 210 8.05 -63.29 24.83
C LEU N 210 7.40 -62.54 25.99
N ASN N 211 7.80 -62.89 27.21
CA ASN N 211 7.08 -62.25 28.33
C ASN N 211 7.37 -60.76 28.27
N LYS N 212 8.58 -60.40 27.89
CA LYS N 212 8.92 -58.96 27.93
C LYS N 212 7.97 -58.29 26.97
N ILE N 213 7.77 -58.93 25.83
CA ILE N 213 6.94 -58.26 24.82
C ILE N 213 5.55 -58.11 25.41
N SER N 214 5.05 -59.13 26.07
CA SER N 214 3.70 -58.91 26.61
C SER N 214 3.80 -57.72 27.53
N GLU N 215 4.79 -57.78 28.42
CA GLU N 215 4.82 -56.80 29.51
C GLU N 215 4.60 -55.44 28.91
N ASN N 216 5.39 -55.12 27.91
CA ASN N 216 5.04 -53.88 27.21
C ASN N 216 5.11 -54.29 25.77
N ARG N 217 3.96 -54.33 25.15
CA ARG N 217 4.03 -54.60 23.72
C ARG N 217 5.00 -53.57 23.11
N ALA N 218 6.02 -54.02 22.36
CA ALA N 218 6.99 -53.11 21.69
C ALA N 218 7.19 -53.54 20.23
N LYS N 219 6.89 -52.70 19.24
CA LYS N 219 7.22 -53.14 17.87
C LYS N 219 8.74 -53.01 17.73
N ILE N 220 9.33 -52.21 18.61
CA ILE N 220 10.79 -51.96 18.50
C ILE N 220 11.53 -52.92 19.42
N PHE N 221 12.50 -53.65 18.86
CA PHE N 221 13.34 -54.56 19.67
C PHE N 221 14.60 -54.82 18.86
N ILE N 222 15.71 -55.16 19.49
CA ILE N 222 16.92 -55.48 18.69
C ILE N 222 17.70 -56.63 19.29
N MET N 223 18.47 -57.31 18.45
CA MET N 223 19.37 -58.33 18.99
C MET N 223 20.74 -57.68 19.01
N ASP N 224 21.32 -57.47 20.18
CA ASP N 224 22.70 -56.92 20.16
C ASP N 224 23.66 -58.04 20.53
N ILE N 225 24.71 -58.21 19.73
CA ILE N 225 25.69 -59.30 19.99
C ILE N 225 27.07 -58.69 19.95
N SER N 226 27.15 -57.39 20.24
CA SER N 226 28.46 -56.73 20.11
C SER N 226 29.52 -57.61 20.75
N GLY N 227 30.65 -57.79 20.05
CA GLY N 227 31.72 -58.56 20.67
C GLY N 227 31.20 -59.90 21.12
N VAL N 228 30.53 -60.64 20.24
CA VAL N 228 29.93 -61.91 20.73
C VAL N 228 31.09 -62.68 21.35
N ALA N 229 30.89 -63.23 22.54
CA ALA N 229 32.02 -63.85 23.27
C ALA N 229 32.63 -64.98 22.47
N VAL N 230 31.81 -65.87 21.92
CA VAL N 230 32.36 -66.93 21.03
C VAL N 230 31.29 -67.22 20.01
N VAL N 231 31.69 -67.42 18.74
CA VAL N 231 30.72 -67.76 17.66
C VAL N 231 30.40 -69.25 17.73
N ASP N 232 29.58 -69.67 18.70
CA ASP N 232 29.21 -71.10 18.86
C ASP N 232 28.30 -71.54 17.71
N THR N 233 28.36 -72.81 17.33
CA THR N 233 27.56 -73.32 16.19
C THR N 233 26.06 -73.22 16.50
N ALA N 234 25.61 -73.83 17.61
CA ALA N 234 24.16 -73.86 17.92
C ALA N 234 23.71 -72.44 18.24
N VAL N 235 24.67 -71.61 18.61
CA VAL N 235 24.31 -70.24 19.01
C VAL N 235 23.70 -69.52 17.81
N ALA N 236 24.28 -69.72 16.63
CA ALA N 236 23.64 -69.10 15.46
C ALA N 236 22.22 -69.58 15.54
N ASN N 237 22.07 -70.89 15.55
CA ASN N 237 20.73 -71.47 15.50
C ASN N 237 19.80 -70.64 16.32
N HIS N 238 20.26 -70.28 17.49
CA HIS N 238 19.31 -69.56 18.34
C HIS N 238 18.88 -68.32 17.57
N PHE N 239 19.82 -67.41 17.34
CA PHE N 239 19.57 -66.14 16.61
C PHE N 239 19.01 -66.44 15.21
N ILE N 240 19.30 -67.61 14.64
CA ILE N 240 18.64 -67.92 13.35
C ILE N 240 17.15 -67.97 13.67
N LYS N 241 16.82 -68.94 14.51
CA LYS N 241 15.39 -69.12 14.84
C LYS N 241 14.91 -67.85 15.53
N ILE N 242 15.75 -67.30 16.39
CA ILE N 242 15.33 -66.15 17.21
C ILE N 242 15.02 -64.97 16.32
N THR N 243 15.89 -64.73 15.34
CA THR N 243 15.66 -63.51 14.56
C THR N 243 14.31 -63.73 13.92
N LYS N 244 14.13 -64.93 13.39
CA LYS N 244 12.87 -65.09 12.66
C LYS N 244 11.71 -64.83 13.61
N ALA N 245 11.76 -65.46 14.77
CA ALA N 245 10.59 -65.39 15.65
C ALA N 245 10.30 -63.95 16.03
N THR N 246 11.34 -63.23 16.42
CA THR N 246 11.08 -61.89 16.94
C THR N 246 10.48 -61.01 15.86
N LYS N 247 11.09 -61.04 14.68
CA LYS N 247 10.56 -60.06 13.71
C LYS N 247 9.13 -60.45 13.41
N LEU N 248 8.92 -61.74 13.23
CA LEU N 248 7.59 -62.17 12.74
C LEU N 248 6.54 -62.05 13.84
N MET N 249 6.95 -61.81 15.06
CA MET N 249 5.99 -61.53 16.14
C MET N 249 5.29 -60.25 15.73
N GLY N 250 5.89 -59.54 14.80
CA GLY N 250 5.36 -58.21 14.47
C GLY N 250 6.17 -57.29 15.32
N CYS N 251 7.12 -57.89 16.02
CA CYS N 251 8.03 -57.08 16.85
C CYS N 251 9.41 -57.12 16.22
N ASP N 252 9.78 -56.10 15.46
CA ASP N 252 11.05 -56.12 14.69
C ASP N 252 12.26 -56.47 15.56
N CYS N 253 13.32 -57.07 14.99
CA CYS N 253 14.57 -57.28 15.77
C CYS N 253 15.76 -56.89 14.89
N LEU N 254 16.78 -56.23 15.44
CA LEU N 254 17.88 -55.75 14.58
C LEU N 254 19.21 -56.17 15.20
N VAL N 255 20.26 -56.36 14.40
CA VAL N 255 21.60 -56.63 15.00
C VAL N 255 22.43 -55.35 14.95
N SER N 256 22.72 -54.77 16.10
CA SER N 256 23.44 -53.46 16.12
C SER N 256 24.93 -53.64 16.35
N GLY N 257 25.33 -54.61 17.17
CA GLY N 257 26.76 -54.76 17.49
C GLY N 257 27.15 -56.22 17.32
N VAL N 258 28.41 -56.49 16.93
CA VAL N 258 28.85 -57.89 16.67
C VAL N 258 30.34 -57.88 16.32
N SER N 259 30.96 -59.07 16.26
CA SER N 259 32.37 -59.15 15.83
C SER N 259 32.40 -59.55 14.35
N PRO N 260 33.48 -59.23 13.60
CA PRO N 260 33.59 -59.65 12.19
C PRO N 260 33.96 -61.10 11.88
N SER N 261 34.96 -61.65 12.56
CA SER N 261 35.31 -63.07 12.35
C SER N 261 34.15 -63.88 12.87
N ILE N 262 33.43 -63.31 13.82
CA ILE N 262 32.22 -64.00 14.30
C ILE N 262 31.35 -64.11 13.06
N ALA N 263 31.26 -63.00 12.34
CA ALA N 263 30.42 -62.99 11.13
C ALA N 263 31.00 -63.93 10.09
N ARG N 264 32.33 -63.95 10.00
CA ARG N 264 32.87 -64.78 8.91
C ARG N 264 32.49 -66.20 9.22
N THR N 265 32.66 -66.58 10.48
CA THR N 265 32.42 -67.97 10.84
C THR N 265 30.99 -68.27 10.42
N MET N 266 30.14 -67.27 10.58
CA MET N 266 28.73 -67.43 10.20
C MET N 266 28.64 -67.58 8.69
N VAL N 267 29.18 -66.64 7.96
CA VAL N 267 28.97 -66.71 6.49
C VAL N 267 29.58 -68.02 6.02
N GLN N 268 30.77 -68.35 6.54
CA GLN N 268 31.46 -69.60 6.16
C GLN N 268 30.50 -70.77 6.41
N LEU N 269 29.50 -70.59 7.27
CA LEU N 269 28.63 -71.76 7.52
C LEU N 269 27.82 -71.95 6.26
N GLY N 270 27.87 -70.94 5.38
CA GLY N 270 27.11 -71.02 4.13
C GLY N 270 25.72 -70.53 4.42
N ILE N 271 25.54 -69.95 5.60
CA ILE N 271 24.21 -69.37 5.96
C ILE N 271 23.69 -68.59 4.75
N ASN N 272 22.38 -68.68 4.48
CA ASN N 272 21.84 -68.03 3.26
C ASN N 272 20.51 -67.33 3.55
N VAL N 273 19.77 -67.81 4.54
CA VAL N 273 18.40 -67.28 4.79
C VAL N 273 18.38 -65.83 5.23
N GLY N 274 19.36 -65.39 6.03
CA GLY N 274 19.24 -64.05 6.63
C GLY N 274 19.00 -62.93 5.64
N GLU N 275 17.96 -62.14 5.86
CA GLU N 275 17.66 -60.94 5.01
C GLU N 275 16.92 -59.95 5.91
N VAL N 276 17.36 -59.80 7.16
CA VAL N 276 16.63 -58.91 8.13
C VAL N 276 17.34 -57.56 8.22
N ARG N 277 16.89 -56.70 9.13
CA ARG N 277 17.49 -55.35 9.28
C ARG N 277 18.58 -55.39 10.35
N THR N 278 19.67 -54.64 10.14
CA THR N 278 20.76 -54.55 11.16
C THR N 278 21.26 -53.09 11.24
N ASN N 279 22.29 -52.82 12.06
CA ASN N 279 22.76 -51.43 12.26
C ASN N 279 24.22 -51.42 12.74
N ALA N 280 24.87 -50.24 12.75
CA ALA N 280 26.26 -50.12 13.23
C ALA N 280 26.27 -49.69 14.71
N THR N 281 26.53 -50.62 15.63
CA THR N 281 26.60 -50.31 17.09
C THR N 281 25.26 -49.80 17.59
N LEU N 282 25.16 -49.49 18.88
CA LEU N 282 23.91 -48.91 19.41
C LEU N 282 23.78 -47.48 18.86
N ARG N 283 24.66 -47.06 17.95
CA ARG N 283 24.59 -45.66 17.52
C ARG N 283 23.63 -45.58 16.35
N ASP N 284 24.02 -46.26 15.26
CA ASP N 284 23.14 -46.29 14.06
C ASP N 284 21.84 -47.03 14.39
N ALA N 285 21.81 -47.86 15.44
CA ALA N 285 20.54 -48.55 15.69
C ALA N 285 19.53 -47.51 16.19
N LEU N 286 19.95 -46.68 17.13
CA LEU N 286 19.03 -45.68 17.72
C LEU N 286 18.70 -44.69 16.64
N GLU N 287 19.70 -44.36 15.83
CA GLU N 287 19.40 -43.31 14.85
C GLU N 287 18.21 -43.82 14.05
N ASN N 288 18.31 -45.07 13.62
CA ASN N 288 17.21 -45.63 12.81
C ASN N 288 15.98 -45.65 13.70
N ALA N 289 16.16 -46.00 14.97
CA ALA N 289 14.91 -46.14 15.72
C ALA N 289 14.26 -44.78 15.83
N PHE N 290 15.05 -43.75 16.14
CA PHE N 290 14.47 -42.40 16.35
C PHE N 290 13.91 -41.93 15.01
N LYS N 291 14.16 -42.71 13.97
CA LYS N 291 13.64 -42.38 12.62
C LYS N 291 12.36 -43.19 12.36
N ILE N 292 12.41 -44.43 12.88
CA ILE N 292 11.19 -45.25 12.89
C ILE N 292 10.40 -44.53 13.99
N VAL N 293 11.06 -43.58 14.66
CA VAL N 293 10.40 -42.78 15.74
C VAL N 293 10.40 -41.31 15.34
N GLU O 169 38.28 12.06 -74.17
CA GLU O 169 37.49 11.16 -73.34
C GLU O 169 37.96 11.22 -71.89
N GLN O 170 39.27 11.28 -71.68
CA GLN O 170 39.81 11.35 -70.33
C GLN O 170 39.34 12.61 -69.63
N SER O 171 39.16 13.71 -70.36
CA SER O 171 38.60 14.89 -69.70
C SER O 171 37.22 14.45 -69.16
N GLU O 172 36.38 14.04 -70.09
CA GLU O 172 34.99 13.73 -69.69
C GLU O 172 35.06 12.65 -68.63
N ALA O 173 36.09 11.82 -68.71
CA ALA O 173 36.28 10.79 -67.67
C ALA O 173 36.57 11.51 -66.36
N LEU O 174 37.31 12.60 -66.41
CA LEU O 174 37.62 13.41 -65.19
C LEU O 174 36.32 14.01 -64.65
N LEU O 175 35.55 14.56 -65.59
CA LEU O 175 34.28 15.22 -65.21
C LEU O 175 33.40 14.14 -64.61
N ALA O 176 33.59 12.92 -65.10
CA ALA O 176 32.79 11.80 -64.57
C ALA O 176 33.11 11.68 -63.09
N MET O 177 34.37 11.91 -62.71
CA MET O 177 34.79 11.70 -61.31
C MET O 177 34.18 12.65 -60.26
N SER O 178 34.11 13.96 -60.52
CA SER O 178 33.71 14.92 -59.45
C SER O 178 32.27 14.78 -58.90
N THR O 179 31.29 14.55 -59.77
CA THR O 179 29.88 14.54 -59.29
C THR O 179 29.63 13.41 -58.28
N PRO O 180 30.13 12.18 -58.48
CA PRO O 180 29.98 11.13 -57.46
C PRO O 180 30.71 11.53 -56.17
N VAL O 181 31.91 12.09 -56.32
CA VAL O 181 32.69 12.45 -55.11
C VAL O 181 31.95 13.57 -54.40
N THR O 182 30.92 14.13 -55.03
CA THR O 182 30.07 15.08 -54.27
C THR O 182 28.88 14.41 -53.59
N MET O 183 28.13 13.53 -54.28
CA MET O 183 26.86 12.98 -53.72
C MET O 183 27.04 11.98 -52.59
N ILE O 184 26.16 12.02 -51.58
CA ILE O 184 26.17 10.96 -50.51
C ILE O 184 24.78 10.78 -49.90
N TRP O 185 24.51 9.57 -49.41
CA TRP O 185 23.21 9.26 -48.76
C TRP O 185 22.86 10.32 -47.73
N GLN O 186 21.57 10.47 -47.45
CA GLN O 186 21.15 11.40 -46.38
C GLN O 186 21.58 12.84 -46.71
N ASP O 187 21.67 13.21 -47.99
CA ASP O 187 21.91 14.63 -48.36
C ASP O 187 23.28 15.10 -47.87
N ILE O 188 24.08 14.22 -47.28
CA ILE O 188 25.45 14.69 -46.92
C ILE O 188 26.18 14.88 -48.24
N LEU O 189 27.11 15.85 -48.31
CA LEU O 189 27.90 16.04 -49.55
C LEU O 189 29.37 16.12 -49.20
N MET O 190 30.24 15.92 -50.19
CA MET O 190 31.71 16.00 -49.96
C MET O 190 32.36 16.20 -51.32
N LEU O 191 33.69 16.25 -51.42
CA LEU O 191 34.28 16.34 -52.79
C LEU O 191 35.72 15.84 -52.86
N PRO O 192 36.04 14.52 -52.76
CA PRO O 192 37.42 14.07 -52.99
C PRO O 192 37.89 14.35 -54.43
N ILE O 193 39.17 14.70 -54.62
CA ILE O 193 39.73 14.97 -55.99
C ILE O 193 41.25 14.78 -56.03
N VAL O 194 41.83 14.72 -57.24
CA VAL O 194 43.30 14.57 -57.43
C VAL O 194 43.98 15.91 -57.18
N GLY O 195 45.14 15.91 -56.52
CA GLY O 195 45.79 17.17 -56.14
C GLY O 195 46.44 17.92 -57.29
N ILE O 196 47.20 17.25 -58.14
CA ILE O 196 47.76 18.04 -59.28
C ILE O 196 46.67 18.04 -60.34
N ILE O 197 46.00 19.18 -60.48
CA ILE O 197 44.86 19.19 -61.41
C ILE O 197 44.90 20.52 -62.18
N ASP O 198 44.16 20.63 -63.29
CA ASP O 198 44.06 21.92 -64.03
C ASP O 198 43.24 22.97 -63.25
N SER O 199 43.68 24.23 -63.27
CA SER O 199 42.97 25.35 -62.60
C SER O 199 41.60 25.59 -63.25
N LYS O 200 41.58 25.54 -64.58
CA LYS O 200 40.31 25.75 -65.30
C LYS O 200 39.37 24.60 -64.92
N ARG O 201 39.92 23.41 -64.77
CA ARG O 201 39.11 22.23 -64.37
C ARG O 201 38.57 22.46 -62.97
N ALA O 202 39.37 23.09 -62.12
CA ALA O 202 38.93 23.43 -60.76
C ALA O 202 37.78 24.43 -60.82
N GLN O 203 37.86 25.38 -61.74
CA GLN O 203 36.74 26.32 -61.94
C GLN O 203 35.53 25.51 -62.38
N ASP O 204 35.82 24.47 -63.15
CA ASP O 204 34.71 23.61 -63.60
C ASP O 204 34.10 23.04 -62.33
N ILE O 205 34.97 22.57 -61.46
CA ILE O 205 34.44 21.90 -60.25
C ILE O 205 33.64 22.96 -59.50
N MET O 206 34.17 24.18 -59.49
CA MET O 206 33.46 25.28 -58.81
C MET O 206 32.05 25.33 -59.37
N SER O 207 31.91 25.21 -60.67
CA SER O 207 30.60 25.39 -61.34
C SER O 207 29.78 24.18 -60.95
N ALA O 208 30.45 23.04 -60.89
CA ALA O 208 29.75 21.79 -60.58
C ALA O 208 29.14 21.91 -59.19
N VAL O 209 29.91 22.44 -58.25
CA VAL O 209 29.34 22.48 -56.87
C VAL O 209 28.13 23.39 -56.92
N LEU O 210 28.22 24.51 -57.63
CA LEU O 210 27.04 25.39 -57.57
C LEU O 210 25.83 24.61 -58.09
N ASN O 211 25.98 24.01 -59.25
CA ASN O 211 24.77 23.36 -59.81
C ASN O 211 24.38 22.24 -58.87
N LYS O 212 25.37 21.56 -58.31
CA LYS O 212 25.03 20.39 -57.49
C LYS O 212 24.19 20.92 -56.34
N ILE O 213 24.62 22.05 -55.81
CA ILE O 213 23.90 22.56 -54.63
C ILE O 213 22.49 22.86 -55.07
N SER O 214 22.32 23.48 -56.22
CA SER O 214 20.91 23.74 -56.58
C SER O 214 20.21 22.40 -56.62
N GLU O 215 20.84 21.48 -57.34
CA GLU O 215 20.14 20.22 -57.63
C GLU O 215 19.52 19.73 -56.35
N ASN O 216 20.34 19.62 -55.33
CA ASN O 216 19.69 19.31 -54.05
C ASN O 216 20.34 20.30 -53.13
N ARG O 217 19.54 21.25 -52.69
CA ARG O 217 20.13 22.14 -51.68
C ARG O 217 20.68 21.26 -50.55
N ALA O 218 21.96 21.43 -50.19
CA ALA O 218 22.57 20.66 -49.06
C ALA O 218 23.33 21.61 -48.14
N LYS O 219 23.00 21.69 -46.85
CA LYS O 219 23.86 22.54 -45.99
C LYS O 219 25.13 21.75 -45.76
N ILE O 220 25.05 20.44 -45.97
CA ILE O 220 26.21 19.56 -45.68
C ILE O 220 27.01 19.36 -46.96
N PHE O 221 28.31 19.65 -46.90
CA PHE O 221 29.20 19.41 -48.06
C PHE O 221 30.62 19.36 -47.52
N ILE O 222 31.54 18.67 -48.19
CA ILE O 222 32.94 18.69 -47.68
C ILE O 222 33.94 18.75 -48.82
N MET O 223 35.13 19.25 -48.52
CA MET O 223 36.20 19.21 -49.53
C MET O 223 37.08 18.04 -49.10
N ASP O 224 37.15 16.99 -49.91
CA ASP O 224 38.09 15.91 -49.51
C ASP O 224 39.30 15.99 -50.44
N ILE O 225 40.50 15.96 -49.86
CA ILE O 225 41.74 16.07 -50.68
C ILE O 225 42.67 14.96 -50.23
N SER O 226 42.09 13.89 -49.69
CA SER O 226 42.96 12.83 -49.15
C SER O 226 44.07 12.54 -50.16
N GLY O 227 45.30 12.45 -49.65
CA GLY O 227 46.38 12.09 -50.57
C GLY O 227 46.39 13.03 -51.74
N VAL O 228 46.38 14.35 -51.49
CA VAL O 228 46.30 15.26 -52.66
C VAL O 228 47.45 14.86 -53.57
N ALA O 229 47.18 14.72 -54.87
CA ALA O 229 48.21 14.18 -55.78
C ALA O 229 49.46 15.06 -55.77
N VAL O 230 49.29 16.36 -55.88
CA VAL O 230 50.47 17.26 -55.78
C VAL O 230 49.97 18.55 -55.15
N VAL O 231 50.75 19.13 -54.24
CA VAL O 231 50.37 20.43 -53.59
C VAL O 231 50.74 21.57 -54.56
N ASP O 232 49.94 21.77 -55.61
CA ASP O 232 50.21 22.84 -56.61
C ASP O 232 49.94 24.21 -55.96
N THR O 233 50.66 25.25 -56.41
CA THR O 233 50.52 26.61 -55.81
C THR O 233 49.10 27.15 -56.06
N ALA O 234 48.68 27.23 -57.33
CA ALA O 234 47.35 27.83 -57.65
C ALA O 234 46.27 26.93 -57.08
N VAL O 235 46.62 25.68 -56.85
CA VAL O 235 45.60 24.72 -56.38
C VAL O 235 45.10 25.17 -55.02
N ALA O 236 46.02 25.63 -54.16
CA ALA O 236 45.54 26.15 -52.88
C ALA O 236 44.50 27.16 -53.28
N ASN O 237 44.95 28.13 -54.06
CA ASN O 237 44.06 29.24 -54.41
C ASN O 237 42.68 28.73 -54.62
N HIS O 238 42.59 27.64 -55.33
CA HIS O 238 41.22 27.20 -55.62
C HIS O 238 40.53 26.98 -54.29
N PHE O 239 41.01 25.99 -53.53
CA PHE O 239 40.44 25.64 -52.20
C PHE O 239 40.48 26.85 -51.28
N ILE O 240 41.40 27.81 -51.49
CA ILE O 240 41.33 29.03 -50.65
C ILE O 240 39.98 29.67 -51.01
N LYS O 241 39.89 30.06 -52.26
CA LYS O 241 38.65 30.75 -52.68
C LYS O 241 37.51 29.77 -52.51
N ILE O 242 37.74 28.52 -52.85
CA ILE O 242 36.64 27.53 -52.85
C ILE O 242 36.13 27.35 -51.44
N THR O 243 37.03 27.25 -50.49
CA THR O 243 36.52 26.94 -49.14
C THR O 243 35.65 28.13 -48.80
N LYS O 244 36.18 29.31 -49.10
CA LYS O 244 35.36 30.45 -48.64
C LYS O 244 33.99 30.37 -49.29
N ALA O 245 33.99 30.18 -50.60
CA ALA O 245 32.70 30.28 -51.30
C ALA O 245 31.73 29.25 -50.78
N THR O 246 32.19 28.02 -50.63
CA THR O 246 31.22 26.97 -50.27
C THR O 246 30.64 27.25 -48.90
N LYS O 247 31.50 27.57 -47.95
CA LYS O 247 30.90 27.68 -46.61
C LYS O 247 29.92 28.84 -46.64
N LEU O 248 30.35 29.92 -47.27
CA LEU O 248 29.55 31.16 -47.18
C LEU O 248 28.28 31.05 -48.03
N MET O 249 28.20 30.04 -48.86
CA MET O 249 26.94 29.78 -49.59
C MET O 249 25.90 29.49 -48.54
N GLY O 250 26.37 29.17 -47.34
CA GLY O 250 25.43 28.72 -46.31
C GLY O 250 25.48 27.24 -46.43
N CYS O 251 26.36 26.79 -47.32
CA CYS O 251 26.55 25.33 -47.47
C CYS O 251 27.93 24.98 -46.93
N ASP O 252 28.00 24.48 -45.71
CA ASP O 252 29.31 24.23 -45.05
C ASP O 252 30.27 23.40 -45.92
N CYS O 253 31.60 23.55 -45.76
CA CYS O 253 32.54 22.65 -46.48
C CYS O 253 33.63 22.23 -45.49
N LEU O 254 34.05 20.96 -45.51
CA LEU O 254 35.04 20.51 -44.50
C LEU O 254 36.18 19.78 -45.20
N VAL O 255 37.38 19.79 -44.63
CA VAL O 255 38.48 18.97 -45.22
C VAL O 255 38.64 17.70 -44.39
N SER O 256 38.31 16.55 -44.97
CA SER O 256 38.35 15.28 -44.20
C SER O 256 39.65 14.51 -44.43
N GLY O 257 40.18 14.54 -45.65
CA GLY O 257 41.38 13.73 -45.95
C GLY O 257 42.39 14.61 -46.64
N VAL O 258 43.69 14.35 -46.45
CA VAL O 258 44.76 15.21 -47.05
C VAL O 258 46.12 14.61 -46.72
N SER O 259 47.18 15.12 -47.34
CA SER O 259 48.55 14.67 -46.98
C SER O 259 49.17 15.70 -46.03
N PRO O 260 50.17 15.31 -45.20
CA PRO O 260 50.83 16.28 -44.30
C PRO O 260 51.87 17.23 -44.90
N SER O 261 52.77 16.72 -45.74
CA SER O 261 53.76 17.62 -46.39
C SER O 261 52.96 18.51 -47.33
N ILE O 262 51.84 17.99 -47.78
CA ILE O 262 50.97 18.84 -48.63
C ILE O 262 50.62 20.01 -47.73
N ALA O 263 50.26 19.69 -46.49
CA ALA O 263 49.87 20.73 -45.53
C ALA O 263 51.07 21.60 -45.23
N ARG O 264 52.24 20.99 -45.11
CA ARG O 264 53.37 21.84 -44.71
C ARG O 264 53.59 22.84 -45.82
N THR O 265 53.53 22.35 -47.05
CA THR O 265 53.84 23.24 -48.17
C THR O 265 52.87 24.39 -48.05
N MET O 266 51.66 24.06 -47.63
CA MET O 266 50.63 25.11 -47.46
C MET O 266 51.05 26.06 -46.34
N VAL O 267 51.30 25.51 -45.17
CA VAL O 267 51.57 26.43 -44.04
C VAL O 267 52.79 27.25 -44.41
N GLN O 268 53.80 26.58 -44.98
CA GLN O 268 55.05 27.27 -45.39
C GLN O 268 54.67 28.43 -46.32
N LEU O 269 53.49 28.38 -46.94
CA LEU O 269 53.18 29.50 -47.86
C LEU O 269 52.93 30.70 -46.98
N GLY O 270 52.78 30.45 -45.68
CA GLY O 270 52.51 31.54 -44.74
C GLY O 270 51.03 31.78 -44.73
N ILE O 271 50.30 30.86 -45.36
CA ILE O 271 48.81 30.97 -45.35
C ILE O 271 48.35 31.35 -43.94
N ASN O 272 47.36 32.23 -43.81
CA ASN O 272 46.95 32.70 -42.46
C ASN O 272 45.43 32.75 -42.33
N VAL O 273 44.73 32.96 -43.44
CA VAL O 273 43.26 33.18 -43.39
C VAL O 273 42.48 31.96 -42.89
N GLY O 274 42.90 30.75 -43.23
CA GLY O 274 42.05 29.59 -42.93
C GLY O 274 41.64 29.46 -41.48
N GLU O 275 40.33 29.35 -41.23
CA GLU O 275 39.80 29.13 -39.85
C GLU O 275 38.48 28.37 -40.02
N VAL O 276 38.44 27.38 -40.92
CA VAL O 276 37.16 26.66 -41.20
C VAL O 276 37.15 25.33 -40.45
N ARG O 277 36.13 24.50 -40.70
CA ARG O 277 36.01 23.19 -39.99
C ARG O 277 36.66 22.10 -40.84
N THR O 278 37.32 21.14 -40.21
CA THR O 278 37.93 19.99 -40.92
C THR O 278 37.70 18.70 -40.12
N ASN O 279 38.23 17.55 -40.58
CA ASN O 279 37.97 16.25 -39.90
C ASN O 279 39.07 15.24 -40.23
N ALA O 280 39.11 14.11 -39.52
CA ALA O 280 40.11 13.04 -39.79
C ALA O 280 39.53 11.99 -40.73
N THR O 281 39.89 12.01 -42.01
CA THR O 281 39.41 11.00 -43.01
C THR O 281 37.89 11.09 -43.15
N LEU O 282 37.32 10.25 -44.01
CA LEU O 282 35.84 10.23 -44.14
C LEU O 282 35.26 9.61 -42.87
N ARG O 283 36.10 9.35 -41.85
CA ARG O 283 35.54 8.66 -40.68
C ARG O 283 35.01 9.71 -39.72
N ASP O 284 35.95 10.53 -39.23
CA ASP O 284 35.54 11.63 -38.31
C ASP O 284 34.67 12.63 -39.06
N ALA O 285 34.71 12.67 -40.40
CA ALA O 285 33.85 13.66 -41.06
C ALA O 285 32.40 13.24 -40.88
N LEU O 286 32.12 11.96 -41.13
CA LEU O 286 30.73 11.45 -41.05
C LEU O 286 30.33 11.50 -39.60
N GLU O 287 31.27 11.18 -38.72
CA GLU O 287 30.82 11.14 -37.32
C GLU O 287 30.25 12.52 -37.02
N ASN O 288 31.00 13.53 -37.41
CA ASN O 288 30.54 14.90 -37.14
C ASN O 288 29.25 15.09 -37.90
N ALA O 289 29.20 14.58 -39.12
CA ALA O 289 27.97 14.93 -39.86
C ALA O 289 26.80 14.28 -39.17
N PHE O 290 26.94 13.02 -38.78
CA PHE O 290 25.79 12.28 -38.18
C PHE O 290 25.48 12.95 -36.84
N LYS O 291 26.34 13.89 -36.45
CA LYS O 291 26.12 14.64 -35.19
C LYS O 291 25.47 15.99 -35.50
N ILE O 292 25.89 16.53 -36.65
CA ILE O 292 25.20 17.71 -37.18
C ILE O 292 23.90 17.06 -37.68
N VAL O 293 23.87 15.73 -37.63
CA VAL O 293 22.65 14.97 -38.06
C VAL O 293 22.13 14.17 -36.87
N GLU P 169 49.73 10.45 -67.51
CA GLU P 169 49.24 11.02 -66.25
C GLU P 169 47.75 10.70 -66.08
N GLN P 170 46.98 10.78 -67.16
CA GLN P 170 45.56 10.49 -67.09
C GLN P 170 45.33 9.04 -66.68
N SER P 171 46.21 8.13 -67.08
CA SER P 171 46.04 6.77 -66.58
C SER P 171 46.13 6.86 -65.04
N GLU P 172 47.28 7.35 -64.59
CA GLU P 172 47.51 7.34 -63.13
C GLU P 172 46.38 8.16 -62.51
N ALA P 173 45.87 9.13 -63.25
CA ALA P 173 44.73 9.92 -62.74
C ALA P 173 43.55 8.96 -62.63
N LEU P 174 43.41 8.02 -63.55
CA LEU P 174 42.31 7.02 -63.49
C LEU P 174 42.50 6.13 -62.28
N LEU P 175 43.76 5.70 -62.11
CA LEU P 175 44.09 4.79 -60.99
C LEU P 175 43.80 5.57 -59.73
N ALA P 176 43.98 6.89 -59.80
CA ALA P 176 43.72 7.73 -58.63
C ALA P 176 42.25 7.54 -58.26
N MET P 177 41.38 7.43 -59.27
CA MET P 177 39.92 7.37 -59.01
C MET P 177 39.41 6.13 -58.26
N SER P 178 39.85 4.91 -58.60
CA SER P 178 39.23 3.69 -58.03
C SER P 178 39.38 3.49 -56.51
N THR P 179 40.55 3.77 -55.95
CA THR P 179 40.76 3.46 -54.50
C THR P 179 39.84 4.28 -53.60
N PRO P 180 39.60 5.59 -53.84
CA PRO P 180 38.63 6.35 -53.05
C PRO P 180 37.22 5.77 -53.24
N VAL P 181 36.89 5.43 -54.49
CA VAL P 181 35.52 4.94 -54.77
C VAL P 181 35.39 3.58 -54.08
N THR P 182 36.49 3.04 -53.55
CA THR P 182 36.33 1.82 -52.71
C THR P 182 36.18 2.14 -51.22
N MET P 183 37.00 3.03 -50.66
CA MET P 183 37.01 3.25 -49.18
C MET P 183 35.79 3.99 -48.64
N ILE P 184 35.30 3.59 -47.45
CA ILE P 184 34.20 4.36 -46.78
C ILE P 184 34.27 4.19 -45.25
N TRP P 185 33.79 5.21 -44.53
CA TRP P 185 33.77 5.18 -43.04
C TRP P 185 33.17 3.87 -42.56
N GLN P 186 33.52 3.47 -41.33
CA GLN P 186 32.90 2.26 -40.74
C GLN P 186 33.20 1.03 -41.59
N ASP P 187 34.33 0.98 -42.29
CA ASP P 187 34.75 -0.28 -42.98
C ASP P 187 33.76 -0.65 -44.10
N ILE P 188 32.75 0.19 -44.35
CA ILE P 188 31.89 -0.14 -45.51
C ILE P 188 32.75 0.07 -46.75
N LEU P 189 32.53 -0.70 -47.81
CA LEU P 189 33.29 -0.49 -49.06
C LEU P 189 32.33 -0.43 -50.25
N MET P 190 32.77 0.12 -51.37
CA MET P 190 31.93 0.20 -52.58
C MET P 190 32.86 0.40 -53.77
N LEU P 191 32.34 0.57 -55.00
CA LEU P 191 33.30 0.88 -56.09
C LEU P 191 32.64 1.60 -57.28
N PRO P 192 32.23 2.88 -57.21
CA PRO P 192 31.74 3.57 -58.42
C PRO P 192 32.83 3.70 -59.49
N ILE P 193 32.48 3.59 -60.79
CA ILE P 193 33.46 3.72 -61.90
C ILE P 193 32.79 4.14 -63.22
N VAL P 194 33.59 4.56 -64.21
CA VAL P 194 33.06 4.97 -65.56
C VAL P 194 32.72 3.71 -66.36
N GLY P 195 31.62 3.73 -67.10
CA GLY P 195 31.16 2.52 -67.82
C GLY P 195 31.98 2.16 -69.04
N ILE P 196 32.31 3.11 -69.90
CA ILE P 196 33.16 2.69 -71.04
C ILE P 196 34.60 2.76 -70.53
N ILE P 197 35.17 1.60 -70.26
CA ILE P 197 36.52 1.64 -69.64
C ILE P 197 37.36 0.55 -70.30
N ASP P 198 38.69 0.59 -70.15
CA ASP P 198 39.56 -0.51 -70.65
C ASP P 198 39.40 -1.82 -69.85
N SER P 199 39.39 -2.95 -70.56
CA SER P 199 39.28 -4.29 -69.89
C SER P 199 40.51 -4.57 -69.03
N LYS P 200 41.68 -4.22 -69.54
CA LYS P 200 42.92 -4.45 -68.76
C LYS P 200 42.84 -3.58 -67.52
N ARG P 201 42.29 -2.37 -67.66
CA ARG P 201 42.14 -1.44 -66.51
C ARG P 201 41.19 -2.07 -65.51
N ALA P 202 40.17 -2.75 -66.01
CA ALA P 202 39.21 -3.45 -65.12
C ALA P 202 39.93 -4.57 -64.38
N GLN P 203 40.84 -5.26 -65.06
CA GLN P 203 41.65 -6.28 -64.36
C GLN P 203 42.47 -5.58 -63.30
N ASP P 204 42.87 -4.37 -63.63
CA ASP P 204 43.65 -3.60 -62.63
C ASP P 204 42.72 -3.42 -61.45
N ILE P 205 41.49 -3.04 -61.75
CA ILE P 205 40.58 -2.74 -60.62
C ILE P 205 40.43 -4.06 -59.86
N MET P 206 40.36 -5.15 -60.60
CA MET P 206 40.23 -6.47 -59.93
C MET P 206 41.36 -6.59 -58.93
N SER P 207 42.56 -6.21 -59.33
CA SER P 207 43.77 -6.42 -58.49
C SER P 207 43.62 -5.47 -57.32
N ALA P 208 43.10 -4.28 -57.63
CA ALA P 208 42.97 -3.24 -56.59
C ALA P 208 42.04 -3.77 -55.51
N VAL P 209 40.94 -4.38 -55.92
CA VAL P 209 40.00 -4.81 -54.86
C VAL P 209 40.71 -5.85 -54.03
N LEU P 210 41.46 -6.76 -54.66
CA LEU P 210 42.06 -7.80 -53.80
C LEU P 210 42.94 -7.10 -52.77
N ASN P 211 43.82 -6.23 -53.24
CA ASN P 211 44.77 -5.66 -52.27
C ASN P 211 43.96 -4.84 -51.26
N LYS P 212 42.93 -4.18 -51.75
CA LYS P 212 42.19 -3.29 -50.83
C LYS P 212 41.63 -4.18 -49.75
N ILE P 213 41.14 -5.32 -50.17
CA ILE P 213 40.48 -6.19 -49.17
C ILE P 213 41.56 -6.59 -48.16
N SER P 214 42.73 -6.94 -48.64
CA SER P 214 43.71 -7.31 -47.61
C SER P 214 43.88 -6.13 -46.71
N GLU P 215 44.10 -4.98 -47.35
CA GLU P 215 44.51 -3.80 -46.55
C GLU P 215 43.58 -3.70 -45.36
N ASN P 216 42.30 -3.71 -45.63
CA ASN P 216 41.42 -3.80 -44.47
C ASN P 216 40.46 -4.89 -44.88
N ARG P 217 40.56 -6.01 -44.22
CA ARG P 217 39.54 -7.01 -44.53
C ARG P 217 38.17 -6.33 -44.34
N ALA P 218 37.29 -6.39 -45.35
CA ALA P 218 35.92 -5.82 -45.25
C ALA P 218 34.89 -6.84 -45.75
N LYS P 219 33.92 -7.26 -44.94
CA LYS P 219 32.89 -8.15 -45.53
C LYS P 219 32.00 -7.25 -46.38
N ILE P 220 32.04 -5.95 -46.09
CA ILE P 220 31.14 -5.01 -46.80
C ILE P 220 31.87 -4.41 -47.98
N PHE P 221 31.28 -4.51 -49.16
CA PHE P 221 31.87 -3.89 -50.38
C PHE P 221 30.73 -3.75 -51.39
N ILE P 222 30.81 -2.80 -52.33
CA ILE P 222 29.73 -2.74 -53.34
C ILE P 222 30.30 -2.38 -54.71
N MET P 223 29.56 -2.76 -55.74
CA MET P 223 29.96 -2.34 -57.09
C MET P 223 29.03 -1.18 -57.42
N ASP P 224 29.56 0.02 -57.58
CA ASP P 224 28.64 1.11 -58.00
C ASP P 224 28.91 1.42 -59.47
N ILE P 225 27.86 1.48 -60.27
CA ILE P 225 28.04 1.74 -61.73
C ILE P 225 27.06 2.85 -62.10
N SER P 226 26.71 3.67 -61.11
CA SER P 226 25.68 4.69 -61.42
C SER P 226 26.02 5.36 -62.74
N GLY P 227 25.01 5.52 -63.60
CA GLY P 227 25.29 6.23 -64.85
C GLY P 227 26.45 5.58 -65.56
N VAL P 228 26.40 4.27 -65.75
CA VAL P 228 27.61 3.64 -66.36
C VAL P 228 27.83 4.41 -67.67
N ALA P 229 29.07 4.79 -67.94
CA ALA P 229 29.33 5.67 -69.11
C ALA P 229 28.89 5.01 -70.40
N VAL P 230 29.24 3.75 -70.59
CA VAL P 230 28.75 3.04 -71.80
C VAL P 230 28.60 1.58 -71.40
N VAL P 231 27.52 0.93 -71.85
CA VAL P 231 27.32 -0.52 -71.54
C VAL P 231 28.15 -1.36 -72.52
N ASP P 232 29.47 -1.42 -72.31
CA ASP P 232 30.38 -2.20 -73.20
C ASP P 232 30.12 -3.70 -73.02
N THR P 233 30.34 -4.49 -74.07
CA THR P 233 30.07 -5.95 -74.01
C THR P 233 31.00 -6.63 -73.00
N ALA P 234 32.32 -6.47 -73.17
CA ALA P 234 33.28 -7.17 -72.28
C ALA P 234 33.15 -6.60 -70.88
N VAL P 235 32.61 -5.39 -70.81
CA VAL P 235 32.53 -4.71 -69.49
C VAL P 235 31.61 -5.54 -68.59
N ALA P 236 30.51 -6.04 -69.15
CA ALA P 236 29.67 -6.90 -68.30
C ALA P 236 30.63 -7.93 -67.79
N ASN P 237 31.25 -8.62 -68.73
CA ASN P 237 32.12 -9.75 -68.36
C ASN P 237 32.86 -9.41 -67.11
N HIS P 238 33.37 -8.21 -67.08
CA HIS P 238 34.19 -7.93 -65.89
C HIS P 238 33.29 -8.11 -64.67
N PHE P 239 32.27 -7.25 -64.56
CA PHE P 239 31.31 -7.31 -63.43
C PHE P 239 30.64 -8.68 -63.36
N ILE P 240 30.55 -9.42 -64.48
CA ILE P 240 30.01 -10.80 -64.35
C ILE P 240 31.01 -11.52 -63.46
N LYS P 241 32.23 -11.63 -63.99
CA LYS P 241 33.24 -12.38 -63.23
C LYS P 241 33.48 -11.65 -61.93
N ILE P 242 33.49 -10.33 -61.98
CA ILE P 242 33.85 -9.53 -60.78
C ILE P 242 32.82 -9.75 -59.70
N THR P 243 31.56 -9.73 -60.08
CA THR P 243 30.56 -9.83 -59.01
C THR P 243 30.82 -11.17 -58.36
N LYS P 244 31.01 -12.17 -59.22
CA LYS P 244 31.13 -13.49 -58.58
C LYS P 244 32.32 -13.47 -57.64
N ALA P 245 33.44 -12.98 -58.13
CA ALA P 245 34.66 -13.10 -57.31
C ALA P 245 34.50 -12.38 -56.00
N THR P 246 33.98 -11.16 -56.06
CA THR P 246 33.95 -10.37 -54.82
C THR P 246 33.06 -11.03 -53.80
N LYS P 247 31.87 -11.43 -54.24
CA LYS P 247 30.98 -11.94 -53.18
C LYS P 247 31.61 -13.18 -52.60
N LEU P 248 32.11 -14.02 -53.49
CA LEU P 248 32.57 -15.34 -53.03
C LEU P 248 33.88 -15.23 -52.24
N MET P 249 34.51 -14.07 -52.28
CA MET P 249 35.69 -13.85 -51.42
C MET P 249 35.19 -13.96 -50.00
N GLY P 250 33.88 -13.85 -49.84
CA GLY P 250 33.34 -13.79 -48.48
C GLY P 250 33.20 -12.33 -48.23
N CYS P 251 33.52 -11.56 -49.27
CA CYS P 251 33.38 -10.10 -49.17
C CYS P 251 32.23 -9.68 -50.08
N ASP P 252 31.04 -9.47 -49.52
CA ASP P 252 29.83 -9.20 -50.34
C ASP P 252 30.05 -8.06 -51.35
N CYS P 253 29.34 -8.05 -52.48
CA CYS P 253 29.41 -6.87 -53.41
C CYS P 253 27.99 -6.54 -53.86
N LEU P 254 27.65 -5.25 -53.94
CA LEU P 254 26.24 -4.92 -54.29
C LEU P 254 26.23 -3.88 -55.41
N VAL P 255 25.19 -3.85 -56.24
CA VAL P 255 25.10 -2.76 -57.26
C VAL P 255 24.12 -1.69 -56.77
N SER P 256 24.62 -0.51 -56.45
CA SER P 256 23.74 0.54 -55.87
C SER P 256 23.25 1.53 -56.93
N GLY P 257 24.10 1.86 -57.91
CA GLY P 257 23.70 2.86 -58.91
C GLY P 257 23.98 2.34 -60.29
N VAL P 258 23.19 2.73 -61.29
CA VAL P 258 23.35 2.19 -62.68
C VAL P 258 22.36 2.89 -63.60
N SER P 259 22.49 2.69 -64.92
CA SER P 259 21.50 3.25 -65.86
C SER P 259 20.53 2.13 -66.25
N PRO P 260 19.30 2.45 -66.70
CA PRO P 260 18.34 1.41 -67.14
C PRO P 260 18.52 0.79 -68.52
N SER P 261 18.78 1.60 -69.54
CA SER P 261 19.05 1.03 -70.89
C SER P 261 20.35 0.27 -70.78
N ILE P 262 21.19 0.70 -69.86
CA ILE P 262 22.44 -0.04 -69.64
C ILE P 262 21.96 -1.43 -69.23
N ALA P 263 21.00 -1.45 -68.33
CA ALA P 263 20.48 -2.73 -67.82
C ALA P 263 19.79 -3.46 -68.97
N ARG P 264 19.08 -2.73 -69.79
CA ARG P 264 18.33 -3.48 -70.83
C ARG P 264 19.35 -4.15 -71.70
N THR P 265 20.38 -3.41 -72.04
CA THR P 265 21.36 -3.97 -72.99
C THR P 265 21.86 -5.25 -72.36
N MET P 266 21.98 -5.20 -71.04
CA MET P 266 22.45 -6.39 -70.30
C MET P 266 21.41 -7.51 -70.42
N VAL P 267 20.18 -7.19 -70.04
CA VAL P 267 19.20 -8.30 -70.01
C VAL P 267 19.09 -8.83 -71.43
N GLN P 268 19.04 -7.91 -72.40
CA GLN P 268 18.92 -8.30 -73.83
C GLN P 268 20.08 -9.27 -74.15
N LEU P 269 21.16 -9.25 -73.36
CA LEU P 269 22.27 -10.16 -73.73
C LEU P 269 21.76 -11.55 -73.42
N GLY P 270 20.65 -11.63 -72.69
CA GLY P 270 20.11 -12.94 -72.32
C GLY P 270 20.80 -13.38 -71.07
N ILE P 271 21.55 -12.47 -70.46
CA ILE P 271 22.23 -12.78 -69.18
C ILE P 271 21.25 -13.54 -68.28
N ASN P 272 21.71 -14.55 -67.56
CA ASN P 272 20.78 -15.37 -66.75
C ASN P 272 21.35 -15.67 -65.37
N VAL P 273 22.67 -15.72 -65.26
CA VAL P 273 23.32 -16.16 -63.99
C VAL P 273 23.06 -15.22 -62.82
N GLY P 274 23.01 -13.91 -63.06
CA GLY P 274 22.96 -12.98 -61.91
C GLY P 274 21.85 -13.25 -60.91
N GLU P 275 22.20 -13.39 -59.63
CA GLU P 275 21.21 -13.57 -58.55
C GLU P 275 21.83 -13.00 -57.28
N VAL P 276 22.52 -11.85 -57.38
CA VAL P 276 23.24 -11.27 -56.21
C VAL P 276 22.39 -10.17 -55.58
N ARG P 277 22.95 -9.46 -54.60
CA ARG P 277 22.22 -8.38 -53.90
C ARG P 277 22.51 -7.04 -54.57
N THR P 278 21.51 -6.15 -54.67
CA THR P 278 21.71 -4.79 -55.23
C THR P 278 20.92 -3.77 -54.40
N ASN P 279 20.93 -2.49 -54.79
CA ASN P 279 20.26 -1.43 -53.98
C ASN P 279 19.92 -0.22 -54.86
N ALA P 280 19.11 0.72 -54.33
CA ALA P 280 18.74 1.95 -55.08
C ALA P 280 19.69 3.09 -54.71
N THR P 281 20.66 3.42 -55.56
CA THR P 281 21.61 4.55 -55.33
C THR P 281 22.44 4.28 -54.07
N LEU P 282 23.34 5.20 -53.72
CA LEU P 282 24.12 5.03 -52.47
C LEU P 282 23.17 5.24 -51.29
N ARG P 283 21.86 5.39 -51.55
CA ARG P 283 20.98 5.71 -50.40
C ARG P 283 20.52 4.41 -49.80
N ASP P 284 19.79 3.62 -50.60
CA ASP P 284 19.31 2.30 -50.12
C ASP P 284 20.51 1.38 -49.89
N ALA P 285 21.68 1.66 -50.49
CA ALA P 285 22.78 0.73 -50.23
C ALA P 285 23.23 0.89 -48.78
N LEU P 286 23.40 2.14 -48.35
CA LEU P 286 23.87 2.42 -46.98
C LEU P 286 22.79 1.97 -46.03
N GLU P 287 21.54 2.21 -46.42
CA GLU P 287 20.51 1.87 -45.44
C GLU P 287 20.70 0.40 -45.13
N ASN P 288 20.84 -0.39 -46.19
CA ASN P 288 21.00 -1.84 -45.97
C ASN P 288 22.28 -2.04 -45.20
N ALA P 289 23.31 -1.27 -45.55
CA ALA P 289 24.56 -1.61 -44.87
C ALA P 289 24.40 -1.32 -43.39
N PHE P 290 23.81 -0.17 -43.05
CA PHE P 290 23.70 0.23 -41.64
C PHE P 290 22.75 -0.76 -40.96
N LYS P 291 22.15 -1.63 -41.77
CA LYS P 291 21.24 -2.67 -41.22
C LYS P 291 22.01 -4.00 -41.09
N ILE P 292 22.89 -4.19 -42.06
CA ILE P 292 23.85 -5.31 -41.95
C ILE P 292 24.78 -4.76 -40.87
N VAL P 293 24.57 -3.49 -40.51
CA VAL P 293 25.39 -2.84 -39.45
C VAL P 293 24.45 -2.42 -38.30
N GLU Q 169 -8.97 -54.84 62.81
CA GLU Q 169 -9.60 -54.17 61.67
C GLU Q 169 -9.15 -52.71 61.61
N GLN Q 170 -9.06 -52.06 62.77
CA GLN Q 170 -8.62 -50.66 62.80
C GLN Q 170 -7.21 -50.52 62.26
N SER Q 171 -6.36 -51.53 62.47
CA SER Q 171 -5.03 -51.43 61.85
C SER Q 171 -5.28 -51.35 60.33
N GLU Q 172 -5.93 -52.39 59.83
CA GLU Q 172 -6.08 -52.46 58.36
C GLU Q 172 -6.84 -51.22 57.94
N ALA Q 173 -7.68 -50.70 58.83
CA ALA Q 173 -8.38 -49.44 58.52
C ALA Q 173 -7.34 -48.35 58.40
N LEU Q 174 -6.30 -48.39 59.24
CA LEU Q 174 -5.20 -47.39 59.19
C LEU Q 174 -4.46 -47.53 57.87
N LEU Q 175 -4.17 -48.80 57.53
CA LEU Q 175 -3.41 -49.09 56.30
C LEU Q 175 -4.28 -48.60 55.16
N ALA Q 176 -5.59 -48.66 55.36
CA ALA Q 176 -6.51 -48.21 54.30
C ALA Q 176 -6.22 -46.73 54.06
N MET Q 177 -5.92 -45.99 55.13
CA MET Q 177 -5.74 -44.52 55.00
C MET Q 177 -4.53 -44.05 54.18
N SER Q 178 -3.35 -44.63 54.35
CA SER Q 178 -2.12 -44.07 53.71
C SER Q 178 -2.09 -44.08 52.18
N THR Q 179 -2.52 -45.16 51.54
CA THR Q 179 -2.39 -45.24 50.06
C THR Q 179 -3.19 -44.15 49.33
N PRO Q 180 -4.44 -43.82 49.74
CA PRO Q 180 -5.16 -42.71 49.13
C PRO Q 180 -4.44 -41.39 49.39
N VAL Q 181 -3.94 -41.23 50.61
CA VAL Q 181 -3.29 -39.93 50.97
C VAL Q 181 -2.00 -39.86 50.16
N THR Q 182 -1.63 -40.94 49.47
CA THR Q 182 -0.49 -40.81 48.53
C THR Q 182 -0.93 -40.47 47.11
N MET Q 183 -1.95 -41.14 46.57
CA MET Q 183 -2.32 -40.98 45.12
C MET Q 183 -2.97 -39.65 44.77
N ILE Q 184 -2.64 -39.07 43.60
CA ILE Q 184 -3.36 -37.85 43.13
C ILE Q 184 -3.35 -37.77 41.59
N TRP Q 185 -4.37 -37.14 41.02
CA TRP Q 185 -4.47 -36.96 39.55
C TRP Q 185 -3.16 -36.43 38.99
N GLN Q 186 -2.93 -36.68 37.71
CA GLN Q 186 -1.73 -36.12 37.06
C GLN Q 186 -0.45 -36.61 37.73
N ASP Q 187 -0.45 -37.82 38.31
CA ASP Q 187 0.82 -38.40 38.83
C ASP Q 187 1.38 -37.59 39.99
N ILE Q 188 0.69 -36.54 40.42
CA ILE Q 188 1.22 -35.83 41.61
C ILE Q 188 1.03 -36.80 42.78
N LEU Q 189 1.92 -36.77 43.77
CA LEU Q 189 1.75 -37.63 44.96
C LEU Q 189 1.92 -36.79 46.22
N MET Q 190 1.43 -37.30 47.36
CA MET Q 190 1.55 -36.58 48.65
C MET Q 190 1.37 -37.61 49.76
N LEU Q 191 1.37 -37.22 51.04
CA LEU Q 191 1.06 -38.24 52.07
C LEU Q 191 0.54 -37.64 53.37
N PRO Q 192 -0.70 -37.12 53.48
CA PRO Q 192 -1.21 -36.71 54.80
C PRO Q 192 -1.35 -37.89 55.77
N ILE Q 193 -1.08 -37.67 57.06
CA ILE Q 193 -1.20 -38.75 58.10
C ILE Q 193 -1.43 -38.19 59.51
N VAL Q 194 -1.82 -39.05 60.46
CA VAL Q 194 -2.05 -38.64 61.87
C VAL Q 194 -0.69 -38.49 62.58
N GLY Q 195 -0.53 -37.47 63.43
CA GLY Q 195 0.79 -37.21 64.04
C GLY Q 195 1.18 -38.18 65.14
N ILE Q 196 0.28 -38.51 66.06
CA ILE Q 196 0.73 -39.52 67.06
C ILE Q 196 0.45 -40.86 66.43
N ILE Q 197 1.51 -41.52 65.98
CA ILE Q 197 1.29 -42.78 65.26
C ILE Q 197 2.34 -43.78 65.71
N ASP Q 198 2.16 -45.07 65.43
CA ASP Q 198 3.21 -46.09 65.74
C ASP Q 198 4.44 -45.97 64.83
N SER Q 199 5.64 -46.14 65.40
CA SER Q 199 6.91 -46.09 64.62
C SER Q 199 6.99 -47.23 63.61
N LYS Q 200 6.56 -48.41 64.04
CA LYS Q 200 6.60 -49.58 63.13
C LYS Q 200 5.61 -49.29 62.01
N ARG Q 201 4.49 -48.66 62.32
CA ARG Q 201 3.48 -48.30 61.30
C ARG Q 201 4.10 -47.31 60.33
N ALA Q 202 4.93 -46.41 60.85
CA ALA Q 202 5.63 -45.44 59.99
C ALA Q 202 6.59 -46.17 59.07
N GLN Q 203 7.25 -47.21 59.57
CA GLN Q 203 8.11 -48.02 58.70
C GLN Q 203 7.23 -48.67 57.65
N ASP Q 204 6.02 -49.00 58.06
CA ASP Q 204 5.09 -49.58 57.09
C ASP Q 204 4.89 -48.53 56.02
N ILE Q 205 4.67 -47.30 56.47
CA ILE Q 205 4.36 -46.25 55.47
C ILE Q 205 5.60 -46.15 54.59
N MET Q 206 6.77 -46.25 55.21
CA MET Q 206 8.02 -46.17 54.44
C MET Q 206 7.93 -47.21 53.32
N SER Q 207 7.47 -48.40 53.64
CA SER Q 207 7.47 -49.52 52.68
C SER Q 207 6.43 -49.17 51.63
N ALA Q 208 5.35 -48.58 52.11
CA ALA Q 208 4.23 -48.26 51.21
C ALA Q 208 4.74 -47.26 50.18
N VAL Q 209 5.49 -46.27 50.61
CA VAL Q 209 5.91 -45.27 49.62
C VAL Q 209 6.80 -45.98 48.61
N LEU Q 210 7.67 -46.86 49.07
CA LEU Q 210 8.56 -47.47 48.04
C LEU Q 210 7.69 -48.17 47.02
N ASN Q 211 6.79 -49.01 47.50
CA ASN Q 211 6.03 -49.80 46.50
C ASN Q 211 5.20 -48.81 45.67
N LYS Q 212 4.71 -47.78 46.32
CA LYS Q 212 3.81 -46.88 45.58
C LYS Q 212 4.64 -46.29 44.46
N ILE Q 213 5.87 -45.95 44.80
CA ILE Q 213 6.69 -45.28 43.78
C ILE Q 213 6.88 -46.27 42.65
N SER Q 214 7.16 -47.52 42.97
CA SER Q 214 7.33 -48.42 41.81
C SER Q 214 6.05 -48.37 41.03
N GLU Q 215 4.95 -48.56 41.76
CA GLU Q 215 3.67 -48.77 41.06
C GLU Q 215 3.55 -47.72 39.99
N ASN Q 216 3.72 -46.48 40.37
CA ASN Q 216 3.79 -45.50 39.29
C ASN Q 216 4.98 -44.68 39.69
N ARG Q 217 6.03 -44.82 38.90
CA ARG Q 217 7.16 -43.93 39.20
C ARG Q 217 6.61 -42.50 39.21
N ALA Q 218 6.85 -41.73 40.28
CA ALA Q 218 6.41 -40.32 40.38
C ALA Q 218 7.56 -39.44 40.86
N LYS Q 219 8.00 -38.43 40.11
CA LYS Q 219 9.04 -37.56 40.70
C LYS Q 219 8.32 -36.68 41.72
N ILE Q 220 7.01 -36.57 41.57
CA ILE Q 220 6.23 -35.66 42.45
C ILE Q 220 5.68 -36.46 43.61
N PHE Q 221 5.95 -36.01 44.83
CA PHE Q 221 5.39 -36.65 46.04
C PHE Q 221 5.46 -35.63 47.16
N ILE Q 222 4.61 -35.73 48.18
CA ILE Q 222 4.75 -34.75 49.30
C ILE Q 222 4.48 -35.43 50.63
N MET Q 223 5.03 -34.84 51.69
CA MET Q 223 4.69 -35.33 53.03
C MET Q 223 3.67 -34.34 53.56
N ASP Q 224 2.44 -34.78 53.80
CA ASP Q 224 1.49 -33.80 54.40
C ASP Q 224 1.30 -34.20 55.87
N ILE Q 225 1.42 -33.24 56.78
CA ILE Q 225 1.29 -33.54 58.23
C ILE Q 225 0.32 -32.52 58.80
N SER Q 226 -0.55 -31.98 57.96
CA SER Q 226 -1.43 -30.92 58.46
C SER Q 226 -2.00 -31.33 59.80
N GLY Q 227 -1.98 -30.41 60.76
CA GLY Q 227 -2.58 -30.73 62.05
C GLY Q 227 -2.00 -32.02 62.58
N VAL Q 228 -0.66 -32.12 62.63
CA VAL Q 228 -0.11 -33.42 63.06
C VAL Q 228 -0.76 -33.72 64.41
N ALA Q 229 -1.24 -34.94 64.61
CA ALA Q 229 -2.03 -35.25 65.82
C ALA Q 229 -1.20 -35.00 67.07
N VAL Q 230 0.03 -35.48 67.11
CA VAL Q 230 0.90 -35.18 68.27
C VAL Q 230 2.32 -35.13 67.74
N VAL Q 231 3.12 -34.17 68.21
CA VAL Q 231 4.54 -34.07 67.78
C VAL Q 231 5.37 -35.07 68.58
N ASP Q 232 5.29 -36.36 68.23
CA ASP Q 232 6.04 -37.41 68.96
C ASP Q 232 7.55 -37.28 68.64
N THR Q 233 8.41 -37.67 69.58
CA THR Q 233 9.88 -37.53 69.39
C THR Q 233 10.35 -38.41 68.23
N ALA Q 234 10.09 -39.73 68.29
CA ALA Q 234 10.59 -40.65 67.24
C ALA Q 234 9.90 -40.33 65.92
N VAL Q 235 8.75 -39.67 66.03
CA VAL Q 235 7.97 -39.39 64.82
C VAL Q 235 8.79 -38.45 63.92
N ALA Q 236 9.45 -37.47 64.52
CA ALA Q 236 10.31 -36.63 63.68
C ALA Q 236 11.19 -37.63 62.97
N ASN Q 237 11.89 -38.40 63.77
CA ASN Q 237 12.89 -39.32 63.20
C ASN Q 237 12.36 -39.89 61.93
N HIS Q 238 11.11 -40.29 61.97
CA HIS Q 238 10.64 -40.95 60.75
C HIS Q 238 10.80 -39.95 59.61
N PHE Q 239 10.04 -38.85 59.67
CA PHE Q 239 10.09 -37.79 58.65
C PHE Q 239 11.51 -37.24 58.50
N ILE Q 240 12.34 -37.32 59.54
CA ILE Q 240 13.75 -36.91 59.32
C ILE Q 240 14.29 -37.88 58.27
N LYS Q 241 14.33 -39.13 58.66
CA LYS Q 241 14.89 -40.13 57.75
C LYS Q 241 14.02 -40.17 56.51
N ILE Q 242 12.72 -40.07 56.70
CA ILE Q 242 11.77 -40.23 55.56
C ILE Q 242 11.99 -39.11 54.57
N THR Q 243 12.14 -37.90 55.06
CA THR Q 243 12.22 -36.81 54.08
C THR Q 243 13.47 -37.11 53.28
N LYS Q 244 14.52 -37.48 54.01
CA LYS Q 244 15.75 -37.66 53.23
C LYS Q 244 15.53 -38.73 52.17
N ALA Q 245 14.98 -39.86 52.61
CA ALA Q 245 14.90 -40.98 51.67
C ALA Q 245 14.07 -40.61 50.46
N THR Q 246 12.93 -40.01 50.70
CA THR Q 246 12.03 -39.77 49.56
C THR Q 246 12.68 -38.84 48.57
N LYS Q 247 13.23 -37.74 49.06
CA LYS Q 247 13.72 -36.80 48.05
C LYS Q 247 14.83 -37.48 47.29
N LEU Q 248 15.70 -38.15 48.03
CA LEU Q 248 16.91 -38.67 47.40
C LEU Q 248 16.60 -39.87 46.50
N MET Q 249 15.39 -40.40 46.60
CA MET Q 249 14.97 -41.45 45.67
C MET Q 249 15.00 -40.82 44.29
N GLY Q 250 15.01 -39.50 44.27
CA GLY Q 250 14.88 -38.81 42.98
C GLY Q 250 13.41 -38.52 42.90
N CYS Q 251 12.72 -38.87 43.98
CA CYS Q 251 11.28 -38.58 44.05
C CYS Q 251 11.07 -37.51 45.10
N ASP Q 252 10.94 -36.26 44.68
CA ASP Q 252 10.85 -35.12 45.64
C ASP Q 252 9.80 -35.34 46.73
N CYS Q 253 9.97 -34.75 47.94
CA CYS Q 253 8.89 -34.81 48.96
C CYS Q 253 8.73 -33.42 49.58
N LEU Q 254 7.50 -32.97 49.83
CA LEU Q 254 7.35 -31.59 50.34
C LEU Q 254 6.43 -31.61 51.55
N VAL Q 255 6.59 -30.65 52.48
CA VAL Q 255 5.62 -30.58 53.61
C VAL Q 255 4.61 -29.46 53.34
N SER Q 256 3.35 -29.81 53.09
CA SER Q 256 2.34 -28.78 52.71
C SER Q 256 1.52 -28.32 53.91
N GLY Q 257 1.20 -29.23 54.84
CA GLY Q 257 0.34 -28.85 55.96
C GLY Q 257 0.96 -29.32 57.26
N VAL Q 258 0.75 -28.61 58.37
CA VAL Q 258 1.41 -28.97 59.67
C VAL Q 258 0.89 -28.01 60.75
N SER Q 259 1.21 -28.30 62.02
CA SER Q 259 0.85 -27.37 63.10
C SER Q 259 2.09 -26.54 63.46
N PRO Q 260 1.93 -25.34 64.05
CA PRO Q 260 3.10 -24.54 64.47
C PRO Q 260 3.84 -24.92 65.76
N SER Q 261 3.11 -25.21 66.82
CA SER Q 261 3.77 -25.65 68.07
C SER Q 261 4.39 -27.01 67.76
N ILE Q 262 3.78 -27.70 66.82
CA ILE Q 262 4.37 -28.99 66.40
C ILE Q 262 5.75 -28.61 65.90
N ALA Q 263 5.79 -27.56 65.09
CA ALA Q 263 7.06 -27.10 64.51
C ALA Q 263 7.96 -26.60 65.63
N ARG Q 264 7.39 -25.91 66.60
CA ARG Q 264 8.29 -25.35 67.61
C ARG Q 264 8.96 -26.52 68.31
N THR Q 265 8.15 -27.51 68.63
CA THR Q 265 8.69 -28.62 69.42
C THR Q 265 9.84 -29.17 68.60
N MET Q 266 9.67 -29.15 67.30
CA MET Q 266 10.73 -29.64 66.40
C MET Q 266 11.94 -28.72 66.49
N VAL Q 267 11.72 -27.44 66.26
CA VAL Q 267 12.92 -26.56 66.21
C VAL Q 267 13.57 -26.64 67.57
N GLN Q 268 12.77 -26.62 68.63
CA GLN Q 268 13.31 -26.70 70.02
C GLN Q 268 14.18 -27.95 70.13
N LEU Q 269 13.98 -28.94 69.24
CA LEU Q 269 14.80 -30.16 69.40
C LEU Q 269 16.21 -29.75 69.00
N GLY Q 270 16.32 -28.59 68.37
CA GLY Q 270 17.63 -28.12 67.92
C GLY Q 270 17.88 -28.72 66.58
N ILE Q 271 16.84 -29.32 66.00
CA ILE Q 271 16.97 -29.88 64.63
C ILE Q 271 17.72 -28.88 63.75
N ASN Q 272 18.62 -29.36 62.88
CA ASN Q 272 19.45 -28.43 62.09
C ASN Q 272 19.56 -28.88 60.64
N VAL Q 273 19.46 -30.18 60.40
CA VAL Q 273 19.71 -30.73 59.03
C VAL Q 273 18.69 -30.26 57.99
N GLY Q 274 17.42 -30.12 58.37
CA GLY Q 274 16.40 -29.87 57.34
C GLY Q 274 16.68 -28.69 56.43
N GLU Q 275 16.66 -28.92 55.12
CA GLU Q 275 16.83 -27.83 54.12
C GLU Q 275 16.07 -28.27 52.86
N VAL Q 276 14.89 -28.85 53.02
CA VAL Q 276 14.13 -29.40 51.86
C VAL Q 276 13.06 -28.39 51.42
N ARG Q 277 12.20 -28.78 50.48
CA ARG Q 277 11.15 -27.87 49.97
C ARG Q 277 9.85 -28.12 50.74
N THR Q 278 9.09 -27.05 51.03
CA THR Q 278 7.77 -27.19 51.72
C THR Q 278 6.75 -26.23 51.07
N ASN Q 279 5.53 -26.17 51.60
CA ASN Q 279 4.46 -25.33 50.97
C ASN Q 279 3.39 -24.96 51.99
N ALA Q 280 2.49 -24.03 51.66
CA ALA Q 280 1.38 -23.63 52.55
C ALA Q 280 0.11 -24.42 52.22
N THR Q 281 -0.22 -25.44 53.01
CA THR Q 281 -1.46 -26.26 52.80
C THR Q 281 -1.40 -26.97 51.44
N LEU Q 282 -2.43 -27.74 51.13
CA LEU Q 282 -2.46 -28.40 49.79
C LEU Q 282 -2.69 -27.32 48.73
N ARG Q 283 -2.68 -26.03 49.12
CA ARG Q 283 -3.02 -25.01 48.11
C ARG Q 283 -1.73 -24.62 47.41
N ASP Q 284 -0.81 -24.04 48.19
CA ASP Q 284 0.50 -23.64 47.63
C ASP Q 284 1.27 -24.89 47.19
N ALA Q 285 0.93 -26.08 47.70
CA ALA Q 285 1.71 -27.23 47.24
C ALA Q 285 1.37 -27.50 45.79
N LEU Q 286 0.08 -27.51 45.47
CA LEU Q 286 -0.37 -27.82 44.11
C LEU Q 286 0.08 -26.69 43.21
N GLU Q 287 0.00 -25.48 43.75
CA GLU Q 287 0.36 -24.38 42.83
C GLU Q 287 1.77 -24.66 42.35
N ASN Q 288 2.63 -24.98 43.30
CA ASN Q 288 4.03 -25.25 42.93
C ASN Q 288 4.02 -26.46 42.02
N ALA Q 289 3.19 -27.44 42.35
CA ALA Q 289 3.35 -28.64 41.51
C ALA Q 289 2.93 -28.30 40.10
N PHE Q 290 1.81 -27.58 39.95
CA PHE Q 290 1.31 -27.28 38.59
C PHE Q 290 2.31 -26.36 37.91
N LYS Q 291 3.30 -25.94 38.67
CA LYS Q 291 4.38 -25.07 38.11
C LYS Q 291 5.60 -25.94 37.76
N ILE Q 292 5.80 -26.94 38.63
CA ILE Q 292 6.80 -27.97 38.31
C ILE Q 292 6.06 -28.72 37.21
N VAL Q 293 4.79 -28.36 37.01
CA VAL Q 293 3.97 -29.00 35.94
C VAL Q 293 3.53 -27.93 34.94
N GLU R 169 18.03 -68.93 -45.85
CA GLU R 169 17.65 -68.40 -44.54
C GLU R 169 18.38 -67.07 -44.29
N GLN R 170 19.66 -66.99 -44.66
CA GLN R 170 20.42 -65.78 -44.47
C GLN R 170 19.81 -64.63 -45.26
N SER R 171 19.23 -64.89 -46.42
CA SER R 171 18.55 -63.81 -47.12
C SER R 171 17.44 -63.31 -46.15
N GLU R 172 16.56 -64.24 -45.82
CA GLU R 172 15.39 -63.82 -45.01
C GLU R 172 15.94 -63.23 -43.72
N ALA R 173 17.10 -63.71 -43.30
CA ALA R 173 17.73 -63.12 -42.10
C ALA R 173 18.08 -61.68 -42.42
N LEU R 174 18.52 -61.42 -43.65
CA LEU R 174 18.86 -60.04 -44.09
C LEU R 174 17.60 -59.18 -44.08
N LEU R 175 16.54 -59.78 -44.65
CA LEU R 175 15.26 -59.06 -44.76
C LEU R 175 14.81 -58.79 -43.33
N ALA R 176 15.18 -59.69 -42.44
CA ALA R 176 14.79 -59.52 -41.02
C ALA R 176 15.41 -58.21 -40.55
N MET R 177 16.63 -57.91 -41.00
CA MET R 177 17.36 -56.73 -40.51
C MET R 177 16.77 -55.36 -40.86
N SER R 178 16.33 -55.12 -42.10
CA SER R 178 15.93 -53.75 -42.52
C SER R 178 14.72 -53.15 -41.81
N THR R 179 13.66 -53.92 -41.58
CA THR R 179 12.41 -53.33 -41.01
C THR R 179 12.65 -52.77 -39.60
N PRO R 180 13.38 -53.44 -38.69
CA PRO R 180 13.69 -52.85 -37.39
C PRO R 180 14.54 -51.58 -37.56
N VAL R 181 15.51 -51.64 -38.48
CA VAL R 181 16.42 -50.49 -38.65
C VAL R 181 15.59 -49.35 -39.22
N THR R 182 14.35 -49.63 -39.61
CA THR R 182 13.47 -48.49 -40.01
C THR R 182 12.63 -47.97 -38.83
N MET R 183 12.00 -48.85 -38.03
CA MET R 183 11.03 -48.39 -37.00
C MET R 183 11.66 -47.71 -35.78
N ILE R 184 11.02 -46.66 -35.25
CA ILE R 184 11.49 -46.04 -33.97
C ILE R 184 10.33 -45.39 -33.21
N TRP R 185 10.46 -45.33 -31.89
CA TRP R 185 9.43 -44.70 -31.02
C TRP R 185 9.05 -43.34 -31.56
N GLN R 186 7.85 -42.88 -31.22
CA GLN R 186 7.44 -41.51 -31.62
C GLN R 186 7.44 -41.36 -33.14
N ASP R 187 7.19 -42.43 -33.91
CA ASP R 187 7.00 -42.28 -35.37
C ASP R 187 8.29 -41.82 -36.05
N ILE R 188 9.38 -41.67 -35.29
CA ILE R 188 10.63 -41.31 -36.01
C ILE R 188 11.02 -42.56 -36.81
N LEU R 189 11.64 -42.38 -37.97
CA LEU R 189 12.11 -43.54 -38.77
C LEU R 189 13.56 -43.34 -39.17
N MET R 190 14.25 -44.42 -39.54
CA MET R 190 15.67 -44.34 -39.97
C MET R 190 15.96 -45.60 -40.77
N LEU R 191 17.20 -45.81 -41.23
CA LEU R 191 17.46 -47.11 -41.91
C LEU R 191 18.94 -47.52 -41.90
N PRO R 192 19.57 -47.92 -40.77
CA PRO R 192 20.95 -48.43 -40.85
C PRO R 192 21.04 -49.72 -41.68
N ILE R 193 22.13 -49.91 -42.42
CA ILE R 193 22.33 -51.14 -43.26
C ILE R 193 23.82 -51.43 -43.55
N VAL R 194 24.14 -52.63 -44.04
CA VAL R 194 25.54 -53.01 -44.38
C VAL R 194 25.91 -52.38 -45.72
N GLY R 195 27.15 -51.88 -45.86
CA GLY R 195 27.54 -51.16 -47.07
C GLY R 195 27.76 -52.03 -48.29
N ILE R 196 28.47 -53.14 -48.18
CA ILE R 196 28.57 -53.97 -49.41
C ILE R 196 27.32 -54.85 -49.42
N ILE R 197 26.40 -54.50 -50.29
CA ILE R 197 25.12 -55.24 -50.26
C ILE R 197 24.69 -55.50 -51.70
N ASP R 198 23.74 -56.41 -51.94
CA ASP R 198 23.19 -56.62 -53.31
C ASP R 198 22.31 -55.45 -53.78
N SER R 199 22.43 -55.07 -55.05
CA SER R 199 21.62 -53.98 -55.65
C SER R 199 20.13 -54.36 -55.67
N LYS R 200 19.85 -55.61 -56.03
CA LYS R 200 18.45 -56.06 -56.07
C LYS R 200 17.91 -56.01 -54.65
N ARG R 201 18.75 -56.35 -53.67
CA ARG R 201 18.35 -56.31 -52.25
C ARG R 201 18.05 -54.87 -51.86
N ALA R 202 18.83 -53.94 -52.40
CA ALA R 202 18.59 -52.51 -52.16
C ALA R 202 17.26 -52.10 -52.75
N GLN R 203 16.92 -52.63 -53.92
CA GLN R 203 15.59 -52.35 -54.49
C GLN R 203 14.55 -52.93 -53.55
N ASP R 204 14.91 -54.04 -52.93
CA ASP R 204 13.97 -54.64 -51.97
C ASP R 204 13.80 -53.61 -50.88
N ILE R 205 14.91 -53.05 -50.44
CA ILE R 205 14.80 -52.10 -49.31
C ILE R 205 13.93 -50.95 -49.81
N MET R 206 14.15 -50.57 -51.05
CA MET R 206 13.35 -49.47 -51.63
C MET R 206 11.88 -49.81 -51.42
N SER R 207 11.52 -51.06 -51.69
CA SER R 207 10.10 -51.48 -51.67
C SER R 207 9.68 -51.45 -50.21
N ALA R 208 10.60 -51.87 -49.36
CA ALA R 208 10.30 -51.96 -47.92
C ALA R 208 9.97 -50.55 -47.43
N VAL R 209 10.76 -49.57 -47.84
CA VAL R 209 10.49 -48.23 -47.29
C VAL R 209 9.11 -47.82 -47.78
N LEU R 210 8.78 -48.10 -49.04
CA LEU R 210 7.46 -47.60 -49.46
C LEU R 210 6.40 -48.23 -48.57
N ASN R 211 6.46 -49.54 -48.43
CA ASN R 211 5.35 -50.15 -47.66
C ASN R 211 5.43 -49.64 -46.24
N LYS R 212 6.65 -49.46 -45.75
CA LYS R 212 6.77 -49.08 -44.33
C LYS R 212 6.07 -47.74 -44.20
N ILE R 213 6.31 -46.89 -45.20
CA ILE R 213 5.75 -45.53 -45.07
C ILE R 213 4.24 -45.68 -45.06
N SER R 214 3.70 -46.53 -45.93
CA SER R 214 2.23 -46.60 -45.86
C SER R 214 1.88 -47.04 -44.47
N GLU R 215 2.56 -48.11 -44.03
CA GLU R 215 2.13 -48.76 -42.78
C GLU R 215 1.92 -47.67 -41.76
N ASN R 216 2.92 -46.85 -41.58
CA ASN R 216 2.64 -45.69 -40.72
C ASN R 216 3.19 -44.56 -41.52
N ARG R 217 2.30 -43.73 -42.01
CA ARG R 217 2.85 -42.54 -42.68
C ARG R 217 3.81 -41.86 -41.68
N ALA R 218 5.05 -41.60 -42.10
CA ALA R 218 6.05 -40.89 -41.24
C ALA R 218 6.72 -39.78 -42.03
N LYS R 219 6.64 -38.51 -41.61
CA LYS R 219 7.42 -37.50 -42.36
C LYS R 219 8.87 -37.70 -41.94
N ILE R 220 9.07 -38.36 -40.80
CA ILE R 220 10.45 -38.51 -40.26
C ILE R 220 10.99 -39.86 -40.71
N PHE R 221 12.16 -39.85 -41.33
CA PHE R 221 12.84 -41.10 -41.74
C PHE R 221 14.32 -40.76 -41.93
N ILE R 222 15.22 -41.73 -41.79
CA ILE R 222 16.64 -41.40 -42.06
C ILE R 222 17.35 -42.54 -42.76
N MET R 223 18.42 -42.21 -43.46
CA MET R 223 19.25 -43.28 -44.04
C MET R 223 20.45 -43.39 -43.12
N ASP R 224 20.61 -44.52 -42.44
CA ASP R 224 21.83 -44.63 -41.62
C ASP R 224 22.79 -45.59 -42.33
N ILE R 225 24.05 -45.18 -42.48
CA ILE R 225 25.04 -46.04 -43.20
C ILE R 225 26.27 -46.12 -42.32
N SER R 226 26.08 -45.93 -41.01
CA SER R 226 27.28 -45.89 -40.14
C SER R 226 28.20 -47.04 -40.52
N GLY R 227 29.48 -46.74 -40.63
CA GLY R 227 30.42 -47.84 -40.92
C GLY R 227 29.97 -48.59 -42.14
N VAL R 228 29.69 -47.90 -43.24
CA VAL R 228 29.17 -48.65 -44.40
C VAL R 228 30.17 -49.76 -44.66
N ALA R 229 29.69 -50.98 -44.87
CA ALA R 229 30.63 -52.13 -44.95
C ALA R 229 31.60 -51.95 -46.11
N VAL R 230 31.10 -51.57 -47.29
CA VAL R 230 32.04 -51.28 -48.41
C VAL R 230 31.38 -50.20 -49.23
N VAL R 231 32.16 -49.22 -49.70
CA VAL R 231 31.62 -48.13 -50.57
C VAL R 231 31.50 -48.65 -52.00
N ASP R 232 30.49 -49.48 -52.27
CA ASP R 232 30.29 -50.05 -53.64
C ASP R 232 29.84 -48.94 -54.61
N THR R 233 30.18 -49.06 -55.89
CA THR R 233 29.84 -48.01 -56.88
C THR R 233 28.32 -47.91 -57.04
N ALA R 234 27.64 -49.01 -57.38
CA ALA R 234 26.17 -48.95 -57.64
C ALA R 234 25.47 -48.63 -56.33
N VAL R 235 26.16 -48.91 -55.23
CA VAL R 235 25.50 -48.70 -53.91
C VAL R 235 25.20 -47.21 -53.76
N ALA R 236 26.12 -46.36 -54.17
CA ALA R 236 25.80 -44.93 -54.10
C ALA R 236 24.49 -44.84 -54.84
N ASN R 237 24.53 -45.26 -56.08
CA ASN R 237 23.35 -45.10 -56.94
C ASN R 237 22.12 -45.33 -56.15
N HIS R 238 22.16 -46.37 -55.36
CA HIS R 238 20.89 -46.65 -54.65
C HIS R 238 20.55 -45.41 -53.84
N PHE R 239 21.40 -45.12 -52.83
CA PHE R 239 21.20 -43.94 -51.94
C PHE R 239 21.14 -42.66 -52.77
N ILE R 240 21.75 -42.61 -53.96
CA ILE R 240 21.56 -41.40 -54.78
C ILE R 240 20.05 -41.35 -55.08
N LYS R 241 19.62 -42.37 -55.80
CA LYS R 241 18.21 -42.38 -56.19
C LYS R 241 17.38 -42.45 -54.93
N ILE R 242 17.83 -43.23 -53.96
CA ILE R 242 17.02 -43.47 -52.74
C ILE R 242 16.85 -42.17 -51.98
N THR R 243 17.93 -41.41 -51.87
CA THR R 243 17.78 -40.22 -51.02
C THR R 243 16.74 -39.39 -51.73
N LYS R 244 16.90 -39.19 -53.04
CA LYS R 244 15.92 -38.31 -53.73
C LYS R 244 14.53 -38.84 -53.41
N ALA R 245 14.41 -40.15 -53.26
CA ALA R 245 13.09 -40.78 -53.08
C ALA R 245 12.36 -40.38 -51.79
N THR R 246 13.08 -40.19 -50.70
CA THR R 246 12.31 -39.89 -49.48
C THR R 246 11.61 -38.57 -49.76
N LYS R 247 12.37 -37.65 -50.33
CA LYS R 247 11.81 -36.33 -50.63
C LYS R 247 10.68 -36.54 -51.63
N LEU R 248 10.86 -37.48 -52.53
CA LEU R 248 9.85 -37.72 -53.58
C LEU R 248 8.53 -38.10 -52.91
N MET R 249 8.57 -38.98 -51.91
CA MET R 249 7.33 -39.27 -51.15
C MET R 249 6.94 -37.97 -50.47
N GLY R 250 7.92 -37.13 -50.22
CA GLY R 250 7.64 -35.93 -49.41
C GLY R 250 8.14 -36.32 -48.06
N CYS R 251 8.64 -37.54 -47.98
CA CYS R 251 9.24 -38.01 -46.71
C CYS R 251 10.57 -37.31 -46.53
N ASP R 252 11.07 -37.26 -45.30
CA ASP R 252 12.41 -36.68 -45.09
C ASP R 252 13.38 -37.84 -44.90
N CYS R 253 14.59 -37.76 -45.46
CA CYS R 253 15.56 -38.84 -45.15
C CYS R 253 16.89 -38.19 -44.78
N LEU R 254 17.58 -38.70 -43.76
CA LEU R 254 18.83 -38.02 -43.33
C LEU R 254 19.96 -39.05 -43.22
N VAL R 255 21.21 -38.64 -43.40
CA VAL R 255 22.33 -39.60 -43.17
C VAL R 255 22.96 -39.30 -41.80
N SER R 256 22.80 -40.21 -40.84
CA SER R 256 23.29 -39.94 -39.47
C SER R 256 24.67 -40.56 -39.23
N GLY R 257 24.92 -41.74 -39.78
CA GLY R 257 26.19 -42.43 -39.51
C GLY R 257 26.81 -42.88 -40.81
N VAL R 258 28.14 -42.93 -40.89
CA VAL R 258 28.83 -43.29 -42.17
C VAL R 258 30.34 -43.34 -41.93
N SER R 259 31.10 -43.85 -42.90
CA SER R 259 32.58 -43.82 -42.77
C SER R 259 33.11 -42.64 -43.59
N PRO R 260 34.32 -42.11 -43.27
CA PRO R 260 34.89 -41.01 -44.06
C PRO R 260 35.54 -41.33 -45.42
N SER R 261 36.35 -42.39 -45.48
CA SER R 261 36.94 -42.78 -46.78
C SER R 261 35.79 -43.25 -47.65
N ILE R 262 34.75 -43.74 -46.99
CA ILE R 262 33.56 -44.13 -47.76
C ILE R 262 33.13 -42.84 -48.44
N ALA R 263 33.10 -41.77 -47.65
CA ALA R 263 32.67 -40.47 -48.19
C ALA R 263 33.66 -40.01 -49.24
N ARG R 264 34.95 -40.25 -48.99
CA ARG R 264 35.90 -39.69 -49.96
C ARG R 264 35.64 -40.38 -51.27
N THR R 265 35.47 -41.69 -51.20
CA THR R 265 35.33 -42.46 -52.44
C THR R 265 34.15 -41.84 -53.16
N MET R 266 33.16 -41.43 -52.38
CA MET R 266 31.97 -40.80 -52.98
C MET R 266 32.35 -39.47 -53.60
N VAL R 267 32.97 -38.60 -52.81
CA VAL R 267 33.22 -37.25 -53.37
C VAL R 267 34.12 -37.44 -54.58
N GLN R 268 35.12 -38.31 -54.46
CA GLN R 268 36.05 -38.58 -55.57
C GLN R 268 35.24 -38.98 -56.80
N LEU R 269 34.00 -39.45 -56.60
CA LEU R 269 33.26 -39.89 -57.81
C LEU R 269 32.90 -38.61 -58.55
N GLY R 270 33.08 -37.49 -57.87
CA GLY R 270 32.77 -36.19 -58.50
C GLY R 270 31.29 -35.95 -58.27
N ILE R 271 30.69 -36.77 -57.42
CA ILE R 271 29.26 -36.57 -57.08
C ILE R 271 29.01 -35.07 -56.85
N ASN R 272 27.88 -34.54 -57.32
CA ASN R 272 27.65 -33.08 -57.21
C ASN R 272 26.22 -32.78 -56.77
N VAL R 273 25.29 -33.66 -57.09
CA VAL R 273 23.84 -33.38 -56.85
C VAL R 273 23.50 -33.27 -55.36
N GLY R 274 24.12 -34.06 -54.50
CA GLY R 274 23.64 -34.09 -53.10
C GLY R 274 23.57 -32.75 -52.41
N GLU R 275 22.40 -32.42 -51.85
CA GLU R 275 22.23 -31.16 -51.07
C GLU R 275 21.12 -31.44 -50.05
N VAL R 276 21.14 -32.62 -49.43
CA VAL R 276 20.04 -33.01 -48.49
C VAL R 276 20.49 -32.78 -47.05
N ARG R 277 19.68 -33.19 -46.09
CA ARG R 277 20.01 -32.99 -44.65
C ARG R 277 20.72 -34.24 -44.11
N THR R 278 21.72 -34.05 -43.23
CA THR R 278 22.43 -35.19 -42.59
C THR R 278 22.67 -34.87 -41.10
N ASN R 279 23.35 -35.76 -40.37
CA ASN R 279 23.56 -35.56 -38.91
C ASN R 279 24.78 -36.35 -38.42
N ALA R 280 25.23 -36.09 -37.18
CA ALA R 280 26.38 -36.82 -36.60
C ALA R 280 25.88 -38.00 -35.76
N THR R 281 25.97 -39.22 -36.29
CA THR R 281 25.57 -40.45 -35.53
C THR R 281 24.07 -40.39 -35.22
N LEU R 282 23.56 -41.43 -34.57
CA LEU R 282 22.14 -41.40 -34.16
C LEU R 282 21.98 -40.37 -33.03
N ARG R 283 23.04 -39.61 -32.72
CA ARG R 283 22.90 -38.71 -31.56
C ARG R 283 22.35 -37.39 -32.07
N ASP R 284 23.12 -36.74 -32.94
CA ASP R 284 22.67 -35.45 -33.53
C ASP R 284 21.45 -35.71 -34.41
N ALA R 285 21.22 -36.95 -34.86
CA ALA R 285 20.02 -37.11 -35.72
C ALA R 285 18.78 -36.95 -34.85
N LEU R 286 18.78 -37.61 -33.70
CA LEU R 286 17.61 -37.57 -32.80
C LEU R 286 17.49 -36.15 -32.28
N GLU R 287 18.63 -35.55 -32.00
CA GLU R 287 18.50 -34.21 -31.38
C GLU R 287 17.69 -33.39 -32.38
N ASN R 288 18.08 -33.47 -33.63
CA ASN R 288 17.37 -32.68 -34.65
C ASN R 288 15.94 -33.19 -34.69
N ALA R 289 15.78 -34.51 -34.58
CA ALA R 289 14.38 -34.93 -34.78
C ALA R 289 13.56 -34.40 -33.63
N PHE R 290 14.06 -34.50 -32.40
CA PHE R 290 13.27 -34.07 -31.23
C PHE R 290 13.08 -32.57 -31.32
N LYS R 291 13.75 -31.96 -32.30
CA LYS R 291 13.62 -30.49 -32.52
C LYS R 291 12.61 -30.25 -33.64
N ILE R 292 12.65 -31.15 -34.62
CA ILE R 292 11.60 -31.17 -35.65
C ILE R 292 10.44 -31.72 -34.85
N VAL R 293 10.73 -32.14 -33.61
CA VAL R 293 9.67 -32.68 -32.70
C VAL R 293 9.61 -31.79 -31.45
N GLU S 169 70.95 -27.65 37.36
CA GLU S 169 70.38 -27.14 36.13
C GLU S 169 68.98 -27.74 35.89
N GLN S 170 68.83 -29.02 36.19
CA GLN S 170 67.53 -29.68 36.01
C GLN S 170 66.49 -29.05 36.93
N SER S 171 66.88 -28.58 38.11
CA SER S 171 65.89 -27.88 38.92
C SER S 171 65.42 -26.67 38.08
N GLU S 172 66.41 -25.83 37.75
CA GLU S 172 66.03 -24.57 37.07
C GLU S 172 65.32 -24.97 35.79
N ALA S 173 65.68 -26.13 35.24
CA ALA S 173 64.97 -26.62 34.04
C ALA S 173 63.53 -26.89 34.44
N LEU S 174 63.30 -27.40 35.65
CA LEU S 174 61.93 -27.66 36.15
C LEU S 174 61.19 -26.33 36.29
N LEU S 175 61.90 -25.38 36.90
CA LEU S 175 61.30 -24.06 37.15
C LEU S 175 60.97 -23.48 35.78
N ALA S 176 61.79 -23.84 34.79
CA ALA S 176 61.56 -23.33 33.43
C ALA S 176 60.18 -23.82 33.01
N MET S 177 59.81 -25.03 33.39
CA MET S 177 58.54 -25.63 32.92
C MET S 177 57.25 -24.97 33.42
N SER S 178 57.13 -24.62 34.70
CA SER S 178 55.82 -24.15 35.23
C SER S 178 55.27 -22.83 34.66
N THR S 179 56.12 -21.83 34.46
CA THR S 179 55.59 -20.50 34.02
C THR S 179 54.93 -20.57 32.64
N PRO S 180 55.48 -21.29 31.63
CA PRO S 180 54.78 -21.45 30.35
C PRO S 180 53.47 -22.22 30.54
N VAL S 181 53.51 -23.25 31.37
CA VAL S 181 52.29 -24.08 31.55
C VAL S 181 51.27 -23.21 32.28
N THR S 182 51.66 -22.03 32.73
CA THR S 182 50.64 -21.09 33.27
C THR S 182 50.11 -20.13 32.19
N MET S 183 50.98 -19.51 31.39
CA MET S 183 50.55 -18.43 30.46
C MET S 183 49.74 -18.91 29.25
N ILE S 184 48.72 -18.15 28.84
CA ILE S 184 47.98 -18.47 27.57
C ILE S 184 47.38 -17.21 26.94
N TRP S 185 47.23 -17.23 25.62
CA TRP S 185 46.64 -16.09 24.87
C TRP S 185 45.34 -15.64 25.54
N GLN S 186 44.96 -14.38 25.32
CA GLN S 186 43.66 -13.91 25.83
C GLN S 186 43.60 -14.01 27.36
N ASP S 187 44.74 -13.90 28.07
CA ASP S 187 44.70 -13.83 29.55
C ASP S 187 44.17 -15.13 30.16
N ILE S 188 43.88 -16.14 29.34
CA ILE S 188 43.47 -17.42 29.99
C ILE S 188 44.73 -17.96 30.67
N LEU S 189 44.57 -18.66 31.79
CA LEU S 189 45.74 -19.27 32.47
C LEU S 189 45.45 -20.73 32.77
N MET S 190 46.49 -21.53 33.02
CA MET S 190 46.32 -22.96 33.35
C MET S 190 47.61 -23.42 34.04
N LEU S 191 47.74 -24.70 34.39
CA LEU S 191 49.05 -25.11 34.96
C LEU S 191 49.32 -26.61 34.81
N PRO S 192 49.61 -27.18 33.61
CA PRO S 192 50.02 -28.59 33.56
C PRO S 192 51.35 -28.85 34.29
N ILE S 193 51.50 -30.01 34.93
CA ILE S 193 52.75 -30.36 35.66
C ILE S 193 52.93 -31.89 35.82
N VAL S 194 54.13 -32.32 36.21
CA VAL S 194 54.42 -33.78 36.42
C VAL S 194 53.84 -34.22 37.77
N GLY S 195 53.26 -35.41 37.84
CA GLY S 195 52.57 -35.85 39.08
C GLY S 195 53.50 -36.22 40.21
N ILE S 196 54.55 -37.00 39.97
CA ILE S 196 55.45 -37.27 41.13
C ILE S 196 56.41 -36.10 41.18
N ILE S 197 56.20 -35.22 42.13
CA ILE S 197 57.04 -34.00 42.15
C ILE S 197 57.42 -33.71 43.60
N ASP S 198 58.42 -32.85 43.84
CA ASP S 198 58.75 -32.43 45.24
C ASP S 198 57.69 -31.50 45.84
N SER S 199 57.38 -31.70 47.13
CA SER S 199 56.39 -30.85 47.86
C SER S 199 56.89 -29.41 47.97
N LYS S 200 58.17 -29.25 48.25
CA LYS S 200 58.75 -27.90 48.36
C LYS S 200 58.65 -27.24 46.99
N ARG S 201 58.86 -28.03 45.94
CA ARG S 201 58.77 -27.51 44.55
C ARG S 201 57.34 -27.08 44.30
N ALA S 202 56.39 -27.83 44.84
CA ALA S 202 54.96 -27.46 44.71
C ALA S 202 54.70 -26.14 45.42
N GLN S 203 55.32 -25.95 46.57
CA GLN S 203 55.19 -24.64 47.26
C GLN S 203 55.79 -23.59 46.35
N ASP S 204 56.83 -23.99 45.65
CA ASP S 204 57.45 -23.02 44.72
C ASP S 204 56.37 -22.68 43.72
N ILE S 205 55.69 -23.70 43.24
CA ILE S 205 54.69 -23.44 42.17
C ILE S 205 53.65 -22.53 42.81
N MET S 206 53.32 -22.80 44.07
CA MET S 206 52.33 -21.97 44.77
C MET S 206 52.78 -20.52 44.65
N SER S 207 54.07 -20.28 44.86
CA SER S 207 54.60 -18.90 44.92
C SER S 207 54.52 -18.37 43.50
N ALA S 208 54.80 -19.25 42.56
CA ALA S 208 54.82 -18.84 41.15
C ALA S 208 53.42 -18.37 40.78
N VAL S 209 52.41 -19.10 41.19
CA VAL S 209 51.07 -18.69 40.75
C VAL S 209 50.80 -17.33 41.37
N LEU S 210 51.17 -17.13 42.62
CA LEU S 210 50.81 -15.80 43.18
C LEU S 210 51.47 -14.73 42.33
N ASN S 211 52.76 -14.87 42.10
CA ASN S 211 53.42 -13.77 41.37
C ASN S 211 52.81 -13.69 39.98
N LYS S 212 52.50 -14.85 39.42
CA LYS S 212 52.02 -14.82 38.01
C LYS S 212 50.74 -14.02 38.04
N ILE S 213 49.95 -14.27 39.06
CA ILE S 213 48.63 -13.60 39.07
C ILE S 213 48.91 -12.11 39.17
N SER S 214 49.83 -11.71 40.01
CA SER S 214 50.04 -10.25 40.05
C SER S 214 50.41 -9.83 38.66
N GLU S 215 51.39 -10.54 38.11
CA GLU S 215 51.99 -10.07 36.85
C GLU S 215 50.86 -9.69 35.92
N ASN S 216 49.95 -10.62 35.72
CA ASN S 216 48.78 -10.18 34.97
C ASN S 216 47.65 -10.71 35.80
N ARG S 217 46.93 -9.79 36.41
CA ARG S 217 45.74 -10.30 37.12
C ARG S 217 44.93 -11.12 36.10
N ALA S 218 44.59 -12.38 36.44
CA ALA S 218 43.75 -13.24 35.56
C ALA S 218 42.63 -13.89 36.37
N LYS S 219 41.36 -13.67 36.04
CA LYS S 219 40.33 -14.45 36.80
C LYS S 219 40.39 -15.87 36.26
N ILE S 220 40.96 -16.02 35.07
CA ILE S 220 40.97 -17.35 34.42
C ILE S 220 42.29 -18.04 34.73
N PHE S 221 42.22 -19.25 35.26
CA PHE S 221 43.44 -20.05 35.52
C PHE S 221 42.99 -21.50 35.64
N ILE S 222 43.87 -22.46 35.37
CA ILE S 222 43.45 -23.88 35.55
C ILE S 222 44.56 -24.72 36.12
N MET S 223 44.19 -25.82 36.77
CA MET S 223 45.23 -26.77 37.21
C MET S 223 45.18 -27.89 36.19
N ASP S 224 46.25 -28.08 35.43
CA ASP S 224 46.21 -29.25 34.51
C ASP S 224 47.13 -30.32 35.09
N ILE S 225 46.64 -31.55 35.17
CA ILE S 225 47.44 -32.66 35.76
C ILE S 225 47.37 -33.83 34.79
N SER S 226 47.12 -33.52 33.52
CA SER S 226 46.94 -34.64 32.56
C SER S 226 48.04 -35.66 32.78
N GLY S 227 47.63 -36.94 32.83
CA GLY S 227 48.66 -37.97 32.96
C GLY S 227 49.53 -37.68 34.16
N VAL S 228 48.91 -37.44 35.33
CA VAL S 228 49.79 -37.05 36.47
C VAL S 228 50.82 -38.17 36.58
N ALA S 229 52.09 -37.80 36.73
CA ALA S 229 53.17 -38.82 36.68
C ALA S 229 52.98 -39.87 37.77
N VAL S 230 52.71 -39.44 38.99
CA VAL S 230 52.43 -40.43 40.07
C VAL S 230 51.44 -39.76 41.01
N VAL S 231 50.44 -40.51 41.48
CA VAL S 231 49.46 -39.95 42.45
C VAL S 231 50.07 -39.98 43.85
N ASP S 232 51.00 -39.06 44.15
CA ASP S 232 51.66 -39.01 45.48
C ASP S 232 50.65 -38.56 46.54
N THR S 233 50.83 -39.01 47.79
CA THR S 233 49.87 -38.66 48.88
C THR S 233 49.90 -37.16 49.16
N ALA S 234 51.07 -36.60 49.47
CA ALA S 234 51.15 -35.16 49.83
C ALA S 234 50.81 -34.32 48.62
N VAL S 235 50.96 -34.94 47.46
CA VAL S 235 50.72 -34.18 46.20
C VAL S 235 49.26 -33.74 46.17
N ALA S 236 48.36 -34.63 46.57
CA ALA S 236 46.95 -34.20 46.62
C ALA S 236 47.01 -32.95 47.45
N ASN S 237 47.51 -33.12 48.66
CA ASN S 237 47.51 -32.00 49.62
C ASN S 237 47.78 -30.73 48.90
N HIS S 238 48.77 -30.78 48.04
CA HIS S 238 49.10 -29.49 47.41
C HIS S 238 47.85 -29.00 46.71
N PHE S 239 47.42 -29.74 45.67
CA PHE S 239 46.21 -29.40 44.88
C PHE S 239 44.99 -29.29 45.79
N ILE S 240 44.97 -29.98 46.94
CA ILE S 240 43.84 -29.76 47.85
C ILE S 240 43.92 -28.29 48.27
N LYS S 241 45.02 -28.00 48.94
CA LYS S 241 45.18 -26.62 49.43
C LYS S 241 45.22 -25.70 48.23
N ILE S 242 45.91 -26.14 47.18
CA ILE S 242 46.14 -25.25 46.01
C ILE S 242 44.82 -24.93 45.36
N THR S 243 43.96 -25.93 45.21
CA THR S 243 42.74 -25.63 44.47
C THR S 243 42.03 -24.58 45.30
N LYS S 244 42.02 -24.84 46.61
CA LYS S 244 41.22 -23.88 47.39
C LYS S 244 41.81 -22.49 47.20
N ALA S 245 43.12 -22.38 47.35
CA ALA S 245 43.71 -21.03 47.36
C ALA S 245 43.44 -20.33 46.04
N THR S 246 43.67 -21.03 44.95
CA THR S 246 43.55 -20.34 43.66
C THR S 246 42.15 -19.86 43.44
N LYS S 247 41.18 -20.73 43.67
CA LYS S 247 39.84 -20.26 43.31
C LYS S 247 39.51 -19.08 44.20
N LEU S 248 39.82 -19.23 45.47
CA LEU S 248 39.37 -18.22 46.43
C LEU S 248 40.15 -16.91 46.29
N MET S 249 41.22 -16.94 45.53
CA MET S 249 41.94 -15.70 45.21
C MET S 249 40.96 -14.84 44.44
N GLY S 250 39.92 -15.48 43.93
CA GLY S 250 39.02 -14.74 43.04
C GLY S 250 39.54 -15.08 41.67
N CYS S 251 40.56 -15.94 41.67
CA CYS S 251 41.12 -16.38 40.38
C CYS S 251 40.76 -17.85 40.20
N ASP S 252 39.73 -18.15 39.44
CA ASP S 252 39.22 -19.54 39.31
C ASP S 252 40.33 -20.54 38.95
N CYS S 253 40.20 -21.82 39.34
CA CYS S 253 41.18 -22.85 38.89
C CYS S 253 40.39 -24.09 38.45
N LEU S 254 40.78 -24.74 37.35
CA LEU S 254 39.98 -25.89 36.89
C LEU S 254 40.91 -27.08 36.62
N VAL S 255 40.41 -28.32 36.75
CA VAL S 255 41.26 -29.48 36.36
C VAL S 255 40.83 -29.97 34.98
N SER S 256 41.68 -29.81 33.97
CA SER S 256 41.29 -30.18 32.59
C SER S 256 41.79 -31.56 32.20
N GLY S 257 42.98 -31.95 32.65
CA GLY S 257 43.54 -33.24 32.23
C GLY S 257 44.02 -33.99 33.46
N VAL S 258 43.97 -35.33 33.44
CA VAL S 258 44.35 -36.14 34.64
C VAL S 258 44.25 -37.63 34.28
N SER S 259 44.76 -38.50 35.15
CA SER S 259 44.61 -39.96 34.92
C SER S 259 43.43 -40.46 35.77
N PRO S 260 42.79 -41.59 35.41
CA PRO S 260 41.69 -42.15 36.22
C PRO S 260 42.05 -42.92 37.50
N SER S 261 43.04 -43.81 37.43
CA SER S 261 43.46 -44.52 38.65
C SER S 261 44.08 -43.49 39.57
N ILE S 262 44.61 -42.44 38.96
CA ILE S 262 45.14 -41.34 39.79
C ILE S 262 43.94 -40.88 40.59
N ALA S 263 42.83 -40.71 39.88
CA ALA S 263 41.59 -40.23 40.54
C ALA S 263 41.12 -41.26 41.53
N ARG S 264 41.24 -42.53 41.17
CA ARG S 264 40.67 -43.51 42.11
C ARG S 264 41.46 -43.41 43.38
N THR S 265 42.78 -43.34 43.23
CA THR S 265 43.62 -43.35 44.42
C THR S 265 43.14 -42.19 45.28
N MET S 266 42.77 -41.11 44.60
CA MET S 266 42.28 -39.93 45.32
C MET S 266 40.97 -40.26 46.00
N VAL S 267 40.00 -40.74 45.23
CA VAL S 267 38.68 -40.93 45.86
C VAL S 267 38.86 -41.93 46.98
N GLN S 268 39.63 -42.98 46.73
CA GLN S 268 39.90 -44.03 47.76
C GLN S 268 40.45 -43.34 49.01
N LEU S 269 41.00 -42.14 48.87
CA LEU S 269 41.57 -41.52 50.09
C LEU S 269 40.37 -41.14 50.95
N GLY S 270 39.19 -41.18 50.34
CA GLY S 270 37.97 -40.81 51.07
C GLY S 270 37.84 -39.31 50.98
N ILE S 271 38.65 -38.70 50.11
CA ILE S 271 38.55 -37.22 49.90
C ILE S 271 37.07 -36.86 49.78
N ASN S 272 36.66 -35.73 50.37
CA ASN S 272 35.21 -35.38 50.37
C ASN S 272 35.00 -33.90 50.06
N VAL S 273 35.98 -33.07 50.40
CA VAL S 273 35.79 -31.59 50.28
C VAL S 273 35.61 -31.11 48.83
N GLY S 274 36.31 -31.72 47.87
CA GLY S 274 36.30 -31.14 46.52
C GLY S 274 34.92 -30.92 45.94
N GLU S 275 34.65 -29.69 45.49
CA GLU S 275 33.36 -29.36 44.80
C GLU S 275 33.67 -28.20 43.85
N VAL S 276 34.80 -28.25 43.15
CA VAL S 276 35.22 -27.12 42.27
C VAL S 276 34.86 -27.44 40.81
N ARG S 277 35.28 -26.59 39.89
CA ARG S 277 34.96 -26.79 38.45
C ARG S 277 36.12 -27.55 37.78
N THR S 278 35.80 -28.44 36.84
CA THR S 278 36.83 -29.19 36.07
C THR S 278 36.40 -29.29 34.61
N ASN S 279 37.19 -29.99 33.76
CA ASN S 279 36.88 -30.06 32.31
C ASN S 279 37.53 -31.29 31.67
N ALA S 280 37.17 -31.62 30.43
CA ALA S 280 37.76 -32.78 29.72
C ALA S 280 38.93 -32.31 28.83
N THR S 281 40.17 -32.53 29.26
CA THR S 281 41.38 -32.16 28.47
C THR S 281 41.42 -30.64 28.27
N LEU S 282 42.46 -30.16 27.58
CA LEU S 282 42.51 -28.71 27.29
C LEU S 282 41.44 -28.39 26.25
N ARG S 283 40.57 -29.35 25.91
CA ARG S 283 39.61 -29.07 24.82
C ARG S 283 38.38 -28.46 25.46
N ASP S 284 37.72 -29.25 26.32
CA ASP S 284 36.52 -28.74 27.02
C ASP S 284 36.92 -27.61 27.97
N ALA S 285 38.20 -27.51 28.36
CA ALA S 285 38.51 -26.41 29.28
C ALA S 285 38.40 -25.09 28.53
N LEU S 286 38.98 -25.05 27.34
CA LEU S 286 38.98 -23.81 26.53
C LEU S 286 37.55 -23.54 26.12
N GLU S 287 36.84 -24.62 25.78
CA GLU S 287 35.48 -24.32 25.28
C GLU S 287 34.80 -23.54 26.38
N ASN S 288 34.91 -24.04 27.60
CA ASN S 288 34.26 -23.35 28.72
C ASN S 288 34.88 -21.97 28.83
N ALA S 289 36.19 -21.90 28.65
CA ALA S 289 36.75 -20.57 28.91
C ALA S 289 36.21 -19.61 27.87
N PHE S 290 36.19 -20.03 26.60
CA PHE S 290 35.76 -19.11 25.52
C PHE S 290 34.28 -18.82 25.73
N LYS S 291 33.69 -19.51 26.70
CA LYS S 291 32.25 -19.29 27.03
C LYS S 291 32.16 -18.35 28.24
N ILE S 292 33.12 -18.54 29.14
CA ILE S 292 33.27 -17.59 30.25
C ILE S 292 33.87 -16.40 29.49
N VAL S 293 34.19 -16.63 28.21
CA VAL S 293 34.76 -15.55 27.35
C VAL S 293 33.80 -15.31 26.18
N GLU T 169 64.97 -40.63 35.92
CA GLU T 169 63.60 -40.15 36.06
C GLU T 169 63.46 -38.76 35.42
N GLN T 170 64.47 -37.91 35.62
CA GLN T 170 64.43 -36.57 35.06
C GLN T 170 64.40 -36.63 33.53
N SER T 171 65.03 -37.62 32.93
CA SER T 171 64.91 -37.74 31.48
C SER T 171 63.40 -37.92 31.20
N GLU T 172 62.87 -39.00 31.78
CA GLU T 172 61.47 -39.34 31.46
C GLU T 172 60.62 -38.15 31.86
N ALA T 173 61.08 -37.42 32.88
CA ALA T 173 60.35 -36.20 33.28
C ALA T 173 60.44 -35.21 32.11
N LEU T 174 61.57 -35.17 31.42
CA LEU T 174 61.75 -34.27 30.25
C LEU T 174 60.80 -34.72 29.14
N LEU T 175 60.79 -36.03 28.93
CA LEU T 175 59.96 -36.62 27.86
C LEU T 175 58.52 -36.29 28.22
N ALA T 176 58.27 -36.22 29.53
CA ALA T 176 56.90 -35.91 29.99
C ALA T 176 56.54 -34.53 29.45
N MET T 177 57.52 -33.62 29.42
CA MET T 177 57.24 -32.22 29.03
C MET T 177 56.82 -31.99 27.56
N SER T 178 57.48 -32.63 26.58
CA SER T 178 57.22 -32.27 25.15
C SER T 178 55.81 -32.57 24.62
N THR T 179 55.23 -33.72 24.97
CA THR T 179 53.92 -34.10 24.36
C THR T 179 52.81 -33.11 24.74
N PRO T 180 52.70 -32.63 26.01
CA PRO T 180 51.71 -31.60 26.34
C PRO T 180 52.00 -30.31 25.58
N VAL T 181 53.28 -29.95 25.49
CA VAL T 181 53.63 -28.67 24.82
C VAL T 181 53.31 -28.83 23.35
N THR T 182 52.97 -30.04 22.92
CA THR T 182 52.48 -30.18 21.52
C THR T 182 50.94 -30.09 21.43
N MET T 183 50.20 -30.77 22.30
CA MET T 183 48.71 -30.87 22.14
C MET T 183 47.95 -29.59 22.47
N ILE T 184 46.90 -29.27 21.72
CA ILE T 184 46.02 -28.11 22.06
C ILE T 184 44.59 -28.33 21.54
N TRP T 185 43.61 -27.74 22.24
CA TRP T 185 42.19 -27.84 21.84
C TRP T 185 42.04 -27.52 20.36
N GLN T 186 40.97 -28.02 19.75
CA GLN T 186 40.69 -27.67 18.34
C GLN T 186 41.83 -28.11 17.42
N ASP T 187 42.56 -29.19 17.77
CA ASP T 187 43.56 -29.75 16.83
C ASP T 187 44.70 -28.77 16.58
N ILE T 188 44.69 -27.61 17.23
CA ILE T 188 45.87 -26.73 17.03
C ILE T 188 47.04 -27.44 17.72
N LEU T 189 48.26 -27.28 17.20
CA LEU T 189 49.44 -27.89 17.85
C LEU T 189 50.54 -26.84 18.01
N MET T 190 51.49 -27.09 18.90
CA MET T 190 52.62 -26.15 19.11
C MET T 190 53.74 -26.94 19.77
N LEU T 191 54.87 -26.30 20.14
CA LEU T 191 55.88 -27.10 20.88
C LEU T 191 56.82 -26.23 21.73
N PRO T 192 56.40 -25.60 22.86
CA PRO T 192 57.39 -24.91 23.71
C PRO T 192 58.43 -25.88 24.31
N ILE T 193 59.68 -25.44 24.46
CA ILE T 193 60.77 -26.30 25.04
C ILE T 193 61.91 -25.46 25.64
N VAL T 194 62.79 -26.09 26.42
CA VAL T 194 63.96 -25.41 27.05
C VAL T 194 65.05 -25.22 25.99
N GLY T 195 65.73 -24.08 25.98
CA GLY T 195 66.71 -23.79 24.92
C GLY T 195 68.01 -24.56 25.03
N ILE T 196 68.62 -24.64 26.22
CA ILE T 196 69.85 -25.48 26.25
C ILE T 196 69.37 -26.90 26.48
N ILE T 197 69.43 -27.69 25.42
CA ILE T 197 68.87 -29.06 25.55
C ILE T 197 69.82 -30.02 24.84
N ASP T 198 69.70 -31.33 25.09
CA ASP T 198 70.50 -32.34 24.34
C ASP T 198 70.06 -32.47 22.87
N SER T 199 71.02 -32.61 21.96
CA SER T 199 70.73 -32.79 20.50
C SER T 199 70.00 -34.11 20.25
N LYS T 200 70.44 -35.16 20.94
CA LYS T 200 69.79 -36.47 20.77
C LYS T 200 68.36 -36.34 21.27
N ARG T 201 68.18 -35.58 22.36
CA ARG T 201 66.83 -35.36 22.92
C ARG T 201 65.99 -34.62 21.90
N ALA T 202 66.61 -33.69 21.17
CA ALA T 202 65.91 -32.95 20.12
C ALA T 202 65.49 -33.91 19.01
N GLN T 203 66.35 -34.87 18.69
CA GLN T 203 65.96 -35.89 17.70
C GLN T 203 64.79 -36.66 18.27
N ASP T 204 64.81 -36.82 19.58
CA ASP T 204 63.68 -37.53 20.21
C ASP T 204 62.46 -36.68 19.91
N ILE T 205 62.60 -35.38 20.11
CA ILE T 205 61.42 -34.53 19.94
C ILE T 205 61.01 -34.68 18.47
N MET T 206 62.00 -34.73 17.60
CA MET T 206 61.70 -34.88 16.16
C MET T 206 60.80 -36.10 16.01
N SER T 207 61.12 -37.18 16.71
CA SER T 207 60.41 -38.46 16.53
C SER T 207 59.02 -38.25 17.12
N ALA T 208 59.00 -37.50 18.23
CA ALA T 208 57.73 -37.28 18.93
C ALA T 208 56.80 -36.54 17.99
N VAL T 209 57.30 -35.54 17.30
CA VAL T 209 56.37 -34.76 16.45
C VAL T 209 55.85 -35.72 15.38
N LEU T 210 56.72 -36.56 14.82
CA LEU T 210 56.17 -37.39 13.73
C LEU T 210 55.04 -38.23 14.31
N ASN T 211 55.29 -38.90 15.42
CA ASN T 211 54.23 -39.80 15.90
C ASN T 211 53.03 -38.94 16.28
N LYS T 212 53.30 -37.78 16.84
CA LYS T 212 52.15 -36.98 17.31
C LYS T 212 51.32 -36.68 16.09
N ILE T 213 52.00 -36.35 15.01
CA ILE T 213 51.23 -35.93 13.82
C ILE T 213 50.40 -37.14 13.41
N SER T 214 50.99 -38.32 13.41
CA SER T 214 50.12 -39.44 12.98
C SER T 214 48.95 -39.46 13.93
N GLU T 215 49.27 -39.42 15.22
CA GLU T 215 48.22 -39.68 16.22
C GLU T 215 47.03 -38.84 15.84
N ASN T 216 47.25 -37.56 15.65
CA ASN T 216 46.12 -36.81 15.11
C ASN T 216 46.76 -36.03 14.01
N ARG T 217 46.41 -36.37 12.79
CA ARG T 217 46.94 -35.52 11.72
C ARG T 217 46.53 -34.07 12.06
N ALA T 218 47.50 -33.14 12.08
CA ALA T 218 47.21 -31.71 12.34
C ALA T 218 47.92 -30.83 11.30
N LYS T 219 47.22 -30.02 10.52
CA LYS T 219 47.98 -29.12 9.63
C LYS T 219 48.54 -28.02 10.52
N ILE T 220 47.94 -27.86 11.68
CA ILE T 220 48.34 -26.74 12.59
C ILE T 220 49.36 -27.27 13.59
N PHE T 221 50.50 -26.61 13.67
CA PHE T 221 51.53 -26.98 14.67
C PHE T 221 52.44 -25.77 14.83
N ILE T 222 53.11 -25.61 15.97
CA ILE T 222 54.04 -24.45 16.08
C ILE T 222 55.29 -24.84 16.86
N MET T 223 56.36 -24.10 16.62
CA MET T 223 57.57 -24.31 17.44
C MET T 223 57.55 -23.17 18.44
N ASP T 224 57.42 -23.47 19.72
CA ASP T 224 57.51 -22.34 20.68
C ASP T 224 58.86 -22.44 21.39
N ILE T 225 59.59 -21.32 21.44
CA ILE T 225 60.93 -21.33 22.09
C ILE T 225 60.98 -20.16 23.04
N SER T 226 59.81 -19.74 23.51
CA SER T 226 59.80 -18.54 24.37
C SER T 226 60.92 -18.64 25.40
N GLY T 227 61.67 -17.56 25.56
CA GLY T 227 62.71 -17.60 26.59
C GLY T 227 63.60 -18.80 26.39
N VAL T 228 64.12 -18.97 25.16
CA VAL T 228 64.92 -20.21 24.95
C VAL T 228 65.98 -20.19 26.04
N ALA T 229 66.19 -21.33 26.71
CA ALA T 229 67.09 -21.33 27.88
C ALA T 229 68.50 -20.91 27.49
N VAL T 230 69.03 -21.47 26.41
CA VAL T 230 70.36 -21.00 25.94
C VAL T 230 70.34 -21.16 24.42
N VAL T 231 70.90 -20.18 23.70
CA VAL T 231 70.97 -20.25 22.21
C VAL T 231 72.17 -21.14 21.82
N ASP T 232 72.01 -22.47 21.96
CA ASP T 232 73.10 -23.42 21.62
C ASP T 232 73.30 -23.45 20.10
N THR T 233 74.54 -23.71 19.64
CA THR T 233 74.84 -23.71 18.19
C THR T 233 74.07 -24.82 17.48
N ALA T 234 74.23 -26.08 17.92
CA ALA T 234 73.58 -27.22 17.22
C ALA T 234 72.08 -27.09 17.39
N VAL T 235 71.68 -26.37 18.41
CA VAL T 235 70.23 -26.27 18.72
C VAL T 235 69.55 -25.58 17.54
N ALA T 236 70.18 -24.54 16.99
CA ALA T 236 69.56 -23.94 15.80
C ALA T 236 69.36 -25.11 14.88
N ASN T 237 70.47 -25.76 14.57
CA ASN T 237 70.42 -26.84 13.58
C ASN T 237 69.15 -27.60 13.73
N HIS T 238 68.83 -27.90 14.96
CA HIS T 238 67.64 -28.74 15.10
C HIS T 238 66.48 -28.00 14.45
N PHE T 239 66.11 -26.85 15.04
CA PHE T 239 65.01 -26.00 14.53
C PHE T 239 65.27 -25.60 13.07
N ILE T 240 66.53 -25.55 12.64
CA ILE T 240 66.75 -25.27 11.20
C ILE T 240 66.11 -26.46 10.47
N LYS T 241 66.69 -27.61 10.74
CA LYS T 241 66.18 -28.81 10.03
C LYS T 241 64.73 -29.02 10.45
N ILE T 242 64.46 -28.79 11.72
CA ILE T 242 63.11 -29.10 12.25
C ILE T 242 62.08 -28.22 11.58
N THR T 243 62.40 -26.94 11.44
CA THR T 243 61.36 -26.07 10.90
C THR T 243 61.09 -26.60 9.52
N LYS T 244 62.15 -26.82 8.76
CA LYS T 244 61.92 -27.43 7.44
C LYS T 244 61.06 -28.67 7.61
N ALA T 245 61.24 -29.40 8.69
CA ALA T 245 60.56 -30.71 8.85
C ALA T 245 59.04 -30.61 8.90
N THR T 246 58.49 -29.59 9.53
CA THR T 246 57.01 -29.61 9.61
C THR T 246 56.49 -29.52 8.18
N LYS T 247 57.10 -28.64 7.40
CA LYS T 247 56.69 -28.44 6.01
C LYS T 247 56.95 -29.70 5.21
N LEU T 248 57.98 -30.45 5.61
CA LEU T 248 58.31 -31.71 4.94
C LEU T 248 57.16 -32.68 5.16
N MET T 249 56.67 -32.75 6.39
CA MET T 249 55.50 -33.60 6.66
C MET T 249 54.41 -33.02 5.78
N GLY T 250 54.42 -31.71 5.66
CA GLY T 250 53.37 -31.01 4.93
C GLY T 250 52.64 -30.26 5.99
N CYS T 251 53.12 -30.40 7.22
CA CYS T 251 52.52 -29.69 8.38
C CYS T 251 52.99 -28.25 8.40
N ASP T 252 52.33 -27.40 9.20
CA ASP T 252 52.76 -25.99 9.34
C ASP T 252 53.47 -25.84 10.68
N CYS T 253 54.56 -25.07 10.75
CA CYS T 253 55.16 -24.86 12.11
C CYS T 253 55.46 -23.37 12.27
N LEU T 254 55.20 -22.80 13.46
CA LEU T 254 55.40 -21.33 13.59
C LEU T 254 56.22 -21.06 14.84
N VAL T 255 56.98 -19.96 14.88
CA VAL T 255 57.69 -19.61 16.16
C VAL T 255 56.91 -18.49 16.85
N SER T 256 56.31 -18.80 18.00
CA SER T 256 55.45 -17.79 18.69
C SER T 256 56.21 -17.06 19.79
N GLY T 257 57.10 -17.75 20.50
CA GLY T 257 57.79 -17.11 21.64
C GLY T 257 59.27 -17.36 21.52
N VAL T 258 60.11 -16.44 22.00
CA VAL T 258 61.59 -16.58 21.86
C VAL T 258 62.27 -15.42 22.56
N SER T 259 63.59 -15.48 22.72
CA SER T 259 64.34 -14.34 23.30
C SER T 259 64.96 -13.54 22.14
N PRO T 260 65.27 -12.25 22.32
CA PRO T 260 65.93 -11.46 21.27
C PRO T 260 67.44 -11.64 21.04
N SER T 261 68.22 -11.67 22.11
CA SER T 261 69.67 -11.92 21.95
C SER T 261 69.81 -13.33 21.45
N ILE T 262 68.84 -14.16 21.80
CA ILE T 262 68.85 -15.54 21.27
C ILE T 262 68.80 -15.34 19.77
N ALA T 263 67.90 -14.47 19.34
CA ALA T 263 67.74 -14.23 17.90
C ALA T 263 68.99 -13.59 17.36
N ARG T 264 69.59 -12.69 18.12
CA ARG T 264 70.75 -12.01 17.53
C ARG T 264 71.80 -13.06 17.29
N THR T 265 71.99 -13.92 18.27
CA THR T 265 73.07 -14.90 18.17
C THR T 265 72.80 -15.66 16.89
N MET T 266 71.52 -15.88 16.63
CA MET T 266 71.14 -16.61 15.40
C MET T 266 71.49 -15.78 14.18
N VAL T 267 71.01 -14.54 14.15
CA VAL T 267 71.23 -13.78 12.90
C VAL T 267 72.73 -13.65 12.73
N GLN T 268 73.43 -13.36 13.83
CA GLN T 268 74.92 -13.21 13.79
C GLN T 268 75.50 -14.48 13.16
N LEU T 269 74.77 -15.60 13.19
CA LEU T 269 75.40 -16.82 12.64
C LEU T 269 75.44 -16.60 11.13
N GLY T 270 74.72 -15.58 10.68
CA GLY T 270 74.69 -15.29 9.24
C GLY T 270 73.61 -16.16 8.64
N ILE T 271 72.81 -16.78 9.51
CA ILE T 271 71.67 -17.61 9.02
C ILE T 271 70.97 -16.84 7.89
N ASN T 272 70.55 -17.54 6.83
CA ASN T 272 69.95 -16.83 5.68
C ASN T 272 68.71 -17.55 5.17
N VAL T 273 68.66 -18.86 5.34
CA VAL T 273 67.57 -19.68 4.73
C VAL T 273 66.18 -19.35 5.29
N GLY T 274 66.07 -19.05 6.58
CA GLY T 274 64.72 -18.94 7.17
C GLY T 274 63.80 -17.97 6.47
N GLU T 275 62.61 -18.45 6.09
CA GLU T 275 61.58 -17.58 5.45
C GLU T 275 60.22 -18.20 5.81
N VAL T 276 60.05 -18.66 7.05
CA VAL T 276 58.79 -19.35 7.45
C VAL T 276 57.87 -18.38 8.19
N ARG T 277 56.77 -18.89 8.72
CA ARG T 277 55.79 -18.02 9.43
C ARG T 277 56.10 -18.02 10.93
N THR T 278 55.93 -16.88 11.60
CA THR T 278 56.13 -16.79 13.07
C THR T 278 55.04 -15.91 13.69
N ASN T 279 55.09 -15.66 15.01
CA ASN T 279 54.02 -14.88 15.69
C ASN T 279 54.54 -14.26 16.99
N ALA T 280 53.77 -13.35 17.60
CA ALA T 280 54.16 -12.71 18.88
C ALA T 280 53.54 -13.47 20.05
N THR T 281 54.31 -14.30 20.75
CA THR T 281 53.83 -15.04 21.95
C THR T 281 52.71 -16.01 21.54
N LEU T 282 52.17 -16.75 22.51
CA LEU T 282 51.03 -17.64 22.18
C LEU T 282 49.80 -16.77 21.92
N ARG T 283 49.97 -15.44 21.87
CA ARG T 283 48.76 -14.61 21.74
C ARG T 283 48.49 -14.44 20.25
N ASP T 284 49.44 -13.79 19.57
CA ASP T 284 49.30 -13.59 18.10
C ASP T 284 49.35 -14.95 17.39
N ALA T 285 49.89 -16.01 18.03
CA ALA T 285 49.92 -17.27 17.29
C ALA T 285 48.49 -17.79 17.18
N LEU T 286 47.77 -17.77 18.28
CA LEU T 286 46.39 -18.30 18.30
C LEU T 286 45.54 -17.39 17.44
N GLU T 287 45.83 -16.09 17.53
CA GLU T 287 44.93 -15.21 16.76
C GLU T 287 45.02 -15.68 15.32
N ASN T 288 46.24 -15.88 14.86
CA ASN T 288 46.42 -16.31 13.46
C ASN T 288 45.76 -17.66 13.33
N ALA T 289 45.93 -18.51 14.35
CA ALA T 289 45.40 -19.86 14.08
C ALA T 289 43.89 -19.75 13.97
N PHE T 290 43.26 -19.00 14.88
CA PHE T 290 41.78 -18.93 14.87
C PHE T 290 41.35 -18.24 13.58
N LYS T 291 42.33 -17.74 12.84
CA LYS T 291 42.05 -17.06 11.55
C LYS T 291 42.28 -18.06 10.40
N ILE T 292 43.30 -18.89 10.62
CA ILE T 292 43.51 -20.04 9.72
C ILE T 292 42.35 -20.93 10.14
N VAL T 293 41.67 -20.53 11.22
CA VAL T 293 40.50 -21.30 11.74
C VAL T 293 39.26 -20.41 11.68
N GLU U 169 62.04 -37.70 -44.07
CA GLU U 169 61.66 -37.10 -42.81
C GLU U 169 60.78 -35.87 -43.04
N GLN U 170 61.12 -35.06 -44.05
CA GLN U 170 60.34 -33.88 -44.35
C GLN U 170 58.91 -34.26 -44.75
N SER U 171 58.73 -35.40 -45.41
CA SER U 171 57.36 -35.81 -45.69
C SER U 171 56.67 -35.95 -44.31
N GLU U 172 57.23 -36.83 -43.51
CA GLU U 172 56.56 -37.13 -42.23
C GLU U 172 56.47 -35.82 -41.46
N ALA U 173 57.42 -34.93 -41.69
CA ALA U 173 57.35 -33.61 -41.05
C ALA U 173 56.12 -32.90 -41.60
N LEU U 174 55.82 -33.07 -42.88
CA LEU U 174 54.61 -32.46 -43.50
C LEU U 174 53.36 -33.06 -42.87
N LEU U 175 53.40 -34.39 -42.75
CA LEU U 175 52.24 -35.12 -42.18
C LEU U 175 52.08 -34.62 -40.76
N ALA U 176 53.21 -34.27 -40.16
CA ALA U 176 53.16 -33.78 -38.77
C ALA U 176 52.30 -32.52 -38.77
N MET U 177 52.41 -31.72 -39.82
CA MET U 177 51.71 -30.41 -39.85
C MET U 177 50.17 -30.46 -39.91
N SER U 178 49.57 -31.32 -40.73
CA SER U 178 48.09 -31.26 -40.94
C SER U 178 47.21 -31.57 -39.72
N THR U 179 47.56 -32.57 -38.93
CA THR U 179 46.66 -32.98 -37.81
C THR U 179 46.50 -31.85 -36.77
N PRO U 180 47.55 -31.12 -36.36
CA PRO U 180 47.38 -29.98 -35.47
C PRO U 180 46.52 -28.89 -36.13
N VAL U 181 46.77 -28.65 -37.41
CA VAL U 181 46.03 -27.57 -38.11
C VAL U 181 44.59 -28.01 -38.21
N THR U 182 44.29 -29.26 -37.86
CA THR U 182 42.85 -29.65 -37.77
C THR U 182 42.28 -29.47 -36.36
N MET U 183 42.98 -29.91 -35.31
CA MET U 183 42.39 -29.92 -33.94
C MET U 183 42.24 -28.55 -33.29
N ILE U 184 41.15 -28.33 -32.55
CA ILE U 184 41.00 -27.06 -31.76
C ILE U 184 40.11 -27.28 -30.53
N TRP U 185 40.35 -26.49 -29.48
CA TRP U 185 39.55 -26.57 -28.23
C TRP U 185 38.07 -26.56 -28.56
N GLN U 186 37.26 -27.10 -27.65
CA GLN U 186 35.78 -27.04 -27.84
C GLN U 186 35.36 -27.75 -29.13
N ASP U 187 36.11 -28.77 -29.59
CA ASP U 187 35.64 -29.59 -30.74
C ASP U 187 35.57 -28.76 -32.02
N ILE U 188 35.99 -27.50 -31.97
CA ILE U 188 36.00 -26.76 -33.26
C ILE U 188 37.13 -27.40 -34.08
N LEU U 189 36.99 -27.44 -35.41
CA LEU U 189 38.09 -27.97 -36.26
C LEU U 189 38.38 -27.00 -37.39
N MET U 190 39.55 -27.12 -38.01
CA MET U 190 39.93 -26.24 -39.13
C MET U 190 41.03 -26.94 -39.91
N LEU U 191 41.62 -26.34 -40.95
CA LEU U 191 42.77 -27.02 -41.59
C LEU U 191 43.69 -26.06 -42.35
N PRO U 192 44.51 -25.19 -41.72
CA PRO U 192 45.48 -24.40 -42.48
C PRO U 192 46.53 -25.29 -43.17
N ILE U 193 46.99 -24.92 -44.38
CA ILE U 193 48.02 -25.71 -45.13
C ILE U 193 48.79 -24.85 -46.14
N VAL U 194 49.90 -25.37 -46.67
CA VAL U 194 50.72 -24.64 -47.69
C VAL U 194 50.04 -24.77 -49.05
N GLY U 195 50.04 -23.70 -49.85
CA GLY U 195 49.29 -23.71 -51.13
C GLY U 195 49.94 -24.53 -52.23
N ILE U 196 51.26 -24.40 -52.44
CA ILE U 196 51.81 -25.30 -53.50
C ILE U 196 52.13 -26.60 -52.79
N ILE U 197 51.31 -27.61 -53.05
CA ILE U 197 51.51 -28.86 -52.30
C ILE U 197 51.30 -30.03 -53.27
N ASP U 198 51.73 -31.24 -52.93
CA ASP U 198 51.46 -32.44 -53.77
C ASP U 198 49.98 -32.85 -53.76
N SER U 199 49.45 -33.24 -54.92
CA SER U 199 48.03 -33.70 -55.03
C SER U 199 47.81 -34.98 -54.24
N LYS U 200 48.77 -35.90 -54.33
CA LYS U 200 48.65 -37.17 -53.59
C LYS U 200 48.66 -36.83 -52.10
N ARG U 201 49.46 -35.85 -51.71
CA ARG U 201 49.53 -35.42 -50.30
C ARG U 201 48.18 -34.85 -49.89
N ALA U 202 47.55 -34.15 -50.82
CA ALA U 202 46.20 -33.59 -50.56
C ALA U 202 45.21 -34.73 -50.35
N GLN U 203 45.35 -35.80 -51.13
CA GLN U 203 44.49 -36.98 -50.92
C GLN U 203 44.79 -37.52 -49.54
N ASP U 204 46.05 -37.41 -49.17
CA ASP U 204 46.42 -37.88 -47.81
C ASP U 204 45.61 -37.03 -46.85
N ILE U 205 45.60 -35.73 -47.10
CA ILE U 205 44.93 -34.85 -46.14
C ILE U 205 43.46 -35.28 -46.16
N MET U 206 42.97 -35.59 -47.34
CA MET U 206 41.55 -36.02 -47.46
C MET U 206 41.36 -37.17 -46.48
N SER U 207 42.30 -38.10 -46.44
CA SER U 207 42.13 -39.33 -45.65
C SER U 207 42.22 -38.91 -44.20
N ALA U 208 43.11 -37.95 -43.95
CA ALA U 208 43.33 -37.49 -42.58
C ALA U 208 42.04 -36.90 -42.06
N VAL U 209 41.36 -36.10 -42.87
CA VAL U 209 40.14 -35.47 -42.33
C VAL U 209 39.16 -36.58 -42.03
N LEU U 210 39.05 -37.58 -42.90
CA LEU U 210 38.02 -38.59 -42.57
C LEU U 210 38.35 -39.20 -41.22
N ASN U 211 39.60 -39.64 -41.07
CA ASN U 211 39.87 -40.34 -39.80
C ASN U 211 39.71 -39.34 -38.66
N LYS U 212 40.10 -38.10 -38.91
CA LYS U 212 40.05 -37.14 -37.80
C LYS U 212 38.59 -37.03 -37.40
N ILE U 213 37.74 -37.00 -38.40
CA ILE U 213 36.31 -36.80 -38.07
C ILE U 213 35.88 -37.99 -37.24
N SER U 214 36.28 -39.19 -37.65
CA SER U 214 35.81 -40.30 -36.79
C SER U 214 36.33 -40.04 -35.41
N GLU U 215 37.63 -39.76 -35.35
CA GLU U 215 38.29 -39.72 -34.03
C GLU U 215 37.41 -38.91 -33.11
N ASN U 216 37.08 -37.71 -33.54
CA ASN U 216 36.08 -37.01 -32.72
C ASN U 216 35.11 -36.53 -33.76
N ARG U 217 33.94 -37.10 -33.74
CA ARG U 217 32.95 -36.53 -34.66
C ARG U 217 32.88 -35.02 -34.37
N ALA U 218 33.02 -34.17 -35.40
CA ALA U 218 32.92 -32.70 -35.23
C ALA U 218 32.02 -32.11 -36.32
N LYS U 219 30.93 -31.44 -35.99
CA LYS U 219 30.17 -30.79 -37.10
C LYS U 219 30.97 -29.58 -37.51
N ILE U 220 31.85 -29.13 -36.62
CA ILE U 220 32.62 -27.89 -36.89
C ILE U 220 33.96 -28.26 -37.49
N PHE U 221 34.28 -27.68 -38.64
CA PHE U 221 35.60 -27.91 -39.28
C PHE U 221 35.81 -26.74 -40.26
N ILE U 222 37.06 -26.40 -40.58
CA ILE U 222 37.25 -25.32 -41.58
C ILE U 222 38.42 -25.62 -42.48
N MET U 223 38.39 -25.03 -43.68
CA MET U 223 39.57 -25.15 -44.55
C MET U 223 40.30 -23.82 -44.40
N ASP U 224 41.50 -23.83 -43.86
CA ASP U 224 42.22 -22.53 -43.81
C ASP U 224 43.32 -22.57 -44.87
N ILE U 225 43.41 -21.53 -45.70
CA ILE U 225 44.43 -21.50 -46.79
C ILE U 225 45.12 -20.16 -46.71
N SER U 226 45.13 -19.56 -45.52
CA SER U 226 45.71 -18.21 -45.42
C SER U 226 47.03 -18.18 -46.17
N GLY U 227 47.22 -17.15 -46.98
CA GLY U 227 48.52 -17.04 -47.65
C GLY U 227 48.81 -18.31 -48.40
N VAL U 228 47.86 -18.79 -49.23
CA VAL U 228 48.14 -20.09 -49.88
C VAL U 228 49.48 -19.92 -50.59
N ALA U 229 50.36 -20.90 -50.43
CA ALA U 229 51.75 -20.72 -50.95
C ALA U 229 51.74 -20.49 -52.45
N VAL U 230 50.99 -21.30 -53.20
CA VAL U 230 50.88 -21.04 -54.65
C VAL U 230 49.49 -21.51 -55.05
N VAL U 231 48.81 -20.74 -55.92
CA VAL U 231 47.46 -21.13 -56.41
C VAL U 231 47.62 -22.17 -57.53
N ASP U 232 47.94 -23.41 -57.18
CA ASP U 232 48.12 -24.50 -58.19
C ASP U 232 46.78 -24.86 -58.82
N THR U 233 46.78 -25.29 -60.08
CA THR U 233 45.52 -25.63 -60.80
C THR U 233 44.81 -26.80 -60.12
N ALA U 234 45.49 -27.95 -59.98
CA ALA U 234 44.84 -29.15 -59.41
C ALA U 234 44.52 -28.90 -57.96
N VAL U 235 45.23 -27.94 -57.39
CA VAL U 235 45.04 -27.68 -55.94
C VAL U 235 43.61 -27.21 -55.72
N ALA U 236 43.10 -26.36 -56.61
CA ALA U 236 41.69 -25.98 -56.45
C ALA U 236 40.97 -27.29 -56.37
N ASN U 237 41.15 -28.07 -57.42
CA ASN U 237 40.41 -29.33 -57.52
C ASN U 237 40.29 -29.94 -56.18
N HIS U 238 41.39 -29.96 -55.47
CA HIS U 238 41.30 -30.67 -54.19
C HIS U 238 40.19 -30.00 -53.38
N PHE U 239 40.43 -28.73 -53.02
CA PHE U 239 39.45 -27.93 -52.22
C PHE U 239 38.12 -27.86 -52.95
N ILE U 240 38.09 -27.99 -54.28
CA ILE U 240 36.76 -28.05 -54.93
C ILE U 240 36.10 -29.31 -54.38
N LYS U 241 36.72 -30.42 -54.71
CA LYS U 241 36.12 -31.69 -54.27
C LYS U 241 36.11 -31.71 -52.75
N ILE U 242 37.16 -31.20 -52.15
CA ILE U 242 37.30 -31.30 -50.67
C ILE U 242 36.20 -30.50 -50.02
N THR U 243 35.94 -29.32 -50.53
CA THR U 243 34.96 -28.50 -49.81
C THR U 243 33.68 -29.30 -49.88
N LYS U 244 33.42 -29.81 -51.09
CA LYS U 244 32.10 -30.47 -51.17
C LYS U 244 32.06 -31.61 -50.17
N ALA U 245 33.10 -32.42 -50.17
CA ALA U 245 33.03 -33.64 -49.35
C ALA U 245 32.85 -33.29 -47.89
N THR U 246 33.65 -32.34 -47.42
CA THR U 246 33.60 -32.08 -45.98
C THR U 246 32.25 -31.57 -45.57
N LYS U 247 31.72 -30.61 -46.32
CA LYS U 247 30.46 -30.05 -45.80
C LYS U 247 29.44 -31.16 -45.83
N LEU U 248 29.43 -31.90 -46.93
CA LEU U 248 28.33 -32.87 -47.12
C LEU U 248 28.48 -34.06 -46.19
N MET U 249 29.62 -34.19 -45.56
CA MET U 249 29.79 -35.23 -44.53
C MET U 249 28.79 -34.91 -43.44
N GLY U 250 28.31 -33.67 -43.45
CA GLY U 250 27.45 -33.23 -42.35
C GLY U 250 28.42 -32.55 -41.43
N CYS U 251 29.67 -32.48 -41.89
CA CYS U 251 30.69 -31.79 -41.10
C CYS U 251 31.08 -30.51 -41.84
N ASP U 252 30.51 -29.38 -41.45
CA ASP U 252 30.72 -28.10 -42.20
C ASP U 252 32.20 -27.80 -42.46
N CYS U 253 32.54 -27.07 -43.54
CA CYS U 253 33.95 -26.64 -43.74
C CYS U 253 33.92 -25.17 -44.17
N LEU U 254 34.85 -24.34 -43.65
CA LEU U 254 34.78 -22.90 -44.00
C LEU U 254 36.15 -22.42 -44.45
N VAL U 255 36.23 -21.40 -45.30
CA VAL U 255 37.57 -20.83 -45.65
C VAL U 255 37.78 -19.55 -44.85
N SER U 256 38.72 -19.56 -43.91
CA SER U 256 38.92 -18.39 -43.03
C SER U 256 40.05 -17.48 -43.53
N GLY U 257 41.11 -18.08 -44.07
CA GLY U 257 42.27 -17.25 -44.49
C GLY U 257 42.67 -17.63 -45.89
N VAL U 258 43.21 -16.69 -46.68
CA VAL U 258 43.56 -16.97 -48.10
C VAL U 258 44.23 -15.73 -48.69
N SER U 259 44.79 -15.85 -49.89
CA SER U 259 45.36 -14.66 -50.58
C SER U 259 44.33 -14.18 -51.61
N PRO U 260 44.36 -12.89 -52.03
CA PRO U 260 43.44 -12.40 -53.06
C PRO U 260 43.73 -12.73 -54.53
N SER U 261 44.98 -12.59 -54.96
CA SER U 261 45.32 -12.97 -56.35
C SER U 261 45.15 -14.47 -56.44
N ILE U 262 45.33 -15.13 -55.30
CA ILE U 262 45.09 -16.58 -55.29
C ILE U 262 43.63 -16.71 -55.71
N ALA U 263 42.79 -15.88 -55.08
CA ALA U 263 41.35 -15.94 -55.38
C ALA U 263 41.12 -15.52 -56.82
N ARG U 264 41.85 -14.52 -57.28
CA ARG U 264 41.54 -14.06 -58.64
C ARG U 264 41.83 -15.22 -59.57
N THR U 265 42.96 -15.86 -59.34
CA THR U 265 43.37 -16.91 -60.28
C THR U 265 42.23 -17.91 -60.29
N MET U 266 41.63 -18.08 -59.12
CA MET U 266 40.49 -19.01 -59.02
C MET U 266 39.33 -18.48 -59.81
N VAL U 267 38.91 -17.27 -59.53
CA VAL U 267 37.68 -16.80 -60.21
C VAL U 267 37.97 -16.81 -61.70
N GLN U 268 39.16 -16.35 -62.08
CA GLN U 268 39.55 -16.32 -63.51
C GLN U 268 39.39 -17.72 -64.08
N LEU U 269 39.38 -18.76 -63.23
CA LEU U 269 39.27 -20.11 -63.83
C LEU U 269 37.84 -20.21 -64.34
N GLY U 270 37.01 -19.26 -63.92
CA GLY U 270 35.60 -19.29 -64.33
C GLY U 270 34.87 -20.18 -63.38
N ILE U 271 35.55 -20.55 -62.29
CA ILE U 271 34.87 -21.37 -61.25
C ILE U 271 33.47 -20.81 -61.00
N ASN U 272 32.48 -21.68 -60.81
CA ASN U 272 31.09 -21.19 -60.68
C ASN U 272 30.35 -21.93 -59.55
N VAL U 273 30.74 -23.17 -59.28
CA VAL U 273 29.97 -24.01 -58.31
C VAL U 273 30.01 -23.48 -56.88
N GLY U 274 31.13 -22.90 -56.45
CA GLY U 274 31.24 -22.56 -55.01
C GLY U 274 30.12 -21.71 -54.47
N GLU U 275 29.48 -22.16 -53.39
CA GLU U 275 28.42 -21.38 -52.70
C GLU U 275 28.44 -21.82 -51.23
N VAL U 276 29.63 -21.99 -50.65
CA VAL U 276 29.73 -22.50 -49.26
C VAL U 276 29.97 -21.33 -48.30
N ARG U 277 30.21 -21.64 -47.02
CA ARG U 277 30.42 -20.57 -46.01
C ARG U 277 31.92 -20.28 -45.86
N THR U 278 32.29 -19.01 -45.66
CA THR U 278 33.71 -18.63 -45.44
C THR U 278 33.79 -17.56 -44.34
N ASN U 279 34.99 -17.05 -44.05
CA ASN U 279 35.16 -16.07 -42.93
C ASN U 279 36.42 -15.22 -43.13
N ALA U 280 36.59 -14.16 -42.35
CA ALA U 280 37.80 -13.29 -42.43
C ALA U 280 38.83 -13.74 -41.39
N THR U 281 39.88 -14.45 -41.82
CA THR U 281 40.98 -14.90 -40.91
C THR U 281 40.41 -15.84 -39.84
N LEU U 282 41.28 -16.33 -38.96
CA LEU U 282 40.79 -17.19 -37.85
C LEU U 282 40.00 -16.31 -36.88
N ARG U 283 39.77 -15.03 -37.23
CA ARG U 283 39.12 -14.16 -36.23
C ARG U 283 37.62 -14.29 -36.43
N ASP U 284 37.16 -13.87 -37.60
CA ASP U 284 35.72 -13.97 -37.93
C ASP U 284 35.32 -15.44 -38.00
N ALA U 285 36.27 -16.38 -38.19
CA ALA U 285 35.81 -17.77 -38.27
C ALA U 285 35.36 -18.20 -36.88
N LEU U 286 36.16 -17.90 -35.87
CA LEU U 286 35.84 -18.31 -34.49
C LEU U 286 34.61 -17.54 -34.06
N GLU U 287 34.56 -16.29 -34.46
CA GLU U 287 33.40 -15.53 -33.95
C GLU U 287 32.17 -16.28 -34.39
N ASN U 288 32.15 -16.66 -35.66
CA ASN U 288 30.98 -17.39 -36.18
C ASN U 288 30.89 -18.70 -35.41
N ALA U 289 32.05 -19.32 -35.17
CA ALA U 289 31.87 -20.65 -34.57
C ALA U 289 31.28 -20.46 -33.18
N PHE U 290 31.79 -19.50 -32.42
CA PHE U 290 31.33 -19.33 -31.03
C PHE U 290 29.87 -18.88 -31.09
N LYS U 291 29.39 -18.62 -32.29
CA LYS U 291 27.97 -18.22 -32.49
C LYS U 291 27.15 -19.45 -32.91
N ILE U 292 27.82 -20.28 -33.71
CA ILE U 292 27.24 -21.60 -34.02
C ILE U 292 27.45 -22.31 -32.67
N VAL U 293 28.17 -21.65 -31.77
CA VAL U 293 28.43 -22.20 -30.41
C VAL U 293 27.82 -21.26 -29.37
N GLU V 169 63.10 -25.41 -50.92
CA GLU V 169 61.68 -25.11 -50.78
C GLU V 169 61.15 -25.63 -49.43
N GLN V 170 61.60 -26.82 -49.03
CA GLN V 170 61.17 -27.39 -47.77
C GLN V 170 61.60 -26.49 -46.60
N SER V 171 62.73 -25.82 -46.71
CA SER V 171 63.09 -24.89 -45.64
C SER V 171 61.94 -23.85 -45.60
N GLU V 172 61.78 -23.18 -46.74
CA GLU V 172 60.80 -22.07 -46.74
C GLU V 172 59.45 -22.67 -46.37
N ALA V 173 59.25 -23.94 -46.71
CA ALA V 173 58.00 -24.60 -46.30
C ALA V 173 57.99 -24.68 -44.78
N LEU V 174 59.14 -24.90 -44.16
CA LEU V 174 59.24 -24.95 -42.68
C LEU V 174 58.92 -23.57 -42.11
N LEU V 175 59.53 -22.57 -42.75
CA LEU V 175 59.36 -21.18 -42.29
C LEU V 175 57.88 -20.86 -42.44
N ALA V 176 57.27 -21.49 -43.44
CA ALA V 176 55.83 -21.26 -43.68
C ALA V 176 55.10 -21.70 -42.42
N MET V 177 55.56 -22.79 -41.80
CA MET V 177 54.85 -23.36 -40.64
C MET V 177 54.80 -22.51 -39.37
N SER V 178 55.91 -21.89 -38.94
CA SER V 178 55.93 -21.22 -37.61
C SER V 178 54.99 -20.02 -37.43
N THR V 179 54.89 -19.14 -38.43
CA THR V 179 54.08 -17.90 -38.24
C THR V 179 52.61 -18.21 -37.98
N PRO V 180 51.95 -19.16 -38.69
CA PRO V 180 50.58 -19.52 -38.36
C PRO V 180 50.50 -20.12 -36.96
N VAL V 181 51.47 -20.97 -36.61
CA VAL V 181 51.41 -21.64 -35.30
C VAL V 181 51.63 -20.56 -34.24
N THR V 182 51.97 -19.34 -34.65
CA THR V 182 51.99 -18.24 -33.65
C THR V 182 50.65 -17.48 -33.59
N MET V 183 50.05 -17.11 -34.72
CA MET V 183 48.87 -16.21 -34.72
C MET V 183 47.58 -16.87 -34.23
N ILE V 184 46.75 -16.13 -33.48
CA ILE V 184 45.40 -16.66 -33.08
C ILE V 184 44.40 -15.51 -32.86
N TRP V 185 43.12 -15.79 -33.09
CA TRP V 185 42.05 -14.78 -32.90
C TRP V 185 42.20 -14.11 -31.53
N GLN V 186 41.66 -12.91 -31.41
CA GLN V 186 41.67 -12.23 -30.10
C GLN V 186 43.10 -12.01 -29.60
N ASP V 187 44.08 -11.84 -30.49
CA ASP V 187 45.45 -11.46 -30.05
C ASP V 187 46.09 -12.56 -29.21
N ILE V 188 45.41 -13.68 -29.01
CA ILE V 188 46.12 -14.77 -28.27
C ILE V 188 47.23 -15.25 -29.20
N LEU V 189 48.36 -15.69 -28.64
CA LEU V 189 49.45 -16.24 -29.48
C LEU V 189 49.91 -17.58 -28.92
N MET V 190 50.58 -18.38 -29.73
CA MET V 190 51.10 -19.70 -29.27
C MET V 190 52.21 -20.10 -30.24
N LEU V 191 52.81 -21.29 -30.10
CA LEU V 191 53.81 -21.68 -31.13
C LEU V 191 54.01 -23.19 -31.22
N PRO V 192 53.08 -24.01 -31.75
CA PRO V 192 53.39 -25.44 -31.95
C PRO V 192 54.53 -25.64 -32.98
N ILE V 193 55.38 -26.65 -32.78
CA ILE V 193 56.51 -26.95 -33.72
C ILE V 193 56.97 -28.41 -33.63
N VAL V 194 57.78 -28.86 -34.60
CA VAL V 194 58.32 -30.25 -34.63
C VAL V 194 59.48 -30.35 -33.63
N GLY V 195 59.59 -31.45 -32.90
CA GLY V 195 60.61 -31.56 -31.84
C GLY V 195 62.03 -31.77 -32.35
N ILE V 196 62.25 -32.66 -33.31
CA ILE V 196 63.65 -32.75 -33.80
C ILE V 196 63.78 -31.68 -34.86
N ILE V 197 64.46 -30.60 -34.52
CA ILE V 197 64.52 -29.48 -35.48
C ILE V 197 65.93 -28.92 -35.47
N ASP V 198 66.31 -28.12 -36.47
CA ASP V 198 67.65 -27.44 -36.46
C ASP V 198 67.74 -26.33 -35.41
N SER V 199 68.88 -26.22 -34.72
CA SER V 199 69.11 -25.17 -33.71
C SER V 199 69.11 -23.78 -34.35
N LYS V 200 69.74 -23.67 -35.51
CA LYS V 200 69.78 -22.38 -36.21
C LYS V 200 68.36 -22.02 -36.58
N ARG V 201 67.57 -23.01 -36.98
CA ARG V 201 66.14 -22.79 -37.34
C ARG V 201 65.39 -22.31 -36.12
N ALA V 202 65.75 -22.84 -34.96
CA ALA V 202 65.14 -22.40 -33.69
C ALA V 202 65.49 -20.95 -33.43
N GLN V 203 66.73 -20.57 -33.72
CA GLN V 203 67.10 -19.15 -33.59
C GLN V 203 66.25 -18.35 -34.55
N ASP V 204 65.97 -18.97 -35.69
CA ASP V 204 65.11 -18.27 -36.66
C ASP V 204 63.78 -18.06 -35.96
N ILE V 205 63.32 -19.11 -35.31
CA ILE V 205 61.97 -18.98 -34.70
C ILE V 205 62.09 -17.88 -33.65
N MET V 206 63.22 -17.87 -32.96
CA MET V 206 63.44 -16.83 -31.93
C MET V 206 63.22 -15.48 -32.59
N SER V 207 63.75 -15.30 -33.79
CA SER V 207 63.72 -13.99 -34.46
C SER V 207 62.27 -13.75 -34.86
N ALA V 208 61.63 -14.84 -35.28
CA ALA V 208 60.24 -14.73 -35.74
C ALA V 208 59.39 -14.23 -34.59
N VAL V 209 59.60 -14.79 -33.40
CA VAL V 209 58.71 -14.37 -32.30
C VAL V 209 58.97 -12.89 -32.07
N LEU V 210 60.23 -12.46 -32.10
CA LEU V 210 60.41 -11.03 -31.78
C LEU V 210 59.62 -10.21 -32.79
N ASN V 211 59.82 -10.50 -34.07
CA ASN V 211 59.14 -9.63 -35.05
C ASN V 211 57.65 -9.80 -34.87
N LYS V 212 57.22 -11.02 -34.57
CA LYS V 212 55.77 -11.25 -34.52
C LYS V 212 55.26 -10.35 -33.39
N ILE V 213 56.02 -10.33 -32.32
CA ILE V 213 55.52 -9.56 -31.16
C ILE V 213 55.43 -8.11 -31.60
N SER V 214 56.43 -7.63 -32.30
CA SER V 214 56.27 -6.21 -32.67
C SER V 214 55.00 -6.11 -33.48
N GLU V 215 54.90 -7.00 -34.47
CA GLU V 215 53.82 -6.85 -35.47
C GLU V 215 52.55 -6.59 -34.70
N ASN V 216 52.25 -7.46 -33.76
CA ASN V 216 51.11 -7.10 -32.91
C ASN V 216 51.64 -7.35 -31.54
N ARG V 217 51.84 -6.27 -30.81
CA ARG V 217 52.23 -6.52 -29.42
C ARG V 217 51.18 -7.47 -28.82
N ALA V 218 51.62 -8.60 -28.22
CA ALA V 218 50.68 -9.55 -27.56
C ALA V 218 51.23 -9.93 -26.18
N LYS V 219 50.50 -9.69 -25.09
CA LYS V 219 51.03 -10.19 -23.80
C LYS V 219 50.80 -11.70 -23.81
N ILE V 220 49.88 -12.13 -24.66
CA ILE V 220 49.51 -13.57 -24.67
C ILE V 220 50.32 -14.28 -25.74
N PHE V 221 51.01 -15.35 -25.36
CA PHE V 221 51.76 -16.17 -26.34
C PHE V 221 51.99 -17.53 -25.67
N ILE V 222 52.17 -18.59 -26.46
CA ILE V 222 52.46 -19.90 -25.80
C ILE V 222 53.48 -20.70 -26.59
N MET V 223 54.16 -21.60 -25.90
CA MET V 223 55.06 -22.52 -26.63
C MET V 223 54.29 -23.81 -26.72
N ASP V 224 53.93 -24.24 -27.92
CA ASP V 224 53.26 -25.57 -27.97
C ASP V 224 54.26 -26.58 -28.55
N ILE V 225 54.41 -27.72 -27.88
CA ILE V 225 55.40 -28.73 -28.34
C ILE V 225 54.67 -30.07 -28.37
N SER V 226 53.35 -30.02 -28.54
CA SER V 226 52.59 -31.29 -28.47
C SER V 226 53.32 -32.33 -29.31
N GLY V 227 53.46 -33.53 -28.74
CA GLY V 227 54.08 -34.59 -29.54
C GLY V 227 55.41 -34.13 -30.07
N VAL V 228 56.27 -33.61 -29.19
CA VAL V 228 57.55 -33.06 -29.75
C VAL V 228 58.16 -34.21 -30.55
N ALA V 229 58.61 -33.92 -31.78
CA ALA V 229 59.07 -35.01 -32.66
C ALA V 229 60.22 -35.79 -32.03
N VAL V 230 61.20 -35.10 -31.50
CA VAL V 230 62.30 -35.82 -30.79
C VAL V 230 62.77 -34.89 -29.69
N VAL V 231 63.04 -35.43 -28.50
CA VAL V 231 63.56 -34.60 -27.37
C VAL V 231 65.07 -34.40 -27.56
N ASP V 232 65.45 -33.51 -28.48
CA ASP V 232 66.90 -33.24 -28.75
C ASP V 232 67.51 -32.50 -27.55
N THR V 233 68.81 -32.70 -27.31
CA THR V 233 69.48 -32.05 -26.15
C THR V 233 69.49 -30.53 -26.30
N ALA V 234 70.03 -30.00 -27.40
CA ALA V 234 70.15 -28.54 -27.58
C ALA V 234 68.75 -27.95 -27.70
N VAL V 235 67.82 -28.80 -28.08
CA VAL V 235 66.44 -28.31 -28.32
C VAL V 235 65.90 -27.77 -26.99
N ALA V 236 66.15 -28.49 -25.90
CA ALA V 236 65.71 -27.93 -24.62
C ALA V 236 66.28 -26.54 -24.61
N ASN V 237 67.60 -26.50 -24.73
CA ASN V 237 68.29 -25.21 -24.61
C ASN V 237 67.47 -24.15 -25.24
N HIS V 238 66.97 -24.45 -26.42
CA HIS V 238 66.26 -23.36 -27.09
C HIS V 238 65.13 -22.92 -26.16
N PHE V 239 64.17 -23.82 -25.94
CA PHE V 239 63.00 -23.55 -25.06
C PHE V 239 63.47 -23.16 -23.66
N ILE V 240 64.66 -23.60 -23.23
CA ILE V 240 65.14 -23.11 -21.92
C ILE V 240 65.29 -21.59 -22.10
N LYS V 241 66.21 -21.26 -22.99
CA LYS V 241 66.46 -19.82 -23.18
C LYS V 241 65.20 -19.18 -23.70
N ILE V 242 64.50 -19.87 -24.58
CA ILE V 242 63.32 -19.27 -25.24
C ILE V 242 62.25 -18.98 -24.22
N THR V 243 62.03 -19.92 -23.31
CA THR V 243 60.91 -19.69 -22.39
C THR V 243 61.30 -18.44 -21.64
N LYS V 244 62.56 -18.41 -21.22
CA LYS V 244 62.88 -17.25 -20.38
C LYS V 244 62.63 -15.99 -21.18
N ALA V 245 63.16 -15.96 -22.41
CA ALA V 245 63.10 -14.68 -23.15
C ALA V 245 61.67 -14.25 -23.35
N THR V 246 60.83 -15.18 -23.77
CA THR V 246 59.46 -14.77 -24.13
C THR V 246 58.75 -14.23 -22.91
N LYS V 247 58.83 -14.96 -21.82
CA LYS V 247 58.00 -14.47 -20.70
C LYS V 247 58.53 -13.10 -20.30
N LEU V 248 59.85 -13.02 -20.23
CA LEU V 248 60.44 -11.78 -19.66
C LEU V 248 60.30 -10.61 -20.62
N MET V 249 59.92 -10.88 -21.86
CA MET V 249 59.62 -9.79 -22.80
C MET V 249 58.45 -9.04 -22.20
N GLY V 250 57.77 -9.68 -21.27
CA GLY V 250 56.53 -9.09 -20.75
C GLY V 250 55.48 -9.73 -21.59
N CYS V 251 55.93 -10.65 -22.44
CA CYS V 251 54.96 -11.39 -23.27
C CYS V 251 54.96 -12.84 -22.78
N ASP V 252 53.97 -13.20 -21.97
CA ASP V 252 53.95 -14.55 -21.33
C ASP V 252 54.12 -15.68 -22.35
N CYS V 253 54.67 -16.85 -21.94
CA CYS V 253 54.72 -18.02 -22.86
C CYS V 253 54.30 -19.26 -22.07
N LEU V 254 53.50 -20.15 -22.65
CA LEU V 254 53.02 -21.32 -21.86
C LEU V 254 53.26 -22.60 -22.65
N VAL V 255 53.44 -23.73 -21.98
CA VAL V 255 53.53 -25.01 -22.73
C VAL V 255 52.20 -25.75 -22.64
N SER V 256 51.49 -25.87 -23.75
CA SER V 256 50.14 -26.48 -23.72
C SER V 256 50.16 -27.96 -24.10
N GLY V 257 51.02 -28.33 -25.05
CA GLY V 257 51.03 -29.73 -25.53
C GLY V 257 52.44 -30.24 -25.54
N VAL V 258 52.64 -31.54 -25.31
CA VAL V 258 54.02 -32.12 -25.22
C VAL V 258 53.92 -33.63 -25.03
N SER V 259 55.05 -34.34 -25.15
CA SER V 259 55.04 -35.81 -24.87
C SER V 259 55.57 -36.02 -23.44
N PRO V 260 55.24 -37.15 -22.78
CA PRO V 260 55.77 -37.42 -21.43
C PRO V 260 57.21 -37.94 -21.31
N SER V 261 57.60 -38.90 -22.14
CA SER V 261 58.99 -39.38 -22.10
C SER V 261 59.86 -38.23 -22.58
N ILE V 262 59.27 -37.38 -23.39
CA ILE V 262 60.01 -36.18 -23.82
C ILE V 262 60.31 -35.46 -22.52
N ALA V 263 59.28 -35.35 -21.68
CA ALA V 263 59.44 -34.64 -20.40
C ALA V 263 60.42 -35.41 -19.53
N ARG V 264 60.34 -36.73 -19.56
CA ARG V 264 61.22 -37.46 -18.62
C ARG V 264 62.63 -37.15 -19.04
N THR V 265 62.87 -37.21 -20.34
CA THR V 265 64.25 -37.04 -20.81
C THR V 265 64.70 -35.70 -20.27
N MET V 266 63.77 -34.76 -20.26
CA MET V 266 64.08 -33.41 -19.74
C MET V 266 64.38 -33.49 -18.26
N VAL V 267 63.46 -34.04 -17.50
CA VAL V 267 63.69 -33.99 -16.04
C VAL V 267 64.96 -34.75 -15.76
N GLN V 268 65.14 -35.89 -16.43
CA GLN V 268 66.37 -36.71 -16.24
C GLN V 268 67.58 -35.82 -16.51
N LEU V 269 67.42 -34.72 -17.24
CA LEU V 269 68.63 -33.92 -17.52
C LEU V 269 69.00 -33.27 -16.20
N GLY V 270 68.08 -33.34 -15.24
CA GLY V 270 68.32 -32.72 -13.94
C GLY V 270 67.94 -31.28 -14.04
N ILE V 271 67.27 -30.92 -15.14
CA ILE V 271 66.77 -29.53 -15.30
C ILE V 271 66.16 -29.08 -13.97
N ASN V 272 66.38 -27.82 -13.58
CA ASN V 272 65.89 -27.36 -12.26
C ASN V 272 65.28 -25.97 -12.35
N VAL V 273 65.74 -25.16 -13.29
CA VAL V 273 65.31 -23.73 -13.35
C VAL V 273 63.82 -23.56 -13.66
N GLY V 274 63.23 -24.41 -14.49
CA GLY V 274 61.86 -24.12 -14.94
C GLY V 274 60.86 -23.92 -13.82
N GLU V 275 60.13 -22.79 -13.87
CA GLU V 275 59.06 -22.50 -12.88
C GLU V 275 58.05 -21.59 -13.60
N VAL V 276 57.75 -21.89 -14.86
CA VAL V 276 56.84 -21.00 -15.66
C VAL V 276 55.43 -21.59 -15.68
N ARG V 277 54.53 -20.98 -16.46
CA ARG V 277 53.13 -21.46 -16.53
C ARG V 277 52.97 -22.43 -17.70
N THR V 278 52.16 -23.47 -17.54
CA THR V 278 51.88 -24.44 -18.64
C THR V 278 50.40 -24.81 -18.63
N ASN V 279 49.97 -25.72 -19.51
CA ASN V 279 48.52 -26.08 -19.62
C ASN V 279 48.34 -27.47 -20.24
N ALA V 280 47.12 -28.01 -20.19
CA ALA V 280 46.84 -29.34 -20.80
C ALA V 280 46.28 -29.15 -22.22
N THR V 281 47.10 -29.37 -23.26
CA THR V 281 46.66 -29.28 -24.67
C THR V 281 46.21 -27.85 -24.99
N LEU V 282 45.80 -27.60 -26.23
CA LEU V 282 45.28 -26.25 -26.56
C LEU V 282 43.93 -26.07 -25.87
N ARG V 283 43.53 -27.02 -25.01
CA ARG V 283 42.17 -26.89 -24.44
C ARG V 283 42.28 -26.06 -23.18
N ASP V 284 43.01 -26.60 -22.20
CA ASP V 284 43.24 -25.86 -20.93
C ASP V 284 44.05 -24.60 -21.21
N ALA V 285 44.78 -24.51 -22.33
CA ALA V 285 45.54 -23.28 -22.52
C ALA V 285 44.56 -22.14 -22.81
N LEU V 286 43.62 -22.40 -23.70
CA LEU V 286 42.65 -21.35 -24.09
C LEU V 286 41.78 -21.07 -22.89
N GLU V 287 41.45 -22.12 -22.16
CA GLU V 287 40.52 -21.84 -21.04
C GLU V 287 41.20 -20.79 -20.20
N ASN V 288 42.47 -21.03 -19.89
CA ASN V 288 43.20 -20.06 -19.05
C ASN V 288 43.24 -18.75 -19.80
N ALA V 289 43.45 -18.83 -21.12
CA ALA V 289 43.64 -17.52 -21.75
C ALA V 289 42.33 -16.75 -21.66
N PHE V 290 41.21 -17.43 -21.94
CA PHE V 290 39.90 -16.73 -21.96
C PHE V 290 39.60 -16.28 -20.54
N LYS V 291 40.45 -16.70 -19.61
CA LYS V 291 40.29 -16.30 -18.18
C LYS V 291 41.24 -15.13 -17.88
N ILE V 292 42.40 -15.21 -18.52
CA ILE V 292 43.32 -14.06 -18.49
C ILE V 292 42.58 -13.11 -19.43
N VAL V 293 41.52 -13.63 -20.06
CA VAL V 293 40.69 -12.79 -20.99
C VAL V 293 39.26 -12.74 -20.45
N GLU W 169 76.05 10.73 -35.75
CA GLU W 169 75.25 9.88 -34.86
C GLU W 169 74.37 10.75 -33.96
N GLN W 170 74.92 11.86 -33.46
CA GLN W 170 74.16 12.75 -32.60
C GLN W 170 72.96 13.32 -33.34
N SER W 171 73.07 13.54 -34.65
CA SER W 171 71.89 13.99 -35.38
C SER W 171 70.84 12.87 -35.20
N GLU W 172 71.22 11.69 -35.67
CA GLU W 172 70.23 10.60 -35.67
C GLU W 172 69.80 10.39 -34.23
N ALA W 173 70.70 10.69 -33.28
CA ALA W 173 70.31 10.60 -31.86
C ALA W 173 69.24 11.64 -31.61
N LEU W 174 69.35 12.80 -32.24
CA LEU W 174 68.33 13.88 -32.10
C LEU W 174 67.00 13.40 -32.68
N LEU W 175 67.13 12.81 -33.87
CA LEU W 175 65.92 12.32 -34.59
C LEU W 175 65.32 11.26 -33.71
N ALA W 176 66.17 10.56 -32.98
CA ALA W 176 65.68 9.49 -32.09
C ALA W 176 64.75 10.15 -31.09
N MET W 177 65.08 11.36 -30.64
CA MET W 177 64.29 12.02 -29.57
C MET W 177 62.86 12.43 -29.93
N SER W 178 62.60 13.02 -31.10
CA SER W 178 61.26 13.59 -31.39
C SER W 178 60.09 12.60 -31.45
N THR W 179 60.28 11.43 -32.07
CA THR W 179 59.13 10.50 -32.26
C THR W 179 58.57 10.01 -30.92
N PRO W 180 59.38 9.65 -29.91
CA PRO W 180 58.85 9.29 -28.61
C PRO W 180 58.13 10.48 -27.96
N VAL W 181 58.72 11.67 -28.10
CA VAL W 181 58.12 12.85 -27.45
C VAL W 181 56.82 13.15 -28.16
N THR W 182 56.55 12.45 -29.27
CA THR W 182 55.20 12.59 -29.87
C THR W 182 54.21 11.52 -29.36
N MET W 183 54.61 10.24 -29.31
CA MET W 183 53.65 9.13 -29.01
C MET W 183 53.19 9.08 -27.56
N ILE W 184 51.91 8.76 -27.32
CA ILE W 184 51.42 8.54 -25.92
C ILE W 184 50.24 7.57 -25.90
N TRP W 185 50.08 6.85 -24.79
CA TRP W 185 48.96 5.89 -24.62
C TRP W 185 47.64 6.55 -24.99
N GLN W 186 46.66 5.73 -25.36
CA GLN W 186 45.31 6.28 -25.64
C GLN W 186 45.36 7.30 -26.78
N ASP W 187 46.28 7.16 -27.73
CA ASP W 187 46.25 8.02 -28.96
C ASP W 187 46.49 9.48 -28.61
N ILE W 188 46.76 9.79 -27.34
CA ILE W 188 47.08 11.22 -27.06
C ILE W 188 48.46 11.45 -27.70
N LEU W 189 48.72 12.68 -28.17
CA LEU W 189 50.06 12.98 -28.74
C LEU W 189 50.57 14.28 -28.13
N MET W 190 51.89 14.51 -28.22
CA MET W 190 52.49 15.75 -27.68
C MET W 190 53.84 15.92 -28.38
N LEU W 191 54.64 16.94 -28.03
CA LEU W 191 56.00 16.99 -28.65
C LEU W 191 57.00 17.79 -27.83
N PRO W 192 57.52 17.33 -26.67
CA PRO W 192 58.59 18.07 -25.99
C PRO W 192 59.88 18.11 -26.84
N ILE W 193 60.63 19.22 -26.79
CA ILE W 193 61.91 19.36 -27.57
C ILE W 193 62.85 20.40 -26.95
N VAL W 194 64.12 20.42 -27.38
CA VAL W 194 65.13 21.39 -26.88
C VAL W 194 64.89 22.75 -27.55
N GLY W 195 65.03 23.85 -26.81
CA GLY W 195 64.71 25.18 -27.37
C GLY W 195 65.72 25.71 -28.36
N ILE W 196 67.02 25.64 -28.06
CA ILE W 196 67.94 26.14 -29.11
C ILE W 196 68.16 24.96 -30.04
N ILE W 197 67.54 25.03 -31.22
CA ILE W 197 67.62 23.86 -32.12
C ILE W 197 67.83 24.38 -33.54
N ASP W 198 68.24 23.52 -34.48
CA ASP W 198 68.34 23.92 -35.91
C ASP W 198 66.96 24.13 -36.56
N SER W 199 66.83 25.17 -37.39
CA SER W 199 65.57 25.45 -38.12
C SER W 199 65.24 24.34 -39.12
N LYS W 200 66.27 23.85 -39.81
CA LYS W 200 66.05 22.76 -40.78
C LYS W 200 65.59 21.54 -40.00
N ARG W 201 66.15 21.34 -38.81
CA ARG W 201 65.77 20.20 -37.94
C ARG W 201 64.31 20.36 -37.53
N ALA W 202 63.91 21.60 -37.30
CA ALA W 202 62.50 21.89 -36.96
C ALA W 202 61.61 21.55 -38.14
N GLN W 203 62.07 21.84 -39.35
CA GLN W 203 61.29 21.44 -40.54
C GLN W 203 61.23 19.92 -40.55
N ASP W 204 62.30 19.31 -40.09
CA ASP W 204 62.30 17.84 -40.04
C ASP W 204 61.16 17.47 -39.10
N ILE W 205 61.11 18.17 -37.97
CA ILE W 205 60.10 17.77 -36.97
C ILE W 205 58.75 18.00 -37.64
N MET W 206 58.66 19.08 -38.41
CA MET W 206 57.39 19.36 -39.11
C MET W 206 57.02 18.12 -39.91
N SER W 207 57.98 17.54 -40.58
CA SER W 207 57.72 16.42 -41.50
C SER W 207 57.33 15.24 -40.63
N ALA W 208 58.02 15.15 -39.50
CA ALA W 208 57.79 14.01 -38.59
C ALA W 208 56.34 14.07 -38.13
N VAL W 209 55.88 15.25 -37.77
CA VAL W 209 54.49 15.29 -37.24
C VAL W 209 53.57 14.86 -38.36
N LEU W 210 53.82 15.31 -39.58
CA LEU W 210 52.84 14.92 -40.61
C LEU W 210 52.81 13.40 -40.70
N ASN W 211 53.98 12.79 -40.82
CA ASN W 211 53.94 11.33 -41.01
C ASN W 211 53.36 10.71 -39.76
N LYS W 212 53.68 11.28 -38.61
CA LYS W 212 53.23 10.63 -37.38
C LYS W 212 51.71 10.66 -37.43
N ILE W 213 51.19 11.78 -37.88
CA ILE W 213 49.72 11.90 -37.85
C ILE W 213 49.17 10.84 -38.78
N SER W 214 49.78 10.68 -39.94
CA SER W 214 49.19 9.63 -40.80
C SER W 214 49.26 8.35 -40.02
N GLU W 215 50.44 8.07 -39.49
CA GLU W 215 50.68 6.74 -38.92
C GLU W 215 49.50 6.42 -38.04
N ASN W 216 49.20 7.31 -37.12
CA ASN W 216 47.95 7.07 -36.40
C ASN W 216 47.29 8.41 -36.45
N ARG W 217 46.22 8.47 -37.21
CA ARG W 217 45.48 9.74 -37.15
C ARG W 217 45.19 10.04 -35.67
N ALA W 218 45.57 11.23 -35.18
CA ALA W 218 45.29 11.64 -33.78
C ALA W 218 44.69 13.05 -33.74
N LYS W 219 43.49 13.26 -33.22
CA LYS W 219 43.03 14.67 -33.12
C LYS W 219 43.81 15.28 -31.97
N ILE W 220 44.34 14.41 -31.10
CA ILE W 220 45.04 14.92 -29.88
C ILE W 220 46.52 14.99 -30.17
N PHE W 221 47.11 16.17 -29.93
CA PHE W 221 48.57 16.35 -30.10
C PHE W 221 48.95 17.58 -29.29
N ILE W 222 50.21 17.69 -28.83
CA ILE W 222 50.57 18.93 -28.11
C ILE W 222 51.99 19.35 -28.45
N MET W 223 52.26 20.64 -28.28
CA MET W 223 53.64 21.10 -28.45
C MET W 223 54.17 21.27 -27.04
N ASP W 224 55.16 20.48 -26.65
CA ASP W 224 55.72 20.72 -25.29
C ASP W 224 57.08 21.40 -25.45
N ILE W 225 57.30 22.49 -24.73
CA ILE W 225 58.58 23.24 -24.86
C ILE W 225 59.10 23.47 -23.45
N SER W 226 58.70 22.60 -22.53
CA SER W 226 59.10 22.87 -21.12
C SER W 226 60.58 23.23 -21.09
N GLY W 227 60.90 24.27 -20.34
CA GLY W 227 62.32 24.61 -20.21
C GLY W 227 62.94 24.76 -21.57
N VAL W 228 62.32 25.56 -22.45
CA VAL W 228 62.89 25.62 -23.82
C VAL W 228 64.36 25.98 -23.64
N ALA W 229 65.26 25.29 -24.33
CA ALA W 229 66.70 25.48 -24.07
C ALA W 229 67.11 26.92 -24.33
N VAL W 230 66.70 27.48 -25.46
CA VAL W 230 67.00 28.92 -25.70
C VAL W 230 65.84 29.45 -26.52
N VAL W 231 65.37 30.67 -26.21
CA VAL W 231 64.27 31.31 -26.98
C VAL W 231 64.85 31.91 -28.27
N ASP W 232 65.16 31.07 -29.27
CA ASP W 232 65.74 31.55 -30.55
C ASP W 232 64.66 32.32 -31.33
N THR W 233 65.09 33.30 -32.14
CA THR W 233 64.12 34.14 -32.91
C THR W 233 63.36 33.28 -33.93
N ALA W 234 64.08 32.58 -34.82
CA ALA W 234 63.40 31.80 -35.89
C ALA W 234 62.64 30.65 -35.24
N VAL W 235 63.06 30.30 -34.05
CA VAL W 235 62.44 29.13 -33.38
C VAL W 235 60.95 29.46 -33.14
N ALA W 236 60.66 30.69 -32.73
CA ALA W 236 59.24 31.02 -32.58
C ALA W 236 58.66 30.66 -33.92
N ASN W 237 59.20 31.29 -34.94
CA ASN W 237 58.64 31.12 -36.28
C ASN W 237 58.20 29.71 -36.45
N HIS W 238 59.04 28.80 -36.04
CA HIS W 238 58.64 27.41 -36.31
C HIS W 238 57.29 27.19 -35.64
N PHE W 239 57.28 27.25 -34.30
CA PHE W 239 56.05 27.06 -33.49
C PHE W 239 54.98 28.07 -33.91
N ILE W 240 55.36 29.23 -34.45
CA ILE W 240 54.30 30.13 -34.96
C ILE W 240 53.62 29.34 -36.08
N LYS W 241 54.41 29.07 -37.10
CA LYS W 241 53.83 28.38 -38.27
C LYS W 241 53.37 27.02 -37.80
N ILE W 242 54.15 26.39 -36.94
CA ILE W 242 53.85 24.99 -36.53
C ILE W 242 52.54 24.95 -35.80
N THR W 243 52.33 25.90 -34.90
CA THR W 243 51.11 25.77 -34.10
C THR W 243 49.99 25.88 -35.11
N LYS W 244 50.14 26.84 -36.01
CA LYS W 244 48.98 27.01 -36.90
C LYS W 244 48.75 25.70 -37.65
N ALA W 245 49.82 25.17 -38.21
CA ALA W 245 49.62 24.01 -39.10
C ALA W 245 48.99 22.85 -38.34
N THR W 246 49.52 22.57 -37.17
CA THR W 246 49.03 21.37 -36.46
C THR W 246 47.58 21.53 -36.12
N LYS W 247 47.21 22.67 -35.57
CA LYS W 247 45.81 22.71 -35.12
C LYS W 247 44.94 22.59 -36.35
N LEU W 248 45.32 23.33 -37.38
CA LEU W 248 44.41 23.42 -38.55
C LEU W 248 44.40 22.12 -39.35
N MET W 249 45.32 21.22 -39.04
CA MET W 249 45.27 19.87 -39.67
C MET W 249 43.96 19.26 -39.20
N GLY W 250 43.40 19.83 -38.14
CA GLY W 250 42.23 19.20 -37.55
C GLY W 250 42.81 18.38 -36.44
N CYS W 251 44.12 18.50 -36.29
CA CYS W 251 44.80 17.79 -35.20
C CYS W 251 45.26 18.82 -34.19
N ASP W 252 44.51 19.01 -33.11
CA ASP W 252 44.81 20.09 -32.13
C ASP W 252 46.27 20.08 -31.65
N CYS W 253 46.83 21.22 -31.24
CA CYS W 253 48.20 21.21 -30.63
C CYS W 253 48.17 22.13 -29.41
N LEU W 254 48.81 21.74 -28.31
CA LEU W 254 48.72 22.58 -27.08
C LEU W 254 50.12 22.82 -26.53
N VAL W 255 50.33 23.93 -25.83
CA VAL W 255 51.66 24.12 -25.17
C VAL W 255 51.51 23.81 -23.68
N SER W 256 52.13 22.73 -23.21
CA SER W 256 51.95 22.31 -21.81
C SER W 256 53.09 22.80 -20.91
N GLY W 257 54.32 22.82 -21.43
CA GLY W 257 55.46 23.20 -20.58
C GLY W 257 56.29 24.23 -21.30
N VAL W 258 56.95 25.14 -20.57
CA VAL W 258 57.73 26.24 -21.22
C VAL W 258 58.42 27.07 -20.13
N SER W 259 59.33 27.96 -20.52
CA SER W 259 59.96 28.87 -19.52
C SER W 259 59.24 30.22 -19.60
N PRO W 260 59.27 31.05 -18.52
CA PRO W 260 58.65 32.38 -18.55
C PRO W 260 59.39 33.51 -19.28
N SER W 261 60.69 33.65 -19.04
CA SER W 261 61.46 34.68 -19.77
C SER W 261 61.46 34.27 -21.23
N ILE W 262 61.35 32.97 -21.45
CA ILE W 262 61.26 32.50 -22.85
C ILE W 262 60.01 33.19 -23.37
N ALA W 263 58.95 33.12 -22.57
CA ALA W 263 57.67 33.72 -22.98
C ALA W 263 57.83 35.22 -23.09
N ARG W 264 58.58 35.81 -22.17
CA ARG W 264 58.64 37.28 -22.23
C ARG W 264 59.29 37.64 -23.53
N THR W 265 60.36 36.93 -23.84
CA THR W 265 61.12 37.29 -25.05
C THR W 265 60.13 37.23 -26.19
N MET W 266 59.23 36.26 -26.10
CA MET W 266 58.21 36.11 -27.15
C MET W 266 57.28 37.31 -27.14
N VAL W 267 56.70 37.58 -25.98
CA VAL W 267 55.68 38.66 -25.99
C VAL W 267 56.39 39.93 -26.41
N GLN W 268 57.60 40.14 -25.88
CA GLN W 268 58.39 41.35 -26.24
C GLN W 268 58.53 41.42 -27.76
N LEU W 269 58.37 40.28 -28.46
CA LEU W 269 58.56 40.36 -29.92
C LEU W 269 57.36 41.13 -30.45
N GLY W 270 56.36 41.30 -29.59
CA GLY W 270 55.15 42.01 -30.00
C GLY W 270 54.25 41.00 -30.67
N ILE W 271 54.60 39.72 -30.54
CA ILE W 271 53.74 38.65 -31.11
C ILE W 271 52.28 38.97 -30.77
N ASN W 272 51.36 38.74 -31.71
CA ASN W 272 49.95 39.13 -31.47
C ASN W 272 48.99 38.04 -31.94
N VAL W 273 49.39 37.25 -32.92
CA VAL W 273 48.46 36.26 -33.55
C VAL W 273 48.02 35.16 -32.60
N GLY W 274 48.90 34.70 -31.71
CA GLY W 274 48.56 33.50 -30.93
C GLY W 274 47.25 33.58 -30.18
N GLU W 275 46.37 32.60 -30.37
CA GLU W 275 45.08 32.52 -29.63
C GLU W 275 44.71 31.03 -29.56
N VAL W 276 45.69 30.16 -29.31
CA VAL W 276 45.43 28.69 -29.33
C VAL W 276 45.25 28.19 -27.89
N ARG W 277 45.15 26.87 -27.72
CA ARG W 277 44.94 26.28 -26.37
C ARG W 277 46.31 25.89 -25.78
N THR W 278 46.48 26.07 -24.47
CA THR W 278 47.73 25.66 -23.77
C THR W 278 47.39 25.03 -22.42
N ASN W 279 48.39 24.65 -21.62
CA ASN W 279 48.13 23.96 -20.33
C ASN W 279 49.31 24.13 -19.36
N ALA W 280 49.14 23.76 -18.10
CA ALA W 280 50.23 23.85 -17.09
C ALA W 280 50.96 22.50 -16.99
N THR W 281 52.14 22.38 -17.59
CA THR W 281 52.96 21.13 -17.50
C THR W 281 52.20 19.96 -18.15
N LEU W 282 52.81 18.78 -18.16
CA LEU W 282 52.10 17.60 -18.70
C LEU W 282 50.99 17.22 -17.73
N ARG W 283 50.75 18.04 -16.69
CA ARG W 283 49.75 17.62 -15.69
C ARG W 283 48.40 18.12 -16.15
N ASP W 284 48.27 19.44 -16.22
CA ASP W 284 47.00 20.05 -16.69
C ASP W 284 46.77 19.69 -18.17
N ALA W 285 47.82 19.30 -18.90
CA ALA W 285 47.54 18.98 -20.31
C ALA W 285 46.73 17.69 -20.36
N LEU W 286 47.18 16.69 -19.61
CA LEU W 286 46.51 15.38 -19.62
C LEU W 286 45.14 15.55 -19.00
N GLU W 287 45.09 16.39 -17.97
CA GLU W 287 43.78 16.47 -17.31
C GLU W 287 42.80 16.91 -18.40
N ASN W 288 43.19 17.92 -19.15
CA ASN W 288 42.29 18.41 -20.20
C ASN W 288 42.11 17.28 -21.20
N ALA W 289 43.19 16.56 -21.49
CA ALA W 289 42.97 15.59 -22.56
C ALA W 289 41.99 14.54 -22.07
N PHE W 290 42.16 14.07 -20.83
CA PHE W 290 41.28 12.99 -20.31
C PHE W 290 39.88 13.55 -20.20
N LYS W 291 39.76 14.86 -20.43
CA LYS W 291 38.42 15.52 -20.39
C LYS W 291 37.88 15.66 -21.81
N ILE W 292 38.83 15.92 -22.71
CA ILE W 292 38.49 15.87 -24.15
C ILE W 292 38.37 14.37 -24.34
N VAL W 293 38.72 13.61 -23.29
CA VAL W 293 38.62 12.12 -23.34
C VAL W 293 37.65 11.66 -22.24
N GLU X 169 77.52 21.28 -26.47
CA GLU X 169 76.10 21.63 -26.38
C GLU X 169 75.24 20.37 -26.54
N GLN X 170 75.63 19.47 -27.44
CA GLN X 170 74.88 18.24 -27.65
C GLN X 170 74.88 17.40 -26.38
N SER X 171 75.96 17.43 -25.61
CA SER X 171 75.90 16.70 -24.34
C SER X 171 74.72 17.33 -23.54
N GLU X 172 74.86 18.62 -23.30
CA GLU X 172 73.85 19.26 -22.42
C GLU X 172 72.51 19.06 -23.08
N ALA X 173 72.50 18.97 -24.41
CA ALA X 173 71.24 18.70 -25.13
C ALA X 173 70.78 17.30 -24.72
N LEU X 174 71.70 16.37 -24.54
CA LEU X 174 71.37 15.00 -24.10
C LEU X 174 70.80 15.04 -22.68
N LEU X 175 71.49 15.81 -21.85
CA LEU X 175 71.09 15.93 -20.43
C LEU X 175 69.72 16.54 -20.44
N ALA X 176 69.47 17.39 -21.44
CA ALA X 176 68.15 18.05 -21.54
C ALA X 176 67.12 16.94 -21.68
N MET X 177 67.45 15.89 -22.43
CA MET X 177 66.46 14.82 -22.73
C MET X 177 65.98 13.98 -21.53
N SER X 178 66.86 13.53 -20.63
CA SER X 178 66.45 12.56 -19.58
C SER X 178 65.41 13.05 -18.56
N THR X 179 65.55 14.29 -18.07
CA THR X 179 64.64 14.75 -16.99
C THR X 179 63.17 14.79 -17.44
N PRO X 180 62.82 15.26 -18.66
CA PRO X 180 61.45 15.19 -19.13
C PRO X 180 61.00 13.74 -19.27
N VAL X 181 61.88 12.89 -19.78
CA VAL X 181 61.49 11.48 -20.01
C VAL X 181 61.30 10.84 -18.64
N THR X 182 61.67 11.55 -17.57
CA THR X 182 61.30 11.03 -16.23
C THR X 182 59.97 11.57 -15.72
N MET X 183 59.70 12.88 -15.83
CA MET X 183 58.50 13.49 -15.18
C MET X 183 57.18 13.15 -15.87
N ILE X 184 56.11 12.93 -15.08
CA ILE X 184 54.75 12.74 -15.67
C ILE X 184 53.66 13.19 -14.69
N TRP X 185 52.51 13.63 -15.24
CA TRP X 185 51.36 14.07 -14.42
C TRP X 185 51.07 13.05 -13.34
N GLN X 186 50.43 13.48 -12.26
CA GLN X 186 50.00 12.53 -11.21
C GLN X 186 51.19 11.80 -10.62
N ASP X 187 52.38 12.41 -10.58
CA ASP X 187 53.53 11.80 -9.85
C ASP X 187 53.97 10.48 -10.51
N ILE X 188 53.35 10.10 -11.61
CA ILE X 188 53.86 8.88 -12.27
C ILE X 188 55.24 9.26 -12.83
N LEU X 189 56.18 8.31 -12.88
CA LEU X 189 57.51 8.60 -13.48
C LEU X 189 57.87 7.50 -14.48
N MET X 190 58.82 7.79 -15.37
CA MET X 190 59.27 6.79 -16.37
C MET X 190 60.64 7.24 -16.86
N LEU X 191 61.25 6.54 -17.83
CA LEU X 191 62.53 7.09 -18.35
C LEU X 191 62.87 6.60 -19.75
N PRO X 192 62.19 7.03 -20.85
CA PRO X 192 62.66 6.63 -22.19
C PRO X 192 64.05 7.20 -22.51
N ILE X 193 64.87 6.45 -23.25
CA ILE X 193 66.25 6.91 -23.63
C ILE X 193 66.77 6.21 -24.89
N VAL X 194 67.86 6.72 -25.48
CA VAL X 194 68.48 6.11 -26.70
C VAL X 194 69.30 4.89 -26.28
N GLY X 195 69.26 3.82 -27.08
CA GLY X 195 69.93 2.56 -26.68
C GLY X 195 71.44 2.59 -26.78
N ILE X 196 72.00 3.10 -27.89
CA ILE X 196 73.49 3.15 -27.89
C ILE X 196 73.86 4.45 -27.20
N ILE X 197 74.32 4.33 -25.97
CA ILE X 197 74.58 5.58 -25.22
C ILE X 197 75.89 5.40 -24.45
N ASP X 198 76.49 6.49 -23.95
CA ASP X 198 77.71 6.38 -23.09
C ASP X 198 77.40 5.78 -21.70
N SER X 199 78.28 4.91 -21.20
CA SER X 199 78.12 4.30 -19.85
C SER X 199 78.22 5.37 -18.76
N LYS X 200 79.15 6.29 -18.91
CA LYS X 200 79.31 7.37 -17.91
C LYS X 200 78.03 8.19 -17.94
N ARG X 201 77.47 8.40 -19.13
CA ARG X 201 76.21 9.17 -19.26
C ARG X 201 75.10 8.42 -18.55
N ALA X 202 75.13 7.09 -18.63
CA ALA X 202 74.14 6.26 -17.94
C ALA X 202 74.29 6.43 -16.43
N GLN X 203 75.53 6.52 -15.97
CA GLN X 203 75.74 6.80 -14.53
C GLN X 203 75.16 8.16 -14.22
N ASP X 204 75.27 9.04 -15.20
CA ASP X 204 74.70 10.39 -15.00
C ASP X 204 73.22 10.16 -14.80
N ILE X 205 72.64 9.33 -15.66
CA ILE X 205 71.17 9.16 -15.58
C ILE X 205 70.91 8.57 -14.20
N MET X 206 71.77 7.66 -13.78
CA MET X 206 71.60 7.04 -12.46
C MET X 206 71.49 8.17 -11.43
N SER X 207 72.34 9.16 -11.55
CA SER X 207 72.42 10.24 -10.54
C SER X 207 71.14 11.04 -10.69
N ALA X 208 70.72 11.21 -11.94
CA ALA X 208 69.53 12.03 -12.22
C ALA X 208 68.35 11.36 -11.53
N VAL X 209 68.23 10.05 -11.65
CA VAL X 209 67.03 9.43 -11.06
C VAL X 209 67.10 9.66 -9.57
N LEU X 210 68.28 9.53 -8.96
CA LEU X 210 68.25 9.69 -7.50
C LEU X 210 67.74 11.09 -7.17
N ASN X 211 68.33 12.09 -7.81
CA ASN X 211 67.91 13.45 -7.41
C ASN X 211 66.45 13.61 -7.77
N LYS X 212 66.04 13.03 -8.88
CA LYS X 212 64.66 13.26 -9.32
C LYS X 212 63.78 12.69 -8.23
N ILE X 213 64.19 11.54 -7.74
CA ILE X 213 63.31 10.89 -6.73
C ILE X 213 63.25 11.81 -5.53
N SER X 214 64.38 12.36 -5.14
CA SER X 214 64.23 13.23 -3.95
C SER X 214 63.26 14.31 -4.33
N GLU X 215 63.53 14.92 -5.49
CA GLU X 215 62.77 16.14 -5.83
C GLU X 215 61.31 15.87 -5.57
N ASN X 216 60.82 14.80 -6.12
CA ASN X 216 59.46 14.45 -5.72
C ASN X 216 59.58 12.98 -5.44
N ARG X 217 59.47 12.65 -4.17
CA ARG X 217 59.44 11.20 -3.90
C ARG X 217 58.33 10.60 -4.78
N ALA X 218 58.65 9.57 -5.58
CA ALA X 218 57.64 8.87 -6.42
C ALA X 218 57.76 7.36 -6.24
N LYS X 219 56.74 6.65 -5.80
CA LYS X 219 56.90 5.17 -5.78
C LYS X 219 56.79 4.72 -7.23
N ILE X 220 56.20 5.56 -8.06
CA ILE X 220 55.94 5.16 -9.47
C ILE X 220 57.09 5.68 -10.33
N PHE X 221 57.70 4.79 -11.10
CA PHE X 221 58.77 5.20 -12.04
C PHE X 221 58.89 4.07 -13.06
N ILE X 222 59.37 4.36 -14.28
CA ILE X 222 59.54 3.24 -15.24
C ILE X 222 60.81 3.42 -16.07
N MET X 223 61.31 2.31 -16.58
CA MET X 223 62.45 2.42 -17.51
C MET X 223 61.83 2.24 -18.89
N ASP X 224 61.88 3.26 -19.73
CA ASP X 224 61.35 3.04 -21.10
C ASP X 224 62.55 2.94 -22.05
N ILE X 225 62.58 1.91 -22.88
CA ILE X 225 63.73 1.72 -23.81
C ILE X 225 63.14 1.47 -25.19
N SER X 226 61.92 1.97 -25.42
CA SER X 226 61.27 1.67 -26.71
C SER X 226 62.28 1.87 -27.83
N GLY X 227 62.35 0.91 -28.74
CA GLY X 227 63.25 1.10 -29.88
C GLY X 227 64.64 1.39 -29.39
N VAL X 228 65.16 0.58 -28.49
CA VAL X 228 66.50 0.95 -27.94
C VAL X 228 67.40 1.12 -29.16
N ALA X 229 68.18 2.20 -29.18
CA ALA X 229 68.95 2.51 -30.41
C ALA X 229 69.91 1.38 -30.75
N VAL X 230 70.65 0.88 -29.77
CA VAL X 230 71.52 -0.28 -30.04
C VAL X 230 71.59 -1.08 -28.75
N VAL X 231 71.53 -2.41 -28.84
CA VAL X 231 71.63 -3.28 -27.63
C VAL X 231 73.11 -3.42 -27.24
N ASP X 232 73.69 -2.38 -26.64
CA ASP X 232 75.12 -2.41 -26.22
C ASP X 232 75.30 -3.38 -25.05
N THR X 233 76.47 -4.00 -24.94
CA THR X 233 76.73 -5.01 -23.87
C THR X 233 76.67 -4.33 -22.49
N ALA X 234 77.48 -3.30 -22.26
CA ALA X 234 77.54 -2.66 -20.92
C ALA X 234 76.20 -1.99 -20.64
N VAL X 235 75.48 -1.70 -21.72
CA VAL X 235 74.21 -0.97 -21.56
C VAL X 235 73.25 -1.84 -20.73
N ALA X 236 73.23 -3.13 -21.02
CA ALA X 236 72.38 -3.98 -20.17
C ALA X 236 72.83 -3.66 -18.77
N ASN X 237 74.11 -3.87 -18.55
CA ASN X 237 74.65 -3.72 -17.19
C ASN X 237 73.99 -2.57 -16.53
N HIS X 238 73.88 -1.48 -17.27
CA HIS X 238 73.32 -0.32 -16.57
C HIS X 238 71.95 -0.72 -16.06
N PHE X 239 71.02 -0.98 -17.00
CA PHE X 239 69.63 -1.38 -16.66
C PHE X 239 69.63 -2.63 -15.78
N ILE X 240 70.66 -3.48 -15.86
CA ILE X 240 70.70 -4.60 -14.91
C ILE X 240 70.79 -3.96 -13.52
N LYS X 241 71.90 -3.26 -13.33
CA LYS X 241 72.11 -2.66 -12.01
C LYS X 241 71.00 -1.65 -11.79
N ILE X 242 70.65 -0.92 -12.83
CA ILE X 242 69.68 0.19 -12.67
C ILE X 242 68.33 -0.37 -12.26
N THR X 243 67.92 -1.45 -12.89
CA THR X 243 66.56 -1.92 -12.57
C THR X 243 66.62 -2.26 -11.11
N LYS X 244 67.62 -3.04 -10.71
CA LYS X 244 67.65 -3.48 -9.30
C LYS X 244 67.59 -2.25 -8.42
N ALA X 245 68.46 -1.31 -8.68
CA ALA X 245 68.59 -0.15 -7.77
C ALA X 245 67.30 0.66 -7.69
N THR X 246 66.51 0.68 -8.75
CA THR X 246 65.34 1.59 -8.67
C THR X 246 64.45 1.14 -7.53
N LYS X 247 64.17 -0.15 -7.51
CA LYS X 247 63.23 -0.59 -6.47
C LYS X 247 64.07 -0.89 -5.23
N LEU X 248 65.39 -0.87 -5.38
CA LEU X 248 66.23 -1.01 -4.17
C LEU X 248 65.96 0.27 -3.39
N MET X 249 65.90 1.40 -4.08
CA MET X 249 65.52 2.67 -3.42
C MET X 249 64.11 2.46 -2.95
N GLY X 250 63.33 1.78 -3.78
CA GLY X 250 61.91 1.59 -3.43
C GLY X 250 61.14 2.22 -4.55
N CYS X 251 61.87 2.71 -5.54
CA CYS X 251 61.19 3.28 -6.71
C CYS X 251 60.90 2.12 -7.66
N ASP X 252 59.68 1.58 -7.60
CA ASP X 252 59.32 0.53 -8.58
C ASP X 252 59.66 1.07 -9.97
N CYS X 253 60.30 0.25 -10.82
CA CYS X 253 60.68 0.67 -12.19
C CYS X 253 60.15 -0.38 -13.17
N LEU X 254 59.62 0.05 -14.32
CA LEU X 254 59.02 -0.95 -15.24
C LEU X 254 59.56 -0.74 -16.64
N VAL X 255 59.62 -1.79 -17.46
CA VAL X 255 60.02 -1.58 -18.89
C VAL X 255 58.78 -1.58 -19.78
N SER X 256 58.44 -0.43 -20.35
CA SER X 256 57.18 -0.33 -21.14
C SER X 256 57.43 -0.51 -22.63
N GLY X 257 58.55 0.01 -23.14
CA GLY X 257 58.80 -0.05 -24.59
C GLY X 257 60.19 -0.58 -24.84
N VAL X 258 60.41 -1.30 -25.95
CA VAL X 258 61.73 -1.92 -26.23
C VAL X 258 61.68 -2.59 -27.60
N SER X 259 62.85 -3.02 -28.11
CA SER X 259 62.86 -3.78 -29.39
C SER X 259 62.95 -5.27 -29.06
N PRO X 260 62.52 -6.18 -29.96
CA PRO X 260 62.65 -7.63 -29.72
C PRO X 260 64.03 -8.29 -29.92
N SER X 261 64.71 -7.97 -31.02
CA SER X 261 66.06 -8.52 -31.21
C SER X 261 66.94 -7.91 -30.14
N ILE X 262 66.56 -6.73 -29.70
CA ILE X 262 67.31 -6.12 -28.59
C ILE X 262 67.16 -7.12 -27.45
N ALA X 263 65.93 -7.57 -27.27
CA ALA X 263 65.64 -8.53 -26.18
C ALA X 263 66.37 -9.83 -26.47
N ARG X 264 66.40 -10.23 -27.72
CA ARG X 264 67.01 -11.56 -27.96
C ARG X 264 68.46 -11.45 -27.56
N THR X 265 69.08 -10.36 -27.98
CA THR X 265 70.52 -10.22 -27.74
C THR X 265 70.69 -10.35 -26.24
N MET X 266 69.73 -9.80 -25.52
CA MET X 266 69.78 -9.87 -24.04
C MET X 266 69.64 -11.31 -23.60
N VAL X 267 68.57 -11.97 -24.03
CA VAL X 267 68.34 -13.32 -23.50
C VAL X 267 69.54 -14.16 -23.90
N GLN X 268 69.98 -14.00 -25.15
CA GLN X 268 71.15 -14.76 -25.66
C GLN X 268 72.33 -14.53 -24.71
N LEU X 269 72.31 -13.44 -23.93
CA LEU X 269 73.48 -13.21 -23.07
C LEU X 269 73.40 -14.28 -21.97
N GLY X 270 72.25 -14.93 -21.89
CA GLY X 270 72.06 -15.96 -20.88
C GLY X 270 71.61 -15.27 -19.62
N ILE X 271 71.27 -13.99 -19.75
CA ILE X 271 70.75 -13.23 -18.58
C ILE X 271 69.74 -14.11 -17.85
N ASN X 272 69.74 -14.09 -16.50
CA ASN X 272 68.86 -15.00 -15.74
C ASN X 272 68.19 -14.28 -14.57
N VAL X 273 68.86 -13.26 -14.03
CA VAL X 273 68.37 -12.60 -12.80
C VAL X 273 67.03 -11.88 -12.97
N GLY X 274 66.78 -11.28 -14.13
CA GLY X 274 65.58 -10.43 -14.23
C GLY X 274 64.28 -11.10 -13.86
N GLU X 275 63.52 -10.50 -12.94
CA GLU X 275 62.19 -11.01 -12.54
C GLU X 275 61.37 -9.79 -12.09
N VAL X 276 61.48 -8.67 -12.81
CA VAL X 276 60.80 -7.41 -12.37
C VAL X 276 59.50 -7.24 -13.17
N ARG X 277 58.84 -6.09 -12.99
CA ARG X 277 57.55 -5.84 -13.69
C ARG X 277 57.82 -5.07 -14.99
N THR X 278 57.08 -5.38 -16.05
CA THR X 278 57.20 -4.65 -17.35
C THR X 278 55.80 -4.41 -17.94
N ASN X 279 55.73 -3.82 -19.14
CA ASN X 279 54.41 -3.48 -19.74
C ASN X 279 54.52 -3.35 -21.27
N ALA X 280 53.38 -3.28 -21.98
CA ALA X 280 53.38 -3.11 -23.45
C ALA X 280 53.26 -1.63 -23.82
N THR X 281 54.36 -0.98 -24.20
CA THR X 281 54.36 0.45 -24.63
C THR X 281 53.92 1.34 -23.47
N LEU X 282 53.87 2.64 -23.70
CA LEU X 282 53.39 3.56 -22.62
C LEU X 282 51.88 3.34 -22.47
N ARG X 283 51.31 2.33 -23.16
CA ARG X 283 49.83 2.21 -23.08
C ARG X 283 49.51 1.33 -21.88
N ASP X 284 49.96 0.07 -21.96
CA ASP X 284 49.74 -0.88 -20.84
C ASP X 284 50.50 -0.39 -19.61
N ALA X 285 51.52 0.46 -19.76
CA ALA X 285 52.22 0.86 -18.54
C ALA X 285 51.30 1.76 -17.73
N LEU X 286 50.68 2.73 -18.40
CA LEU X 286 49.80 3.69 -17.71
C LEU X 286 48.59 2.93 -17.22
N GLU X 287 48.14 1.98 -18.03
CA GLU X 287 46.90 1.32 -17.57
C GLU X 287 47.23 0.74 -16.21
N ASN X 288 48.36 0.07 -16.13
CA ASN X 288 48.74 -0.55 -14.84
C ASN X 288 48.90 0.58 -13.84
N ALA X 289 49.51 1.68 -14.28
CA ALA X 289 49.77 2.66 -13.22
C ALA X 289 48.44 3.18 -12.70
N PHE X 290 47.51 3.48 -13.61
CA PHE X 290 46.22 4.07 -13.18
C PHE X 290 45.49 3.02 -12.37
N LYS X 291 46.05 1.82 -12.33
CA LYS X 291 45.44 0.72 -11.54
C LYS X 291 46.17 0.60 -10.19
N ILE X 292 47.48 0.86 -10.27
CA ILE X 292 48.26 1.00 -9.02
C ILE X 292 47.76 2.36 -8.56
N VAL X 293 46.97 3.03 -9.41
CA VAL X 293 46.40 4.37 -9.06
C VAL X 293 44.88 4.26 -9.07
N GLU Y 169 -9.06 -3.33 -83.81
CA GLU Y 169 -8.40 -3.90 -82.64
C GLU Y 169 -8.05 -2.79 -81.64
N GLN Y 170 -7.58 -1.66 -82.14
CA GLN Y 170 -7.23 -0.54 -81.26
C GLN Y 170 -8.45 -0.04 -80.51
N SER Y 171 -9.64 -0.11 -81.11
CA SER Y 171 -10.83 0.26 -80.34
C SER Y 171 -10.87 -0.71 -79.14
N GLU Y 172 -10.96 -1.99 -79.48
CA GLU Y 172 -11.15 -2.97 -78.40
C GLU Y 172 -9.96 -2.82 -77.46
N ALA Y 173 -8.82 -2.41 -78.00
CA ALA Y 173 -7.64 -2.17 -77.13
C ALA Y 173 -8.00 -1.01 -76.21
N LEU Y 174 -8.72 -0.02 -76.71
CA LEU Y 174 -9.15 1.14 -75.89
C LEU Y 174 -10.11 0.65 -74.79
N LEU Y 175 -11.05 -0.17 -75.24
CA LEU Y 175 -12.08 -0.70 -74.31
C LEU Y 175 -11.34 -1.51 -73.27
N ALA Y 176 -10.22 -2.11 -73.70
CA ALA Y 176 -9.43 -2.91 -72.76
C ALA Y 176 -8.97 -1.99 -71.65
N MET Y 177 -8.64 -0.74 -71.98
CA MET Y 177 -8.07 0.19 -70.99
C MET Y 177 -9.01 0.63 -69.85
N SER Y 178 -10.27 0.98 -70.12
CA SER Y 178 -11.13 1.59 -69.07
C SER Y 178 -11.47 0.70 -67.86
N THR Y 179 -11.77 -0.58 -68.08
CA THR Y 179 -12.22 -1.43 -66.94
C THR Y 179 -11.13 -1.58 -65.87
N PRO Y 180 -9.84 -1.80 -66.21
CA PRO Y 180 -8.79 -1.83 -65.19
C PRO Y 180 -8.68 -0.47 -64.49
N VAL Y 181 -8.77 0.60 -65.27
CA VAL Y 181 -8.60 1.95 -64.67
C VAL Y 181 -9.80 2.19 -63.76
N THR Y 182 -10.79 1.30 -63.80
CA THR Y 182 -11.88 1.42 -62.78
C THR Y 182 -11.61 0.57 -61.54
N MET Y 183 -11.19 -0.70 -61.69
CA MET Y 183 -11.09 -1.64 -60.52
C MET Y 183 -9.94 -1.34 -59.57
N ILE Y 184 -10.15 -1.50 -58.25
CA ILE Y 184 -9.03 -1.38 -57.28
C ILE Y 184 -9.30 -2.23 -56.02
N TRP Y 185 -8.22 -2.69 -55.38
CA TRP Y 185 -8.33 -3.50 -54.14
C TRP Y 185 -9.28 -2.82 -53.16
N GLN Y 186 -9.86 -3.61 -52.25
CA GLN Y 186 -10.71 -3.02 -51.20
C GLN Y 186 -11.90 -2.28 -51.80
N ASP Y 187 -12.39 -2.69 -52.98
CA ASP Y 187 -13.66 -2.10 -53.51
C ASP Y 187 -13.49 -0.62 -53.83
N ILE Y 188 -12.28 -0.07 -53.67
CA ILE Y 188 -12.14 1.34 -54.10
C ILE Y 188 -12.25 1.33 -55.62
N LEU Y 189 -12.78 2.39 -56.22
CA LEU Y 189 -12.85 2.47 -57.71
C LEU Y 189 -12.31 3.81 -58.17
N MET Y 190 -11.93 3.92 -59.44
CA MET Y 190 -11.42 5.18 -60.00
C MET Y 190 -11.57 5.09 -61.53
N LEU Y 191 -11.12 6.09 -62.29
CA LEU Y 191 -11.19 5.90 -63.77
C LEU Y 191 -10.19 6.77 -64.53
N PRO Y 192 -8.86 6.52 -64.51
CA PRO Y 192 -7.96 7.30 -65.39
C PRO Y 192 -8.25 7.06 -66.88
N ILE Y 193 -8.11 8.08 -67.73
CA ILE Y 193 -8.35 7.95 -69.20
C ILE Y 193 -7.61 9.02 -70.02
N VAL Y 194 -7.52 8.84 -71.34
CA VAL Y 194 -6.85 9.82 -72.24
C VAL Y 194 -7.77 11.02 -72.48
N GLY Y 195 -7.23 12.23 -72.50
CA GLY Y 195 -8.08 13.44 -72.61
C GLY Y 195 -8.68 13.67 -73.96
N ILE Y 196 -7.92 13.55 -75.05
CA ILE Y 196 -8.61 13.74 -76.35
C ILE Y 196 -9.19 12.38 -76.70
N ILE Y 197 -10.49 12.25 -76.55
CA ILE Y 197 -11.09 10.92 -76.78
C ILE Y 197 -12.39 11.11 -77.54
N ASP Y 198 -12.94 10.04 -78.13
CA ASP Y 198 -14.29 10.13 -78.79
C ASP Y 198 -15.43 10.29 -77.79
N SER Y 199 -16.41 11.14 -78.12
CA SER Y 199 -17.60 11.37 -77.25
C SER Y 199 -18.44 10.10 -77.14
N LYS Y 200 -18.60 9.39 -78.25
CA LYS Y 200 -19.40 8.14 -78.22
C LYS Y 200 -18.66 7.16 -77.33
N ARG Y 201 -17.32 7.16 -77.40
CA ARG Y 201 -16.50 6.27 -76.57
C ARG Y 201 -16.70 6.64 -75.10
N ALA Y 202 -16.84 7.93 -74.83
CA ALA Y 202 -17.11 8.39 -73.46
C ALA Y 202 -18.47 7.88 -73.00
N GLN Y 203 -19.45 7.88 -73.91
CA GLN Y 203 -20.76 7.31 -73.55
C GLN Y 203 -20.54 5.82 -73.25
N ASP Y 204 -19.61 5.25 -73.99
CA ASP Y 204 -19.32 3.82 -73.74
C ASP Y 204 -18.83 3.75 -72.31
N ILE Y 205 -17.93 4.66 -71.97
CA ILE Y 205 -17.35 4.58 -70.62
C ILE Y 205 -18.50 4.77 -69.64
N MET Y 206 -19.41 5.66 -70.00
CA MET Y 206 -20.58 5.91 -69.12
C MET Y 206 -21.25 4.56 -68.87
N SER Y 207 -21.39 3.76 -69.91
CA SER Y 207 -22.16 2.50 -69.83
C SER Y 207 -21.31 1.57 -68.98
N ALA Y 208 -20.00 1.66 -69.20
CA ALA Y 208 -19.07 0.76 -68.48
C ALA Y 208 -19.21 1.04 -66.99
N VAL Y 209 -19.26 2.30 -66.61
CA VAL Y 209 -19.29 2.55 -65.16
C VAL Y 209 -20.59 1.98 -64.64
N LEU Y 210 -21.69 2.15 -65.37
CA LEU Y 210 -22.94 1.62 -64.77
C LEU Y 210 -22.76 0.13 -64.54
N ASN Y 211 -22.34 -0.58 -65.57
CA ASN Y 211 -22.29 -2.04 -65.39
C ASN Y 211 -21.27 -2.34 -64.30
N LYS Y 212 -20.19 -1.58 -64.28
CA LYS Y 212 -19.13 -1.91 -63.32
C LYS Y 212 -19.75 -1.77 -61.94
N ILE Y 213 -20.54 -0.72 -61.80
CA ILE Y 213 -21.09 -0.47 -60.45
C ILE Y 213 -21.97 -1.66 -60.12
N SER Y 214 -22.77 -2.12 -61.06
CA SER Y 214 -23.61 -3.27 -60.66
C SER Y 214 -22.66 -4.36 -60.24
N GLU Y 215 -21.68 -4.61 -61.12
CA GLU Y 215 -20.85 -5.81 -60.92
C GLU Y 215 -20.45 -5.85 -59.47
N ASN Y 216 -19.87 -4.76 -59.01
CA ASN Y 216 -19.64 -4.74 -57.56
C ASN Y 216 -20.17 -3.39 -57.18
N ARG Y 217 -21.26 -3.39 -56.46
CA ARG Y 217 -21.70 -2.09 -55.97
C ARG Y 217 -20.50 -1.47 -55.23
N ALA Y 218 -20.12 -0.23 -55.57
CA ALA Y 218 -19.01 0.48 -54.87
C ALA Y 218 -19.44 1.92 -54.53
N LYS Y 219 -19.45 2.32 -53.27
CA LYS Y 219 -19.76 3.75 -53.03
C LYS Y 219 -18.52 4.53 -53.44
N ILE Y 220 -17.39 3.84 -53.49
CA ILE Y 220 -16.10 4.52 -53.77
C ILE Y 220 -15.81 4.42 -55.25
N PHE Y 221 -15.57 5.55 -55.90
CA PHE Y 221 -15.19 5.57 -57.34
C PHE Y 221 -14.51 6.92 -57.59
N ILE Y 222 -13.65 7.01 -58.60
CA ILE Y 222 -13.05 8.35 -58.87
C ILE Y 222 -12.90 8.58 -60.37
N MET Y 223 -12.87 9.84 -60.75
CA MET Y 223 -12.56 10.14 -62.17
C MET Y 223 -11.10 10.56 -62.17
N ASP Y 224 -10.24 9.79 -62.82
CA ASP Y 224 -8.84 10.27 -62.89
C ASP Y 224 -8.58 10.77 -64.31
N ILE Y 225 -8.03 11.98 -64.43
CA ILE Y 225 -7.78 12.58 -65.77
C ILE Y 225 -6.34 13.06 -65.78
N SER Y 226 -5.50 12.44 -64.95
CA SER Y 226 -4.12 12.96 -64.87
C SER Y 226 -3.58 13.19 -66.27
N GLY Y 227 -2.96 14.34 -66.47
CA GLY Y 227 -2.36 14.58 -67.79
C GLY Y 227 -3.40 14.40 -68.86
N VAL Y 228 -4.56 15.04 -68.72
CA VAL Y 228 -5.60 14.77 -69.75
C VAL Y 228 -4.95 15.04 -71.09
N ALA Y 229 -5.12 14.13 -72.05
CA ALA Y 229 -4.37 14.26 -73.32
C ALA Y 229 -4.70 15.57 -74.02
N VAL Y 230 -5.97 15.92 -74.12
CA VAL Y 230 -6.31 17.24 -74.71
C VAL Y 230 -7.59 17.69 -74.01
N VAL Y 231 -7.68 18.98 -73.66
CA VAL Y 231 -8.91 19.53 -73.01
C VAL Y 231 -9.96 19.80 -74.10
N ASP Y 232 -10.61 18.74 -74.60
CA ASP Y 232 -11.64 18.89 -75.67
C ASP Y 232 -12.88 19.56 -75.08
N THR Y 233 -13.63 20.31 -75.89
CA THR Y 233 -14.83 21.05 -75.41
C THR Y 233 -15.90 20.06 -74.94
N ALA Y 234 -16.33 19.14 -75.80
CA ALA Y 234 -17.43 18.20 -75.45
C ALA Y 234 -16.94 17.28 -74.33
N VAL Y 235 -15.63 17.16 -74.24
CA VAL Y 235 -15.07 16.21 -73.24
C VAL Y 235 -15.46 16.70 -71.85
N ALA Y 236 -15.40 18.00 -71.62
CA ALA Y 236 -15.86 18.48 -70.31
C ALA Y 236 -17.24 17.89 -70.19
N ASN Y 237 -18.07 18.25 -71.15
CA ASN Y 237 -19.48 17.84 -71.08
C ASN Y 237 -19.56 16.47 -70.51
N HIS Y 238 -18.71 15.60 -71.01
CA HIS Y 238 -18.89 14.22 -70.52
C HIS Y 238 -18.75 14.26 -69.00
N PHE Y 239 -17.53 14.61 -68.54
CA PHE Y 239 -17.24 14.69 -67.08
C PHE Y 239 -18.19 15.67 -66.39
N ILE Y 240 -18.73 16.65 -67.11
CA ILE Y 240 -19.74 17.51 -66.45
C ILE Y 240 -20.89 16.57 -66.11
N LYS Y 241 -21.48 16.03 -67.15
CA LYS Y 241 -22.64 15.15 -66.93
C LYS Y 241 -22.17 13.96 -66.12
N ILE Y 242 -20.98 13.46 -66.44
CA ILE Y 242 -20.49 12.22 -65.81
C ILE Y 242 -20.31 12.43 -64.33
N THR Y 243 -19.73 13.56 -63.98
CA THR Y 243 -19.44 13.71 -62.54
C THR Y 243 -20.79 13.69 -61.88
N LYS Y 244 -21.73 14.43 -62.48
CA LYS Y 244 -23.00 14.50 -61.76
C LYS Y 244 -23.56 13.09 -61.61
N ALA Y 245 -23.58 12.36 -62.71
CA ALA Y 245 -24.26 11.06 -62.66
C ALA Y 245 -23.63 10.15 -61.64
N THR Y 246 -22.31 10.08 -61.66
CA THR Y 246 -21.66 9.10 -60.79
C THR Y 246 -21.92 9.43 -59.35
N LYS Y 247 -21.74 10.70 -58.99
CA LYS Y 247 -21.86 10.94 -57.54
C LYS Y 247 -23.30 10.65 -57.16
N LEU Y 248 -24.22 11.11 -57.99
CA LEU Y 248 -25.63 11.03 -57.58
C LEU Y 248 -26.15 9.60 -57.65
N MET Y 249 -25.38 8.70 -58.25
CA MET Y 249 -25.75 7.28 -58.22
C MET Y 249 -25.71 6.88 -56.76
N GLY Y 250 -25.06 7.70 -55.95
CA GLY Y 250 -24.85 7.31 -54.55
C GLY Y 250 -23.49 6.69 -54.57
N CYS Y 251 -22.87 6.74 -55.76
CA CYS Y 251 -21.50 6.22 -55.87
C CYS Y 251 -20.57 7.41 -56.10
N ASP Y 252 -19.91 7.88 -55.06
CA ASP Y 252 -19.08 9.11 -55.16
C ASP Y 252 -18.09 9.07 -56.33
N CYS Y 253 -17.70 10.23 -56.89
CA CYS Y 253 -16.63 10.23 -57.92
C CYS Y 253 -15.68 11.39 -57.60
N LEU Y 254 -14.36 11.19 -57.75
CA LEU Y 254 -13.43 12.27 -57.35
C LEU Y 254 -12.43 12.50 -58.49
N VAL Y 255 -11.90 13.72 -58.62
CA VAL Y 255 -10.82 13.94 -59.63
C VAL Y 255 -9.47 13.96 -58.93
N SER Y 256 -8.63 12.95 -59.16
CA SER Y 256 -7.35 12.86 -58.43
C SER Y 256 -6.19 13.43 -59.25
N GLY Y 257 -6.20 13.23 -60.56
CA GLY Y 257 -5.06 13.69 -61.38
C GLY Y 257 -5.58 14.47 -62.55
N VAL Y 258 -4.81 15.47 -63.05
CA VAL Y 258 -5.28 16.34 -64.16
C VAL Y 258 -4.17 17.31 -64.53
N SER Y 259 -4.33 18.02 -65.65
CA SER Y 259 -3.34 19.06 -66.01
C SER Y 259 -3.89 20.43 -65.59
N PRO Y 260 -3.04 21.45 -65.36
CA PRO Y 260 -3.52 22.80 -65.01
C PRO Y 260 -4.09 23.69 -66.11
N SER Y 261 -3.41 23.76 -67.26
CA SER Y 261 -3.96 24.55 -68.38
C SER Y 261 -5.21 23.84 -68.84
N ILE Y 262 -5.24 22.55 -68.61
CA ILE Y 262 -6.47 21.80 -68.95
C ILE Y 262 -7.53 22.46 -68.09
N ALA Y 263 -7.18 22.65 -66.81
CA ALA Y 263 -8.14 23.25 -65.87
C ALA Y 263 -8.43 24.68 -66.29
N ARG Y 264 -7.40 25.39 -66.75
CA ARG Y 264 -7.68 26.80 -67.05
C ARG Y 264 -8.69 26.82 -68.17
N THR Y 265 -8.45 25.98 -69.16
CA THR Y 265 -9.31 26.02 -70.35
C THR Y 265 -10.72 25.80 -69.83
N MET Y 266 -10.82 24.94 -68.82
CA MET Y 266 -12.14 24.65 -68.22
C MET Y 266 -12.68 25.91 -67.54
N VAL Y 267 -11.89 26.47 -66.64
CA VAL Y 267 -12.46 27.60 -65.86
C VAL Y 267 -12.79 28.68 -66.87
N GLN Y 268 -11.88 28.91 -67.83
CA GLN Y 268 -12.10 29.95 -68.87
C GLN Y 268 -13.45 29.68 -69.55
N LEU Y 269 -13.95 28.44 -69.46
CA LEU Y 269 -15.23 28.20 -70.18
C LEU Y 269 -16.29 28.93 -69.38
N GLY Y 270 -15.91 29.35 -68.17
CA GLY Y 270 -16.87 30.06 -67.31
C GLY Y 270 -17.65 29.01 -66.57
N ILE Y 271 -17.19 27.76 -66.65
CA ILE Y 271 -17.85 26.67 -65.89
C ILE Y 271 -18.15 27.18 -64.47
N ASN Y 272 -19.32 26.83 -63.92
CA ASN Y 272 -19.68 27.37 -62.59
C ASN Y 272 -20.29 26.29 -61.70
N VAL Y 273 -20.92 25.28 -62.30
CA VAL Y 273 -21.67 24.26 -61.51
C VAL Y 273 -20.78 23.42 -60.61
N GLY Y 274 -19.57 23.09 -61.03
CA GLY Y 274 -18.79 22.11 -60.25
C GLY Y 274 -18.61 22.47 -58.79
N GLU Y 275 -18.96 21.53 -57.90
CA GLU Y 275 -18.75 21.72 -56.44
C GLU Y 275 -18.60 20.32 -55.84
N VAL Y 276 -17.84 19.43 -56.52
CA VAL Y 276 -17.72 18.02 -56.06
C VAL Y 276 -16.39 17.85 -55.31
N ARG Y 277 -16.06 16.60 -54.95
CA ARG Y 277 -14.81 16.34 -54.20
C ARG Y 277 -13.69 15.97 -55.17
N THR Y 278 -12.47 16.41 -54.90
CA THR Y 278 -11.29 16.05 -55.75
C THR Y 278 -10.08 15.75 -54.85
N ASN Y 279 -8.91 15.46 -55.44
CA ASN Y 279 -7.72 15.08 -54.63
C ASN Y 279 -6.43 15.35 -55.41
N ALA Y 280 -5.27 15.28 -54.74
CA ALA Y 280 -3.95 15.49 -55.41
C ALA Y 280 -3.36 14.13 -55.84
N THR Y 281 -3.44 13.79 -57.12
CA THR Y 281 -2.86 12.53 -57.65
C THR Y 281 -3.54 11.32 -57.01
N LEU Y 282 -3.13 10.11 -57.39
CA LEU Y 282 -3.69 8.91 -56.75
C LEU Y 282 -3.16 8.84 -55.31
N ARG Y 283 -2.44 9.88 -54.85
CA ARG Y 283 -1.83 9.75 -53.51
C ARG Y 283 -2.85 10.25 -52.51
N ASP Y 284 -3.18 11.54 -52.61
CA ASP Y 284 -4.18 12.13 -51.70
C ASP Y 284 -5.55 11.49 -51.96
N ALA Y 285 -5.77 10.87 -53.13
CA ALA Y 285 -7.10 10.29 -53.32
C ALA Y 285 -7.23 9.08 -52.39
N LEU Y 286 -6.22 8.24 -52.38
CA LEU Y 286 -6.26 7.00 -51.57
C LEU Y 286 -6.25 7.42 -50.12
N GLU Y 287 -5.46 8.45 -49.83
CA GLU Y 287 -5.38 8.78 -48.40
C GLU Y 287 -6.80 9.05 -47.95
N ASN Y 288 -7.50 9.86 -48.74
CA ASN Y 288 -8.89 10.18 -48.35
C ASN Y 288 -9.67 8.88 -48.36
N ALA Y 289 -9.41 8.04 -49.35
CA ALA Y 289 -10.31 6.88 -49.38
C ALA Y 289 -10.06 6.05 -48.14
N PHE Y 290 -8.79 5.84 -47.78
CA PHE Y 290 -8.47 4.97 -46.63
C PHE Y 290 -8.99 5.65 -45.38
N LYS Y 291 -9.46 6.88 -45.55
CA LYS Y 291 -10.03 7.64 -44.40
C LYS Y 291 -11.56 7.53 -44.43
N ILE Y 292 -12.07 7.52 -45.67
CA ILE Y 292 -13.50 7.20 -45.85
C ILE Y 292 -13.47 5.69 -45.57
N VAL Y 293 -12.26 5.15 -45.42
CA VAL Y 293 -12.10 3.70 -45.10
C VAL Y 293 -11.39 3.57 -43.76
N GLU Z 169 -2.25 8.46 -83.79
CA GLU Z 169 -2.76 8.93 -82.52
C GLU Z 169 -2.98 7.74 -81.57
N GLN Z 170 -3.51 6.64 -82.10
CA GLN Z 170 -3.75 5.45 -81.29
C GLN Z 170 -2.44 4.91 -80.73
N SER Z 171 -1.34 5.04 -81.46
CA SER Z 171 -0.07 4.63 -80.87
C SER Z 171 0.12 5.50 -79.60
N GLU Z 172 0.15 6.79 -79.84
CA GLU Z 172 0.46 7.70 -78.71
C GLU Z 172 -0.60 7.46 -77.66
N ALA Z 173 -1.79 7.08 -78.09
CA ALA Z 173 -2.85 6.75 -77.11
C ALA Z 173 -2.39 5.53 -76.33
N LEU Z 174 -1.73 4.59 -77.00
CA LEU Z 174 -1.20 3.37 -76.32
C LEU Z 174 -0.13 3.78 -75.31
N LEU Z 175 0.76 4.66 -75.80
CA LEU Z 175 1.89 5.12 -74.97
C LEU Z 175 1.26 5.84 -73.77
N ALA Z 176 0.11 6.45 -74.02
CA ALA Z 176 -0.58 7.17 -72.94
C ALA Z 176 -0.90 6.15 -71.85
N MET Z 177 -1.26 4.93 -72.26
CA MET Z 177 -1.70 3.90 -71.27
C MET Z 177 -0.64 3.39 -70.30
N SER Z 178 0.59 3.09 -70.74
CA SER Z 178 1.57 2.41 -69.85
C SER Z 178 2.04 3.20 -68.62
N THR Z 179 2.31 4.50 -68.76
CA THR Z 179 2.88 5.27 -67.62
C THR Z 179 1.93 5.32 -66.42
N PRO Z 180 0.61 5.53 -66.59
CA PRO Z 180 -0.31 5.47 -65.45
C PRO Z 180 -0.34 4.06 -64.86
N VAL Z 181 -0.34 3.05 -65.73
CA VAL Z 181 -0.42 1.66 -65.22
C VAL Z 181 0.87 1.37 -64.49
N THR Z 182 1.86 2.26 -64.56
CA THR Z 182 3.05 2.09 -63.70
C THR Z 182 2.92 2.84 -62.36
N MET Z 183 2.49 4.11 -62.36
CA MET Z 183 2.52 4.94 -61.12
C MET Z 183 1.49 4.55 -60.07
N ILE Z 184 1.85 4.61 -58.78
CA ILE Z 184 0.85 4.40 -57.69
C ILE Z 184 1.26 5.15 -56.41
N TRP Z 185 0.27 5.54 -55.61
CA TRP Z 185 0.52 6.25 -54.33
C TRP Z 185 1.58 5.51 -53.53
N GLN Z 186 2.25 6.24 -52.63
CA GLN Z 186 3.23 5.58 -51.73
C GLN Z 186 4.34 4.89 -52.53
N ASP Z 187 4.69 5.41 -53.71
CA ASP Z 187 5.89 4.88 -54.43
C ASP Z 187 5.69 3.42 -54.86
N ILE Z 188 4.52 2.86 -54.60
CA ILE Z 188 4.33 1.47 -55.12
C ILE Z 188 4.25 1.61 -56.64
N LEU Z 189 4.72 0.60 -57.39
CA LEU Z 189 4.61 0.65 -58.86
C LEU Z 189 4.02 -0.66 -59.37
N MET Z 190 3.50 -0.66 -60.60
CA MET Z 190 2.93 -1.89 -61.20
C MET Z 190 2.91 -1.67 -62.71
N LEU Z 191 2.37 -2.62 -63.50
CA LEU Z 191 2.26 -2.31 -64.94
C LEU Z 191 1.19 -3.12 -65.66
N PRO Z 192 -0.14 -2.90 -65.47
CA PRO Z 192 -1.13 -3.61 -66.29
C PRO Z 192 -1.01 -3.25 -67.78
N ILE Z 193 -1.25 -4.22 -68.69
CA ILE Z 193 -1.18 -3.96 -70.17
C ILE Z 193 -2.01 -4.97 -70.97
N VAL Z 194 -2.25 -4.69 -72.25
CA VAL Z 194 -3.03 -5.60 -73.15
C VAL Z 194 -2.13 -6.76 -73.59
N GLY Z 195 -2.67 -7.98 -73.65
CA GLY Z 195 -1.83 -9.16 -73.94
C GLY Z 195 -1.39 -9.27 -75.38
N ILE Z 196 -2.28 -9.08 -76.36
CA ILE Z 196 -1.74 -9.15 -77.74
C ILE Z 196 -1.22 -7.76 -78.04
N ILE Z 197 0.09 -7.63 -78.04
CA ILE Z 197 0.65 -6.28 -78.22
C ILE Z 197 1.86 -6.38 -79.15
N ASP Z 198 2.33 -5.26 -79.71
CA ASP Z 198 3.59 -5.28 -80.52
C ASP Z 198 4.84 -5.52 -79.67
N SER Z 199 5.78 -6.32 -80.19
CA SER Z 199 7.06 -6.60 -79.49
C SER Z 199 7.92 -5.33 -79.36
N LYS Z 200 7.94 -4.54 -80.44
CA LYS Z 200 8.73 -3.29 -80.40
C LYS Z 200 8.09 -2.39 -79.36
N ARG Z 201 6.76 -2.40 -79.27
CA ARG Z 201 6.03 -1.60 -78.27
C ARG Z 201 6.41 -2.08 -76.87
N ALA Z 202 6.59 -3.38 -76.74
CA ALA Z 202 7.01 -3.95 -75.44
C ALA Z 202 8.42 -3.46 -75.11
N GLN Z 203 9.28 -3.37 -76.11
CA GLN Z 203 10.62 -2.80 -75.86
C GLN Z 203 10.44 -1.35 -75.43
N ASP Z 204 9.43 -0.73 -76.00
CA ASP Z 204 9.16 0.66 -75.61
C ASP Z 204 8.84 0.61 -74.13
N ILE Z 205 8.00 -0.34 -73.76
CA ILE Z 205 7.56 -0.37 -72.35
C ILE Z 205 8.83 -0.62 -71.54
N MET Z 206 9.70 -1.47 -72.06
CA MET Z 206 10.96 -1.76 -71.35
C MET Z 206 11.65 -0.43 -71.07
N SER Z 207 11.67 0.45 -72.06
CA SER Z 207 12.43 1.70 -71.95
C SER Z 207 11.68 2.56 -70.94
N ALA Z 208 10.36 2.47 -71.00
CA ALA Z 208 9.52 3.29 -70.12
C ALA Z 208 9.83 2.90 -68.69
N VAL Z 209 9.93 1.61 -68.42
CA VAL Z 209 10.14 1.24 -67.01
C VAL Z 209 11.48 1.79 -66.60
N LEU Z 210 12.49 1.70 -67.46
CA LEU Z 210 13.80 2.19 -66.97
C LEU Z 210 13.65 3.66 -66.60
N ASN Z 211 13.10 4.44 -67.52
CA ASN Z 211 13.07 5.88 -67.21
C ASN Z 211 12.18 6.08 -65.99
N LYS Z 212 11.12 5.29 -65.91
CA LYS Z 212 10.17 5.54 -64.81
C LYS Z 212 10.96 5.30 -63.53
N ILE Z 213 11.76 4.25 -63.56
CA ILE Z 213 12.47 3.92 -62.31
C ILE Z 213 13.37 5.08 -61.99
N SER Z 214 14.06 5.62 -62.98
CA SER Z 214 14.93 6.74 -62.58
C SER Z 214 14.03 7.79 -61.97
N GLU Z 215 12.96 8.09 -62.70
CA GLU Z 215 12.15 9.27 -62.32
C GLU Z 215 11.92 9.18 -60.84
N ASN Z 216 11.41 8.05 -60.40
CA ASN Z 216 11.34 7.91 -58.94
C ASN Z 216 11.92 6.54 -58.72
N ARG Z 217 13.09 6.51 -58.14
CA ARG Z 217 13.59 5.16 -57.81
C ARG Z 217 12.49 4.48 -56.98
N ALA Z 218 12.07 3.26 -57.38
CA ALA Z 218 11.05 2.48 -56.63
C ALA Z 218 11.53 1.04 -56.46
N LYS Z 219 11.69 0.53 -55.24
CA LYS Z 219 12.03 -0.91 -55.16
C LYS Z 219 10.75 -1.67 -55.47
N ILE Z 220 9.62 -0.99 -55.34
CA ILE Z 220 8.31 -1.67 -55.52
C ILE Z 220 7.85 -1.45 -56.96
N PHE Z 221 7.54 -2.54 -57.65
CA PHE Z 221 7.00 -2.44 -59.02
C PHE Z 221 6.30 -3.77 -59.31
N ILE Z 222 5.32 -3.81 -60.21
CA ILE Z 222 4.70 -5.11 -60.52
C ILE Z 222 4.38 -5.22 -62.00
N MET Z 223 4.29 -6.46 -62.48
CA MET Z 223 3.84 -6.65 -63.86
C MET Z 223 2.38 -7.08 -63.73
N ASP Z 224 1.45 -6.27 -64.22
CA ASP Z 224 0.06 -6.77 -64.16
C ASP Z 224 -0.36 -7.16 -65.58
N ILE Z 225 -0.93 -8.36 -65.73
CA ILE Z 225 -1.33 -8.84 -67.08
C ILE Z 225 -2.76 -9.35 -66.96
N SER Z 226 -3.50 -8.81 -66.00
CA SER Z 226 -4.86 -9.35 -65.78
C SER Z 226 -5.55 -9.47 -67.13
N GLY Z 227 -6.19 -10.63 -67.35
CA GLY Z 227 -6.94 -10.76 -68.60
C GLY Z 227 -6.04 -10.47 -69.76
N VAL Z 228 -4.87 -11.12 -69.82
CA VAL Z 228 -3.95 -10.75 -70.93
C VAL Z 228 -4.77 -10.92 -72.21
N ALA Z 229 -4.71 -9.94 -73.11
CA ALA Z 229 -5.60 -9.97 -74.29
C ALA Z 229 -5.35 -11.22 -75.12
N VAL Z 230 -4.10 -11.54 -75.40
CA VAL Z 230 -3.82 -12.80 -76.12
C VAL Z 230 -2.47 -13.29 -75.62
N VAL Z 231 -2.34 -14.61 -75.39
CA VAL Z 231 -1.03 -15.19 -74.93
C VAL Z 231 -0.12 -15.35 -76.15
N ASP Z 232 0.47 -14.25 -76.64
CA ASP Z 232 1.36 -14.31 -77.83
C ASP Z 232 2.67 -15.01 -77.44
N THR Z 233 3.31 -15.68 -78.40
CA THR Z 233 4.57 -16.43 -78.12
C THR Z 233 5.68 -15.47 -77.70
N ALA Z 234 6.01 -14.47 -78.54
CA ALA Z 234 7.14 -13.56 -78.23
C ALA Z 234 6.78 -12.73 -77.01
N VAL Z 235 5.49 -12.64 -76.74
CA VAL Z 235 5.04 -11.79 -75.63
C VAL Z 235 5.60 -12.37 -74.32
N ALA Z 236 5.57 -13.69 -74.20
CA ALA Z 236 6.18 -14.26 -72.99
C ALA Z 236 7.56 -13.66 -72.98
N ASN Z 237 8.27 -13.93 -74.06
CA ASN Z 237 9.68 -13.51 -74.12
C ASN Z 237 9.83 -12.19 -73.46
N HIS Z 238 8.93 -11.30 -73.77
CA HIS Z 238 9.15 -9.97 -73.20
C HIS Z 238 9.18 -10.13 -71.69
N PHE Z 239 8.04 -10.52 -71.12
CA PHE Z 239 7.91 -10.72 -69.65
C PHE Z 239 8.94 -11.75 -69.16
N ILE Z 240 9.40 -12.66 -70.01
CA ILE Z 240 10.49 -13.55 -69.55
C ILE Z 240 11.67 -12.63 -69.26
N LYS Z 241 12.13 -12.00 -70.33
CA LYS Z 241 13.30 -11.13 -70.17
C LYS Z 241 12.92 -10.01 -69.22
N ILE Z 242 11.71 -9.51 -69.36
CA ILE Z 242 11.29 -8.32 -68.58
C ILE Z 242 11.28 -8.66 -67.10
N THR Z 243 10.75 -9.82 -66.77
CA THR Z 243 10.63 -10.09 -65.33
C THR Z 243 12.06 -10.10 -64.84
N LYS Z 244 12.91 -10.77 -65.60
CA LYS Z 244 14.26 -10.88 -65.03
C LYS Z 244 14.83 -9.49 -64.84
N ALA Z 245 14.72 -8.66 -65.87
CA ALA Z 245 15.40 -7.36 -65.80
C ALA Z 245 14.88 -6.56 -64.64
N THR Z 246 13.57 -6.51 -64.51
CA THR Z 246 13.02 -5.60 -63.48
C THR Z 246 13.45 -6.04 -62.11
N LYS Z 247 13.32 -7.33 -61.84
CA LYS Z 247 13.62 -7.69 -60.44
C LYS Z 247 15.09 -7.40 -60.20
N LEU Z 248 15.90 -7.79 -61.17
CA LEU Z 248 17.36 -7.73 -60.93
C LEU Z 248 17.86 -6.29 -60.94
N MET Z 249 17.02 -5.36 -61.37
CA MET Z 249 17.38 -3.93 -61.27
C MET Z 249 17.51 -3.65 -59.78
N GLY Z 250 16.96 -4.54 -58.98
CA GLY Z 250 16.92 -4.26 -57.54
C GLY Z 250 15.56 -3.67 -57.35
N CYS Z 251 14.82 -3.63 -58.45
CA CYS Z 251 13.43 -3.13 -58.38
C CYS Z 251 12.49 -4.29 -58.59
N ASP Z 252 11.95 -4.86 -57.51
CA ASP Z 252 11.13 -6.09 -57.61
C ASP Z 252 10.00 -5.97 -58.65
N CYS Z 253 9.56 -7.08 -59.25
CA CYS Z 253 8.37 -7.03 -60.15
C CYS Z 253 7.46 -8.21 -59.81
N LEU Z 254 6.14 -8.02 -59.79
CA LEU Z 254 5.26 -9.14 -59.39
C LEU Z 254 4.15 -9.29 -60.40
N VAL Z 255 3.60 -10.50 -60.57
CA VAL Z 255 2.41 -10.65 -61.46
C VAL Z 255 1.15 -10.75 -60.61
N SER Z 256 0.29 -9.74 -60.67
CA SER Z 256 -0.89 -9.72 -59.78
C SER Z 256 -2.15 -10.23 -60.50
N GLY Z 257 -2.30 -9.94 -61.79
CA GLY Z 257 -3.52 -10.35 -62.50
C GLY Z 257 -3.14 -11.02 -63.79
N VAL Z 258 -3.95 -11.98 -64.26
CA VAL Z 258 -3.61 -12.76 -65.49
C VAL Z 258 -4.76 -13.71 -65.81
N SER Z 259 -4.72 -14.34 -66.99
CA SER Z 259 -5.75 -15.36 -67.32
C SER Z 259 -5.14 -16.75 -67.08
N PRO Z 260 -5.96 -17.79 -66.83
CA PRO Z 260 -5.43 -19.16 -66.65
C PRO Z 260 -5.00 -19.95 -67.88
N SER Z 261 -5.80 -19.94 -68.94
CA SER Z 261 -5.39 -20.63 -70.18
C SER Z 261 -4.20 -19.87 -70.72
N ILE Z 262 -4.15 -18.59 -70.40
CA ILE Z 262 -2.97 -17.80 -70.81
C ILE Z 262 -1.81 -18.52 -70.13
N ALA Z 263 -2.01 -18.82 -68.86
CA ALA Z 263 -0.94 -19.48 -68.08
C ALA Z 263 -0.70 -20.87 -68.65
N ARG Z 264 -1.77 -21.55 -69.04
CA ARG Z 264 -1.52 -22.93 -69.47
C ARG Z 264 -0.66 -22.85 -70.71
N THR Z 265 -1.01 -21.93 -71.59
CA THR Z 265 -0.29 -21.86 -72.87
C THR Z 265 1.16 -21.67 -72.50
N MET Z 266 1.38 -20.89 -71.44
CA MET Z 266 2.76 -20.64 -70.98
C MET Z 266 3.37 -21.94 -70.48
N VAL Z 267 2.70 -22.57 -69.54
CA VAL Z 267 3.36 -23.76 -68.93
C VAL Z 267 3.58 -24.76 -70.05
N GLN Z 268 2.57 -24.91 -70.91
CA GLN Z 268 2.67 -25.87 -72.04
C GLN Z 268 3.92 -25.51 -72.84
N LEU Z 269 4.42 -24.29 -72.74
CA LEU Z 269 5.61 -23.97 -73.57
C LEU Z 269 6.75 -24.74 -72.96
N GLY Z 270 6.52 -25.28 -71.76
CA GLY Z 270 7.58 -26.03 -71.07
C GLY Z 270 8.44 -25.04 -70.34
N ILE Z 271 7.97 -23.80 -70.27
CA ILE Z 271 8.71 -22.76 -69.51
C ILE Z 271 9.18 -23.37 -68.18
N ASN Z 272 10.39 -23.05 -67.74
CA ASN Z 272 10.93 -23.69 -66.51
C ASN Z 272 11.63 -22.68 -65.62
N VAL Z 273 12.17 -21.61 -66.20
CA VAL Z 273 13.00 -20.66 -65.43
C VAL Z 273 12.23 -19.90 -64.36
N GLY Z 274 10.98 -19.54 -64.61
CA GLY Z 274 10.29 -18.64 -63.66
C GLY Z 274 10.27 -19.11 -62.24
N GLU Z 275 10.73 -18.26 -61.31
CA GLU Z 275 10.70 -18.55 -59.86
C GLU Z 275 10.60 -17.21 -59.13
N VAL Z 276 9.78 -16.29 -59.65
CA VAL Z 276 9.70 -14.92 -59.06
C VAL Z 276 8.48 -14.82 -58.16
N ARG Z 277 8.18 -13.61 -57.66
CA ARG Z 277 7.03 -13.42 -56.74
C ARG Z 277 5.79 -13.00 -57.55
N THR Z 278 4.61 -13.47 -57.17
CA THR Z 278 3.34 -13.07 -57.84
C THR Z 278 2.25 -12.85 -56.79
N ASN Z 279 1.02 -12.54 -57.21
CA ASN Z 279 -0.08 -12.23 -56.25
C ASN Z 279 -1.45 -12.46 -56.88
N ALA Z 280 -2.52 -12.46 -56.08
CA ALA Z 280 -3.90 -12.63 -56.61
C ALA Z 280 -4.54 -11.25 -56.86
N THR Z 281 -4.62 -10.81 -58.11
CA THR Z 281 -5.27 -9.51 -58.47
C THR Z 281 -4.52 -8.35 -57.80
N LEU Z 282 -4.98 -7.12 -58.04
CA LEU Z 282 -4.35 -5.97 -57.37
C LEU Z 282 -4.71 -6.02 -55.88
N ARG Z 283 -5.36 -7.10 -55.43
CA ARG Z 283 -5.80 -7.09 -54.02
C ARG Z 283 -4.68 -7.65 -53.18
N ASP Z 284 -4.36 -8.93 -53.44
CA ASP Z 284 -3.25 -9.58 -52.69
C ASP Z 284 -1.93 -8.90 -53.06
N ALA Z 285 -1.85 -8.18 -54.20
CA ALA Z 285 -0.55 -7.57 -54.48
C ALA Z 285 -0.31 -6.45 -53.49
N LEU Z 286 -1.33 -5.61 -53.29
CA LEU Z 286 -1.19 -4.44 -52.39
C LEU Z 286 -1.03 -4.99 -50.99
N GLU Z 287 -1.78 -6.04 -50.70
CA GLU Z 287 -1.69 -6.48 -49.29
C GLU Z 287 -0.22 -6.77 -49.03
N ASN Z 288 0.39 -7.50 -49.95
CA ASN Z 288 1.81 -7.84 -49.77
C ASN Z 288 2.58 -6.54 -49.76
N ALA Z 289 2.20 -5.62 -50.64
CA ALA Z 289 3.09 -4.44 -50.68
C ALA Z 289 2.99 -3.72 -49.36
N PHE Z 290 1.76 -3.55 -48.84
CA PHE Z 290 1.57 -2.78 -47.60
C PHE Z 290 2.24 -3.56 -46.47
N LYS Z 291 2.69 -4.76 -46.79
CA LYS Z 291 3.40 -5.61 -45.79
C LYS Z 291 4.91 -5.47 -45.99
N ILE Z 292 5.28 -5.35 -47.26
CA ILE Z 292 6.67 -4.99 -47.59
C ILE Z 292 6.66 -3.53 -47.19
N VAL Z 293 5.49 -3.00 -46.84
CA VAL Z 293 5.35 -1.59 -46.41
C VAL Z 293 4.80 -1.57 -44.98
N GLU AA 169 -14.85 -78.00 28.84
CA GLU AA 169 -14.03 -77.16 27.98
C GLU AA 169 -14.89 -76.11 27.28
N GLN AA 170 -16.09 -76.50 26.85
CA GLN AA 170 -16.99 -75.57 26.19
C GLN AA 170 -17.37 -74.43 27.14
N SER AA 171 -17.48 -74.71 28.43
CA SER AA 171 -17.74 -73.59 29.34
C SER AA 171 -16.55 -72.61 29.18
N GLU AA 172 -15.37 -73.16 29.46
CA GLU AA 172 -14.19 -72.26 29.46
C GLU AA 172 -14.09 -71.65 28.07
N ALA AA 173 -14.56 -72.39 27.07
CA ALA AA 173 -14.58 -71.84 25.70
C ALA AA 173 -15.54 -70.66 25.70
N LEU AA 174 -16.65 -70.76 26.44
CA LEU AA 174 -17.63 -69.65 26.53
C LEU AA 174 -16.98 -68.45 27.22
N LEU AA 175 -16.29 -68.78 28.32
CA LEU AA 175 -15.63 -67.73 29.13
C LEU AA 175 -14.60 -67.09 28.22
N ALA AA 176 -14.06 -67.90 27.31
CA ALA AA 176 -13.04 -67.37 26.38
C ALA AA 176 -13.71 -66.26 25.58
N MET AA 177 -14.98 -66.44 25.23
CA MET AA 177 -15.68 -65.48 24.34
C MET AA 177 -15.92 -64.06 24.92
N SER AA 178 -16.35 -63.93 26.17
CA SER AA 178 -16.77 -62.59 26.68
C SER AA 178 -15.68 -61.53 26.78
N THR AA 179 -14.48 -61.88 27.24
CA THR AA 179 -13.44 -60.85 27.46
C THR AA 179 -13.03 -60.15 26.17
N PRO AA 180 -12.83 -60.85 25.03
CA PRO AA 180 -12.56 -60.17 23.76
C PRO AA 180 -13.74 -59.29 23.35
N VAL AA 181 -14.96 -59.80 23.54
CA VAL AA 181 -16.15 -59.02 23.10
C VAL AA 181 -16.25 -57.81 24.00
N THR AA 182 -15.42 -57.75 25.05
CA THR AA 182 -15.38 -56.48 25.82
C THR AA 182 -14.27 -55.53 25.33
N MET AA 183 -13.06 -56.02 25.09
CA MET AA 183 -11.90 -55.11 24.79
C MET AA 183 -11.95 -54.46 23.41
N ILE AA 184 -11.54 -53.18 23.29
CA ILE AA 184 -11.41 -52.54 21.95
C ILE AA 184 -10.34 -51.44 21.97
N TRP AA 185 -9.72 -51.20 20.82
CA TRP AA 185 -8.68 -50.14 20.68
C TRP AA 185 -9.19 -48.84 21.29
N GLN AA 186 -8.26 -47.98 21.68
CA GLN AA 186 -8.64 -46.64 22.18
C GLN AA 186 -9.54 -46.75 23.42
N ASP AA 187 -9.40 -47.80 24.23
CA ASP AA 187 -10.13 -47.87 25.53
C ASP AA 187 -11.64 -47.95 25.31
N ILE AA 188 -12.10 -48.02 24.06
CA ILE AA 188 -13.56 -48.20 23.90
C ILE AA 188 -13.86 -49.62 24.39
N LEU AA 189 -15.05 -49.85 24.96
CA LEU AA 189 -15.42 -51.21 25.39
C LEU AA 189 -16.81 -51.55 24.86
N MET AA 190 -17.14 -52.84 24.81
CA MET AA 190 -18.48 -53.28 24.34
C MET AA 190 -18.71 -54.69 24.88
N LEU AA 191 -19.81 -55.36 24.55
CA LEU AA 191 -19.92 -56.76 25.00
C LEU AA 191 -20.90 -57.59 24.15
N PRO AA 192 -20.60 -57.97 22.89
CA PRO AA 192 -21.50 -58.90 22.18
C PRO AA 192 -21.58 -60.27 22.86
N ILE AA 193 -22.74 -60.93 22.84
CA ILE AA 193 -22.93 -62.28 23.45
C ILE AA 193 -24.10 -63.05 22.84
N VAL AA 194 -24.19 -64.36 23.12
CA VAL AA 194 -25.30 -65.22 22.60
C VAL AA 194 -26.56 -64.98 23.44
N GLY AA 195 -27.73 -64.92 22.81
CA GLY AA 195 -28.96 -64.57 23.54
C GLY AA 195 -29.49 -65.66 24.46
N ILE AA 196 -29.56 -66.91 23.99
CA ILE AA 196 -30.03 -67.92 24.98
C ILE AA 196 -28.79 -68.35 25.74
N ILE AA 197 -28.70 -67.89 26.98
CA ILE AA 197 -27.46 -68.18 27.73
C ILE AA 197 -27.84 -68.53 29.16
N ASP AA 198 -26.95 -69.13 29.95
CA ASP AA 198 -27.21 -69.39 31.39
C ASP AA 198 -27.23 -68.10 32.22
N SER AA 199 -28.16 -68.00 33.17
CA SER AA 199 -28.25 -66.82 34.09
C SER AA 199 -27.03 -66.72 34.98
N LYS AA 200 -26.57 -67.86 35.48
CA LYS AA 200 -25.38 -67.87 36.35
C LYS AA 200 -24.20 -67.40 35.50
N ARG AA 201 -24.17 -67.81 34.24
CA ARG AA 201 -23.08 -67.41 33.31
C ARG AA 201 -23.16 -65.90 33.11
N ALA AA 202 -24.38 -65.36 33.06
CA ALA AA 202 -24.57 -63.91 32.93
C ALA AA 202 -24.03 -63.21 34.16
N GLN AA 203 -24.25 -63.81 35.33
CA GLN AA 203 -23.65 -63.23 36.56
C GLN AA 203 -22.15 -63.28 36.42
N ASP AA 204 -21.69 -64.33 35.75
CA ASP AA 204 -20.23 -64.43 35.55
C ASP AA 204 -19.86 -63.23 34.72
N ILE AA 205 -20.66 -62.96 33.68
CA ILE AA 205 -20.27 -61.86 32.78
C ILE AA 205 -20.31 -60.60 33.63
N MET AA 206 -21.29 -60.52 34.51
CA MET AA 206 -21.39 -59.34 35.39
C MET AA 206 -20.06 -59.18 36.10
N SER AA 207 -19.49 -60.27 36.58
CA SER AA 207 -18.26 -60.21 37.41
C SER AA 207 -17.15 -59.81 36.46
N ALA AA 208 -17.23 -60.34 35.25
CA ALA AA 208 -16.17 -60.08 34.27
C ALA AA 208 -16.14 -58.59 33.99
N VAL AA 209 -17.30 -57.99 33.82
CA VAL AA 209 -17.27 -56.55 33.46
C VAL AA 209 -16.66 -55.82 34.65
N LEU AA 210 -17.00 -56.19 35.87
CA LEU AA 210 -16.42 -55.39 36.97
C LEU AA 210 -14.91 -55.48 36.88
N ASN AA 211 -14.40 -56.71 36.79
CA ASN AA 211 -12.93 -56.81 36.83
C ASN AA 211 -12.39 -56.11 35.61
N LYS AA 212 -13.09 -56.24 34.50
CA LYS AA 212 -12.52 -55.68 33.25
C LYS AA 212 -12.41 -54.18 33.49
N ILE AA 213 -13.44 -53.64 34.12
CA ILE AA 213 -13.42 -52.17 34.29
C ILE AA 213 -12.23 -51.84 35.17
N SER AA 214 -12.00 -52.61 36.21
CA SER AA 214 -10.84 -52.21 37.02
C SER AA 214 -9.64 -52.27 36.11
N GLU AA 215 -9.53 -53.40 35.41
CA GLU AA 215 -8.29 -53.66 34.67
C GLU AA 215 -7.95 -52.41 33.91
N ASN AA 216 -8.89 -51.92 33.15
CA ASN AA 216 -8.61 -50.61 32.56
C ASN AA 216 -9.87 -49.86 32.84
N ARG AA 217 -9.77 -48.88 33.72
CA ARG AA 217 -10.96 -48.06 33.89
C ARG AA 217 -11.37 -47.56 32.50
N ALA AA 218 -12.64 -47.77 32.10
CA ALA AA 218 -13.15 -47.27 30.80
C ALA AA 218 -14.50 -46.58 30.99
N LYS AA 219 -14.65 -45.30 30.64
CA LYS AA 219 -16.01 -44.73 30.76
C LYS AA 219 -16.80 -45.30 29.59
N ILE AA 220 -16.09 -45.77 28.57
CA ILE AA 220 -16.76 -46.26 27.35
C ILE AA 220 -16.95 -47.77 27.45
N PHE AA 221 -18.19 -48.22 27.27
CA PHE AA 221 -18.48 -49.68 27.27
C PHE AA 221 -19.81 -49.84 26.56
N ILE AA 222 -20.08 -51.01 25.97
CA ILE AA 222 -21.42 -51.19 25.35
C ILE AA 222 -21.94 -52.60 25.55
N MET AA 223 -23.25 -52.74 25.49
CA MET AA 223 -23.82 -54.10 25.54
C MET AA 223 -24.17 -54.41 24.09
N ASP AA 224 -23.52 -55.41 23.50
CA ASP AA 224 -23.93 -55.76 22.12
C ASP AA 224 -24.72 -57.07 22.19
N ILE AA 225 -25.89 -57.11 21.57
CA ILE AA 225 -26.73 -58.34 21.61
C ILE AA 225 -27.15 -58.64 20.19
N SER AA 226 -26.35 -58.20 19.24
CA SER AA 226 -26.77 -58.39 17.83
C SER AA 226 -27.26 -59.81 17.65
N GLY AA 227 -28.41 -59.95 16.99
CA GLY AA 227 -28.88 -61.32 16.72
C GLY AA 227 -28.96 -62.09 18.01
N VAL AA 228 -29.61 -61.53 19.03
CA VAL AA 228 -29.59 -62.27 20.32
C VAL AA 228 -30.11 -63.67 20.00
N ALA AA 229 -29.41 -64.70 20.49
CA ALA AA 229 -29.77 -66.08 20.08
C ALA AA 229 -31.21 -66.41 20.45
N VAL AA 230 -31.62 -66.11 21.67
CA VAL AA 230 -33.04 -66.32 22.03
C VAL AA 230 -33.39 -65.24 23.04
N VAL AA 231 -34.58 -64.65 22.93
CA VAL AA 231 -35.04 -63.61 23.90
C VAL AA 231 -35.56 -64.31 25.15
N ASP AA 232 -34.66 -64.82 26.00
CA ASP AA 232 -35.06 -65.52 27.25
C ASP AA 232 -35.65 -64.50 28.25
N THR AA 233 -36.57 -64.95 29.09
CA THR AA 233 -37.24 -64.04 30.07
C THR AA 233 -36.22 -63.49 31.07
N ALA AA 234 -35.51 -64.36 31.79
CA ALA AA 234 -34.57 -63.90 32.84
C ALA AA 234 -33.43 -63.15 32.17
N VAL AA 235 -33.24 -63.43 30.89
CA VAL AA 235 -32.09 -62.81 30.19
C VAL AA 235 -32.30 -61.29 30.17
N ALA AA 236 -33.53 -60.86 29.93
CA ALA AA 236 -33.74 -59.42 30.00
C ALA AA 236 -33.21 -59.04 31.35
N ASN AA 237 -33.78 -59.66 32.36
CA ASN AA 237 -33.43 -59.30 33.74
C ASN AA 237 -31.97 -58.99 33.81
N HIS AA 238 -31.19 -59.84 33.20
CA HIS AA 238 -29.76 -59.58 33.36
C HIS AA 238 -29.48 -58.18 32.84
N PHE AA 239 -29.66 -58.00 31.53
CA PHE AA 239 -29.45 -56.69 30.86
C PHE AA 239 -30.30 -55.61 31.51
N ILE AA 240 -31.44 -55.96 32.13
CA ILE AA 240 -32.18 -54.91 32.87
C ILE AA 240 -31.23 -54.44 33.97
N LYS AA 241 -30.95 -55.39 34.84
CA LYS AA 241 -30.08 -55.02 35.99
C LYS AA 241 -28.73 -54.61 35.44
N ILE AA 242 -28.27 -55.31 34.42
CA ILE AA 242 -26.90 -55.08 33.91
C ILE AA 242 -26.81 -53.69 33.34
N THR AA 243 -27.82 -53.28 32.58
CA THR AA 243 -27.67 -51.98 31.93
C THR AA 243 -27.56 -51.00 33.07
N LYS AA 244 -28.44 -51.19 34.05
CA LYS AA 244 -28.41 -50.15 35.09
C LYS AA 244 -27.03 -50.13 35.72
N ALA AA 245 -26.54 -51.29 36.08
CA ALA AA 245 -25.28 -51.30 36.85
C ALA AA 245 -24.17 -50.67 36.06
N THR AA 246 -24.05 -51.07 34.80
CA THR AA 246 -22.89 -50.58 34.05
C THR AA 246 -22.93 -49.09 33.91
N LYS AA 247 -24.08 -48.56 33.52
CA LYS AA 247 -24.04 -47.11 33.26
C LYS AA 247 -23.73 -46.42 34.57
N LEU AA 248 -24.39 -46.88 35.62
CA LEU AA 248 -24.29 -46.14 36.89
C LEU AA 248 -22.92 -46.33 37.54
N MET AA 249 -22.13 -47.26 37.03
CA MET AA 249 -20.74 -47.40 37.51
C MET AA 249 -20.06 -46.10 37.14
N GLY AA 250 -20.68 -45.36 36.23
CA GLY AA 250 -20.00 -44.16 35.72
C GLY AA 250 -19.35 -44.66 34.46
N CYS AA 251 -19.61 -45.92 34.17
CA CYS AA 251 -19.07 -46.50 32.93
C CYS AA 251 -20.24 -46.75 31.98
N ASP AA 252 -20.46 -45.85 31.03
CA ASP AA 252 -21.66 -45.93 30.14
C ASP AA 252 -21.81 -47.31 29.49
N CYS AA 253 -23.04 -47.73 29.15
CA CYS AA 253 -23.21 -48.99 28.37
C CYS AA 253 -24.24 -48.73 27.27
N LEU AA 254 -24.02 -49.25 26.06
CA LEU AA 254 -24.97 -48.93 24.96
C LEU AA 254 -25.38 -50.22 24.27
N VAL AA 255 -26.58 -50.26 23.68
CA VAL AA 255 -26.94 -51.47 22.87
C VAL AA 255 -26.78 -51.16 21.39
N SER AA 256 -25.80 -51.79 20.75
CA SER AA 256 -25.51 -51.46 19.32
C SER AA 256 -26.19 -52.43 18.36
N GLY AA 257 -26.26 -53.71 18.72
CA GLY AA 257 -26.83 -54.70 17.78
C GLY AA 257 -27.86 -55.53 18.51
N VAL AA 258 -28.89 -56.01 17.81
CA VAL AA 258 -29.99 -56.78 18.46
C VAL AA 258 -30.97 -57.25 17.39
N SER AA 259 -31.91 -58.13 17.76
CA SER AA 259 -32.96 -58.56 16.80
C SER AA 259 -34.23 -57.75 17.11
N PRO AA 260 -35.15 -57.58 16.13
CA PRO AA 260 -36.41 -56.87 16.39
C PRO AA 260 -37.53 -57.60 17.13
N SER AA 261 -37.80 -58.85 16.76
CA SER AA 261 -38.83 -59.62 17.49
C SER AA 261 -38.28 -59.85 18.88
N ILE AA 262 -36.96 -59.87 18.97
CA ILE AA 262 -36.35 -60.00 20.31
C ILE AA 262 -36.85 -58.78 21.05
N ALA AA 263 -36.78 -57.63 20.39
CA ALA AA 263 -37.22 -56.37 21.02
C ALA AA 263 -38.71 -56.43 21.27
N ARG AA 264 -39.45 -57.01 20.33
CA ARG AA 264 -40.91 -56.96 20.54
C ARG AA 264 -41.19 -57.75 21.80
N THR AA 265 -40.56 -58.90 21.89
CA THR AA 265 -40.87 -59.79 23.02
C THR AA 265 -40.60 -58.96 24.27
N MET AA 266 -39.57 -58.14 24.18
CA MET AA 266 -39.23 -57.28 25.32
C MET AA 266 -40.34 -56.26 25.55
N VAL AA 267 -40.66 -55.51 24.52
CA VAL AA 267 -41.64 -54.42 24.77
C VAL AA 267 -42.92 -55.09 25.24
N GLN AA 268 -43.30 -56.19 24.60
CA GLN AA 268 -44.53 -56.92 24.97
C GLN AA 268 -44.45 -57.26 26.47
N LEU AA 269 -43.25 -57.29 27.04
CA LEU AA 269 -43.21 -57.67 28.48
C LEU AA 269 -43.80 -56.48 29.22
N GLY AA 270 -43.96 -55.37 28.52
CA GLY AA 270 -44.52 -54.17 29.16
C GLY AA 270 -43.38 -53.45 29.81
N ILE AA 271 -42.15 -53.88 29.51
CA ILE AA 271 -40.96 -53.19 30.06
C ILE AA 271 -41.18 -51.68 29.94
N ASN AA 272 -40.77 -50.91 30.95
CA ASN AA 272 -41.05 -49.46 30.94
C ASN AA 272 -39.84 -48.65 31.39
N VAL AA 273 -39.00 -49.24 32.23
CA VAL AA 273 -37.88 -48.48 32.85
C VAL AA 273 -36.83 -48.01 31.85
N GLY AA 274 -36.54 -48.79 30.82
CA GLY AA 274 -35.39 -48.44 29.96
C GLY AA 274 -35.43 -47.05 29.38
N GLU AA 275 -34.37 -46.28 29.58
CA GLU AA 275 -34.23 -44.91 29.00
C GLU AA 275 -32.75 -44.65 28.82
N VAL AA 276 -31.99 -45.66 28.35
CA VAL AA 276 -30.51 -45.51 28.24
C VAL AA 276 -30.13 -45.19 26.79
N ARG AA 277 -28.82 -45.16 26.50
CA ARG AA 277 -28.36 -44.83 25.12
C ARG AA 277 -28.15 -46.13 24.33
N THR AA 278 -28.48 -46.10 23.03
CA THR AA 278 -28.25 -47.29 22.15
C THR AA 278 -27.73 -46.81 20.79
N ASN AA 279 -27.53 -47.73 19.84
CA ASN AA 279 -26.94 -47.35 18.52
C ASN AA 279 -27.31 -48.39 17.44
N ALA AA 280 -27.06 -48.07 16.16
CA ALA AA 280 -27.34 -49.02 15.06
C ALA AA 280 -26.08 -49.82 14.71
N THR AA 281 -26.01 -51.08 15.14
CA THR AA 281 -24.86 -51.98 14.83
C THR AA 281 -23.56 -51.40 15.44
N LEU AA 282 -22.45 -52.10 15.24
CA LEU AA 282 -21.16 -51.55 15.74
C LEU AA 282 -20.78 -50.35 14.86
N ARG AA 283 -21.68 -49.92 13.96
CA ARG AA 283 -21.26 -48.84 13.05
C ARG AA 283 -21.59 -47.52 13.73
N ASP AA 284 -22.88 -47.30 13.96
CA ASP AA 284 -23.32 -46.06 14.65
C ASP AA 284 -22.80 -46.06 16.09
N ALA AA 285 -22.44 -47.23 16.65
CA ALA AA 285 -21.96 -47.16 18.04
C ALA AA 285 -20.60 -46.47 18.04
N LEU AA 286 -19.72 -46.87 17.13
CA LEU AA 286 -18.36 -46.32 17.08
C LEU AA 286 -18.48 -44.88 16.67
N GLU AA 287 -19.39 -44.63 15.74
CA GLU AA 287 -19.42 -43.23 15.27
C GLU AA 287 -19.66 -42.37 16.50
N ASN AA 288 -20.63 -42.78 17.31
CA ASN AA 288 -20.92 -42.00 18.51
C ASN AA 288 -19.69 -42.03 19.40
N ALA AA 289 -19.05 -43.20 19.46
CA ALA AA 289 -17.95 -43.20 20.45
C ALA AA 289 -16.88 -42.24 19.96
N PHE AA 290 -16.55 -42.29 18.68
CA PHE AA 290 -15.46 -41.44 18.16
C PHE AA 290 -15.90 -39.99 18.27
N LYS AA 291 -17.15 -39.79 18.66
CA LYS AA 291 -17.69 -38.42 18.85
C LYS AA 291 -17.65 -38.07 20.34
N ILE AA 292 -17.90 -39.11 21.14
CA ILE AA 292 -17.68 -38.96 22.59
C ILE AA 292 -16.16 -38.97 22.64
N VAL AA 293 -15.55 -39.25 21.48
CA VAL AA 293 -14.05 -39.26 21.38
C VAL AA 293 -13.62 -38.20 20.37
N GLU BA 169 -25.95 -77.55 20.99
CA GLU BA 169 -26.16 -76.11 21.12
C GLU BA 169 -24.83 -75.38 21.25
N GLN BA 170 -23.89 -75.96 22.00
CA GLN BA 170 -22.59 -75.34 22.17
C GLN BA 170 -21.86 -75.25 20.83
N SER BA 171 -22.07 -76.20 19.93
CA SER BA 171 -21.46 -76.04 18.62
C SER BA 171 -22.03 -74.72 18.04
N GLU BA 172 -23.35 -74.72 17.92
CA GLU BA 172 -23.98 -73.56 17.25
C GLU BA 172 -23.60 -72.33 18.05
N ALA BA 173 -23.38 -72.50 19.35
CA ALA BA 173 -22.93 -71.37 20.17
C ALA BA 173 -21.54 -70.98 19.69
N LEU BA 174 -20.72 -71.95 19.30
CA LEU BA 174 -19.36 -71.67 18.76
C LEU BA 174 -19.49 -70.91 17.44
N LEU BA 175 -20.40 -71.44 16.61
CA LEU BA 175 -20.60 -70.84 15.28
C LEU BA 175 -21.09 -69.42 15.51
N ALA BA 176 -21.80 -69.25 16.62
CA ALA BA 176 -22.32 -67.90 16.94
C ALA BA 176 -21.12 -66.99 17.10
N MET BA 177 -20.04 -67.50 17.68
CA MET BA 177 -18.86 -66.65 17.99
C MET BA 177 -18.10 -66.09 16.79
N SER BA 178 -17.81 -66.88 15.75
CA SER BA 178 -16.91 -66.41 14.66
C SER BA 178 -17.40 -65.22 13.83
N THR BA 179 -18.67 -65.19 13.46
CA THR BA 179 -19.15 -64.11 12.55
C THR BA 179 -19.00 -62.72 13.18
N PRO BA 180 -19.34 -62.50 14.47
CA PRO BA 180 -19.09 -61.20 15.10
C PRO BA 180 -17.59 -60.88 15.14
N VAL BA 181 -16.79 -61.90 15.45
CA VAL BA 181 -15.33 -61.65 15.57
C VAL BA 181 -14.81 -61.34 14.17
N THR BA 182 -15.65 -61.50 13.15
CA THR BA 182 -15.22 -61.01 11.81
C THR BA 182 -15.68 -59.58 11.54
N MET BA 183 -16.94 -59.23 11.82
CA MET BA 183 -17.49 -57.90 11.39
C MET BA 183 -16.96 -56.72 12.18
N ILE BA 184 -16.73 -55.58 11.51
CA ILE BA 184 -16.36 -54.32 12.25
C ILE BA 184 -16.79 -53.07 11.46
N TRP BA 185 -17.07 -51.99 12.19
CA TRP BA 185 -17.48 -50.71 11.56
C TRP BA 185 -16.52 -50.35 10.43
N GLN BA 186 -17.01 -49.54 9.49
CA GLN BA 186 -16.12 -49.06 8.42
C GLN BA 186 -15.56 -50.22 7.59
N ASP BA 187 -16.28 -51.34 7.48
CA ASP BA 187 -15.84 -52.43 6.55
C ASP BA 187 -14.53 -53.05 7.01
N ILE BA 188 -13.98 -52.61 8.14
CA ILE BA 188 -12.76 -53.32 8.60
C ILE BA 188 -13.21 -54.72 9.02
N LEU BA 189 -12.35 -55.73 8.86
CA LEU BA 189 -12.71 -57.10 9.31
C LEU BA 189 -11.57 -57.67 10.14
N MET BA 190 -11.86 -58.70 10.94
CA MET BA 190 -10.82 -59.36 11.77
C MET BA 190 -11.34 -60.74 12.13
N LEU BA 191 -10.62 -61.54 12.94
CA LEU BA 191 -11.23 -62.82 13.34
C LEU BA 191 -10.64 -63.37 14.65
N PRO BA 192 -10.91 -62.82 15.85
CA PRO BA 192 -10.45 -63.49 17.08
C PRO BA 192 -11.10 -64.85 17.29
N ILE BA 193 -10.37 -65.83 17.84
CA ILE BA 193 -10.91 -67.20 18.09
C ILE BA 193 -10.15 -67.94 19.21
N VAL BA 194 -10.71 -69.05 19.70
CA VAL BA 194 -10.06 -69.87 20.77
C VAL BA 194 -8.95 -70.73 20.13
N GLY BA 195 -7.81 -70.88 20.80
CA GLY BA 195 -6.68 -71.60 20.19
C GLY BA 195 -6.83 -73.10 20.12
N ILE BA 196 -7.28 -73.76 21.19
CA ILE BA 196 -7.47 -75.22 21.01
C ILE BA 196 -8.86 -75.38 20.42
N ILE BA 197 -8.90 -75.69 19.14
CA ILE BA 197 -10.23 -75.75 18.49
C ILE BA 197 -10.24 -76.96 17.56
N ASP BA 198 -11.42 -77.40 17.10
CA ASP BA 198 -11.50 -78.49 16.09
C ASP BA 198 -11.01 -78.06 14.70
N SER BA 199 -10.28 -78.93 14.02
CA SER BA 199 -9.79 -78.65 12.64
C SER BA 199 -10.95 -78.51 11.65
N LYS BA 200 -11.94 -79.38 11.79
CA LYS BA 200 -13.11 -79.31 10.89
C LYS BA 200 -13.81 -77.99 11.15
N ARG BA 201 -13.85 -77.58 12.42
CA ARG BA 201 -14.49 -76.29 12.79
C ARG BA 201 -13.71 -75.16 12.16
N ALA BA 202 -12.39 -75.30 12.09
CA ALA BA 202 -11.53 -74.30 11.43
C ALA BA 202 -11.86 -74.24 9.95
N GLN BA 203 -12.11 -75.40 9.35
CA GLN BA 203 -12.53 -75.40 7.93
C GLN BA 203 -13.85 -74.68 7.84
N ASP BA 204 -14.65 -74.84 8.88
CA ASP BA 204 -15.94 -74.13 8.90
C ASP BA 204 -15.61 -72.66 8.86
N ILE BA 205 -14.65 -72.28 9.69
CA ILE BA 205 -14.35 -70.84 9.77
C ILE BA 205 -13.87 -70.43 8.38
N MET BA 206 -13.09 -71.31 7.76
CA MET BA 206 -12.58 -71.01 6.42
C MET BA 206 -13.78 -70.68 5.54
N SER BA 207 -14.84 -71.45 5.66
CA SER BA 207 -16.00 -71.31 4.75
C SER BA 207 -16.66 -70.00 5.14
N ALA BA 208 -16.67 -69.74 6.45
CA ALA BA 208 -17.35 -68.54 6.94
C ALA BA 208 -16.65 -67.32 6.36
N VAL BA 209 -15.33 -67.34 6.35
CA VAL BA 209 -14.65 -66.12 5.85
C VAL BA 209 -15.03 -65.97 4.39
N LEU BA 210 -15.05 -67.06 3.63
CA LEU BA 210 -15.35 -66.84 2.20
C LEU BA 210 -16.71 -66.18 2.09
N ASN BA 211 -17.71 -66.76 2.76
CA ASN BA 211 -19.05 -66.19 2.56
C ASN BA 211 -19.04 -64.78 3.10
N LYS BA 212 -18.33 -64.57 4.19
CA LYS BA 212 -18.39 -63.24 4.82
C LYS BA 212 -17.84 -62.28 3.78
N ILE BA 213 -16.78 -62.70 3.13
CA ILE BA 213 -16.14 -61.76 2.19
C ILE BA 213 -17.17 -61.47 1.11
N SER BA 214 -17.86 -62.48 0.62
CA SER BA 214 -18.81 -62.12 -0.43
C SER BA 214 -19.76 -61.11 0.17
N GLU BA 215 -20.27 -61.48 1.34
CA GLU BA 215 -21.39 -60.68 1.90
C GLU BA 215 -21.01 -59.23 1.79
N ASN BA 216 -19.84 -58.90 2.30
CA ASN BA 216 -19.41 -57.53 2.02
C ASN BA 216 -17.99 -57.73 1.57
N ARG BA 217 -17.77 -57.48 0.31
CA ARG BA 217 -16.36 -57.54 -0.10
C ARG BA 217 -15.57 -56.61 0.84
N ALA BA 218 -14.51 -57.11 1.47
CA ALA BA 218 -13.65 -56.28 2.36
C ALA BA 218 -12.17 -56.50 2.02
N LYS BA 219 -11.41 -55.48 1.63
CA LYS BA 219 -9.97 -55.76 1.44
C LYS BA 219 -9.37 -55.88 2.83
N ILE BA 220 -10.08 -55.33 3.82
CA ILE BA 220 -9.53 -55.30 5.20
C ILE BA 220 -10.07 -56.50 5.96
N PHE BA 221 -9.17 -57.29 6.55
CA PHE BA 221 -9.58 -58.44 7.38
C PHE BA 221 -8.39 -58.77 8.27
N ILE BA 222 -8.61 -59.38 9.44
CA ILE BA 222 -7.43 -59.78 10.25
C ILE BA 222 -7.64 -61.11 10.93
N MET BA 223 -6.55 -61.77 11.25
CA MET BA 223 -6.68 -63.01 12.05
C MET BA 223 -6.31 -62.60 13.47
N ASP BA 224 -7.26 -62.67 14.40
CA ASP BA 224 -6.85 -62.35 15.78
C ASP BA 224 -6.78 -63.67 16.57
N ILE BA 225 -5.68 -63.88 17.28
CA ILE BA 225 -5.52 -65.15 18.04
C ILE BA 225 -5.09 -64.77 19.45
N SER BA 226 -5.46 -63.56 19.87
CA SER BA 226 -4.97 -63.12 21.19
C SER BA 226 -5.16 -64.25 22.20
N GLY BA 227 -4.13 -64.50 23.00
CA GLY BA 227 -4.30 -65.53 24.03
C GLY BA 227 -4.77 -66.80 23.40
N VAL BA 228 -4.08 -67.28 22.35
CA VAL BA 228 -4.63 -68.50 21.69
C VAL BA 228 -4.77 -69.53 22.80
N ALA BA 229 -5.91 -70.21 22.85
CA ALA BA 229 -6.18 -71.11 24.00
C ALA BA 229 -5.11 -72.21 24.10
N VAL BA 230 -4.78 -72.84 22.99
CA VAL BA 230 -3.68 -73.84 23.03
C VAL BA 230 -3.02 -73.79 21.66
N VAL BA 231 -1.69 -73.86 21.62
CA VAL BA 231 -0.95 -73.86 20.32
C VAL BA 231 -0.98 -75.29 19.74
N ASP BA 232 -2.12 -75.70 19.18
CA ASP BA 232 -2.27 -77.06 18.60
C ASP BA 232 -1.42 -77.16 17.32
N THR BA 233 -0.93 -78.36 17.00
CA THR BA 233 -0.06 -78.55 15.81
C THR BA 233 -0.85 -78.26 14.52
N ALA BA 234 -1.97 -78.95 14.30
CA ALA BA 234 -2.73 -78.77 13.04
C ALA BA 234 -3.30 -77.36 13.01
N VAL BA 235 -3.41 -76.77 14.18
CA VAL BA 235 -4.05 -75.42 14.25
C VAL BA 235 -3.16 -74.45 13.47
N ALA BA 236 -1.85 -74.57 13.61
CA ALA BA 236 -1.01 -73.69 12.80
C ALA BA 236 -1.50 -73.93 11.40
N ASN BA 237 -1.43 -75.17 11.00
CA ASN BA 237 -1.76 -75.51 9.61
C ASN BA 237 -2.91 -74.68 9.16
N HIS BA 238 -3.90 -74.58 10.01
CA HIS BA 238 -5.06 -73.84 9.51
C HIS BA 238 -4.59 -72.45 9.13
N PHE BA 239 -4.15 -71.68 10.15
CA PHE BA 239 -3.65 -70.30 9.94
C PHE BA 239 -2.50 -70.28 8.94
N ILE BA 240 -1.75 -71.39 8.80
CA ILE BA 240 -0.72 -71.38 7.74
C ILE BA 240 -1.50 -71.24 6.44
N LYS BA 241 -2.30 -72.25 6.19
CA LYS BA 241 -3.05 -72.24 4.91
C LYS BA 241 -3.97 -71.04 4.93
N ILE BA 242 -4.56 -70.76 6.08
CA ILE BA 242 -5.59 -69.69 6.16
C ILE BA 242 -4.94 -68.35 5.86
N THR BA 243 -3.77 -68.12 6.41
CA THR BA 243 -3.22 -66.78 6.23
C THR BA 243 -3.01 -66.67 4.73
N LYS BA 244 -2.47 -67.75 4.16
CA LYS BA 244 -2.16 -67.57 2.73
C LYS BA 244 -3.45 -67.27 1.99
N ALA BA 245 -4.47 -68.07 2.25
CA ALA BA 245 -5.69 -67.93 1.43
C ALA BA 245 -6.26 -66.55 1.57
N THR BA 246 -6.37 -66.07 2.79
CA THR BA 246 -7.06 -64.79 2.98
C THR BA 246 -6.32 -63.68 2.28
N LYS BA 247 -5.02 -63.63 2.49
CA LYS BA 247 -4.36 -62.45 1.91
C LYS BA 247 -4.50 -62.54 0.42
N LEU BA 248 -4.28 -63.75 -0.11
CA LEU BA 248 -4.20 -63.87 -1.57
C LEU BA 248 -5.57 -63.74 -2.22
N MET BA 249 -6.62 -63.76 -1.41
CA MET BA 249 -7.98 -63.49 -1.93
C MET BA 249 -7.93 -62.06 -2.45
N GLY BA 250 -6.92 -61.32 -2.01
CA GLY BA 250 -6.89 -59.89 -2.34
C GLY BA 250 -7.52 -59.26 -1.15
N CYS BA 251 -7.83 -60.11 -0.16
CA CYS BA 251 -8.40 -59.59 1.10
C CYS BA 251 -7.36 -59.78 2.18
N ASP BA 252 -6.61 -58.71 2.51
CA ASP BA 252 -5.48 -58.82 3.47
C ASP BA 252 -5.88 -59.50 4.78
N CYS BA 253 -4.95 -60.17 5.49
CA CYS BA 253 -5.27 -60.71 6.83
C CYS BA 253 -4.09 -60.39 7.76
N LEU BA 254 -4.36 -59.99 9.01
CA LEU BA 254 -3.23 -59.59 9.88
C LEU BA 254 -3.36 -60.30 11.22
N VAL BA 255 -2.24 -60.54 11.92
CA VAL BA 255 -2.36 -61.12 13.29
C VAL BA 255 -2.16 -60.00 14.32
N SER BA 256 -3.21 -59.65 15.05
CA SER BA 256 -3.12 -58.50 15.99
C SER BA 256 -2.84 -58.96 17.42
N GLY BA 257 -3.40 -60.09 17.83
CA GLY BA 257 -3.23 -60.53 19.23
C GLY BA 257 -2.81 -61.97 19.25
N VAL BA 258 -2.03 -62.40 20.25
CA VAL BA 258 -1.50 -63.80 20.29
C VAL BA 258 -0.70 -63.99 21.58
N SER BA 259 -0.33 -65.23 21.90
CA SER BA 259 0.52 -65.47 23.08
C SER BA 259 1.97 -65.65 22.59
N PRO BA 260 2.99 -65.41 23.45
CA PRO BA 260 4.39 -65.63 23.03
C PRO BA 260 4.94 -67.06 23.00
N SER BA 261 4.66 -67.85 24.03
CA SER BA 261 5.10 -69.26 24.01
C SER BA 261 4.32 -69.94 22.90
N ILE BA 262 3.14 -69.41 22.63
CA ILE BA 262 2.36 -69.96 21.50
C ILE BA 262 3.26 -69.74 20.30
N ALA BA 263 3.81 -68.53 20.22
CA ALA BA 263 4.68 -68.19 19.08
C ALA BA 263 5.93 -69.05 19.14
N ARG BA 264 6.45 -69.27 20.33
CA ARG BA 264 7.72 -70.01 20.35
C ARG BA 264 7.44 -71.39 19.80
N THR BA 265 6.34 -71.96 20.24
CA THR BA 265 6.05 -73.35 19.85
C THR BA 265 6.02 -73.33 18.34
N MET BA 266 5.50 -72.23 17.80
CA MET BA 266 5.43 -72.10 16.33
C MET BA 266 6.84 -72.02 15.76
N VAL BA 267 7.61 -71.07 16.26
CA VAL BA 267 8.94 -70.88 15.61
C VAL BA 267 9.70 -72.20 15.77
N GLN BA 268 9.60 -72.79 16.96
CA GLN BA 268 10.30 -74.06 17.25
C GLN BA 268 9.87 -75.08 16.18
N LEU BA 269 8.72 -74.88 15.53
CA LEU BA 269 8.31 -75.91 14.56
C LEU BA 269 9.27 -75.76 13.39
N GLY BA 270 10.02 -74.66 13.39
CA GLY BA 270 10.96 -74.42 12.29
C GLY BA 270 10.20 -73.76 11.18
N ILE BA 271 8.97 -73.34 11.48
CA ILE BA 271 8.16 -72.61 10.46
C ILE BA 271 9.06 -71.59 9.77
N ASN BA 272 8.91 -71.42 8.45
CA ASN BA 272 9.83 -70.52 7.72
C ASN BA 272 9.07 -69.65 6.72
N VAL BA 273 7.95 -70.15 6.22
CA VAL BA 273 7.22 -69.45 5.12
C VAL BA 273 6.66 -68.09 5.53
N GLY BA 274 6.19 -67.95 6.76
CA GLY BA 274 5.46 -66.71 7.10
C GLY BA 274 6.22 -65.43 6.82
N GLU BA 275 5.61 -64.52 6.08
CA GLU BA 275 6.20 -63.18 5.79
C GLU BA 275 5.03 -62.22 5.56
N VAL BA 276 3.98 -62.33 6.38
CA VAL BA 276 2.75 -61.49 6.16
C VAL BA 276 2.77 -60.30 7.13
N ARG BA 277 1.69 -59.53 7.16
CA ARG BA 277 1.61 -58.33 8.03
C ARG BA 277 0.96 -58.71 9.37
N THR BA 278 1.43 -58.13 10.46
CA THR BA 278 0.81 -58.38 11.80
C THR BA 278 0.76 -57.05 12.58
N ASN BA 279 0.29 -57.08 13.84
CA ASN BA 279 0.12 -55.83 14.64
C ASN BA 279 0.13 -56.13 16.14
N ALA BA 280 0.22 -55.09 16.98
CA ALA BA 280 0.20 -55.27 18.45
C ALA BA 280 -1.22 -55.08 18.98
N THR BA 281 -1.93 -56.17 19.30
CA THR BA 281 -3.31 -56.10 19.87
C THR BA 281 -4.25 -55.45 18.87
N LEU BA 282 -5.53 -55.33 19.23
CA LEU BA 282 -6.48 -54.63 18.33
C LEU BA 282 -6.14 -53.14 18.33
N ARG BA 283 -5.03 -52.75 18.97
CA ARG BA 283 -4.78 -51.29 19.07
C ARG BA 283 -3.99 -50.89 17.84
N ASP BA 284 -2.78 -51.45 17.74
CA ASP BA 284 -1.92 -51.15 16.56
C ASP BA 284 -2.58 -51.71 15.29
N ALA BA 285 -3.51 -52.67 15.42
CA ALA BA 285 -4.09 -53.16 14.16
C ALA BA 285 -4.97 -52.07 13.57
N LEU BA 286 -5.80 -51.47 14.40
CA LEU BA 286 -6.74 -50.43 13.93
C LEU BA 286 -5.91 -49.24 13.51
N GLU BA 287 -4.86 -48.97 14.27
CA GLU BA 287 -4.13 -47.75 13.91
C GLU BA 287 -3.71 -47.93 12.46
N ASN BA 288 -3.15 -49.09 12.17
CA ASN BA 288 -2.70 -49.34 10.79
C ASN BA 288 -3.92 -49.29 9.90
N ALA BA 289 -5.03 -49.85 10.38
CA ALA BA 289 -6.13 -49.90 9.40
C ALA BA 289 -6.56 -48.48 9.10
N PHE BA 290 -6.70 -47.65 10.15
CA PHE BA 290 -7.20 -46.27 9.94
C PHE BA 290 -6.17 -45.52 9.11
N LYS BA 291 -5.03 -46.16 8.89
CA LYS BA 291 -3.95 -45.55 8.07
C LYS BA 291 -4.04 -46.10 6.64
N ILE BA 292 -4.40 -47.39 6.58
CA ILE BA 292 -4.73 -47.98 5.28
C ILE BA 292 -6.08 -47.32 5.01
N VAL BA 293 -6.58 -46.61 6.01
CA VAL BA 293 -7.89 -45.89 5.88
C VAL BA 293 -7.64 -44.39 6.07
N GLU CA 169 12.38 44.80 -70.07
CA GLU CA 169 12.96 44.27 -68.85
C GLU CA 169 11.96 44.37 -67.69
N GLN CA 170 11.23 45.47 -67.61
CA GLN CA 170 10.24 45.65 -66.56
C GLN CA 170 9.16 44.59 -66.66
N SER CA 171 8.82 44.15 -67.86
CA SER CA 171 7.86 43.05 -67.94
C SER CA 171 8.50 41.86 -67.18
N GLU CA 172 9.66 41.47 -67.69
CA GLU CA 172 10.28 40.26 -67.12
C GLU CA 172 10.50 40.53 -65.64
N ALA CA 173 10.70 41.79 -65.29
CA ALA CA 173 10.84 42.15 -63.86
C ALA CA 173 9.51 41.85 -63.18
N LEU CA 174 8.39 42.09 -63.87
CA LEU CA 174 7.04 41.80 -63.33
C LEU CA 174 6.90 40.30 -63.14
N LEU CA 175 7.32 39.58 -64.19
CA LEU CA 175 7.20 38.11 -64.18
C LEU CA 175 8.06 37.62 -63.04
N ALA CA 176 9.13 38.37 -62.77
CA ALA CA 176 10.04 37.97 -61.68
C ALA CA 176 9.21 38.00 -60.40
N MET CA 177 8.31 38.96 -60.28
CA MET CA 177 7.55 39.13 -59.01
C MET CA 177 6.57 37.99 -58.64
N SER CA 178 5.78 37.47 -59.57
CA SER CA 178 4.70 36.51 -59.20
C SER CA 178 5.14 35.16 -58.60
N THR CA 179 6.19 34.55 -59.15
CA THR CA 179 6.58 33.20 -58.67
C THR CA 179 7.00 33.20 -57.19
N PRO CA 180 7.79 34.18 -56.70
CA PRO CA 180 8.09 34.23 -55.27
C PRO CA 180 6.82 34.47 -54.45
N VAL CA 181 5.95 35.34 -54.95
CA VAL CA 181 4.72 35.66 -54.18
C VAL CA 181 3.85 34.41 -54.17
N THR CA 182 4.23 33.40 -54.95
CA THR CA 182 3.51 32.10 -54.81
C THR CA 182 4.18 31.16 -53.81
N MET CA 183 5.50 30.98 -53.86
CA MET CA 183 6.18 29.93 -53.04
C MET CA 183 6.26 30.25 -51.55
N ILE CA 184 6.10 29.23 -50.68
CA ILE CA 184 6.31 29.43 -49.22
C ILE CA 184 6.74 28.13 -48.54
N TRP CA 185 7.51 28.25 -47.45
CA TRP CA 185 7.97 27.08 -46.68
C TRP CA 185 6.81 26.14 -46.40
N GLN CA 186 7.12 24.86 -46.17
CA GLN CA 186 6.06 23.90 -45.79
C GLN CA 186 5.00 23.79 -46.88
N ASP CA 187 5.35 24.00 -48.15
CA ASP CA 187 4.37 23.73 -49.25
C ASP CA 187 3.18 24.68 -49.18
N ILE CA 188 3.17 25.62 -48.23
CA ILE CA 188 2.05 26.58 -48.26
C ILE CA 188 2.26 27.44 -49.50
N LEU CA 189 1.18 27.90 -50.14
CA LEU CA 189 1.34 28.80 -51.31
C LEU CA 189 0.43 30.02 -51.14
N MET CA 190 0.71 31.09 -51.88
CA MET CA 190 -0.11 32.32 -51.82
C MET CA 190 0.16 33.11 -53.09
N LEU CA 191 -0.42 34.31 -53.26
CA LEU CA 191 -0.03 35.08 -54.47
C LEU CA 191 -0.27 36.59 -54.32
N PRO CA 192 0.51 37.36 -53.52
CA PRO CA 192 0.35 38.82 -53.54
C PRO CA 192 0.68 39.43 -54.91
N ILE CA 193 -0.04 40.49 -55.32
CA ILE CA 193 0.22 41.17 -56.63
C ILE CA 193 -0.28 42.62 -56.64
N VAL CA 194 0.13 43.41 -57.65
CA VAL CA 194 -0.30 44.83 -57.78
C VAL CA 194 -1.73 44.86 -58.35
N GLY CA 195 -2.57 45.77 -57.86
CA GLY CA 195 -3.99 45.78 -58.28
C GLY CA 195 -4.23 46.31 -59.67
N ILE CA 196 -3.62 47.43 -60.05
CA ILE CA 196 -3.87 47.85 -61.46
C ILE CA 196 -2.84 47.10 -62.29
N ILE CA 197 -3.31 46.08 -63.00
CA ILE CA 197 -2.34 45.25 -63.74
C ILE CA 197 -2.93 44.93 -65.10
N ASP CA 198 -2.12 44.46 -66.05
CA ASP CA 198 -2.65 44.01 -67.38
C ASP CA 198 -3.46 42.70 -67.28
N SER CA 199 -4.57 42.62 -68.01
CA SER CA 199 -5.42 41.40 -68.04
C SER CA 199 -4.67 40.22 -68.66
N LYS CA 200 -3.92 40.50 -69.72
CA LYS CA 200 -3.15 39.42 -70.39
C LYS CA 200 -2.10 38.95 -69.38
N ARG CA 201 -1.53 39.88 -68.62
CA ARG CA 201 -0.52 39.53 -67.59
C ARG CA 201 -1.18 38.66 -66.53
N ALA CA 202 -2.43 38.95 -66.22
CA ALA CA 202 -3.18 38.14 -65.25
C ALA CA 202 -3.38 36.73 -65.80
N GLN CA 203 -3.64 36.63 -67.11
CA GLN CA 203 -3.73 35.30 -67.72
C GLN CA 203 -2.38 34.62 -67.59
N ASP CA 204 -1.35 35.44 -67.68
CA ASP CA 204 0.00 34.87 -67.51
C ASP CA 204 0.04 34.30 -66.11
N ILE CA 205 -0.46 35.08 -65.17
CA ILE CA 205 -0.35 34.61 -63.77
C ILE CA 205 -1.16 33.32 -63.69
N MET CA 206 -2.29 33.32 -64.39
CA MET CA 206 -3.14 32.11 -64.39
C MET CA 206 -2.26 30.94 -64.82
N SER CA 207 -1.45 31.13 -65.83
CA SER CA 207 -0.66 30.03 -66.41
C SER CA 207 0.39 29.68 -65.38
N ALA CA 208 0.90 30.72 -64.73
CA ALA CA 208 1.97 30.51 -63.75
C ALA CA 208 1.43 29.63 -62.64
N VAL CA 209 0.22 29.92 -62.18
CA VAL CA 209 -0.27 29.11 -61.04
C VAL CA 209 -0.38 27.68 -61.52
N LEU CA 210 -0.88 27.47 -62.74
CA LEU CA 210 -1.04 26.04 -63.12
C LEU CA 210 0.33 25.37 -63.06
N ASN CA 211 1.31 25.99 -63.70
CA ASN CA 211 2.60 25.28 -63.75
C ASN CA 211 3.12 25.17 -62.32
N LYS CA 212 2.89 26.21 -61.54
CA LYS CA 212 3.49 26.18 -60.18
C LYS CA 212 2.87 24.99 -59.48
N ILE CA 213 1.58 24.82 -59.70
CA ILE CA 213 0.91 23.73 -58.95
C ILE CA 213 1.54 22.43 -59.42
N SER CA 214 1.76 22.28 -60.71
CA SER CA 214 2.36 20.99 -61.08
C SER CA 214 3.67 20.90 -60.34
N GLU CA 215 4.45 21.97 -60.45
CA GLU CA 215 5.84 21.90 -59.97
C GLU CA 215 5.80 21.27 -58.61
N ASN CA 216 5.00 21.83 -57.73
CA ASN CA 216 4.85 21.10 -56.47
C ASN CA 216 3.36 21.10 -56.28
N ARG CA 217 2.79 19.93 -56.42
CA ARG CA 217 1.36 19.90 -56.10
C ARG CA 217 1.19 20.50 -54.69
N ALA CA 218 0.31 21.51 -54.54
CA ALA CA 218 0.02 22.13 -53.22
C ALA CA 218 -1.49 22.24 -53.00
N LYS CA 219 -2.07 21.63 -51.97
CA LYS CA 219 -3.51 21.90 -51.76
C LYS CA 219 -3.62 23.30 -51.19
N ILE CA 220 -2.50 23.78 -50.64
CA ILE CA 220 -2.52 25.11 -49.97
C ILE CA 220 -2.06 26.17 -50.96
N PHE CA 221 -2.86 27.21 -51.13
CA PHE CA 221 -2.49 28.34 -52.01
C PHE CA 221 -3.36 29.52 -51.59
N ILE CA 222 -2.92 30.77 -51.82
CA ILE CA 222 -3.81 31.90 -51.46
C ILE CA 222 -3.70 33.00 -52.50
N MET CA 223 -4.76 33.82 -52.58
CA MET CA 223 -4.66 35.00 -53.44
C MET CA 223 -4.41 36.15 -52.49
N ASP CA 224 -3.26 36.80 -52.59
CA ASP CA 224 -3.08 37.98 -51.70
C ASP CA 224 -3.19 39.24 -52.57
N ILE CA 225 -4.01 40.19 -52.13
CA ILE CA 225 -4.21 41.43 -52.93
C ILE CA 225 -4.03 42.60 -51.99
N SER CA 226 -3.27 42.39 -50.92
CA SER CA 226 -3.15 43.47 -49.93
C SER CA 226 -2.90 44.79 -50.65
N GLY CA 227 -3.64 45.82 -50.25
CA GLY CA 227 -3.38 47.13 -50.87
C GLY CA 227 -3.48 47.01 -52.36
N VAL CA 228 -4.57 46.44 -52.87
CA VAL CA 228 -4.60 46.25 -54.35
C VAL CA 228 -4.33 47.63 -54.94
N ALA CA 229 -3.45 47.71 -55.93
CA ALA CA 229 -3.04 49.04 -56.43
C ALA CA 229 -4.23 49.82 -56.97
N VAL CA 230 -5.06 49.17 -57.78
CA VAL CA 230 -6.29 49.87 -58.25
C VAL CA 230 -7.34 48.79 -58.42
N VAL CA 231 -8.59 49.07 -58.02
CA VAL CA 231 -9.70 48.08 -58.19
C VAL CA 231 -10.21 48.17 -59.64
N ASP CA 232 -9.46 47.59 -60.59
CA ASP CA 232 -9.86 47.62 -62.02
C ASP CA 232 -11.08 46.72 -62.23
N THR CA 233 -11.93 47.04 -63.21
CA THR CA 233 -13.17 46.27 -63.46
C THR CA 233 -12.82 44.84 -63.91
N ALA CA 234 -12.04 44.69 -64.98
CA ALA CA 234 -11.73 43.33 -65.51
C ALA CA 234 -10.89 42.59 -64.49
N VAL CA 235 -10.24 43.35 -63.63
CA VAL CA 235 -9.32 42.71 -62.66
C VAL CA 235 -10.14 41.80 -61.74
N ALA CA 236 -11.31 42.27 -61.33
CA ALA CA 236 -12.15 41.37 -60.53
C ALA CA 236 -12.23 40.12 -61.37
N ASN CA 237 -12.74 40.31 -62.57
CA ASN CA 237 -12.98 39.15 -63.44
C ASN CA 237 -11.90 38.16 -63.27
N HIS CA 238 -10.69 38.65 -63.25
CA HIS CA 238 -9.61 37.65 -63.19
C HIS CA 238 -9.83 36.83 -61.92
N PHE CA 239 -9.71 37.50 -60.77
CA PHE CA 239 -9.88 36.85 -59.44
C PHE CA 239 -11.28 36.22 -59.35
N ILE CA 240 -12.27 36.71 -60.09
CA ILE CA 240 -13.56 36.00 -60.08
C ILE CA 240 -13.27 34.62 -60.65
N LYS CA 241 -12.86 34.64 -61.92
CA LYS CA 241 -12.61 33.36 -62.58
C LYS CA 241 -11.48 32.67 -61.85
N ILE CA 242 -10.49 33.44 -61.44
CA ILE CA 242 -9.27 32.84 -60.84
C ILE CA 242 -9.63 32.16 -59.54
N THR CA 243 -10.45 32.80 -58.74
CA THR CA 243 -10.69 32.20 -57.43
C THR CA 243 -11.36 30.87 -57.76
N LYS CA 244 -12.31 30.94 -58.69
CA LYS CA 244 -13.02 29.68 -58.89
C LYS CA 244 -12.03 28.61 -59.33
N ALA CA 245 -11.21 28.96 -60.31
CA ALA CA 245 -10.36 27.92 -60.89
C ALA CA 245 -9.44 27.32 -59.83
N THR CA 246 -8.82 28.19 -59.06
CA THR CA 246 -7.80 27.66 -58.12
C THR CA 246 -8.46 26.75 -57.12
N LYS CA 247 -9.56 27.19 -56.53
CA LYS CA 247 -10.07 26.33 -55.47
C LYS CA 247 -10.48 25.01 -56.09
N LEU CA 248 -11.14 25.11 -57.23
CA LEU CA 248 -11.74 23.88 -57.80
C LEU CA 248 -10.67 22.97 -58.38
N MET CA 249 -9.45 23.47 -58.50
CA MET CA 249 -8.34 22.59 -58.92
C MET CA 249 -8.20 21.56 -57.83
N GLY CA 250 -8.80 21.84 -56.68
CA GLY CA 250 -8.58 20.96 -55.53
C GLY CA 250 -7.45 21.62 -54.80
N CYS CA 251 -7.05 22.76 -55.33
CA CYS CA 251 -5.98 23.54 -54.67
C CYS CA 251 -6.60 24.79 -54.10
N ASP CA 252 -6.91 24.81 -52.81
CA ASP CA 252 -7.64 25.94 -52.18
C ASP CA 252 -7.00 27.30 -52.48
N CYS CA 253 -7.78 28.39 -52.51
CA CYS CA 253 -7.16 29.75 -52.65
C CYS CA 253 -7.83 30.69 -51.64
N LEU CA 254 -7.08 31.55 -50.98
CA LEU CA 254 -7.71 32.40 -49.94
C LEU CA 254 -7.31 33.86 -50.16
N VAL CA 255 -8.15 34.81 -49.76
CA VAL CA 255 -7.72 36.24 -49.85
C VAL CA 255 -7.28 36.72 -48.46
N SER CA 256 -5.99 36.98 -48.29
CA SER CA 256 -5.47 37.36 -46.95
C SER CA 256 -5.36 38.87 -46.77
N GLY CA 257 -4.98 39.58 -47.83
CA GLY CA 257 -4.77 41.03 -47.69
C GLY CA 257 -5.50 41.76 -48.80
N VAL CA 258 -5.98 42.98 -48.56
CA VAL CA 258 -6.78 43.72 -49.58
C VAL CA 258 -7.10 45.11 -49.04
N SER CA 259 -7.63 45.99 -49.89
CA SER CA 259 -8.08 47.32 -49.41
C SER CA 259 -9.60 47.28 -49.21
N PRO CA 260 -10.18 48.14 -48.37
CA PRO CA 260 -11.65 48.18 -48.19
C PRO CA 260 -12.50 48.86 -49.26
N SER CA 261 -12.09 50.04 -49.72
CA SER CA 261 -12.84 50.71 -50.80
C SER CA 261 -12.67 49.85 -52.04
N ILE CA 262 -11.56 49.14 -52.08
CA ILE CA 262 -11.35 48.20 -53.21
C ILE CA 262 -12.54 47.25 -53.09
N ALA CA 263 -12.77 46.78 -51.86
CA ALA CA 263 -13.87 45.83 -51.63
C ALA CA 263 -15.19 46.51 -51.92
N ARG CA 264 -15.31 47.77 -51.54
CA ARG CA 264 -16.64 48.38 -51.73
C ARG CA 264 -16.90 48.40 -53.22
N THR CA 265 -15.89 48.80 -53.95
CA THR CA 265 -16.10 48.97 -55.41
C THR CA 265 -16.58 47.62 -55.90
N MET CA 266 -16.03 46.58 -55.30
CA MET CA 266 -16.42 45.20 -55.70
C MET CA 266 -17.88 44.97 -55.31
N VAL CA 267 -18.19 45.18 -54.05
CA VAL CA 267 -19.57 44.82 -53.63
C VAL CA 267 -20.51 45.68 -54.44
N GLN CA 268 -20.18 46.96 -54.60
CA GLN CA 268 -21.03 47.89 -55.38
C GLN CA 268 -21.23 47.29 -56.77
N LEU CA 269 -20.36 46.38 -57.21
CA LEU CA 269 -20.56 45.87 -58.58
C LEU CA 269 -21.80 44.99 -58.50
N GLY CA 270 -22.21 44.67 -57.28
CA GLY CA 270 -23.39 43.82 -57.08
C GLY CA 270 -22.91 42.40 -57.15
N ILE CA 271 -21.58 42.22 -57.12
CA ILE CA 271 -21.02 40.85 -57.10
C ILE CA 271 -21.83 40.00 -56.12
N ASN CA 272 -22.10 38.74 -56.45
CA ASN CA 272 -22.95 37.91 -55.58
C ASN CA 272 -22.40 36.50 -55.42
N VAL CA 273 -21.67 36.02 -56.41
CA VAL CA 273 -21.21 34.60 -56.42
C VAL CA 273 -20.23 34.27 -55.29
N GLY CA 274 -19.35 35.20 -54.93
CA GLY CA 274 -18.28 34.82 -54.00
C GLY CA 274 -18.75 34.20 -52.70
N GLU CA 275 -18.22 33.02 -52.37
CA GLU CA 275 -18.53 32.34 -51.09
C GLU CA 275 -17.31 31.48 -50.73
N VAL CA 276 -16.11 32.02 -50.93
CA VAL CA 276 -14.87 31.22 -50.71
C VAL CA 276 -14.27 31.57 -49.34
N ARG CA 277 -13.08 31.04 -49.04
CA ARG CA 277 -12.43 31.29 -47.73
C ARG CA 277 -11.47 32.48 -47.86
N THR CA 278 -11.39 33.31 -46.82
CA THR CA 278 -10.44 34.47 -46.81
C THR CA 278 -9.80 34.58 -45.42
N ASN CA 279 -8.96 35.60 -45.20
CA ASN CA 279 -8.24 35.75 -43.90
C ASN CA 279 -7.81 37.19 -43.66
N ALA CA 280 -7.36 37.53 -42.44
CA ALA CA 280 -6.89 38.89 -42.13
C ALA CA 280 -5.36 38.97 -42.29
N THR CA 281 -4.87 39.56 -43.39
CA THR CA 281 -3.41 39.73 -43.63
C THR CA 281 -2.73 38.36 -43.72
N LEU CA 282 -1.42 38.36 -43.96
CA LEU CA 282 -0.69 37.06 -43.98
C LEU CA 282 -0.64 36.52 -42.55
N ARG CA 283 -1.34 37.16 -41.60
CA ARG CA 283 -1.19 36.69 -40.21
C ARG CA 283 -2.22 35.62 -39.98
N ASP CA 284 -3.49 36.01 -40.07
CA ASP CA 284 -4.60 35.04 -39.89
C ASP CA 284 -4.57 34.02 -41.03
N ALA CA 285 -3.92 34.32 -42.16
CA ALA CA 285 -3.92 33.30 -43.22
C ALA CA 285 -3.06 32.13 -42.77
N LEU CA 286 -1.87 32.43 -42.26
CA LEU CA 286 -0.93 31.37 -41.84
C LEU CA 286 -1.54 30.67 -40.65
N GLU CA 287 -2.16 31.46 -39.78
CA GLU CA 287 -2.67 30.79 -38.57
C GLU CA 287 -3.58 29.67 -39.06
N ASN CA 288 -4.46 30.03 -39.98
CA ASN CA 288 -5.40 29.02 -40.49
C ASN CA 288 -4.58 27.95 -41.17
N ALA CA 289 -3.55 28.37 -41.90
CA ALA CA 289 -2.89 27.28 -42.65
C ALA CA 289 -2.25 26.34 -41.65
N PHE CA 290 -1.58 26.88 -40.64
CA PHE CA 290 -0.85 26.01 -39.68
C PHE CA 290 -1.90 25.19 -38.92
N LYS CA 291 -3.16 25.51 -39.16
CA LYS CA 291 -4.28 24.76 -38.51
C LYS CA 291 -4.81 23.71 -39.49
N ILE CA 292 -4.80 24.12 -40.76
CA ILE CA 292 -5.10 23.14 -41.83
C ILE CA 292 -3.80 22.35 -41.82
N VAL CA 293 -2.83 22.83 -41.05
CA VAL CA 293 -1.51 22.12 -40.92
C VAL CA 293 -1.31 21.72 -39.46
N GLU DA 169 29.69 -64.46 -46.15
CA GLU DA 169 29.36 -63.04 -46.13
C GLU DA 169 28.08 -62.81 -45.31
N GLN DA 170 27.09 -63.69 -45.47
CA GLN DA 170 25.85 -63.55 -44.72
C GLN DA 170 26.10 -63.67 -43.24
N SER DA 171 27.07 -64.46 -42.81
CA SER DA 171 27.38 -64.48 -41.38
C SER DA 171 27.78 -63.03 -41.02
N GLU DA 172 28.84 -62.58 -41.69
CA GLU DA 172 29.38 -61.26 -41.31
C GLU DA 172 28.26 -60.25 -41.50
N ALA DA 173 27.36 -60.53 -42.44
CA ALA DA 173 26.20 -59.64 -42.62
C ALA DA 173 25.36 -59.72 -41.35
N LEU DA 174 25.26 -60.90 -40.75
CA LEU DA 174 24.50 -61.07 -39.47
C LEU DA 174 25.18 -60.29 -38.37
N LEU DA 175 26.51 -60.45 -38.34
CA LEU DA 175 27.31 -59.78 -37.28
C LEU DA 175 27.12 -58.28 -37.50
N ALA DA 176 26.93 -57.91 -38.76
CA ALA DA 176 26.73 -56.49 -39.08
C ALA DA 176 25.49 -56.04 -38.33
N MET DA 177 24.48 -56.89 -38.26
CA MET DA 177 23.17 -56.50 -37.66
C MET DA 177 23.19 -56.18 -36.15
N SER DA 178 23.83 -56.99 -35.31
CA SER DA 178 23.69 -56.83 -33.84
C SER DA 178 24.22 -55.52 -33.25
N THR DA 179 25.38 -55.04 -33.69
CA THR DA 179 25.99 -53.83 -33.05
C THR DA 179 25.10 -52.59 -33.21
N PRO DA 180 24.49 -52.32 -34.39
CA PRO DA 180 23.56 -51.20 -34.51
C PRO DA 180 22.35 -51.41 -33.60
N VAL DA 181 21.85 -52.65 -33.57
CA VAL DA 181 20.62 -52.91 -32.78
C VAL DA 181 20.99 -52.74 -31.32
N THR DA 182 22.28 -52.59 -31.01
CA THR DA 182 22.64 -52.23 -29.62
C THR DA 182 22.75 -50.71 -29.40
N MET DA 183 23.41 -49.97 -30.29
CA MET DA 183 23.71 -48.53 -30.04
C MET DA 183 22.49 -47.60 -30.15
N ILE DA 184 22.40 -46.59 -29.27
CA ILE DA 184 21.33 -45.56 -29.41
C ILE DA 184 21.78 -44.22 -28.81
N TRP DA 185 21.23 -43.12 -29.34
CA TRP DA 185 21.55 -41.76 -28.85
C TRP DA 185 21.44 -41.71 -27.34
N GLN DA 186 22.13 -40.76 -26.73
CA GLN DA 186 22.00 -40.57 -25.27
C GLN DA 186 22.41 -41.82 -24.50
N ASP DA 187 23.33 -42.64 -25.03
CA ASP DA 187 23.88 -43.78 -24.25
C ASP DA 187 22.80 -44.82 -23.95
N ILE DA 188 21.59 -44.63 -24.46
CA ILE DA 188 20.60 -45.72 -24.23
C ILE DA 188 21.07 -46.89 -25.09
N LEU DA 189 20.82 -48.13 -24.65
CA LEU DA 189 21.20 -49.30 -25.46
C LEU DA 189 20.01 -50.25 -25.57
N MET DA 190 20.04 -51.15 -26.55
CA MET DA 190 18.95 -52.14 -26.72
C MET DA 190 19.51 -53.28 -27.56
N LEU DA 191 18.70 -54.29 -27.93
CA LEU DA 191 19.26 -55.31 -28.85
C LEU DA 191 18.20 -56.07 -29.64
N PRO DA 192 17.50 -55.50 -30.64
CA PRO DA 192 16.60 -56.31 -31.47
C PRO DA 192 17.34 -57.39 -32.26
N ILE DA 193 16.74 -58.57 -32.44
CA ILE DA 193 17.38 -59.69 -33.22
C ILE DA 193 16.35 -60.67 -33.79
N VAL DA 194 16.78 -61.54 -34.71
CA VAL DA 194 15.87 -62.57 -35.33
C VAL DA 194 15.69 -63.72 -34.34
N GLY DA 195 14.48 -64.28 -34.23
CA GLY DA 195 14.20 -65.31 -33.21
C GLY DA 195 14.80 -66.66 -33.52
N ILE DA 196 14.66 -67.17 -34.75
CA ILE DA 196 15.32 -68.48 -34.99
C ILE DA 196 16.75 -68.14 -35.36
N ILE DA 197 17.66 -68.38 -34.42
CA ILE DA 197 19.05 -67.97 -34.70
C ILE DA 197 19.97 -69.08 -34.18
N ASP DA 198 21.25 -69.08 -34.59
CA ASP DA 198 22.23 -70.07 -34.04
C ASP DA 198 22.59 -69.77 -32.58
N SER DA 199 22.72 -70.82 -31.76
CA SER DA 199 23.11 -70.68 -30.33
C SER DA 199 24.53 -70.13 -30.19
N LYS DA 200 25.43 -70.61 -31.05
CA LYS DA 200 26.83 -70.14 -31.00
C LYS DA 200 26.81 -68.66 -31.38
N ARG DA 201 25.95 -68.30 -32.33
CA ARG DA 201 25.83 -66.88 -32.75
C ARG DA 201 25.32 -66.06 -31.59
N ALA DA 202 24.43 -66.64 -30.80
CA ALA DA 202 23.91 -65.96 -29.60
C ALA DA 202 25.03 -65.75 -28.60
N GLN DA 203 25.92 -66.74 -28.48
CA GLN DA 203 27.09 -66.56 -27.60
C GLN DA 203 27.92 -65.43 -28.17
N ASP DA 204 27.92 -65.35 -29.49
CA ASP DA 204 28.67 -64.25 -30.12
C ASP DA 204 28.03 -62.98 -29.63
N ILE DA 205 26.71 -62.96 -29.66
CA ILE DA 205 26.02 -61.70 -29.29
C ILE DA 205 26.40 -61.45 -27.83
N MET DA 206 26.44 -62.51 -27.05
CA MET DA 206 26.80 -62.36 -25.63
C MET DA 206 28.13 -61.62 -25.57
N SER DA 207 29.07 -62.00 -26.42
CA SER DA 207 30.44 -61.45 -26.36
C SER DA 207 30.32 -60.00 -26.81
N ALA DA 208 29.46 -59.80 -27.80
CA ALA DA 208 29.31 -58.45 -28.37
C ALA DA 208 28.81 -57.53 -27.28
N VAL DA 209 27.85 -57.98 -26.50
CA VAL DA 209 27.31 -57.05 -25.49
C VAL DA 209 28.44 -56.75 -24.52
N LEU DA 210 29.22 -57.74 -24.14
CA LEU DA 210 30.24 -57.39 -23.14
C LEU DA 210 31.14 -56.30 -23.73
N ASN DA 211 31.63 -56.53 -24.94
CA ASN DA 211 32.59 -55.54 -25.46
C ASN DA 211 31.85 -54.23 -25.62
N LYS DA 212 30.59 -54.31 -26.04
CA LYS DA 212 29.89 -53.05 -26.32
C LYS DA 212 29.83 -52.30 -25.01
N ILE DA 213 29.56 -53.04 -23.96
CA ILE DA 213 29.39 -52.33 -22.66
C ILE DA 213 30.74 -51.68 -22.34
N SER DA 214 31.83 -52.39 -22.55
CA SER DA 214 33.08 -51.69 -22.20
C SER DA 214 33.13 -50.45 -23.05
N GLU DA 215 32.90 -50.66 -24.34
CA GLU DA 215 33.15 -49.55 -25.30
C GLU DA 215 32.53 -48.31 -24.72
N ASN DA 216 31.26 -48.40 -24.38
CA ASN DA 216 30.73 -47.25 -23.66
C ASN DA 216 30.01 -47.89 -22.52
N ARG DA 217 30.54 -47.71 -21.34
CA ARG DA 217 29.77 -48.22 -20.21
C ARG DA 217 28.35 -47.63 -20.32
N ALA DA 218 27.31 -48.48 -20.29
CA ALA DA 218 25.90 -48.01 -20.34
C ALA DA 218 25.08 -48.71 -19.25
N LYS DA 219 24.46 -48.00 -18.32
CA LYS DA 219 23.58 -48.74 -17.38
C LYS DA 219 22.32 -49.08 -18.16
N ILE DA 220 22.10 -48.36 -19.25
CA ILE DA 220 20.84 -48.56 -20.03
C ILE DA 220 21.12 -49.53 -21.16
N PHE DA 221 20.31 -50.59 -21.25
CA PHE DA 221 20.44 -51.55 -22.36
C PHE DA 221 19.11 -52.31 -22.43
N ILE DA 222 18.73 -52.84 -23.59
CA ILE DA 222 17.47 -53.63 -23.62
C ILE DA 222 17.60 -54.83 -24.53
N MET DA 223 16.77 -55.84 -24.27
CA MET DA 223 16.74 -56.98 -25.20
C MET DA 223 15.49 -56.76 -26.04
N ASP DA 224 15.64 -56.54 -27.34
CA ASP DA 224 14.40 -56.41 -28.15
C ASP DA 224 14.25 -57.69 -28.96
N ILE DA 225 13.06 -58.29 -28.93
CA ILE DA 225 12.84 -59.56 -29.66
C ILE DA 225 11.55 -59.39 -30.46
N SER DA 226 11.22 -58.14 -30.78
CA SER DA 226 9.94 -57.92 -31.47
C SER DA 226 9.79 -58.95 -32.59
N GLY DA 227 8.61 -59.56 -32.67
CA GLY DA 227 8.39 -60.50 -33.77
C GLY DA 227 9.49 -61.53 -33.78
N VAL DA 228 9.74 -62.18 -32.63
CA VAL DA 228 10.90 -63.12 -32.64
C VAL DA 228 10.61 -64.08 -33.80
N ALA DA 229 11.63 -64.34 -34.63
CA ALA DA 229 11.39 -65.13 -35.86
C ALA DA 229 10.84 -66.52 -35.52
N VAL DA 230 11.46 -67.20 -34.56
CA VAL DA 230 10.90 -68.50 -34.14
C VAL DA 230 11.23 -68.65 -32.66
N VAL DA 231 10.29 -69.15 -31.86
CA VAL DA 231 10.53 -69.37 -30.40
C VAL DA 231 11.31 -70.68 -30.23
N ASP DA 232 12.61 -70.67 -30.51
CA ASP DA 232 13.46 -71.88 -30.38
C ASP DA 232 13.64 -72.22 -28.90
N THR DA 233 13.81 -73.51 -28.58
CA THR DA 233 13.95 -73.94 -27.16
C THR DA 233 15.23 -73.37 -26.54
N ALA DA 234 16.39 -73.64 -27.15
CA ALA DA 234 17.68 -73.17 -26.56
C ALA DA 234 17.72 -71.65 -26.61
N VAL DA 235 16.93 -71.09 -27.49
CA VAL DA 235 16.96 -69.61 -27.67
C VAL DA 235 16.51 -68.97 -26.37
N ALA DA 236 15.49 -69.53 -25.74
CA ALA DA 236 15.10 -68.96 -24.45
C ALA DA 236 16.39 -68.97 -23.66
N ASN DA 237 16.94 -70.17 -23.53
CA ASN DA 237 18.13 -70.33 -22.68
C ASN DA 237 19.01 -69.15 -22.83
N HIS DA 238 19.19 -68.75 -24.07
CA HIS DA 238 20.16 -67.65 -24.23
C HIS DA 238 19.65 -66.48 -23.40
N PHE DA 239 18.49 -65.93 -23.80
CA PHE DA 239 17.84 -64.80 -23.10
C PHE DA 239 17.60 -65.14 -21.63
N ILE DA 240 17.44 -66.42 -21.29
CA ILE DA 240 17.32 -66.73 -19.85
C ILE DA 240 18.65 -66.30 -19.23
N LYS DA 241 19.69 -66.97 -19.69
CA LYS DA 241 21.01 -66.67 -19.11
C LYS DA 241 21.34 -65.24 -19.45
N ILE DA 242 21.00 -64.81 -20.65
CA ILE DA 242 21.41 -63.45 -21.11
C ILE DA 242 20.74 -62.41 -20.25
N THR DA 243 19.46 -62.60 -19.97
CA THR DA 243 18.79 -61.52 -19.25
C THR DA 243 19.52 -61.43 -17.93
N LYS DA 244 19.62 -62.58 -17.26
CA LYS DA 244 20.29 -62.58 -15.94
C LYS DA 244 21.60 -61.83 -16.10
N ALA DA 245 22.23 -61.97 -17.25
CA ALA DA 245 23.58 -61.39 -17.46
C ALA DA 245 23.59 -59.87 -17.44
N THR DA 246 22.56 -59.20 -17.94
CA THR DA 246 22.69 -57.73 -17.93
C THR DA 246 22.76 -57.37 -16.46
N LYS DA 247 21.89 -57.98 -15.69
CA LYS DA 247 21.84 -57.68 -14.25
C LYS DA 247 23.17 -58.09 -13.63
N LEU DA 248 23.78 -59.14 -14.18
CA LEU DA 248 25.06 -59.63 -13.66
C LEU DA 248 26.16 -58.59 -13.86
N MET DA 249 26.21 -57.99 -15.05
CA MET DA 249 27.17 -56.87 -15.27
C MET DA 249 26.75 -55.79 -14.30
N GLY DA 250 25.47 -55.73 -14.03
CA GLY DA 250 24.93 -54.63 -13.23
C GLY DA 250 24.23 -53.79 -14.26
N CYS DA 251 24.30 -54.27 -15.50
CA CYS DA 251 23.61 -53.57 -16.60
C CYS DA 251 22.12 -53.79 -16.46
N ASP DA 252 21.34 -52.90 -17.04
CA ASP DA 252 19.87 -53.13 -17.04
C ASP DA 252 19.51 -53.68 -18.40
N CYS DA 253 18.65 -54.70 -18.47
CA CYS DA 253 18.22 -55.14 -19.82
C CYS DA 253 16.69 -55.25 -19.82
N LEU DA 254 16.02 -54.82 -20.88
CA LEU DA 254 14.53 -54.85 -20.84
C LEU DA 254 14.01 -55.52 -22.12
N VAL DA 255 12.83 -56.15 -22.06
CA VAL DA 255 12.24 -56.69 -23.32
C VAL DA 255 11.15 -55.73 -23.82
N SER DA 256 11.39 -55.07 -24.95
CA SER DA 256 10.42 -54.05 -25.42
C SER DA 256 9.48 -54.62 -26.48
N GLY DA 257 9.96 -55.50 -27.34
CA GLY DA 257 9.11 -56.01 -28.43
C GLY DA 257 9.19 -57.52 -28.46
N VAL DA 258 8.13 -58.21 -28.87
CA VAL DA 258 8.10 -59.70 -28.87
C VAL DA 258 6.77 -60.19 -29.46
N SER DA 259 6.66 -61.48 -29.73
CA SER DA 259 5.38 -62.04 -30.21
C SER DA 259 4.66 -62.68 -29.01
N PRO DA 260 3.32 -62.82 -29.04
CA PRO DA 260 2.59 -63.47 -27.94
C PRO DA 260 2.62 -65.01 -27.86
N SER DA 261 2.41 -65.70 -28.97
CA SER DA 261 2.50 -67.17 -28.96
C SER DA 261 3.94 -67.52 -28.67
N ILE DA 262 4.84 -66.61 -29.04
CA ILE DA 262 6.25 -66.83 -28.71
C ILE DA 262 6.26 -66.89 -27.18
N ALA DA 263 5.55 -65.94 -26.58
CA ALA DA 263 5.51 -65.88 -25.11
C ALA DA 263 4.79 -67.11 -24.58
N ARG DA 264 3.74 -67.53 -25.27
CA ARG DA 264 2.99 -68.65 -24.68
C ARG DA 264 3.93 -69.83 -24.66
N THR DA 265 4.64 -70.01 -25.76
CA THR DA 265 5.48 -71.21 -25.87
C THR DA 265 6.42 -71.15 -24.68
N MET DA 266 6.82 -69.93 -24.35
CA MET DA 266 7.74 -69.73 -23.20
C MET DA 266 7.02 -70.10 -21.92
N VAL DA 267 5.87 -69.50 -21.68
CA VAL DA 267 5.24 -69.74 -20.37
C VAL DA 267 4.94 -71.23 -20.30
N GLN DA 268 4.45 -71.80 -21.40
CA GLN DA 268 4.13 -73.24 -21.46
C GLN DA 268 5.38 -74.02 -21.05
N LEU DA 269 6.57 -73.42 -21.16
CA LEU DA 269 7.75 -74.23 -20.81
C LEU DA 269 7.72 -74.38 -19.31
N GLY DA 270 6.85 -73.60 -18.67
CA GLY DA 270 6.76 -73.66 -17.20
C GLY DA 270 7.81 -72.74 -16.65
N ILE DA 271 8.41 -71.94 -17.52
CA ILE DA 271 9.43 -70.95 -17.06
C ILE DA 271 8.89 -70.27 -15.79
N ASN DA 272 9.76 -70.02 -14.81
CA ASN DA 272 9.27 -69.46 -13.53
C ASN DA 272 10.20 -68.36 -13.02
N VAL DA 273 11.48 -68.44 -13.37
CA VAL DA 273 12.49 -67.50 -12.79
C VAL DA 273 12.26 -66.05 -13.20
N GLY DA 274 11.82 -65.79 -14.42
CA GLY DA 274 11.80 -64.39 -14.89
C GLY DA 274 11.05 -63.43 -13.99
N GLU DA 275 11.71 -62.34 -13.59
CA GLU DA 275 11.06 -61.27 -12.78
C GLU DA 275 11.79 -59.98 -13.10
N VAL DA 276 12.11 -59.74 -14.38
CA VAL DA 276 12.91 -58.54 -14.77
C VAL DA 276 11.97 -57.45 -15.31
N ARG DA 277 12.54 -56.37 -15.82
CA ARG DA 277 11.72 -55.23 -16.34
C ARG DA 277 11.50 -55.41 -17.84
N THR DA 278 10.32 -55.06 -18.34
CA THR DA 278 10.03 -55.12 -19.80
C THR DA 278 9.22 -53.88 -20.21
N ASN DA 279 8.81 -53.79 -21.48
CA ASN DA 279 8.09 -52.57 -21.98
C ASN DA 279 7.26 -52.91 -23.22
N ALA DA 280 6.38 -51.99 -23.65
CA ALA DA 280 5.55 -52.19 -24.86
C ALA DA 280 6.23 -51.55 -26.07
N THR DA 281 6.87 -52.34 -26.94
CA THR DA 281 7.52 -51.84 -28.18
C THR DA 281 8.65 -50.88 -27.81
N LEU DA 282 9.34 -50.34 -28.82
CA LEU DA 282 10.39 -49.34 -28.53
C LEU DA 282 9.72 -48.05 -28.07
N ARG DA 283 8.39 -48.08 -27.86
CA ARG DA 283 7.74 -46.79 -27.52
C ARG DA 283 7.78 -46.64 -26.02
N ASP DA 284 7.11 -47.57 -25.33
CA ASP DA 284 7.10 -47.55 -23.84
C ASP DA 284 8.53 -47.81 -23.33
N ALA DA 285 9.41 -48.41 -24.14
CA ALA DA 285 10.75 -48.64 -23.57
C ALA DA 285 11.44 -47.30 -23.41
N LEU DA 286 11.39 -46.47 -24.45
CA LEU DA 286 12.08 -45.16 -24.43
C LEU DA 286 11.38 -44.31 -23.40
N GLU DA 287 10.06 -44.43 -23.34
CA GLU DA 287 9.40 -43.52 -22.40
C GLU DA 287 10.02 -43.79 -21.04
N ASN DA 288 10.11 -45.07 -20.71
CA ASN DA 288 10.68 -45.42 -19.39
C ASN DA 288 12.13 -44.92 -19.39
N ALA DA 289 12.82 -45.10 -20.52
CA ALA DA 289 14.23 -44.75 -20.39
C ALA DA 289 14.33 -43.25 -20.15
N PHE DA 290 13.56 -42.45 -20.90
CA PHE DA 290 13.67 -40.98 -20.77
C PHE DA 290 13.19 -40.60 -19.38
N LYS DA 291 12.67 -41.58 -18.66
CA LYS DA 291 12.20 -41.34 -17.27
C LYS DA 291 13.29 -41.79 -16.28
N ILE DA 292 13.96 -42.87 -16.69
CA ILE DA 292 15.17 -43.28 -15.95
C ILE DA 292 16.14 -42.20 -16.41
N VAL DA 293 15.69 -41.39 -17.37
CA VAL DA 293 16.54 -40.27 -17.89
C VAL DA 293 15.82 -38.95 -17.62
N GLU EA 169 -59.02 -6.22 -60.91
CA GLU EA 169 -58.40 -6.91 -59.78
C GLU EA 169 -56.89 -6.64 -59.77
N GLN EA 170 -56.26 -6.65 -60.95
CA GLN EA 170 -54.83 -6.40 -61.06
C GLN EA 170 -54.51 -4.99 -60.56
N SER EA 171 -55.39 -4.03 -60.76
CA SER EA 171 -55.12 -2.72 -60.19
C SER EA 171 -55.01 -2.93 -58.66
N GLU EA 172 -56.11 -3.43 -58.11
CA GLU EA 172 -56.14 -3.54 -56.63
C GLU EA 172 -54.98 -4.43 -56.23
N ALA EA 173 -54.61 -5.35 -57.11
CA ALA EA 173 -53.43 -6.20 -56.82
C ALA EA 173 -52.21 -5.29 -56.78
N LEU EA 174 -52.17 -4.29 -57.64
CA LEU EA 174 -51.03 -3.32 -57.65
C LEU EA 174 -51.03 -2.52 -56.34
N LEU EA 175 -52.24 -2.07 -55.99
CA LEU EA 175 -52.40 -1.26 -54.77
C LEU EA 175 -51.97 -2.14 -53.61
N ALA EA 176 -52.21 -3.45 -53.78
CA ALA EA 176 -51.83 -4.38 -52.71
C ALA EA 176 -50.32 -4.27 -52.52
N MET EA 177 -49.59 -4.09 -53.62
CA MET EA 177 -48.11 -4.09 -53.55
C MET EA 177 -47.45 -2.93 -52.78
N SER EA 178 -47.90 -1.68 -52.97
CA SER EA 178 -47.16 -0.52 -52.40
C SER EA 178 -47.10 -0.45 -50.86
N THR EA 179 -48.21 -0.74 -50.17
CA THR EA 179 -48.21 -0.55 -48.69
C THR EA 179 -47.21 -1.46 -47.99
N PRO EA 180 -47.06 -2.75 -48.35
CA PRO EA 180 -46.02 -3.59 -47.75
C PRO EA 180 -44.63 -3.05 -48.09
N VAL EA 181 -44.45 -2.61 -49.34
CA VAL EA 181 -43.11 -2.12 -49.75
C VAL EA 181 -42.85 -0.84 -48.98
N THR EA 182 -43.85 -0.31 -48.28
CA THR EA 182 -43.54 0.83 -47.37
C THR EA 182 -43.20 0.38 -45.95
N MET EA 183 -43.97 -0.53 -45.35
CA MET EA 183 -43.80 -0.87 -43.90
C MET EA 183 -42.55 -1.68 -43.58
N ILE EA 184 -41.90 -1.39 -42.44
CA ILE EA 184 -40.76 -2.25 -41.99
C ILE EA 184 -40.62 -2.21 -40.45
N TRP EA 185 -40.10 -3.28 -39.88
CA TRP EA 185 -39.87 -3.37 -38.42
C TRP EA 185 -39.18 -2.12 -37.91
N GLN EA 186 -39.34 -1.82 -36.63
CA GLN EA 186 -38.61 -0.68 -36.03
C GLN EA 186 -38.97 0.63 -36.72
N ASP EA 187 -40.19 0.76 -37.27
CA ASP EA 187 -40.63 2.09 -37.80
C ASP EA 187 -39.79 2.51 -39.01
N ILE EA 188 -38.86 1.67 -39.45
CA ILE EA 188 -38.14 2.08 -40.68
C ILE EA 188 -39.16 1.98 -41.81
N LEU EA 189 -39.05 2.84 -42.82
CA LEU EA 189 -39.98 2.75 -43.98
C LEU EA 189 -39.17 2.77 -45.28
N MET EA 190 -39.77 2.32 -46.38
CA MET EA 190 -39.10 2.32 -47.69
C MET EA 190 -40.18 2.24 -48.76
N LEU EA 191 -39.84 2.15 -50.05
CA LEU EA 191 -40.93 1.96 -51.03
C LEU EA 191 -40.46 1.33 -52.35
N PRO EA 192 -40.09 0.02 -52.44
CA PRO EA 192 -39.78 -0.56 -53.75
C PRO EA 192 -41.01 -0.58 -54.68
N ILE EA 193 -40.81 -0.38 -55.99
CA ILE EA 193 -41.94 -0.39 -56.98
C ILE EA 193 -41.46 -0.71 -58.40
N VAL EA 194 -42.39 -1.02 -59.31
CA VAL EA 194 -42.06 -1.34 -60.73
C VAL EA 194 -41.78 -0.03 -61.47
N GLY EA 195 -40.78 -0.02 -62.36
CA GLY EA 195 -40.38 1.24 -63.03
C GLY EA 195 -41.34 1.72 -64.10
N ILE EA 196 -41.80 0.85 -64.99
CA ILE EA 196 -42.78 1.39 -65.97
C ILE EA 196 -44.13 1.30 -65.27
N ILE EA 197 -44.64 2.44 -64.84
CA ILE EA 197 -45.89 2.40 -64.07
C ILE EA 197 -46.77 3.56 -64.53
N ASP EA 198 -48.07 3.54 -64.20
CA ASP EA 198 -48.96 4.70 -64.51
C ASP EA 198 -48.65 5.93 -63.63
N SER EA 199 -48.69 7.13 -64.23
CA SER EA 199 -48.45 8.39 -63.49
C SER EA 199 -49.54 8.64 -62.45
N LYS EA 200 -50.79 8.36 -62.83
CA LYS EA 200 -51.91 8.55 -61.89
C LYS EA 200 -51.70 7.58 -60.74
N ARG EA 201 -51.22 6.38 -61.04
CA ARG EA 201 -50.94 5.36 -60.00
C ARG EA 201 -49.86 5.88 -59.08
N ALA EA 202 -48.88 6.57 -59.66
CA ALA EA 202 -47.80 7.16 -58.85
C ALA EA 202 -48.37 8.24 -57.94
N GLN EA 203 -49.33 9.01 -58.43
CA GLN EA 203 -50.01 9.99 -57.56
C GLN EA 203 -50.71 9.21 -56.45
N ASP EA 204 -51.20 8.04 -56.83
CA ASP EA 204 -51.87 7.23 -55.80
C ASP EA 204 -50.81 6.93 -54.76
N ILE EA 205 -49.64 6.54 -55.25
CA ILE EA 205 -48.60 6.13 -54.27
C ILE EA 205 -48.31 7.37 -53.44
N MET EA 206 -48.29 8.52 -54.09
CA MET EA 206 -48.03 9.78 -53.35
C MET EA 206 -49.02 9.85 -52.20
N SER EA 207 -50.27 9.52 -52.47
CA SER EA 207 -51.35 9.69 -51.47
C SER EA 207 -51.09 8.64 -50.41
N ALA EA 208 -50.66 7.48 -50.87
CA ALA EA 208 -50.43 6.36 -49.94
C ALA EA 208 -49.35 6.77 -48.96
N VAL EA 209 -48.30 7.38 -49.45
CA VAL EA 209 -47.21 7.70 -48.50
C VAL EA 209 -47.77 8.70 -47.51
N LEU EA 210 -48.56 9.67 -47.96
CA LEU EA 210 -49.00 10.64 -46.94
C LEU EA 210 -49.78 9.89 -45.87
N ASN EA 211 -50.74 9.09 -46.29
CA ASN EA 211 -51.57 8.45 -45.25
C ASN EA 211 -50.67 7.54 -44.43
N LYS EA 212 -49.73 6.89 -45.10
CA LYS EA 212 -48.92 5.91 -44.35
C LYS EA 212 -48.20 6.70 -43.28
N ILE EA 213 -47.71 7.86 -43.68
CA ILE EA 213 -46.91 8.63 -42.70
C ILE EA 213 -47.83 8.96 -41.54
N SER EA 214 -49.04 9.38 -41.82
CA SER EA 214 -49.87 9.71 -40.64
C SER EA 214 -49.96 8.45 -39.83
N GLU EA 215 -50.30 7.36 -40.52
CA GLU EA 215 -50.64 6.13 -39.78
C GLU EA 215 -49.58 5.92 -38.73
N ASN EA 216 -48.34 5.91 -39.17
CA ASN EA 216 -47.31 5.89 -38.12
C ASN EA 216 -46.38 6.97 -38.57
N ARG EA 217 -46.36 8.04 -37.81
CA ARG EA 217 -45.35 9.03 -38.18
C ARG EA 217 -43.99 8.32 -38.22
N ALA EA 218 -43.24 8.44 -39.33
CA ALA EA 218 -41.90 7.81 -39.45
C ALA EA 218 -40.90 8.84 -40.00
N LYS EA 219 -39.83 9.17 -39.31
CA LYS EA 219 -38.84 10.09 -39.96
C LYS EA 219 -38.10 9.23 -40.98
N ILE EA 220 -38.16 7.92 -40.79
CA ILE EA 220 -37.38 7.02 -41.68
C ILE EA 220 -38.28 6.54 -42.80
N PHE EA 221 -37.85 6.71 -44.04
CA PHE EA 221 -38.61 6.21 -45.20
C PHE EA 221 -37.61 6.12 -46.36
N ILE EA 222 -37.85 5.26 -47.35
CA ILE EA 222 -36.92 5.25 -48.50
C ILE EA 222 -37.66 5.03 -49.81
N MET EA 223 -37.05 5.48 -50.90
CA MET EA 223 -37.64 5.16 -52.21
C MET EA 223 -36.79 4.02 -52.75
N ASP EA 224 -37.39 2.85 -52.93
CA ASP EA 224 -36.57 1.77 -53.54
C ASP EA 224 -37.04 1.59 -54.98
N ILE EA 225 -36.10 1.57 -55.92
CA ILE EA 225 -36.47 1.43 -57.36
C ILE EA 225 -35.59 0.34 -57.94
N SER EA 226 -35.14 -0.58 -57.08
CA SER EA 226 -34.20 -1.60 -57.59
C SER EA 226 -34.74 -2.15 -58.91
N GLY EA 227 -33.85 -2.25 -59.90
CA GLY EA 227 -34.30 -2.85 -61.15
C GLY EA 227 -35.53 -2.13 -61.66
N VAL EA 228 -35.46 -0.79 -61.74
CA VAL EA 228 -36.70 -0.09 -62.15
C VAL EA 228 -37.13 -0.74 -63.47
N ALA EA 229 -38.41 -1.07 -63.60
CA ALA EA 229 -38.84 -1.85 -64.78
C ALA EA 229 -38.54 -1.09 -66.07
N VAL EA 230 -38.88 0.19 -66.12
CA VAL EA 230 -38.51 0.98 -67.32
C VAL EA 230 -38.27 2.39 -66.84
N VAL EA 231 -37.24 3.06 -67.36
CA VAL EA 231 -36.94 4.48 -66.98
C VAL EA 231 -37.87 5.40 -67.78
N ASP EA 232 -39.14 5.49 -67.38
CA ASP EA 232 -40.12 6.35 -68.10
C ASP EA 232 -39.79 7.83 -67.83
N THR EA 233 -40.11 8.71 -68.78
CA THR EA 233 -39.78 10.15 -68.64
C THR EA 233 -40.55 10.76 -67.46
N ALA EA 234 -41.89 10.66 -67.47
CA ALA EA 234 -42.71 11.31 -66.41
C ALA EA 234 -42.42 10.62 -65.09
N VAL EA 235 -41.92 9.39 -65.18
CA VAL EA 235 -41.69 8.61 -63.94
C VAL EA 235 -40.63 9.34 -63.11
N ALA EA 236 -39.59 9.85 -63.76
CA ALA EA 236 -38.62 10.62 -62.97
C ALA EA 236 -39.47 11.63 -62.26
N ASN EA 237 -40.18 12.41 -63.05
CA ASN EA 237 -40.95 13.52 -62.49
C ASN EA 237 -41.53 13.10 -61.19
N HIS EA 238 -42.09 11.92 -61.18
CA HIS EA 238 -42.75 11.56 -59.92
C HIS EA 238 -41.71 11.63 -58.82
N PHE EA 239 -40.71 10.73 -58.90
CA PHE EA 239 -39.60 10.67 -57.91
C PHE EA 239 -38.89 12.02 -57.82
N ILE EA 240 -38.91 12.84 -58.88
CA ILE EA 240 -38.32 14.19 -58.72
C ILE EA 240 -39.17 14.87 -57.65
N LYS EA 241 -40.43 15.05 -58.01
CA LYS EA 241 -41.32 15.75 -57.07
C LYS EA 241 -41.41 14.92 -55.81
N ILE EA 242 -41.48 13.62 -55.97
CA ILE EA 242 -41.71 12.73 -54.79
C ILE EA 242 -40.54 12.83 -53.84
N THR EA 243 -39.33 12.82 -54.37
CA THR EA 243 -38.21 12.80 -53.45
C THR EA 243 -38.33 14.09 -52.67
N LYS EA 244 -38.60 15.16 -53.42
CA LYS EA 244 -38.58 16.43 -52.67
C LYS EA 244 -39.64 16.36 -51.58
N ALA EA 245 -40.84 15.94 -51.95
CA ALA EA 245 -41.94 16.03 -50.97
C ALA EA 245 -41.63 15.20 -49.75
N THR EA 246 -41.17 13.97 -49.98
CA THR EA 246 -41.00 13.09 -48.81
C THR EA 246 -39.97 13.63 -47.88
N LYS EA 247 -38.83 14.04 -48.43
CA LYS EA 247 -37.79 14.44 -47.45
C LYS EA 247 -38.30 15.64 -46.72
N LEU EA 248 -38.89 16.57 -47.46
CA LEU EA 248 -39.23 17.86 -46.85
C LEU EA 248 -40.43 17.72 -45.90
N MET EA 249 -41.10 16.58 -45.94
CA MET EA 249 -42.17 16.31 -44.97
C MET EA 249 -41.49 16.29 -43.62
N GLY EA 250 -40.17 16.15 -43.63
CA GLY EA 250 -39.46 15.97 -42.37
C GLY EA 250 -39.35 14.48 -42.25
N CYS EA 251 -39.83 13.81 -43.30
CA CYS EA 251 -39.72 12.34 -43.33
C CYS EA 251 -38.71 11.97 -44.41
N ASP EA 252 -37.48 11.69 -44.03
CA ASP EA 252 -36.39 11.44 -45.02
C ASP EA 252 -36.78 10.40 -46.08
N CYS EA 253 -36.22 10.46 -47.29
CA CYS EA 253 -36.46 9.37 -48.29
C CYS EA 253 -35.12 9.03 -48.94
N LEU EA 254 -34.83 7.75 -49.17
CA LEU EA 254 -33.49 7.41 -49.73
C LEU EA 254 -33.68 6.47 -50.92
N VAL EA 255 -32.74 6.48 -51.87
CA VAL EA 255 -32.83 5.48 -52.97
C VAL EA 255 -31.83 4.35 -52.71
N SER EA 256 -32.32 3.16 -52.42
CA SER EA 256 -31.41 2.03 -52.04
C SER EA 256 -31.11 1.14 -53.23
N GLY EA 257 -32.08 0.90 -54.11
CA GLY EA 257 -31.86 -0.03 -55.23
C GLY EA 257 -32.29 0.62 -56.52
N VAL EA 258 -31.65 0.28 -57.65
CA VAL EA 258 -31.96 0.94 -58.95
C VAL EA 258 -31.12 0.30 -60.05
N SER EA 259 -31.42 0.60 -61.31
CA SER EA 259 -30.58 0.10 -62.42
C SER EA 259 -29.63 1.22 -62.85
N PRO EA 260 -28.47 0.90 -63.47
CA PRO EA 260 -27.54 1.95 -63.95
C PRO EA 260 -27.89 2.70 -65.24
N SER EA 261 -28.30 1.98 -66.28
CA SER EA 261 -28.70 2.66 -67.53
C SER EA 261 -29.95 3.44 -67.20
N ILE EA 262 -30.69 2.95 -66.21
CA ILE EA 262 -31.87 3.71 -65.77
C ILE EA 262 -31.30 5.05 -65.33
N ALA EA 263 -30.23 4.97 -64.55
CA ALA EA 263 -29.60 6.19 -64.03
C ALA EA 263 -29.04 7.00 -65.18
N ARG EA 264 -28.47 6.31 -66.17
CA ARG EA 264 -27.82 7.12 -67.22
C ARG EA 264 -28.93 7.90 -67.89
N THR EA 265 -30.02 7.21 -68.16
CA THR EA 265 -31.10 7.87 -68.93
C THR EA 265 -31.46 9.11 -68.13
N MET EA 266 -31.42 8.96 -66.82
CA MET EA 266 -31.74 10.10 -65.94
C MET EA 266 -30.69 11.18 -66.10
N VAL EA 267 -29.44 10.82 -65.91
CA VAL EA 267 -28.42 11.89 -65.92
C VAL EA 267 -28.47 12.52 -67.30
N GLN EA 268 -28.58 11.69 -68.34
CA GLN EA 268 -28.64 12.19 -69.73
C GLN EA 268 -29.79 13.21 -69.82
N LEU EA 269 -30.75 13.16 -68.90
CA LEU EA 269 -31.87 14.12 -69.05
C LEU EA 269 -31.28 15.48 -68.70
N GLY EA 270 -30.08 15.46 -68.13
CA GLY EA 270 -29.44 16.72 -67.73
C GLY EA 270 -29.95 17.08 -66.37
N ILE EA 271 -30.65 16.13 -65.74
CA ILE EA 271 -31.15 16.36 -64.35
C ILE EA 271 -30.03 17.01 -63.54
N ASN EA 272 -30.37 17.98 -62.68
CA ASN EA 272 -29.31 18.71 -61.94
C ASN EA 272 -29.68 18.91 -60.48
N VAL EA 273 -30.98 18.98 -60.19
CA VAL EA 273 -31.44 19.33 -58.82
C VAL EA 273 -31.07 18.29 -57.77
N GLY EA 274 -31.09 17.00 -58.11
CA GLY EA 274 -30.93 15.98 -57.05
C GLY EA 274 -29.69 16.14 -56.20
N GLU EA 275 -29.88 16.19 -54.88
CA GLU EA 275 -28.74 16.25 -53.92
C GLU EA 275 -29.23 15.59 -52.63
N VAL EA 276 -29.96 14.47 -52.73
CA VAL EA 276 -30.54 13.82 -51.52
C VAL EA 276 -29.66 12.65 -51.10
N ARG EA 277 -30.12 11.87 -50.11
CA ARG EA 277 -29.33 10.73 -49.60
C ARG EA 277 -29.76 9.44 -50.33
N THR EA 278 -28.81 8.55 -50.62
CA THR EA 278 -29.13 7.25 -51.26
C THR EA 278 -28.29 6.14 -50.62
N ASN EA 279 -28.39 4.89 -51.10
CA ASN EA 279 -27.66 3.76 -50.47
C ASN EA 279 -27.47 2.61 -51.48
N ALA EA 280 -26.64 1.62 -51.14
CA ALA EA 280 -26.42 0.45 -52.03
C ALA EA 280 -27.35 -0.70 -51.62
N THR EA 281 -28.44 -0.94 -52.37
CA THR EA 281 -29.38 -2.06 -52.09
C THR EA 281 -30.03 -1.87 -50.73
N LEU EA 282 -30.91 -2.79 -50.34
CA LEU EA 282 -31.52 -2.70 -48.99
C LEU EA 282 -30.44 -3.04 -47.96
N ARG EA 283 -29.17 -3.19 -48.40
CA ARG EA 283 -28.17 -3.63 -47.40
C ARG EA 283 -27.59 -2.39 -46.76
N ASP EA 284 -26.94 -1.57 -47.58
CA ASP EA 284 -26.35 -0.30 -47.07
C ASP EA 284 -27.48 0.63 -46.62
N ALA EA 285 -28.72 0.43 -47.08
CA ALA EA 285 -29.75 1.37 -46.61
C ALA EA 285 -30.01 1.09 -45.13
N LEU EA 286 -30.16 -0.18 -44.78
CA LEU EA 286 -30.48 -0.56 -43.39
C LEU EA 286 -29.26 -0.22 -42.56
N GLU EA 287 -28.09 -0.46 -43.12
CA GLU EA 287 -26.92 -0.22 -42.26
C GLU EA 287 -27.01 1.23 -41.81
N ASN EA 288 -27.26 2.09 -42.78
CA ASN EA 288 -27.34 3.52 -42.44
C ASN EA 288 -28.51 3.70 -41.49
N ALA EA 289 -29.60 2.98 -41.75
CA ALA EA 289 -30.75 3.31 -40.89
C ALA EA 289 -30.40 2.89 -39.48
N PHE EA 290 -29.82 1.70 -39.31
CA PHE EA 290 -29.53 1.18 -37.95
C PHE EA 290 -28.48 2.09 -37.33
N LYS EA 291 -27.96 3.01 -38.14
CA LYS EA 291 -26.95 3.98 -37.64
C LYS EA 291 -27.64 5.31 -37.30
N ILE EA 292 -28.64 5.60 -38.14
CA ILE EA 292 -29.53 6.74 -37.82
C ILE EA 292 -30.33 6.12 -36.67
N VAL EA 293 -30.12 4.82 -36.43
CA VAL EA 293 -30.81 4.11 -35.33
C VAL EA 293 -29.77 3.57 -34.35
N GLU FA 169 -48.00 -8.00 -69.43
CA GLU FA 169 -47.11 -7.17 -68.65
C GLU FA 169 -47.40 -7.30 -67.15
N GLN FA 170 -48.68 -7.38 -66.79
CA GLN FA 170 -49.06 -7.52 -65.39
C GLN FA 170 -48.53 -8.84 -64.83
N SER FA 171 -48.45 -9.88 -65.65
CA SER FA 171 -47.85 -11.11 -65.13
C SER FA 171 -46.40 -10.73 -64.74
N GLU FA 172 -45.67 -10.26 -65.73
CA GLU FA 172 -44.24 -10.01 -65.47
C GLU FA 172 -44.17 -8.99 -64.35
N ALA FA 173 -45.18 -8.14 -64.25
CA ALA FA 173 -45.22 -7.17 -63.14
C ALA FA 173 -45.38 -7.98 -61.85
N LEU FA 174 -46.14 -9.05 -61.88
CA LEU FA 174 -46.31 -9.93 -60.69
C LEU FA 174 -44.97 -10.58 -60.34
N LEU FA 175 -44.33 -11.08 -61.39
CA LEU FA 175 -43.03 -11.78 -61.22
C LEU FA 175 -42.08 -10.74 -60.65
N ALA FA 176 -42.30 -9.49 -61.03
CA ALA FA 176 -41.41 -8.42 -60.54
C ALA FA 176 -41.56 -8.40 -59.03
N MET FA 177 -42.76 -8.63 -58.52
CA MET FA 177 -43.01 -8.51 -57.07
C MET FA 177 -42.31 -9.54 -56.16
N SER FA 178 -42.29 -10.82 -56.50
CA SER FA 178 -41.79 -11.85 -55.56
C SER FA 178 -40.30 -11.77 -55.18
N THR FA 179 -39.41 -11.49 -56.14
CA THR FA 179 -37.96 -11.53 -55.83
C THR FA 179 -37.57 -10.47 -54.79
N PRO FA 180 -38.07 -9.22 -54.85
CA PRO FA 180 -37.78 -8.25 -53.79
C PRO FA 180 -38.36 -8.71 -52.45
N VAL FA 181 -39.57 -9.26 -52.49
CA VAL FA 181 -40.23 -9.68 -51.22
C VAL FA 181 -39.43 -10.86 -50.68
N THR FA 182 -38.48 -11.38 -51.46
CA THR FA 182 -37.56 -12.39 -50.87
C THR FA 182 -36.29 -11.77 -50.28
N MET FA 183 -35.62 -10.87 -51.00
CA MET FA 183 -34.28 -10.37 -50.57
C MET FA 183 -34.30 -9.44 -49.37
N ILE FA 184 -33.31 -9.55 -48.47
CA ILE FA 184 -33.18 -8.58 -47.35
C ILE FA 184 -31.72 -8.45 -46.89
N TRP FA 185 -31.36 -7.27 -46.37
CA TRP FA 185 -29.99 -7.02 -45.86
C TRP FA 185 -29.55 -8.16 -44.94
N GLN FA 186 -28.24 -8.33 -44.82
CA GLN FA 186 -27.71 -9.34 -43.87
C GLN FA 186 -28.21 -10.74 -44.24
N ASP FA 187 -28.46 -11.03 -45.52
CA ASP FA 187 -28.77 -12.42 -45.94
C ASP FA 187 -30.09 -12.91 -45.33
N ILE FA 188 -30.79 -12.06 -44.59
CA ILE FA 188 -32.11 -12.53 -44.10
C ILE FA 188 -32.99 -12.63 -45.34
N LEU FA 189 -33.93 -13.57 -45.36
CA LEU FA 189 -34.88 -13.67 -46.51
C LEU FA 189 -36.30 -13.76 -45.99
N MET FA 190 -37.28 -13.48 -46.85
CA MET FA 190 -38.71 -13.57 -46.46
C MET FA 190 -39.52 -13.68 -47.75
N LEU FA 191 -40.86 -13.71 -47.68
CA LEU FA 191 -41.60 -13.69 -48.98
C LEU FA 191 -43.03 -13.17 -48.84
N PRO FA 192 -43.31 -11.86 -48.62
CA PRO FA 192 -44.69 -11.39 -48.66
C PRO FA 192 -45.34 -11.56 -50.05
N ILE FA 193 -46.64 -11.88 -50.11
CA ILE FA 193 -47.36 -12.06 -51.40
C ILE FA 193 -48.87 -11.84 -51.27
N VAL FA 194 -49.58 -11.71 -52.40
CA VAL FA 194 -51.07 -11.52 -52.40
C VAL FA 194 -51.74 -12.87 -52.14
N GLY FA 195 -52.81 -12.90 -51.35
CA GLY FA 195 -53.45 -14.18 -50.98
C GLY FA 195 -54.24 -14.83 -52.09
N ILE FA 196 -55.08 -14.10 -52.81
CA ILE FA 196 -55.77 -14.82 -53.91
C ILE FA 196 -54.82 -14.76 -55.10
N ILE FA 197 -54.19 -15.89 -55.38
CA ILE FA 197 -53.17 -15.87 -56.45
C ILE FA 197 -53.32 -17.13 -57.28
N ASP FA 198 -52.74 -17.18 -58.48
CA ASP FA 198 -52.74 -18.43 -59.30
C ASP FA 198 -51.86 -19.53 -58.70
N SER FA 199 -52.33 -20.78 -58.74
CA SER FA 199 -51.55 -21.95 -58.24
C SER FA 199 -50.28 -22.17 -59.06
N LYS FA 200 -50.41 -22.02 -60.38
CA LYS FA 200 -49.24 -22.21 -61.26
C LYS FA 200 -48.24 -21.11 -60.91
N ARG FA 201 -48.74 -19.90 -60.62
CA ARG FA 201 -47.88 -18.77 -60.24
C ARG FA 201 -47.17 -19.10 -58.94
N ALA FA 202 -47.88 -19.78 -58.04
CA ALA FA 202 -47.28 -20.20 -56.77
C ALA FA 202 -46.17 -21.21 -57.03
N GLN FA 203 -46.39 -22.09 -57.99
CA GLN FA 203 -45.30 -23.03 -58.37
C GLN FA 203 -44.15 -22.21 -58.90
N ASP FA 204 -44.50 -21.13 -59.57
CA ASP FA 204 -43.43 -20.25 -60.09
C ASP FA 204 -42.68 -19.77 -58.87
N ILE FA 205 -43.42 -19.35 -57.87
CA ILE FA 205 -42.74 -18.76 -56.70
C ILE FA 205 -41.89 -19.88 -56.12
N MET FA 206 -42.43 -21.08 -56.13
CA MET FA 206 -41.67 -22.24 -55.60
C MET FA 206 -40.32 -22.26 -56.32
N SER FA 207 -40.34 -22.07 -57.63
CA SER FA 207 -39.13 -22.22 -58.44
C SER FA 207 -38.23 -21.05 -58.08
N ALA FA 208 -38.87 -19.91 -57.87
CA ALA FA 208 -38.12 -18.68 -57.57
C ALA FA 208 -37.35 -18.91 -56.27
N VAL FA 209 -38.01 -19.48 -55.28
CA VAL FA 209 -37.30 -19.61 -54.00
C VAL FA 209 -36.12 -20.54 -54.24
N LEU FA 210 -36.31 -21.61 -55.01
CA LEU FA 210 -35.14 -22.51 -55.14
C LEU FA 210 -34.00 -21.71 -55.74
N ASN FA 211 -34.26 -21.03 -56.85
CA ASN FA 211 -33.12 -20.36 -57.50
C ASN FA 211 -32.60 -19.30 -56.55
N LYS FA 212 -33.51 -18.66 -55.83
CA LYS FA 212 -33.05 -17.54 -54.98
C LYS FA 212 -32.09 -18.16 -53.98
N ILE FA 213 -32.47 -19.31 -53.48
CA ILE FA 213 -31.63 -19.91 -52.42
C ILE FA 213 -30.28 -20.19 -53.04
N SER FA 214 -30.26 -20.73 -54.25
CA SER FA 214 -28.90 -21.00 -54.77
C SER FA 214 -28.20 -19.66 -54.82
N GLU FA 215 -28.89 -18.68 -55.40
CA GLU FA 215 -28.20 -17.42 -55.70
C GLU FA 215 -27.42 -17.02 -54.47
N ASN FA 216 -28.12 -16.97 -53.35
CA ASN FA 216 -27.32 -16.76 -52.14
C ASN FA 216 -27.87 -17.79 -51.21
N ARG FA 217 -27.05 -18.77 -50.93
CA ARG FA 217 -27.53 -19.73 -49.92
C ARG FA 217 -27.93 -18.90 -48.68
N ALA FA 218 -29.16 -19.08 -48.17
CA ALA FA 218 -29.62 -18.39 -46.94
C ALA FA 218 -30.29 -19.38 -45.99
N LYS FA 219 -29.80 -19.55 -44.77
CA LYS FA 219 -30.57 -20.44 -43.86
C LYS FA 219 -31.80 -19.65 -43.43
N ILE FA 220 -31.71 -18.33 -43.57
CA ILE FA 220 -32.82 -17.47 -43.09
C ILE FA 220 -33.75 -17.17 -44.25
N PHE FA 221 -35.05 -17.44 -44.05
CA PHE FA 221 -36.06 -17.12 -45.09
C PHE FA 221 -37.41 -17.09 -44.37
N ILE FA 222 -38.39 -16.35 -44.88
CA ILE FA 222 -39.71 -16.38 -44.22
C ILE FA 222 -40.84 -16.36 -45.24
N MET FA 223 -41.99 -16.87 -44.82
CA MET FA 223 -43.17 -16.74 -45.69
C MET FA 223 -43.97 -15.59 -45.10
N ASP FA 224 -44.12 -14.49 -45.82
CA ASP FA 224 -44.98 -13.43 -45.25
C ASP FA 224 -46.30 -13.43 -46.03
N ILE FA 225 -47.42 -13.44 -45.31
CA ILE FA 225 -48.75 -13.48 -45.99
C ILE FA 225 -49.60 -12.39 -45.35
N SER FA 226 -48.94 -11.36 -44.83
CA SER FA 226 -49.73 -10.33 -44.13
C SER FA 226 -50.93 -9.96 -44.97
N GLY FA 227 -52.09 -9.88 -44.32
CA GLY FA 227 -53.27 -9.45 -45.08
C GLY FA 227 -53.44 -10.33 -46.30
N VAL FA 228 -53.42 -11.64 -46.13
CA VAL FA 228 -53.49 -12.48 -47.35
C VAL FA 228 -54.74 -12.01 -48.09
N ALA FA 229 -54.61 -11.80 -49.40
CA ALA FA 229 -55.74 -11.19 -50.15
C ALA FA 229 -56.99 -12.04 -50.05
N VAL FA 230 -56.86 -13.35 -50.26
CA VAL FA 230 -58.04 -14.22 -50.08
C VAL FA 230 -57.50 -15.56 -49.60
N VAL FA 231 -58.18 -16.19 -48.63
CA VAL FA 231 -57.75 -17.53 -48.13
C VAL FA 231 -58.25 -18.60 -49.11
N ASP FA 232 -57.58 -18.74 -50.26
CA ASP FA 232 -57.99 -19.76 -51.28
C ASP FA 232 -57.68 -21.16 -50.76
N THR FA 233 -58.46 -22.16 -51.18
CA THR FA 233 -58.27 -23.56 -50.69
C THR FA 233 -56.91 -24.11 -51.14
N ALA FA 234 -56.63 -24.10 -52.45
CA ALA FA 234 -55.37 -24.69 -52.96
C ALA FA 234 -54.21 -23.85 -52.48
N VAL FA 235 -54.52 -22.61 -52.12
CA VAL FA 235 -53.42 -21.68 -51.73
C VAL FA 235 -52.79 -22.24 -50.45
N ALA FA 236 -53.60 -22.73 -49.52
CA ALA FA 236 -52.97 -23.35 -48.35
C ALA FA 236 -52.01 -24.34 -48.93
N ASN FA 237 -52.57 -25.24 -49.70
CA ASN FA 237 -51.75 -26.35 -50.23
C ASN FA 237 -50.40 -25.85 -50.57
N HIS FA 238 -50.37 -24.71 -51.22
CA HIS FA 238 -49.03 -24.28 -51.64
C HIS FA 238 -48.18 -24.15 -50.39
N PHE FA 239 -48.55 -23.19 -49.52
CA PHE FA 239 -47.83 -22.94 -48.24
C PHE FA 239 -47.78 -24.22 -47.40
N ILE FA 240 -48.74 -25.14 -47.56
CA ILE FA 240 -48.59 -26.41 -46.82
C ILE FA 240 -47.31 -27.04 -47.36
N LYS FA 241 -47.37 -27.35 -48.65
CA LYS FA 241 -46.22 -28.03 -49.25
C LYS FA 241 -45.03 -27.09 -49.16
N ILE FA 242 -45.27 -25.80 -49.38
CA ILE FA 242 -44.17 -24.83 -49.46
C ILE FA 242 -43.49 -24.74 -48.11
N THR FA 243 -44.27 -24.69 -47.04
CA THR FA 243 -43.60 -24.48 -45.76
C THR FA 243 -42.71 -25.69 -45.60
N LYS FA 244 -43.25 -26.87 -45.86
CA LYS FA 244 -42.31 -28.02 -45.76
C LYS FA 244 -41.07 -27.75 -46.61
N ALA FA 245 -41.22 -27.03 -47.71
CA ALA FA 245 -40.08 -26.88 -48.66
C ALA FA 245 -38.85 -26.16 -48.11
N THR FA 246 -39.04 -25.13 -47.30
CA THR FA 246 -37.81 -24.43 -46.87
C THR FA 246 -37.00 -25.44 -46.06
N LYS FA 247 -37.70 -26.17 -45.21
CA LYS FA 247 -37.02 -27.16 -44.34
C LYS FA 247 -36.43 -28.25 -45.22
N LEU FA 248 -37.07 -28.53 -46.34
CA LEU FA 248 -36.55 -29.55 -47.29
C LEU FA 248 -35.21 -29.07 -47.82
N MET FA 249 -35.13 -27.80 -48.20
CA MET FA 249 -33.83 -27.26 -48.65
C MET FA 249 -32.93 -27.42 -47.46
N GLY FA 250 -33.50 -27.24 -46.28
CA GLY FA 250 -32.69 -27.25 -45.06
C GLY FA 250 -32.73 -25.82 -44.62
N CYS FA 251 -33.45 -25.02 -45.41
CA CYS FA 251 -33.62 -23.59 -45.07
C CYS FA 251 -34.70 -23.45 -44.00
N ASP FA 252 -34.82 -22.25 -43.42
CA ASP FA 252 -35.88 -22.00 -42.41
C ASP FA 252 -36.96 -21.12 -43.05
N CYS FA 253 -38.25 -21.37 -42.78
CA CYS FA 253 -39.25 -20.42 -43.32
C CYS FA 253 -40.21 -20.04 -42.18
N LEU FA 254 -40.60 -18.77 -42.08
CA LEU FA 254 -41.46 -18.38 -40.94
C LEU FA 254 -42.66 -17.59 -41.44
N VAL FA 255 -43.78 -17.63 -40.73
CA VAL FA 255 -44.92 -16.75 -41.14
C VAL FA 255 -44.98 -15.54 -40.22
N SER FA 256 -44.69 -14.36 -40.76
CA SER FA 256 -44.61 -13.14 -39.91
C SER FA 256 -45.91 -12.34 -39.94
N GLY FA 257 -46.58 -12.28 -41.09
CA GLY FA 257 -47.79 -11.45 -41.19
C GLY FA 257 -48.90 -12.27 -41.82
N VAL FA 258 -50.16 -12.01 -41.46
CA VAL FA 258 -51.30 -12.81 -41.98
C VAL FA 258 -52.61 -12.22 -41.45
N SER FA 259 -53.75 -12.68 -41.97
CA SER FA 259 -55.06 -12.23 -41.43
C SER FA 259 -55.58 -13.32 -40.47
N PRO FA 260 -56.46 -12.98 -39.51
CA PRO FA 260 -57.04 -13.98 -38.60
C PRO FA 260 -58.15 -14.89 -39.13
N SER FA 261 -59.14 -14.31 -39.82
CA SER FA 261 -60.21 -15.15 -40.40
C SER FA 261 -59.55 -15.99 -41.48
N ILE FA 262 -58.47 -15.46 -42.04
CA ILE FA 262 -57.73 -16.26 -43.03
C ILE FA 262 -57.30 -17.49 -42.25
N ALA FA 263 -56.79 -17.25 -41.05
CA ALA FA 263 -56.31 -18.36 -40.21
C ALA FA 263 -57.49 -19.24 -39.83
N ARG FA 264 -58.62 -18.62 -39.54
CA ARG FA 264 -59.72 -19.47 -39.05
C ARG FA 264 -60.07 -20.40 -40.19
N THR FA 265 -60.16 -19.83 -41.37
CA THR FA 265 -60.61 -20.65 -42.52
C THR FA 265 -59.66 -21.82 -42.58
N MET FA 266 -58.40 -21.53 -42.28
CA MET FA 266 -57.38 -22.59 -42.31
C MET FA 266 -57.67 -23.61 -41.21
N VAL FA 267 -57.78 -23.13 -39.98
CA VAL FA 267 -57.92 -24.12 -38.89
C VAL FA 267 -59.19 -24.89 -39.16
N GLN FA 268 -60.25 -24.18 -39.57
CA GLN FA 268 -61.56 -24.83 -39.86
C GLN FA 268 -61.32 -25.93 -40.89
N LEU FA 269 -60.21 -25.86 -41.66
CA LEU FA 269 -60.04 -26.92 -42.68
C LEU FA 269 -59.70 -28.18 -41.90
N GLY FA 270 -59.41 -28.01 -40.62
CA GLY FA 270 -59.05 -29.17 -39.79
C GLY FA 270 -57.58 -29.42 -39.98
N ILE FA 271 -56.90 -28.48 -40.62
CA ILE FA 271 -55.43 -28.60 -40.80
C ILE FA 271 -54.82 -29.07 -39.47
N ASN FA 272 -53.83 -29.96 -39.52
CA ASN FA 272 -53.28 -30.53 -38.27
C ASN FA 272 -51.76 -30.61 -38.32
N VAL FA 273 -51.20 -30.75 -39.51
CA VAL FA 273 -49.73 -30.99 -39.64
C VAL FA 273 -48.88 -29.82 -39.17
N GLY FA 274 -49.31 -28.58 -39.39
CA GLY FA 274 -48.41 -27.45 -39.11
C GLY FA 274 -47.83 -27.42 -37.72
N GLU FA 275 -46.50 -27.35 -37.62
CA GLU FA 275 -45.80 -27.22 -36.31
C GLU FA 275 -44.49 -26.47 -36.57
N VAL FA 276 -44.54 -25.43 -37.41
CA VAL FA 276 -43.29 -24.71 -37.80
C VAL FA 276 -43.17 -23.43 -36.97
N ARG FA 277 -42.18 -22.59 -37.28
CA ARG FA 277 -41.95 -21.34 -36.52
C ARG FA 277 -42.67 -20.18 -37.22
N THR FA 278 -43.24 -19.26 -36.44
CA THR FA 278 -43.90 -18.05 -37.01
C THR FA 278 -43.55 -16.82 -36.16
N ASN FA 279 -44.10 -15.65 -36.49
CA ASN FA 279 -43.75 -14.39 -35.76
C ASN FA 279 -44.86 -13.35 -35.90
N ALA FA 280 -44.80 -12.26 -35.11
CA ALA FA 280 -45.81 -11.17 -35.20
C ALA FA 280 -45.30 -10.06 -36.13
N THR FA 281 -45.82 -10.00 -37.36
CA THR FA 281 -45.44 -8.93 -38.34
C THR FA 281 -43.95 -9.03 -38.66
N LEU FA 282 -43.47 -8.15 -39.54
CA LEU FA 282 -42.02 -8.13 -39.84
C LEU FA 282 -41.28 -7.61 -38.60
N ARG FA 283 -41.98 -7.40 -37.49
CA ARG FA 283 -41.27 -6.79 -36.34
C ARG FA 283 -40.67 -7.91 -35.53
N ASP FA 284 -41.54 -8.76 -34.98
CA ASP FA 284 -41.06 -9.91 -34.18
C ASP FA 284 -40.30 -10.88 -35.10
N ALA FA 285 -40.50 -10.83 -36.42
CA ALA FA 285 -39.74 -11.78 -37.23
C ALA FA 285 -38.27 -11.38 -37.20
N LEU FA 286 -38.00 -10.10 -37.41
CA LEU FA 286 -36.61 -9.61 -37.46
C LEU FA 286 -36.03 -9.76 -36.08
N GLU FA 287 -36.86 -9.49 -35.07
CA GLU FA 287 -36.24 -9.54 -33.73
C GLU FA 287 -35.68 -10.94 -33.59
N ASN FA 288 -36.48 -11.92 -33.94
CA ASN FA 288 -36.01 -13.30 -33.81
C ASN FA 288 -34.83 -13.47 -34.74
N ALA FA 289 -34.92 -12.87 -35.93
CA ALA FA 289 -33.80 -13.19 -36.83
C ALA FA 289 -32.53 -12.60 -36.24
N PHE FA 290 -32.60 -11.36 -35.76
CA PHE FA 290 -31.38 -10.69 -35.25
C PHE FA 290 -30.93 -11.44 -34.01
N LYS FA 291 -31.75 -12.39 -33.58
CA LYS FA 291 -31.39 -13.23 -32.39
C LYS FA 291 -30.80 -14.56 -32.87
N ILE FA 292 -31.38 -15.02 -33.98
CA ILE FA 292 -30.77 -16.17 -34.67
C ILE FA 292 -29.54 -15.51 -35.27
N VAL FA 293 -29.47 -14.18 -35.15
CA VAL FA 293 -28.30 -13.42 -35.67
C VAL FA 293 -27.62 -12.71 -34.50
N GLU GA 169 -21.93 -74.69 -33.64
CA GLU GA 169 -22.27 -73.28 -33.52
C GLU GA 169 -22.00 -72.79 -32.08
N GLN GA 170 -22.35 -73.61 -31.09
CA GLN GA 170 -22.13 -73.24 -29.71
C GLN GA 170 -20.64 -73.06 -29.43
N SER GA 171 -19.78 -73.81 -30.09
CA SER GA 171 -18.36 -73.55 -29.90
C SER GA 171 -18.13 -72.09 -30.36
N GLU GA 172 -18.45 -71.87 -31.62
CA GLU GA 172 -18.14 -70.54 -32.19
C GLU GA 172 -18.87 -69.52 -31.34
N ALA GA 173 -20.01 -69.92 -30.78
CA ALA GA 173 -20.73 -69.00 -29.88
C ALA GA 173 -19.85 -68.76 -28.66
N LEU GA 174 -19.13 -69.78 -28.21
CA LEU GA 174 -18.20 -69.63 -27.05
C LEU GA 174 -17.07 -68.68 -27.44
N LEU GA 175 -16.54 -68.92 -28.64
CA LEU GA 175 -15.41 -68.11 -29.13
C LEU GA 175 -15.93 -66.69 -29.23
N ALA GA 176 -17.22 -66.57 -29.52
CA ALA GA 176 -17.82 -65.23 -29.64
C ALA GA 176 -17.66 -64.54 -28.29
N MET GA 177 -17.80 -65.30 -27.20
CA MET GA 177 -17.77 -64.70 -25.85
C MET GA 177 -16.43 -64.08 -25.41
N SER GA 178 -15.30 -64.74 -25.62
CA SER GA 178 -14.02 -64.26 -25.03
C SER GA 178 -13.51 -62.89 -25.50
N THR GA 179 -13.60 -62.61 -26.80
CA THR GA 179 -12.99 -61.34 -27.31
C THR GA 179 -13.66 -60.10 -26.72
N PRO GA 180 -15.00 -60.03 -26.58
CA PRO GA 180 -15.64 -58.90 -25.91
C PRO GA 180 -15.20 -58.83 -24.44
N VAL GA 181 -15.13 -59.99 -23.79
CA VAL GA 181 -14.79 -59.99 -22.34
C VAL GA 181 -13.33 -59.55 -22.23
N THR GA 182 -12.63 -59.43 -23.36
CA THR GA 182 -11.28 -58.82 -23.28
C THR GA 182 -11.31 -57.31 -23.52
N MET GA 183 -12.01 -56.81 -24.55
CA MET GA 183 -11.92 -55.37 -24.94
C MET GA 183 -12.61 -54.41 -23.97
N ILE GA 184 -12.01 -53.22 -23.73
CA ILE GA 184 -12.69 -52.17 -22.92
C ILE GA 184 -12.21 -50.77 -23.33
N TRP GA 185 -13.08 -49.78 -23.14
CA TRP GA 185 -12.75 -48.37 -23.47
C TRP GA 185 -11.40 -48.00 -22.86
N GLN GA 186 -10.75 -46.99 -23.45
CA GLN GA 186 -9.48 -46.49 -22.85
C GLN GA 186 -8.43 -47.59 -22.81
N ASP GA 187 -8.46 -48.56 -23.74
CA ASP GA 187 -7.35 -49.55 -23.84
C ASP GA 187 -7.28 -50.43 -22.58
N ILE GA 188 -8.20 -50.26 -21.65
CA ILE GA 188 -8.16 -51.19 -20.50
C ILE GA 188 -8.57 -52.56 -21.06
N LEU GA 189 -8.05 -53.65 -20.51
CA LEU GA 189 -8.47 -55.00 -20.97
C LEU GA 189 -8.81 -55.86 -19.76
N MET GA 190 -9.56 -56.95 -19.98
CA MET GA 190 -9.93 -57.87 -18.89
C MET GA 190 -10.31 -59.20 -19.53
N LEU GA 191 -10.76 -60.19 -18.76
CA LEU GA 191 -11.24 -61.43 -19.46
C LEU GA 191 -12.20 -62.26 -18.61
N PRO GA 192 -13.48 -61.85 -18.37
CA PRO GA 192 -14.41 -62.76 -17.69
C PRO GA 192 -14.70 -64.02 -18.50
N ILE GA 193 -14.88 -65.18 -17.83
CA ILE GA 193 -15.18 -66.47 -18.54
C ILE GA 193 -15.89 -67.47 -17.62
N VAL GA 194 -16.45 -68.55 -18.20
CA VAL GA 194 -17.16 -69.61 -17.42
C VAL GA 194 -16.11 -70.51 -16.76
N GLY GA 195 -16.34 -70.95 -15.52
CA GLY GA 195 -15.34 -71.73 -14.79
C GLY GA 195 -15.19 -73.15 -15.24
N ILE GA 196 -16.27 -73.89 -15.45
CA ILE GA 196 -16.03 -75.27 -15.97
C ILE GA 196 -15.92 -75.12 -17.48
N ILE GA 197 -14.71 -75.22 -17.98
CA ILE GA 197 -14.53 -74.97 -19.42
C ILE GA 197 -13.56 -76.01 -19.96
N ASP GA 198 -13.48 -76.20 -21.29
CA ASP GA 198 -12.46 -77.11 -21.89
C ASP GA 198 -11.03 -76.54 -21.78
N SER GA 199 -10.05 -77.41 -21.49
CA SER GA 199 -8.63 -77.00 -21.40
C SER GA 199 -8.09 -76.53 -22.76
N LYS GA 200 -8.48 -77.25 -23.80
CA LYS GA 200 -8.03 -76.87 -25.16
C LYS GA 200 -8.64 -75.52 -25.48
N ARG GA 201 -9.87 -75.29 -25.03
CA ARG GA 201 -10.55 -73.99 -25.27
C ARG GA 201 -9.79 -72.91 -24.52
N ALA GA 202 -9.29 -73.25 -23.34
CA ALA GA 202 -8.48 -72.30 -22.55
C ALA GA 202 -7.20 -71.97 -23.30
N GLN GA 203 -6.60 -72.97 -23.95
CA GLN GA 203 -5.42 -72.70 -24.78
C GLN GA 203 -5.84 -71.77 -25.90
N ASP GA 204 -7.07 -71.97 -26.34
CA ASP GA 204 -7.58 -71.09 -27.41
C ASP GA 204 -7.57 -69.69 -26.82
N ILE GA 205 -8.06 -69.59 -25.61
CA ILE GA 205 -8.17 -68.23 -25.02
C ILE GA 205 -6.75 -67.71 -24.91
N MET GA 206 -5.83 -68.58 -24.55
CA MET GA 206 -4.42 -68.17 -24.44
C MET GA 206 -4.03 -67.53 -25.77
N SER GA 207 -4.41 -68.14 -26.86
CA SER GA 207 -3.97 -67.69 -28.20
C SER GA 207 -4.67 -66.37 -28.45
N ALA GA 208 -5.92 -66.31 -28.00
CA ALA GA 208 -6.73 -65.11 -28.24
C ALA GA 208 -6.05 -63.95 -27.53
N VAL GA 209 -5.60 -64.16 -26.31
CA VAL GA 209 -5.02 -62.99 -25.60
C VAL GA 209 -3.79 -62.58 -26.37
N LEU GA 210 -2.99 -63.53 -26.84
CA LEU GA 210 -1.77 -63.05 -27.53
C LEU GA 210 -2.18 -62.18 -28.70
N ASN GA 211 -3.08 -62.69 -29.52
CA ASN GA 211 -3.38 -61.89 -30.73
C ASN GA 211 -4.02 -60.60 -30.27
N LYS GA 212 -4.84 -60.67 -29.23
CA LYS GA 212 -5.56 -59.45 -28.84
C LYS GA 212 -4.50 -58.44 -28.46
N ILE GA 213 -3.50 -58.92 -27.76
CA ILE GA 213 -2.48 -57.95 -27.27
C ILE GA 213 -1.84 -57.35 -28.51
N SER GA 214 -1.52 -58.17 -29.49
CA SER GA 214 -0.88 -57.50 -30.64
C SER GA 214 -1.85 -56.47 -31.15
N GLU GA 215 -3.09 -56.93 -31.33
CA GLU GA 215 -4.06 -56.07 -32.03
C GLU GA 215 -3.96 -54.68 -31.44
N ASN GA 216 -4.08 -54.61 -30.13
CA ASN GA 216 -3.80 -53.30 -29.55
C ASN GA 216 -2.90 -53.64 -28.41
N ARG GA 217 -1.65 -53.25 -28.55
CA ARG GA 217 -0.80 -53.46 -27.37
C ARG GA 217 -1.51 -52.82 -26.18
N ALA GA 218 -1.70 -53.56 -25.07
CA ALA GA 218 -2.32 -53.01 -23.84
C ALA GA 218 -1.49 -53.41 -22.61
N LYS GA 219 -0.97 -52.47 -21.83
CA LYS GA 219 -0.28 -52.94 -20.60
C LYS GA 219 -1.38 -53.35 -19.63
N ILE GA 220 -2.59 -52.85 -19.88
CA ILE GA 220 -3.71 -53.12 -18.94
C ILE GA 220 -4.49 -54.32 -19.43
N PHE GA 221 -4.68 -55.31 -18.57
CA PHE GA 221 -5.49 -56.50 -18.92
C PHE GA 221 -5.89 -57.15 -17.60
N ILE GA 222 -7.00 -57.89 -17.56
CA ILE GA 222 -7.34 -58.57 -16.27
C ILE GA 222 -7.93 -59.94 -16.53
N MET GA 223 -7.81 -60.81 -15.54
CA MET GA 223 -8.49 -62.12 -15.65
C MET GA 223 -9.73 -61.97 -14.79
N ASP GA 224 -10.90 -62.05 -15.40
CA ASP GA 224 -12.10 -62.00 -14.52
C ASP GA 224 -12.70 -63.41 -14.48
N ILE GA 225 -12.98 -63.90 -13.28
CA ILE GA 225 -13.52 -65.28 -13.13
C ILE GA 225 -14.74 -65.19 -12.22
N SER GA 226 -15.36 -64.01 -12.19
CA SER GA 226 -16.49 -63.85 -11.25
C SER GA 226 -17.39 -65.08 -11.33
N GLY GA 227 -17.77 -65.60 -10.17
CA GLY GA 227 -18.70 -66.73 -10.21
C GLY GA 227 -18.15 -67.82 -11.09
N VAL GA 228 -16.90 -68.23 -10.87
CA VAL GA 228 -16.35 -69.24 -11.81
C VAL GA 228 -17.34 -70.39 -11.81
N ALA GA 229 -17.70 -70.89 -12.98
CA ALA GA 229 -18.79 -71.90 -13.05
C ALA GA 229 -18.43 -73.14 -12.24
N VAL GA 230 -17.21 -73.65 -12.40
CA VAL GA 230 -16.80 -74.80 -11.56
C VAL GA 230 -15.29 -74.65 -11.35
N VAL GA 231 -14.81 -74.91 -10.14
CA VAL GA 231 -13.34 -74.84 -9.85
C VAL GA 231 -12.68 -76.13 -10.35
N ASP GA 232 -12.49 -76.27 -11.66
CA ASP GA 232 -11.87 -77.50 -12.23
C ASP GA 232 -10.38 -77.53 -11.87
N THR GA 233 -9.81 -78.73 -11.74
CA THR GA 233 -8.37 -78.87 -11.35
C THR GA 233 -7.46 -78.27 -12.41
N ALA GA 234 -7.57 -78.74 -13.66
CA ALA GA 234 -6.65 -78.26 -14.73
C ALA GA 234 -6.93 -76.79 -14.99
N VAL GA 235 -8.13 -76.37 -14.63
CA VAL GA 235 -8.53 -74.98 -14.93
C VAL GA 235 -7.59 -74.04 -14.17
N ALA GA 236 -7.28 -74.37 -12.92
CA ALA GA 236 -6.31 -73.52 -12.22
C ALA GA 236 -5.15 -73.47 -13.15
N ASN GA 237 -4.62 -74.64 -13.45
CA ASN GA 237 -3.40 -74.72 -14.26
C ASN GA 237 -3.44 -73.65 -15.30
N HIS GA 238 -4.57 -73.54 -15.94
CA HIS GA 238 -4.56 -72.56 -17.04
C HIS GA 238 -4.18 -71.21 -16.45
N PHE GA 239 -5.05 -70.68 -15.57
CA PHE GA 239 -4.83 -69.38 -14.91
C PHE GA 239 -3.51 -69.39 -14.13
N ILE GA 240 -3.03 -70.56 -13.69
CA ILE GA 240 -1.69 -70.56 -13.07
C ILE GA 240 -0.73 -70.10 -14.17
N LYS GA 241 -0.67 -70.93 -15.19
CA LYS GA 241 0.27 -70.61 -16.28
C LYS GA 241 -0.16 -69.29 -16.89
N ILE GA 242 -1.46 -69.12 -17.03
CA ILE GA 242 -1.98 -67.92 -17.76
C ILE GA 242 -1.60 -66.67 -17.00
N THR GA 243 -1.76 -66.71 -15.69
CA THR GA 243 -1.52 -65.45 -14.96
C THR GA 243 -0.05 -65.15 -15.23
N LYS GA 244 0.76 -66.19 -15.09
CA LYS GA 244 2.18 -65.86 -15.23
C LYS GA 244 2.43 -65.26 -16.60
N ALA GA 245 1.91 -65.92 -17.63
CA ALA GA 245 2.27 -65.48 -18.98
C ALA GA 245 1.83 -64.05 -19.21
N THR GA 246 0.59 -63.76 -18.83
CA THR GA 246 0.06 -62.43 -19.18
C THR GA 246 0.87 -61.36 -18.48
N LYS GA 247 1.10 -61.54 -17.19
CA LYS GA 247 1.75 -60.40 -16.53
C LYS GA 247 3.13 -60.24 -17.14
N LEU GA 248 3.80 -61.37 -17.33
CA LEU GA 248 5.21 -61.29 -17.73
C LEU GA 248 5.33 -60.85 -19.19
N MET GA 249 4.24 -60.83 -19.92
CA MET GA 249 4.26 -60.28 -21.29
C MET GA 249 4.63 -58.83 -21.13
N GLY GA 250 4.48 -58.31 -19.91
CA GLY GA 250 4.67 -56.88 -19.71
C GLY GA 250 3.28 -56.34 -19.80
N CYS GA 251 2.34 -57.26 -19.95
CA CYS GA 251 0.91 -56.86 -19.99
C CYS GA 251 0.26 -57.36 -18.72
N ASP GA 252 0.10 -56.50 -17.72
CA ASP GA 252 -0.41 -56.91 -16.39
C ASP GA 252 -1.72 -57.72 -16.48
N CYS GA 253 -2.00 -58.63 -15.52
CA CYS GA 253 -3.33 -59.30 -15.51
C CYS GA 253 -3.84 -59.30 -14.06
N LEU GA 254 -5.13 -59.06 -13.85
CA LEU GA 254 -5.61 -58.98 -12.44
C LEU GA 254 -6.85 -59.85 -12.28
N VAL GA 255 -7.12 -60.36 -11.08
CA VAL GA 255 -8.39 -61.11 -10.87
C VAL GA 255 -9.38 -60.21 -10.16
N SER GA 256 -10.45 -59.82 -10.84
CA SER GA 256 -11.42 -58.85 -10.24
C SER GA 256 -12.62 -59.55 -9.63
N GLY GA 257 -13.10 -60.63 -10.23
CA GLY GA 257 -14.30 -61.30 -9.73
C GLY GA 257 -14.05 -62.78 -9.62
N VAL GA 258 -14.69 -63.47 -8.66
CA VAL GA 258 -14.43 -64.92 -8.42
C VAL GA 258 -15.37 -65.42 -7.32
N SER GA 259 -15.42 -66.74 -7.13
CA SER GA 259 -16.22 -67.28 -6.00
C SER GA 259 -15.26 -67.61 -4.85
N PRO GA 260 -15.74 -67.66 -3.59
CA PRO GA 260 -14.87 -68.01 -2.44
C PRO GA 260 -14.53 -69.49 -2.24
N SER GA 261 -15.51 -70.37 -2.33
CA SER GA 261 -15.22 -71.83 -2.20
C SER GA 261 -14.38 -72.20 -3.40
N ILE GA 262 -14.57 -71.45 -4.47
CA ILE GA 262 -13.72 -71.70 -5.66
C ILE GA 262 -12.31 -71.45 -5.15
N ALA GA 263 -12.16 -70.34 -4.42
CA ALA GA 263 -10.83 -69.97 -3.91
C ALA GA 263 -10.39 -71.01 -2.89
N ARG GA 264 -11.32 -71.49 -2.08
CA ARG GA 264 -10.85 -72.41 -1.04
C ARG GA 264 -10.29 -73.63 -1.74
N THR GA 265 -11.03 -74.08 -2.73
CA THR GA 265 -10.63 -75.33 -3.39
C THR GA 265 -9.21 -75.08 -3.88
N MET GA 266 -8.98 -73.86 -4.32
CA MET GA 266 -7.64 -73.50 -4.82
C MET GA 266 -6.65 -73.54 -3.67
N VAL GA 267 -6.94 -72.82 -2.61
CA VAL GA 267 -5.91 -72.74 -1.55
C VAL GA 267 -5.69 -74.16 -1.04
N GLN GA 268 -6.78 -74.89 -0.86
CA GLN GA 268 -6.70 -76.30 -0.38
C GLN GA 268 -5.76 -77.07 -1.31
N LEU GA 269 -5.54 -76.59 -2.54
CA LEU GA 269 -4.67 -77.39 -3.43
C LEU GA 269 -3.27 -77.22 -2.87
N GLY GA 270 -3.11 -76.26 -1.96
CA GLY GA 270 -1.80 -76.01 -1.37
C GLY GA 270 -1.06 -75.08 -2.30
N ILE GA 271 -1.80 -74.52 -3.27
CA ILE GA 271 -1.18 -73.54 -4.19
C ILE GA 271 -0.32 -72.57 -3.37
N ASN GA 272 0.85 -72.18 -3.88
CA ASN GA 272 1.76 -71.33 -3.09
C ASN GA 272 2.37 -70.22 -3.94
N VAL GA 273 2.51 -70.46 -5.24
CA VAL GA 273 3.24 -69.49 -6.11
C VAL GA 273 2.53 -68.15 -6.25
N GLY GA 274 1.21 -68.12 -6.28
CA GLY GA 274 0.54 -66.84 -6.60
C GLY GA 274 0.94 -65.67 -5.74
N GLU GA 275 1.35 -64.57 -6.37
CA GLU GA 275 1.69 -63.32 -5.65
C GLU GA 275 1.42 -62.16 -6.62
N VAL GA 276 0.31 -62.23 -7.36
CA VAL GA 276 0.03 -61.20 -8.41
C VAL GA 276 -0.97 -60.18 -7.86
N ARG GA 277 -1.43 -59.26 -8.71
CA ARG GA 277 -2.39 -58.22 -8.28
C ARG GA 277 -3.82 -58.68 -8.55
N THR GA 278 -4.76 -58.36 -7.65
CA THR GA 278 -6.19 -58.70 -7.86
C THR GA 278 -7.06 -57.52 -7.41
N ASN GA 279 -8.40 -57.67 -7.46
CA ASN GA 279 -9.31 -56.53 -7.12
C ASN GA 279 -10.69 -57.05 -6.71
N ALA GA 280 -11.55 -56.18 -6.16
CA ALA GA 280 -12.92 -56.58 -5.76
C ALA GA 280 -13.91 -56.25 -6.89
N THR GA 281 -14.34 -57.25 -7.65
CA THR GA 281 -15.34 -57.06 -8.74
C THR GA 281 -14.78 -56.13 -9.82
N LEU GA 282 -15.55 -55.87 -10.86
CA LEU GA 282 -15.08 -54.90 -11.89
C LEU GA 282 -15.11 -53.50 -11.28
N ARG GA 283 -15.38 -53.38 -9.97
CA ARG GA 283 -15.52 -52.01 -9.43
C ARG GA 283 -14.14 -51.56 -8.99
N ASP GA 284 -13.59 -52.27 -8.01
CA ASP GA 284 -12.23 -51.94 -7.52
C ASP GA 284 -11.21 -52.19 -8.63
N ALA GA 285 -11.54 -53.01 -9.65
CA ALA GA 285 -10.51 -53.21 -10.68
C ALA GA 285 -10.35 -51.92 -11.46
N LEU GA 286 -11.47 -51.33 -11.86
CA LEU GA 286 -11.43 -50.10 -12.69
C LEU GA 286 -10.86 -49.00 -11.81
N GLU GA 287 -11.26 -49.01 -10.55
CA GLU GA 287 -10.78 -47.88 -9.74
C GLU GA 287 -9.27 -47.90 -9.83
N ASN GA 288 -8.71 -49.08 -9.64
CA ASN GA 288 -7.24 -49.19 -9.69
C ASN GA 288 -6.81 -48.81 -11.09
N ALA GA 289 -7.58 -49.27 -12.09
CA ALA GA 289 -7.02 -49.00 -13.42
C ALA GA 289 -7.02 -47.49 -13.64
N PHE GA 290 -8.11 -46.83 -13.28
CA PHE GA 290 -8.22 -45.37 -13.54
C PHE GA 290 -7.17 -44.67 -12.68
N LYS GA 291 -6.52 -45.45 -11.83
CA LYS GA 291 -5.44 -44.89 -10.97
C LYS GA 291 -4.08 -45.20 -11.59
N ILE GA 292 -4.03 -46.38 -12.20
CA ILE GA 292 -2.86 -46.73 -13.02
C ILE GA 292 -3.12 -45.83 -14.23
N VAL GA 293 -4.30 -45.20 -14.25
CA VAL GA 293 -4.68 -44.28 -15.36
C VAL GA 293 -4.90 -42.88 -14.79
N GLU HA 169 -26.44 -78.28 -20.40
CA GLU HA 169 -25.41 -77.47 -19.77
C GLU HA 169 -25.12 -76.22 -20.59
N GLN HA 170 -25.09 -76.36 -21.91
CA GLN HA 170 -24.84 -75.23 -22.78
C GLN HA 170 -25.94 -74.18 -22.63
N SER HA 171 -27.16 -74.59 -22.36
CA SER HA 171 -28.18 -73.57 -22.10
C SER HA 171 -27.69 -72.78 -20.87
N GLU HA 172 -27.52 -73.52 -19.78
CA GLU HA 172 -27.18 -72.83 -18.52
C GLU HA 172 -25.88 -72.07 -18.77
N ALA HA 173 -25.05 -72.60 -19.67
CA ALA HA 173 -23.80 -71.88 -20.01
C ALA HA 173 -24.20 -70.58 -20.69
N LEU HA 174 -25.26 -70.60 -21.50
CA LEU HA 174 -25.76 -69.37 -22.17
C LEU HA 174 -26.27 -68.39 -21.12
N LEU HA 175 -27.04 -68.96 -20.19
CA LEU HA 175 -27.64 -68.12 -19.12
C LEU HA 175 -26.49 -67.54 -18.33
N ALA HA 176 -25.39 -68.30 -18.28
CA ALA HA 176 -24.21 -67.82 -17.54
C ALA HA 176 -23.76 -66.54 -18.21
N MET HA 177 -23.85 -66.47 -19.54
CA MET HA 177 -23.32 -65.31 -20.29
C MET HA 177 -24.03 -63.97 -20.05
N SER HA 178 -25.37 -63.91 -20.04
CA SER HA 178 -26.07 -62.61 -20.02
C SER HA 178 -25.87 -61.74 -18.77
N THR HA 179 -25.87 -62.33 -17.58
CA THR HA 179 -25.79 -61.51 -16.33
C THR HA 179 -24.48 -60.72 -16.25
N PRO HA 180 -23.30 -61.30 -16.57
CA PRO HA 180 -22.06 -60.52 -16.59
C PRO HA 180 -22.14 -59.42 -17.65
N VAL HA 181 -22.69 -59.76 -18.82
CA VAL HA 181 -22.73 -58.77 -19.93
C VAL HA 181 -23.70 -57.68 -19.50
N THR HA 182 -24.40 -57.86 -18.39
CA THR HA 182 -25.19 -56.72 -17.85
C THR HA 182 -24.42 -55.90 -16.82
N MET HA 183 -23.76 -56.53 -15.85
CA MET HA 183 -23.14 -55.78 -14.71
C MET HA 183 -21.89 -54.97 -15.08
N ILE HA 184 -21.74 -53.77 -14.49
CA ILE HA 184 -20.47 -52.99 -14.69
C ILE HA 184 -20.20 -52.07 -13.48
N TRP HA 185 -18.92 -51.79 -13.23
CA TRP HA 185 -18.52 -50.90 -12.12
C TRP HA 185 -19.34 -49.62 -12.15
N GLN HA 186 -19.45 -48.96 -10.99
CA GLN HA 186 -20.14 -47.66 -10.95
C GLN HA 186 -21.60 -47.79 -11.40
N ASP HA 187 -22.24 -48.95 -11.21
CA ASP HA 187 -23.70 -49.06 -11.48
C ASP HA 187 -24.01 -48.87 -12.96
N ILE HA 188 -22.99 -48.72 -13.80
CA ILE HA 188 -23.32 -48.64 -15.24
C ILE HA 188 -23.78 -50.06 -15.63
N LEU HA 189 -24.70 -50.16 -16.59
CA LEU HA 189 -25.14 -51.51 -17.05
C LEU HA 189 -25.10 -51.55 -18.58
N MET HA 190 -25.09 -52.76 -19.14
CA MET HA 190 -25.07 -52.92 -20.62
C MET HA 190 -25.56 -54.34 -20.91
N LEU HA 191 -25.58 -54.78 -22.17
CA LEU HA 191 -25.95 -56.20 -22.40
C LEU HA 191 -25.43 -56.75 -23.73
N PRO HA 192 -24.12 -57.02 -23.93
CA PRO HA 192 -23.70 -57.70 -25.16
C PRO HA 192 -24.26 -59.12 -25.27
N ILE HA 193 -24.60 -59.58 -26.49
CA ILE HA 193 -25.16 -60.96 -26.70
C ILE HA 193 -24.93 -61.46 -28.14
N VAL HA 194 -25.13 -62.76 -28.37
CA VAL HA 194 -24.97 -63.36 -29.73
C VAL HA 194 -26.20 -63.04 -30.58
N GLY HA 195 -26.01 -62.73 -31.86
CA GLY HA 195 -27.14 -62.28 -32.70
C GLY HA 195 -28.10 -63.38 -33.10
N ILE HA 196 -27.61 -64.54 -33.55
CA ILE HA 196 -28.62 -65.58 -33.86
C ILE HA 196 -28.89 -66.29 -32.55
N ILE HA 197 -30.05 -66.00 -31.97
CA ILE HA 197 -30.32 -66.57 -30.63
C ILE HA 197 -31.77 -67.04 -30.60
N ASP HA 198 -32.15 -67.86 -29.62
CA ASP HA 198 -33.59 -68.25 -29.45
C ASP HA 198 -34.46 -67.09 -28.95
N SER HA 199 -35.68 -66.96 -29.49
CA SER HA 199 -36.64 -65.91 -29.07
C SER HA 199 -37.07 -66.11 -27.62
N LYS HA 200 -37.31 -67.36 -27.25
CA LYS HA 200 -37.72 -67.65 -25.86
C LYS HA 200 -36.56 -67.27 -24.95
N ARG HA 201 -35.33 -67.53 -25.41
CA ARG HA 201 -34.12 -67.17 -24.63
C ARG HA 201 -34.06 -65.66 -24.49
N ALA HA 202 -34.46 -64.96 -25.53
CA ALA HA 202 -34.49 -63.49 -25.48
C ALA HA 202 -35.52 -63.03 -24.45
N GLN HA 203 -36.65 -63.72 -24.38
CA GLN HA 203 -37.64 -63.40 -23.34
C GLN HA 203 -36.98 -63.66 -21.98
N ASP HA 204 -36.14 -64.67 -21.97
CA ASP HA 204 -35.44 -64.98 -20.71
C ASP HA 204 -34.62 -63.74 -20.40
N ILE HA 205 -33.94 -63.25 -21.42
CA ILE HA 205 -33.03 -62.11 -21.16
C ILE HA 205 -33.93 -60.98 -20.67
N MET HA 206 -35.10 -60.86 -21.29
CA MET HA 206 -36.03 -59.80 -20.89
C MET HA 206 -36.25 -59.93 -19.38
N SER HA 207 -36.43 -61.14 -18.91
CA SER HA 207 -36.80 -61.38 -17.49
C SER HA 207 -35.56 -61.03 -16.69
N ALA HA 208 -34.42 -61.40 -17.25
CA ALA HA 208 -33.14 -61.18 -16.53
C ALA HA 208 -32.98 -59.68 -16.32
N VAL HA 209 -33.25 -58.90 -17.34
CA VAL HA 209 -33.00 -57.45 -17.16
C VAL HA 209 -33.95 -56.97 -16.06
N LEU HA 210 -35.19 -57.44 -16.07
CA LEU HA 210 -36.08 -56.87 -15.03
C LEU HA 210 -35.47 -57.20 -13.67
N ASN HA 211 -35.14 -58.46 -13.45
CA ASN HA 211 -34.68 -58.80 -12.09
C ASN HA 211 -33.38 -58.03 -11.85
N LYS HA 212 -32.57 -57.92 -12.89
CA LYS HA 212 -31.26 -57.29 -12.65
C LYS HA 212 -31.54 -55.88 -12.20
N ILE HA 213 -32.51 -55.27 -12.85
CA ILE HA 213 -32.76 -53.86 -12.50
C ILE HA 213 -33.20 -53.83 -11.05
N SER HA 214 -34.06 -54.73 -10.66
CA SER HA 214 -34.44 -54.63 -9.23
C SER HA 214 -33.18 -54.77 -8.43
N GLU HA 215 -32.42 -55.79 -8.77
CA GLU HA 215 -31.27 -56.15 -7.89
C GLU HA 215 -30.52 -54.88 -7.59
N ASN HA 216 -30.16 -54.16 -8.63
CA ASN HA 216 -29.61 -52.84 -8.31
C ASN HA 216 -30.35 -51.95 -9.25
N ARG HA 217 -31.20 -51.12 -8.69
CA ARG HA 217 -31.83 -50.15 -9.59
C ARG HA 217 -30.69 -49.42 -10.32
N ALA HA 218 -30.73 -49.38 -11.66
CA ALA HA 218 -29.72 -48.66 -12.48
C ALA HA 218 -30.40 -47.79 -13.53
N LYS HA 219 -30.20 -46.47 -13.54
CA LYS HA 219 -30.81 -45.71 -14.67
C LYS HA 219 -29.94 -46.01 -15.88
N ILE HA 220 -28.72 -46.46 -15.63
CA ILE HA 220 -27.77 -46.68 -16.75
C ILE HA 220 -27.83 -48.14 -17.16
N PHE HA 221 -28.05 -48.37 -18.46
CA PHE HA 221 -28.06 -49.76 -18.99
C PHE HA 221 -27.82 -49.63 -20.50
N ILE HA 222 -27.28 -50.66 -21.15
CA ILE HA 222 -27.14 -50.55 -22.63
C ILE HA 222 -27.42 -51.88 -23.30
N MET HA 223 -27.81 -51.82 -24.57
CA MET HA 223 -27.95 -53.06 -25.34
C MET HA 223 -26.69 -53.14 -26.18
N ASP HA 224 -25.85 -54.13 -25.96
CA ASP HA 224 -24.68 -54.24 -26.86
C ASP HA 224 -24.91 -55.42 -27.80
N ILE HA 225 -24.73 -55.20 -29.10
CA ILE HA 225 -24.98 -56.28 -30.10
C ILE HA 225 -23.76 -56.34 -31.00
N SER HA 226 -22.62 -55.90 -30.48
CA SER HA 226 -21.44 -55.85 -31.36
C SER HA 226 -21.34 -57.15 -32.14
N GLY HA 227 -21.11 -57.03 -33.44
CA GLY HA 227 -20.92 -58.26 -34.23
C GLY HA 227 -22.11 -59.16 -34.02
N VAL HA 228 -23.33 -58.65 -34.20
CA VAL HA 228 -24.47 -59.54 -33.89
C VAL HA 228 -24.25 -60.79 -34.74
N ALA HA 229 -24.42 -61.96 -34.14
CA ALA HA 229 -24.06 -63.21 -34.85
C ALA HA 229 -24.88 -63.36 -36.12
N VAL HA 230 -26.18 -63.15 -36.06
CA VAL HA 230 -26.99 -63.18 -37.30
C VAL HA 230 -28.12 -62.20 -37.10
N VAL HA 231 -28.46 -61.42 -38.14
CA VAL HA 231 -29.59 -60.45 -38.05
C VAL HA 231 -30.91 -61.21 -38.26
N ASP HA 232 -31.37 -61.95 -37.24
CA ASP HA 232 -32.63 -62.73 -37.34
C ASP HA 232 -33.82 -61.78 -37.38
N THR HA 233 -34.91 -62.17 -38.05
CA THR HA 233 -36.10 -61.29 -38.19
C THR HA 233 -36.73 -61.04 -36.82
N ALA HA 234 -37.10 -62.09 -36.09
CA ALA HA 234 -37.81 -61.91 -34.79
C ALA HA 234 -36.84 -61.27 -33.80
N VAL HA 235 -35.56 -61.42 -34.08
CA VAL HA 235 -34.55 -60.90 -33.13
C VAL HA 235 -34.70 -59.38 -33.06
N ALA HA 236 -34.93 -58.74 -34.19
CA ALA HA 236 -35.16 -57.29 -34.10
C ALA HA 236 -36.27 -57.18 -33.09
N ASN HA 237 -37.37 -57.83 -33.41
CA ASN HA 237 -38.56 -57.70 -32.57
C ASN HA 237 -38.16 -57.62 -31.15
N HIS HA 238 -37.26 -58.50 -30.77
CA HIS HA 238 -36.95 -58.49 -29.34
C HIS HA 238 -36.46 -57.09 -28.99
N PHE HA 239 -35.30 -56.71 -29.56
CA PHE HA 239 -34.68 -55.39 -29.33
C PHE HA 239 -35.66 -54.27 -29.71
N ILE HA 240 -36.60 -54.53 -30.63
CA ILE HA 240 -37.61 -53.47 -30.88
C ILE HA 240 -38.35 -53.29 -29.56
N LYS HA 241 -39.02 -54.37 -29.18
CA LYS HA 241 -39.82 -54.29 -27.95
C LYS HA 241 -38.88 -54.03 -26.80
N ILE HA 242 -37.72 -54.66 -26.83
CA ILE HA 242 -36.79 -54.58 -25.67
C ILE HA 242 -36.32 -53.15 -25.52
N THR HA 243 -35.97 -52.52 -26.62
CA THR HA 243 -35.40 -51.18 -26.45
C THR HA 243 -36.49 -50.37 -25.80
N LYS HA 244 -37.70 -50.56 -26.35
CA LYS HA 244 -38.73 -49.66 -25.79
C LYS HA 244 -38.85 -49.93 -24.30
N ALA HA 245 -38.95 -51.20 -23.93
CA ALA HA 245 -39.25 -51.49 -22.53
C ALA HA 245 -38.17 -50.95 -21.63
N THR HA 246 -36.92 -51.19 -21.99
CA THR HA 246 -35.84 -50.80 -21.07
C THR HA 246 -35.83 -49.31 -20.88
N LYS HA 247 -35.90 -48.57 -21.98
CA LYS HA 247 -35.73 -47.12 -21.75
C LYS HA 247 -36.90 -46.66 -20.92
N LEU HA 248 -38.08 -47.14 -21.27
CA LEU HA 248 -39.28 -46.58 -20.63
C LEU HA 248 -39.42 -47.06 -19.19
N MET HA 249 -38.61 -48.04 -18.79
CA MET HA 249 -38.57 -48.45 -17.38
C MET HA 249 -38.09 -47.23 -16.62
N GLY HA 250 -37.49 -46.30 -17.35
CA GLY HA 250 -36.86 -45.17 -16.66
C GLY HA 250 -35.43 -45.59 -16.55
N CYS HA 251 -35.15 -46.76 -17.12
CA CYS HA 251 -33.77 -47.26 -17.14
C CYS HA 251 -33.26 -47.20 -18.57
N ASP HA 252 -32.51 -46.18 -18.91
CA ASP HA 252 -32.07 -45.95 -20.31
C ASP HA 252 -31.42 -47.20 -20.94
N CYS HA 253 -31.49 -47.38 -22.27
CA CYS HA 253 -30.74 -48.49 -22.91
C CYS HA 253 -30.07 -47.95 -24.17
N LEU HA 254 -28.83 -48.35 -24.45
CA LEU HA 254 -28.14 -47.75 -25.62
C LEU HA 254 -27.54 -48.86 -26.48
N VAL HA 255 -27.38 -48.65 -27.78
CA VAL HA 255 -26.68 -49.67 -28.61
C VAL HA 255 -25.25 -49.20 -28.87
N SER HA 256 -24.27 -49.89 -28.30
CA SER HA 256 -22.86 -49.44 -28.42
C SER HA 256 -22.12 -50.16 -29.53
N GLY HA 257 -22.41 -51.45 -29.73
CA GLY HA 257 -21.65 -52.22 -30.73
C GLY HA 257 -22.62 -52.97 -31.61
N VAL HA 258 -22.28 -53.19 -32.89
CA VAL HA 258 -23.23 -53.86 -33.85
C VAL HA 258 -22.52 -54.03 -35.19
N SER HA 259 -23.13 -54.80 -36.10
CA SER HA 259 -22.56 -54.94 -37.46
C SER HA 259 -23.32 -53.99 -38.40
N PRO HA 260 -22.74 -53.56 -39.53
CA PRO HA 260 -23.46 -52.69 -40.50
C PRO HA 260 -24.48 -53.34 -41.43
N SER HA 261 -24.15 -54.47 -42.03
CA SER HA 261 -25.13 -55.17 -42.90
C SER HA 261 -26.24 -55.65 -41.97
N ILE HA 262 -25.87 -55.88 -40.72
CA ILE HA 262 -26.91 -56.26 -39.75
C ILE HA 262 -27.86 -55.08 -39.75
N ALA HA 263 -27.28 -53.89 -39.69
CA ALA HA 263 -28.10 -52.67 -39.66
C ALA HA 263 -28.84 -52.52 -40.97
N ARG HA 264 -28.18 -52.86 -42.07
CA ARG HA 264 -28.87 -52.61 -43.34
C ARG HA 264 -30.10 -53.50 -43.35
N THR HA 265 -29.90 -54.74 -42.94
CA THR HA 265 -31.00 -55.71 -43.03
C THR HA 265 -32.13 -55.09 -42.24
N MET HA 266 -31.75 -54.43 -41.15
CA MET HA 266 -32.77 -53.78 -40.30
C MET HA 266 -33.43 -52.65 -41.07
N VAL HA 267 -32.62 -51.73 -41.56
CA VAL HA 267 -33.25 -50.55 -42.18
C VAL HA 267 -34.09 -51.04 -43.35
N GLN HA 268 -33.54 -51.99 -44.11
CA GLN HA 268 -34.27 -52.58 -45.27
C GLN HA 268 -35.62 -53.10 -44.77
N LEU HA 269 -35.75 -53.38 -43.47
CA LEU HA 269 -37.05 -53.94 -43.05
C LEU HA 269 -38.04 -52.78 -43.14
N GLY HA 270 -37.50 -51.58 -43.31
CA GLY HA 270 -38.37 -50.40 -43.39
C GLY HA 270 -38.65 -49.95 -41.98
N ILE HA 271 -37.92 -50.51 -41.03
CA ILE HA 271 -38.07 -50.09 -39.61
C ILE HA 271 -38.13 -48.56 -39.57
N ASN HA 272 -38.99 -47.99 -38.72
CA ASN HA 272 -39.16 -46.52 -38.72
C ASN HA 272 -39.24 -45.98 -37.30
N VAL HA 273 -39.71 -46.79 -36.36
CA VAL HA 273 -39.96 -46.29 -34.97
C VAL HA 273 -38.68 -45.86 -34.24
N GLY HA 274 -37.57 -46.56 -34.45
CA GLY HA 274 -36.40 -46.28 -33.59
C GLY HA 274 -35.96 -44.83 -33.56
N GLU HA 275 -35.84 -44.27 -32.36
CA GLU HA 275 -35.34 -42.88 -32.18
C GLU HA 275 -34.67 -42.83 -30.80
N VAL HA 276 -33.92 -43.88 -30.44
CA VAL HA 276 -33.32 -43.95 -29.07
C VAL HA 276 -31.85 -43.51 -29.13
N ARG HA 277 -31.14 -43.64 -28.01
CA ARG HA 277 -29.71 -43.22 -27.96
C ARG HA 277 -28.81 -44.42 -28.26
N THR HA 278 -27.71 -44.19 -28.98
CA THR HA 278 -26.73 -45.28 -29.28
C THR HA 278 -25.30 -44.72 -29.14
N ASN HA 279 -24.28 -45.53 -29.43
CA ASN HA 279 -22.86 -45.09 -29.24
C ASN HA 279 -21.91 -45.92 -30.12
N ALA HA 280 -20.65 -45.49 -30.24
CA ALA HA 280 -19.65 -46.24 -31.04
C ALA HA 280 -18.85 -47.17 -30.14
N THR HA 281 -19.13 -48.47 -30.16
CA THR HA 281 -18.39 -49.48 -29.36
C THR HA 281 -18.56 -49.20 -27.86
N LEU HA 282 -17.96 -50.02 -27.01
CA LEU HA 282 -18.02 -49.75 -25.56
C LEU HA 282 -17.15 -48.52 -25.27
N ARG HA 283 -16.64 -47.85 -26.30
CA ARG HA 283 -15.71 -46.74 -26.00
C ARG HA 283 -16.55 -45.49 -25.85
N ASP HA 284 -17.21 -45.10 -26.94
CA ASP HA 284 -18.09 -43.90 -26.89
C ASP HA 284 -19.26 -44.16 -25.94
N ALA HA 285 -19.59 -45.42 -25.65
CA ALA HA 285 -20.73 -45.61 -24.73
C ALA HA 285 -20.32 -45.14 -23.35
N LEU HA 286 -19.15 -45.56 -22.90
CA LEU HA 286 -18.68 -45.22 -21.55
C LEU HA 286 -18.41 -43.74 -21.52
N GLU HA 287 -17.88 -43.23 -22.63
CA GLU HA 287 -17.53 -41.80 -22.55
C GLU HA 287 -18.83 -41.08 -22.20
N ASN HA 288 -19.88 -41.43 -22.92
CA ASN HA 288 -21.17 -40.76 -22.66
C ASN HA 288 -21.57 -41.10 -21.25
N ALA HA 289 -21.34 -42.35 -20.84
CA ALA HA 289 -21.89 -42.64 -19.50
C ALA HA 289 -21.14 -41.81 -18.49
N PHE HA 290 -19.82 -41.74 -18.61
CA PHE HA 290 -19.01 -41.01 -17.59
C PHE HA 290 -19.37 -39.53 -17.70
N LYS HA 291 -20.17 -39.21 -18.70
CA LYS HA 291 -20.63 -37.80 -18.89
C LYS HA 291 -22.04 -37.64 -18.30
N ILE HA 292 -22.80 -38.72 -18.47
CA ILE HA 292 -24.10 -38.80 -17.77
C ILE HA 292 -23.62 -39.05 -16.34
N VAL HA 293 -22.31 -39.26 -16.19
CA VAL HA 293 -21.70 -39.49 -14.85
C VAL HA 293 -20.68 -38.41 -14.58
N GLU IA 169 -57.90 -61.97 0.38
CA GLU IA 169 -57.12 -61.07 -0.46
C GLU IA 169 -57.03 -59.68 0.19
N GLN IA 170 -58.13 -59.21 0.78
CA GLN IA 170 -58.14 -57.91 1.42
C GLN IA 170 -57.17 -57.88 2.59
N SER IA 171 -56.98 -59.01 3.27
CA SER IA 171 -55.96 -59.00 4.32
C SER IA 171 -54.63 -58.67 3.62
N GLU IA 172 -54.28 -59.54 2.67
CA GLU IA 172 -52.96 -59.38 2.04
C GLU IA 172 -52.93 -58.00 1.41
N ALA IA 173 -54.10 -57.51 1.01
CA ALA IA 173 -54.17 -56.13 0.46
C ALA IA 173 -53.81 -55.19 1.60
N LEU IA 174 -54.23 -55.48 2.82
CA LEU IA 174 -53.89 -54.63 4.00
C LEU IA 174 -52.38 -54.69 4.23
N LEU IA 175 -51.86 -55.91 4.18
CA LEU IA 175 -50.42 -56.12 4.43
C LEU IA 175 -49.69 -55.37 3.34
N ALA IA 176 -50.32 -55.28 2.18
CA ALA IA 176 -49.69 -54.57 1.05
C ALA IA 176 -49.50 -53.13 1.50
N MET IA 177 -50.46 -52.59 2.24
CA MET IA 177 -50.42 -51.16 2.63
C MET IA 177 -49.28 -50.73 3.58
N SER IA 178 -48.97 -51.49 4.63
CA SER IA 178 -48.00 -51.00 5.66
C SER IA 178 -46.56 -50.79 5.20
N THR IA 179 -46.02 -51.70 4.39
CA THR IA 179 -44.58 -51.59 4.02
C THR IA 179 -44.28 -50.32 3.22
N PRO IA 180 -45.10 -49.89 2.25
CA PRO IA 180 -44.89 -48.61 1.58
C PRO IA 180 -45.00 -47.46 2.56
N VAL IA 181 -46.00 -47.52 3.44
CA VAL IA 181 -46.21 -46.40 4.39
C VAL IA 181 -45.02 -46.38 5.34
N THR IA 182 -44.16 -47.39 5.28
CA THR IA 182 -42.90 -47.29 6.06
C THR IA 182 -41.75 -46.69 5.24
N MET IA 183 -41.52 -47.14 4.00
CA MET IA 183 -40.31 -46.73 3.22
C MET IA 183 -40.34 -45.28 2.73
N ILE IA 184 -39.19 -44.59 2.75
CA ILE IA 184 -39.09 -43.23 2.15
C ILE IA 184 -37.66 -42.93 1.67
N TRP IA 185 -37.54 -42.09 0.64
CA TRP IA 185 -36.22 -41.69 0.10
C TRP IA 185 -35.29 -41.28 1.23
N GLN IA 186 -33.99 -41.37 0.98
CA GLN IA 186 -33.02 -40.88 1.98
C GLN IA 186 -33.16 -41.63 3.31
N ASP IA 187 -33.60 -42.90 3.29
CA ASP IA 187 -33.59 -43.72 4.54
C ASP IA 187 -34.56 -43.15 5.58
N ILE IA 188 -35.29 -42.09 5.25
CA ILE IA 188 -36.29 -41.64 6.25
C ILE IA 188 -37.36 -42.73 6.30
N LEU IA 189 -37.98 -42.95 7.45
CA LEU IA 189 -39.08 -43.95 7.53
C LEU IA 189 -40.28 -43.33 8.24
N MET IA 190 -41.46 -43.92 8.06
CA MET IA 190 -42.69 -43.42 8.72
C MET IA 190 -43.69 -44.57 8.73
N LEU IA 191 -44.92 -44.35 9.22
CA LEU IA 191 -45.90 -45.47 9.09
C LEU IA 191 -47.36 -45.01 9.13
N PRO IA 192 -47.93 -44.34 8.11
CA PRO IA 192 -49.37 -44.06 8.13
C PRO IA 192 -50.22 -45.34 8.12
N ILE IA 193 -51.37 -45.35 8.82
CA ILE IA 193 -52.27 -46.54 8.85
C ILE IA 193 -53.72 -46.16 9.20
N VAL IA 194 -54.67 -47.09 9.00
CA VAL IA 194 -56.10 -46.85 9.32
C VAL IA 194 -56.30 -46.99 10.83
N GLY IA 195 -57.14 -46.13 11.43
CA GLY IA 195 -57.29 -46.14 12.90
C GLY IA 195 -58.08 -47.29 13.45
N ILE IA 196 -59.24 -47.63 12.86
CA ILE IA 196 -59.92 -48.82 13.43
C ILE IA 196 -59.30 -50.02 12.73
N ILE IA 197 -58.47 -50.73 13.46
CA ILE IA 197 -57.74 -51.84 12.80
C ILE IA 197 -57.71 -53.03 13.75
N ASP IA 198 -57.41 -54.24 13.28
CA ASP IA 198 -57.23 -55.42 14.18
C ASP IA 198 -55.98 -55.33 15.04
N SER IA 199 -56.08 -55.72 16.31
CA SER IA 199 -54.92 -55.73 17.25
C SER IA 199 -53.85 -56.72 16.79
N LYS IA 200 -54.29 -57.89 16.34
CA LYS IA 200 -53.34 -58.91 15.87
C LYS IA 200 -52.64 -58.34 14.64
N ARG IA 201 -53.38 -57.61 13.82
CA ARG IA 201 -52.80 -56.98 12.60
C ARG IA 201 -51.77 -55.95 13.04
N ALA IA 202 -52.05 -55.26 14.12
CA ALA IA 202 -51.10 -54.27 14.67
C ALA IA 202 -49.83 -54.99 15.13
N GLN IA 203 -49.99 -56.16 15.74
CA GLN IA 203 -48.80 -56.95 16.12
C GLN IA 203 -48.07 -57.31 14.83
N ASP IA 204 -48.84 -57.53 13.80
CA ASP IA 204 -48.20 -57.85 12.51
C ASP IA 204 -47.36 -56.63 12.15
N ILE IA 205 -47.97 -55.47 12.31
CA ILE IA 205 -47.23 -54.26 11.88
C ILE IA 205 -46.00 -54.19 12.77
N MET IA 206 -46.17 -54.54 14.03
CA MET IA 206 -45.02 -54.51 14.96
C MET IA 206 -43.91 -55.36 14.34
N SER IA 207 -44.26 -56.51 13.81
CA SER IA 207 -43.26 -57.47 13.31
C SER IA 207 -42.67 -56.84 12.06
N ALA IA 208 -43.54 -56.18 11.30
CA ALA IA 208 -43.11 -55.59 10.03
C ALA IA 208 -42.05 -54.54 10.34
N VAL IA 209 -42.30 -53.73 11.35
CA VAL IA 209 -41.31 -52.65 11.59
C VAL IA 209 -40.01 -53.33 11.97
N LEU IA 210 -40.05 -54.37 12.78
CA LEU IA 210 -38.74 -54.93 13.17
C LEU IA 210 -38.01 -55.38 11.90
N ASN IA 211 -38.70 -56.14 11.07
CA ASN IA 211 -37.96 -56.67 9.90
C ASN IA 211 -37.55 -55.48 9.04
N LYS IA 212 -38.43 -54.50 8.96
CA LYS IA 212 -38.12 -53.38 8.04
C LYS IA 212 -36.84 -52.76 8.55
N ILE IA 213 -36.77 -52.63 9.87
CA ILE IA 213 -35.59 -51.94 10.42
C ILE IA 213 -34.38 -52.77 10.05
N SER IA 214 -34.47 -54.08 10.20
CA SER IA 214 -33.24 -54.82 9.84
C SER IA 214 -32.96 -54.50 8.39
N GLU IA 215 -34.00 -54.64 7.58
CA GLU IA 215 -33.78 -54.57 6.12
C GLU IA 215 -32.90 -53.38 5.85
N ASN IA 216 -33.32 -52.23 6.34
CA ASN IA 216 -32.37 -51.12 6.22
C ASN IA 216 -32.39 -50.54 7.61
N ARG IA 217 -31.30 -50.70 8.30
CA ARG IA 217 -31.26 -50.02 9.60
C ARG IA 217 -31.59 -48.54 9.33
N ALA IA 218 -32.59 -47.98 10.04
CA ALA IA 218 -32.95 -46.54 9.91
C ALA IA 218 -33.08 -45.91 11.29
N LYS IA 219 -32.33 -44.87 11.63
CA LYS IA 219 -32.60 -44.23 12.94
C LYS IA 219 -33.87 -43.42 12.75
N ILE IA 220 -34.19 -43.13 11.50
CA ILE IA 220 -35.37 -42.25 11.22
C ILE IA 220 -36.57 -43.13 10.94
N PHE IA 221 -37.66 -42.90 11.67
CA PHE IA 221 -38.92 -43.63 11.42
C PHE IA 221 -40.03 -42.79 12.04
N ILE IA 222 -41.27 -42.92 11.56
CA ILE IA 222 -42.36 -42.15 12.22
C ILE IA 222 -43.64 -42.95 12.29
N MET IA 223 -44.49 -42.61 13.24
CA MET IA 223 -45.82 -43.24 13.28
C MET IA 223 -46.76 -42.20 12.67
N ASP IA 224 -47.36 -42.50 11.54
CA ASP IA 224 -48.34 -41.51 11.03
C ASP IA 224 -49.74 -42.09 11.25
N ILE IA 225 -50.63 -41.28 11.82
CA ILE IA 225 -52.01 -41.77 12.11
C ILE IA 225 -52.97 -40.72 11.58
N SER IA 226 -52.53 -39.97 10.59
CA SER IA 226 -53.39 -38.87 10.11
C SER IA 226 -54.81 -39.40 9.95
N GLY IA 227 -55.77 -38.63 10.44
CA GLY IA 227 -57.17 -39.06 10.24
C GLY IA 227 -57.34 -40.47 10.74
N VAL IA 228 -56.92 -40.75 11.97
CA VAL IA 228 -57.02 -42.17 12.40
C VAL IA 228 -58.48 -42.56 12.19
N ALA IA 229 -58.71 -43.73 11.58
CA ALA IA 229 -60.09 -44.09 11.20
C ALA IA 229 -61.01 -44.13 12.41
N VAL IA 230 -60.57 -44.78 13.49
CA VAL IA 230 -61.39 -44.77 14.73
C VAL IA 230 -60.40 -44.83 15.88
N VAL IA 231 -60.66 -44.06 16.94
CA VAL IA 231 -59.77 -44.09 18.15
C VAL IA 231 -60.15 -45.29 19.01
N ASP IA 232 -59.74 -46.49 18.59
CA ASP IA 232 -60.06 -47.74 19.36
C ASP IA 232 -59.26 -47.75 20.66
N THR IA 233 -59.81 -48.39 21.71
CA THR IA 233 -59.14 -48.42 23.03
C THR IA 233 -57.81 -49.18 22.95
N ALA IA 234 -57.83 -50.44 22.49
CA ALA IA 234 -56.59 -51.26 22.47
C ALA IA 234 -55.64 -50.65 21.45
N VAL IA 235 -56.20 -49.89 20.53
CA VAL IA 235 -55.34 -49.33 19.46
C VAL IA 235 -54.31 -48.40 20.09
N ALA IA 236 -54.74 -47.61 21.07
CA ALA IA 236 -53.73 -46.77 21.74
C ALA IA 236 -52.68 -47.77 22.16
N ASN IA 237 -53.11 -48.73 22.94
CA ASN IA 237 -52.16 -49.69 23.52
C ASN IA 237 -51.11 -49.99 22.52
N HIS IA 238 -51.53 -50.23 21.30
CA HIS IA 238 -50.49 -50.63 20.35
C HIS IA 238 -49.46 -49.52 20.30
N PHE IA 239 -49.89 -48.34 19.81
CA PHE IA 239 -49.00 -47.15 19.70
C PHE IA 239 -48.42 -46.79 21.07
N ILE IA 240 -49.09 -47.13 22.17
CA ILE IA 240 -48.45 -46.89 23.47
C ILE IA 240 -47.19 -47.75 23.46
N LYS IA 241 -47.44 -49.04 23.41
CA LYS IA 241 -46.30 -49.97 23.47
C LYS IA 241 -45.43 -49.71 22.25
N ILE IA 242 -46.07 -49.46 21.11
CA ILE IA 242 -45.32 -49.33 19.84
C ILE IA 242 -44.41 -48.13 19.91
N THR IA 243 -44.93 -47.03 20.43
CA THR IA 243 -44.09 -45.83 20.38
C THR IA 243 -42.88 -46.18 21.22
N LYS IA 244 -43.17 -46.79 22.37
CA LYS IA 244 -42.00 -47.01 23.24
C LYS IA 244 -40.99 -47.87 22.49
N ALA IA 245 -41.49 -48.98 21.93
CA ALA IA 245 -40.53 -49.94 21.36
C ALA IA 245 -39.72 -49.29 20.25
N THR IA 246 -40.39 -48.58 19.38
CA THR IA 246 -39.65 -48.07 18.20
C THR IA 246 -38.59 -47.10 18.65
N LYS IA 247 -38.97 -46.17 19.51
CA LYS IA 247 -37.93 -45.16 19.81
C LYS IA 247 -36.78 -45.86 20.47
N LEU IA 248 -37.12 -46.74 21.41
CA LEU IA 248 -36.05 -47.33 22.24
C LEU IA 248 -35.22 -48.33 21.46
N MET IA 249 -35.68 -48.70 20.27
CA MET IA 249 -34.86 -49.56 19.39
C MET IA 249 -33.62 -48.74 19.08
N GLY IA 250 -33.71 -47.44 19.31
CA GLY IA 250 -32.61 -46.56 18.89
C GLY IA 250 -33.07 -46.07 17.55
N CYS IA 251 -34.28 -46.48 17.19
CA CYS IA 251 -34.86 -46.02 15.93
C CYS IA 251 -36.02 -45.08 16.25
N ASP IA 252 -35.78 -43.78 16.21
CA ASP IA 252 -36.82 -42.79 16.64
C ASP IA 252 -38.18 -43.02 15.98
N CYS IA 253 -39.29 -42.64 16.63
CA CYS IA 253 -40.61 -42.70 15.95
C CYS IA 253 -41.37 -41.40 16.25
N LEU IA 254 -42.07 -40.83 15.26
CA LEU IA 254 -42.73 -39.54 15.52
C LEU IA 254 -44.18 -39.61 15.06
N VAL IA 255 -45.08 -38.82 15.67
CA VAL IA 255 -46.48 -38.78 15.14
C VAL IA 255 -46.66 -37.51 14.32
N SER IA 256 -46.83 -37.65 13.00
CA SER IA 256 -46.92 -36.46 12.12
C SER IA 256 -48.36 -36.07 11.83
N GLY IA 257 -49.26 -37.05 11.68
CA GLY IA 257 -50.64 -36.73 11.31
C GLY IA 257 -51.58 -37.45 12.22
N VAL IA 258 -52.76 -36.89 12.51
CA VAL IA 258 -53.72 -37.50 13.48
C VAL IA 258 -55.00 -36.65 13.52
N SER IA 259 -56.04 -37.17 14.17
CA SER IA 259 -57.28 -36.36 14.35
C SER IA 259 -57.26 -35.77 15.76
N PRO IA 260 -57.97 -34.65 16.02
CA PRO IA 260 -58.03 -34.07 17.38
C PRO IA 260 -58.95 -34.73 18.42
N SER IA 261 -60.17 -35.07 18.04
CA SER IA 261 -61.07 -35.78 18.98
C SER IA 261 -60.45 -37.13 19.21
N ILE IA 262 -59.71 -37.61 18.22
CA ILE IA 262 -59.00 -38.89 18.42
C ILE IA 262 -58.10 -38.62 19.61
N ALA IA 263 -57.42 -37.48 19.55
CA ALA IA 263 -56.48 -37.12 20.64
C ALA IA 263 -57.26 -36.91 21.91
N ARG IA 264 -58.42 -36.30 21.82
CA ARG IA 264 -59.11 -36.00 23.09
C ARG IA 264 -59.43 -37.33 23.73
N THR IA 265 -59.92 -38.24 22.91
CA THR IA 265 -60.37 -39.53 23.48
C THR IA 265 -59.16 -40.10 24.19
N MET IA 266 -58.00 -39.86 23.60
CA MET IA 266 -56.76 -40.36 24.22
C MET IA 266 -56.51 -39.64 25.53
N VAL IA 267 -56.49 -38.32 25.47
CA VAL IA 267 -56.11 -37.60 26.72
C VAL IA 267 -57.15 -37.97 27.77
N GLN IA 268 -58.42 -37.99 27.36
CA GLN IA 268 -59.52 -38.34 28.30
C GLN IA 268 -59.21 -39.70 28.92
N LEU IA 269 -58.36 -40.51 28.28
CA LEU IA 269 -58.13 -41.83 28.89
C LEU IA 269 -57.29 -41.57 30.14
N GLY IA 270 -56.78 -40.35 30.24
CA GLY IA 270 -55.96 -40.00 31.39
C GLY IA 270 -54.55 -40.44 31.08
N ILE IA 271 -54.31 -40.80 29.82
CA ILE IA 271 -52.94 -41.17 29.40
C ILE IA 271 -51.95 -40.17 30.00
N ASN IA 272 -50.79 -40.63 30.45
CA ASN IA 272 -49.84 -39.71 31.13
C ASN IA 272 -48.41 -39.96 30.68
N VAL IA 273 -48.10 -41.19 30.29
CA VAL IA 273 -46.69 -41.56 29.99
C VAL IA 273 -46.12 -40.83 28.78
N GLY IA 274 -46.91 -40.57 27.74
CA GLY IA 274 -46.32 -40.04 26.51
C GLY IA 274 -45.48 -38.79 26.68
N GLU IA 275 -44.24 -38.82 26.19
CA GLU IA 275 -43.34 -37.64 26.22
C GLU IA 275 -42.39 -37.79 25.03
N VAL IA 276 -42.90 -38.22 23.87
CA VAL IA 276 -42.02 -38.49 22.70
C VAL IA 276 -42.07 -37.30 21.74
N ARG IA 277 -41.44 -37.44 20.57
CA ARG IA 277 -41.42 -36.33 19.57
C ARG IA 277 -42.56 -36.51 18.58
N THR IA 278 -43.18 -35.42 18.15
CA THR IA 278 -44.27 -35.47 17.12
C THR IA 278 -44.09 -34.31 16.14
N ASN IA 279 -45.01 -34.15 15.17
CA ASN IA 279 -44.87 -33.10 14.13
C ASN IA 279 -46.23 -32.74 13.52
N ALA IA 280 -46.30 -31.66 12.73
CA ALA IA 280 -47.56 -31.25 12.07
C ALA IA 280 -47.61 -31.82 10.64
N THR IA 281 -48.37 -32.89 10.41
CA THR IA 281 -48.52 -33.49 9.05
C THR IA 281 -47.18 -34.01 8.55
N LEU IA 282 -47.16 -34.58 7.36
CA LEU IA 282 -45.87 -35.03 6.78
C LEU IA 282 -45.05 -33.79 6.40
N ARG IA 283 -45.53 -32.59 6.76
CA ARG IA 283 -44.79 -31.39 6.29
C ARG IA 283 -43.73 -31.07 7.33
N ASP IA 284 -44.20 -30.74 8.53
CA ASP IA 284 -43.26 -30.44 9.64
C ASP IA 284 -42.47 -31.71 10.00
N ALA IA 285 -42.95 -32.91 9.65
CA ALA IA 285 -42.15 -34.07 10.03
C ALA IA 285 -40.89 -34.08 9.19
N LEU IA 286 -41.03 -33.88 7.89
CA LEU IA 286 -39.89 -33.93 6.97
C LEU IA 286 -39.00 -32.75 7.31
N GLU IA 287 -39.63 -31.62 7.61
CA GLU IA 287 -38.76 -30.46 7.83
C GLU IA 287 -37.81 -30.86 8.94
N ASN IA 288 -38.36 -31.42 10.00
CA ASN IA 288 -37.50 -31.82 11.13
C ASN IA 288 -36.55 -32.87 10.62
N ALA IA 289 -37.06 -33.78 9.78
CA ALA IA 289 -36.12 -34.86 9.45
C ALA IA 289 -34.97 -34.26 8.65
N PHE IA 290 -35.27 -33.39 7.69
CA PHE IA 290 -34.20 -32.83 6.83
C PHE IA 290 -33.30 -31.97 7.70
N LYS IA 291 -33.71 -31.79 8.95
CA LYS IA 291 -32.90 -31.00 9.92
C LYS IA 291 -32.09 -31.96 10.79
N ILE IA 292 -32.73 -33.09 11.08
CA ILE IA 292 -31.99 -34.19 11.74
C ILE IA 292 -31.15 -34.68 10.55
N VAL IA 293 -31.43 -34.13 9.37
CA VAL IA 293 -30.65 -34.49 8.14
C VAL IA 293 -29.97 -33.24 7.61
N GLU JA 169 -66.52 -52.00 5.25
CA GLU JA 169 -65.49 -51.22 5.95
C GLU JA 169 -64.17 -51.29 5.18
N GLN JA 170 -63.84 -52.47 4.67
CA GLN JA 170 -62.60 -52.64 3.92
C GLN JA 170 -62.61 -51.76 2.67
N SER JA 171 -63.76 -51.55 2.06
CA SER JA 171 -63.78 -50.61 0.94
C SER JA 171 -63.30 -49.26 1.50
N GLU JA 172 -64.06 -48.77 2.48
CA GLU JA 172 -63.75 -47.42 2.98
C GLU JA 172 -62.32 -47.45 3.49
N ALA JA 173 -61.88 -48.61 3.95
CA ALA JA 173 -60.47 -48.74 4.38
C ALA JA 173 -59.59 -48.54 3.16
N LEU JA 174 -60.03 -49.03 2.00
CA LEU JA 174 -59.27 -48.86 0.73
C LEU JA 174 -59.23 -47.38 0.38
N LEU JA 175 -60.41 -46.77 0.48
CA LEU JA 175 -60.54 -45.34 0.12
C LEU JA 175 -59.65 -44.58 1.08
N ALA JA 176 -59.51 -45.12 2.29
CA ALA JA 176 -58.66 -44.46 3.29
C ALA JA 176 -57.25 -44.41 2.72
N MET JA 177 -56.85 -45.46 2.01
CA MET JA 177 -55.46 -45.56 1.51
C MET JA 177 -55.03 -44.53 0.44
N SER JA 178 -55.85 -44.26 -0.58
CA SER JA 178 -55.39 -43.43 -1.71
C SER JA 178 -55.04 -41.97 -1.39
N THR JA 179 -55.84 -41.29 -0.57
CA THR JA 179 -55.60 -39.83 -0.33
C THR JA 179 -54.25 -39.57 0.33
N PRO JA 180 -53.79 -40.35 1.34
CA PRO JA 180 -52.45 -40.17 1.88
C PRO JA 180 -51.39 -40.45 0.82
N VAL JA 181 -51.61 -41.51 0.03
CA VAL JA 181 -50.59 -41.88 -0.98
C VAL JA 181 -50.57 -40.78 -2.02
N THR JA 182 -51.51 -39.84 -1.95
CA THR JA 182 -51.38 -38.65 -2.85
C THR JA 182 -50.64 -37.49 -2.18
N MET JA 183 -50.96 -37.14 -0.93
CA MET JA 183 -50.40 -35.91 -0.30
C MET JA 183 -48.92 -36.00 0.08
N ILE JA 184 -48.17 -34.91 -0.10
CA ILE JA 184 -46.75 -34.87 0.39
C ILE JA 184 -46.32 -33.44 0.72
N TRP JA 185 -45.39 -33.29 1.66
CA TRP JA 185 -44.85 -31.97 2.05
C TRP JA 185 -44.46 -31.17 0.82
N GLN JA 186 -44.45 -29.85 0.96
CA GLN JA 186 -43.98 -28.99 -0.16
C GLN JA 186 -44.85 -29.19 -1.41
N ASP JA 187 -46.14 -29.53 -1.25
CA ASP JA 187 -47.06 -29.55 -2.43
C ASP JA 187 -46.66 -30.64 -3.41
N ILE JA 188 -45.63 -31.43 -3.12
CA ILE JA 188 -45.33 -32.53 -4.06
C ILE JA 188 -46.49 -33.51 -3.92
N LEU JA 189 -46.86 -34.22 -5.00
CA LEU JA 189 -47.93 -35.23 -4.90
C LEU JA 189 -47.46 -36.53 -5.55
N MET JA 190 -48.11 -37.64 -5.23
CA MET JA 190 -47.76 -38.96 -5.82
C MET JA 190 -48.97 -39.87 -5.65
N LEU JA 191 -48.88 -41.14 -6.04
CA LEU JA 191 -50.05 -42.03 -5.75
C LEU JA 191 -49.69 -43.50 -5.70
N PRO JA 192 -48.98 -44.04 -4.68
CA PRO JA 192 -48.80 -45.50 -4.61
C PRO JA 192 -50.12 -46.25 -4.42
N ILE JA 193 -50.27 -47.44 -5.01
CA ILE JA 193 -51.52 -48.26 -4.88
C ILE JA 193 -51.28 -49.75 -5.12
N VAL JA 194 -52.25 -50.60 -4.77
CA VAL JA 194 -52.13 -52.08 -4.98
C VAL JA 194 -52.42 -52.39 -6.45
N GLY JA 195 -51.67 -53.33 -7.05
CA GLY JA 195 -51.82 -53.59 -8.50
C GLY JA 195 -53.08 -54.34 -8.88
N ILE JA 196 -53.43 -55.42 -8.17
CA ILE JA 196 -54.72 -56.06 -8.58
C ILE JA 196 -55.80 -55.29 -7.84
N ILE JA 197 -56.52 -54.46 -8.58
CA ILE JA 197 -57.52 -53.61 -7.90
C ILE JA 197 -58.77 -53.57 -8.76
N ASP JA 198 -59.91 -53.13 -8.21
CA ASP JA 198 -61.15 -52.95 -9.03
C ASP JA 198 -61.04 -51.77 -10.00
N SER JA 199 -61.56 -51.94 -11.22
CA SER JA 199 -61.57 -50.86 -12.25
C SER JA 199 -62.43 -49.69 -11.81
N LYS JA 200 -63.59 -50.01 -11.23
CA LYS JA 200 -64.50 -48.94 -10.76
C LYS JA 200 -63.77 -48.19 -9.65
N ARG JA 201 -63.02 -48.92 -8.82
CA ARG JA 201 -62.26 -48.29 -7.72
C ARG JA 201 -61.20 -47.38 -8.32
N ALA JA 202 -60.62 -47.80 -9.43
CA ALA JA 202 -59.63 -46.97 -10.14
C ALA JA 202 -60.29 -45.70 -10.65
N GLN JA 203 -61.51 -45.82 -11.13
CA GLN JA 203 -62.26 -44.60 -11.56
C GLN JA 203 -62.45 -43.73 -10.32
N ASP JA 204 -62.63 -44.41 -9.20
CA ASP JA 204 -62.80 -43.64 -7.95
C ASP JA 204 -61.50 -42.87 -7.78
N ILE JA 205 -60.40 -43.58 -7.97
CA ILE JA 205 -59.11 -42.91 -7.70
C ILE JA 205 -59.03 -41.74 -8.69
N MET JA 206 -59.50 -41.99 -9.91
CA MET JA 206 -59.48 -40.93 -10.93
C MET JA 206 -60.18 -39.72 -10.34
N SER JA 207 -61.30 -39.94 -9.69
CA SER JA 207 -62.15 -38.83 -9.20
C SER JA 207 -61.38 -38.19 -8.06
N ALA JA 208 -60.72 -39.05 -7.28
CA ALA JA 208 -59.99 -38.56 -6.10
C ALA JA 208 -58.90 -37.62 -6.59
N VAL JA 209 -58.20 -38.00 -7.64
CA VAL JA 209 -57.08 -37.12 -8.05
C VAL JA 209 -57.70 -35.80 -8.48
N LEU JA 210 -58.81 -35.83 -9.21
CA LEU JA 210 -59.31 -34.51 -9.65
C LEU JA 210 -59.59 -33.66 -8.43
N ASN JA 211 -60.32 -34.21 -7.48
CA ASN JA 211 -60.70 -33.34 -6.35
C ASN JA 211 -59.41 -32.97 -5.62
N LYS JA 212 -58.48 -33.90 -5.53
CA LYS JA 212 -57.29 -33.60 -4.74
C LYS JA 212 -56.62 -32.42 -5.41
N ILE JA 213 -56.60 -32.47 -6.74
CA ILE JA 213 -55.88 -31.39 -7.43
C ILE JA 213 -56.59 -30.10 -7.11
N SER JA 214 -57.91 -30.10 -7.14
CA SER JA 214 -58.53 -28.80 -6.83
C SER JA 214 -58.06 -28.43 -5.45
N GLU JA 215 -58.20 -29.39 -4.53
CA GLU JA 215 -58.00 -29.04 -3.12
C GLU JA 215 -56.73 -28.24 -3.01
N ASN JA 216 -55.67 -28.78 -3.56
CA ASN JA 216 -54.49 -27.92 -3.61
C ASN JA 216 -54.02 -28.10 -5.03
N ARG JA 217 -54.17 -27.04 -5.79
CA ARG JA 217 -53.60 -27.17 -7.14
C ARG JA 217 -52.13 -27.59 -6.97
N ALA JA 218 -51.70 -28.67 -7.64
CA ALA JA 218 -50.29 -29.14 -7.58
C ALA JA 218 -49.78 -29.43 -8.99
N LYS JA 219 -48.73 -28.77 -9.48
CA LYS JA 219 -48.22 -29.21 -10.81
C LYS JA 219 -47.49 -30.52 -10.58
N ILE JA 220 -47.11 -30.76 -9.33
CA ILE JA 220 -46.30 -31.97 -9.03
C ILE JA 220 -47.24 -33.08 -8.58
N PHE JA 221 -47.14 -34.24 -9.22
CA PHE JA 221 -47.94 -35.41 -8.81
C PHE JA 221 -47.23 -36.64 -9.39
N ILE JA 222 -47.40 -37.82 -8.81
CA ILE JA 222 -46.77 -39.00 -9.42
C ILE JA 222 -47.66 -40.22 -9.31
N MET JA 223 -47.46 -41.17 -10.21
CA MET JA 223 -48.18 -42.45 -10.08
C MET JA 223 -47.17 -43.41 -9.49
N ASP JA 224 -47.41 -43.90 -8.28
CA ASP JA 224 -46.45 -44.91 -7.77
C ASP JA 224 -47.13 -46.27 -7.82
N ILE JA 225 -46.45 -47.26 -8.38
CA ILE JA 225 -47.04 -48.62 -8.51
C ILE JA 225 -46.03 -49.61 -7.99
N SER JA 226 -45.16 -49.14 -7.09
CA SER JA 226 -44.08 -50.05 -6.64
C SER JA 226 -44.69 -51.41 -6.30
N GLY JA 227 -44.04 -52.47 -6.78
CA GLY JA 227 -44.54 -53.80 -6.42
C GLY JA 227 -46.00 -53.91 -6.79
N VAL JA 228 -46.36 -53.57 -8.03
CA VAL JA 228 -47.81 -53.59 -8.34
C VAL JA 228 -48.28 -54.99 -7.97
N ALA JA 229 -49.41 -55.08 -7.25
CA ALA JA 229 -49.83 -56.40 -6.72
C ALA JA 229 -50.04 -57.40 -7.85
N VAL JA 230 -50.74 -57.00 -8.90
CA VAL JA 230 -50.90 -57.92 -10.06
C VAL JA 230 -50.99 -57.03 -11.28
N VAL JA 231 -50.33 -57.42 -12.39
CA VAL JA 231 -50.39 -56.64 -13.65
C VAL JA 231 -51.70 -56.99 -14.38
N ASP JA 232 -52.83 -56.46 -13.90
CA ASP JA 232 -54.15 -56.75 -14.53
C ASP JA 232 -54.23 -56.06 -15.91
N THR JA 233 -54.98 -56.63 -16.84
CA THR JA 233 -55.08 -56.07 -18.22
C THR JA 233 -55.74 -54.69 -18.19
N ALA JA 234 -56.95 -54.59 -17.63
CA ALA JA 234 -57.68 -53.29 -17.64
C ALA JA 234 -56.93 -52.30 -16.76
N VAL JA 235 -56.13 -52.83 -15.87
CA VAL JA 235 -55.42 -51.94 -14.92
C VAL JA 235 -54.48 -51.04 -15.71
N ALA JA 236 -53.81 -51.60 -16.71
CA ALA JA 236 -52.97 -50.72 -17.52
C ALA JA 236 -53.91 -49.63 -17.95
N ASN JA 237 -54.97 -50.06 -18.62
CA ASN JA 237 -55.90 -49.08 -19.19
C ASN JA 237 -56.05 -47.93 -18.27
N HIS JA 238 -56.20 -48.24 -17.00
CA HIS JA 238 -56.46 -47.10 -16.12
C HIS JA 238 -55.27 -46.15 -16.24
N PHE JA 239 -54.09 -46.63 -15.81
CA PHE JA 239 -52.84 -45.83 -15.88
C PHE JA 239 -52.56 -45.40 -17.32
N ILE JA 240 -53.04 -46.12 -18.33
CA ILE JA 240 -52.86 -45.60 -19.69
C ILE JA 240 -53.63 -44.29 -19.74
N LYS JA 241 -54.93 -44.42 -19.54
CA LYS JA 241 -55.78 -43.22 -19.63
C LYS JA 241 -55.36 -42.29 -18.51
N ILE JA 242 -55.05 -42.85 -17.35
CA ILE JA 242 -54.77 -42.02 -16.16
C ILE JA 242 -53.51 -41.21 -16.41
N THR JA 243 -52.50 -41.85 -16.96
CA THR JA 243 -51.24 -41.09 -17.07
C THR JA 243 -51.59 -39.94 -17.99
N LYS JA 244 -52.27 -40.21 -19.08
CA LYS JA 244 -52.52 -39.10 -20.03
C LYS JA 244 -53.28 -38.00 -19.30
N ALA JA 245 -54.35 -38.39 -18.62
CA ALA JA 245 -55.24 -37.39 -18.02
C ALA JA 245 -54.54 -36.52 -16.98
N THR JA 246 -53.56 -37.07 -16.28
CA THR JA 246 -52.99 -36.25 -15.19
C THR JA 246 -52.39 -34.99 -15.80
N LYS JA 247 -51.62 -35.18 -16.84
CA LYS JA 247 -50.93 -33.99 -17.39
C LYS JA 247 -51.91 -33.37 -18.37
N LEU JA 248 -53.00 -34.05 -18.67
CA LEU JA 248 -54.04 -33.41 -19.50
C LEU JA 248 -54.58 -32.29 -18.63
N MET JA 249 -54.79 -32.58 -17.35
CA MET JA 249 -55.20 -31.52 -16.40
C MET JA 249 -54.04 -30.54 -16.37
N GLY JA 250 -52.84 -31.09 -16.39
CA GLY JA 250 -51.65 -30.23 -16.28
C GLY JA 250 -50.93 -30.69 -15.05
N CYS JA 251 -51.46 -31.74 -14.45
CA CYS JA 251 -50.75 -32.31 -13.29
C CYS JA 251 -49.74 -33.30 -13.84
N ASP JA 252 -48.48 -32.88 -13.95
CA ASP JA 252 -47.44 -33.85 -14.38
C ASP JA 252 -47.53 -35.07 -13.46
N CYS JA 253 -47.42 -36.27 -14.03
CA CYS JA 253 -47.52 -37.53 -13.23
C CYS JA 253 -46.30 -38.40 -13.56
N LEU JA 254 -45.71 -39.06 -12.57
CA LEU JA 254 -44.48 -39.83 -12.87
C LEU JA 254 -44.61 -41.24 -12.29
N VAL JA 255 -43.95 -42.24 -12.88
CA VAL JA 255 -43.96 -43.58 -12.24
C VAL JA 255 -42.63 -43.81 -11.50
N SER JA 256 -42.68 -43.86 -10.17
CA SER JA 256 -41.42 -43.96 -9.39
C SER JA 256 -41.10 -45.40 -9.01
N GLY JA 257 -42.12 -46.20 -8.69
CA GLY JA 257 -41.87 -47.58 -8.23
C GLY JA 257 -42.74 -48.53 -9.01
N VAL JA 258 -42.27 -49.77 -9.23
CA VAL JA 258 -43.03 -50.76 -10.06
C VAL JA 258 -42.30 -52.09 -10.06
N SER JA 259 -42.93 -53.14 -10.58
CA SER JA 259 -42.22 -54.44 -10.71
C SER JA 259 -41.75 -54.58 -12.17
N PRO JA 260 -40.71 -55.40 -12.45
CA PRO JA 260 -40.26 -55.61 -13.84
C PRO JA 260 -41.07 -56.54 -14.73
N SER JA 261 -41.46 -57.71 -14.22
CA SER JA 261 -42.30 -58.62 -15.03
C SER JA 261 -43.63 -57.93 -15.21
N ILE JA 262 -43.96 -57.07 -14.25
CA ILE JA 262 -45.21 -56.29 -14.40
C ILE JA 262 -44.98 -55.51 -15.69
N ALA JA 263 -43.79 -54.92 -15.78
CA ALA JA 263 -43.46 -54.10 -16.96
C ALA JA 263 -43.41 -54.98 -18.19
N ARG JA 264 -42.88 -56.19 -18.03
CA ARG JA 264 -42.75 -56.99 -19.27
C ARG JA 264 -44.14 -57.26 -19.76
N THR JA 265 -45.01 -57.61 -18.83
CA THR JA 265 -46.36 -58.01 -19.25
C THR JA 265 -46.91 -56.82 -20.03
N MET JA 266 -46.55 -55.63 -19.56
CA MET JA 266 -47.01 -54.41 -20.24
C MET JA 266 -46.39 -54.33 -21.62
N VAL JA 267 -45.07 -54.40 -21.68
CA VAL JA 267 -44.44 -54.18 -23.00
C VAL JA 267 -44.97 -55.27 -23.92
N GLN JA 268 -45.04 -56.50 -23.41
CA GLN JA 268 -45.54 -57.64 -24.22
C GLN JA 268 -46.92 -57.28 -24.75
N LEU JA 269 -47.62 -56.32 -24.12
CA LEU JA 269 -48.97 -56.04 -24.64
C LEU JA 269 -48.76 -55.33 -25.97
N GLY JA 270 -47.52 -54.92 -26.21
CA GLY JA 270 -47.22 -54.21 -27.47
C GLY JA 270 -47.52 -52.77 -27.24
N ILE JA 271 -47.75 -52.40 -25.99
CA ILE JA 271 -48.00 -50.97 -25.65
C ILE JA 271 -46.98 -50.12 -26.40
N ASN JA 272 -47.40 -48.96 -26.93
CA ASN JA 272 -46.47 -48.15 -27.76
C ASN JA 272 -46.59 -46.67 -27.42
N VAL JA 273 -47.75 -46.24 -26.95
CA VAL JA 273 -48.01 -44.78 -26.74
C VAL JA 273 -47.13 -44.17 -25.65
N GLY JA 274 -46.84 -44.90 -24.58
CA GLY JA 274 -46.17 -44.25 -23.44
C GLY JA 274 -44.89 -43.53 -23.78
N GLU JA 275 -44.79 -42.25 -23.40
CA GLU JA 275 -43.55 -41.45 -23.59
C GLU JA 275 -43.54 -40.39 -22.49
N VAL JA 276 -43.90 -40.78 -21.26
CA VAL JA 276 -44.01 -39.78 -20.15
C VAL JA 276 -42.75 -39.86 -19.28
N ARG JA 277 -42.74 -39.12 -18.17
CA ARG JA 277 -41.56 -39.10 -17.27
C ARG JA 277 -41.73 -40.14 -16.16
N THR JA 278 -40.64 -40.81 -15.77
CA THR JA 278 -40.68 -41.79 -14.66
C THR JA 278 -39.42 -41.64 -13.78
N ASN JA 279 -39.26 -42.48 -12.76
CA ASN JA 279 -38.11 -42.34 -11.82
C ASN JA 279 -37.79 -43.67 -11.12
N ALA JA 280 -36.66 -43.76 -10.43
CA ALA JA 280 -36.29 -44.99 -9.69
C ALA JA 280 -36.73 -44.88 -8.23
N THR JA 281 -37.83 -45.53 -7.84
CA THR JA 281 -38.31 -45.54 -6.43
C THR JA 281 -38.69 -44.12 -6.01
N LEU JA 282 -39.15 -43.96 -4.78
CA LEU JA 282 -39.47 -42.59 -4.29
C LEU JA 282 -38.15 -41.85 -4.08
N ARG JA 283 -37.01 -42.44 -4.49
CA ARG JA 283 -35.73 -41.77 -4.18
C ARG JA 283 -35.44 -40.82 -5.33
N ASP JA 284 -35.24 -41.40 -6.51
CA ASP JA 284 -34.97 -40.58 -7.72
C ASP JA 284 -36.20 -39.73 -8.04
N ALA JA 285 -37.40 -40.10 -7.55
CA ALA JA 285 -38.53 -39.24 -7.91
C ALA JA 285 -38.39 -37.91 -7.18
N LEU JA 286 -38.09 -37.97 -5.90
CA LEU JA 286 -37.97 -36.75 -5.07
C LEU JA 286 -36.77 -35.98 -5.58
N GLU JA 287 -35.72 -36.73 -5.92
CA GLU JA 287 -34.52 -35.96 -6.30
C GLU JA 287 -34.94 -35.07 -7.46
N ASN JA 288 -35.64 -35.67 -8.41
CA ASN JA 288 -36.07 -34.88 -9.58
C ASN JA 288 -37.01 -33.81 -9.07
N ALA JA 289 -37.88 -34.18 -8.12
CA ALA JA 289 -38.85 -33.13 -7.79
C ALA JA 289 -38.11 -31.97 -7.15
N PHE JA 290 -37.18 -32.27 -6.24
CA PHE JA 290 -36.49 -31.18 -5.51
C PHE JA 290 -35.64 -30.42 -6.53
N LYS JA 291 -35.59 -30.93 -7.75
CA LYS JA 291 -34.84 -30.27 -8.84
C LYS JA 291 -35.81 -29.45 -9.70
N ILE JA 292 -37.00 -30.03 -9.85
CA ILE JA 292 -38.10 -29.27 -10.47
C ILE JA 292 -38.42 -28.29 -9.33
N VAL JA 293 -37.79 -28.52 -8.18
CA VAL JA 293 -38.01 -27.63 -6.99
C VAL JA 293 -36.66 -27.00 -6.61
N GLU KA 169 -48.36 -6.74 68.92
CA GLU KA 169 -47.45 -5.89 68.15
C GLU KA 169 -46.33 -6.74 67.54
N GLN KA 170 -45.82 -7.70 68.30
CA GLN KA 170 -44.75 -8.56 67.80
C GLN KA 170 -45.23 -9.36 66.60
N SER KA 171 -46.51 -9.74 66.56
CA SER KA 171 -46.98 -10.41 65.34
C SER KA 171 -46.76 -9.41 64.19
N GLU KA 172 -47.40 -8.26 64.34
CA GLU KA 172 -47.35 -7.30 63.22
C GLU KA 172 -45.89 -6.97 62.98
N ALA KA 173 -45.08 -7.04 64.03
CA ALA KA 173 -43.63 -6.82 63.85
C ALA KA 173 -43.10 -7.94 62.98
N LEU KA 174 -43.62 -9.16 63.16
CA LEU KA 174 -43.19 -10.32 62.32
C LEU KA 174 -43.60 -10.07 60.87
N LEU KA 175 -44.85 -9.63 60.74
CA LEU KA 175 -45.42 -9.39 59.39
C LEU KA 175 -44.57 -8.29 58.77
N ALA KA 176 -44.06 -7.42 59.64
CA ALA KA 176 -43.22 -6.31 59.13
C ALA KA 176 -42.02 -6.95 58.45
N MET KA 177 -41.51 -8.05 59.01
CA MET KA 177 -40.26 -8.67 58.50
C MET KA 177 -40.34 -9.28 57.09
N SER KA 178 -41.39 -10.03 56.75
CA SER KA 178 -41.39 -10.79 55.47
C SER KA 178 -41.37 -9.97 54.17
N THR KA 179 -42.13 -8.87 54.11
CA THR KA 179 -42.23 -8.12 52.83
C THR KA 179 -40.88 -7.53 52.41
N PRO KA 180 -40.05 -6.94 53.30
CA PRO KA 180 -38.72 -6.50 52.92
C PRO KA 180 -37.85 -7.68 52.47
N VAL KA 181 -37.95 -8.79 53.20
CA VAL KA 181 -37.09 -9.95 52.88
C VAL KA 181 -37.56 -10.49 51.52
N THR KA 182 -38.68 -9.98 51.01
CA THR KA 182 -39.02 -10.34 49.61
C THR KA 182 -38.48 -9.34 48.58
N MET KA 183 -38.63 -8.03 48.80
CA MET KA 183 -38.29 -7.02 47.75
C MET KA 183 -36.80 -6.85 47.50
N ILE KA 184 -36.39 -6.65 46.24
CA ILE KA 184 -34.96 -6.32 45.94
C ILE KA 184 -34.85 -5.49 44.64
N TRP KA 185 -33.82 -4.67 44.55
CA TRP KA 185 -33.57 -3.84 43.35
C TRP KA 185 -33.66 -4.69 42.09
N GLN KA 186 -33.94 -4.05 40.97
CA GLN KA 186 -33.93 -4.79 39.68
C GLN KA 186 -34.96 -5.93 39.70
N ASP KA 187 -36.06 -5.80 40.45
CA ASP KA 187 -37.16 -6.80 40.35
C ASP KA 187 -36.70 -8.18 40.85
N ILE KA 188 -35.47 -8.30 41.33
CA ILE KA 188 -35.10 -9.62 41.89
C ILE KA 188 -35.92 -9.77 43.17
N LEU KA 189 -36.30 -11.00 43.53
CA LEU KA 189 -37.04 -11.21 44.80
C LEU KA 189 -36.39 -12.35 45.57
N MET KA 190 -36.66 -12.43 46.87
CA MET KA 190 -36.11 -13.51 47.73
C MET KA 190 -36.99 -13.60 48.97
N LEU KA 191 -36.67 -14.46 49.94
CA LEU KA 191 -37.49 -14.43 51.18
C LEU KA 191 -36.77 -14.99 52.40
N PRO KA 192 -35.75 -14.33 53.01
CA PRO KA 192 -35.20 -14.85 54.26
C PRO KA 192 -36.23 -14.85 55.40
N ILE KA 193 -36.18 -15.84 56.30
CA ILE KA 193 -37.14 -15.92 57.46
C ILE KA 193 -36.57 -16.76 58.62
N VAL KA 194 -37.21 -16.67 59.80
CA VAL KA 194 -36.77 -17.45 61.00
C VAL KA 194 -37.26 -18.90 60.85
N GLY KA 195 -36.43 -19.87 61.25
CA GLY KA 195 -36.79 -21.29 61.03
C GLY KA 195 -37.87 -21.81 61.95
N ILE KA 196 -37.79 -21.55 63.25
CA ILE KA 196 -38.92 -22.06 64.08
C ILE KA 196 -40.00 -20.99 63.99
N ILE KA 197 -41.04 -21.29 63.22
CA ILE KA 197 -42.06 -20.23 63.01
C ILE KA 197 -43.42 -20.89 63.07
N ASP KA 198 -44.50 -20.12 63.22
CA ASP KA 198 -45.89 -20.68 63.16
C ASP KA 198 -46.28 -21.13 61.75
N SER KA 199 -46.97 -22.27 61.64
CA SER KA 199 -47.45 -22.79 60.33
C SER KA 199 -48.50 -21.86 59.72
N LYS KA 200 -49.39 -21.34 60.55
CA LYS KA 200 -50.42 -20.42 60.05
C LYS KA 200 -49.70 -19.18 59.55
N ARG KA 201 -48.66 -18.76 60.25
CA ARG KA 201 -47.85 -17.58 59.83
C ARG KA 201 -47.20 -17.86 58.49
N ALA KA 202 -46.78 -19.11 58.29
CA ALA KA 202 -46.19 -19.52 57.01
C ALA KA 202 -47.24 -19.43 55.92
N GLN KA 203 -48.47 -19.82 56.23
CA GLN KA 203 -49.55 -19.66 55.24
C GLN KA 203 -49.71 -18.17 54.96
N ASP KA 204 -49.49 -17.39 56.00
CA ASP KA 204 -49.59 -15.94 55.80
C ASP KA 204 -48.53 -15.59 54.79
N ILE KA 205 -47.35 -16.14 55.00
CA ILE KA 205 -46.24 -15.75 54.09
C ILE KA 205 -46.66 -16.22 52.70
N MET KA 206 -47.28 -17.39 52.65
CA MET KA 206 -47.73 -17.91 51.35
C MET KA 206 -48.59 -16.83 50.69
N SER KA 207 -49.47 -16.22 51.46
CA SER KA 207 -50.45 -15.27 50.91
C SER KA 207 -49.65 -14.04 50.50
N ALA KA 208 -48.66 -13.73 51.32
CA ALA KA 208 -47.85 -12.52 51.06
C ALA KA 208 -47.16 -12.70 49.73
N VAL KA 209 -46.61 -13.88 49.49
CA VAL KA 209 -45.86 -14.00 48.22
C VAL KA 209 -46.86 -13.84 47.09
N LEU KA 210 -48.05 -14.41 47.21
CA LEU KA 210 -48.94 -14.26 46.04
C LEU KA 210 -49.18 -12.78 45.80
N ASN KA 211 -49.55 -12.07 46.85
CA ASN KA 211 -49.89 -10.65 46.58
C ASN KA 211 -48.63 -9.96 46.10
N LYS KA 212 -47.50 -10.33 46.67
CA LYS KA 212 -46.28 -9.59 46.31
C LYS KA 212 -46.08 -9.81 44.83
N ILE KA 213 -46.31 -11.04 44.40
CA ILE KA 213 -46.04 -11.32 42.98
C ILE KA 213 -46.99 -10.46 42.17
N SER KA 214 -48.24 -10.37 42.57
CA SER KA 214 -49.09 -9.52 41.71
C SER KA 214 -48.47 -8.15 41.71
N GLU KA 215 -48.18 -7.68 42.93
CA GLU KA 215 -47.79 -6.26 43.06
C GLU KA 215 -46.77 -5.97 41.98
N ASN KA 216 -45.72 -6.78 41.95
CA ASN KA 216 -44.84 -6.59 40.80
C ASN KA 216 -44.64 -8.00 40.32
N ARG KA 217 -45.21 -8.28 39.17
CA ARG KA 217 -44.89 -9.62 38.64
C ARG KA 217 -43.37 -9.76 38.62
N ALA KA 218 -42.82 -10.83 39.21
CA ALA KA 218 -41.35 -11.09 39.20
C ALA KA 218 -41.08 -12.54 38.81
N LYS KA 219 -40.35 -12.83 37.75
CA LYS KA 219 -40.03 -14.26 37.51
C LYS KA 219 -38.96 -14.62 38.52
N ILE KA 220 -38.29 -13.60 39.06
CA ILE KA 220 -37.15 -13.86 39.98
C ILE KA 220 -37.66 -13.80 41.41
N PHE KA 221 -37.40 -14.85 42.18
CA PHE KA 221 -37.79 -14.86 43.62
C PHE KA 221 -36.92 -15.93 44.28
N ILE KA 222 -36.67 -15.83 45.58
CA ILE KA 222 -35.89 -16.92 46.23
C ILE KA 222 -36.41 -17.22 47.61
N MET KA 223 -36.15 -18.43 48.08
CA MET KA 223 -36.49 -18.74 49.48
C MET KA 223 -35.16 -18.66 50.22
N ASP KA 224 -35.02 -17.72 51.15
CA ASP KA 224 -33.76 -17.73 51.92
C ASP KA 224 -34.07 -18.24 53.32
N ILE KA 225 -33.28 -19.20 53.79
CA ILE KA 225 -33.54 -19.80 55.14
C ILE KA 225 -32.21 -19.79 55.88
N SER KA 226 -31.33 -18.87 55.51
CA SER KA 226 -29.99 -18.90 56.14
C SER KA 226 -30.16 -19.08 57.64
N GLY KA 227 -29.37 -19.97 58.21
CA GLY KA 227 -29.44 -20.12 59.67
C GLY KA 227 -30.87 -20.36 60.09
N VAL KA 228 -31.54 -21.34 59.47
CA VAL KA 228 -32.97 -21.51 59.84
C VAL KA 228 -32.99 -21.66 61.36
N ALA KA 229 -33.88 -20.95 62.03
CA ALA KA 229 -33.84 -20.93 63.51
C ALA KA 229 -34.02 -22.34 64.07
N VAL KA 230 -34.99 -23.08 63.59
CA VAL KA 230 -35.13 -24.49 64.03
C VAL KA 230 -35.69 -25.26 62.85
N VAL KA 231 -35.18 -26.47 62.62
CA VAL KA 231 -35.70 -27.33 61.51
C VAL KA 231 -37.00 -28.02 61.98
N ASP KA 232 -38.10 -27.27 62.02
CA ASP KA 232 -39.41 -27.84 62.46
C ASP KA 232 -39.93 -28.83 61.40
N THR KA 233 -40.68 -29.84 61.83
CA THR KA 233 -41.20 -30.87 60.89
C THR KA 233 -42.16 -30.25 59.87
N ALA KA 234 -43.22 -29.59 60.35
CA ALA KA 234 -44.25 -29.03 59.43
C ALA KA 234 -43.61 -27.91 58.61
N VAL KA 235 -42.54 -27.37 59.15
CA VAL KA 235 -41.90 -26.22 58.47
C VAL KA 235 -41.40 -26.68 57.11
N ALA KA 236 -40.81 -27.86 57.05
CA ALA KA 236 -40.41 -28.35 55.72
C ALA KA 236 -41.66 -28.23 54.91
N ASN KA 237 -42.69 -28.91 55.38
CA ASN KA 237 -43.93 -28.98 54.60
C ASN KA 237 -44.18 -27.67 53.95
N HIS KA 238 -44.00 -26.61 54.71
CA HIS KA 238 -44.35 -25.34 54.08
C HIS KA 238 -43.49 -25.20 52.83
N PHE KA 239 -42.17 -25.09 53.03
CA PHE KA 239 -41.20 -24.95 51.91
C PHE KA 239 -41.33 -26.12 50.95
N ILE KA 240 -41.80 -27.29 51.40
CA ILE KA 240 -42.04 -28.36 50.40
C ILE KA 240 -43.11 -27.82 49.47
N LYS KA 241 -44.27 -27.59 50.06
CA LYS KA 241 -45.39 -27.11 49.23
C LYS KA 241 -45.00 -25.77 48.66
N ILE KA 242 -44.35 -24.95 49.46
CA ILE KA 242 -44.05 -23.56 49.03
C ILE KA 242 -43.11 -23.58 47.85
N THR KA 243 -42.11 -24.43 47.91
CA THR KA 243 -41.13 -24.36 46.82
C THR KA 243 -41.92 -24.71 45.59
N LYS KA 244 -42.74 -25.76 45.72
CA LYS KA 244 -43.40 -26.17 44.49
C LYS KA 244 -44.24 -25.01 43.97
N ALA KA 245 -45.03 -24.42 44.86
CA ALA KA 245 -45.98 -23.41 44.37
C ALA KA 245 -45.26 -22.26 43.71
N THR KA 246 -44.22 -21.78 44.37
CA THR KA 246 -43.58 -20.56 43.82
C THR KA 246 -42.99 -20.85 42.46
N LYS KA 247 -42.26 -21.94 42.35
CA LYS KA 247 -41.60 -22.09 41.04
C LYS KA 247 -42.68 -22.25 39.99
N LEU KA 248 -43.68 -23.05 40.32
CA LEU KA 248 -44.67 -23.40 39.28
C LEU KA 248 -45.58 -22.22 38.96
N MET KA 249 -45.53 -21.18 39.78
CA MET KA 249 -46.27 -19.94 39.46
C MET KA 249 -45.67 -19.43 38.17
N GLY KA 250 -44.48 -19.93 37.85
CA GLY KA 250 -43.76 -19.37 36.70
C GLY KA 250 -42.87 -18.35 37.31
N CYS KA 251 -42.92 -18.31 38.64
CA CYS KA 251 -42.02 -17.38 39.37
C CYS KA 251 -41.00 -18.22 40.11
N ASP KA 252 -39.80 -18.37 39.56
CA ASP KA 252 -38.77 -19.26 40.15
C ASP KA 252 -38.54 -19.01 41.64
N CYS KA 253 -38.12 -20.03 42.41
CA CYS KA 253 -37.74 -19.78 43.83
C CYS KA 253 -36.43 -20.52 44.12
N LEU KA 254 -35.49 -19.93 44.85
CA LEU KA 254 -34.20 -20.61 45.05
C LEU KA 254 -33.85 -20.61 46.54
N VAL KA 255 -33.09 -21.59 47.01
CA VAL KA 255 -32.63 -21.54 48.43
C VAL KA 255 -31.18 -21.06 48.47
N SER KA 256 -30.94 -19.86 48.99
CA SER KA 256 -29.57 -19.30 48.97
C SER KA 256 -28.83 -19.53 50.28
N GLY KA 257 -29.53 -19.47 51.41
CA GLY KA 257 -28.84 -19.59 52.70
C GLY KA 257 -29.57 -20.61 53.56
N VAL KA 258 -28.88 -21.33 54.43
CA VAL KA 258 -29.51 -22.40 55.26
C VAL KA 258 -28.47 -23.00 56.20
N SER KA 259 -28.90 -23.82 57.15
CA SER KA 259 -27.93 -24.51 58.04
C SER KA 259 -27.74 -25.94 57.51
N PRO KA 260 -26.61 -26.61 57.82
CA PRO KA 260 -26.41 -28.00 57.39
C PRO KA 260 -27.12 -29.13 58.16
N SER KA 261 -27.08 -29.07 59.49
CA SER KA 261 -27.81 -30.09 60.28
C SER KA 261 -29.29 -29.87 60.01
N ILE KA 262 -29.63 -28.62 59.69
CA ILE KA 262 -31.03 -28.35 59.34
C ILE KA 262 -31.27 -29.24 58.12
N ALA KA 263 -30.31 -29.20 57.20
CA ALA KA 263 -30.45 -29.99 55.96
C ALA KA 263 -30.43 -31.47 56.32
N ARG KA 264 -29.58 -31.85 57.27
CA ARG KA 264 -29.49 -33.29 57.52
C ARG KA 264 -30.84 -33.74 58.01
N THR KA 265 -31.39 -32.94 58.91
CA THR KA 265 -32.66 -33.36 59.54
C THR KA 265 -33.63 -33.56 58.39
N MET KA 266 -33.50 -32.70 57.40
CA MET KA 266 -34.38 -32.81 56.22
C MET KA 266 -34.09 -34.10 55.47
N VAL KA 267 -32.83 -34.30 55.10
CA VAL KA 267 -32.56 -35.48 54.26
C VAL KA 267 -32.97 -36.70 55.06
N GLN KA 268 -32.61 -36.71 56.36
CA GLN KA 268 -32.97 -37.84 57.25
C GLN KA 268 -34.48 -38.07 57.16
N LEU KA 269 -35.24 -37.06 56.76
CA LEU KA 269 -36.70 -37.30 56.74
C LEU KA 269 -36.95 -38.27 55.59
N GLY KA 270 -35.93 -38.44 54.76
CA GLY KA 270 -36.07 -39.33 53.61
C GLY KA 270 -36.68 -38.54 52.49
N ILE KA 271 -36.74 -37.22 52.68
CA ILE KA 271 -37.27 -36.34 51.60
C ILE KA 271 -36.68 -36.79 50.27
N ASN KA 272 -37.47 -36.79 49.20
CA ASN KA 272 -36.96 -37.31 47.90
C ASN KA 272 -37.38 -36.41 46.74
N VAL KA 273 -38.50 -35.72 46.88
CA VAL KA 273 -39.07 -34.94 45.75
C VAL KA 273 -38.17 -33.78 45.30
N GLY KA 274 -37.49 -33.11 46.24
CA GLY KA 274 -36.79 -31.86 45.84
C GLY KA 274 -35.84 -32.01 44.68
N GLU KA 275 -35.99 -31.18 43.65
CA GLU KA 275 -35.06 -31.17 42.50
C GLU KA 275 -35.10 -29.74 41.94
N VAL KA 276 -35.10 -28.73 42.82
CA VAL KA 276 -35.22 -27.31 42.35
C VAL KA 276 -33.84 -26.66 42.32
N ARG KA 277 -33.80 -25.34 42.06
CA ARG KA 277 -32.50 -24.63 41.98
C ARG KA 277 -32.18 -24.01 43.34
N THR KA 278 -30.91 -24.00 43.72
CA THR KA 278 -30.47 -23.36 45.00
C THR KA 278 -29.15 -22.61 44.77
N ASN KA 279 -28.56 -22.01 45.82
CA ASN KA 279 -27.32 -21.20 45.66
C ASN KA 279 -26.56 -21.10 46.98
N ALA KA 280 -25.32 -20.60 46.95
CA ALA KA 280 -24.51 -20.43 48.18
C ALA KA 280 -24.66 -19.00 48.72
N THR KA 281 -25.45 -18.81 49.78
CA THR KA 281 -25.63 -17.48 50.42
C THR KA 281 -26.27 -16.51 49.42
N LEU KA 282 -26.50 -15.27 49.85
CA LEU KA 282 -27.04 -14.26 48.91
C LEU KA 282 -25.94 -13.90 47.91
N ARG KA 283 -24.80 -14.61 47.94
CA ARG KA 283 -23.71 -14.18 47.06
C ARG KA 283 -23.89 -14.89 45.73
N ASP KA 284 -23.79 -16.23 45.78
CA ASP KA 284 -23.99 -17.03 44.55
C ASP KA 284 -25.44 -16.89 44.06
N ALA KA 285 -26.37 -16.47 44.92
CA ALA KA 285 -27.73 -16.37 44.40
C ALA KA 285 -27.79 -15.20 43.43
N LEU KA 286 -27.23 -14.07 43.82
CA LEU KA 286 -27.27 -12.85 42.99
C LEU KA 286 -26.42 -13.12 41.78
N GLU KA 287 -25.31 -13.81 41.99
CA GLU KA 287 -24.45 -13.98 40.80
C GLU KA 287 -25.31 -14.65 39.74
N ASN KA 288 -26.01 -15.70 40.16
CA ASN KA 288 -26.84 -16.42 39.19
C ASN KA 288 -27.91 -15.46 38.72
N ALA KA 289 -28.43 -14.65 39.63
CA ALA KA 289 -29.56 -13.84 39.13
C ALA KA 289 -29.03 -12.88 38.09
N PHE KA 290 -27.89 -12.24 38.38
CA PHE KA 290 -27.35 -11.22 37.45
C PHE KA 290 -26.95 -11.93 36.16
N LYS KA 291 -27.02 -13.25 36.18
CA LYS KA 291 -26.70 -14.06 34.98
C LYS KA 291 -27.99 -14.45 34.26
N ILE KA 292 -29.01 -14.70 35.09
CA ILE KA 292 -30.36 -14.87 34.55
C ILE KA 292 -30.69 -13.43 34.18
N VAL KA 293 -29.80 -12.52 34.58
CA VAL KA 293 -29.99 -11.06 34.27
C VAL KA 293 -28.80 -10.59 33.41
N GLU LA 169 -38.76 -15.77 73.15
CA GLU LA 169 -38.41 -16.25 71.82
C GLU LA 169 -38.54 -15.12 70.79
N GLN LA 170 -39.58 -14.30 70.92
CA GLN LA 170 -39.77 -13.19 70.00
C GLN LA 170 -38.61 -12.22 70.08
N SER LA 171 -38.02 -12.04 71.25
CA SER LA 171 -36.83 -11.18 71.30
C SER LA 171 -35.80 -11.83 70.36
N GLU LA 172 -35.46 -13.07 70.69
CA GLU LA 172 -34.38 -13.71 69.92
C GLU LA 172 -34.82 -13.75 68.47
N ALA LA 173 -36.13 -13.81 68.24
CA ALA LA 173 -36.65 -13.76 66.86
C ALA LA 173 -36.30 -12.39 66.30
N LEU LA 174 -36.38 -11.34 67.12
CA LEU LA 174 -36.01 -9.97 66.68
C LEU LA 174 -34.53 -9.92 66.35
N LEU LA 175 -33.75 -10.51 67.25
CA LEU LA 175 -32.28 -10.50 67.09
C LEU LA 175 -32.00 -11.27 65.82
N ALA LA 176 -32.86 -12.24 65.53
CA ALA LA 176 -32.67 -13.04 64.31
C ALA LA 176 -32.75 -12.09 63.13
N MET LA 177 -33.64 -11.10 63.21
CA MET LA 177 -33.87 -10.19 62.06
C MET LA 177 -32.70 -9.28 61.66
N SER LA 178 -32.00 -8.63 62.61
CA SER LA 178 -31.00 -7.59 62.24
C SER LA 178 -29.78 -8.08 61.45
N THR LA 179 -29.20 -9.23 61.80
CA THR LA 179 -27.95 -9.66 61.14
C THR LA 179 -28.14 -9.91 59.64
N PRO LA 180 -29.23 -10.56 59.19
CA PRO LA 180 -29.47 -10.70 57.74
C PRO LA 180 -29.67 -9.33 57.10
N VAL LA 181 -30.41 -8.45 57.78
CA VAL LA 181 -30.70 -7.12 57.18
C VAL LA 181 -29.38 -6.36 57.12
N THR LA 182 -28.33 -6.90 57.73
CA THR LA 182 -27.00 -6.27 57.52
C THR LA 182 -26.23 -6.90 56.35
N MET LA 183 -26.17 -8.22 56.25
CA MET LA 183 -25.28 -8.89 55.25
C MET LA 183 -25.75 -8.77 53.79
N ILE LA 184 -24.83 -8.60 52.85
CA ILE LA 184 -25.20 -8.63 51.40
C ILE LA 184 -24.01 -9.08 50.53
N TRP LA 185 -24.32 -9.69 49.39
CA TRP LA 185 -23.29 -10.18 48.45
C TRP LA 185 -22.27 -9.06 48.18
N GLN LA 186 -21.07 -9.45 47.78
CA GLN LA 186 -20.06 -8.43 47.39
C GLN LA 186 -19.75 -7.50 48.57
N ASP LA 187 -19.84 -7.97 49.82
CA ASP LA 187 -19.37 -7.16 50.97
C ASP LA 187 -20.22 -5.89 51.13
N ILE LA 188 -21.24 -5.71 50.31
CA ILE LA 188 -22.09 -4.52 50.56
C ILE LA 188 -22.83 -4.80 51.86
N LEU LA 189 -23.13 -3.77 52.65
CA LEU LA 189 -23.90 -3.98 53.91
C LEU LA 189 -25.04 -2.98 53.96
N MET LA 190 -26.05 -3.25 54.80
CA MET LA 190 -27.21 -2.33 54.96
C MET LA 190 -27.87 -2.68 56.29
N LEU LA 191 -28.99 -2.03 56.64
CA LEU LA 191 -29.66 -2.49 57.89
C LEU LA 191 -31.14 -2.12 57.94
N PRO LA 192 -32.07 -2.75 57.16
CA PRO LA 192 -33.50 -2.47 57.36
C PRO LA 192 -33.99 -2.91 58.74
N ILE LA 193 -34.92 -2.15 59.35
CA ILE LA 193 -35.48 -2.51 60.70
C ILE LA 193 -36.88 -1.90 60.93
N VAL LA 194 -37.58 -2.36 61.97
CA VAL LA 194 -38.95 -1.83 62.32
C VAL LA 194 -38.79 -0.48 63.03
N GLY LA 195 -39.65 0.48 62.73
CA GLY LA 195 -39.50 1.84 63.29
C GLY LA 195 -39.86 1.96 64.75
N ILE LA 196 -40.98 1.40 65.20
CA ILE LA 196 -41.22 1.53 66.66
C ILE LA 196 -40.48 0.36 67.29
N ILE LA 197 -39.36 0.66 67.92
CA ILE LA 197 -38.54 -0.46 68.45
C ILE LA 197 -38.03 -0.04 69.82
N ASP LA 198 -37.54 -0.99 70.63
CA ASP LA 198 -36.90 -0.64 71.94
C ASP LA 198 -35.55 0.07 71.77
N SER LA 199 -35.28 1.08 72.61
CA SER LA 199 -33.99 1.82 72.58
C SER LA 199 -32.83 0.92 72.97
N LYS LA 200 -33.05 0.08 73.98
CA LYS LA 200 -31.99 -0.84 74.44
C LYS LA 200 -31.72 -1.81 73.27
N ARG LA 201 -32.78 -2.20 72.57
CA ARG LA 201 -32.64 -3.13 71.41
C ARG LA 201 -31.82 -2.42 70.34
N ALA LA 202 -32.03 -1.13 70.19
CA ALA LA 202 -31.27 -0.33 69.21
C ALA LA 202 -29.80 -0.31 69.62
N GLN LA 203 -29.53 -0.21 70.91
CA GLN LA 203 -28.13 -0.29 71.39
C GLN LA 203 -27.61 -1.67 71.04
N ASP LA 204 -28.50 -2.64 71.11
CA ASP LA 204 -28.08 -4.00 70.74
C ASP LA 204 -27.66 -3.93 69.29
N ILE LA 205 -28.49 -3.27 68.50
CA ILE LA 205 -28.18 -3.25 67.05
C ILE LA 205 -26.84 -2.55 66.92
N MET LA 206 -26.66 -1.50 67.72
CA MET LA 206 -25.39 -0.76 67.66
C MET LA 206 -24.26 -1.76 67.86
N SER LA 207 -24.42 -2.67 68.81
CA SER LA 207 -23.34 -3.60 69.17
C SER LA 207 -23.19 -4.55 68.00
N ALA LA 208 -24.34 -4.90 67.43
CA ALA LA 208 -24.34 -5.87 66.32
C ALA LA 208 -23.53 -5.28 65.18
N VAL LA 209 -23.75 -4.00 64.89
CA VAL LA 209 -23.04 -3.46 63.72
C VAL LA 209 -21.55 -3.51 64.04
N LEU LA 210 -21.17 -3.17 65.27
CA LEU LA 210 -19.70 -3.17 65.50
C LEU LA 210 -19.18 -4.57 65.22
N ASN LA 211 -19.81 -5.56 65.82
CA ASN LA 211 -19.21 -6.91 65.66
C ASN LA 211 -19.30 -7.27 64.18
N LYS LA 212 -20.39 -6.87 63.55
CA LYS LA 212 -20.57 -7.31 62.15
C LYS LA 212 -19.39 -6.72 61.38
N ILE LA 213 -19.10 -5.47 61.70
CA ILE LA 213 -18.03 -4.81 60.91
C ILE LA 213 -16.76 -5.58 61.16
N SER LA 214 -16.50 -5.97 62.40
CA SER LA 214 -15.22 -6.71 62.55
C SER LA 214 -15.33 -7.93 61.68
N GLU LA 215 -16.45 -8.62 61.83
CA GLU LA 215 -16.55 -9.95 61.20
C GLU LA 215 -16.07 -9.82 59.78
N ASN LA 216 -16.65 -8.88 59.07
CA ASN LA 216 -16.05 -8.64 57.75
C ASN LA 216 -15.93 -7.15 57.73
N ARG LA 217 -14.71 -6.68 57.77
CA ARG LA 217 -14.58 -5.23 57.60
C ARG LA 217 -15.31 -4.86 56.31
N ALA LA 218 -16.24 -3.90 56.36
CA ALA LA 218 -16.97 -3.41 55.15
C ALA LA 218 -16.97 -1.89 55.11
N LYS LA 219 -16.43 -1.25 54.08
CA LYS LA 219 -16.59 0.23 54.05
C LYS LA 219 -18.03 0.50 53.65
N ILE LA 220 -18.66 -0.50 53.05
CA ILE LA 220 -20.04 -0.30 52.55
C ILE LA 220 -21.03 -0.79 53.60
N PHE LA 221 -21.97 0.08 53.97
CA PHE LA 221 -23.03 -0.30 54.93
C PHE LA 221 -24.17 0.70 54.75
N ILE LA 222 -25.40 0.33 55.06
CA ILE LA 222 -26.49 1.34 54.94
C ILE LA 222 -27.48 1.20 56.07
N MET LA 223 -28.18 2.29 56.36
CA MET LA 223 -29.28 2.20 57.34
C MET LA 223 -30.54 2.15 56.50
N ASP LA 224 -31.27 1.05 56.56
CA ASP LA 224 -32.56 1.07 55.80
C ASP LA 224 -33.69 1.18 56.81
N ILE LA 225 -34.61 2.11 56.58
CA ILE LA 225 -35.75 2.32 57.53
C ILE LA 225 -37.01 2.34 56.71
N SER LA 226 -36.99 1.68 55.55
CA SER LA 226 -38.18 1.76 54.68
C SER LA 226 -39.43 1.54 55.53
N GLY LA 227 -40.42 2.39 55.32
CA GLY LA 227 -41.67 2.16 56.05
C GLY LA 227 -41.40 2.09 57.53
N VAL LA 228 -40.67 3.06 58.08
CA VAL LA 228 -40.33 2.91 59.51
C VAL LA 228 -41.65 2.70 60.24
N ALA LA 229 -41.71 1.72 61.14
CA ALA LA 229 -43.01 1.36 61.74
C ALA LA 229 -43.61 2.54 62.48
N VAL LA 230 -42.81 3.22 63.30
CA VAL LA 230 -43.34 4.44 63.97
C VAL LA 230 -42.16 5.37 64.12
N VAL LA 231 -42.36 6.68 63.89
CA VAL LA 231 -41.27 7.69 64.06
C VAL LA 231 -41.15 8.03 65.54
N ASP LA 232 -40.55 7.14 66.33
CA ASP LA 232 -40.39 7.38 67.79
C ASP LA 232 -39.37 8.50 68.02
N THR LA 233 -39.51 9.25 69.12
CA THR LA 233 -38.59 10.39 69.41
C THR LA 233 -37.17 9.89 69.64
N ALA LA 234 -36.98 8.97 70.61
CA ALA LA 234 -35.61 8.51 70.94
C ALA LA 234 -35.05 7.73 69.77
N VAL LA 235 -35.97 7.24 68.94
CA VAL LA 235 -35.52 6.39 67.80
C VAL LA 235 -34.64 7.24 66.88
N ALA LA 236 -35.03 8.48 66.65
CA ALA LA 236 -34.14 9.33 65.84
C ALA LA 236 -32.82 9.21 66.54
N ASN LA 237 -32.84 9.60 67.80
CA ASN LA 237 -31.58 9.66 68.55
C ASN LA 237 -30.71 8.52 68.15
N HIS LA 238 -31.31 7.36 68.07
CA HIS LA 238 -30.42 6.22 67.78
C HIS LA 238 -29.73 6.52 66.46
N PHE LA 239 -30.52 6.58 65.38
CA PHE LA 239 -30.00 6.85 64.02
C PHE LA 239 -29.26 8.19 63.99
N ILE LA 240 -29.58 9.13 64.88
CA ILE LA 240 -28.76 10.36 64.92
C ILE LA 240 -27.37 9.90 65.30
N LYS LA 241 -27.29 9.36 66.50
CA LYS LA 241 -25.97 8.93 66.99
C LYS LA 241 -25.46 7.84 66.07
N ILE LA 242 -26.36 6.96 65.65
CA ILE LA 242 -25.94 5.77 64.87
C ILE LA 242 -25.37 6.22 63.54
N THR LA 243 -26.02 7.18 62.91
CA THR LA 243 -25.52 7.51 61.58
C THR LA 243 -24.12 8.03 61.81
N LYS LA 244 -24.01 8.87 62.83
CA LYS LA 244 -22.68 9.47 62.97
C LYS LA 244 -21.66 8.34 63.18
N ALA LA 245 -21.98 7.45 64.10
CA ALA LA 245 -20.95 6.46 64.46
C ALA LA 245 -20.56 5.62 63.26
N THR LA 246 -21.56 5.16 62.53
CA THR LA 246 -21.23 4.22 61.44
C THR LA 246 -20.38 4.90 60.41
N LYS LA 247 -20.78 6.10 60.00
CA LYS LA 247 -19.99 6.66 58.89
C LYS LA 247 -18.58 6.89 59.39
N LEU LA 248 -18.49 7.43 60.60
CA LEU LA 248 -17.17 7.86 61.09
C LEU LA 248 -16.29 6.66 61.45
N MET LA 249 -16.88 5.48 61.50
CA MET LA 249 -16.08 4.26 61.70
C MET LA 249 -15.17 4.18 60.49
N GLY LA 250 -15.54 4.91 59.44
CA GLY LA 250 -14.79 4.75 58.19
C GLY LA 250 -15.62 3.77 57.42
N CYS LA 251 -16.75 3.40 58.04
CA CYS LA 251 -17.67 2.48 57.36
C CYS LA 251 -18.93 3.26 57.00
N ASP LA 252 -19.04 3.71 55.77
CA ASP LA 252 -20.17 4.59 55.35
C ASP LA 252 -21.53 4.03 55.74
N CYS LA 253 -22.55 4.88 55.98
CA CYS LA 253 -23.93 4.36 56.20
C CYS LA 253 -24.90 5.21 55.39
N LEU LA 254 -25.91 4.61 54.75
CA LEU LA 254 -26.80 5.42 53.88
C LEU LA 254 -28.25 5.11 54.24
N VAL LA 255 -29.16 6.06 54.03
CA VAL LA 255 -30.61 5.73 54.24
C VAL LA 255 -31.27 5.49 52.88
N SER LA 256 -31.67 4.25 52.60
CA SER LA 256 -32.22 3.92 51.27
C SER LA 256 -33.75 3.94 51.26
N GLY LA 257 -34.39 3.51 52.34
CA GLY LA 257 -35.85 3.43 52.36
C GLY LA 257 -36.38 4.08 53.61
N VAL LA 258 -37.57 4.67 53.57
CA VAL LA 258 -38.13 5.41 54.74
C VAL LA 258 -39.54 5.90 54.40
N SER LA 259 -40.26 6.41 55.40
CA SER LA 259 -41.60 7.00 55.13
C SER LA 259 -41.44 8.53 55.09
N PRO LA 260 -42.34 9.27 54.41
CA PRO LA 260 -42.25 10.74 54.38
C PRO LA 260 -42.74 11.52 55.61
N SER LA 261 -43.90 11.15 56.15
CA SER LA 261 -44.38 11.83 57.38
C SER LA 261 -43.41 11.45 58.49
N ILE LA 262 -42.79 10.29 58.32
CA ILE LA 262 -41.77 9.90 59.31
C ILE LA 262 -40.73 11.00 59.20
N ALA LA 263 -40.39 11.33 57.96
CA ALA LA 263 -39.36 12.37 57.74
C ALA LA 263 -39.88 13.70 58.24
N ARG LA 264 -41.16 13.97 58.02
CA ARG LA 264 -41.63 15.31 58.41
C ARG LA 264 -41.47 15.40 59.91
N THR LA 265 -41.88 14.35 60.59
CA THR LA 265 -41.87 14.40 62.06
C THR LA 265 -40.44 14.72 62.44
N MET LA 266 -39.51 14.16 61.67
CA MET LA 266 -38.09 14.40 61.95
C MET LA 266 -37.76 15.87 61.68
N VAL LA 267 -38.07 16.33 60.49
CA VAL LA 267 -37.64 17.71 60.18
C VAL LA 267 -38.31 18.63 61.18
N GLN LA 268 -39.59 18.38 61.45
CA GLN LA 268 -40.36 19.20 62.41
C GLN LA 268 -39.60 19.21 63.74
N LEU LA 269 -38.73 18.22 63.98
CA LEU LA 269 -38.05 18.23 65.30
C LEU LA 269 -37.08 19.39 65.24
N GLY LA 270 -36.87 19.92 64.03
CA GLY LA 270 -35.94 21.03 63.88
C GLY LA 270 -34.56 20.44 63.72
N ILE LA 271 -34.51 19.13 63.53
CA ILE LA 271 -33.20 18.46 63.30
C ILE LA 271 -32.39 19.30 62.31
N ASN LA 272 -31.09 19.43 62.52
CA ASN LA 272 -30.28 20.32 61.65
C ASN LA 272 -28.95 19.67 61.28
N VAL LA 273 -28.43 18.80 62.14
CA VAL LA 273 -27.07 18.23 61.93
C VAL LA 273 -26.95 17.36 60.68
N GLY LA 274 -27.98 16.60 60.34
CA GLY LA 274 -27.81 15.61 59.25
C GLY LA 274 -27.29 16.18 57.96
N GLU LA 275 -26.20 15.60 57.44
CA GLU LA 275 -25.64 16.00 56.12
C GLU LA 275 -24.95 14.77 55.55
N VAL LA 276 -25.56 13.58 55.69
CA VAL LA 276 -24.90 12.32 55.25
C VAL LA 276 -25.45 11.91 53.87
N ARG LA 277 -25.06 10.73 53.39
CA ARG LA 277 -25.50 10.25 52.06
C ARG LA 277 -26.76 9.38 52.22
N THR LA 278 -27.70 9.47 51.29
CA THR LA 278 -28.92 8.63 51.31
C THR LA 278 -29.26 8.17 49.88
N ASN LA 279 -30.36 7.43 49.70
CA ASN LA 279 -30.69 6.87 48.36
C ASN LA 279 -32.20 6.59 48.25
N ALA LA 280 -32.69 6.30 47.04
CA ALA LA 280 -34.13 5.97 46.84
C ALA LA 280 -34.33 4.45 46.85
N THR LA 281 -34.83 3.89 47.95
CA THR LA 281 -35.12 2.43 48.06
C THR LA 281 -33.81 1.64 47.93
N LEU LA 282 -33.90 0.31 48.02
CA LEU LA 282 -32.69 -0.51 47.82
C LEU LA 282 -32.29 -0.44 46.34
N ARG LA 283 -32.97 0.40 45.54
CA ARG LA 283 -32.66 0.37 44.10
C ARG LA 283 -31.53 1.34 43.85
N ASP LA 284 -31.80 2.62 44.12
CA ASP LA 284 -30.75 3.66 43.95
C ASP LA 284 -29.63 3.42 44.95
N ALA LA 285 -29.86 2.67 46.04
CA ALA LA 285 -28.74 2.49 46.97
C ALA LA 285 -27.70 1.59 46.29
N LEU LA 286 -28.16 0.49 45.71
CA LEU LA 286 -27.25 -0.48 45.08
C LEU LA 286 -26.64 0.20 43.87
N GLU LA 287 -27.45 0.99 43.18
CA GLU LA 287 -26.86 1.56 41.96
C GLU LA 287 -25.63 2.32 42.41
N ASN LA 288 -25.81 3.12 43.44
CA ASN LA 288 -24.67 3.92 43.93
C ASN LA 288 -23.60 2.95 44.39
N ALA LA 289 -24.03 1.88 45.05
CA ALA LA 289 -22.94 1.05 45.60
C ALA LA 289 -22.17 0.45 44.45
N PHE LA 290 -22.87 -0.05 43.44
CA PHE LA 290 -22.18 -0.73 42.31
C PHE LA 290 -21.36 0.31 41.58
N LYS LA 291 -21.53 1.57 41.98
CA LYS LA 291 -20.76 2.69 41.37
C LYS LA 291 -19.56 3.03 42.28
N ILE LA 292 -19.84 2.92 43.57
CA ILE LA 292 -18.73 3.00 44.55
C ILE LA 292 -18.06 1.66 44.31
N VAL LA 293 -18.70 0.82 43.49
CA VAL LA 293 -18.14 -0.52 43.15
C VAL LA 293 -17.90 -0.59 41.65
N GLU MA 169 -23.55 71.28 -39.11
CA GLU MA 169 -23.04 70.69 -37.88
C GLU MA 169 -23.74 69.37 -37.59
N GLN MA 170 -25.04 69.31 -37.82
CA GLN MA 170 -25.80 68.09 -37.59
C GLN MA 170 -25.30 66.97 -38.50
N SER MA 171 -24.85 67.29 -39.70
CA SER MA 171 -24.27 66.22 -40.51
C SER MA 171 -23.06 65.67 -39.71
N GLU MA 172 -22.14 66.59 -39.44
CA GLU MA 172 -20.89 66.12 -38.80
C GLU MA 172 -21.29 65.48 -37.47
N ALA MA 173 -22.38 65.95 -36.89
CA ALA MA 173 -22.88 65.32 -35.65
C ALA MA 173 -23.29 63.90 -36.00
N LEU MA 174 -23.87 63.69 -37.18
CA LEU MA 174 -24.27 62.32 -37.62
C LEU MA 174 -23.02 61.47 -37.80
N LEU MA 175 -22.04 62.08 -38.46
CA LEU MA 175 -20.77 61.36 -38.75
C LEU MA 175 -20.17 61.02 -37.40
N ALA MA 176 -20.42 61.90 -36.43
CA ALA MA 176 -19.88 61.66 -35.07
C ALA MA 176 -20.46 60.33 -34.59
N MET MA 177 -21.72 60.07 -34.91
CA MET MA 177 -22.40 58.87 -34.38
C MET MA 177 -21.87 57.51 -34.86
N SER MA 178 -21.59 57.33 -36.15
CA SER MA 178 -21.25 55.97 -36.67
C SER MA 178 -19.97 55.33 -36.13
N THR MA 179 -18.88 56.09 -35.99
CA THR MA 179 -17.59 55.46 -35.58
C THR MA 179 -17.66 54.85 -34.18
N PRO MA 180 -18.28 55.48 -33.18
CA PRO MA 180 -18.45 54.83 -31.87
C PRO MA 180 -19.33 53.59 -31.99
N VAL MA 181 -20.39 53.69 -32.78
CA VAL MA 181 -21.34 52.55 -32.90
C VAL MA 181 -20.58 51.44 -33.62
N THR MA 182 -19.39 51.71 -34.13
CA THR MA 182 -18.57 50.60 -34.66
C THR MA 182 -17.61 50.01 -33.61
N MET MA 183 -16.89 50.85 -32.87
CA MET MA 183 -15.80 50.35 -31.96
C MET MA 183 -16.30 49.62 -30.71
N ILE MA 184 -15.62 48.55 -30.30
CA ILE MA 184 -15.95 47.88 -29.01
C ILE MA 184 -14.72 47.18 -28.41
N TRP MA 185 -14.69 47.08 -27.08
CA TRP MA 185 -13.57 46.41 -26.37
C TRP MA 185 -13.27 45.06 -27.01
N GLN MA 186 -12.05 44.58 -26.82
CA GLN MA 186 -11.70 43.23 -27.32
C GLN MA 186 -11.88 43.13 -28.84
N ASP MA 187 -11.70 44.24 -29.57
CA ASP MA 187 -11.69 44.16 -31.07
C ASP MA 187 -13.06 43.73 -31.61
N ILE MA 188 -14.05 43.55 -30.74
CA ILE MA 188 -15.38 43.23 -31.32
C ILE MA 188 -15.84 44.51 -32.02
N LEU MA 189 -16.61 44.38 -33.10
CA LEU MA 189 -17.13 45.58 -33.79
C LEU MA 189 -18.64 45.41 -34.03
N MET MA 190 -19.34 46.51 -34.27
CA MET MA 190 -20.80 46.46 -34.55
C MET MA 190 -21.17 47.75 -35.26
N LEU MA 191 -22.46 47.99 -35.56
CA LEU MA 191 -22.78 49.31 -36.15
C LEU MA 191 -24.23 49.72 -35.95
N PRO MA 192 -24.73 50.09 -34.74
CA PRO MA 192 -26.10 50.61 -34.64
C PRO MA 192 -26.27 51.95 -35.40
N ILE MA 193 -27.45 52.17 -36.02
CA ILE MA 193 -27.72 53.44 -36.77
C ILE MA 193 -29.22 53.73 -36.87
N VAL MA 194 -29.59 54.96 -37.27
CA VAL MA 194 -31.01 55.37 -37.44
C VAL MA 194 -31.55 54.79 -38.75
N GLY MA 195 -32.80 54.32 -38.76
CA GLY MA 195 -33.33 53.64 -39.95
C GLY MA 195 -33.68 54.56 -41.10
N ILE MA 196 -34.36 55.68 -40.86
CA ILE MA 196 -34.59 56.56 -42.03
C ILE MA 196 -33.34 57.42 -42.15
N ILE MA 197 -32.53 57.11 -43.14
CA ILE MA 197 -31.24 57.84 -43.23
C ILE MA 197 -30.98 58.15 -44.70
N ASP MA 198 -30.07 59.07 -45.01
CA ASP MA 198 -29.67 59.33 -46.42
C ASP MA 198 -28.87 58.18 -47.03
N SER MA 199 -29.13 57.84 -48.30
CA SER MA 199 -28.39 56.77 -49.03
C SER MA 199 -26.93 57.14 -49.22
N LYS MA 200 -26.68 58.41 -49.54
CA LYS MA 200 -25.28 58.86 -49.72
C LYS MA 200 -24.59 58.73 -48.38
N ARG MA 201 -25.30 59.05 -47.30
CA ARG MA 201 -24.74 58.94 -45.93
C ARG MA 201 -24.42 57.48 -45.66
N ALA MA 202 -25.26 56.59 -46.14
CA ALA MA 202 -25.02 55.14 -45.97
C ALA MA 202 -23.76 54.75 -46.73
N GLN MA 203 -23.56 55.33 -47.91
CA GLN MA 203 -22.31 55.06 -48.65
C GLN MA 203 -21.15 55.59 -47.80
N ASP MA 204 -21.43 56.68 -47.11
CA ASP MA 204 -20.38 57.23 -46.24
C ASP MA 204 -20.09 56.15 -45.21
N ILE MA 205 -21.16 55.58 -44.67
CA ILE MA 205 -20.93 54.59 -43.60
C ILE MA 205 -20.14 53.45 -44.23
N MET MA 206 -20.50 53.13 -45.47
CA MET MA 206 -19.78 52.05 -46.17
C MET MA 206 -18.29 52.38 -46.13
N SER MA 207 -17.95 53.63 -46.38
CA SER MA 207 -16.54 54.03 -46.51
C SER MA 207 -15.95 53.95 -45.11
N ALA MA 208 -16.77 54.34 -44.14
CA ALA MA 208 -16.29 54.36 -42.75
C ALA MA 208 -15.93 52.94 -42.36
N VAL MA 209 -16.78 51.98 -42.71
CA VAL MA 209 -16.45 50.61 -42.24
C VAL MA 209 -15.14 50.21 -42.90
N LEU MA 210 -14.96 50.54 -44.18
CA LEU MA 210 -13.70 50.05 -44.78
C LEU MA 210 -12.55 50.64 -43.99
N ASN MA 211 -12.56 51.94 -43.79
CA ASN MA 211 -11.37 52.53 -43.13
C ASN MA 211 -11.30 51.94 -41.73
N LYS MA 212 -12.45 51.76 -41.11
CA LYS MA 212 -12.41 51.31 -39.70
C LYS MA 212 -11.71 49.96 -39.72
N ILE MA 213 -12.08 49.17 -40.70
CA ILE MA 213 -11.52 47.79 -40.70
C ILE MA 213 -10.02 47.94 -40.87
N SER MA 214 -9.58 48.81 -41.75
CA SER MA 214 -8.10 48.88 -41.86
C SER MA 214 -7.59 49.25 -40.49
N GLU MA 215 -8.20 50.30 -39.94
CA GLU MA 215 -7.62 50.91 -38.72
C GLU MA 215 -7.31 49.77 -37.77
N ASN MA 216 -8.30 48.95 -37.52
CA ASN MA 216 -7.94 47.75 -36.74
C ASN MA 216 -8.59 46.65 -37.52
N ARG MA 217 -7.77 45.85 -38.14
CA ARG MA 217 -8.40 44.69 -38.79
C ARG MA 217 -9.24 43.98 -37.72
N ALA MA 218 -10.53 43.73 -38.00
CA ALA MA 218 -11.43 43.00 -37.05
C ALA MA 218 -12.20 41.92 -37.80
N LYS MA 219 -12.09 40.65 -37.45
CA LYS MA 219 -12.97 39.68 -38.14
C LYS MA 219 -14.36 39.86 -37.55
N ILE MA 220 -14.41 40.47 -36.37
CA ILE MA 220 -15.71 40.61 -35.67
C ILE MA 220 -16.29 41.99 -36.00
N PHE MA 221 -17.53 42.00 -36.47
CA PHE MA 221 -18.23 43.28 -36.76
C PHE MA 221 -19.73 42.96 -36.79
N ILE MA 222 -20.60 43.92 -36.52
CA ILE MA 222 -22.04 43.61 -36.62
C ILE MA 222 -22.82 44.78 -37.20
N MET MA 223 -23.96 44.49 -37.79
CA MET MA 223 -24.84 45.59 -38.22
C MET MA 223 -25.92 45.66 -37.16
N ASP MA 224 -25.99 46.76 -36.42
CA ASP MA 224 -27.11 46.85 -35.47
C ASP MA 224 -28.13 47.85 -36.02
N ILE MA 225 -29.40 47.46 -36.04
CA ILE MA 225 -30.46 48.35 -36.61
C ILE MA 225 -31.59 48.39 -35.59
N SER MA 226 -31.25 48.16 -34.32
CA SER MA 226 -32.34 48.09 -33.32
C SER MA 226 -33.28 49.26 -33.54
N GLY MA 227 -34.58 48.98 -33.52
CA GLY MA 227 -35.53 50.09 -33.65
C GLY MA 227 -35.21 50.88 -34.88
N VAL MA 228 -35.07 50.23 -36.03
CA VAL MA 228 -34.67 51.03 -37.22
C VAL MA 228 -35.70 52.16 -37.31
N ALA MA 229 -35.22 53.39 -37.52
CA ALA MA 229 -36.14 54.55 -37.46
C ALA MA 229 -37.25 54.42 -38.50
N VAL MA 230 -36.90 54.09 -39.73
CA VAL MA 230 -37.95 53.85 -40.75
C VAL MA 230 -37.41 52.80 -41.69
N VAL MA 231 -38.25 51.85 -42.11
CA VAL MA 231 -37.82 50.78 -43.08
C VAL MA 231 -37.86 51.37 -44.49
N ASP MA 232 -36.88 52.20 -44.84
CA ASP MA 232 -36.83 52.83 -46.20
C ASP MA 232 -36.51 51.75 -47.25
N THR MA 233 -37.00 51.93 -48.48
CA THR MA 233 -36.78 50.93 -49.55
C THR MA 233 -35.29 50.81 -49.90
N ALA MA 234 -34.65 51.93 -50.26
CA ALA MA 234 -33.22 51.87 -50.68
C ALA MA 234 -32.37 51.49 -49.48
N VAL MA 235 -32.92 51.72 -48.30
CA VAL MA 235 -32.13 51.46 -47.07
C VAL MA 235 -31.82 49.96 -47.01
N ALA MA 236 -32.80 49.13 -47.35
CA ALA MA 236 -32.48 47.70 -47.38
C ALA MA 236 -31.27 47.62 -48.26
N ASN MA 237 -31.45 48.11 -49.48
CA ASN MA 237 -30.38 47.97 -50.48
C ASN MA 237 -29.06 48.16 -49.82
N HIS MA 238 -28.99 49.17 -48.98
CA HIS MA 238 -27.66 49.41 -48.42
C HIS MA 238 -27.23 48.14 -47.70
N PHE MA 239 -27.97 47.81 -46.62
CA PHE MA 239 -27.69 46.59 -45.81
C PHE MA 239 -27.73 45.34 -46.69
N ILE MA 240 -28.46 45.35 -47.80
CA ILE MA 240 -28.38 44.17 -48.69
C ILE MA 240 -26.93 44.13 -49.16
N LYS MA 241 -26.57 45.17 -49.88
CA LYS MA 241 -25.20 45.19 -50.44
C LYS MA 241 -24.24 45.20 -49.27
N ILE MA 242 -24.57 45.95 -48.23
CA ILE MA 242 -23.62 46.12 -47.10
C ILE MA 242 -23.38 44.79 -46.43
N THR MA 243 -24.44 44.04 -46.21
CA THR MA 243 -24.22 42.82 -45.44
C THR MA 243 -23.27 42.01 -46.29
N LYS MA 244 -23.58 41.97 -47.59
CA LYS MA 244 -22.72 41.07 -48.38
C LYS MA 244 -21.28 41.55 -48.27
N ALA MA 245 -21.07 42.84 -48.46
CA ALA MA 245 -19.68 43.31 -48.53
C ALA MA 245 -18.96 43.02 -47.24
N THR MA 246 -19.59 43.34 -46.13
CA THR MA 246 -18.86 43.20 -44.86
C THR MA 246 -18.48 41.76 -44.61
N LYS MA 247 -19.44 40.87 -44.79
CA LYS MA 247 -19.07 39.50 -44.40
C LYS MA 247 -17.96 39.04 -45.33
N LEU MA 248 -18.14 39.34 -46.60
CA LEU MA 248 -17.21 38.77 -47.59
C LEU MA 248 -15.84 39.44 -47.52
N MET MA 249 -15.74 40.54 -46.79
CA MET MA 249 -14.43 41.16 -46.55
C MET MA 249 -13.63 40.12 -45.78
N GLY MA 250 -14.33 39.15 -45.21
CA GLY MA 250 -13.65 38.22 -44.33
C GLY MA 250 -13.87 38.80 -42.97
N CYS MA 251 -14.63 39.89 -42.96
CA CYS MA 251 -14.98 40.52 -41.67
C CYS MA 251 -16.47 40.29 -41.43
N ASP MA 252 -16.82 39.31 -40.62
CA ASP MA 252 -18.25 38.94 -40.42
C ASP MA 252 -19.13 40.13 -40.06
N CYS MA 253 -20.43 40.10 -40.40
CA CYS MA 253 -21.35 41.18 -39.92
C CYS MA 253 -22.64 40.52 -39.43
N LEU MA 254 -23.21 40.99 -38.31
CA LEU MA 254 -24.40 40.30 -37.78
C LEU MA 254 -25.49 41.33 -37.49
N VAL MA 255 -26.76 40.94 -37.54
CA VAL MA 255 -27.83 41.89 -37.14
C VAL MA 255 -28.32 41.55 -35.74
N SER MA 256 -28.04 42.41 -34.77
CA SER MA 256 -28.37 42.09 -33.36
C SER MA 256 -29.69 42.71 -32.92
N GLY MA 257 -30.00 43.91 -33.40
CA GLY MA 257 -31.23 44.60 -32.95
C GLY MA 257 -31.98 45.10 -34.15
N VAL MA 258 -33.32 45.17 -34.08
CA VAL MA 258 -34.14 45.58 -35.25
C VAL MA 258 -35.61 45.63 -34.84
N SER MA 259 -36.47 46.18 -35.69
CA SER MA 259 -37.93 46.17 -35.40
C SER MA 259 -38.56 45.02 -36.19
N PRO MA 260 -39.73 44.49 -35.77
CA PRO MA 260 -40.41 43.41 -36.53
C PRO MA 260 -41.20 43.80 -37.79
N SER MA 261 -42.00 44.87 -37.71
CA SER MA 261 -42.73 45.32 -38.92
C SER MA 261 -41.68 45.82 -39.89
N ILE MA 262 -40.57 46.27 -39.34
CA ILE MA 262 -39.46 46.69 -40.23
C ILE MA 262 -39.13 45.43 -41.00
N ALA MA 263 -39.03 44.32 -40.26
CA ALA MA 263 -38.68 43.04 -40.91
C ALA MA 263 -39.79 42.63 -41.84
N ARG MA 264 -41.04 42.86 -41.44
CA ARG MA 264 -42.10 42.36 -42.32
C ARG MA 264 -41.98 43.11 -43.62
N THR MA 265 -41.79 44.40 -43.51
CA THR MA 265 -41.77 45.23 -44.73
C THR MA 265 -40.70 44.62 -45.62
N MET MA 266 -39.64 44.17 -44.97
CA MET MA 266 -38.53 43.56 -45.72
C MET MA 266 -39.00 42.26 -46.34
N VAL MA 267 -39.52 41.37 -45.53
CA VAL MA 267 -39.86 40.05 -46.11
C VAL MA 267 -40.88 40.29 -47.21
N GLN MA 268 -41.86 41.16 -46.93
CA GLN MA 268 -42.91 41.47 -47.92
C GLN MA 268 -42.23 41.93 -49.21
N LEU MA 269 -40.98 42.39 -49.14
CA LEU MA 269 -40.38 42.86 -50.40
C LEU MA 269 -40.13 41.62 -51.24
N GLY MA 270 -40.24 40.46 -50.59
CA GLY MA 270 -40.00 39.20 -51.30
C GLY MA 270 -38.52 38.93 -51.26
N ILE MA 271 -37.81 39.71 -50.44
CA ILE MA 271 -36.35 39.49 -50.28
C ILE MA 271 -36.10 37.99 -50.14
N ASN MA 272 -35.03 37.48 -50.75
CA ASN MA 272 -34.81 36.01 -50.73
C ASN MA 272 -33.34 35.68 -50.47
N VAL MA 273 -32.44 36.56 -50.87
CA VAL MA 273 -30.98 36.27 -50.80
C VAL MA 273 -30.47 36.08 -49.37
N GLY MA 274 -30.98 36.85 -48.41
CA GLY MA 274 -30.35 36.82 -47.07
C GLY MA 274 -30.21 35.44 -46.46
N GLU MA 275 -29.00 35.09 -46.05
CA GLU MA 275 -28.74 33.79 -45.35
C GLU MA 275 -27.52 34.02 -44.45
N VAL MA 276 -27.44 35.18 -43.78
CA VAL MA 276 -26.25 35.52 -42.96
C VAL MA 276 -26.54 35.23 -41.48
N ARG MA 277 -25.61 35.60 -40.60
CA ARG MA 277 -25.78 35.33 -39.15
C ARG MA 277 -26.41 36.56 -38.49
N THR MA 278 -27.30 36.34 -37.50
CA THR MA 278 -27.92 37.47 -36.74
C THR MA 278 -28.00 37.09 -35.26
N ASN MA 279 -28.58 37.95 -34.41
CA ASN MA 279 -28.61 37.69 -32.94
C ASN MA 279 -29.77 38.46 -32.28
N ALA MA 280 -30.07 38.16 -31.02
CA ALA MA 280 -31.15 38.87 -30.27
C ALA MA 280 -30.54 40.02 -29.44
N THR MA 281 -30.67 41.26 -29.91
CA THR MA 281 -30.17 42.45 -29.17
C THR MA 281 -28.65 42.38 -29.02
N LEU MA 282 -28.05 43.38 -28.39
CA LEU MA 282 -26.59 43.32 -28.15
C LEU MA 282 -26.32 42.24 -27.09
N ARG MA 283 -27.34 41.48 -26.69
CA ARG MA 283 -27.09 40.53 -25.60
C ARG MA 283 -26.61 39.23 -26.22
N ASP MA 284 -27.49 38.62 -27.02
CA ASP MA 284 -27.12 37.35 -27.71
C ASP MA 284 -26.00 37.64 -28.71
N ALA MA 285 -25.81 38.89 -29.15
CA ALA MA 285 -24.73 39.08 -30.12
C ALA MA 285 -23.39 38.88 -29.40
N LEU MA 286 -23.24 39.48 -28.24
CA LEU MA 286 -21.98 39.40 -27.49
C LEU MA 286 -21.82 37.97 -27.04
N GLU MA 287 -22.94 37.36 -26.64
CA GLU MA 287 -22.74 36.00 -26.11
C GLU MA 287 -22.06 35.21 -27.22
N ASN MA 288 -22.60 35.34 -28.42
CA ASN MA 288 -22.01 34.60 -29.55
C ASN MA 288 -20.59 35.09 -29.72
N ALA MA 289 -20.40 36.40 -29.59
CA ALA MA 289 -19.04 36.84 -29.92
C ALA MA 289 -18.09 36.24 -28.90
N PHE MA 290 -18.45 36.29 -27.62
CA PHE MA 290 -17.54 35.81 -26.56
C PHE MA 290 -17.37 34.32 -26.74
N LYS MA 291 -18.16 33.75 -27.66
CA LYS MA 291 -18.06 32.30 -27.95
C LYS MA 291 -17.19 32.09 -29.19
N ILE MA 292 -17.35 33.04 -30.11
CA ILE MA 292 -16.42 33.09 -31.27
C ILE MA 292 -15.16 33.60 -30.57
N VAL MA 293 -15.31 33.97 -29.30
CA VAL MA 293 -14.14 34.47 -28.49
C VAL MA 293 -13.94 33.53 -27.30
N GLU NA 169 -36.23 66.66 -37.20
CA GLU NA 169 -35.88 65.26 -37.31
C GLU NA 169 -34.49 65.01 -36.71
N GLN NA 170 -33.54 65.91 -36.97
CA GLN NA 170 -32.20 65.77 -36.44
C GLN NA 170 -32.21 65.79 -34.92
N SER NA 171 -33.12 66.54 -34.31
CA SER NA 171 -33.21 66.47 -32.84
C SER NA 171 -33.54 65.00 -32.51
N GLU NA 172 -34.67 64.57 -33.04
CA GLU NA 172 -35.13 63.22 -32.66
C GLU NA 172 -34.04 62.24 -33.07
N ALA NA 173 -33.30 62.59 -34.12
CA ALA NA 173 -32.16 61.74 -34.52
C ALA NA 173 -31.15 61.77 -33.40
N LEU NA 174 -30.97 62.92 -32.75
CA LEU NA 174 -30.03 63.03 -31.61
C LEU NA 174 -30.52 62.17 -30.45
N LEU NA 175 -31.82 62.30 -30.21
CA LEU NA 175 -32.44 61.56 -29.09
C LEU NA 175 -32.28 60.08 -29.41
N ALA NA 176 -32.27 59.79 -30.71
CA ALA NA 176 -32.12 58.39 -31.13
C ALA NA 176 -30.76 57.92 -30.61
N MET NA 177 -29.77 58.79 -30.65
CA MET NA 177 -28.38 58.40 -30.27
C MET NA 177 -28.15 58.01 -28.81
N SER NA 178 -28.68 58.74 -27.83
CA SER NA 178 -28.30 58.50 -26.41
C SER NA 178 -28.72 57.15 -25.82
N THR NA 179 -29.93 56.68 -26.11
CA THR NA 179 -30.42 55.43 -25.46
C THR NA 179 -29.55 54.21 -25.81
N PRO NA 180 -29.12 54.01 -27.08
CA PRO NA 180 -28.21 52.92 -27.41
C PRO NA 180 -26.87 53.11 -26.70
N VAL NA 181 -26.39 54.35 -26.68
CA VAL NA 181 -25.06 54.60 -26.06
C VAL NA 181 -25.20 54.35 -24.57
N THR NA 182 -26.43 54.15 -24.09
CA THR NA 182 -26.56 53.70 -22.67
C THR NA 182 -26.61 52.17 -22.53
N MET NA 183 -27.40 51.47 -23.35
CA MET NA 183 -27.63 50.01 -23.13
C MET NA 183 -26.44 49.13 -23.48
N ILE NA 184 -26.19 48.06 -22.68
CA ILE NA 184 -25.14 47.06 -23.04
C ILE NA 184 -25.47 45.68 -22.47
N TRP NA 185 -25.01 44.63 -23.14
CA TRP NA 185 -25.23 43.24 -22.69
C TRP NA 185 -24.88 43.10 -21.21
N GLN NA 186 -25.47 42.11 -20.55
CA GLN NA 186 -25.09 41.84 -19.14
C GLN NA 186 -25.40 43.05 -18.25
N ASP NA 187 -26.41 43.86 -18.59
CA ASP NA 187 -26.84 44.95 -17.67
C ASP NA 187 -25.75 46.00 -17.49
N ILE NA 188 -24.63 45.86 -18.18
CA ILE NA 188 -23.63 46.95 -18.05
C ILE NA 188 -24.24 48.16 -18.74
N LEU NA 189 -23.95 49.37 -18.28
CA LEU NA 189 -24.47 50.59 -18.96
C LEU NA 189 -23.31 51.57 -19.19
N MET NA 190 -23.50 52.52 -20.09
CA MET NA 190 -22.46 53.55 -20.38
C MET NA 190 -23.16 54.71 -21.06
N LEU NA 191 -22.44 55.76 -21.48
CA LEU NA 191 -23.15 56.82 -22.24
C LEU NA 191 -22.23 57.64 -23.14
N PRO NA 192 -21.68 57.14 -24.28
CA PRO NA 192 -20.92 58.02 -25.18
C PRO NA 192 -21.80 59.12 -25.78
N ILE NA 193 -21.25 60.32 -25.99
CA ILE NA 193 -22.02 61.46 -26.59
C ILE NA 193 -21.09 62.50 -27.25
N VAL NA 194 -21.66 63.41 -28.06
CA VAL NA 194 -20.88 64.49 -28.74
C VAL NA 194 -20.57 65.59 -27.72
N GLY NA 195 -19.36 66.15 -27.78
CA GLY NA 195 -18.95 67.14 -26.76
C GLY NA 195 -19.60 68.50 -26.90
N ILE NA 196 -19.66 69.07 -28.10
CA ILE NA 196 -20.37 70.38 -28.15
C ILE NA 196 -21.84 70.04 -28.32
N ILE NA 197 -22.59 70.21 -27.24
CA ILE NA 197 -24.00 69.78 -27.32
C ILE NA 197 -24.85 70.83 -26.62
N ASP NA 198 -26.17 70.83 -26.82
CA ASP NA 198 -27.08 71.76 -26.07
C ASP NA 198 -27.20 71.37 -24.58
N SER NA 199 -27.22 72.38 -23.70
CA SER NA 199 -27.38 72.15 -22.24
C SER NA 199 -28.76 71.56 -21.92
N LYS NA 200 -29.78 72.08 -22.60
CA LYS NA 200 -31.15 71.57 -22.37
C LYS NA 200 -31.17 70.11 -22.83
N ARG NA 201 -30.46 69.82 -23.91
CA ARG NA 201 -30.38 68.44 -24.44
C ARG NA 201 -29.69 67.56 -23.41
N ALA NA 202 -28.69 68.12 -22.73
CA ALA NA 202 -27.99 67.38 -21.67
C ALA NA 202 -28.95 67.10 -20.52
N GLN NA 203 -29.81 68.06 -20.21
CA GLN NA 203 -30.83 67.81 -19.17
C GLN NA 203 -31.73 66.69 -19.68
N ASP NA 204 -31.92 66.68 -20.98
CA ASP NA 204 -32.76 65.60 -21.55
C ASP NA 204 -32.03 64.32 -21.24
N ILE NA 205 -30.72 64.34 -21.47
CA ILE NA 205 -29.98 63.07 -21.29
C ILE NA 205 -30.12 62.73 -19.80
N MET NA 206 -30.05 63.75 -18.97
CA MET NA 206 -30.20 63.51 -17.51
C MET NA 206 -31.49 62.74 -17.30
N SER NA 207 -32.55 63.14 -17.97
CA SER NA 207 -33.88 62.55 -17.74
C SER NA 207 -33.82 61.14 -18.28
N ALA NA 208 -33.13 61.01 -19.40
CA ALA NA 208 -33.04 59.70 -20.07
C ALA NA 208 -32.37 58.73 -19.11
N VAL NA 209 -31.30 59.17 -18.47
CA VAL NA 209 -30.59 58.19 -17.62
C VAL NA 209 -31.56 57.81 -16.50
N LEU NA 210 -32.29 58.76 -15.95
CA LEU NA 210 -33.15 58.32 -14.82
C LEU NA 210 -34.11 57.26 -15.33
N ASN NA 211 -34.77 57.55 -16.43
CA ASN NA 211 -35.79 56.57 -16.85
C ASN NA 211 -35.07 55.28 -17.20
N LYS NA 212 -33.90 55.41 -17.80
CA LYS NA 212 -33.22 54.18 -18.27
C LYS NA 212 -32.96 53.36 -17.02
N ILE NA 213 -32.54 54.04 -15.98
CA ILE NA 213 -32.17 53.28 -14.77
C ILE NA 213 -33.43 52.59 -14.29
N SER NA 214 -34.56 53.28 -14.29
CA SER NA 214 -35.73 52.54 -13.79
C SER NA 214 -35.89 51.34 -14.69
N GLU NA 215 -35.86 51.62 -15.99
CA GLU NA 215 -36.25 50.57 -16.95
C GLU NA 215 -35.53 49.31 -16.55
N ASN NA 216 -34.23 49.41 -16.41
CA ASN NA 216 -33.57 48.23 -15.85
C ASN NA 216 -32.69 48.83 -14.79
N ARG NA 217 -33.04 48.56 -13.56
CA ARG NA 217 -32.10 49.03 -12.53
C ARG NA 217 -30.72 48.49 -12.89
N ALA NA 218 -29.69 49.35 -12.98
CA ALA NA 218 -28.29 48.92 -13.26
C ALA NA 218 -27.32 49.58 -12.28
N LYS NA 219 -26.57 48.82 -11.49
CA LYS NA 219 -25.57 49.53 -10.66
C LYS NA 219 -24.44 49.95 -11.60
N ILE NA 220 -24.37 49.29 -12.75
CA ILE NA 220 -23.26 49.56 -13.69
C ILE NA 220 -23.71 50.58 -14.71
N PHE NA 221 -22.95 51.66 -14.86
CA PHE NA 221 -23.26 52.68 -15.89
C PHE NA 221 -21.96 53.47 -16.12
N ILE NA 222 -21.78 54.07 -17.28
CA ILE NA 222 -20.54 54.89 -17.46
C ILE NA 222 -20.83 56.14 -18.27
N MET NA 223 -19.99 57.15 -18.08
CA MET NA 223 -20.11 58.33 -18.94
C MET NA 223 -19.00 58.18 -19.96
N ASP NA 224 -19.35 58.03 -21.24
CA ASP NA 224 -18.25 57.98 -22.22
C ASP NA 224 -18.24 59.31 -22.99
N ILE NA 225 -17.07 59.93 -23.10
CA ILE NA 225 -16.97 61.25 -23.79
C ILE NA 225 -15.83 61.14 -24.78
N SER NA 226 -15.54 59.93 -25.22
CA SER NA 226 -14.37 59.77 -26.11
C SER NA 226 -14.40 60.86 -27.17
N GLY NA 227 -13.26 61.49 -27.39
CA GLY NA 227 -13.23 62.49 -28.46
C GLY NA 227 -14.33 63.51 -28.24
N VAL NA 228 -14.41 64.08 -27.05
CA VAL NA 228 -15.57 65.00 -26.82
C VAL NA 228 -15.48 66.02 -27.95
N ALA NA 229 -16.61 66.32 -28.59
CA ALA NA 229 -16.56 67.18 -29.80
C ALA NA 229 -16.00 68.55 -29.47
N VAL NA 230 -16.46 69.17 -28.39
CA VAL NA 230 -15.87 70.46 -27.98
C VAL NA 230 -15.97 70.51 -26.46
N VAL NA 231 -14.91 70.99 -25.79
CA VAL NA 231 -14.94 71.12 -24.30
C VAL NA 231 -15.70 72.40 -23.93
N ASP NA 232 -17.03 72.37 -24.03
CA ASP NA 232 -17.87 73.57 -23.69
C ASP NA 232 -17.82 73.82 -22.19
N THR NA 233 -17.95 75.09 -21.77
CA THR NA 233 -17.88 75.44 -20.33
C THR NA 233 -19.04 74.80 -19.55
N ALA NA 234 -20.29 75.06 -19.96
CA ALA NA 234 -21.46 74.56 -19.21
C ALA NA 234 -21.50 73.04 -19.33
N VAL NA 235 -20.83 72.55 -20.37
CA VAL NA 235 -20.88 71.09 -20.61
C VAL NA 235 -20.22 70.38 -19.43
N ALA NA 236 -19.13 70.91 -18.94
CA ALA NA 236 -18.54 70.28 -17.74
C ALA NA 236 -19.69 70.23 -16.79
N ASN NA 237 -20.22 71.40 -16.50
CA ASN NA 237 -21.27 71.49 -15.47
C ASN NA 237 -22.15 70.30 -15.56
N HIS NA 238 -22.53 69.96 -16.77
CA HIS NA 238 -23.48 68.86 -16.84
C HIS NA 238 -22.82 67.65 -16.17
N PHE NA 239 -21.74 67.16 -16.78
CA PHE NA 239 -20.99 66.00 -16.25
C PHE NA 239 -20.52 66.27 -14.82
N ILE NA 240 -20.33 67.53 -14.42
CA ILE NA 240 -20.00 67.76 -13.01
C ILE NA 240 -21.20 67.27 -12.23
N LYS NA 241 -22.32 67.95 -12.48
CA LYS NA 241 -23.53 67.59 -11.72
C LYS NA 241 -23.88 66.15 -12.08
N ILE NA 242 -23.73 65.80 -13.35
CA ILE NA 242 -24.18 64.48 -13.82
C ILE NA 242 -23.37 63.40 -13.14
N THR NA 243 -22.08 63.60 -13.05
CA THR NA 243 -21.28 62.49 -12.50
C THR NA 243 -21.81 62.32 -11.09
N LYS NA 244 -21.97 63.46 -10.43
CA LYS NA 244 -22.35 63.28 -9.01
C LYS NA 244 -23.67 62.51 -8.95
N ALA NA 245 -24.63 62.97 -9.74
CA ALA NA 245 -25.97 62.38 -9.60
C ALA NA 245 -25.94 60.89 -9.88
N THR NA 246 -25.29 60.52 -10.96
CA THR NA 246 -25.35 59.11 -11.35
C THR NA 246 -24.72 58.24 -10.30
N LYS NA 247 -23.54 58.63 -9.85
CA LYS NA 247 -22.90 57.67 -8.92
C LYS NA 247 -23.76 57.58 -7.69
N LEU NA 248 -24.21 58.74 -7.23
CA LEU NA 248 -24.90 58.76 -5.92
C LEU NA 248 -26.29 58.14 -6.01
N MET NA 249 -26.76 57.90 -7.22
CA MET NA 249 -28.03 57.16 -7.40
C MET NA 249 -27.79 55.80 -6.80
N GLY NA 250 -26.52 55.45 -6.64
CA GLY NA 250 -26.20 54.09 -6.22
C GLY NA 250 -25.92 53.38 -7.51
N CYS NA 251 -25.99 54.18 -8.58
CA CYS NA 251 -25.68 53.61 -9.91
C CYS NA 251 -24.36 54.21 -10.37
N ASP NA 252 -23.27 53.48 -10.22
CA ASP NA 252 -21.91 54.02 -10.53
C ASP NA 252 -21.83 54.66 -11.92
N CYS NA 253 -20.94 55.64 -12.13
CA CYS NA 253 -20.72 56.17 -13.52
C CYS NA 253 -19.21 56.32 -13.73
N LEU NA 254 -18.70 55.96 -14.91
CA LEU NA 254 -17.24 56.02 -15.11
C LEU NA 254 -16.92 56.76 -16.39
N VAL NA 255 -15.76 57.41 -16.49
CA VAL NA 255 -15.37 58.03 -17.79
C VAL NA 255 -14.37 57.13 -18.50
N SER NA 256 -14.76 56.53 -19.61
CA SER NA 256 -13.87 55.56 -20.29
C SER NA 256 -13.10 56.20 -21.44
N GLY NA 257 -13.73 57.12 -22.17
CA GLY NA 257 -13.06 57.72 -23.34
C GLY NA 257 -13.17 59.21 -23.28
N VAL NA 258 -12.18 59.95 -23.81
CA VAL NA 258 -12.17 61.44 -23.72
C VAL NA 258 -10.97 61.99 -24.47
N SER NA 259 -10.92 63.30 -24.68
CA SER NA 259 -9.72 63.91 -25.31
C SER NA 259 -8.83 64.50 -24.20
N PRO NA 260 -7.51 64.68 -24.44
CA PRO NA 260 -6.64 65.28 -23.43
C PRO NA 260 -6.67 66.80 -23.25
N SER NA 261 -6.65 67.55 -24.34
CA SER NA 261 -6.77 69.03 -24.23
C SER NA 261 -8.14 69.32 -23.70
N ILE NA 262 -9.07 68.42 -23.98
CA ILE NA 262 -10.42 68.59 -23.42
C ILE NA 262 -10.19 68.57 -21.92
N ALA NA 263 -9.39 67.59 -21.49
CA ALA NA 263 -9.12 67.46 -20.05
C ALA NA 263 -8.34 68.67 -19.57
N ARG NA 264 -7.42 69.15 -20.38
CA ARG NA 264 -6.60 70.26 -19.85
C ARG NA 264 -7.55 71.42 -19.62
N THR NA 265 -8.42 71.64 -20.59
CA THR NA 265 -9.29 72.82 -20.49
C THR NA 265 -10.02 72.67 -19.18
N MET NA 266 -10.36 71.43 -18.86
CA MET NA 266 -11.08 71.15 -17.61
C MET NA 266 -10.18 71.47 -16.43
N VAL NA 267 -9.00 70.87 -16.40
CA VAL NA 267 -8.18 71.06 -15.19
C VAL NA 267 -7.89 72.55 -15.08
N GLN NA 268 -7.58 73.18 -16.21
CA GLN NA 268 -7.29 74.64 -16.23
C GLN NA 268 -8.48 75.36 -15.59
N LEU NA 269 -9.66 74.74 -15.57
CA LEU NA 269 -10.80 75.50 -14.99
C LEU NA 269 -10.53 75.58 -13.50
N GLY NA 270 -9.57 74.78 -13.04
CA GLY NA 270 -9.24 74.76 -11.61
C GLY NA 270 -10.18 73.80 -10.96
N ILE NA 271 -10.91 73.03 -11.77
CA ILE NA 271 -11.83 71.99 -11.22
C ILE NA 271 -11.09 71.25 -10.09
N ASN NA 272 -11.79 70.94 -9.01
CA ASN NA 272 -11.11 70.31 -7.84
C ASN NA 272 -11.93 69.17 -7.27
N VAL NA 273 -13.24 69.24 -7.40
CA VAL NA 273 -14.14 68.25 -6.73
C VAL NA 273 -13.97 66.83 -7.26
N GLY NA 274 -13.71 66.64 -8.55
CA GLY NA 274 -13.75 65.27 -9.09
C GLY NA 274 -12.86 64.28 -8.38
N GLU NA 275 -13.43 63.16 -7.94
CA GLU NA 275 -12.65 62.07 -7.30
C GLU NA 275 -13.41 60.77 -7.58
N VAL NA 276 -13.92 60.60 -8.82
CA VAL NA 276 -14.75 59.40 -9.15
C VAL NA 276 -13.89 58.37 -9.87
N ARG NA 277 -14.51 57.30 -10.35
CA ARG NA 277 -13.77 56.22 -11.05
C ARG NA 277 -13.80 56.48 -12.56
N THR NA 278 -12.69 56.18 -13.26
CA THR NA 278 -12.63 56.33 -14.74
C THR NA 278 -11.87 55.13 -15.34
N ASN NA 279 -11.66 55.12 -16.66
CA ASN NA 279 -11.01 53.95 -17.33
C ASN NA 279 -10.38 54.37 -18.67
N ALA NA 280 -9.57 53.49 -19.27
CA ALA NA 280 -8.95 53.78 -20.59
C ALA NA 280 -9.80 53.20 -21.72
N THR NA 281 -10.57 54.02 -22.42
CA THR NA 281 -11.39 53.57 -23.58
C THR NA 281 -12.44 52.56 -23.10
N LEU NA 282 -13.26 52.07 -24.02
CA LEU NA 282 -14.25 51.03 -23.64
C LEU NA 282 -13.50 49.74 -23.35
N ARG NA 283 -12.15 49.77 -23.35
CA ARG NA 283 -11.43 48.49 -23.19
C ARG NA 283 -11.25 48.26 -21.70
N ASP NA 284 -10.50 49.16 -21.07
CA ASP NA 284 -10.26 49.05 -19.61
C ASP NA 284 -11.58 49.26 -18.86
N ALA NA 285 -12.60 49.88 -19.49
CA ALA NA 285 -13.84 50.06 -18.72
C ALA NA 285 -14.48 48.69 -18.54
N LEU NA 286 -14.57 47.92 -19.62
CA LEU NA 286 -15.23 46.60 -19.57
C LEU NA 286 -14.37 45.71 -18.71
N GLU NA 287 -13.06 45.86 -18.84
CA GLU NA 287 -12.25 44.90 -18.07
C GLU NA 287 -12.66 45.09 -16.62
N ASN NA 288 -12.72 46.33 -16.20
CA ASN NA 288 -13.09 46.60 -14.80
C ASN NA 288 -14.50 46.08 -14.61
N ALA NA 289 -15.36 46.30 -15.59
CA ALA NA 289 -16.73 45.91 -15.27
C ALA NA 289 -16.77 44.40 -15.11
N PHE NA 290 -16.12 43.67 -16.00
CA PHE NA 290 -16.19 42.20 -15.96
C PHE NA 290 -15.50 41.74 -14.69
N LYS NA 291 -14.88 42.69 -13.99
CA LYS NA 291 -14.20 42.39 -12.70
C LYS NA 291 -15.13 42.75 -11.54
N ILE NA 292 -15.87 43.84 -11.78
CA ILE NA 292 -16.95 44.19 -10.85
C ILE NA 292 -17.98 43.12 -11.21
N VAL NA 293 -17.67 42.36 -12.27
CA VAL NA 293 -18.58 41.26 -12.72
C VAL NA 293 -17.80 39.94 -12.64
N GLU OA 169 -8.42 -43.98 71.00
CA GLU OA 169 -7.53 -43.19 70.15
C GLU OA 169 -7.80 -43.50 68.67
N GLN OA 170 -8.00 -44.78 68.36
CA GLN OA 170 -8.27 -45.18 66.98
C GLN OA 170 -9.55 -44.53 66.47
N SER OA 171 -10.53 -44.33 67.33
CA SER OA 171 -11.72 -43.60 66.86
C SER OA 171 -11.21 -42.22 66.40
N GLU OA 172 -10.62 -41.51 67.35
CA GLU OA 172 -10.23 -40.12 67.03
C GLU OA 172 -9.26 -40.20 65.86
N ALA OA 173 -8.53 -41.29 65.75
CA ALA OA 173 -7.64 -41.47 64.59
C ALA OA 173 -8.52 -41.56 63.35
N LEU OA 174 -9.68 -42.21 63.46
CA LEU OA 174 -10.63 -42.32 62.32
C LEU OA 174 -11.15 -40.93 61.96
N LEU OA 175 -11.52 -40.21 63.02
CA LEU OA 175 -12.09 -38.85 62.83
C LEU OA 175 -11.00 -38.03 62.18
N ALA OA 176 -9.76 -38.37 62.52
CA ALA OA 176 -8.63 -37.62 61.94
C ALA OA 176 -8.70 -37.79 60.43
N MET OA 177 -9.08 -38.99 59.98
CA MET OA 177 -9.07 -39.29 58.52
C MET OA 177 -10.06 -38.51 57.64
N SER OA 178 -11.32 -38.34 58.05
CA SER OA 178 -12.34 -37.76 57.14
C SER OA 178 -12.12 -36.30 56.72
N THR OA 179 -11.70 -35.42 57.63
CA THR OA 179 -11.60 -33.98 57.27
C THR OA 179 -10.57 -33.74 56.17
N PRO OA 180 -9.38 -34.36 56.18
CA PRO OA 180 -8.44 -34.20 55.07
C PRO OA 180 -9.03 -34.76 53.78
N VAL OA 181 -9.70 -35.91 53.88
CA VAL OA 181 -10.25 -36.55 52.65
C VAL OA 181 -11.37 -35.65 52.15
N THR OA 182 -11.75 -34.63 52.92
CA THR OA 182 -12.69 -33.64 52.35
C THR OA 182 -11.98 -32.44 51.70
N MET OA 183 -10.96 -31.86 52.35
CA MET OA 183 -10.35 -30.59 51.85
C MET OA 183 -9.50 -30.74 50.60
N ILE OA 184 -9.55 -29.76 49.68
CA ILE OA 184 -8.63 -29.77 48.50
C ILE OA 184 -8.37 -28.34 48.00
N TRP OA 185 -7.20 -28.13 47.40
CA TRP OA 185 -6.83 -26.81 46.84
C TRP OA 185 -7.96 -26.27 45.97
N GLN OA 186 -8.01 -24.95 45.81
CA GLN OA 186 -9.01 -24.35 44.89
C GLN OA 186 -10.43 -24.68 45.35
N ASP OA 187 -10.67 -24.87 46.65
CA ASP OA 187 -12.07 -25.02 47.15
C ASP OA 187 -12.71 -26.29 46.61
N ILE OA 188 -11.98 -27.10 45.85
CA ILE OA 188 -12.62 -28.37 45.43
C ILE OA 188 -12.75 -29.22 46.70
N LEU OA 189 -13.78 -30.05 46.79
CA LEU OA 189 -13.92 -30.94 47.98
C LEU OA 189 -14.18 -32.36 47.51
N MET OA 190 -13.95 -33.34 48.39
CA MET OA 190 -14.20 -34.77 48.05
C MET OA 190 -14.34 -35.52 49.36
N LEU OA 191 -14.51 -36.85 49.35
CA LEU OA 191 -14.50 -37.55 50.66
C LEU OA 191 -14.14 -39.04 50.54
N PRO OA 192 -12.87 -39.45 50.28
CA PRO OA 192 -12.55 -40.88 50.33
C PRO OA 192 -12.72 -41.46 51.75
N ILE OA 193 -13.16 -42.73 51.86
CA ILE OA 193 -13.34 -43.39 53.20
C ILE OA 193 -13.30 -44.91 53.09
N VAL OA 194 -13.18 -45.61 54.23
CA VAL OA 194 -13.13 -47.10 54.27
C VAL OA 194 -14.57 -47.64 54.12
N GLY OA 195 -14.75 -48.73 53.37
CA GLY OA 195 -16.10 -49.22 53.07
C GLY OA 195 -16.78 -49.91 54.24
N ILE OA 196 -16.10 -50.81 54.95
CA ILE OA 196 -16.83 -51.39 56.12
C ILE OA 196 -16.60 -50.41 57.25
N ILE OA 197 -17.65 -49.67 57.57
CA ILE OA 197 -17.45 -48.62 58.61
C ILE OA 197 -18.68 -48.62 59.51
N ASP OA 198 -18.61 -48.00 60.69
CA ASP OA 198 -19.82 -47.85 61.57
C ASP OA 198 -20.85 -46.87 61.00
N SER OA 199 -22.13 -47.21 61.12
CA SER OA 199 -23.24 -46.33 60.64
C SER OA 199 -23.28 -45.02 61.43
N LYS OA 200 -23.08 -45.12 62.74
CA LYS OA 200 -23.09 -43.92 63.59
C LYS OA 200 -21.92 -43.05 63.16
N ARG OA 201 -20.80 -43.69 62.83
CA ARG OA 201 -19.59 -42.95 62.37
C ARG OA 201 -19.92 -42.26 61.05
N ALA OA 202 -20.70 -42.92 60.22
CA ALA OA 202 -21.14 -42.31 58.95
C ALA OA 202 -22.01 -41.09 59.23
N GLN OA 203 -22.86 -41.18 60.24
CA GLN OA 203 -23.66 -40.00 60.63
C GLN OA 203 -22.68 -38.92 61.08
N ASP OA 204 -21.61 -39.37 61.71
CA ASP OA 204 -20.61 -38.39 62.14
C ASP OA 204 -20.12 -37.72 60.88
N ILE OA 205 -19.83 -38.54 59.89
CA ILE OA 205 -19.24 -37.95 58.66
C ILE OA 205 -20.29 -37.00 58.11
N MET OA 206 -21.55 -37.40 58.20
CA MET OA 206 -22.64 -36.54 57.71
C MET OA 206 -22.48 -35.19 58.38
N SER OA 207 -22.22 -35.19 59.67
CA SER OA 207 -22.20 -33.94 60.47
C SER OA 207 -20.97 -33.19 60.01
N ALA OA 208 -19.91 -33.95 59.76
CA ALA OA 208 -18.63 -33.33 59.38
C ALA OA 208 -18.84 -32.59 58.08
N VAL OA 209 -19.53 -33.21 57.13
CA VAL OA 209 -19.66 -32.52 55.84
C VAL OA 209 -20.45 -31.25 56.09
N LEU OA 210 -21.49 -31.30 56.91
CA LEU OA 210 -22.25 -30.05 57.05
C LEU OA 210 -21.31 -28.96 57.58
N ASN OA 211 -20.60 -29.28 58.65
CA ASN OA 211 -19.79 -28.19 59.23
C ASN OA 211 -18.73 -27.82 58.21
N LYS OA 212 -18.22 -28.80 57.49
CA LYS OA 212 -17.11 -28.48 56.57
C LYS OA 212 -17.67 -27.50 55.57
N ILE OA 213 -18.90 -27.77 55.14
CA ILE OA 213 -19.45 -26.90 54.09
C ILE OA 213 -19.55 -25.51 54.68
N SER OA 214 -20.03 -25.40 55.91
CA SER OA 214 -20.12 -24.02 56.41
C SER OA 214 -18.73 -23.45 56.36
N GLU OA 215 -17.79 -24.22 56.91
CA GLU OA 215 -16.45 -23.66 57.12
C GLU OA 215 -16.03 -22.97 55.85
N ASN OA 216 -16.11 -23.69 54.76
CA ASN OA 216 -15.89 -22.95 53.51
C ASN OA 216 -17.03 -23.42 52.66
N ARG OA 217 -17.93 -22.51 52.40
CA ARG OA 217 -18.98 -22.91 51.45
C ARG OA 217 -18.27 -23.43 50.19
N ALA OA 218 -18.60 -24.64 49.73
CA ALA OA 218 -18.02 -25.21 48.49
C ALA OA 218 -19.13 -25.79 47.60
N LYS OA 219 -19.31 -25.33 46.37
CA LYS OA 219 -20.33 -26.02 45.54
C LYS OA 219 -19.69 -27.33 45.11
N ILE OA 220 -18.37 -27.38 45.18
CA ILE OA 220 -17.65 -28.59 44.70
C ILE OA 220 -17.39 -29.52 45.87
N PHE OA 221 -17.80 -30.77 45.73
CA PHE OA 221 -17.54 -31.79 46.77
C PHE OA 221 -17.68 -33.15 46.10
N ILE OA 222 -17.02 -34.19 46.62
CA ILE OA 222 -17.23 -35.52 45.99
C ILE OA 222 -17.27 -36.62 47.04
N MET OA 223 -17.92 -37.72 46.69
CA MET OA 223 -17.86 -38.89 47.60
C MET OA 223 -16.84 -39.82 46.96
N ASP OA 224 -15.72 -40.06 47.63
CA ASP OA 224 -14.79 -41.04 47.04
C ASP OA 224 -14.89 -42.34 47.86
N ILE OA 225 -15.04 -43.47 47.18
CA ILE OA 225 -15.19 -44.77 47.90
C ILE OA 225 -14.22 -45.74 47.24
N SER OA 226 -13.16 -45.21 46.65
CA SER OA 226 -12.25 -46.12 45.91
C SER OA 226 -11.97 -47.34 46.78
N GLY OA 227 -12.05 -48.52 46.17
CA GLY OA 227 -11.71 -49.71 46.94
C GLY OA 227 -12.52 -49.75 48.20
N VAL OA 228 -13.85 -49.60 48.09
CA VAL OA 228 -14.62 -49.55 49.37
C VAL OA 228 -14.24 -50.81 50.12
N ALA OA 229 -13.95 -50.69 51.41
CA ALA OA 229 -13.41 -51.85 52.16
C ALA OA 229 -14.40 -53.01 52.16
N VAL OA 230 -15.67 -52.74 52.43
CA VAL OA 230 -16.68 -53.82 52.32
C VAL OA 230 -17.98 -53.15 51.90
N VAL OA 231 -18.72 -53.79 50.98
CA VAL OA 231 -20.04 -53.23 50.54
C VAL OA 231 -21.10 -53.58 51.58
N ASP OA 232 -21.11 -52.88 52.72
CA ASP OA 232 -22.10 -53.14 53.79
C ASP OA 232 -23.49 -52.71 53.33
N THR OA 233 -24.54 -53.36 53.84
CA THR OA 233 -25.94 -53.04 53.41
C THR OA 233 -26.31 -51.63 53.84
N ALA OA 234 -26.21 -51.31 55.14
CA ALA OA 234 -26.64 -49.99 55.64
C ALA OA 234 -25.71 -48.92 55.07
N VAL OA 235 -24.53 -49.37 54.68
CA VAL OA 235 -23.52 -48.40 54.19
C VAL OA 235 -24.07 -47.73 52.93
N ALA OA 236 -24.70 -48.52 52.05
CA ALA OA 236 -25.30 -47.86 50.89
C ALA OA 236 -26.16 -46.78 51.48
N ASN OA 237 -27.07 -47.22 52.33
CA ASN OA 237 -28.05 -46.28 52.88
C ASN OA 237 -27.39 -44.98 53.15
N HIS OA 238 -26.23 -45.05 53.75
CA HIS OA 238 -25.64 -43.76 54.10
C HIS OA 238 -25.49 -42.95 52.81
N PHE OA 239 -24.62 -43.45 51.91
CA PHE OA 239 -24.37 -42.79 50.61
C PHE OA 239 -25.67 -42.63 49.82
N ILE OA 240 -26.68 -43.48 50.06
CA ILE OA 240 -27.97 -43.23 49.38
C ILE OA 240 -28.44 -41.87 49.91
N LYS OA 241 -28.68 -41.87 51.20
CA LYS OA 241 -29.21 -40.62 51.81
C LYS OA 241 -28.14 -39.55 51.63
N ILE OA 242 -26.89 -39.93 51.79
CA ILE OA 242 -25.80 -38.92 51.79
C ILE OA 242 -25.71 -38.29 50.42
N THR OA 243 -25.80 -39.10 49.38
CA THR OA 243 -25.60 -38.49 48.06
C THR OA 243 -26.72 -37.49 47.93
N LYS OA 244 -27.91 -37.93 48.31
CA LYS OA 244 -29.01 -36.99 48.05
C LYS OA 244 -28.73 -35.70 48.81
N ALA OA 245 -28.40 -35.84 50.09
CA ALA OA 245 -28.29 -34.62 50.91
C ALA OA 245 -27.24 -33.70 50.35
N THR OA 246 -26.09 -34.25 50.04
CA THR OA 246 -24.99 -33.35 49.64
C THR OA 246 -25.35 -32.61 48.36
N LYS OA 247 -25.84 -33.34 47.39
CA LYS OA 247 -26.04 -32.60 46.12
C LYS OA 247 -27.09 -31.55 46.38
N LEU OA 248 -28.14 -31.93 47.08
CA LEU OA 248 -29.29 -31.02 47.20
C LEU OA 248 -28.97 -29.86 48.14
N MET OA 249 -27.86 -29.95 48.85
CA MET OA 249 -27.42 -28.80 49.66
C MET OA 249 -27.14 -27.69 48.67
N GLY OA 250 -26.99 -28.06 47.41
CA GLY OA 250 -26.57 -27.06 46.42
C GLY OA 250 -25.09 -27.26 46.36
N CYS OA 251 -24.63 -28.26 47.11
CA CYS OA 251 -23.20 -28.59 47.09
C CYS OA 251 -23.03 -29.94 46.40
N ASP OA 252 -22.69 -29.94 45.12
CA ASP OA 252 -22.64 -31.20 44.32
C ASP OA 252 -21.81 -32.29 45.01
N CYS OA 253 -22.11 -33.58 44.76
CA CYS OA 253 -21.24 -34.67 45.28
C CYS OA 253 -21.02 -35.69 44.16
N LEU OA 254 -19.81 -36.22 44.00
CA LEU OA 254 -19.57 -37.14 42.86
C LEU OA 254 -18.88 -38.40 43.37
N VAL OA 255 -19.07 -39.54 42.70
CA VAL OA 255 -18.30 -40.76 43.10
C VAL OA 255 -17.14 -40.95 42.14
N SER OA 256 -15.91 -40.77 42.60
CA SER OA 256 -14.75 -40.85 41.68
C SER OA 256 -14.08 -42.23 41.72
N GLY OA 257 -14.03 -42.86 42.88
CA GLY OA 257 -13.33 -44.15 42.98
C GLY OA 257 -14.22 -45.15 43.68
N VAL OA 258 -14.11 -46.45 43.35
CA VAL OA 258 -15.01 -47.49 43.94
C VAL OA 258 -14.58 -48.86 43.43
N SER OA 259 -15.13 -49.93 44.01
CA SER OA 259 -14.85 -51.29 43.50
C SER OA 259 -16.02 -51.72 42.61
N PRO OA 260 -15.83 -52.66 41.66
CA PRO OA 260 -16.94 -53.14 40.82
C PRO OA 260 -17.93 -54.16 41.43
N SER OA 261 -17.42 -55.18 42.12
CA SER OA 261 -18.34 -56.13 42.79
C SER OA 261 -19.04 -55.36 43.88
N ILE OA 262 -18.38 -54.33 44.37
CA ILE OA 262 -19.04 -53.48 45.38
C ILE OA 262 -20.27 -52.94 44.65
N ALA OA 263 -20.03 -52.49 43.42
CA ALA OA 263 -21.13 -51.92 42.63
C ALA OA 263 -22.15 -53.01 42.32
N ARG OA 264 -21.66 -54.21 42.04
CA ARG OA 264 -22.66 -55.22 41.64
C ARG OA 264 -23.55 -55.45 42.82
N THR OA 265 -22.93 -55.56 43.98
CA THR OA 265 -23.72 -55.90 45.18
C THR OA 265 -24.79 -54.82 45.28
N MET OA 266 -24.38 -53.61 44.92
CA MET OA 266 -25.34 -52.48 44.97
C MET OA 266 -26.44 -52.70 43.93
N VAL OA 267 -26.03 -52.90 42.69
CA VAL OA 267 -27.09 -52.96 41.65
C VAL OA 267 -27.97 -54.14 42.00
N GLN OA 268 -27.36 -55.25 42.40
CA GLN OA 268 -28.12 -56.46 42.77
C GLN OA 268 -29.14 -56.08 43.85
N LEU OA 269 -28.91 -54.97 44.57
CA LEU OA 269 -29.89 -54.67 45.64
C LEU OA 269 -31.15 -54.22 44.92
N GLY OA 270 -31.01 -53.97 43.62
CA GLY OA 270 -32.17 -53.52 42.84
C GLY OA 270 -32.26 -52.03 42.99
N ILE OA 271 -31.22 -51.44 43.56
CA ILE OA 271 -31.18 -49.96 43.70
C ILE OA 271 -31.66 -49.34 42.38
N ASN OA 272 -32.45 -48.26 42.45
CA ASN OA 272 -33.01 -47.68 41.20
C ASN OA 272 -32.92 -46.16 41.21
N VAL OA 273 -32.95 -45.56 42.39
CA VAL OA 273 -33.03 -44.07 42.49
C VAL OA 273 -31.80 -43.36 41.92
N GLY OA 274 -30.60 -43.92 42.09
CA GLY OA 274 -29.40 -43.14 41.73
C GLY OA 274 -29.39 -42.61 40.32
N GLU OA 275 -29.17 -41.30 40.17
CA GLU OA 275 -29.05 -40.65 38.83
C GLU OA 275 -28.16 -39.42 39.02
N VAL OA 276 -27.08 -39.55 39.80
CA VAL OA 276 -26.22 -38.38 40.12
C VAL OA 276 -24.97 -38.41 39.22
N ARG OA 277 -24.02 -37.51 39.46
CA ARG OA 277 -22.79 -37.43 38.63
C ARG OA 277 -21.68 -38.25 39.29
N THR OA 278 -20.86 -38.93 38.48
CA THR OA 278 -19.70 -39.71 39.01
C THR OA 278 -18.49 -39.51 38.09
N ASN OA 279 -17.36 -40.18 38.38
CA ASN OA 279 -16.12 -39.98 37.58
C ASN OA 279 -15.19 -41.19 37.69
N ALA OA 280 -14.15 -41.25 36.86
CA ALA OA 280 -13.17 -42.38 36.92
C ALA OA 280 -11.96 -41.97 37.77
N THR OA 281 -11.89 -42.45 39.02
CA THR OA 281 -10.74 -42.17 39.92
C THR OA 281 -10.66 -40.67 40.21
N LEU OA 282 -9.68 -40.26 41.02
CA LEU OA 282 -9.51 -38.80 41.27
C LEU OA 282 -8.98 -38.16 39.99
N ARG OA 283 -8.90 -38.91 38.89
CA ARG OA 283 -8.28 -38.31 37.69
C ARG OA 283 -9.38 -37.61 36.92
N ASP OA 284 -10.34 -38.39 36.44
CA ASP OA 284 -11.48 -37.82 35.68
C ASP OA 284 -12.31 -36.93 36.62
N ALA OA 285 -12.21 -37.10 37.95
CA ALA OA 285 -13.03 -36.22 38.78
C ALA OA 285 -12.48 -34.81 38.69
N LEU OA 286 -11.18 -34.67 38.82
CA LEU OA 286 -10.54 -33.34 38.80
C LEU OA 286 -10.70 -32.78 37.40
N GLU OA 287 -10.56 -33.66 36.42
CA GLU OA 287 -10.63 -33.08 35.07
C GLU OA 287 -11.97 -32.37 34.97
N ASN OA 288 -13.02 -33.06 35.41
CA ASN OA 288 -14.35 -32.45 35.32
C ASN OA 288 -14.33 -31.23 36.22
N ALA OA 289 -13.69 -31.35 37.38
CA ALA OA 289 -13.84 -30.18 38.25
C ALA OA 289 -13.15 -29.00 37.60
N PHE OA 290 -11.96 -29.21 37.06
CA PHE OA 290 -11.19 -28.09 36.48
C PHE OA 290 -11.95 -27.59 35.26
N LYS OA 291 -13.01 -28.31 34.90
CA LYS OA 291 -13.87 -27.91 33.75
C LYS OA 291 -15.10 -27.16 34.28
N ILE OA 292 -15.56 -27.66 35.44
CA ILE OA 292 -16.61 -26.92 36.16
C ILE OA 292 -15.79 -25.75 36.69
N VAL OA 293 -14.47 -25.82 36.50
CA VAL OA 293 -13.56 -24.72 36.93
C VAL OA 293 -12.84 -24.16 35.71
N GLU PA 169 -18.42 66.38 49.13
CA GLU PA 169 -18.21 64.93 49.06
C GLU PA 169 -18.80 64.38 47.75
N GLN PA 170 -19.97 64.87 47.36
CA GLN PA 170 -20.60 64.41 46.13
C GLN PA 170 -19.72 64.73 44.93
N SER PA 171 -19.00 65.83 44.97
CA SER PA 171 -18.07 66.08 43.86
C SER PA 171 -17.09 64.88 43.84
N GLU PA 172 -16.40 64.74 44.96
CA GLU PA 172 -15.34 63.70 44.98
C GLU PA 172 -16.02 62.38 44.70
N ALA PA 173 -17.28 62.25 45.07
CA ALA PA 173 -18.03 61.03 44.76
C ALA PA 173 -18.14 60.95 43.24
N LEU PA 174 -18.33 62.08 42.57
CA LEU PA 174 -18.41 62.11 41.09
C LEU PA 174 -17.07 61.69 40.49
N LEU PA 175 -16.01 62.27 41.08
CA LEU PA 175 -14.65 62.01 40.59
C LEU PA 175 -14.42 60.52 40.81
N ALA PA 176 -15.05 59.99 41.85
CA ALA PA 176 -14.88 58.56 42.15
C ALA PA 176 -15.41 57.79 40.95
N MET PA 177 -16.47 58.28 40.33
CA MET PA 177 -17.13 57.54 39.23
C MET PA 177 -16.31 57.39 37.93
N SER PA 178 -15.64 58.44 37.43
CA SER PA 178 -15.01 58.37 36.09
C SER PA 178 -13.86 57.36 35.92
N THR PA 179 -12.98 57.25 36.90
CA THR PA 179 -11.78 56.37 36.71
C THR PA 179 -12.18 54.91 36.54
N PRO PA 180 -13.12 54.33 37.31
CA PRO PA 180 -13.58 52.97 37.06
C PRO PA 180 -14.22 52.85 35.67
N VAL PA 181 -15.03 53.86 35.31
CA VAL PA 181 -15.73 53.78 34.01
C VAL PA 181 -14.68 53.88 32.91
N THR PA 182 -13.43 54.18 33.28
CA THR PA 182 -12.36 54.09 32.25
C THR PA 182 -11.68 52.72 32.23
N MET PA 183 -11.31 52.15 33.39
CA MET PA 183 -10.47 50.91 33.42
C MET PA 183 -11.22 49.64 33.00
N ILE PA 184 -10.54 48.74 32.27
CA ILE PA 184 -11.15 47.40 31.97
C ILE PA 184 -10.06 46.34 31.76
N TRP PA 185 -10.40 45.09 32.06
CA TRP PA 185 -9.46 43.95 31.88
C TRP PA 185 -8.81 44.00 30.50
N GLN PA 186 -7.64 43.39 30.37
CA GLN PA 186 -7.01 43.30 29.04
C GLN PA 186 -6.73 44.70 28.46
N ASP PA 187 -6.49 45.70 29.31
CA ASP PA 187 -6.04 47.03 28.79
C ASP PA 187 -7.13 47.69 27.94
N ILE PA 188 -8.30 47.06 27.82
CA ILE PA 188 -9.36 47.78 27.08
C ILE PA 188 -9.76 48.97 27.96
N LEU PA 189 -10.16 50.09 27.36
CA LEU PA 189 -10.63 51.25 28.15
C LEU PA 189 -11.96 51.75 27.60
N MET PA 190 -12.70 52.51 28.40
CA MET PA 190 -13.99 53.07 27.96
C MET PA 190 -14.31 54.25 28.87
N LEU PA 191 -15.47 54.90 28.74
CA LEU PA 191 -15.77 55.96 29.73
C LEU PA 191 -17.27 56.25 29.85
N PRO PA 192 -18.13 55.39 30.45
CA PRO PA 192 -19.52 55.79 30.68
C PRO PA 192 -19.64 56.98 31.65
N ILE PA 193 -20.61 57.88 31.43
CA ILE PA 193 -20.82 59.06 32.33
C ILE PA 193 -22.25 59.60 32.26
N VAL PA 194 -22.63 60.47 33.20
CA VAL PA 194 -24.00 61.09 33.23
C VAL PA 194 -24.06 62.21 32.19
N GLY PA 195 -25.18 62.34 31.48
CA GLY PA 195 -25.27 63.32 30.38
C GLY PA 195 -25.38 64.76 30.82
N ILE PA 196 -26.23 65.08 31.79
CA ILE PA 196 -26.24 66.50 32.21
C ILE PA 196 -25.12 66.63 33.24
N ILE PA 197 -24.02 67.23 32.83
CA ILE PA 197 -22.88 67.27 33.77
C ILE PA 197 -22.25 68.65 33.67
N ASP PA 198 -21.39 69.04 34.63
CA ASP PA 198 -20.65 70.33 34.53
C ASP PA 198 -19.57 70.31 33.44
N SER PA 199 -19.42 71.41 32.71
CA SER PA 199 -18.39 71.53 31.65
C SER PA 199 -16.98 71.49 32.25
N LYS PA 200 -16.81 72.17 33.38
CA LYS PA 200 -15.48 72.18 34.04
C LYS PA 200 -15.19 70.75 34.48
N ARG PA 201 -16.22 70.04 34.94
CA ARG PA 201 -16.06 68.63 35.35
C ARG PA 201 -15.65 67.79 34.15
N ALA PA 202 -16.21 68.12 33.00
CA ALA PA 202 -15.84 67.42 31.76
C ALA PA 202 -14.38 67.69 31.43
N GLN PA 203 -13.92 68.91 31.66
CA GLN PA 203 -12.48 69.21 31.46
C GLN PA 203 -11.70 68.36 32.45
N ASP PA 204 -12.30 68.17 33.61
CA ASP PA 204 -11.63 67.32 34.60
C ASP PA 204 -11.50 65.96 33.96
N ILE PA 205 -12.59 65.51 33.37
CA ILE PA 205 -12.56 64.14 32.82
C ILE PA 205 -11.49 64.15 31.74
N MET PA 206 -11.43 65.23 30.99
CA MET PA 206 -10.41 65.35 29.93
C MET PA 206 -9.06 65.08 30.57
N SER PA 207 -8.81 65.66 31.72
CA SER PA 207 -7.49 65.60 32.36
C SER PA 207 -7.31 64.16 32.82
N ALA PA 208 -8.42 63.60 33.30
CA ALA PA 208 -8.37 62.23 33.83
C ALA PA 208 -7.96 61.30 32.71
N VAL PA 209 -8.54 61.49 31.53
CA VAL PA 209 -8.19 60.52 30.47
C VAL PA 209 -6.71 60.69 30.17
N LEU PA 210 -6.22 61.92 30.13
CA LEU PA 210 -4.79 62.01 29.77
C LEU PA 210 -3.98 61.23 30.79
N ASN PA 211 -4.22 61.50 32.07
CA ASN PA 211 -3.35 60.83 33.05
C ASN PA 211 -3.61 59.33 32.95
N LYS PA 212 -4.86 58.96 32.72
CA LYS PA 212 -5.16 57.52 32.73
C LYS PA 212 -4.33 56.91 31.62
N ILE PA 213 -4.29 57.62 30.51
CA ILE PA 213 -3.59 57.02 29.35
C ILE PA 213 -2.14 56.88 29.75
N SER PA 214 -1.57 57.88 30.39
CA SER PA 214 -0.16 57.66 30.74
C SER PA 214 -0.10 56.44 31.60
N GLU PA 215 -0.97 56.43 32.61
CA GLU PA 215 -0.85 55.39 33.66
C GLU PA 215 -0.67 54.07 32.95
N ASN PA 216 -1.59 53.78 32.05
CA ASN PA 216 -1.31 52.58 31.25
C ASN PA 216 -1.57 53.06 29.86
N ARG PA 217 -0.51 53.17 29.09
CA ARG PA 217 -0.78 53.49 27.69
C ARG PA 217 -1.80 52.48 27.17
N ALA PA 218 -2.92 52.94 26.59
CA ALA PA 218 -3.94 52.03 25.99
C ALA PA 218 -4.33 52.52 24.60
N LYS PA 219 -4.17 51.73 23.54
CA LYS PA 219 -4.68 52.23 22.24
C LYS PA 219 -6.19 52.07 22.29
N ILE PA 220 -6.65 51.23 23.21
CA ILE PA 220 -8.11 50.93 23.27
C ILE PA 220 -8.74 51.83 24.32
N PHE PA 221 -9.78 52.55 23.94
CA PHE PA 221 -10.53 53.40 24.90
C PHE PA 221 -11.89 53.67 24.27
N ILE PA 222 -12.92 53.95 25.06
CA ILE PA 222 -14.23 54.27 24.43
C ILE PA 222 -14.95 55.36 25.19
N MET PA 223 -15.83 56.07 24.50
CA MET PA 223 -16.68 57.04 25.20
C MET PA 223 -18.02 56.35 25.37
N ASP PA 224 -18.43 56.06 26.59
CA ASP PA 224 -19.79 55.48 26.72
C ASP PA 224 -20.72 56.55 27.27
N ILE PA 225 -21.87 56.74 26.63
CA ILE PA 225 -22.82 57.80 27.06
C ILE PA 225 -24.19 57.14 27.16
N SER PA 226 -24.21 55.83 27.39
CA SER PA 226 -25.52 55.14 27.40
C SER PA 226 -26.49 55.96 28.23
N GLY PA 227 -27.70 56.14 27.69
CA GLY PA 227 -28.70 56.85 28.48
C GLY PA 227 -28.15 58.18 28.93
N VAL PA 228 -27.62 58.97 28.00
CA VAL PA 228 -26.99 60.23 28.48
C VAL PA 228 -28.07 60.95 29.29
N ALA PA 229 -27.72 61.44 30.47
CA ALA PA 229 -28.77 62.00 31.37
C ALA PA 229 -29.50 63.15 30.71
N VAL PA 230 -28.77 64.08 30.11
CA VAL PA 230 -29.46 65.18 29.36
C VAL PA 230 -28.54 65.54 28.21
N VAL PA 231 -29.10 65.79 27.03
CA VAL PA 231 -28.28 66.20 25.85
C VAL PA 231 -27.99 67.71 25.96
N ASP PA 232 -27.06 68.09 26.84
CA ASP PA 232 -26.70 69.52 27.03
C ASP PA 232 -25.97 70.04 25.78
N THR PA 233 -26.10 71.33 25.48
CA THR PA 233 -25.47 71.92 24.27
C THR PA 233 -23.93 71.85 24.38
N ALA PA 234 -23.35 72.41 25.44
CA ALA PA 234 -21.88 72.46 25.57
C ALA PA 234 -21.36 71.04 25.74
N VAL PA 235 -22.25 70.17 26.20
CA VAL PA 235 -21.82 68.79 26.48
C VAL PA 235 -21.36 68.14 25.18
N ALA PA 236 -22.08 68.39 24.10
CA ALA PA 236 -21.59 67.85 22.82
C ALA PA 236 -20.17 68.36 22.74
N ASN PA 237 -20.06 69.66 22.80
CA ASN PA 237 -18.75 70.29 22.61
C ASN PA 237 -17.71 69.45 23.26
N HIS PA 238 -18.00 69.03 24.46
CA HIS PA 238 -16.92 68.29 25.13
C HIS PA 238 -16.58 67.10 24.24
N PHE PA 239 -17.53 66.17 24.10
CA PHE PA 239 -17.35 64.95 23.27
C PHE PA 239 -16.98 65.33 21.84
N ILE PA 240 -17.36 66.51 21.36
CA ILE PA 240 -16.88 66.90 20.02
C ILE PA 240 -15.36 66.98 20.14
N LYS PA 241 -14.95 67.91 20.98
CA LYS PA 241 -13.49 68.11 21.13
C LYS PA 241 -12.91 66.83 21.69
N ILE PA 242 -13.62 66.22 22.62
CA ILE PA 242 -13.06 65.04 23.32
C ILE PA 242 -12.86 63.91 22.34
N THR PA 243 -13.83 63.70 21.47
CA THR PA 243 -13.68 62.53 20.60
C THR PA 243 -12.44 62.81 19.80
N LYS PA 244 -12.38 64.00 19.20
CA LYS PA 244 -11.21 64.31 18.36
C LYS PA 244 -9.96 64.00 19.18
N ALA PA 245 -10.03 64.22 20.47
CA ALA PA 245 -8.84 64.07 21.34
C ALA PA 245 -8.30 62.65 21.43
N THR PA 246 -9.16 61.63 21.46
CA THR PA 246 -8.55 60.30 21.60
C THR PA 246 -7.71 60.11 20.37
N LYS PA 247 -8.28 60.49 19.24
CA LYS PA 247 -7.57 60.32 17.97
C LYS PA 247 -6.31 61.18 18.02
N LEU PA 248 -6.39 62.31 18.70
CA LEU PA 248 -5.24 63.23 18.82
C LEU PA 248 -4.10 62.55 19.58
N MET PA 249 -4.41 61.89 20.70
CA MET PA 249 -3.35 61.14 21.42
C MET PA 249 -2.90 60.05 20.46
N GLY PA 250 -3.82 59.63 19.60
CA GLY PA 250 -3.52 58.48 18.73
C GLY PA 250 -4.31 57.38 19.39
N CYS PA 251 -4.97 57.76 20.48
CA CYS PA 251 -5.83 56.79 21.19
C CYS PA 251 -7.07 56.54 20.34
N ASP PA 252 -7.72 55.41 20.56
CA ASP PA 252 -8.99 55.17 19.84
C ASP PA 252 -10.12 55.46 20.82
N CYS PA 253 -11.18 56.13 20.39
CA CYS PA 253 -12.32 56.27 21.33
C CYS PA 253 -13.61 55.89 20.60
N LEU PA 254 -14.53 55.17 21.24
CA LEU PA 254 -15.73 54.72 20.51
C LEU PA 254 -16.97 55.06 21.32
N VAL PA 255 -18.11 55.27 20.66
CA VAL PA 255 -19.37 55.47 21.45
C VAL PA 255 -20.18 54.17 21.44
N SER PA 256 -20.30 53.52 22.59
CA SER PA 256 -20.98 52.21 22.65
C SER PA 256 -22.44 52.33 23.07
N GLY PA 257 -22.74 53.25 23.98
CA GLY PA 257 -24.13 53.35 24.49
C GLY PA 257 -24.57 54.80 24.45
N VAL PA 258 -25.86 55.06 24.25
CA VAL PA 258 -26.37 56.46 24.10
C VAL PA 258 -27.89 56.43 23.97
N SER PA 259 -28.53 57.59 24.04
CA SER PA 259 -29.99 57.65 23.80
C SER PA 259 -30.22 58.13 22.36
N PRO PA 260 -31.39 57.83 21.75
CA PRO PA 260 -31.68 58.31 20.39
C PRO PA 260 -32.12 59.76 20.21
N SER PA 261 -33.04 60.24 21.04
CA SER PA 261 -33.45 61.66 20.95
C SER PA 261 -32.24 62.48 21.34
N ILE PA 262 -31.39 61.88 22.17
CA ILE PA 262 -30.14 62.57 22.52
C ILE PA 262 -29.45 62.78 21.19
N ALA PA 263 -29.42 61.71 20.41
CA ALA PA 263 -28.74 61.76 19.10
C ALA PA 263 -29.49 62.74 18.20
N ARG PA 264 -30.80 62.73 18.27
CA ARG PA 264 -31.51 63.60 17.31
C ARG PA 264 -31.12 65.02 17.65
N THR PA 265 -31.13 65.33 18.93
CA THR PA 265 -30.87 66.71 19.33
C THR PA 265 -29.52 67.06 18.74
N MET PA 266 -28.64 66.08 18.74
CA MET PA 266 -27.29 66.30 18.18
C MET PA 266 -27.40 66.53 16.69
N VAL PA 267 -28.02 65.60 15.99
CA VAL PA 267 -28.00 65.75 14.51
C VAL PA 267 -28.70 67.07 14.20
N GLN PA 268 -29.81 67.33 14.88
CA GLN PA 268 -30.57 68.58 14.66
C GLN PA 268 -29.61 69.76 14.84
N LEU PA 269 -28.50 69.57 15.55
CA LEU PA 269 -27.63 70.75 15.75
C LEU PA 269 -26.99 71.02 14.39
N GLY PA 270 -27.14 70.06 13.48
CA GLY PA 270 -26.55 70.22 12.15
C GLY PA 270 -25.13 69.76 12.23
N ILE PA 271 -24.78 69.12 13.35
CA ILE PA 271 -23.41 68.56 13.50
C ILE PA 271 -23.03 67.86 12.19
N ASN PA 272 -21.77 68.00 11.76
CA ASN PA 272 -21.38 67.42 10.45
C ASN PA 272 -20.02 66.74 10.52
N VAL PA 273 -19.16 67.19 11.43
CA VAL PA 273 -17.76 66.70 11.47
C VAL PA 273 -17.65 65.22 11.84
N GLY PA 274 -18.51 64.72 12.73
CA GLY PA 274 -18.28 63.36 13.24
C GLY PA 274 -18.16 62.29 12.17
N GLU PA 275 -17.07 61.52 12.22
CA GLU PA 275 -16.87 60.38 11.28
C GLU PA 275 -16.00 59.36 12.01
N VAL PA 276 -16.26 59.13 13.31
CA VAL PA 276 -15.40 58.22 14.11
C VAL PA 276 -16.06 56.85 14.23
N ARG PA 277 -15.48 55.95 15.03
CA ARG PA 277 -16.02 54.59 15.19
C ARG PA 277 -16.97 54.54 16.39
N THR PA 278 -18.05 53.77 16.30
CA THR PA 278 -19.00 53.61 17.44
C THR PA 278 -19.45 52.13 17.51
N ASN PA 279 -20.36 51.80 18.43
CA ASN PA 279 -20.79 50.38 18.63
C ASN PA 279 -22.16 50.30 19.29
N ALA PA 280 -22.78 49.11 19.32
CA ALA PA 280 -24.10 48.93 19.97
C ALA PA 280 -23.90 48.43 21.41
N THR PA 281 -24.04 49.31 22.41
CA THR PA 281 -23.93 48.93 23.85
C THR PA 281 -22.51 48.42 24.14
N LEU PA 282 -22.25 48.06 25.39
CA LEU PA 282 -20.92 47.48 25.72
C LEU PA 282 -20.84 46.09 25.09
N ARG PA 283 -21.83 45.70 24.28
CA ARG PA 283 -21.78 44.31 23.77
C ARG PA 283 -20.99 44.32 22.48
N ASP PA 284 -21.52 45.04 21.48
CA ASP PA 284 -20.81 45.15 20.18
C ASP PA 284 -19.50 45.91 20.39
N ALA PA 285 -19.35 46.69 21.46
CA ALA PA 285 -18.06 47.39 21.59
C ALA PA 285 -16.97 46.37 21.89
N LEU PA 286 -17.25 45.48 22.83
CA LEU PA 286 -16.25 44.48 23.25
C LEU PA 286 -16.04 43.55 22.08
N GLU PA 287 -17.14 43.23 21.39
CA GLU PA 287 -16.94 42.24 20.33
C GLU PA 287 -15.87 42.83 19.41
N ASN PA 288 -16.05 44.08 19.06
CA ASN PA 288 -15.08 44.71 18.15
C ASN PA 288 -13.74 44.72 18.86
N ALA PA 289 -13.77 45.01 20.17
CA ALA PA 289 -12.43 45.15 20.76
C ALA PA 289 -11.75 43.80 20.71
N PHE PA 290 -12.47 42.73 21.07
CA PHE PA 290 -11.84 41.40 21.12
C PHE PA 290 -11.44 41.01 19.71
N LYS PA 291 -11.85 41.82 18.75
CA LYS PA 291 -11.50 41.58 17.33
C LYS PA 291 -10.29 42.44 16.95
N ILE PA 292 -10.29 43.64 17.53
CA ILE PA 292 -9.10 44.49 17.43
C ILE PA 292 -8.16 43.74 18.37
N VAL PA 293 -8.70 42.74 19.07
CA VAL PA 293 -7.89 41.92 20.01
C VAL PA 293 -7.93 40.47 19.54
N GLU QA 169 -79.21 -18.27 24.73
CA GLU QA 169 -78.38 -17.33 23.99
C GLU QA 169 -77.06 -17.09 24.73
N GLN QA 170 -77.12 -16.99 26.06
CA GLN QA 170 -75.92 -16.77 26.84
C GLN QA 170 -74.96 -17.95 26.69
N SER QA 171 -75.48 -19.16 26.52
CA SER QA 171 -74.54 -20.26 26.25
C SER QA 171 -73.80 -19.89 24.95
N GLU QA 172 -74.59 -19.73 23.90
CA GLU QA 172 -73.95 -19.51 22.59
C GLU QA 172 -73.10 -18.27 22.72
N ALA QA 173 -73.52 -17.34 23.59
CA ALA QA 173 -72.69 -16.14 23.82
C ALA QA 173 -71.37 -16.60 24.44
N LEU QA 174 -71.42 -17.61 25.31
CA LEU QA 174 -70.19 -18.16 25.94
C LEU QA 174 -69.31 -18.79 24.87
N LEU QA 175 -69.98 -19.57 24.02
CA LEU QA 175 -69.26 -20.29 22.93
C LEU QA 175 -68.65 -19.22 22.05
N ALA QA 176 -69.34 -18.08 21.98
CA ALA QA 176 -68.83 -16.99 21.14
C ALA QA 176 -67.47 -16.59 21.71
N MET QA 177 -67.34 -16.61 23.04
CA MET QA 177 -66.09 -16.13 23.69
C MET QA 177 -64.82 -16.95 23.42
N SER QA 178 -64.86 -18.28 23.47
CA SER QA 178 -63.61 -19.09 23.42
C SER QA 178 -62.81 -19.01 22.10
N THR QA 179 -63.47 -19.03 20.95
CA THR QA 179 -62.72 -19.09 19.67
C THR QA 179 -61.86 -17.84 19.45
N PRO QA 180 -62.33 -16.61 19.74
CA PRO QA 180 -61.47 -15.43 19.65
C PRO QA 180 -60.32 -15.52 20.65
N VAL QA 181 -60.61 -15.99 21.87
CA VAL QA 181 -59.56 -16.05 22.91
C VAL QA 181 -58.56 -17.11 22.47
N THR QA 182 -58.87 -17.87 21.42
CA THR QA 182 -57.83 -18.77 20.87
C THR QA 182 -57.01 -18.11 19.74
N MET QA 183 -57.65 -17.45 18.78
CA MET QA 183 -56.94 -16.95 17.56
C MET QA 183 -56.02 -15.76 17.81
N ILE QA 184 -54.85 -15.72 17.15
CA ILE QA 184 -53.98 -14.51 17.23
C ILE QA 184 -53.12 -14.37 15.95
N TRP QA 185 -52.76 -13.14 15.61
CA TRP QA 185 -51.92 -12.86 14.43
C TRP QA 185 -50.69 -13.77 14.42
N GLN QA 186 -50.13 -14.00 13.24
CA GLN QA 186 -48.88 -14.78 13.17
C GLN QA 186 -49.08 -16.19 13.71
N ASP QA 187 -50.29 -16.75 13.61
CA ASP QA 187 -50.48 -18.19 13.98
C ASP QA 187 -50.24 -18.43 15.47
N ILE QA 188 -49.95 -17.38 16.23
CA ILE QA 188 -49.81 -17.63 17.69
C ILE QA 188 -51.22 -17.97 18.18
N LEU QA 189 -51.35 -18.82 19.20
CA LEU QA 189 -52.67 -19.14 19.76
C LEU QA 189 -52.63 -19.01 21.28
N MET QA 190 -53.79 -18.87 21.91
CA MET QA 190 -53.86 -18.77 23.40
C MET QA 190 -55.29 -19.13 23.80
N LEU QA 191 -55.65 -19.05 25.09
CA LEU QA 191 -57.08 -19.31 25.41
C LEU QA 191 -57.51 -18.67 26.73
N PRO QA 192 -57.67 -17.33 26.88
CA PRO QA 192 -58.24 -16.79 28.11
C PRO QA 192 -59.69 -17.26 28.34
N ILE QA 193 -60.10 -17.49 29.61
CA ILE QA 193 -61.49 -17.93 29.93
C ILE QA 193 -61.88 -17.59 31.38
N VAL QA 194 -63.18 -17.67 31.70
CA VAL QA 194 -63.68 -17.39 33.08
C VAL QA 194 -63.38 -18.60 33.97
N GLY QA 195 -62.98 -18.37 35.23
CA GLY QA 195 -62.58 -19.47 36.10
C GLY QA 195 -63.71 -20.33 36.62
N ILE QA 196 -64.80 -19.73 37.11
CA ILE QA 196 -65.89 -20.65 37.54
C ILE QA 196 -66.70 -20.93 36.28
N ILE QA 197 -66.52 -22.14 35.76
CA ILE QA 197 -67.20 -22.43 34.48
C ILE QA 197 -67.76 -23.85 34.55
N ASP QA 198 -68.67 -24.22 33.65
CA ASP QA 198 -69.17 -25.64 33.59
C ASP QA 198 -68.11 -26.62 33.08
N SER QA 199 -68.03 -27.80 33.68
CA SER QA 199 -67.07 -28.87 33.26
C SER QA 199 -67.39 -29.36 31.84
N LYS QA 200 -68.69 -29.53 31.57
CA LYS QA 200 -69.09 -29.99 30.22
C LYS QA 200 -68.68 -28.91 29.22
N ARG QA 201 -68.82 -27.64 29.63
CA ARG QA 201 -68.44 -26.51 28.76
C ARG QA 201 -66.94 -26.56 28.52
N ALA QA 202 -66.20 -26.95 29.55
CA ALA QA 202 -64.73 -27.10 29.41
C ALA QA 202 -64.42 -28.21 28.42
N GLN QA 203 -65.19 -29.29 28.46
CA GLN QA 203 -65.01 -30.36 27.45
C GLN QA 203 -65.31 -29.76 26.09
N ASP QA 204 -66.26 -28.85 26.08
CA ASP QA 204 -66.58 -28.20 24.79
C ASP QA 204 -65.32 -27.49 24.37
N ILE QA 205 -64.72 -26.79 25.33
CA ILE QA 205 -63.54 -25.99 24.94
C ILE QA 205 -62.50 -26.99 24.45
N MET QA 206 -62.43 -28.12 25.12
CA MET QA 206 -61.45 -29.16 24.70
C MET QA 206 -61.70 -29.45 23.23
N SER QA 207 -62.95 -29.58 22.84
CA SER QA 207 -63.29 -29.99 21.47
C SER QA 207 -62.92 -28.83 20.57
N ALA QA 208 -63.16 -27.63 21.08
CA ALA QA 208 -62.90 -26.43 20.29
C ALA QA 208 -61.42 -26.38 19.98
N VAL QA 209 -60.59 -26.66 20.97
CA VAL QA 209 -59.14 -26.52 20.68
C VAL QA 209 -58.80 -27.56 19.62
N LEU QA 210 -59.35 -28.76 19.73
CA LEU QA 210 -58.92 -29.74 18.70
C LEU QA 210 -59.28 -29.20 17.33
N ASN QA 211 -60.53 -28.78 17.18
CA ASN QA 211 -60.92 -28.36 15.81
C ASN QA 211 -60.08 -27.15 15.45
N LYS QA 212 -59.84 -26.29 16.43
CA LYS QA 212 -59.14 -25.03 16.08
C LYS QA 212 -57.79 -25.46 15.56
N ILE QA 213 -57.20 -26.43 16.23
CA ILE QA 213 -55.83 -26.80 15.82
C ILE QA 213 -55.92 -27.32 14.39
N SER QA 214 -56.92 -28.13 14.10
CA SER QA 214 -56.92 -28.60 12.71
C SER QA 214 -57.02 -27.37 11.84
N GLU QA 215 -57.97 -26.51 12.19
CA GLU QA 215 -58.30 -25.40 11.27
C GLU QA 215 -57.00 -24.77 10.85
N ASN QA 216 -56.20 -24.41 11.82
CA ASN QA 216 -54.86 -23.97 11.39
C ASN QA 216 -53.97 -24.71 12.33
N ARG QA 217 -53.24 -25.66 11.76
CA ARG QA 217 -52.27 -26.30 12.64
C ARG QA 217 -51.41 -25.18 13.27
N ALA QA 218 -51.29 -25.15 14.60
CA ALA QA 218 -50.45 -24.15 15.30
C ALA QA 218 -49.56 -24.84 16.35
N LYS QA 219 -48.25 -24.75 16.27
CA LYS QA 219 -47.46 -25.34 17.39
C LYS QA 219 -47.62 -24.39 18.57
N ILE QA 220 -48.00 -23.15 18.27
CA ILE QA 220 -48.07 -22.12 19.34
C ILE QA 220 -49.51 -22.05 19.84
N PHE QA 221 -49.68 -22.19 21.16
CA PHE QA 221 -51.02 -22.06 21.77
C PHE QA 221 -50.79 -21.76 23.25
N ILE QA 222 -51.73 -21.11 23.93
CA ILE QA 222 -51.52 -20.89 25.38
C ILE QA 222 -52.82 -21.04 26.15
N MET QA 223 -52.70 -21.35 27.43
CA MET QA 223 -53.91 -21.36 28.27
C MET QA 223 -53.84 -20.05 29.05
N ASP QA 224 -54.79 -19.16 28.83
CA ASP QA 224 -54.76 -17.94 29.67
C ASP QA 224 -55.89 -18.04 30.69
N ILE QA 225 -55.58 -17.79 31.96
CA ILE QA 225 -56.61 -17.91 33.02
C ILE QA 225 -56.52 -16.65 33.87
N SER QA 226 -56.04 -15.57 33.25
CA SER QA 226 -55.85 -14.33 34.06
C SER QA 226 -57.09 -14.11 34.91
N GLY QA 227 -56.87 -13.80 36.19
CA GLY QA 227 -58.03 -13.49 37.01
C GLY QA 227 -59.03 -14.62 36.94
N VAL QA 228 -58.60 -15.86 37.16
CA VAL QA 228 -59.58 -16.96 36.97
C VAL QA 228 -60.76 -16.59 37.87
N ALA QA 229 -61.98 -16.71 37.36
CA ALA QA 229 -63.15 -16.22 38.11
C ALA QA 229 -63.28 -16.94 39.45
N VAL QA 230 -63.16 -18.26 39.44
CA VAL QA 230 -63.17 -19.00 40.73
C VAL QA 230 -62.29 -20.21 40.54
N VAL QA 231 -61.48 -20.55 41.55
CA VAL QA 231 -60.59 -21.75 41.47
C VAL QA 231 -61.43 -22.99 41.80
N ASP QA 232 -62.26 -23.45 40.86
CA ASP QA 232 -63.12 -24.64 41.09
C ASP QA 232 -62.24 -25.91 41.14
N THR QA 233 -62.68 -26.93 41.89
CA THR QA 233 -61.88 -28.16 42.04
C THR QA 233 -61.75 -28.89 40.70
N ALA QA 234 -62.88 -29.23 40.06
CA ALA QA 234 -62.83 -30.01 38.79
C ALA QA 234 -62.19 -29.15 37.72
N VAL QA 235 -62.22 -27.85 37.94
CA VAL QA 235 -61.70 -26.93 36.90
C VAL QA 235 -60.20 -27.20 36.74
N ALA QA 236 -59.50 -27.40 37.84
CA ALA QA 236 -58.08 -27.75 37.68
C ALA QA 236 -58.10 -28.92 36.73
N ASN QA 237 -58.81 -29.94 37.16
CA ASN QA 237 -58.82 -31.20 36.39
C ASN QA 237 -58.80 -30.88 34.94
N HIS QA 238 -59.63 -29.94 34.56
CA HIS QA 238 -59.70 -29.71 33.11
C HIS QA 238 -58.29 -29.33 32.66
N PHE QA 239 -57.80 -28.18 33.13
CA PHE QA 239 -56.45 -27.67 32.78
C PHE QA 239 -55.39 -28.71 33.17
N ILE QA 240 -55.65 -29.58 34.14
CA ILE QA 240 -54.65 -30.64 34.40
C ILE QA 240 -54.62 -31.47 33.12
N LYS QA 241 -55.76 -32.08 32.84
CA LYS QA 241 -55.81 -32.95 31.66
C LYS QA 241 -55.55 -32.09 30.44
N ILE QA 242 -56.10 -30.89 30.43
CA ILE QA 242 -56.02 -30.03 29.23
C ILE QA 242 -54.57 -29.67 28.96
N THR QA 243 -53.85 -29.32 30.01
CA THR QA 243 -52.50 -28.85 29.72
C THR QA 243 -51.81 -30.04 29.09
N LYS QA 244 -52.04 -31.20 29.71
CA LYS QA 244 -51.26 -32.32 29.17
C LYS QA 244 -51.62 -32.51 27.70
N ALA QA 245 -52.92 -32.53 27.43
CA ALA QA 245 -53.31 -32.88 26.06
C ALA QA 245 -52.75 -31.90 25.07
N THR QA 246 -52.89 -30.62 25.37
CA THR QA 246 -52.49 -29.63 24.36
C THR QA 246 -51.00 -29.73 24.08
N LYS QA 247 -50.22 -29.79 25.14
CA LYS QA 247 -48.77 -29.75 24.82
C LYS QA 247 -48.45 -30.98 24.03
N LEU QA 248 -48.98 -32.11 24.48
CA LEU QA 248 -48.55 -33.39 23.88
C LEU QA 248 -49.13 -33.56 22.47
N MET QA 249 -50.06 -32.71 22.10
CA MET QA 249 -50.56 -32.71 20.71
C MET QA 249 -49.36 -32.37 19.85
N GLY QA 250 -48.34 -31.81 20.48
CA GLY QA 250 -47.21 -31.29 19.70
C GLY QA 250 -47.54 -29.84 19.53
N CYS QA 251 -48.66 -29.45 20.16
CA CYS QA 251 -49.05 -28.04 20.11
C CYS QA 251 -48.87 -27.45 21.50
N ASP QA 252 -47.77 -26.76 21.74
CA ASP QA 252 -47.43 -26.27 23.11
C ASP QA 252 -48.59 -25.49 23.76
N CYS QA 253 -48.69 -25.48 25.10
CA CYS QA 253 -49.71 -24.61 25.76
C CYS QA 253 -49.04 -23.92 26.94
N LEU QA 254 -49.33 -22.63 27.18
CA LEU QA 254 -48.61 -21.93 28.26
C LEU QA 254 -49.62 -21.20 29.15
N VAL QA 255 -49.32 -21.00 30.42
CA VAL QA 255 -50.24 -20.17 31.27
C VAL QA 255 -49.66 -18.76 31.41
N SER QA 256 -50.31 -17.77 30.82
CA SER QA 256 -49.75 -16.39 30.83
C SER QA 256 -50.36 -15.54 31.94
N GLY QA 257 -51.64 -15.72 32.24
CA GLY QA 257 -52.29 -14.86 33.24
C GLY QA 257 -53.06 -15.72 34.22
N VAL QA 258 -53.17 -15.30 35.48
CA VAL QA 258 -53.84 -16.13 36.52
C VAL QA 258 -53.89 -15.35 37.83
N SER QA 259 -54.64 -15.85 38.82
CA SER QA 259 -54.64 -15.19 40.15
C SER QA 259 -53.69 -15.98 41.07
N PRO QA 260 -53.16 -15.36 42.14
CA PRO QA 260 -52.29 -16.09 43.09
C PRO QA 260 -52.94 -17.01 44.13
N SER QA 261 -54.01 -16.55 44.77
CA SER QA 261 -54.72 -17.44 45.73
C SER QA 261 -55.32 -18.55 44.91
N ILE QA 262 -55.61 -18.24 43.65
CA ILE QA 262 -56.13 -19.30 42.77
C ILE QA 262 -55.01 -20.33 42.76
N ALA QA 263 -53.79 -19.85 42.59
CA ALA QA 263 -52.64 -20.75 42.53
C ALA QA 263 -52.47 -21.43 43.88
N ARG QA 264 -52.68 -20.69 44.95
CA ARG QA 264 -52.40 -21.33 46.25
C ARG QA 264 -53.38 -22.48 46.38
N THR QA 265 -54.62 -22.21 46.04
CA THR QA 265 -55.65 -23.23 46.24
C THR QA 265 -55.17 -24.45 45.48
N MET QA 266 -54.55 -24.19 44.34
CA MET QA 266 -54.03 -25.29 43.51
C MET QA 266 -52.90 -25.98 44.25
N VAL QA 267 -51.90 -25.21 44.65
CA VAL QA 267 -50.72 -25.90 45.24
C VAL QA 267 -51.22 -26.64 46.47
N GLN QA 268 -52.07 -25.97 47.25
CA GLN QA 268 -52.63 -26.59 48.48
C GLN QA 268 -53.28 -27.93 48.10
N LEU QA 269 -53.65 -28.11 46.83
CA LEU QA 269 -54.32 -29.38 46.52
C LEU QA 269 -53.23 -30.45 46.60
N GLY QA 270 -51.98 -29.99 46.66
CA GLY QA 270 -50.87 -30.95 46.73
C GLY QA 270 -50.53 -31.33 45.32
N ILE QA 271 -51.10 -30.61 44.36
CA ILE QA 271 -50.77 -30.87 42.93
C ILE QA 271 -49.25 -31.05 42.80
N ASN QA 272 -48.81 -32.00 41.98
CA ASN QA 272 -47.35 -32.27 41.90
C ASN QA 272 -46.90 -32.47 40.45
N VAL QA 273 -47.80 -32.92 39.59
CA VAL QA 273 -47.42 -33.29 38.20
C VAL QA 273 -46.94 -32.09 37.38
N GLY QA 274 -47.54 -30.92 37.55
CA GLY QA 274 -47.23 -29.82 36.62
C GLY QA 274 -45.76 -29.49 36.47
N GLU QA 275 -45.27 -29.49 35.23
CA GLU QA 275 -43.86 -29.09 34.95
C GLU QA 275 -43.86 -28.51 33.52
N VAL QA 276 -44.87 -27.70 33.18
CA VAL QA 276 -44.98 -27.18 31.79
C VAL QA 276 -44.44 -25.75 31.74
N ARG QA 277 -44.59 -25.08 30.58
CA ARG QA 277 -44.07 -23.70 30.42
C ARG QA 277 -45.18 -22.69 30.74
N THR QA 278 -44.83 -21.57 31.38
CA THR QA 278 -45.82 -20.50 31.68
C THR QA 278 -45.18 -19.14 31.43
N ASN QA 279 -45.90 -18.04 31.70
CA ASN QA 279 -45.38 -16.67 31.40
C ASN QA 279 -46.07 -15.62 32.27
N ALA QA 280 -45.56 -14.38 32.29
CA ALA QA 280 -46.17 -13.28 33.07
C ALA QA 280 -47.11 -12.46 32.17
N THR QA 281 -48.42 -12.66 32.29
CA THR QA 281 -49.43 -11.89 31.51
C THR QA 281 -49.24 -12.16 30.01
N LEU QA 282 -50.08 -11.55 29.18
CA LEU QA 282 -49.90 -11.70 27.71
C LEU QA 282 -48.64 -10.95 27.30
N ARG QA 283 -47.86 -10.43 28.27
CA ARG QA 283 -46.71 -9.60 27.85
C ARG QA 283 -45.54 -10.54 27.66
N ASP QA 284 -45.13 -11.17 28.77
CA ASP QA 284 -44.00 -12.13 28.71
C ASP QA 284 -44.40 -13.34 27.85
N ALA QA 285 -45.70 -13.59 27.64
CA ALA QA 285 -46.02 -14.76 26.82
C ALA QA 285 -45.61 -14.46 25.38
N LEU QA 286 -45.98 -13.29 24.89
CA LEU QA 286 -45.69 -12.91 23.50
C LEU QA 286 -44.19 -12.77 23.37
N GLU QA 287 -43.59 -12.20 24.40
CA GLU QA 287 -42.14 -11.98 24.22
C GLU QA 287 -41.54 -13.34 23.92
N ASN QA 288 -41.91 -14.31 24.72
CA ASN QA 288 -41.36 -15.67 24.50
C ASN QA 288 -41.81 -16.12 23.13
N ALA QA 289 -43.06 -15.82 22.78
CA ALA QA 289 -43.47 -16.42 21.50
C ALA QA 289 -42.65 -15.79 20.40
N PHE QA 290 -42.49 -14.47 20.43
CA PHE QA 290 -41.77 -13.78 19.33
C PHE QA 290 -40.31 -14.24 19.37
N LYS QA 291 -39.98 -15.00 20.40
CA LYS QA 291 -38.60 -15.55 20.53
C LYS QA 291 -38.58 -17.00 20.01
N ILE QA 292 -39.70 -17.67 20.30
CA ILE QA 292 -39.91 -19.00 19.68
C ILE QA 292 -40.21 -18.58 18.25
N VAL QA 293 -40.35 -17.27 18.04
CA VAL QA 293 -40.62 -16.72 16.67
C VAL QA 293 -39.47 -15.80 16.27
N GLU RA 169 -74.50 -13.45 37.65
CA GLU RA 169 -73.12 -13.90 37.46
C GLU RA 169 -72.71 -13.73 35.98
N GLN RA 170 -73.62 -14.05 35.07
CA GLN RA 170 -73.34 -13.93 33.65
C GLN RA 170 -73.05 -12.47 33.28
N SER RA 171 -73.70 -11.53 33.96
CA SER RA 171 -73.34 -10.13 33.68
C SER RA 171 -71.83 -10.01 34.03
N GLU RA 172 -71.55 -10.30 35.29
CA GLU RA 172 -70.16 -10.07 35.75
C GLU RA 172 -69.26 -10.92 34.88
N ALA RA 173 -69.79 -12.04 34.40
CA ALA RA 173 -69.00 -12.88 33.47
C ALA RA 173 -68.77 -12.08 32.20
N LEU RA 174 -69.77 -11.29 31.77
CA LEU RA 174 -69.63 -10.42 30.58
C LEU RA 174 -68.55 -9.36 30.84
N LEU RA 175 -68.67 -8.77 32.02
CA LEU RA 175 -67.74 -7.69 32.41
C LEU RA 175 -66.36 -8.32 32.44
N ALA RA 176 -66.32 -9.60 32.78
CA ALA RA 176 -65.03 -10.30 32.85
C ALA RA 176 -64.43 -10.26 31.45
N MET RA 177 -65.27 -10.38 30.42
CA MET RA 177 -64.77 -10.46 29.03
C MET RA 177 -64.08 -9.20 28.48
N SER RA 178 -64.62 -8.00 28.68
CA SER RA 178 -64.09 -6.79 27.99
C SER RA 178 -62.65 -6.38 28.36
N THR RA 179 -62.28 -6.43 29.64
CA THR RA 179 -60.94 -5.93 30.03
C THR RA 179 -59.81 -6.73 29.39
N PRO RA 180 -59.85 -8.07 29.31
CA PRO RA 180 -58.82 -8.82 28.59
C PRO RA 180 -58.82 -8.46 27.11
N VAL RA 181 -60.02 -8.32 26.53
CA VAL RA 181 -60.10 -8.04 25.08
C VAL RA 181 -59.55 -6.63 24.88
N THR RA 182 -59.29 -5.90 25.95
CA THR RA 182 -58.58 -4.61 25.77
C THR RA 182 -57.05 -4.74 25.91
N MET RA 183 -56.55 -5.45 26.93
CA MET RA 183 -55.09 -5.47 27.21
C MET RA 183 -54.25 -6.26 26.21
N ILE RA 184 -53.05 -5.78 25.87
CA ILE RA 184 -52.11 -6.58 25.02
C ILE RA 184 -50.65 -6.20 25.31
N TRP RA 185 -49.75 -7.16 25.11
CA TRP RA 185 -48.29 -6.93 25.33
C TRP RA 185 -47.86 -5.65 24.63
N GLN RA 186 -46.76 -5.06 25.12
CA GLN RA 186 -46.20 -3.87 24.43
C GLN RA 186 -47.22 -2.73 24.42
N ASP RA 187 -48.12 -2.64 25.40
CA ASP RA 187 -49.01 -1.44 25.51
C ASP RA 187 -49.96 -1.35 24.33
N ILE RA 188 -49.93 -2.32 23.42
CA ILE RA 188 -50.94 -2.25 22.34
C ILE RA 188 -52.29 -2.53 23.01
N LEU RA 189 -53.37 -1.93 22.51
CA LEU RA 189 -54.71 -2.22 23.07
C LEU RA 189 -55.68 -2.55 21.94
N MET RA 190 -56.81 -3.18 22.27
CA MET RA 190 -57.84 -3.52 21.26
C MET RA 190 -59.14 -3.77 22.00
N LEU RA 191 -60.23 -4.16 21.33
CA LEU RA 191 -61.43 -4.50 22.12
C LEU RA 191 -62.40 -5.44 21.38
N PRO RA 192 -62.11 -6.74 21.18
CA PRO RA 192 -63.14 -7.63 20.60
C PRO RA 192 -64.36 -7.77 21.51
N ILE RA 193 -65.58 -7.88 20.93
CA ILE RA 193 -66.84 -8.04 21.73
C ILE RA 193 -67.96 -8.71 20.92
N VAL RA 194 -69.03 -9.14 21.60
CA VAL RA 194 -70.19 -9.78 20.92
C VAL RA 194 -71.06 -8.70 20.28
N GLY RA 195 -71.58 -8.96 19.08
CA GLY RA 195 -72.33 -7.91 18.35
C GLY RA 195 -73.71 -7.62 18.90
N ILE RA 196 -74.52 -8.64 19.21
CA ILE RA 196 -75.83 -8.26 19.80
C ILE RA 196 -75.57 -8.10 21.29
N ILE RA 197 -75.54 -6.86 21.74
CA ILE RA 197 -75.18 -6.65 23.16
C ILE RA 197 -76.09 -5.56 23.72
N ASP RA 198 -76.17 -5.41 25.04
CA ASP RA 198 -76.95 -4.29 25.65
C ASP RA 198 -76.28 -2.93 25.44
N SER RA 199 -77.09 -1.90 25.16
CA SER RA 199 -76.57 -0.51 24.98
C SER RA 199 -75.97 0.04 26.27
N LYS RA 200 -76.65 -0.25 27.38
CA LYS RA 200 -76.14 0.23 28.69
C LYS RA 200 -74.81 -0.48 28.94
N ARG RA 201 -74.72 -1.74 28.54
CA ARG RA 201 -73.47 -2.52 28.72
C ARG RA 201 -72.38 -1.88 27.86
N ALA RA 202 -72.76 -1.40 26.69
CA ALA RA 202 -71.80 -0.72 25.81
C ALA RA 202 -71.32 0.57 26.47
N GLN RA 203 -72.22 1.27 27.16
CA GLN RA 203 -71.80 2.46 27.90
C GLN RA 203 -70.83 2.01 28.98
N ASP RA 204 -71.09 0.82 29.49
CA ASP RA 204 -70.18 0.30 30.52
C ASP RA 204 -68.83 0.16 29.84
N ILE RA 205 -68.87 -0.39 28.64
CA ILE RA 205 -67.57 -0.65 27.97
C ILE RA 205 -66.93 0.73 27.78
N MET RA 206 -67.77 1.70 27.42
CA MET RA 206 -67.24 3.06 27.22
C MET RA 206 -66.47 3.46 28.48
N SER RA 207 -67.04 3.17 29.64
CA SER RA 207 -66.46 3.63 30.91
C SER RA 207 -65.19 2.83 31.10
N ALA RA 208 -65.26 1.56 30.72
CA ALA RA 208 -64.11 0.66 30.91
C ALA RA 208 -62.96 1.21 30.10
N VAL RA 209 -63.21 1.63 28.86
CA VAL RA 209 -62.06 2.07 28.05
C VAL RA 209 -61.49 3.30 28.75
N LEU RA 210 -62.34 4.20 29.23
CA LEU RA 210 -61.71 5.41 29.82
C LEU RA 210 -60.79 4.96 30.96
N ASN RA 211 -61.32 4.15 31.85
CA ASN RA 211 -60.47 3.83 33.02
C ASN RA 211 -59.27 3.07 32.51
N LYS RA 212 -59.48 2.22 31.52
CA LYS RA 212 -58.36 1.38 31.08
C LYS RA 212 -57.28 2.33 30.58
N ILE RA 213 -57.74 3.35 29.86
CA ILE RA 213 -56.73 4.25 29.27
C ILE RA 213 -55.99 4.89 30.42
N SER RA 214 -56.70 5.32 31.45
CA SER RA 214 -55.91 5.95 32.52
C SER RA 214 -54.93 4.91 32.99
N GLU RA 215 -55.46 3.73 33.28
CA GLU RA 215 -54.64 2.72 33.97
C GLU RA 215 -53.30 2.68 33.27
N ASN RA 216 -53.34 2.50 31.97
CA ASN RA 216 -52.04 2.63 31.29
C ASN RA 216 -52.40 3.52 30.13
N ARG RA 217 -51.89 4.73 30.18
CA ARG RA 217 -52.11 5.55 28.99
C ARG RA 217 -51.60 4.74 27.78
N ALA RA 218 -52.45 4.57 26.74
CA ALA RA 218 -52.04 3.85 25.51
C ALA RA 218 -52.46 4.66 24.27
N LYS RA 219 -51.54 5.07 23.40
CA LYS RA 219 -52.03 5.74 22.18
C LYS RA 219 -52.59 4.63 21.29
N ILE RA 220 -52.18 3.40 21.56
CA ILE RA 220 -52.61 2.27 20.70
C ILE RA 220 -53.83 1.61 21.31
N PHE RA 221 -54.88 1.48 20.52
CA PHE RA 221 -56.11 0.78 20.98
C PHE RA 221 -56.88 0.38 19.73
N ILE RA 222 -57.71 -0.67 19.79
CA ILE RA 222 -58.50 -1.00 18.58
C ILE RA 222 -59.90 -1.45 18.95
N MET RA 223 -60.82 -1.31 18.02
CA MET RA 223 -62.16 -1.87 18.24
C MET RA 223 -62.19 -3.16 17.44
N ASP RA 224 -62.31 -4.30 18.11
CA ASP RA 224 -62.43 -5.52 17.29
C ASP RA 224 -63.88 -6.00 17.36
N ILE RA 225 -64.47 -6.29 16.21
CA ILE RA 225 -65.90 -6.72 16.18
C ILE RA 225 -65.97 -7.97 15.32
N SER RA 226 -64.86 -8.70 15.26
CA SER RA 226 -64.86 -9.87 14.36
C SER RA 226 -66.14 -10.67 14.57
N GLY RA 227 -66.78 -11.05 13.46
CA GLY RA 227 -67.97 -11.88 13.62
C GLY RA 227 -68.95 -11.21 14.54
N VAL RA 228 -69.27 -9.93 14.29
CA VAL RA 228 -70.15 -9.25 15.28
C VAL RA 228 -71.39 -10.15 15.38
N ALA RA 229 -71.83 -10.42 16.61
CA ALA RA 229 -72.92 -11.41 16.80
C ALA RA 229 -74.17 -10.98 16.05
N VAL RA 230 -74.57 -9.72 16.20
CA VAL RA 230 -75.74 -9.24 15.41
C VAL RA 230 -75.48 -7.77 15.13
N VAL RA 231 -75.79 -7.32 13.91
CA VAL RA 231 -75.62 -5.88 13.56
C VAL RA 231 -76.81 -5.09 14.10
N ASP RA 232 -76.85 -4.84 15.41
CA ASP RA 232 -77.98 -4.08 16.03
C ASP RA 232 -77.91 -2.62 15.60
N THR RA 233 -79.07 -1.95 15.52
CA THR RA 233 -79.12 -0.53 15.07
C THR RA 233 -78.38 0.38 16.04
N ALA RA 234 -78.75 0.37 17.33
CA ALA RA 234 -78.14 1.29 18.32
C ALA RA 234 -76.68 0.88 18.50
N VAL RA 235 -76.39 -0.36 18.16
CA VAL RA 235 -75.01 -0.86 18.38
C VAL RA 235 -74.06 -0.03 17.51
N ALA RA 236 -74.45 0.24 16.28
CA ALA RA 236 -73.57 1.11 15.48
C ALA RA 236 -73.36 2.31 16.36
N ASN RA 237 -74.46 2.94 16.70
CA ASN RA 237 -74.38 4.20 17.45
C ASN RA 237 -73.26 4.12 18.43
N HIS RA 238 -73.18 3.00 19.11
CA HIS RA 238 -72.14 2.98 20.14
C HIS RA 238 -70.81 3.23 19.44
N PHE RA 239 -70.41 2.26 18.58
CA PHE RA 239 -69.15 2.36 17.81
C PHE RA 239 -69.11 3.64 16.99
N ILE RA 240 -70.26 4.20 16.61
CA ILE RA 240 -70.19 5.50 15.91
C ILE RA 240 -69.58 6.46 16.92
N LYS RA 241 -70.33 6.64 18.01
CA LYS RA 241 -69.86 7.60 19.03
C LYS RA 241 -68.54 7.08 19.57
N ILE RA 242 -68.46 5.78 19.76
CA ILE RA 242 -67.27 5.19 20.42
C ILE RA 242 -66.05 5.44 19.56
N THR RA 243 -66.19 5.21 18.27
CA THR RA 243 -64.97 5.32 17.46
C THR RA 243 -64.53 6.77 17.63
N LYS RA 244 -65.47 7.68 17.45
CA LYS RA 244 -65.08 9.08 17.70
C LYS RA 244 -64.42 9.16 19.07
N ALA RA 245 -64.91 8.39 20.03
CA ALA RA 245 -64.44 8.53 21.43
C ALA RA 245 -62.96 8.23 21.62
N THR RA 246 -62.41 7.26 20.91
CA THR RA 246 -61.00 6.96 21.20
C THR RA 246 -60.21 8.21 20.85
N LYS RA 247 -60.52 8.80 19.71
CA LYS RA 247 -59.79 10.00 19.25
C LYS RA 247 -60.13 11.17 20.16
N LEU RA 248 -61.31 11.11 20.77
CA LEU RA 248 -61.70 12.17 21.73
C LEU RA 248 -60.74 12.11 22.91
N MET RA 249 -60.48 10.89 23.39
CA MET RA 249 -59.49 10.75 24.46
C MET RA 249 -58.21 11.27 23.84
N GLY RA 250 -58.05 10.97 22.57
CA GLY RA 250 -56.82 11.33 21.86
C GLY RA 250 -56.19 10.01 21.55
N CYS RA 251 -56.86 8.95 21.97
CA CYS RA 251 -56.37 7.58 21.69
C CYS RA 251 -56.66 7.21 20.25
N ASP RA 252 -56.00 6.15 19.74
CA ASP RA 252 -56.28 5.67 18.38
C ASP RA 252 -57.19 4.45 18.48
N CYS RA 253 -58.18 4.29 17.58
CA CYS RA 253 -58.96 3.02 17.67
C CYS RA 253 -59.10 2.45 16.25
N LEU RA 254 -58.98 1.13 16.08
CA LEU RA 254 -59.03 0.60 14.71
C LEU RA 254 -60.02 -0.57 14.67
N VAL RA 255 -60.64 -0.84 13.52
CA VAL RA 255 -61.50 -2.05 13.41
C VAL RA 255 -60.73 -3.16 12.69
N SER RA 256 -60.38 -4.22 13.40
CA SER RA 256 -59.54 -5.28 12.78
C SER RA 256 -60.38 -6.45 12.26
N GLY RA 257 -61.45 -6.80 12.98
CA GLY RA 257 -62.24 -7.98 12.57
C GLY RA 257 -63.71 -7.60 12.54
N VAL RA 258 -64.50 -8.23 11.66
CA VAL RA 258 -65.94 -7.86 11.52
C VAL RA 258 -66.59 -8.78 10.49
N SER RA 259 -67.92 -8.74 10.38
CA SER RA 259 -68.61 -9.53 9.34
C SER RA 259 -68.93 -8.61 8.17
N PRO RA 260 -69.11 -9.13 6.94
CA PRO RA 260 -69.48 -8.29 5.78
C PRO RA 260 -70.93 -7.83 5.65
N SER RA 261 -71.89 -8.72 5.85
CA SER RA 261 -73.31 -8.31 5.81
C SER RA 261 -73.53 -7.40 6.99
N ILE RA 262 -72.73 -7.60 8.02
CA ILE RA 262 -72.83 -6.69 9.17
C ILE RA 262 -72.49 -5.33 8.58
N ALA RA 263 -71.43 -5.30 7.78
CA ALA RA 263 -70.99 -4.04 7.17
C ALA RA 263 -72.06 -3.55 6.22
N ARG RA 264 -72.67 -4.47 5.49
CA ARG RA 264 -73.62 -3.97 4.47
C ARG RA 264 -74.73 -3.28 5.23
N THR RA 265 -75.19 -3.93 6.29
CA THR RA 265 -76.35 -3.41 7.02
C THR RA 265 -75.95 -2.00 7.42
N MET RA 266 -74.68 -1.85 7.77
CA MET RA 266 -74.17 -0.52 8.18
C MET RA 266 -74.23 0.43 6.98
N VAL RA 267 -73.59 0.02 5.89
CA VAL RA 267 -73.51 1.00 4.77
C VAL RA 267 -74.94 1.31 4.36
N GLN RA 268 -75.78 0.28 4.29
CA GLN RA 268 -77.19 0.47 3.89
C GLN RA 268 -77.82 1.51 4.83
N LEU RA 269 -77.24 1.72 6.01
CA LEU RA 269 -77.90 2.70 6.91
C LEU RA 269 -77.66 4.06 6.27
N GLY RA 270 -76.76 4.10 5.30
CA GLY RA 270 -76.44 5.37 4.63
C GLY RA 270 -75.39 6.05 5.45
N ILE RA 271 -74.83 5.31 6.42
CA ILE RA 271 -73.73 5.88 7.24
C ILE RA 271 -72.76 6.63 6.32
N ASN RA 272 -72.25 7.78 6.75
CA ASN RA 272 -71.38 8.58 5.85
C ASN RA 272 -70.16 9.13 6.60
N VAL RA 273 -70.30 9.35 7.89
CA VAL RA 273 -69.23 10.03 8.67
C VAL RA 273 -67.93 9.22 8.76
N GLY RA 274 -68.00 7.89 8.84
CA GLY RA 274 -66.78 7.13 9.11
C GLY RA 274 -65.64 7.39 8.15
N GLU RA 275 -64.47 7.74 8.69
CA GLU RA 275 -63.24 7.94 7.87
C GLU RA 275 -62.05 7.62 8.78
N VAL RA 276 -62.15 6.56 9.58
CA VAL RA 276 -61.07 6.24 10.57
C VAL RA 276 -60.18 5.13 9.99
N ARG RA 277 -59.25 4.63 10.81
CA ARG RA 277 -58.31 3.57 10.35
C ARG RA 277 -58.88 2.19 10.72
N THR RA 278 -58.69 1.20 9.85
CA THR RA 278 -59.13 -0.20 10.14
C THR RA 278 -58.07 -1.18 9.66
N ASN RA 279 -58.31 -2.50 9.79
CA ASN RA 279 -57.29 -3.51 9.41
C ASN RA 279 -57.94 -4.86 9.11
N ALA RA 280 -57.19 -5.81 8.54
CA ALA RA 280 -57.72 -7.16 8.23
C ALA RA 280 -57.40 -8.12 9.38
N THR RA 281 -58.37 -8.45 10.23
CA THR RA 281 -58.18 -9.41 11.36
C THR RA 281 -57.13 -8.87 12.33
N LEU RA 282 -56.86 -9.62 13.39
CA LEU RA 282 -55.80 -9.20 14.33
C LEU RA 282 -54.44 -9.37 13.63
N ARG RA 283 -54.45 -9.70 12.34
CA ARG RA 283 -53.13 -9.98 11.71
C ARG RA 283 -52.60 -8.67 11.18
N ASP RA 284 -53.33 -8.09 10.22
CA ASP RA 284 -52.93 -6.78 9.64
C ASP RA 284 -53.01 -5.70 10.72
N ALA RA 285 -53.78 -5.92 11.80
CA ALA RA 285 -53.83 -4.84 12.79
C ALA RA 285 -52.47 -4.76 13.49
N LEU RA 286 -51.95 -5.89 13.90
CA LEU RA 286 -50.67 -5.93 14.63
C LEU RA 286 -49.59 -5.50 13.67
N GLU RA 287 -49.72 -5.94 12.42
CA GLU RA 287 -48.61 -5.60 11.52
C GLU RA 287 -48.50 -4.09 11.54
N ASN RA 288 -49.65 -3.43 11.40
CA ASN RA 288 -49.63 -1.96 11.38
C ASN RA 288 -49.12 -1.51 12.73
N ALA RA 289 -49.57 -2.19 13.80
CA ALA RA 289 -49.16 -1.60 15.08
C ALA RA 289 -47.66 -1.73 15.20
N PHE RA 290 -47.10 -2.88 14.84
CA PHE RA 290 -45.64 -3.09 15.02
C PHE RA 290 -44.92 -2.15 14.07
N LYS RA 291 -45.70 -1.47 13.23
CA LYS RA 291 -45.12 -0.48 12.28
C LYS RA 291 -45.27 0.93 12.87
N ILE RA 292 -46.41 1.10 13.55
CA ILE RA 292 -46.59 2.33 14.33
C ILE RA 292 -45.64 2.05 15.49
N VAL RA 293 -45.11 0.82 15.52
CA VAL RA 293 -44.15 0.42 16.60
C VAL RA 293 -42.82 0.05 15.93
N GLU SA 169 -57.94 60.46 12.81
CA GLU SA 169 -57.70 59.03 12.68
C GLU SA 169 -56.65 58.77 11.59
N GLN SA 170 -56.73 59.51 10.48
CA GLN SA 170 -55.77 59.34 9.40
C GLN SA 170 -54.36 59.69 9.87
N SER SA 171 -54.21 60.62 10.80
CA SER SA 171 -52.87 60.86 11.33
C SER SA 171 -52.43 59.52 11.96
N GLU SA 172 -53.22 59.09 12.93
CA GLU SA 172 -52.80 57.90 13.69
C GLU SA 172 -52.67 56.77 12.70
N ALA SA 173 -53.46 56.82 11.63
CA ALA SA 173 -53.33 55.79 10.58
C ALA SA 173 -51.96 55.96 9.95
N LEU SA 174 -51.48 57.19 9.79
CA LEU SA 174 -50.13 57.44 9.23
C LEU SA 174 -49.07 56.88 10.19
N LEU SA 175 -49.29 57.18 11.47
CA LEU SA 175 -48.33 56.74 12.50
C LEU SA 175 -48.34 55.23 12.47
N ALA SA 176 -49.50 54.67 12.13
CA ALA SA 176 -49.61 53.20 12.07
C ALA SA 176 -48.62 52.72 11.02
N MET SA 177 -48.47 53.47 9.94
CA MET SA 177 -47.61 53.03 8.81
C MET SA 177 -46.11 52.92 9.10
N SER SA 178 -45.48 53.89 9.77
CA SER SA 178 -43.99 53.91 9.89
C SER SA 178 -43.36 52.75 10.67
N THR SA 179 -43.96 52.34 11.80
CA THR SA 179 -43.29 51.30 12.64
C THR SA 179 -43.17 49.97 11.90
N PRO SA 180 -44.18 49.48 11.16
CA PRO SA 180 -44.01 48.26 10.37
C PRO SA 180 -42.93 48.45 9.29
N VAL SA 181 -42.95 49.62 8.65
CA VAL SA 181 -41.99 49.86 7.55
C VAL SA 181 -40.60 49.93 8.17
N THR SA 182 -40.52 49.95 9.50
CA THR SA 182 -39.18 49.81 10.13
C THR SA 182 -38.82 48.35 10.45
N MET SA 183 -39.72 47.58 11.05
CA MET SA 183 -39.37 46.22 11.57
C MET SA 183 -39.15 45.17 10.47
N ILE SA 184 -38.17 44.28 10.65
CA ILE SA 184 -38.00 43.13 9.71
C ILE SA 184 -37.35 41.92 10.41
N TRP SA 185 -37.65 40.72 9.92
CA TRP SA 185 -37.08 39.47 10.49
C TRP SA 185 -35.57 39.61 10.63
N GLN SA 186 -34.99 38.83 11.53
CA GLN SA 186 -33.51 38.81 11.65
C GLN SA 186 -32.98 40.20 12.02
N ASP SA 187 -33.75 41.03 12.73
CA ASP SA 187 -33.20 42.31 13.26
C ASP SA 187 -32.85 43.26 12.12
N ILE SA 188 -33.10 42.88 10.87
CA ILE SA 188 -32.83 43.88 9.81
C ILE SA 188 -33.88 44.97 9.99
N LEU SA 189 -33.54 46.23 9.66
CA LEU SA 189 -34.54 47.32 9.75
C LEU SA 189 -34.53 48.12 8.45
N MET SA 190 -35.59 48.88 8.20
CA MET SA 190 -35.68 49.72 6.98
C MET SA 190 -36.73 50.80 7.25
N LEU SA 191 -37.06 51.66 6.28
CA LEU SA 191 -38.17 52.60 6.56
C LEU SA 191 -38.83 53.14 5.29
N PRO SA 192 -39.64 52.36 4.52
CA PRO SA 192 -40.37 52.96 3.39
C PRO SA 192 -41.40 54.00 3.86
N ILE SA 193 -41.61 55.08 3.09
CA ILE SA 193 -42.60 56.15 3.46
C ILE SA 193 -43.08 56.94 2.23
N VAL SA 194 -44.16 57.72 2.39
CA VAL SA 194 -44.72 58.56 1.28
C VAL SA 194 -43.84 59.81 1.11
N GLY SA 195 -43.59 60.23 -0.12
CA GLY SA 195 -42.66 61.36 -0.35
C GLY SA 195 -43.22 62.71 0.00
N ILE SA 196 -44.45 63.04 -0.39
CA ILE SA 196 -44.94 64.37 0.05
C ILE SA 196 -45.52 64.14 1.44
N ILE SA 197 -44.79 64.59 2.44
CA ILE SA 197 -45.26 64.30 3.82
C ILE SA 197 -45.04 65.55 4.67
N ASP SA 198 -45.67 65.64 5.85
CA ASP SA 198 -45.40 66.78 6.78
C ASP SA 198 -44.00 66.72 7.41
N SER SA 199 -43.34 67.87 7.53
CA SER SA 199 -41.99 67.96 8.16
C SER SA 199 -42.05 67.59 9.64
N LYS SA 200 -43.10 68.05 10.32
CA LYS SA 200 -43.24 67.73 11.76
C LYS SA 200 -43.44 66.22 11.86
N ARG SA 201 -44.19 65.65 10.91
CA ARG SA 201 -44.43 64.19 10.90
C ARG SA 201 -43.10 63.48 10.69
N ALA SA 202 -42.24 64.06 9.87
CA ALA SA 202 -40.90 63.49 9.65
C ALA SA 202 -40.10 63.53 10.94
N GLN SA 203 -40.23 64.62 11.69
CA GLN SA 203 -39.57 64.67 13.01
C GLN SA 203 -40.15 63.56 13.87
N ASP SA 204 -41.43 63.32 13.67
CA ASP SA 204 -42.06 62.24 14.44
C ASP SA 204 -41.31 60.97 14.05
N ILE SA 205 -41.12 60.81 12.75
CA ILE SA 205 -40.49 59.56 12.30
C ILE SA 205 -39.11 59.53 12.93
N MET SA 206 -38.47 60.68 12.97
CA MET SA 206 -37.13 60.77 13.57
C MET SA 206 -37.22 60.17 14.98
N SER SA 207 -38.26 60.53 15.71
CA SER SA 207 -38.38 60.14 17.12
C SER SA 207 -38.64 58.65 17.12
N ALA SA 208 -39.44 58.23 16.15
CA ALA SA 208 -39.81 56.81 16.07
C ALA SA 208 -38.55 56.00 15.88
N VAL SA 209 -37.68 56.44 14.99
CA VAL SA 209 -36.49 55.59 14.75
C VAL SA 209 -35.71 55.53 16.04
N LEU SA 210 -35.58 56.65 16.76
CA LEU SA 210 -34.74 56.53 17.97
C LEU SA 210 -35.36 55.48 18.87
N ASN SA 211 -36.65 55.61 19.14
CA ASN SA 211 -37.21 54.66 20.11
C ASN SA 211 -37.11 53.26 19.52
N LYS SA 212 -37.30 53.17 18.22
CA LYS SA 212 -37.31 51.81 17.64
C LYS SA 212 -35.94 51.23 17.90
N ILE SA 213 -34.94 52.07 17.71
CA ILE SA 213 -33.57 51.53 17.84
C ILE SA 213 -33.42 51.07 19.28
N SER SA 214 -33.90 51.86 20.22
CA SER SA 214 -33.69 51.35 21.60
C SER SA 214 -34.40 50.02 21.67
N GLU SA 215 -35.64 50.02 21.21
CA GLU SA 215 -36.50 48.84 21.45
C GLU SA 215 -35.69 47.62 21.08
N ASN SA 216 -35.15 47.63 19.88
CA ASN SA 216 -34.22 46.53 19.62
C ASN SA 216 -33.05 47.23 19.01
N ARG SA 217 -31.96 47.26 19.76
CA ARG SA 217 -30.78 47.83 19.11
C ARG SA 217 -30.57 47.09 17.78
N ALA SA 218 -30.46 47.83 16.66
CA ALA SA 218 -30.21 47.21 15.33
C ALA SA 218 -29.08 47.95 14.61
N LYS SA 219 -27.98 47.30 14.25
CA LYS SA 219 -26.99 48.06 13.46
C LYS SA 219 -27.57 48.18 12.06
N ILE SA 220 -28.51 47.30 11.74
CA ILE SA 220 -29.07 47.26 10.37
C ILE SA 220 -30.33 48.10 10.34
N PHE SA 221 -30.39 49.04 9.40
CA PHE SA 221 -31.61 49.87 9.22
C PHE SA 221 -31.53 50.46 7.81
N ILE SA 222 -32.66 50.80 7.19
CA ILE SA 222 -32.56 51.43 5.85
C ILE SA 222 -33.60 52.52 5.68
N MET SA 223 -33.31 53.46 4.80
CA MET SA 223 -34.34 54.45 4.46
C MET SA 223 -34.92 53.99 3.13
N ASP SA 224 -36.19 53.63 3.10
CA ASP SA 224 -36.75 53.27 1.78
C ASP SA 224 -37.66 54.41 1.34
N ILE SA 225 -37.49 54.88 0.09
CA ILE SA 225 -38.31 56.01 -0.40
C ILE SA 225 -38.84 55.60 -1.77
N SER SA 226 -38.97 54.30 -1.99
CA SER SA 226 -39.39 53.86 -3.33
C SER SA 226 -40.57 54.71 -3.79
N GLY SA 227 -40.50 55.19 -5.03
CA GLY SA 227 -41.65 55.94 -5.54
C GLY SA 227 -41.97 57.07 -4.59
N VAL SA 228 -40.97 57.87 -4.23
CA VAL SA 228 -41.28 58.93 -3.23
C VAL SA 228 -42.47 59.69 -3.81
N ALA SA 229 -43.49 59.96 -2.99
CA ALA SA 229 -44.73 60.55 -3.52
C ALA SA 229 -44.45 61.90 -4.17
N VAL SA 230 -43.70 62.76 -3.50
CA VAL SA 230 -43.33 64.05 -4.14
C VAL SA 230 -41.97 64.41 -3.59
N VAL SA 231 -41.07 64.92 -4.45
CA VAL SA 231 -39.71 65.35 -4.01
C VAL SA 231 -39.82 66.74 -3.39
N ASP SA 232 -40.34 66.83 -2.15
CA ASP SA 232 -40.49 68.13 -1.45
C ASP SA 232 -39.10 68.68 -1.07
N THR SA 233 -38.96 70.01 -1.02
CA THR SA 233 -37.65 70.63 -0.71
C THR SA 233 -37.21 70.28 0.71
N ALA SA 234 -38.04 70.58 1.72
CA ALA SA 234 -37.63 70.34 3.14
C ALA SA 234 -37.52 68.84 3.36
N VAL SA 235 -38.19 68.09 2.51
CA VAL SA 235 -38.20 66.62 2.71
C VAL SA 235 -36.77 66.11 2.55
N ALA SA 236 -36.04 66.62 1.58
CA ALA SA 236 -34.64 66.19 1.49
C ALA SA 236 -34.10 66.45 2.87
N ASN SA 237 -34.20 67.69 3.28
CA ASN SA 237 -33.60 68.09 4.55
C ASN SA 237 -33.78 67.00 5.54
N HIS SA 238 -34.98 66.46 5.58
CA HIS SA 238 -35.17 65.46 6.63
C HIS SA 238 -34.14 64.36 6.40
N PHE SA 239 -34.27 63.65 5.27
CA PHE SA 239 -33.35 62.55 4.91
C PHE SA 239 -31.91 63.05 4.85
N ILE SA 240 -31.68 64.34 4.60
CA ILE SA 240 -30.29 64.84 4.68
C ILE SA 240 -29.88 64.62 6.12
N LYS SA 241 -30.58 65.34 7.00
CA LYS SA 241 -30.21 65.25 8.42
C LYS SA 241 -30.43 63.83 8.86
N ILE SA 242 -31.51 63.22 8.39
CA ILE SA 242 -31.88 61.87 8.88
C ILE SA 242 -30.81 60.88 8.50
N THR SA 243 -30.34 60.97 7.27
CA THR SA 243 -29.39 59.91 6.86
C THR SA 243 -28.22 60.09 7.80
N LYS SA 244 -27.83 61.35 7.99
CA LYS SA 244 -26.61 61.48 8.79
C LYS SA 244 -26.86 60.88 10.16
N ALA SA 245 -27.98 61.25 10.77
CA ALA SA 245 -28.19 60.84 12.16
C ALA SA 245 -28.20 59.34 12.27
N THR SA 246 -28.94 58.69 11.39
CA THR SA 246 -29.10 57.24 11.56
C THR SA 246 -27.77 56.55 11.42
N LYS SA 247 -27.03 56.90 10.38
CA LYS SA 247 -25.81 56.09 10.21
C LYS SA 247 -24.92 56.34 11.41
N LEU SA 248 -24.83 57.61 11.79
CA LEU SA 248 -23.84 57.96 12.82
C LEU SA 248 -24.27 57.46 14.20
N MET SA 249 -25.52 57.02 14.32
CA MET SA 249 -25.97 56.40 15.57
C MET SA 249 -25.11 55.16 15.73
N GLY SA 250 -24.50 54.74 14.64
CA GLY SA 250 -23.79 53.46 14.69
C GLY SA 250 -24.80 52.50 14.15
N CYS SA 251 -25.93 53.05 13.75
CA CYS SA 251 -26.98 52.20 13.15
C CYS SA 251 -27.08 52.56 11.68
N ASP SA 252 -26.46 51.78 10.80
CA ASP SA 252 -26.40 52.12 9.35
C ASP SA 252 -27.77 52.45 8.76
N CYS SA 253 -27.84 53.29 7.70
CA CYS SA 253 -29.14 53.49 7.01
C CYS SA 253 -28.88 53.46 5.49
N LEU SA 254 -29.75 52.82 4.72
CA LEU SA 254 -29.46 52.69 3.27
C LEU SA 254 -30.69 53.13 2.47
N VAL SA 255 -30.49 53.64 1.25
CA VAL SA 255 -31.69 53.94 0.41
C VAL SA 255 -31.87 52.83 -0.63
N SER SA 256 -32.94 52.05 -0.49
CA SER SA 256 -33.13 50.88 -1.39
C SER SA 256 -34.06 51.19 -2.56
N GLY SA 257 -35.09 52.01 -2.33
CA GLY SA 257 -36.05 52.28 -3.41
C GLY SA 257 -36.27 53.78 -3.52
N VAL SA 258 -36.56 54.29 -4.72
CA VAL SA 258 -36.72 55.76 -4.92
C VAL SA 258 -37.12 56.02 -6.38
N SER SA 259 -37.50 57.26 -6.69
CA SER SA 259 -37.80 57.61 -8.10
C SER SA 259 -36.58 58.32 -8.69
N PRO SA 260 -36.39 58.32 -10.03
CA PRO SA 260 -35.26 59.03 -10.65
C PRO SA 260 -35.35 60.55 -10.80
N SER SA 261 -36.49 61.06 -11.25
CA SER SA 261 -36.65 62.53 -11.36
C SER SA 261 -36.65 63.06 -9.93
N ILE SA 262 -37.08 62.21 -9.01
CA ILE SA 262 -37.02 62.62 -7.60
C ILE SA 262 -35.54 62.88 -7.36
N ALA SA 263 -34.72 61.94 -7.83
CA ALA SA 263 -33.27 62.06 -7.63
C ALA SA 263 -32.76 63.27 -8.40
N ARG SA 264 -33.29 63.49 -9.59
CA ARG SA 264 -32.71 64.60 -10.37
C ARG SA 264 -32.98 65.86 -9.59
N THR SA 265 -34.20 65.97 -9.11
CA THR SA 265 -34.59 67.22 -8.44
C THR SA 265 -33.58 67.41 -7.32
N MET SA 266 -33.20 66.29 -6.73
CA MET SA 266 -32.22 66.35 -5.62
C MET SA 266 -30.88 66.81 -6.17
N VAL SA 267 -30.39 66.12 -7.17
CA VAL SA 267 -29.01 66.47 -7.61
C VAL SA 267 -29.05 67.91 -8.07
N GLN SA 268 -30.11 68.28 -8.81
CA GLN SA 268 -30.26 69.66 -9.31
C GLN SA 268 -30.18 70.61 -8.12
N LEU SA 269 -30.43 70.13 -6.90
CA LEU SA 269 -30.39 71.10 -5.78
C LEU SA 269 -28.93 71.44 -5.59
N GLY SA 270 -28.06 70.66 -6.24
CA GLY SA 270 -26.62 70.89 -6.11
C GLY SA 270 -26.16 70.18 -4.87
N ILE SA 271 -27.03 69.34 -4.32
CA ILE SA 271 -26.64 68.54 -3.13
C ILE SA 271 -25.25 67.97 -3.36
N ASN SA 272 -24.40 67.94 -2.33
CA ASN SA 272 -23.00 67.50 -2.53
C ASN SA 272 -22.54 66.58 -1.40
N VAL SA 273 -23.11 66.75 -0.21
CA VAL SA 273 -22.62 66.00 0.99
C VAL SA 273 -22.82 64.49 0.89
N GLY SA 274 -23.92 64.03 0.29
CA GLY SA 274 -24.21 62.60 0.37
C GLY SA 274 -23.09 61.69 -0.10
N GLU SA 275 -22.69 60.73 0.74
CA GLU SA 275 -21.67 59.71 0.37
C GLU SA 275 -21.97 58.46 1.20
N VAL SA 276 -23.25 58.11 1.33
CA VAL SA 276 -23.64 56.96 2.21
C VAL SA 276 -23.88 55.71 1.34
N ARG SA 277 -24.36 54.63 1.95
CA ARG SA 277 -24.59 53.37 1.21
C ARG SA 277 -26.05 53.32 0.73
N THR SA 278 -26.29 52.79 -0.47
CA THR SA 278 -27.67 52.63 -1.00
C THR SA 278 -27.79 51.27 -1.71
N ASN SA 279 -28.96 50.97 -2.30
CA ASN SA 279 -29.19 49.63 -2.93
C ASN SA 279 -30.29 49.71 -3.99
N ALA SA 280 -30.45 48.66 -4.80
CA ALA SA 280 -31.52 48.61 -5.84
C ALA SA 280 -32.75 47.89 -5.29
N THR SA 281 -33.79 48.63 -4.90
CA THR SA 281 -35.07 48.04 -4.40
C THR SA 281 -34.80 47.26 -3.11
N LEU SA 282 -35.85 46.66 -2.54
CA LEU SA 282 -35.64 45.83 -1.34
C LEU SA 282 -34.92 44.55 -1.76
N ARG SA 283 -34.49 44.46 -3.02
CA ARG SA 283 -33.91 43.16 -3.45
C ARG SA 283 -32.42 43.23 -3.15
N ASP SA 284 -31.73 44.16 -3.81
CA ASP SA 284 -30.27 44.32 -3.57
C ASP SA 284 -30.05 44.80 -2.13
N ALA SA 285 -31.06 45.38 -1.46
CA ALA SA 285 -30.77 45.83 -0.10
C ALA SA 285 -30.59 44.59 0.78
N LEU SA 286 -31.50 43.64 0.66
CA LEU SA 286 -31.47 42.43 1.49
C LEU SA 286 -30.24 41.64 1.10
N GLU SA 287 -29.96 41.63 -0.21
CA GLU SA 287 -28.83 40.78 -0.59
C GLU SA 287 -27.64 41.29 0.20
N ASN SA 288 -27.47 42.60 0.19
CA ASN SA 288 -26.32 43.17 0.92
C ASN SA 288 -26.51 42.84 2.39
N ALA SA 289 -27.75 42.94 2.86
CA ALA SA 289 -27.84 42.76 4.32
C ALA SA 289 -27.47 41.33 4.64
N PHE SA 290 -27.96 40.37 3.87
CA PHE SA 290 -27.71 38.94 4.17
C PHE SA 290 -26.22 38.69 3.98
N LYS SA 291 -25.53 39.70 3.47
CA LYS SA 291 -24.05 39.60 3.26
C LYS SA 291 -23.33 40.28 4.42
N ILE SA 292 -23.97 41.36 4.88
CA ILE SA 292 -23.50 41.99 6.13
C ILE SA 292 -24.01 40.97 7.15
N VAL SA 293 -24.78 40.00 6.65
CA VAL SA 293 -25.31 38.91 7.55
C VAL SA 293 -24.77 37.57 7.04
N GLU TA 169 -56.17 63.71 -1.15
CA GLU TA 169 -54.76 63.31 -1.17
C GLU TA 169 -54.52 62.15 -0.20
N GLN TA 170 -55.15 62.20 0.97
CA GLN TA 170 -54.99 61.14 1.95
C GLN TA 170 -55.50 59.81 1.39
N SER TA 171 -56.53 59.84 0.55
CA SER TA 171 -56.94 58.58 -0.07
C SER TA 171 -55.71 58.07 -0.87
N GLU TA 172 -55.30 58.92 -1.80
CA GLU TA 172 -54.23 58.45 -2.71
C GLU TA 172 -53.02 58.13 -1.84
N ALA TA 173 -52.90 58.82 -0.70
CA ALA TA 173 -51.81 58.51 0.24
C ALA TA 173 -52.04 57.10 0.75
N LEU TA 174 -53.31 56.72 0.98
CA LEU TA 174 -53.65 55.35 1.44
C LEU TA 174 -53.28 54.34 0.36
N LEU TA 175 -53.66 54.70 -0.86
CA LEU TA 175 -53.42 53.81 -2.02
C LEU TA 175 -51.91 53.68 -2.14
N ALA TA 176 -51.21 54.75 -1.75
CA ALA TA 176 -49.74 54.72 -1.81
C ALA TA 176 -49.27 53.59 -0.91
N MET TA 177 -49.95 53.41 0.23
CA MET TA 177 -49.48 52.41 1.23
C MET TA 177 -49.55 50.93 0.80
N SER TA 178 -50.64 50.47 0.17
CA SER TA 178 -50.81 49.01 -0.07
C SER TA 178 -49.78 48.36 -1.01
N THR TA 179 -49.42 49.00 -2.11
CA THR TA 179 -48.53 48.35 -3.10
C THR TA 179 -47.16 48.02 -2.52
N PRO TA 180 -46.50 48.91 -1.73
CA PRO TA 180 -45.25 48.55 -1.08
C PRO TA 180 -45.45 47.41 -0.08
N VAL TA 181 -46.54 47.47 0.66
CA VAL TA 181 -46.79 46.43 1.69
C VAL TA 181 -47.05 45.12 0.96
N THR TA 182 -47.18 45.16 -0.36
CA THR TA 182 -47.24 43.88 -1.11
C THR TA 182 -45.86 43.42 -1.60
N MET TA 183 -45.05 44.31 -2.19
CA MET TA 183 -43.79 43.88 -2.86
C MET TA 183 -42.68 43.47 -1.90
N ILE TA 184 -41.90 42.43 -2.24
CA ILE TA 184 -40.69 42.07 -1.44
C ILE TA 184 -39.63 41.38 -2.31
N TRP TA 185 -38.37 41.52 -1.91
CA TRP TA 185 -37.24 40.90 -2.64
C TRP TA 185 -37.53 39.43 -2.89
N GLN TA 186 -36.89 38.87 -3.91
CA GLN TA 186 -37.03 37.41 -4.16
C GLN TA 186 -38.50 37.04 -4.44
N ASP TA 187 -39.30 37.95 -5.00
CA ASP TA 187 -40.67 37.58 -5.44
C ASP TA 187 -41.55 37.20 -4.25
N ILE TA 188 -41.04 37.31 -3.03
CA ILE TA 188 -41.96 37.02 -1.90
C ILE TA 188 -42.96 38.18 -1.89
N LEU TA 189 -44.21 37.93 -1.48
CA LEU TA 189 -45.20 39.02 -1.37
C LEU TA 189 -45.88 38.96 -0.01
N MET TA 190 -46.51 40.06 0.40
CA MET TA 190 -47.22 40.11 1.70
C MET TA 190 -48.20 41.28 1.62
N LEU TA 191 -48.94 41.58 2.70
CA LEU TA 191 -49.79 42.80 2.61
C LEU TA 191 -50.14 43.39 3.98
N PRO TA 192 -49.23 44.03 4.74
CA PRO TA 192 -49.66 44.72 5.97
C PRO TA 192 -50.63 45.88 5.70
N ILE TA 193 -51.61 46.10 6.57
CA ILE TA 193 -52.60 47.22 6.41
C ILE TA 193 -53.23 47.65 7.74
N VAL TA 194 -53.91 48.81 7.75
CA VAL TA 194 -54.58 49.33 8.97
C VAL TA 194 -55.89 48.56 9.19
N GLY TA 195 -56.23 48.23 10.44
CA GLY TA 195 -57.42 47.39 10.69
C GLY TA 195 -58.75 48.10 10.52
N ILE TA 196 -58.91 49.31 11.05
CA ILE TA 196 -60.22 49.96 10.77
C ILE TA 196 -60.06 50.66 9.43
N ILE TA 197 -60.67 50.06 8.41
CA ILE TA 197 -60.45 50.62 7.05
C ILE TA 197 -61.78 50.61 6.32
N ASP TA 198 -61.92 51.35 5.21
CA ASP TA 198 -63.14 51.27 4.37
C ASP TA 198 -63.28 49.94 3.63
N SER TA 199 -64.51 49.40 3.56
CA SER TA 199 -64.78 48.14 2.82
C SER TA 199 -64.53 48.30 1.33
N LYS TA 200 -64.95 49.44 0.79
CA LYS TA 200 -64.74 49.69 -0.66
C LYS TA 200 -63.24 49.77 -0.89
N ARG TA 201 -62.52 50.36 0.06
CA ARG TA 201 -61.04 50.46 -0.05
C ARG TA 201 -60.44 49.07 -0.02
N ALA TA 202 -61.04 48.19 0.78
CA ALA TA 202 -60.59 46.78 0.82
C ALA TA 202 -60.82 46.11 -0.51
N GLN TA 203 -61.95 46.42 -1.15
CA GLN TA 203 -62.18 45.89 -2.51
C GLN TA 203 -61.11 46.45 -3.42
N ASP TA 204 -60.72 47.67 -3.13
CA ASP TA 204 -59.65 48.27 -3.95
C ASP TA 204 -58.44 47.39 -3.75
N ILE TA 205 -58.19 47.05 -2.49
CA ILE TA 205 -56.96 46.28 -2.22
C ILE TA 205 -57.13 44.96 -2.97
N MET TA 206 -58.34 44.44 -2.95
CA MET TA 206 -58.60 43.17 -3.65
C MET TA 206 -58.14 43.34 -5.09
N SER TA 207 -58.45 44.47 -5.70
CA SER TA 207 -58.17 44.69 -7.13
C SER TA 207 -56.66 44.81 -7.24
N ALA TA 208 -56.08 45.47 -6.25
CA ALA TA 208 -54.64 45.72 -6.28
C ALA TA 208 -53.93 44.37 -6.27
N VAL TA 209 -54.39 43.46 -5.43
CA VAL TA 209 -53.65 42.18 -5.36
C VAL TA 209 -53.77 41.52 -6.73
N LEU TA 210 -54.95 41.57 -7.33
CA LEU TA 210 -55.04 40.84 -8.61
C LEU TA 210 -54.01 41.44 -9.58
N ASN TA 211 -54.03 42.75 -9.71
CA ASN TA 211 -53.12 43.32 -10.72
C ASN TA 211 -51.69 43.03 -10.28
N LYS TA 212 -51.46 43.09 -8.98
CA LYS TA 212 -50.06 42.92 -8.53
C LYS TA 212 -49.65 41.54 -8.95
N ILE TA 213 -50.57 40.60 -8.79
CA ILE TA 213 -50.17 39.21 -9.08
C ILE TA 213 -49.86 39.16 -10.57
N SER TA 214 -50.68 39.79 -11.39
CA SER TA 214 -50.31 39.67 -12.81
C SER TA 214 -48.93 40.25 -12.95
N GLU TA 215 -48.77 41.45 -12.39
CA GLU TA 215 -47.54 42.20 -12.66
C GLU TA 215 -46.38 41.25 -12.48
N ASN TA 216 -46.33 40.61 -11.34
CA ASN TA 216 -45.31 39.57 -11.26
C ASN TA 216 -46.07 38.41 -10.70
N ARG TA 217 -46.27 37.41 -11.52
CA ARG TA 217 -46.91 36.22 -10.94
C ARG TA 217 -46.07 35.84 -9.70
N ALA TA 218 -46.70 35.68 -8.54
CA ALA TA 218 -46.00 35.25 -7.29
C ALA TA 218 -46.79 34.13 -6.61
N LYS TA 219 -46.23 32.95 -6.41
CA LYS TA 219 -47.01 31.95 -5.63
C LYS TA 219 -46.94 32.40 -4.17
N ILE TA 220 -45.95 33.23 -3.87
CA ILE TA 220 -45.73 33.65 -2.46
C ILE TA 220 -46.43 34.98 -2.24
N PHE TA 221 -47.28 35.04 -1.22
CA PHE TA 221 -47.97 36.30 -0.85
C PHE TA 221 -48.43 36.14 0.59
N ILE TA 222 -48.61 37.23 1.34
CA ILE TA 222 -49.13 37.06 2.72
C ILE TA 222 -50.09 38.18 3.08
N MET TA 223 -50.97 37.89 4.03
CA MET TA 223 -51.83 38.98 4.54
C MET TA 223 -51.20 39.38 5.87
N ASP TA 224 -50.70 40.60 5.97
CA ASP TA 224 -50.18 40.99 7.30
C ASP TA 224 -51.17 41.97 7.93
N ILE TA 225 -51.56 41.72 9.18
CA ILE TA 225 -52.56 42.59 9.85
C ILE TA 225 -51.98 42.96 11.21
N SER TA 226 -50.65 42.94 11.32
CA SER TA 226 -50.06 43.19 12.64
C SER TA 226 -50.75 44.39 13.28
N GLY TA 227 -51.11 44.25 14.55
CA GLY TA 227 -51.70 45.41 15.22
C GLY TA 227 -52.87 45.92 14.43
N VAL TA 228 -53.80 45.03 14.06
CA VAL TA 228 -54.90 45.54 13.19
C VAL TA 228 -55.50 46.72 13.94
N ALA TA 229 -55.72 47.84 13.24
CA ALA TA 229 -56.14 49.07 13.93
C ALA TA 229 -57.45 48.86 14.68
N VAL TA 230 -58.43 48.25 14.04
CA VAL TA 230 -59.70 47.94 14.76
C VAL TA 230 -60.23 46.67 14.14
N VAL TA 231 -60.75 45.75 14.97
CA VAL TA 231 -61.35 44.48 14.44
C VAL TA 231 -62.78 44.78 13.96
N ASP TA 232 -62.92 45.41 12.80
CA ASP TA 232 -64.25 45.75 12.25
C ASP TA 232 -64.97 44.47 11.80
N THR TA 233 -66.31 44.45 11.87
CA THR TA 233 -67.09 43.24 11.50
C THR TA 233 -66.90 42.89 10.02
N ALA TA 234 -67.20 43.84 9.12
CA ALA TA 234 -67.13 43.55 7.67
C ALA TA 234 -65.68 43.32 7.29
N VAL TA 235 -64.79 43.84 8.13
CA VAL TA 235 -63.35 43.74 7.79
C VAL TA 235 -62.96 42.26 7.76
N ALA TA 236 -63.47 41.49 8.71
CA ALA TA 236 -63.17 40.06 8.65
C ALA TA 236 -63.60 39.68 7.25
N ASN TA 237 -64.86 39.92 6.98
CA ASN TA 237 -65.43 39.49 5.70
C ASN TA 237 -64.41 39.66 4.62
N HIS TA 238 -63.77 40.80 4.64
CA HIS TA 238 -62.84 41.00 3.51
C HIS TA 238 -61.84 39.85 3.55
N PHE TA 239 -61.02 39.82 4.61
CA PHE TA 239 -59.99 38.76 4.79
C PHE TA 239 -60.63 37.38 4.77
N ILE TA 240 -61.92 37.25 5.13
CA ILE TA 240 -62.53 35.92 4.97
C ILE TA 240 -62.50 35.62 3.48
N LYS TA 241 -63.21 36.46 2.75
CA LYS TA 241 -63.29 36.23 1.31
C LYS TA 241 -61.89 36.36 0.74
N ILE TA 242 -61.14 37.33 1.24
CA ILE TA 242 -59.80 37.63 0.66
C ILE TA 242 -58.89 36.44 0.85
N THR TA 243 -58.93 35.86 2.04
CA THR TA 243 -57.95 34.79 2.26
C THR TA 243 -58.31 33.73 1.24
N LYS TA 244 -59.62 33.48 1.15
CA LYS TA 244 -59.94 32.36 0.26
C LYS TA 244 -59.44 32.68 -1.14
N ALA TA 245 -59.75 33.88 -1.60
CA ALA TA 245 -59.44 34.18 -3.02
C ALA TA 245 -57.95 34.07 -3.27
N THR TA 246 -57.17 34.67 -2.39
CA THR TA 246 -55.72 34.70 -2.68
C THR TA 246 -55.16 33.31 -2.72
N LYS TA 247 -55.49 32.51 -1.72
CA LYS TA 247 -54.80 31.21 -1.73
C LYS TA 247 -55.23 30.47 -2.97
N LEU TA 248 -56.53 30.52 -3.24
CA LEU TA 248 -57.07 29.67 -4.32
C LEU TA 248 -56.66 30.19 -5.69
N MET TA 249 -56.11 31.39 -5.74
CA MET TA 249 -55.56 31.90 -7.01
C MET TA 249 -54.42 30.96 -7.36
N GLY TA 250 -53.98 30.20 -6.37
CA GLY TA 250 -52.78 29.39 -6.59
C GLY TA 250 -51.67 30.24 -6.07
N CYS TA 251 -52.08 31.39 -5.53
CA CYS TA 251 -51.09 32.30 -4.93
C CYS TA 251 -51.30 32.29 -3.42
N ASP TA 252 -50.51 31.52 -2.69
CA ASP TA 252 -50.73 31.35 -1.22
C ASP TA 252 -50.87 32.69 -0.48
N CYS TA 253 -51.60 32.73 0.65
CA CYS TA 253 -51.61 33.97 1.48
C CYS TA 253 -51.46 33.56 2.95
N LEU TA 254 -50.68 34.30 3.73
CA LEU TA 254 -50.46 33.87 5.14
C LEU TA 254 -50.70 35.04 6.07
N VAL TA 255 -51.11 34.79 7.32
CA VAL TA 255 -51.22 35.91 8.29
C VAL TA 255 -50.00 35.90 9.22
N SER TA 256 -49.15 36.90 9.10
CA SER TA 256 -47.89 36.90 9.89
C SER TA 256 -48.01 37.73 11.16
N GLY TA 257 -48.74 38.85 11.11
CA GLY TA 257 -48.82 39.74 12.28
C GLY TA 257 -50.27 40.07 12.55
N VAL TA 258 -50.64 40.29 13.82
CA VAL TA 258 -52.07 40.56 14.18
C VAL TA 258 -52.16 40.84 15.67
N SER TA 259 -53.32 41.31 16.14
CA SER TA 259 -53.51 41.50 17.60
C SER TA 259 -54.29 40.30 18.14
N PRO TA 260 -54.19 39.99 19.45
CA PRO TA 260 -54.95 38.87 20.04
C PRO TA 260 -56.44 39.08 20.34
N SER TA 261 -56.79 40.22 20.95
CA SER TA 261 -58.22 40.50 21.19
C SER TA 261 -58.87 40.69 19.85
N ILE TA 262 -58.06 41.11 18.89
CA ILE TA 262 -58.60 41.23 17.51
C ILE TA 262 -59.02 39.81 17.18
N ALA TA 263 -58.14 38.87 17.48
CA ALA TA 263 -58.42 37.46 17.18
C ALA TA 263 -59.60 37.00 18.01
N ARG TA 264 -59.66 37.43 19.26
CA ARG TA 264 -60.75 36.88 20.08
C ARG TA 264 -62.04 37.33 19.45
N THR TA 265 -62.06 38.60 19.09
CA THR TA 265 -63.33 39.17 18.58
C THR TA 265 -63.71 38.29 17.40
N MET TA 266 -62.70 37.86 16.67
CA MET TA 266 -62.94 37.00 15.50
C MET TA 266 -63.49 35.66 15.97
N VAL TA 267 -62.76 35.01 16.86
CA VAL TA 267 -63.20 33.64 17.21
C VAL TA 267 -64.60 33.76 17.81
N GLN TA 268 -64.78 34.78 18.66
CA GLN TA 268 -66.10 35.01 19.31
C GLN TA 268 -67.15 35.12 18.22
N LEU TA 269 -66.75 35.45 16.98
CA LEU TA 269 -67.82 35.59 15.96
C LEU TA 269 -68.31 34.19 15.68
N GLY TA 270 -67.57 33.21 16.17
CA GLY TA 270 -67.96 31.81 15.94
C GLY TA 270 -67.40 31.40 14.61
N ILE TA 271 -66.54 32.24 14.04
CA ILE TA 271 -65.88 31.89 12.76
C ILE TA 271 -65.44 30.44 12.82
N ASN TA 272 -65.58 29.69 11.72
CA ASN TA 272 -65.26 28.25 11.75
C ASN TA 272 -64.50 27.82 10.50
N VAL TA 273 -64.72 28.51 9.39
CA VAL TA 273 -64.14 28.08 8.09
C VAL TA 273 -62.61 28.13 8.06
N GLY TA 274 -61.98 29.11 8.70
CA GLY TA 274 -60.54 29.27 8.51
C GLY TA 274 -59.70 28.05 8.79
N GLU TA 275 -58.88 27.65 7.83
CA GLU TA 275 -57.95 26.50 8.02
C GLU TA 275 -56.74 26.77 7.10
N VAL TA 276 -56.27 28.02 7.04
CA VAL TA 276 -55.17 28.38 6.10
C VAL TA 276 -53.84 28.42 6.86
N ARG TA 277 -52.77 28.86 6.19
CA ARG TA 277 -51.43 28.90 6.84
C ARG TA 277 -51.20 30.30 7.42
N THR TA 278 -50.54 30.38 8.59
CA THR TA 278 -50.20 31.69 9.21
C THR TA 278 -48.78 31.62 9.79
N ASN TA 279 -48.31 32.68 10.45
CA ASN TA 279 -46.91 32.73 10.97
C ASN TA 279 -46.78 33.74 12.12
N ALA TA 280 -45.65 33.72 12.84
CA ALA TA 280 -45.42 34.67 13.95
C ALA TA 280 -44.63 35.89 13.44
N THR TA 281 -45.29 37.02 13.22
CA THR TA 281 -44.62 38.27 12.77
C THR TA 281 -43.97 38.06 11.40
N LEU TA 282 -43.34 39.10 10.86
CA LEU TA 282 -42.64 38.93 9.57
C LEU TA 282 -41.41 38.06 9.80
N ARG TA 283 -41.25 37.51 11.01
CA ARG TA 283 -40.00 36.77 11.27
C ARG TA 283 -40.22 35.34 10.84
N ASP TA 284 -41.15 34.67 11.52
CA ASP TA 284 -41.49 33.27 11.18
C ASP TA 284 -42.11 33.22 9.78
N ALA TA 285 -42.63 34.35 9.27
CA ALA TA 285 -43.23 34.23 7.93
C ALA TA 285 -42.10 34.02 6.92
N LEU TA 286 -41.06 34.82 7.03
CA LEU TA 286 -39.93 34.75 6.08
C LEU TA 286 -39.24 33.43 6.30
N GLU TA 287 -39.14 33.03 7.56
CA GLU TA 287 -38.37 31.79 7.76
C GLU TA 287 -39.07 30.73 6.92
N ASN TA 288 -40.38 30.68 7.05
CA ASN TA 288 -41.13 29.67 6.28
C ASN TA 288 -40.91 29.96 4.81
N ALA TA 289 -40.93 31.25 4.46
CA ALA TA 289 -40.86 31.46 3.00
C ALA TA 289 -39.51 30.98 2.51
N PHE TA 290 -38.44 31.32 3.23
CA PHE TA 290 -37.08 30.97 2.76
C PHE TA 290 -36.96 29.45 2.81
N LYS TA 291 -37.99 28.81 3.35
CA LYS TA 291 -38.02 27.31 3.42
C LYS TA 291 -38.87 26.77 2.26
N ILE TA 292 -39.91 27.54 1.98
CA ILE TA 292 -40.70 27.26 0.76
C ILE TA 292 -39.72 27.76 -0.30
N VAL TA 293 -38.63 28.39 0.15
CA VAL TA 293 -37.58 28.90 -0.78
C VAL TA 293 -36.26 28.20 -0.46
N GLU UA 169 -67.22 39.79 -32.94
CA GLU UA 169 -66.68 39.12 -31.76
C GLU UA 169 -65.86 37.89 -32.17
N GLN UA 170 -66.36 37.15 -33.16
CA GLN UA 170 -65.65 35.96 -33.63
C GLN UA 170 -64.28 36.35 -34.19
N SER UA 171 -64.16 37.52 -34.81
CA SER UA 171 -62.83 37.92 -35.25
C SER UA 171 -61.95 37.98 -33.97
N GLU UA 172 -62.39 38.83 -33.05
CA GLU UA 172 -61.55 39.06 -31.86
C GLU UA 172 -61.38 37.71 -31.19
N ALA UA 173 -62.37 36.84 -31.33
CA ALA UA 173 -62.25 35.48 -30.77
C ALA UA 173 -61.12 34.79 -31.51
N LEU UA 174 -60.99 35.02 -32.81
CA LEU UA 174 -59.89 34.44 -33.62
C LEU UA 174 -58.55 34.98 -33.13
N LEU UA 175 -58.54 36.30 -32.93
CA LEU UA 175 -57.30 36.98 -32.50
C LEU UA 175 -56.97 36.41 -31.13
N ALA UA 176 -58.02 36.04 -30.41
CA ALA UA 176 -57.80 35.48 -29.06
C ALA UA 176 -56.96 34.22 -29.24
N MET UA 177 -57.23 33.47 -30.30
CA MET UA 177 -56.56 32.15 -30.50
C MET UA 177 -55.04 32.19 -30.75
N SER UA 178 -54.53 33.09 -31.61
CA SER UA 178 -53.10 33.01 -32.01
C SER UA 178 -52.07 33.24 -30.91
N THR UA 179 -52.29 34.21 -30.02
CA THR UA 179 -51.24 34.55 -29.02
C THR UA 179 -50.96 33.37 -28.07
N PRO UA 180 -51.97 32.63 -27.56
CA PRO UA 180 -51.69 31.44 -26.76
C PRO UA 180 -50.96 30.38 -27.58
N VAL UA 181 -51.38 30.20 -28.83
CA VAL UA 181 -50.76 29.15 -29.67
C VAL UA 181 -49.33 29.58 -29.94
N THR UA 182 -48.97 30.82 -29.57
CA THR UA 182 -47.53 31.17 -29.65
C THR UA 182 -46.78 30.91 -28.34
N MET UA 183 -47.32 31.30 -27.19
CA MET UA 183 -46.56 31.25 -25.91
C MET UA 183 -46.35 29.84 -25.36
N ILE UA 184 -45.17 29.55 -24.78
CA ILE UA 184 -44.94 28.25 -24.08
C ILE UA 184 -43.89 28.39 -22.97
N TRP UA 185 -44.01 27.55 -21.94
CA TRP UA 185 -43.05 27.56 -20.80
C TRP UA 185 -41.62 27.54 -21.33
N GLN UA 186 -40.69 28.03 -20.51
CA GLN UA 186 -39.26 27.96 -20.90
C GLN UA 186 -39.00 28.73 -22.19
N ASP UA 187 -39.77 29.77 -22.49
CA ASP UA 187 -39.44 30.66 -23.66
C ASP UA 187 -39.57 29.90 -24.97
N ILE UA 188 -39.99 28.64 -24.94
CA ILE UA 188 -40.20 27.97 -26.25
C ILE UA 188 -41.41 28.66 -26.88
N LEU UA 189 -41.45 28.77 -28.21
CA LEU UA 189 -42.63 29.36 -28.87
C LEU UA 189 -43.09 28.45 -30.00
N MET UA 190 -44.33 28.62 -30.45
CA MET UA 190 -44.87 27.80 -31.56
C MET UA 190 -46.06 28.57 -32.15
N LEU UA 191 -46.78 28.01 -33.13
CA LEU UA 191 -48.00 28.74 -33.57
C LEU UA 191 -49.04 27.84 -34.25
N PRO UA 192 -49.77 26.95 -33.56
CA PRO UA 192 -50.86 26.22 -34.24
C PRO UA 192 -51.98 27.15 -34.73
N ILE UA 193 -52.59 26.85 -35.88
CA ILE UA 193 -53.70 27.69 -36.44
C ILE UA 193 -54.60 26.89 -37.39
N VAL UA 194 -55.78 27.45 -37.74
CA VAL UA 194 -56.74 26.79 -38.67
C VAL UA 194 -56.24 26.98 -40.11
N GLY UA 195 -56.36 25.96 -40.95
CA GLY UA 195 -55.80 26.02 -42.32
C GLY UA 195 -56.57 26.91 -43.27
N ILE UA 196 -57.89 26.81 -43.32
CA ILE UA 196 -58.57 27.76 -44.25
C ILE UA 196 -58.77 29.03 -43.44
N ILE UA 197 -57.96 30.04 -43.75
CA ILE UA 197 -58.03 31.25 -42.92
C ILE UA 197 -57.94 32.46 -43.86
N ASP UA 198 -58.30 33.66 -43.39
CA ASP UA 198 -58.11 34.90 -44.21
C ASP UA 198 -56.63 35.29 -44.36
N SER UA 199 -56.25 35.74 -45.56
CA SER UA 199 -54.86 36.19 -45.85
C SER UA 199 -54.51 37.43 -45.04
N LYS UA 200 -55.45 38.35 -44.94
CA LYS UA 200 -55.21 39.59 -44.16
C LYS UA 200 -55.03 39.18 -42.71
N ARG UA 201 -55.79 38.18 -42.26
CA ARG UA 201 -55.69 37.68 -40.87
C ARG UA 201 -54.31 37.06 -40.68
N ALA UA 202 -53.81 36.41 -41.72
CA ALA UA 202 -52.45 35.83 -41.66
C ALA UA 202 -51.42 36.94 -41.54
N GLN UA 203 -51.65 38.05 -42.24
CA GLN UA 203 -50.74 39.20 -42.08
C GLN UA 203 -50.85 39.68 -40.65
N ASP UA 204 -52.05 39.56 -40.12
CA ASP UA 204 -52.22 39.96 -38.70
C ASP UA 204 -51.31 39.06 -37.90
N ILE UA 205 -51.36 37.77 -38.22
CA ILE UA 205 -50.58 36.83 -37.40
C ILE UA 205 -49.13 37.23 -37.59
N MET UA 206 -48.78 37.60 -38.81
CA MET UA 206 -47.40 38.02 -39.09
C MET UA 206 -47.04 39.12 -38.10
N SER UA 207 -47.95 40.06 -37.89
CA SER UA 207 -47.67 41.24 -37.07
C SER UA 207 -47.56 40.75 -35.64
N ALA UA 208 -48.43 39.79 -35.32
CA ALA UA 208 -48.48 39.26 -33.96
C ALA UA 208 -47.13 38.63 -33.65
N VAL UA 209 -46.59 37.86 -34.58
CA VAL UA 209 -45.32 37.18 -34.24
C VAL UA 209 -44.29 38.27 -34.01
N LEU UA 210 -44.29 39.31 -34.83
CA LEU UA 210 -43.20 40.29 -34.61
C LEU UA 210 -43.34 40.83 -33.19
N ASN UA 211 -44.54 41.28 -32.84
CA ASN UA 211 -44.63 41.91 -31.52
C ASN UA 211 -44.33 40.86 -30.48
N LYS UA 212 -44.78 39.64 -30.72
CA LYS UA 212 -44.60 38.61 -29.68
C LYS UA 212 -43.10 38.47 -29.48
N ILE UA 213 -42.39 38.48 -30.59
CA ILE UA 213 -40.94 38.24 -30.46
C ILE UA 213 -40.38 39.40 -29.64
N SER UA 214 -40.80 40.61 -29.93
CA SER UA 214 -40.20 41.67 -29.10
C SER UA 214 -40.55 41.34 -27.67
N GLU UA 215 -41.83 41.07 -27.45
CA GLU UA 215 -42.30 40.97 -26.06
C GLU UA 215 -41.33 40.11 -25.31
N ASN UA 216 -41.08 38.93 -25.83
CA ASN UA 216 -40.00 38.18 -25.19
C ASN UA 216 -39.19 37.73 -26.37
N ARG UA 217 -38.01 38.29 -26.48
CA ARG UA 217 -37.15 37.76 -27.55
C ARG UA 217 -37.08 36.22 -27.34
N ALA UA 218 -37.39 35.44 -28.38
CA ALA UA 218 -37.29 33.96 -28.31
C ALA UA 218 -36.55 33.42 -29.54
N LYS UA 219 -35.44 32.71 -29.39
CA LYS UA 219 -34.85 32.13 -30.62
C LYS UA 219 -35.72 30.94 -30.98
N ILE UA 220 -36.48 30.45 -30.01
CA ILE UA 220 -37.30 29.24 -30.23
C ILE UA 220 -38.70 29.66 -30.63
N PHE UA 221 -39.18 29.14 -31.76
CA PHE UA 221 -40.57 29.42 -32.20
C PHE UA 221 -40.93 28.32 -33.19
N ILE UA 222 -42.22 28.00 -33.37
CA ILE UA 222 -42.56 26.97 -34.38
C ILE UA 222 -43.84 27.34 -35.11
N MET UA 223 -43.97 26.81 -36.32
CA MET UA 223 -45.26 26.98 -37.02
C MET UA 223 -45.98 25.66 -36.85
N ASP UA 224 -47.11 25.66 -36.15
CA ASP UA 224 -47.84 24.38 -36.08
C ASP UA 224 -49.08 24.49 -36.97
N ILE UA 225 -49.28 23.49 -37.83
CA ILE UA 225 -50.43 23.53 -38.78
C ILE UA 225 -51.14 22.19 -38.67
N SER UA 226 -51.00 21.53 -37.52
CA SER UA 226 -51.60 20.19 -37.42
C SER UA 226 -53.00 20.22 -37.99
N GLY UA 227 -53.32 19.23 -38.81
CA GLY UA 227 -54.70 19.17 -39.31
C GLY UA 227 -55.06 20.49 -39.95
N VAL UA 228 -54.22 20.99 -40.86
CA VAL UA 228 -54.54 22.33 -41.42
C VAL UA 228 -55.98 22.21 -41.94
N ALA UA 229 -56.82 23.19 -41.63
CA ALA UA 229 -58.25 23.06 -41.96
C ALA UA 229 -58.45 22.91 -43.46
N VAL UA 230 -57.80 23.75 -44.25
CA VAL UA 230 -57.89 23.56 -45.72
C VAL UA 230 -56.55 24.02 -46.29
N VAL UA 231 -56.01 23.30 -47.27
CA VAL UA 231 -54.73 23.70 -47.92
C VAL UA 231 -55.02 24.79 -48.96
N ASP UA 232 -55.25 26.03 -48.50
CA ASP UA 232 -55.56 27.16 -49.42
C ASP UA 232 -54.29 27.54 -50.21
N THR UA 233 -54.46 28.04 -51.43
CA THR UA 233 -53.29 28.39 -52.29
C THR UA 233 -52.48 29.52 -51.66
N ALA UA 234 -53.11 30.67 -51.37
CA ALA UA 234 -52.37 31.84 -50.84
C ALA UA 234 -51.86 31.50 -49.45
N VAL UA 235 -52.51 30.53 -48.84
CA VAL UA 235 -52.13 30.18 -47.44
C VAL UA 235 -50.69 29.68 -47.44
N ALA UA 236 -50.33 28.87 -48.43
CA ALA UA 236 -48.92 28.47 -48.48
C ALA UA 236 -48.17 29.77 -48.43
N ASN UA 237 -48.47 30.60 -49.41
CA ASN UA 237 -47.72 31.86 -49.55
C ASN UA 237 -47.42 32.40 -48.20
N HIS UA 238 -48.42 32.40 -47.35
CA HIS UA 238 -48.13 33.04 -46.06
C HIS UA 238 -46.96 32.31 -45.44
N PHE UA 239 -47.16 31.02 -45.11
CA PHE UA 239 -46.11 30.17 -44.50
C PHE UA 239 -44.87 30.12 -45.40
N ILE UA 240 -45.02 30.32 -46.71
CA ILE UA 240 -43.79 30.39 -47.53
C ILE UA 240 -43.03 31.61 -47.01
N LYS UA 241 -43.68 32.75 -47.19
CA LYS UA 241 -43.00 34.00 -46.78
C LYS UA 241 -42.78 33.93 -45.28
N ILE UA 242 -43.76 33.40 -44.56
CA ILE UA 242 -43.69 33.43 -43.09
C ILE UA 242 -42.53 32.58 -42.62
N THR UA 243 -42.37 31.42 -43.22
CA THR UA 243 -41.32 30.55 -42.68
C THR UA 243 -40.04 31.34 -42.89
N LYS UA 244 -39.93 31.91 -44.08
CA LYS UA 244 -38.63 32.55 -44.31
C LYS UA 244 -38.43 33.64 -43.27
N ALA UA 245 -39.45 34.46 -43.09
CA ALA UA 245 -39.24 35.64 -42.23
C ALA UA 245 -38.88 35.20 -40.83
N THR UA 246 -39.63 34.25 -40.29
CA THR UA 246 -39.40 33.90 -38.88
C THR UA 246 -38.01 33.36 -38.69
N LYS UA 247 -37.61 32.44 -39.54
CA LYS UA 247 -36.31 31.84 -39.23
C LYS UA 247 -35.27 32.92 -39.34
N LEU UA 248 -35.38 33.72 -40.39
CA LEU UA 248 -34.30 34.67 -40.69
C LEU UA 248 -34.31 35.83 -39.69
N MET UA 249 -35.35 35.94 -38.89
CA MET UA 249 -35.36 36.94 -37.80
C MET UA 249 -34.23 36.54 -36.88
N GLY UA 250 -33.79 35.30 -37.01
CA GLY UA 250 -32.80 34.79 -36.06
C GLY UA 250 -33.65 34.07 -35.05
N CYS UA 251 -34.94 34.05 -35.34
CA CYS UA 251 -35.87 33.32 -34.46
C CYS UA 251 -36.37 32.09 -35.21
N ASP UA 252 -35.79 30.93 -34.96
CA ASP UA 252 -36.12 29.70 -35.73
C ASP UA 252 -37.62 29.44 -35.81
N CYS UA 253 -38.12 28.76 -36.87
CA CYS UA 253 -39.55 28.36 -36.89
C CYS UA 253 -39.61 26.92 -37.40
N LEU UA 254 -40.47 26.07 -36.81
CA LEU UA 254 -40.47 24.65 -37.23
C LEU UA 254 -41.91 24.23 -37.52
N VAL UA 255 -42.11 23.25 -38.40
CA VAL UA 255 -43.50 22.72 -38.60
C VAL UA 255 -43.64 21.39 -37.84
N SER UA 256 -44.44 21.37 -36.79
CA SER UA 256 -44.55 20.15 -35.96
C SER UA 256 -45.76 19.29 -36.33
N GLY UA 257 -46.86 19.92 -36.70
CA GLY UA 257 -48.08 19.14 -37.00
C GLY UA 257 -48.66 19.60 -38.32
N VAL UA 258 -49.31 18.70 -39.06
CA VAL UA 258 -49.84 19.06 -40.42
C VAL UA 258 -50.60 17.86 -40.98
N SER UA 259 -51.32 18.05 -42.09
CA SER UA 259 -52.00 16.91 -42.75
C SER UA 259 -51.13 16.47 -43.93
N PRO UA 260 -51.24 15.21 -44.40
CA PRO UA 260 -50.46 14.75 -45.57
C PRO UA 260 -50.94 15.16 -46.97
N SER UA 261 -52.24 15.06 -47.24
CA SER UA 261 -52.76 15.52 -48.55
C SER UA 261 -52.57 17.01 -48.59
N ILE UA 262 -52.58 17.61 -47.41
CA ILE UA 262 -52.32 19.06 -47.35
C ILE UA 262 -50.92 19.20 -47.95
N ALA UA 263 -50.02 18.33 -47.49
CA ALA UA 263 -48.64 18.38 -47.97
C ALA UA 263 -48.60 18.03 -49.44
N ARG UA 264 -49.42 17.08 -49.85
CA ARG UA 264 -49.29 16.68 -51.27
C ARG UA 264 -49.68 17.88 -52.09
N THR UA 265 -50.76 18.52 -51.69
CA THR UA 265 -51.27 19.63 -52.49
C THR UA 265 -50.12 20.61 -52.61
N MET UA 266 -49.36 20.72 -51.53
CA MET UA 266 -48.20 21.64 -51.53
C MET UA 266 -47.16 21.13 -52.51
N VAL UA 267 -46.74 19.90 -52.34
CA VAL UA 267 -45.62 19.44 -53.19
C VAL UA 267 -46.10 19.54 -54.63
N GLN UA 268 -47.35 19.11 -54.88
CA GLN UA 268 -47.93 19.16 -56.24
C GLN UA 268 -47.80 20.59 -56.76
N LEU UA 269 -47.67 21.58 -55.86
CA LEU UA 269 -47.61 22.96 -56.40
C LEU UA 269 -46.26 23.08 -57.08
N GLY UA 270 -45.40 22.10 -56.83
CA GLY UA 270 -44.06 22.12 -57.43
C GLY UA 270 -43.19 22.95 -56.54
N ILE UA 271 -43.71 23.27 -55.35
CA ILE UA 271 -42.89 24.04 -54.37
C ILE UA 271 -41.48 23.44 -54.34
N ASN UA 272 -40.45 24.29 -54.24
CA ASN UA 272 -39.06 23.77 -54.32
C ASN UA 272 -38.17 24.43 -53.27
N VAL UA 273 -38.49 25.66 -52.89
CA VAL UA 273 -37.59 26.44 -51.98
C VAL UA 273 -37.45 25.84 -50.59
N GLY UA 274 -38.51 25.26 -50.04
CA GLY UA 274 -38.44 24.85 -48.62
C GLY UA 274 -37.27 23.95 -48.28
N GLU UA 275 -36.49 24.34 -47.27
CA GLU UA 275 -35.36 23.52 -46.77
C GLU UA 275 -35.18 23.86 -45.29
N VAL UA 276 -36.28 24.03 -44.55
CA VAL UA 276 -36.18 24.47 -43.13
C VAL UA 276 -36.31 23.25 -42.20
N ARG UA 277 -36.38 23.49 -40.89
CA ARG UA 277 -36.47 22.37 -39.91
C ARG UA 277 -37.94 22.10 -39.59
N THR UA 278 -38.31 20.83 -39.41
CA THR UA 278 -39.70 20.46 -39.02
C THR UA 278 -39.64 19.33 -37.97
N ASN UA 279 -40.81 18.81 -37.54
CA ASN UA 279 -40.84 17.79 -36.46
C ASN UA 279 -42.14 16.96 -36.54
N ALA UA 280 -42.22 15.86 -35.79
CA ALA UA 280 -43.45 15.02 -35.76
C ALA UA 280 -44.33 15.43 -34.57
N THR UA 281 -45.41 16.17 -34.81
CA THR UA 281 -46.37 16.58 -33.75
C THR UA 281 -45.66 17.46 -32.73
N LEU UA 282 -46.39 17.91 -31.71
CA LEU UA 282 -45.73 18.71 -30.64
C LEU UA 282 -44.84 17.77 -29.82
N ARG UA 283 -44.68 16.50 -30.25
CA ARG UA 283 -43.93 15.59 -29.40
C ARG UA 283 -42.46 15.70 -29.78
N ASP UA 284 -42.17 15.33 -31.04
CA ASP UA 284 -40.78 15.44 -31.54
C ASP UA 284 -40.37 16.90 -31.60
N ALA UA 285 -41.32 17.86 -31.62
CA ALA UA 285 -40.85 19.24 -31.67
C ALA UA 285 -40.20 19.59 -30.34
N LEU UA 286 -40.87 19.25 -29.25
CA LEU UA 286 -40.37 19.59 -27.91
C LEU UA 286 -39.11 18.79 -27.68
N GLU UA 287 -39.12 17.54 -28.16
CA GLU UA 287 -37.93 16.75 -27.84
C GLU UA 287 -36.75 17.52 -28.40
N ASN UA 288 -36.89 17.95 -29.64
CA ASN UA 288 -35.79 18.70 -30.27
C ASN UA 288 -35.57 19.95 -29.47
N ALA UA 289 -36.67 20.58 -29.04
CA ALA UA 289 -36.40 21.87 -28.40
C ALA UA 289 -35.63 21.61 -27.11
N PHE UA 290 -36.05 20.62 -26.34
CA PHE UA 290 -35.41 20.36 -25.02
C PHE UA 290 -33.98 19.91 -25.30
N LYS UA 291 -33.68 19.71 -26.58
CA LYS UA 291 -32.30 19.30 -26.98
C LYS UA 291 -31.52 20.53 -27.44
N ILE UA 292 -32.27 21.41 -28.10
CA ILE UA 292 -31.71 22.75 -28.42
C ILE UA 292 -31.73 23.38 -27.03
N VAL UA 293 -32.33 22.67 -26.07
CA VAL UA 293 -32.40 23.17 -24.66
C VAL UA 293 -31.68 22.16 -23.76
N GLU VA 169 -68.88 28.08 -40.44
CA GLU VA 169 -67.46 27.73 -40.50
C GLU VA 169 -66.76 28.15 -39.20
N GLN VA 170 -67.10 29.32 -38.67
CA GLN VA 170 -66.49 29.79 -37.45
C GLN VA 170 -66.81 28.85 -36.29
N SER VA 171 -67.98 28.23 -36.29
CA SER VA 171 -68.23 27.24 -35.24
C SER VA 171 -67.13 26.16 -35.40
N GLU VA 172 -67.14 25.56 -36.59
CA GLU VA 172 -66.22 24.42 -36.77
C GLU VA 172 -64.81 24.94 -36.54
N ALA VA 173 -64.60 26.23 -36.83
CA ALA VA 173 -63.28 26.82 -36.55
C ALA VA 173 -63.08 26.80 -35.05
N LEU VA 174 -64.14 27.03 -34.27
CA LEU VA 174 -64.06 26.99 -32.79
C LEU VA 174 -63.73 25.57 -32.34
N LEU VA 175 -64.46 24.63 -32.95
CA LEU VA 175 -64.28 23.20 -32.59
C LEU VA 175 -62.84 22.86 -32.95
N ALA VA 176 -62.33 23.51 -33.99
CA ALA VA 176 -60.95 23.25 -34.41
C ALA VA 176 -60.05 23.60 -33.23
N MET VA 177 -60.38 24.65 -32.50
CA MET VA 177 -59.51 25.15 -31.41
C MET VA 177 -59.34 24.20 -30.19
N SER VA 178 -60.41 23.60 -29.68
CA SER VA 178 -60.31 22.85 -28.38
C SER VA 178 -59.40 21.61 -28.39
N THR VA 179 -59.45 20.80 -29.44
CA THR VA 179 -58.68 19.52 -29.43
C THR VA 179 -57.17 19.75 -29.34
N PRO VA 180 -56.58 20.72 -30.07
CA PRO VA 180 -55.16 21.02 -29.90
C PRO VA 180 -54.87 21.53 -28.49
N VAL VA 181 -55.76 22.38 -27.98
CA VAL VA 181 -55.52 22.97 -26.64
C VAL VA 181 -55.65 21.85 -25.63
N THR VA 182 -56.09 20.66 -26.06
CA THR VA 182 -56.02 19.51 -25.13
C THR VA 182 -54.73 18.70 -25.27
N MET VA 183 -54.30 18.38 -26.50
CA MET VA 183 -53.15 17.44 -26.69
C MET VA 183 -51.78 18.03 -26.33
N ILE VA 184 -50.89 17.22 -25.73
CA ILE VA 184 -49.49 17.68 -25.48
C ILE VA 184 -48.53 16.48 -25.45
N TRP VA 185 -47.27 16.72 -25.82
CA TRP VA 185 -46.22 15.67 -25.81
C TRP VA 185 -46.23 14.93 -24.48
N GLN VA 186 -45.74 13.70 -24.49
CA GLN VA 186 -45.61 12.95 -23.23
C GLN VA 186 -46.97 12.74 -22.57
N ASP VA 187 -48.07 12.67 -23.34
CA ASP VA 187 -49.38 12.30 -22.76
C ASP VA 187 -49.87 13.37 -21.77
N ILE VA 188 -49.13 14.46 -21.61
CA ILE VA 188 -49.69 15.51 -20.72
C ILE VA 188 -50.89 16.09 -21.47
N LEU VA 189 -51.92 16.54 -20.76
CA LEU VA 189 -53.08 17.17 -21.42
C LEU VA 189 -53.40 18.49 -20.73
N MET VA 190 -54.15 19.37 -21.41
CA MET VA 190 -54.55 20.67 -20.82
C MET VA 190 -55.75 21.17 -21.61
N LEU VA 191 -56.28 22.36 -21.32
CA LEU VA 191 -57.37 22.85 -22.21
C LEU VA 191 -57.53 24.37 -22.20
N PRO VA 192 -56.63 25.19 -22.78
CA PRO VA 192 -56.92 26.63 -22.87
C PRO VA 192 -58.15 26.94 -23.73
N ILE VA 193 -58.93 27.96 -23.36
CA ILE VA 193 -60.16 28.35 -24.15
C ILE VA 193 -60.55 29.82 -23.91
N VAL VA 194 -61.45 30.35 -24.76
CA VAL VA 194 -61.93 31.77 -24.63
C VAL VA 194 -62.96 31.84 -23.50
N GLY VA 195 -62.93 32.90 -22.69
CA GLY VA 195 -63.80 32.99 -21.52
C GLY VA 195 -65.26 33.26 -21.83
N ILE VA 196 -65.56 34.23 -22.70
CA ILE VA 196 -67.01 34.39 -23.00
C ILE VA 196 -67.31 33.40 -24.11
N ILE VA 197 -67.99 32.31 -23.73
CA ILE VA 197 -68.21 31.26 -24.75
C ILE VA 197 -69.64 30.74 -24.59
N ASP VA 198 -70.17 30.02 -25.58
CA ASP VA 198 -71.52 29.40 -25.44
C ASP VA 198 -71.52 28.23 -24.44
N SER VA 199 -72.58 28.11 -23.64
CA SER VA 199 -72.72 27.00 -22.65
C SER VA 199 -72.87 25.66 -23.36
N LYS VA 200 -73.63 25.65 -24.44
CA LYS VA 200 -73.82 24.39 -25.21
C LYS VA 200 -72.46 24.01 -25.77
N ARG VA 201 -71.69 25.01 -26.21
CA ARG VA 201 -70.33 24.75 -26.76
C ARG VA 201 -69.46 24.17 -25.66
N ALA VA 202 -69.64 24.65 -24.43
CA ALA VA 202 -68.89 24.12 -23.29
C ALA VA 202 -69.28 22.66 -23.06
N GLN VA 203 -70.56 22.35 -23.23
CA GLN VA 203 -70.97 20.93 -23.11
C GLN VA 203 -70.28 20.16 -24.22
N ASP VA 204 -70.11 20.83 -25.35
CA ASP VA 204 -69.41 20.16 -26.46
C ASP VA 204 -68.03 19.87 -25.94
N ILE VA 205 -67.42 20.86 -25.30
CA ILE VA 205 -66.02 20.65 -24.87
C ILE VA 205 -66.07 19.50 -23.88
N MET VA 206 -67.10 19.48 -23.05
CA MET VA 206 -67.23 18.39 -22.06
C MET VA 206 -67.14 17.07 -22.82
N SER VA 207 -67.82 16.98 -23.95
CA SER VA 207 -67.94 15.72 -24.70
C SER VA 207 -66.56 15.46 -25.27
N ALA VA 208 -65.93 16.55 -25.71
CA ALA VA 208 -64.61 16.41 -26.36
C ALA VA 208 -63.65 15.82 -25.34
N VAL VA 209 -63.69 16.32 -24.12
CA VAL VA 209 -62.68 15.80 -23.16
C VAL VA 209 -62.97 14.32 -22.97
N LEU VA 210 -64.24 13.93 -22.87
CA LEU VA 210 -64.44 12.49 -22.61
C LEU VA 210 -63.82 11.71 -23.76
N ASN VA 211 -64.16 12.08 -24.99
CA ASN VA 211 -63.64 11.25 -26.08
C ASN VA 211 -62.13 11.35 -26.08
N LYS VA 212 -61.63 12.54 -25.78
CA LYS VA 212 -60.17 12.71 -25.89
C LYS VA 212 -59.56 11.74 -24.89
N ILE VA 213 -60.19 11.67 -23.74
CA ILE VA 213 -59.59 10.82 -22.69
C ILE VA 213 -59.61 9.39 -23.22
N SER VA 214 -60.70 8.99 -23.82
CA SER VA 214 -60.66 7.59 -24.28
C SER VA 214 -59.50 7.51 -25.26
N GLU VA 215 -59.48 8.44 -26.19
CA GLU VA 215 -58.54 8.32 -27.32
C GLU VA 215 -57.19 7.97 -26.74
N ASN VA 216 -56.75 8.77 -25.79
CA ASN VA 216 -55.52 8.31 -25.12
C ASN VA 216 -55.88 8.50 -23.68
N ARG VA 217 -56.03 7.39 -22.99
CA ARG VA 217 -56.24 7.57 -21.55
C ARG VA 217 -55.08 8.44 -21.03
N ALA VA 218 -55.38 9.55 -20.33
CA ALA VA 218 -54.34 10.43 -19.73
C ALA VA 218 -54.69 10.74 -18.28
N LYS VA 219 -53.85 10.41 -17.30
CA LYS VA 219 -54.20 10.86 -15.93
C LYS VA 219 -53.90 12.35 -15.88
N ILE VA 220 -53.08 12.81 -16.82
CA ILE VA 220 -52.66 14.23 -16.79
C ILE VA 220 -53.56 15.03 -17.72
N PHE VA 221 -54.15 16.10 -17.20
CA PHE VA 221 -55.00 16.99 -18.02
C PHE VA 221 -55.07 18.32 -17.26
N ILE VA 222 -55.31 19.43 -17.95
CA ILE VA 222 -55.46 20.70 -17.19
C ILE VA 222 -56.53 21.58 -17.81
N MET VA 223 -57.09 22.47 -17.00
CA MET VA 223 -58.03 23.45 -17.55
C MET VA 223 -57.23 24.74 -17.66
N ASP VA 224 -57.00 25.23 -18.87
CA ASP VA 224 -56.29 26.52 -18.94
C ASP VA 224 -57.31 27.60 -19.33
N ILE VA 225 -57.33 28.69 -18.58
CA ILE VA 225 -58.32 29.78 -18.86
C ILE VA 225 -57.54 31.09 -18.91
N SER VA 226 -56.26 31.00 -19.24
CA SER VA 226 -55.46 32.24 -19.20
C SER VA 226 -56.22 33.35 -19.88
N GLY VA 227 -56.25 34.52 -19.23
CA GLY VA 227 -56.92 35.65 -19.89
C GLY VA 227 -58.33 35.26 -20.27
N VAL VA 228 -59.09 34.72 -19.32
CA VAL VA 228 -60.44 34.25 -19.75
C VAL VA 228 -61.10 35.46 -20.41
N ALA VA 229 -61.72 35.26 -21.57
CA ALA VA 229 -62.23 36.42 -22.33
C ALA VA 229 -63.26 37.20 -21.53
N VAL VA 230 -64.21 36.51 -20.91
CA VAL VA 230 -65.17 37.22 -20.03
C VAL VA 230 -65.54 36.24 -18.93
N VAL VA 231 -65.64 36.72 -17.68
CA VAL VA 231 -66.06 35.85 -16.54
C VAL VA 231 -67.58 35.71 -16.56
N ASP VA 232 -68.12 34.89 -17.47
CA ASP VA 232 -69.59 34.68 -17.57
C ASP VA 232 -70.08 33.90 -16.36
N THR VA 233 -71.33 34.12 -15.94
CA THR VA 233 -71.88 33.44 -14.73
C THR VA 233 -71.96 31.92 -14.97
N ALA VA 234 -72.66 31.49 -16.03
CA ALA VA 234 -72.85 30.03 -16.26
C ALA VA 234 -71.52 29.41 -16.60
N VAL VA 235 -70.61 30.26 -17.04
CA VAL VA 235 -69.29 29.72 -17.48
C VAL VA 235 -68.60 29.09 -16.27
N ALA VA 236 -68.69 29.75 -15.11
CA ALA VA 236 -68.11 29.10 -13.93
C ALA VA 236 -68.74 27.74 -13.92
N ASN VA 237 -70.06 27.75 -13.88
CA ASN VA 237 -70.79 26.48 -13.74
C ASN VA 237 -70.11 25.43 -14.53
N HIS VA 238 -69.74 25.78 -15.73
CA HIS VA 238 -69.17 24.71 -16.55
C HIS VA 238 -67.95 24.18 -15.80
N PHE VA 239 -66.93 25.04 -15.65
CA PHE VA 239 -65.68 24.66 -14.94
C PHE VA 239 -65.98 24.21 -13.51
N ILE VA 240 -67.08 24.66 -12.92
CA ILE VA 240 -67.42 24.10 -11.59
C ILE VA 240 -67.65 22.62 -11.82
N LYS VA 241 -68.68 22.36 -12.61
CA LYS VA 241 -69.03 20.95 -12.86
C LYS VA 241 -67.86 20.30 -13.56
N ILE VA 242 -67.25 21.02 -14.48
CA ILE VA 242 -66.18 20.43 -15.32
C ILE VA 242 -65.01 20.04 -14.44
N THR VA 243 -64.65 20.91 -13.53
CA THR VA 243 -63.43 20.58 -12.77
C THR VA 243 -63.77 19.30 -12.05
N LYS VA 244 -64.91 19.29 -11.37
CA LYS VA 244 -65.21 18.08 -10.56
C LYS VA 244 -65.12 16.88 -11.47
N ALA VA 245 -65.81 16.95 -12.59
CA ALA VA 245 -65.92 15.76 -13.46
C ALA VA 245 -64.57 15.29 -13.99
N THR VA 246 -63.63 16.20 -14.18
CA THR VA 246 -62.38 15.72 -14.82
C THR VA 246 -61.75 14.69 -13.91
N LYS VA 247 -61.64 15.03 -12.65
CA LYS VA 247 -60.93 14.09 -11.78
C LYS VA 247 -61.96 13.09 -11.28
N LEU VA 248 -63.23 13.35 -11.57
CA LEU VA 248 -64.27 12.34 -11.25
C LEU VA 248 -63.96 11.18 -12.17
N MET VA 249 -63.66 11.50 -13.44
CA MET VA 249 -63.24 10.46 -14.40
C MET VA 249 -61.95 9.90 -13.83
N GLY VA 250 -61.14 10.80 -13.28
CA GLY VA 250 -59.83 10.37 -12.77
C GLY VA 250 -58.83 11.14 -13.57
N CYS VA 251 -59.35 12.00 -14.45
CA CYS VA 251 -58.44 12.86 -15.20
C CYS VA 251 -58.14 14.07 -14.33
N ASP VA 252 -57.08 14.00 -13.54
CA ASP VA 252 -56.69 15.19 -12.75
C ASP VA 252 -56.70 16.40 -13.69
N CYS VA 253 -57.31 17.51 -13.27
CA CYS VA 253 -57.41 18.73 -14.10
C CYS VA 253 -56.85 19.91 -13.30
N LEU VA 254 -56.09 20.81 -13.93
CA LEU VA 254 -55.48 21.90 -13.14
C LEU VA 254 -55.76 23.23 -13.82
N VAL VA 255 -55.80 24.33 -13.07
CA VAL VA 255 -55.94 25.66 -13.73
C VAL VA 255 -54.57 26.35 -13.77
N SER VA 256 -54.00 26.51 -14.96
CA SER VA 256 -52.63 27.07 -15.06
C SER VA 256 -52.64 28.57 -15.36
N GLY VA 257 -53.59 29.02 -16.17
CA GLY VA 257 -53.60 30.45 -16.56
C GLY VA 257 -54.98 31.01 -16.36
N VAL VA 258 -55.11 32.31 -16.05
CA VAL VA 258 -56.43 32.92 -15.75
C VAL VA 258 -56.25 34.41 -15.50
N SER VA 259 -57.34 35.16 -15.43
CA SER VA 259 -57.25 36.60 -15.07
C SER VA 259 -57.59 36.75 -13.58
N PRO VA 260 -57.13 37.83 -12.90
CA PRO VA 260 -57.48 38.04 -11.49
C PRO VA 260 -58.87 38.60 -11.16
N SER VA 261 -59.32 39.62 -11.88
CA SER VA 261 -60.69 40.15 -11.64
C SER VA 261 -61.64 39.05 -12.06
N ILE VA 262 -61.18 38.23 -13.00
CA ILE VA 262 -62.03 37.09 -13.40
C ILE VA 262 -62.19 36.30 -12.10
N ALA VA 263 -61.08 36.11 -11.41
CA ALA VA 263 -61.11 35.34 -10.16
C ALA VA 263 -61.94 36.08 -9.13
N ARG VA 264 -61.81 37.40 -9.11
CA ARG VA 264 -62.53 38.09 -8.02
C ARG VA 264 -64.00 37.86 -8.26
N THR VA 265 -64.39 38.00 -9.52
CA THR VA 265 -65.83 37.91 -9.83
C THR VA 265 -66.26 36.55 -9.32
N MET VA 266 -65.37 35.59 -9.46
CA MET VA 266 -65.67 34.22 -9.00
C MET VA 266 -65.80 34.22 -7.48
N VAL VA 267 -64.76 34.69 -6.82
CA VAL VA 267 -64.80 34.57 -5.34
C VAL VA 267 -66.01 35.34 -4.86
N GLN VA 268 -66.22 36.53 -5.43
CA GLN VA 268 -67.37 37.38 -5.06
C GLN VA 268 -68.65 36.56 -5.22
N LEU VA 269 -68.62 35.49 -6.03
CA LEU VA 269 -69.89 34.75 -6.20
C LEU VA 269 -70.12 34.03 -4.87
N GLY VA 270 -69.09 34.02 -4.04
CA GLY VA 270 -69.21 33.33 -2.75
C GLY VA 270 -68.89 31.88 -2.97
N ILE VA 271 -68.37 31.58 -4.17
CA ILE VA 271 -67.96 30.17 -4.46
C ILE VA 271 -67.20 29.63 -3.26
N ASN VA 272 -67.43 28.36 -2.91
CA ASN VA 272 -66.81 27.80 -1.69
C ASN VA 272 -66.27 26.39 -1.92
N VAL VA 273 -66.87 25.66 -2.85
CA VAL VA 273 -66.51 24.23 -3.04
C VAL VA 273 -65.08 24.02 -3.54
N GLY VA 274 -64.56 24.90 -4.40
CA GLY VA 274 -63.27 24.59 -5.03
C GLY VA 274 -62.15 24.28 -4.06
N GLU VA 275 -61.49 23.15 -4.25
CA GLU VA 275 -60.30 22.76 -3.43
C GLU VA 275 -59.43 21.86 -4.31
N VAL VA 276 -59.28 22.22 -5.60
CA VAL VA 276 -58.52 21.35 -6.54
C VAL VA 276 -57.09 21.89 -6.71
N ARG VA 277 -56.33 21.30 -7.63
CA ARG VA 277 -54.92 21.72 -7.85
C ARG VA 277 -54.88 22.76 -8.98
N THR VA 278 -54.01 23.77 -8.85
CA THR VA 278 -53.83 24.79 -9.93
C THR VA 278 -52.33 25.11 -10.07
N ASN VA 279 -51.98 26.05 -10.97
CA ASN VA 279 -50.54 26.37 -11.23
C ASN VA 279 -50.38 27.78 -11.78
N ALA VA 280 -49.14 28.28 -11.87
CA ALA VA 280 -48.88 29.63 -12.44
C ALA VA 280 -48.51 29.51 -13.91
N THR VA 281 -49.44 29.83 -14.82
CA THR VA 281 -49.18 29.80 -16.29
C THR VA 281 -48.83 28.38 -16.73
N LEU VA 282 -48.59 28.18 -18.02
CA LEU VA 282 -48.18 26.85 -18.50
C LEU VA 282 -46.75 26.58 -18.00
N ARG VA 283 -46.21 27.46 -17.14
CA ARG VA 283 -44.80 27.24 -16.76
C ARG VA 283 -44.79 26.35 -15.54
N ASP VA 284 -45.38 26.85 -14.44
CA ASP VA 284 -45.46 26.05 -13.20
C ASP VA 284 -46.36 24.83 -13.43
N ALA VA 285 -47.23 24.84 -14.46
CA ALA VA 285 -48.06 23.65 -14.63
C ALA VA 285 -47.17 22.50 -15.10
N LEU VA 286 -46.33 22.77 -16.08
CA LEU VA 286 -45.46 21.71 -16.65
C LEU VA 286 -44.47 21.33 -15.58
N GLU VA 287 -44.00 22.33 -14.85
CA GLU VA 287 -42.95 21.95 -13.88
C GLU VA 287 -43.57 20.87 -13.01
N ASN VA 288 -44.78 21.14 -12.55
CA ASN VA 288 -45.44 20.15 -11.66
C ASN VA 288 -45.63 18.89 -12.48
N ALA VA 289 -46.00 19.05 -13.74
CA ALA VA 289 -46.31 17.78 -14.42
C ALA VA 289 -45.04 16.98 -14.54
N PHE VA 290 -43.93 17.63 -14.92
CA PHE VA 290 -42.68 16.89 -15.14
C PHE VA 290 -42.22 16.34 -13.80
N LYS VA 291 -42.93 16.74 -12.74
CA LYS VA 291 -42.61 16.25 -11.37
C LYS VA 291 -43.55 15.09 -11.02
N ILE VA 292 -44.79 15.25 -11.51
CA ILE VA 292 -45.74 14.13 -11.42
C ILE VA 292 -45.17 13.22 -12.50
N VAL VA 293 -44.16 13.72 -13.23
CA VAL VA 293 -43.49 12.92 -14.29
C VAL VA 293 -42.01 12.78 -13.94
N GLU WA 169 22.55 79.03 -18.96
CA GLU WA 169 21.64 78.18 -18.21
C GLU WA 169 21.26 76.94 -19.03
N GLN WA 170 21.03 77.13 -20.33
CA GLN WA 170 20.68 76.01 -21.20
C GLN WA 170 21.82 75.00 -21.25
N SER WA 171 23.06 75.44 -21.15
CA SER WA 171 24.13 74.44 -21.08
C SER WA 171 23.84 73.59 -19.82
N GLU WA 172 23.82 74.29 -18.70
CA GLU WA 172 23.69 73.54 -17.44
C GLU WA 172 22.39 72.76 -17.51
N ALA WA 173 21.42 73.29 -18.25
CA ALA WA 173 20.17 72.54 -18.44
C ALA WA 173 20.49 71.29 -19.22
N LEU WA 174 21.41 71.36 -20.17
CA LEU WA 174 21.84 70.18 -20.96
C LEU WA 174 22.52 69.18 -20.04
N LEU WA 175 23.41 69.72 -19.21
CA LEU WA 175 24.18 68.87 -18.28
C LEU WA 175 23.16 68.23 -17.36
N ALA WA 176 22.08 68.95 -17.10
CA ALA WA 176 21.03 68.42 -16.22
C ALA WA 176 20.51 67.14 -16.87
N MET WA 177 20.41 67.13 -18.19
CA MET WA 177 19.80 65.97 -18.90
C MET WA 177 20.58 64.64 -18.84
N SER WA 178 21.90 64.64 -19.01
CA SER WA 178 22.64 63.35 -19.15
C SER WA 178 22.63 62.43 -17.91
N THR WA 179 22.80 62.99 -16.72
CA THR WA 179 22.94 62.11 -15.51
C THR WA 179 21.67 61.28 -15.26
N PRO WA 180 20.45 61.84 -15.39
CA PRO WA 180 19.24 61.02 -15.26
C PRO WA 180 19.18 59.96 -16.36
N VAL WA 181 19.54 60.36 -17.58
CA VAL WA 181 19.45 59.41 -18.72
C VAL WA 181 20.49 58.33 -18.48
N THR WA 182 21.35 58.50 -17.48
CA THR WA 182 22.24 57.36 -17.11
C THR WA 182 21.65 56.48 -16.01
N MET WA 183 21.11 57.06 -14.93
CA MET WA 183 20.69 56.25 -13.74
C MET WA 183 19.44 55.42 -13.95
N ILE WA 184 19.40 54.19 -13.40
CA ILE WA 184 18.13 53.38 -13.43
C ILE WA 184 18.08 52.41 -12.24
N TRP WA 185 16.85 52.09 -11.82
CA TRP WA 185 16.65 51.14 -10.70
C TRP WA 185 17.48 49.89 -10.89
N GLN WA 186 17.78 49.20 -9.79
CA GLN WA 186 18.50 47.91 -9.91
C GLN WA 186 19.88 48.10 -10.57
N ASP WA 187 20.51 49.27 -10.42
CA ASP WA 187 21.91 49.43 -10.90
C ASP WA 187 21.99 49.32 -12.42
N ILE WA 188 20.86 49.15 -13.10
CA ILE WA 188 20.98 49.15 -14.59
C ILE WA 188 21.34 50.57 -14.98
N LEU WA 189 22.10 50.75 -16.05
CA LEU WA 189 22.43 52.12 -16.53
C LEU WA 189 22.16 52.22 -18.02
N MET WA 190 22.04 53.45 -18.54
CA MET WA 190 21.80 53.67 -19.98
C MET WA 190 22.20 55.11 -20.29
N LEU WA 191 22.02 55.59 -21.52
CA LEU WA 191 22.31 57.03 -21.74
C LEU WA 191 21.59 57.62 -22.95
N PRO WA 192 20.26 57.85 -22.94
CA PRO WA 192 19.64 58.56 -24.07
C PRO WA 192 20.14 60.00 -24.21
N ILE WA 193 20.29 60.51 -25.45
CA ILE WA 193 20.76 61.92 -25.69
C ILE WA 193 20.31 62.46 -27.05
N VAL WA 194 20.45 63.78 -27.26
CA VAL WA 194 20.06 64.42 -28.56
C VAL WA 194 21.16 64.15 -29.58
N GLY WA 195 20.79 63.89 -30.84
CA GLY WA 195 21.80 63.51 -31.86
C GLY WA 195 22.65 64.65 -32.34
N ILE WA 196 22.07 65.81 -32.68
CA ILE WA 196 23.01 66.89 -33.10
C ILE WA 196 23.45 67.56 -31.80
N ILE WA 197 24.69 67.29 -31.42
CA ILE WA 197 25.14 67.82 -30.11
C ILE WA 197 26.57 68.32 -30.27
N ASP WA 198 27.07 69.12 -29.33
CA ASP WA 198 28.50 69.56 -29.36
C ASP WA 198 29.47 68.40 -29.05
N SER WA 199 30.60 68.34 -29.76
CA SER WA 199 31.64 67.30 -29.53
C SER WA 199 32.27 67.46 -28.16
N LYS WA 200 32.54 68.69 -27.77
CA LYS WA 200 33.15 68.96 -26.45
C LYS WA 200 32.14 68.51 -25.40
N ARG WA 201 30.85 68.74 -25.66
CA ARG WA 201 29.78 68.32 -24.72
C ARG WA 201 29.77 66.80 -24.63
N ALA WA 202 30.03 66.15 -25.75
CA ALA WA 202 30.11 64.67 -25.77
C ALA WA 202 31.29 64.21 -24.92
N GLN WA 203 32.40 64.95 -24.99
CA GLN WA 203 33.55 64.62 -24.11
C GLN WA 203 33.10 64.81 -22.68
N ASP WA 204 32.25 65.80 -22.50
CA ASP WA 204 31.74 66.03 -21.14
C ASP WA 204 30.99 64.77 -20.75
N ILE WA 205 30.19 64.29 -21.68
CA ILE WA 205 29.36 63.11 -21.32
C ILE WA 205 30.34 61.99 -21.03
N MET WA 206 31.40 61.92 -21.82
CA MET WA 206 32.42 60.88 -21.59
C MET WA 206 32.86 60.97 -20.14
N SER WA 207 33.08 62.17 -19.65
CA SER WA 207 33.64 62.36 -18.31
C SER WA 207 32.55 61.95 -17.34
N ALA WA 208 31.33 62.30 -17.71
CA ALA WA 208 30.18 62.01 -16.82
C ALA WA 208 30.09 60.51 -16.65
N VAL WA 209 30.23 59.77 -17.73
CA VAL WA 209 30.04 58.31 -17.56
C VAL WA 209 31.15 57.83 -16.64
N LEU WA 210 32.38 58.32 -16.81
CA LEU WA 210 33.41 57.76 -15.94
C LEU WA 210 33.01 58.01 -14.49
N ASN WA 211 32.69 59.25 -14.18
CA ASN WA 211 32.42 59.52 -12.75
C ASN WA 211 31.20 58.72 -12.35
N LYS WA 212 30.24 58.61 -13.26
CA LYS WA 212 28.99 57.94 -12.87
C LYS WA 212 29.38 56.52 -12.50
N ILE WA 213 30.26 55.96 -13.31
CA ILE WA 213 30.59 54.55 -13.07
C ILE WA 213 31.24 54.47 -11.71
N SER WA 214 32.12 55.39 -11.40
CA SER WA 214 32.72 55.25 -10.05
C SER WA 214 31.59 55.32 -9.08
N GLU WA 215 30.76 56.33 -9.25
CA GLU WA 215 29.76 56.62 -8.20
C GLU WA 215 29.10 55.32 -7.84
N ASN WA 216 28.60 54.63 -8.85
CA ASN WA 216 28.13 53.29 -8.50
C ASN WA 216 28.73 52.45 -9.58
N ARG WA 217 29.69 51.64 -9.18
CA ARG WA 217 30.19 50.71 -10.20
C ARG WA 217 28.98 49.98 -10.79
N ALA WA 218 28.81 49.99 -12.12
CA ALA WA 218 27.71 49.25 -12.80
C ALA WA 218 28.26 48.45 -13.97
N LYS WA 219 28.09 47.13 -14.02
CA LYS WA 219 28.53 46.43 -15.24
C LYS WA 219 27.50 46.74 -16.30
N ILE WA 220 26.32 47.14 -15.86
CA ILE WA 220 25.20 47.38 -16.81
C ILE WA 220 25.16 48.85 -17.18
N PHE WA 221 25.17 49.14 -18.47
CA PHE WA 221 25.06 50.54 -18.94
C PHE WA 221 24.62 50.46 -20.40
N ILE WA 222 23.96 51.49 -20.93
CA ILE WA 222 23.60 51.43 -22.37
C ILE WA 222 23.74 52.79 -23.03
N MET WA 223 23.94 52.78 -24.34
CA MET WA 223 23.92 54.05 -25.06
C MET WA 223 22.56 54.13 -25.71
N ASP WA 224 21.73 55.09 -25.32
CA ASP WA 224 20.44 55.19 -26.04
C ASP WA 224 20.50 56.42 -26.95
N ILE WA 225 20.13 56.24 -28.22
CA ILE WA 225 20.20 57.35 -29.20
C ILE WA 225 18.87 57.40 -29.91
N SER WA 226 17.83 56.92 -29.24
CA SER WA 226 16.52 56.86 -29.94
C SER WA 226 16.28 58.18 -30.65
N GLY WA 227 15.85 58.10 -31.91
CA GLY WA 227 15.52 59.35 -32.60
C GLY WA 227 16.70 60.29 -32.53
N VAL WA 228 17.89 59.82 -32.92
CA VAL WA 228 19.06 60.72 -32.75
C VAL WA 228 18.67 62.01 -33.50
N ALA WA 229 18.90 63.17 -32.88
CA ALA WA 229 18.41 64.42 -33.48
C ALA WA 229 19.01 64.64 -34.86
N VAL WA 230 20.32 64.47 -34.99
CA VAL WA 230 20.93 64.57 -36.35
C VAL WA 230 22.11 63.62 -36.35
N VAL WA 231 22.30 62.89 -37.46
CA VAL WA 231 23.46 61.95 -37.57
C VAL WA 231 24.71 62.76 -37.95
N ASP WA 232 25.29 63.48 -36.99
CA ASP WA 232 26.50 64.29 -37.24
C ASP WA 232 27.71 63.38 -37.50
N THR WA 233 28.67 63.83 -38.30
CA THR WA 233 29.86 63.00 -38.65
C THR WA 233 30.69 62.71 -37.40
N ALA WA 234 31.14 63.75 -36.69
CA ALA WA 234 32.03 63.55 -35.51
C ALA WA 234 31.25 62.85 -34.42
N VAL WA 235 29.93 62.96 -34.52
CA VAL WA 235 29.09 62.38 -33.45
C VAL WA 235 29.29 60.87 -33.45
N ALA WA 236 29.36 60.26 -34.62
CA ALA WA 236 29.64 58.82 -34.64
C ALA WA 236 30.89 58.70 -33.80
N ASN WA 237 31.91 59.40 -34.26
CA ASN WA 237 33.22 59.28 -33.61
C ASN WA 237 33.04 59.14 -32.15
N HIS WA 238 32.18 59.97 -31.61
CA HIS WA 238 32.09 59.90 -30.15
C HIS WA 238 31.68 58.48 -29.79
N PHE WA 239 30.47 58.09 -30.18
CA PHE WA 239 29.93 56.73 -29.92
C PHE WA 239 30.86 55.67 -30.48
N ILE WA 240 31.65 55.98 -31.52
CA ILE WA 240 32.63 54.97 -31.96
C ILE WA 240 33.58 54.77 -30.78
N LYS WA 241 34.25 55.85 -30.46
CA LYS WA 241 35.24 55.75 -29.36
C LYS WA 241 34.48 55.42 -28.10
N ILE WA 242 33.32 56.02 -27.93
CA ILE WA 242 32.58 55.87 -26.65
C ILE WA 242 32.16 54.42 -26.49
N THR WA 243 31.68 53.81 -27.56
CA THR WA 243 31.16 52.45 -27.35
C THR WA 243 32.37 51.66 -26.90
N LYS WA 244 33.48 51.90 -27.61
CA LYS WA 244 34.60 51.01 -27.25
C LYS WA 244 34.94 51.23 -25.79
N ALA WA 245 35.06 52.49 -25.40
CA ALA WA 245 35.56 52.74 -24.03
C ALA WA 245 34.63 52.13 -23.01
N THR WA 246 33.34 52.36 -23.17
CA THR WA 246 32.43 51.90 -22.12
C THR WA 246 32.48 50.40 -21.98
N LYS WA 247 32.40 49.71 -23.11
CA LYS WA 247 32.31 48.25 -22.92
C LYS WA 247 33.59 47.79 -22.28
N LEU WA 248 34.70 48.32 -22.78
CA LEU WA 248 36.00 47.78 -22.36
C LEU WA 248 36.34 48.20 -20.93
N MET WA 249 35.57 49.14 -20.39
CA MET WA 249 35.73 49.50 -18.97
C MET WA 249 35.40 48.24 -18.20
N GLY WA 250 34.73 47.32 -18.86
CA GLY WA 250 34.23 46.14 -18.13
C GLY WA 250 32.82 46.52 -17.80
N CYS WA 251 32.45 47.70 -18.28
CA CYS WA 251 31.06 48.15 -18.06
C CYS WA 251 30.34 48.13 -19.40
N ASP WA 252 29.57 47.09 -19.67
CA ASP WA 252 28.93 46.91 -21.01
C ASP WA 252 28.17 48.16 -21.46
N CYS WA 253 28.03 48.39 -22.79
CA CYS WA 253 27.17 49.50 -23.27
C CYS WA 253 26.32 48.98 -24.43
N LEU WA 254 25.05 49.34 -24.52
CA LEU WA 254 24.21 48.77 -25.59
C LEU WA 254 23.46 49.89 -26.30
N VAL WA 255 23.12 49.72 -27.58
CA VAL WA 255 22.27 50.75 -28.25
C VAL WA 255 20.83 50.25 -28.31
N SER WA 256 19.93 50.89 -27.56
CA SER WA 256 18.54 50.39 -27.50
C SER WA 256 17.62 51.14 -28.47
N GLY WA 257 17.82 52.44 -28.65
CA GLY WA 257 16.92 53.22 -29.51
C GLY WA 257 17.73 54.03 -30.48
N VAL WA 258 17.20 54.29 -31.68
CA VAL WA 258 17.96 55.02 -32.74
C VAL WA 258 17.06 55.23 -33.96
N SER WA 259 17.51 56.03 -34.92
CA SER WA 259 16.74 56.20 -36.18
C SER WA 259 17.38 55.32 -37.25
N PRO WA 260 16.64 54.91 -38.30
CA PRO WA 260 17.23 54.10 -39.39
C PRO WA 260 18.09 54.81 -40.44
N SER WA 261 17.63 55.95 -40.94
CA SER WA 261 18.46 56.71 -41.91
C SER WA 261 19.68 57.19 -41.15
N ILE WA 262 19.50 57.36 -39.85
CA ILE WA 262 20.66 57.75 -39.02
C ILE WA 262 21.63 56.59 -39.23
N ALA WA 263 21.09 55.38 -39.11
CA ALA WA 263 21.94 54.19 -39.26
C ALA WA 263 22.49 54.12 -40.66
N ARG WA 264 21.65 54.47 -41.64
CA ARG WA 264 22.16 54.28 -43.02
C ARG WA 264 23.34 55.21 -43.17
N THR WA 265 23.17 56.42 -42.68
CA THR WA 265 24.23 57.43 -42.91
C THR WA 265 25.48 56.82 -42.30
N MET WA 266 25.29 56.11 -41.20
CA MET WA 266 26.44 55.46 -40.53
C MET WA 266 27.00 54.37 -41.44
N VAL WA 267 26.15 53.45 -41.85
CA VAL WA 267 26.71 52.31 -42.61
C VAL WA 267 27.35 52.89 -43.86
N GLN WA 268 26.66 53.84 -44.49
CA GLN WA 268 27.19 54.48 -45.72
C GLN WA 268 28.59 55.03 -45.42
N LEU WA 269 28.91 55.27 -44.14
CA LEU WA 269 30.25 55.85 -43.89
C LEU WA 269 31.24 54.73 -44.17
N GLY WA 270 30.72 53.52 -44.30
CA GLY WA 270 31.59 52.37 -44.57
C GLY WA 270 32.08 51.88 -43.23
N ILE WA 271 31.49 52.39 -42.15
CA ILE WA 271 31.86 51.91 -40.80
C ILE WA 271 31.97 50.39 -40.83
N ASN WA 272 32.96 49.81 -40.14
CA ASN WA 272 33.17 48.35 -40.23
C ASN WA 272 33.46 47.76 -38.85
N VAL WA 273 34.06 48.55 -37.96
CA VAL WA 273 34.52 48.01 -36.65
C VAL WA 273 33.38 47.52 -35.76
N GLY WA 274 32.23 48.19 -35.76
CA GLY WA 274 31.21 47.85 -34.76
C GLY WA 274 30.82 46.38 -34.72
N GLU WA 275 30.89 45.77 -33.53
CA GLU WA 275 30.46 44.36 -33.33
C GLU WA 275 30.02 44.25 -31.87
N VAL WA 276 29.30 45.25 -31.36
CA VAL WA 276 28.91 45.25 -29.92
C VAL WA 276 27.46 44.78 -29.78
N ARG WA 277 26.91 44.84 -28.56
CA ARG WA 277 25.52 44.38 -28.31
C ARG WA 277 24.56 45.56 -28.43
N THR WA 278 23.36 45.32 -28.98
CA THR WA 278 22.32 46.39 -29.10
C THR WA 278 20.95 45.79 -28.77
N ASN WA 279 19.87 46.57 -28.87
CA ASN WA 279 18.52 46.09 -28.48
C ASN WA 279 17.42 46.91 -29.19
N ALA WA 280 16.17 46.44 -29.13
CA ALA WA 280 15.03 47.19 -29.74
C ALA WA 280 14.36 48.08 -28.68
N THR WA 281 14.61 49.38 -28.70
CA THR WA 281 13.97 50.34 -27.76
C THR WA 281 14.37 50.00 -26.32
N LEU WA 282 13.87 50.78 -25.35
CA LEU WA 282 14.16 50.46 -23.95
C LEU WA 282 13.38 49.20 -23.58
N ARG WA 283 12.73 48.55 -24.55
CA ARG WA 283 11.89 47.39 -24.16
C ARG WA 283 12.77 46.16 -24.18
N ASP WA 284 13.28 45.83 -25.37
CA ASP WA 284 14.18 44.66 -25.50
C ASP WA 284 15.47 44.92 -24.73
N ALA WA 285 15.81 46.19 -24.43
CA ALA WA 285 17.07 46.37 -23.69
C ALA WA 285 16.88 45.85 -22.28
N LEU WA 286 15.78 46.21 -21.65
CA LEU WA 286 15.52 45.82 -20.26
C LEU WA 286 15.32 44.32 -20.25
N GLU WA 287 14.62 43.84 -21.29
CA GLU WA 287 14.33 42.39 -21.21
C GLU WA 287 15.68 41.70 -21.10
N ASN WA 288 16.61 42.11 -21.95
CA ASN WA 288 17.94 41.47 -21.91
C ASN WA 288 18.54 41.77 -20.55
N ALA WA 289 18.34 43.00 -20.07
CA ALA WA 289 19.08 43.26 -18.82
C ALA WA 289 18.51 42.37 -17.74
N PHE WA 290 17.19 42.26 -17.66
CA PHE WA 290 16.56 41.47 -16.57
C PHE WA 290 16.94 40.02 -16.79
N LYS WA 291 17.58 39.75 -17.91
CA LYS WA 291 18.04 38.36 -18.22
C LYS WA 291 19.52 38.22 -17.85
N ILE WA 292 20.23 39.34 -18.09
CA ILE WA 292 21.61 39.42 -17.59
C ILE WA 292 21.35 39.61 -16.09
N VAL WA 293 20.07 39.78 -15.75
CA VAL WA 293 19.67 39.95 -14.31
C VAL WA 293 18.73 38.81 -13.94
N GLU XA 169 17.21 76.34 -31.39
CA GLU XA 169 17.54 74.92 -31.39
C GLU XA 169 17.47 74.37 -29.97
N GLN XA 170 17.94 75.14 -28.99
CA GLN XA 170 17.90 74.70 -27.60
C GLN XA 170 16.46 74.50 -27.15
N SER XA 171 15.53 75.29 -27.66
CA SER XA 171 14.13 75.01 -27.30
C SER XA 171 13.84 73.58 -27.79
N GLU XA 172 14.00 73.42 -29.10
CA GLU XA 172 13.60 72.12 -29.68
C GLU XA 172 14.44 71.06 -28.99
N ALA XA 173 15.64 71.43 -28.55
CA ALA XA 173 16.47 70.48 -27.79
C ALA XA 173 15.75 70.17 -26.49
N LEU XA 174 15.09 71.17 -25.89
CA LEU XA 174 14.32 70.97 -24.64
C LEU XA 174 13.15 70.02 -24.93
N LEU XA 175 12.47 70.32 -26.04
CA LEU XA 175 11.28 69.53 -26.42
C LEU XA 175 11.78 68.12 -26.65
N ALA XA 176 13.03 68.02 -27.11
CA ALA XA 176 13.60 66.68 -27.38
C ALA XA 176 13.61 65.94 -26.05
N MET XA 177 13.88 66.63 -24.96
CA MET XA 177 14.03 65.97 -23.64
C MET XA 177 12.75 65.33 -23.05
N SER XA 178 11.60 66.00 -23.09
CA SER XA 178 10.41 65.49 -22.35
C SER XA 178 9.84 64.14 -22.83
N THR XA 179 9.76 63.92 -24.14
CA THR XA 179 9.09 62.68 -24.64
C THR XA 179 9.82 61.42 -24.19
N PRO XA 180 11.17 61.34 -24.23
CA PRO XA 180 11.88 60.18 -23.70
C PRO XA 180 11.64 60.04 -22.20
N VAL XA 181 11.66 61.17 -21.49
CA VAL XA 181 11.50 61.10 -20.01
C VAL XA 181 10.07 60.66 -19.74
N THR XA 182 9.23 60.58 -20.78
CA THR XA 182 7.90 59.97 -20.55
C THR XA 182 7.89 58.47 -20.86
N MET XA 183 8.46 58.03 -21.98
CA MET XA 183 8.31 56.60 -22.43
C MET XA 183 9.10 55.59 -21.61
N ILE XA 184 8.53 54.40 -21.35
CA ILE XA 184 9.31 53.32 -20.69
C ILE XA 184 8.78 51.93 -21.10
N TRP XA 185 9.66 50.93 -21.08
CA TRP XA 185 9.29 49.54 -21.42
C TRP XA 185 8.02 49.13 -20.68
N GLN XA 186 7.31 48.16 -21.21
CA GLN XA 186 6.12 47.63 -20.49
C GLN XA 186 5.08 48.72 -20.26
N ASP XA 187 4.99 49.74 -21.14
CA ASP XA 187 3.88 50.72 -21.04
C ASP XA 187 3.98 51.54 -19.75
N ILE XA 188 5.01 51.33 -18.95
CA ILE XA 188 5.13 52.21 -17.76
C ILE XA 188 5.47 53.60 -18.30
N LEU XA 189 5.02 54.66 -17.64
CA LEU XA 189 5.38 56.03 -18.08
C LEU XA 189 5.88 56.83 -16.89
N MET XA 190 6.60 57.93 -17.15
CA MET XA 190 7.11 58.81 -16.07
C MET XA 190 7.42 60.16 -16.69
N LEU XA 191 7.96 61.12 -15.94
CA LEU XA 191 8.34 62.39 -16.62
C LEU XA 191 9.43 63.17 -15.87
N PRO XA 192 10.71 62.76 -15.82
CA PRO XA 192 11.73 63.62 -15.21
C PRO XA 192 11.91 64.94 -16.00
N ILE XA 193 12.18 66.06 -15.30
CA ILE XA 193 12.40 67.38 -15.97
C ILE XA 193 13.23 68.34 -15.11
N VAL XA 194 13.70 69.44 -15.71
CA VAL XA 194 14.51 70.47 -14.97
C VAL XA 194 13.57 71.35 -14.14
N GLY XA 195 13.96 71.71 -12.92
CA GLY XA 195 13.05 72.45 -12.02
C GLY XA 195 12.85 73.90 -12.39
N ILE XA 196 13.91 74.65 -12.70
CA ILE XA 196 13.60 76.05 -13.12
C ILE XA 196 13.31 75.97 -14.60
N ILE XA 197 12.03 76.10 -14.94
CA ILE XA 197 11.68 75.92 -16.36
C ILE XA 197 10.64 76.98 -16.73
N ASP XA 198 10.40 77.23 -18.02
CA ASP XA 198 9.32 78.16 -18.44
C ASP XA 198 7.91 77.60 -18.18
N SER XA 199 6.98 78.44 -17.72
CA SER XA 199 5.58 78.03 -17.46
C SER XA 199 4.88 77.63 -18.77
N LYS XA 200 5.13 78.40 -19.82
CA LYS XA 200 4.51 78.09 -21.13
C LYS XA 200 5.06 76.74 -21.58
N ARG XA 201 6.34 76.50 -21.31
CA ARG XA 201 6.98 75.22 -21.69
C ARG XA 201 6.32 74.09 -20.90
N ALA XA 202 5.96 74.37 -19.66
CA ALA XA 202 5.26 73.39 -18.83
C ALA XA 202 3.90 73.09 -19.42
N GLN XA 203 3.23 74.12 -19.93
CA GLN XA 203 1.94 73.89 -20.61
C GLN XA 203 2.22 73.02 -21.83
N ASP XA 204 3.38 73.24 -22.41
CA ASP XA 204 3.74 72.41 -23.57
C ASP XA 204 3.80 70.99 -23.06
N ILE XA 205 4.45 70.83 -21.92
CA ILE XA 205 4.63 69.45 -21.42
C ILE XA 205 3.22 68.91 -21.16
N MET XA 206 2.37 69.77 -20.64
CA MET XA 206 0.98 69.35 -20.37
C MET XA 206 0.42 68.77 -21.67
N SER XA 207 0.67 69.44 -22.78
CA SER XA 207 0.05 69.05 -24.06
C SER XA 207 0.71 67.74 -24.46
N ALA XA 208 2.01 67.67 -24.19
CA ALA XA 208 2.78 66.48 -24.57
C ALA XA 208 2.18 65.28 -23.85
N VAL XA 209 1.90 65.43 -22.56
CA VAL XA 209 1.41 64.23 -21.85
C VAL XA 209 0.09 63.85 -22.47
N LEU XA 210 -0.76 64.82 -22.80
CA LEU XA 210 -2.07 64.37 -23.33
C LEU XA 210 -1.80 63.56 -24.59
N ASN XA 211 -1.02 64.11 -25.50
CA ASN XA 211 -0.87 63.38 -26.78
C ASN XA 211 -0.18 62.06 -26.46
N LYS XA 212 0.76 62.09 -25.54
CA LYS XA 212 1.52 60.85 -25.30
C LYS XA 212 0.51 59.82 -24.84
N ILE XA 213 -0.39 60.27 -23.99
CA ILE XA 213 -1.34 59.28 -23.43
C ILE XA 213 -2.15 58.73 -24.59
N SER XA 214 -2.58 59.59 -25.50
CA SER XA 214 -3.37 58.99 -26.58
C SER XA 214 -2.46 57.99 -27.25
N GLU XA 215 -1.27 58.44 -27.57
CA GLU XA 215 -0.39 57.62 -28.44
C GLU XA 215 -0.42 56.22 -27.89
N ASN XA 216 -0.13 56.08 -26.61
CA ASN XA 216 -0.34 54.74 -26.07
C ASN XA 216 -1.10 55.03 -24.81
N ARG XA 217 -2.34 54.63 -24.81
CA ARG XA 217 -3.05 54.79 -23.53
C ARG XA 217 -2.19 54.09 -22.46
N ALA XA 218 -1.86 54.78 -21.36
CA ALA XA 218 -1.09 54.17 -20.24
C ALA XA 218 -1.76 54.51 -18.90
N LYS XA 219 -2.17 53.54 -18.10
CA LYS XA 219 -2.69 53.93 -16.77
C LYS XA 219 -1.48 54.31 -15.93
N ILE XA 220 -0.32 53.83 -16.36
CA ILE XA 220 0.92 54.04 -15.56
C ILE XA 220 1.63 55.27 -16.09
N PHE XA 221 1.93 56.22 -15.21
CA PHE XA 221 2.70 57.42 -15.59
C PHE XA 221 3.27 58.01 -14.30
N ILE XA 222 4.38 58.75 -14.37
CA ILE XA 222 4.88 59.37 -13.12
C ILE XA 222 5.43 60.75 -13.37
N MET XA 223 5.44 61.57 -12.33
CA MET XA 223 6.11 62.88 -12.47
C MET XA 223 7.45 62.71 -11.79
N ASP XA 224 8.55 62.81 -12.53
CA ASP XA 224 9.85 62.73 -11.82
C ASP XA 224 10.45 64.13 -11.79
N ILE XA 225 10.88 64.57 -10.60
CA ILE XA 225 11.44 65.94 -10.46
C ILE XA 225 12.76 65.80 -9.72
N SER XA 226 13.38 64.62 -9.83
CA SER XA 226 14.61 64.42 -9.05
C SER XA 226 15.50 65.65 -9.18
N GLY XA 227 16.03 66.12 -8.06
CA GLY XA 227 16.95 67.26 -8.17
C GLY XA 227 16.31 68.39 -8.91
N VAL XA 228 15.09 68.78 -8.51
CA VAL XA 228 14.42 69.82 -9.32
C VAL XA 228 15.41 70.98 -9.39
N ALA XA 229 15.63 71.54 -10.59
CA ALA XA 229 16.69 72.56 -10.74
C ALA XA 229 16.45 73.75 -9.83
N VAL XA 230 15.23 74.27 -9.81
CA VAL XA 230 14.92 75.37 -8.87
C VAL XA 230 13.46 75.21 -8.49
N VAL XA 231 13.13 75.41 -7.21
CA VAL XA 231 11.71 75.32 -6.74
C VAL XA 231 11.00 76.64 -7.07
N ASP XA 232 10.65 76.84 -8.35
CA ASP XA 232 9.96 78.09 -8.78
C ASP XA 232 8.53 78.10 -8.23
N THR XA 233 7.99 79.29 -7.97
CA THR XA 233 6.62 79.42 -7.38
C THR XA 233 5.56 78.87 -8.36
N ALA XA 234 5.52 79.39 -9.58
CA ALA XA 234 4.47 78.96 -10.55
C ALA XA 234 4.71 77.51 -10.92
N VAL XA 235 5.94 77.08 -10.73
CA VAL XA 235 6.29 75.69 -11.14
C VAL XA 235 5.45 74.72 -10.31
N ALA XA 236 5.31 74.99 -9.02
CA ALA XA 236 4.44 74.10 -8.24
C ALA XA 236 3.16 74.09 -9.03
N ASN XA 237 2.61 75.28 -9.20
CA ASN XA 237 1.29 75.39 -9.84
C ASN XA 237 1.20 74.39 -10.93
N HIS XA 238 2.24 74.30 -11.72
CA HIS XA 238 2.08 73.38 -12.85
C HIS XA 238 1.77 72.00 -12.27
N PHE XA 239 2.75 71.43 -11.55
CA PHE XA 239 2.60 70.10 -10.92
C PHE XA 239 1.39 70.07 -9.99
N ILE XA 240 0.97 71.22 -9.44
CA ILE XA 240 -0.27 71.18 -8.64
C ILE XA 240 -1.36 70.77 -9.64
N LYS XA 241 -1.55 71.65 -10.60
CA LYS XA 241 -2.63 71.38 -11.58
C LYS XA 241 -2.28 70.10 -12.30
N ILE XA 242 -1.01 69.92 -12.61
CA ILE XA 242 -0.59 68.77 -13.45
C ILE XA 242 -0.87 67.48 -12.71
N THR XA 243 -0.55 67.46 -11.42
CA THR XA 243 -0.71 66.16 -10.75
C THR XA 243 -2.19 65.88 -10.83
N LYS XA 244 -2.98 66.91 -10.55
CA LYS XA 244 -4.41 66.58 -10.51
C LYS XA 244 -4.82 66.04 -11.87
N ALA XA 245 -4.44 66.76 -12.92
CA ALA XA 245 -4.97 66.38 -14.24
C ALA XA 245 -4.56 64.97 -14.59
N THR XA 246 -3.29 64.66 -14.39
CA THR XA 246 -2.82 63.35 -14.87
C THR XA 246 -3.53 62.25 -14.13
N LYS XA 247 -3.60 62.36 -12.81
CA LYS XA 247 -4.17 61.19 -12.12
C LYS XA 247 -5.61 61.06 -12.56
N LEU XA 248 -6.29 62.19 -12.61
CA LEU XA 248 -7.74 62.13 -12.83
C LEU XA 248 -8.06 61.76 -14.28
N MET XA 249 -7.06 61.78 -15.15
CA MET XA 249 -7.25 61.29 -16.52
C MET XA 249 -7.61 59.84 -16.39
N GLY XA 250 -7.32 59.26 -15.23
CA GLY XA 250 -7.48 57.82 -15.07
C GLY XA 250 -6.11 57.29 -15.36
N CYS XA 251 -5.19 58.23 -15.59
CA CYS XA 251 -3.79 57.83 -15.83
C CYS XA 251 -2.98 58.27 -14.62
N ASP XA 252 -2.69 57.35 -13.70
CA ASP XA 252 -2.02 57.71 -12.42
C ASP XA 252 -0.73 58.52 -12.65
N CYS XA 253 -0.32 59.38 -11.69
CA CYS XA 253 0.99 60.05 -11.81
C CYS XA 253 1.69 59.99 -10.44
N LEU XA 254 3.00 59.74 -10.40
CA LEU XA 254 3.65 59.59 -9.08
C LEU XA 254 4.91 60.45 -9.04
N VAL XA 255 5.32 60.91 -7.86
CA VAL XA 255 6.61 61.65 -7.78
C VAL XA 255 7.70 60.72 -7.24
N SER XA 256 8.66 60.36 -8.07
CA SER XA 256 9.69 59.37 -7.65
C SER XA 256 10.96 60.04 -7.15
N GLY XA 257 11.36 61.15 -7.77
CA GLY XA 257 12.63 61.80 -7.39
C GLY XA 257 12.40 63.27 -7.17
N VAL XA 258 13.15 63.91 -6.27
CA VAL XA 258 12.93 65.35 -5.93
C VAL XA 258 14.00 65.80 -4.94
N SER XA 259 14.09 67.10 -4.69
CA SER XA 259 15.03 67.59 -3.65
C SER XA 259 14.23 67.86 -2.37
N PRO XA 260 14.86 67.85 -1.18
CA PRO XA 260 14.15 68.15 0.07
C PRO XA 260 13.83 69.62 0.40
N SER XA 261 14.81 70.51 0.23
CA SER XA 261 14.54 71.94 0.47
C SER XA 261 13.55 72.38 -0.60
N ILE XA 262 13.59 71.68 -1.73
CA ILE XA 262 12.61 71.98 -2.78
C ILE XA 262 11.27 71.71 -2.10
N ALA XA 263 11.22 70.56 -1.43
CA ALA XA 263 9.96 70.17 -0.76
C ALA XA 263 9.65 71.16 0.35
N ARG XA 264 10.68 71.59 1.06
CA ARG XA 264 10.35 72.47 2.21
C ARG XA 264 9.72 73.71 1.64
N THR XA 265 10.32 74.22 0.57
CA THR XA 265 9.85 75.50 0.03
C THR XA 265 8.38 75.27 -0.29
N MET XA 266 8.09 74.07 -0.75
CA MET XA 266 6.69 73.73 -1.08
C MET XA 266 5.85 73.72 0.18
N VAL XA 267 6.28 72.94 1.15
CA VAL XA 267 5.38 72.81 2.34
C VAL XA 267 5.25 74.20 2.94
N GLN XA 268 6.36 74.93 3.00
CA GLN XA 268 6.33 76.30 3.57
C GLN XA 268 5.29 77.12 2.80
N LEU XA 269 4.91 76.70 1.59
CA LEU XA 269 3.94 77.54 0.85
C LEU XA 269 2.62 77.34 1.58
N GLY XA 270 2.58 76.34 2.46
CA GLY XA 270 1.35 76.05 3.19
C GLY XA 270 0.50 75.17 2.33
N ILE XA 271 1.10 74.66 1.24
CA ILE XA 271 0.36 73.72 0.35
C ILE XA 271 -0.38 72.71 1.23
N ASN XA 272 -1.61 72.34 0.85
CA ASN XA 272 -2.41 71.46 1.72
C ASN XA 272 -3.13 70.39 0.90
N VAL XA 273 -3.45 70.69 -0.35
CA VAL XA 273 -4.27 69.77 -1.18
C VAL XA 273 -3.61 68.43 -1.46
N GLY XA 274 -2.29 68.40 -1.66
CA GLY XA 274 -1.67 67.15 -2.13
C GLY XA 274 -1.95 65.94 -1.29
N GLU XA 275 -2.45 64.87 -1.91
CA GLU XA 275 -2.70 63.58 -1.21
C GLU XA 275 -2.57 62.47 -2.26
N VAL XA 276 -1.57 62.58 -3.14
CA VAL XA 276 -1.43 61.60 -4.26
C VAL XA 276 -0.37 60.56 -3.89
N ARG XA 277 -0.02 59.68 -4.84
CA ARG XA 277 0.98 58.62 -4.58
C ARG XA 277 2.36 59.10 -5.02
N THR XA 278 3.41 58.73 -4.26
CA THR XA 278 4.81 59.09 -4.63
C THR XA 278 5.73 57.90 -4.35
N ASN XA 279 7.05 58.04 -4.57
CA ASN XA 279 7.98 56.90 -4.40
C ASN XA 279 9.41 57.40 -4.14
N ALA XA 280 10.32 56.51 -3.74
CA ALA XA 280 11.75 56.88 -3.51
C ALA XA 280 12.58 56.62 -4.77
N THR XA 281 12.91 57.65 -5.53
CA THR XA 281 13.77 57.52 -6.75
C THR XA 281 13.06 56.63 -7.78
N LEU XA 282 13.70 56.42 -8.94
CA LEU XA 282 13.10 55.52 -9.93
C LEU XA 282 13.20 54.08 -9.40
N ARG XA 283 13.64 53.91 -8.15
CA ARG XA 283 13.84 52.51 -7.69
C ARG XA 283 12.52 52.03 -7.11
N ASP XA 284 12.11 52.70 -6.03
CA ASP XA 284 10.81 52.34 -5.39
C ASP XA 284 9.66 52.64 -6.35
N ALA XA 285 9.86 53.50 -7.35
CA ALA XA 285 8.71 53.76 -8.24
C ALA XA 285 8.45 52.51 -9.06
N LEU XA 286 9.50 51.93 -9.62
CA LEU XA 286 9.35 50.75 -10.48
C LEU XA 286 8.91 49.61 -9.61
N GLU XA 287 9.45 49.55 -8.40
CA GLU XA 287 9.08 48.38 -7.59
C GLU XA 287 7.56 48.40 -7.50
N ASN XA 288 7.04 49.58 -7.17
CA ASN XA 288 5.58 49.68 -7.03
C ASN XA 288 4.97 49.37 -8.38
N ALA XA 289 5.61 49.87 -9.44
CA ALA XA 289 4.89 49.67 -10.71
C ALA XA 289 4.86 48.18 -11.00
N PHE XA 290 5.98 47.49 -10.81
CA PHE XA 290 6.04 46.06 -11.16
C PHE XA 290 5.11 45.31 -10.22
N LYS XA 291 4.58 46.04 -9.24
CA LYS XA 291 3.61 45.44 -8.27
C LYS XA 291 2.18 45.78 -8.71
N ILE XA 292 2.06 46.99 -9.24
CA ILE XA 292 0.79 47.37 -9.90
C ILE XA 292 0.90 46.54 -11.17
N VAL XA 293 2.06 45.91 -11.37
CA VAL XA 293 2.29 45.04 -12.57
C VAL XA 293 2.59 43.62 -12.09
N GLU YA 169 0.23 -5.22 84.26
CA GLU YA 169 -0.32 -4.54 83.09
C GLU YA 169 0.76 -4.33 82.04
N GLN YA 170 1.96 -3.95 82.47
CA GLN YA 170 3.06 -3.72 81.55
C GLN YA 170 3.42 -5.01 80.82
N SER YA 171 3.28 -6.16 81.46
CA SER YA 171 3.51 -7.40 80.72
C SER YA 171 2.49 -7.39 79.55
N GLU YA 172 1.22 -7.35 79.95
CA GLU YA 172 0.18 -7.49 78.91
C GLU YA 172 0.39 -6.35 77.92
N ALA YA 173 0.92 -5.23 78.41
CA ALA YA 173 1.23 -4.11 77.50
C ALA YA 173 2.32 -4.58 76.54
N LEU YA 174 3.27 -5.39 77.03
CA LEU YA 174 4.34 -5.94 76.17
C LEU YA 174 3.73 -6.88 75.14
N LEU YA 175 2.83 -7.73 75.64
CA LEU YA 175 2.18 -8.74 74.77
C LEU YA 175 1.40 -7.95 73.74
N ALA YA 176 0.93 -6.77 74.15
CA ALA YA 176 0.15 -5.93 73.22
C ALA YA 176 1.08 -5.60 72.05
N MET YA 177 2.36 -5.37 72.33
CA MET YA 177 3.29 -4.92 71.28
C MET YA 177 3.60 -5.92 70.16
N SER YA 178 3.84 -7.20 70.46
CA SER YA 178 4.32 -8.15 69.41
C SER YA 178 3.36 -8.43 68.25
N THR YA 179 2.07 -8.61 68.53
CA THR YA 179 1.13 -9.01 67.43
C THR YA 179 1.04 -7.94 66.34
N PRO YA 180 0.96 -6.63 66.64
CA PRO YA 180 0.97 -5.61 65.60
C PRO YA 180 2.31 -5.64 64.84
N VAL YA 181 3.40 -5.81 65.58
CA VAL YA 181 4.73 -5.77 64.92
C VAL YA 181 4.82 -7.02 64.05
N THR YA 182 3.86 -7.93 64.15
CA THR YA 182 3.83 -9.04 63.17
C THR YA 182 2.95 -8.73 61.95
N MET YA 183 1.74 -8.20 62.13
CA MET YA 183 0.77 -8.05 61.00
C MET YA 183 1.12 -6.95 60.01
N ILE YA 184 0.89 -7.19 58.71
CA ILE YA 184 1.07 -6.10 57.68
C ILE YA 184 0.14 -6.33 56.47
N TRP YA 185 -0.24 -5.24 55.81
CA TRP YA 185 -1.11 -5.31 54.61
C TRP YA 185 -0.55 -6.34 53.63
N GLN YA 186 -1.44 -6.87 52.78
CA GLN YA 186 -0.98 -7.79 51.72
C GLN YA 186 -0.32 -9.03 52.33
N ASP YA 187 -0.72 -9.46 53.54
CA ASP YA 187 -0.23 -10.75 54.09
C ASP YA 187 1.28 -10.71 54.35
N ILE YA 188 1.92 -9.58 54.13
CA ILE YA 188 3.36 -9.54 54.50
C ILE YA 188 3.41 -9.60 56.02
N LEU YA 189 4.44 -10.22 56.60
CA LEU YA 189 4.57 -10.24 58.08
C LEU YA 189 5.98 -9.82 58.47
N MET YA 190 6.16 -9.42 59.73
CA MET YA 190 7.50 -9.01 60.22
C MET YA 190 7.46 -9.11 61.75
N LEU YA 191 8.53 -8.73 62.46
CA LEU YA 191 8.39 -8.74 63.95
C LEU YA 191 9.38 -7.80 64.64
N PRO YA 192 9.25 -6.45 64.59
CA PRO YA 192 10.13 -5.61 65.41
C PRO YA 192 9.94 -5.83 66.92
N ILE YA 193 11.01 -5.76 67.71
CA ILE YA 193 10.91 -5.95 69.21
C ILE YA 193 12.08 -5.27 69.95
N VAL YA 194 11.96 -5.14 71.28
CA VAL YA 194 13.03 -4.53 72.12
C VAL YA 194 14.15 -5.56 72.34
N GLY YA 195 15.42 -5.13 72.30
CA GLY YA 195 16.54 -6.08 72.38
C GLY YA 195 16.77 -6.66 73.75
N ILE YA 196 16.77 -5.86 74.81
CA ILE YA 196 16.94 -6.53 76.13
C ILE YA 196 15.56 -6.97 76.55
N ILE YA 197 15.31 -8.26 76.44
CA ILE YA 197 13.94 -8.73 76.73
C ILE YA 197 14.04 -10.02 77.54
N ASP YA 198 12.95 -10.46 78.19
CA ASP YA 198 12.94 -11.78 78.89
C ASP YA 198 12.97 -12.97 77.90
N SER YA 199 13.74 -14.01 78.23
CA SER YA 199 13.82 -15.24 77.40
C SER YA 199 12.48 -15.97 77.35
N LYS YA 200 11.81 -16.04 78.50
CA LYS YA 200 10.50 -16.71 78.56
C LYS YA 200 9.54 -15.90 77.68
N ARG YA 201 9.67 -14.58 77.71
CA ARG YA 201 8.82 -13.70 76.88
C ARG YA 201 9.11 -13.98 75.41
N ALA YA 202 10.37 -14.24 75.10
CA ALA YA 202 10.75 -14.58 73.72
C ALA YA 202 10.11 -15.91 73.32
N GLN YA 203 10.04 -16.85 74.25
CA GLN YA 203 9.34 -18.11 73.96
C GLN YA 203 7.87 -17.77 73.72
N ASP YA 204 7.41 -16.78 74.45
CA ASP YA 204 6.02 -16.37 74.25
C ASP YA 204 5.92 -15.91 72.80
N ILE YA 205 6.90 -15.12 72.40
CA ILE YA 205 6.81 -14.55 71.04
C ILE YA 205 6.85 -15.75 70.09
N MET YA 206 7.68 -16.72 70.43
CA MET YA 206 7.78 -17.93 69.59
C MET YA 206 6.37 -18.48 69.42
N SER YA 207 5.60 -18.53 70.49
CA SER YA 207 4.28 -19.17 70.47
C SER YA 207 3.39 -18.27 69.63
N ALA YA 208 3.61 -16.97 69.81
CA ALA YA 208 2.77 -15.99 69.11
C ALA YA 208 2.96 -16.19 67.61
N VAL YA 209 4.20 -16.36 67.19
CA VAL YA 209 4.40 -16.46 65.72
C VAL YA 209 3.69 -17.72 65.27
N LEU YA 210 3.78 -18.81 66.03
CA LEU YA 210 3.12 -20.01 65.48
C LEU YA 210 1.65 -19.72 65.31
N ASN YA 211 1.02 -19.20 66.36
CA ASN YA 211 -0.44 -19.02 66.23
C ASN YA 211 -0.69 -18.01 65.11
N LYS YA 212 0.17 -17.01 65.04
CA LYS YA 212 -0.11 -15.94 64.05
C LYS YA 212 -0.08 -16.62 62.70
N ILE YA 213 0.89 -17.50 62.53
CA ILE YA 213 1.02 -18.11 61.19
C ILE YA 213 -0.26 -18.89 60.94
N SER YA 214 -0.74 -19.62 61.93
CA SER YA 214 -1.97 -20.36 61.60
C SER YA 214 -2.99 -19.33 61.19
N GLU YA 215 -3.12 -18.31 62.04
CA GLU YA 215 -4.25 -17.37 61.88
C GLU YA 215 -4.31 -17.00 60.41
N ASN YA 216 -3.18 -16.55 59.89
CA ASN YA 216 -3.22 -16.36 58.43
C ASN YA 216 -1.93 -17.01 58.01
N ARG YA 217 -2.07 -18.13 57.33
CA ARG YA 217 -0.83 -18.69 56.80
C ARG YA 217 -0.13 -17.59 56.00
N ALA YA 218 1.15 -17.30 56.28
CA ALA YA 218 1.93 -16.28 55.52
C ALA YA 218 3.30 -16.85 55.15
N LYS YA 219 3.65 -16.94 53.87
CA LYS YA 219 5.04 -17.38 53.58
C LYS YA 219 5.94 -16.20 53.91
N ILE YA 220 5.35 -15.01 53.96
CA ILE YA 220 6.16 -13.78 54.17
C ILE YA 220 6.14 -13.44 55.65
N PHE YA 221 7.32 -13.29 56.25
CA PHE YA 221 7.44 -12.87 57.67
C PHE YA 221 8.84 -12.32 57.84
N ILE YA 222 9.06 -11.43 58.82
CA ILE YA 222 10.45 -10.95 59.02
C ILE YA 222 10.75 -10.78 60.50
N MET YA 223 12.04 -10.85 60.83
CA MET YA 223 12.42 -10.53 62.22
C MET YA 223 12.97 -9.12 62.16
N ASP YA 224 12.31 -8.17 62.82
CA ASP YA 224 12.92 -6.83 62.83
C ASP YA 224 13.50 -6.57 64.22
N ILE YA 225 14.75 -6.13 64.27
CA ILE YA 225 15.42 -5.89 65.58
C ILE YA 225 16.03 -4.50 65.53
N SER YA 226 15.46 -3.64 64.70
CA SER YA 226 16.08 -2.31 64.55
C SER YA 226 16.43 -1.77 65.92
N GLY YA 227 17.64 -1.23 66.05
CA GLY YA 227 17.99 -0.63 67.34
C GLY YA 227 17.75 -1.62 68.46
N VAL YA 228 18.29 -2.83 68.33
CA VAL YA 228 17.96 -3.82 69.40
C VAL YA 228 18.35 -3.14 70.71
N ALA YA 229 17.47 -3.21 71.71
CA ALA YA 229 17.72 -2.44 72.95
C ALA YA 229 19.03 -2.86 73.60
N VAL YA 230 19.26 -4.16 73.73
CA VAL YA 230 20.57 -4.61 74.27
C VAL YA 230 20.87 -5.94 73.60
N VAL YA 231 22.13 -6.15 73.20
CA VAL YA 231 22.54 -7.45 72.57
C VAL YA 231 22.76 -8.49 73.68
N ASP YA 232 21.68 -9.02 74.25
CA ASP YA 232 21.77 -10.04 75.34
C ASP YA 232 22.30 -11.36 74.76
N THR YA 233 23.03 -12.14 75.58
CA THR YA 233 23.62 -13.41 75.09
C THR YA 233 22.52 -14.40 74.69
N ALA YA 234 21.60 -14.72 75.61
CA ALA YA 234 20.55 -15.74 75.32
C ALA YA 234 19.64 -15.20 74.24
N VAL YA 235 19.63 -13.89 74.11
CA VAL YA 235 18.70 -13.27 73.13
C VAL YA 235 19.09 -13.75 71.73
N ALA YA 236 20.39 -13.81 71.45
CA ALA YA 236 20.76 -14.34 70.14
C ALA YA 236 20.05 -15.67 70.08
N ASN YA 237 20.37 -16.50 71.06
CA ASN YA 237 19.83 -17.87 71.04
C ASN YA 237 18.44 -17.85 70.54
N HIS YA 238 17.67 -16.91 71.03
CA HIS YA 238 16.27 -16.97 70.60
C HIS YA 238 16.26 -16.88 69.08
N PHE YA 239 16.69 -15.71 68.57
CA PHE YA 239 16.74 -15.46 67.11
C PHE YA 239 17.60 -16.51 66.41
N ILE YA 240 18.56 -17.13 67.11
CA ILE YA 240 19.29 -18.23 66.45
C ILE YA 240 18.24 -19.30 66.17
N LYS YA 241 17.69 -19.81 67.26
CA LYS YA 241 16.70 -20.88 67.10
C LYS YA 241 15.53 -20.33 66.33
N ILE YA 242 15.16 -19.10 66.64
CA ILE YA 242 13.92 -18.52 66.04
C ILE YA 242 14.10 -18.40 64.54
N THR YA 243 15.26 -17.93 64.12
CA THR YA 243 15.38 -17.69 62.68
C THR YA 243 15.21 -19.07 62.07
N LYS YA 244 15.88 -20.03 62.67
CA LYS YA 244 15.81 -21.33 61.98
C LYS YA 244 14.35 -21.76 61.91
N ALA YA 245 13.66 -21.69 63.03
CA ALA YA 245 12.31 -22.26 63.06
C ALA YA 245 11.42 -21.57 62.04
N THR YA 246 11.47 -20.24 62.04
CA THR YA 246 10.51 -19.53 61.18
C THR YA 246 10.76 -19.87 59.72
N LYS YA 247 12.02 -19.81 59.32
CA LYS YA 247 12.20 -20.00 57.87
C LYS YA 247 11.76 -21.40 57.54
N LEU YA 248 12.17 -22.34 58.37
CA LEU YA 248 11.94 -23.76 58.02
C LEU YA 248 10.47 -24.14 58.16
N MET YA 249 9.68 -23.27 58.77
CA MET YA 249 8.22 -23.51 58.81
C MET YA 249 7.77 -23.48 57.37
N GLY YA 250 8.61 -22.93 56.51
CA GLY YA 250 8.18 -22.73 55.12
C GLY YA 250 7.69 -21.31 55.12
N CYS YA 251 7.84 -20.67 56.28
CA CYS YA 251 7.45 -19.26 56.38
C CYS YA 251 8.72 -18.43 56.53
N ASP YA 252 9.21 -17.84 55.45
CA ASP YA 252 10.51 -17.13 55.47
C ASP YA 252 10.62 -16.10 56.61
N CYS YA 253 11.83 -15.80 57.11
CA CYS YA 253 11.97 -14.71 58.11
C CYS YA 253 13.20 -13.87 57.72
N LEU YA 254 13.11 -12.55 57.83
CA LEU YA 254 14.26 -11.73 57.36
C LEU YA 254 14.63 -10.73 58.46
N VAL YA 255 15.89 -10.29 58.51
CA VAL YA 255 16.24 -9.22 59.49
C VAL YA 255 16.36 -7.89 58.74
N SER YA 256 15.44 -6.96 59.00
CA SER YA 256 15.43 -5.69 58.23
C SER YA 256 16.13 -4.57 58.98
N GLY YA 257 16.00 -4.52 60.30
CA GLY YA 257 16.59 -3.41 61.06
C GLY YA 257 17.38 -3.96 62.23
N VAL YA 258 18.45 -3.28 62.65
CA VAL YA 258 19.32 -3.79 63.75
C VAL YA 258 20.41 -2.76 64.04
N SER YA 259 21.15 -2.95 65.13
CA SER YA 259 22.29 -2.05 65.43
C SER YA 259 23.58 -2.74 64.97
N PRO YA 260 24.66 -1.99 64.67
CA PRO YA 260 25.94 -2.60 64.28
C PRO YA 260 26.83 -3.22 65.37
N SER YA 261 27.01 -2.51 66.49
CA SER YA 261 27.80 -3.10 67.59
C SER YA 261 27.00 -4.27 68.13
N ILE YA 262 25.69 -4.19 67.95
CA ILE YA 262 24.85 -5.33 68.35
C ILE YA 262 25.37 -6.48 67.50
N ALA YA 263 25.55 -6.19 66.21
CA ALA YA 263 26.02 -7.22 65.28
C ALA YA 263 27.43 -7.62 65.65
N ARG YA 264 28.25 -6.66 66.04
CA ARG YA 264 29.65 -7.05 66.30
C ARG YA 264 29.62 -8.02 67.45
N THR YA 265 28.84 -7.68 68.46
CA THR YA 265 28.85 -8.52 69.67
C THR YA 265 28.48 -9.91 69.21
N MET YA 266 27.59 -9.96 68.23
CA MET YA 266 27.15 -11.26 67.69
C MET YA 266 28.33 -11.92 66.98
N VAL YA 267 28.91 -11.22 66.03
CA VAL YA 267 29.96 -11.91 65.23
C VAL YA 267 31.05 -12.31 66.20
N GLN YA 268 31.40 -11.41 67.12
CA GLN YA 268 32.45 -11.69 68.13
C GLN YA 268 32.09 -12.99 68.86
N LEU YA 269 30.80 -13.38 68.84
CA LEU YA 269 30.49 -14.60 69.61
C LEU YA 269 31.09 -15.75 68.81
N GLY YA 270 31.49 -15.45 67.58
CA GLY YA 270 32.07 -16.48 66.72
C GLY YA 270 30.93 -17.18 66.04
N ILE YA 271 29.74 -16.61 66.16
CA ILE YA 271 28.55 -17.19 65.47
C ILE YA 271 28.97 -17.58 64.04
N ASN YA 272 28.50 -18.72 63.54
CA ASN YA 272 28.95 -19.18 62.20
C ASN YA 272 27.78 -19.71 61.38
N VAL YA 273 26.75 -20.23 62.04
CA VAL YA 273 25.64 -20.90 61.30
C VAL YA 273 24.83 -19.96 60.41
N GLY YA 274 24.62 -18.72 60.81
CA GLY YA 274 23.69 -17.87 60.04
C GLY YA 274 24.00 -17.76 58.56
N GLU YA 275 23.01 -18.06 57.71
CA GLU YA 275 23.14 -17.91 56.24
C GLU YA 275 21.74 -17.64 55.70
N VAL YA 276 20.96 -16.80 56.39
CA VAL YA 276 19.54 -16.55 55.98
C VAL YA 276 19.46 -15.23 55.20
N ARG YA 277 18.23 -14.81 54.87
CA ARG YA 277 18.05 -13.55 54.09
C ARG YA 277 17.82 -12.38 55.05
N THR YA 278 18.36 -11.20 54.72
CA THR YA 278 18.15 -9.99 55.55
C THR YA 278 17.91 -8.78 54.62
N ASN YA 279 17.76 -7.57 55.18
CA ASN YA 279 17.45 -6.37 54.35
C ASN YA 279 17.87 -5.08 55.08
N ALA YA 280 17.88 -3.95 54.38
CA ALA YA 280 18.23 -2.64 55.00
C ALA YA 280 16.95 -1.92 55.46
N THR YA 281 16.66 -1.92 56.76
CA THR YA 281 15.47 -1.21 57.32
C THR YA 281 14.19 -1.80 56.74
N LEU YA 282 13.04 -1.27 57.16
CA LEU YA 282 11.77 -1.74 56.58
C LEU YA 282 11.69 -1.24 55.13
N ARG YA 283 12.76 -0.63 54.61
CA ARG YA 283 12.62 -0.05 53.26
C ARG YA 283 12.99 -1.14 52.27
N ASP YA 284 14.25 -1.59 52.34
CA ASP YA 284 14.72 -2.67 51.43
C ASP YA 284 13.97 -3.96 51.76
N ALA YA 285 13.37 -4.09 52.96
CA ALA YA 285 12.68 -5.36 53.22
C ALA YA 285 11.43 -5.41 52.34
N LEU YA 286 10.68 -4.33 52.33
CA LEU YA 286 9.42 -4.27 51.57
C LEU YA 286 9.78 -4.33 50.10
N GLU YA 287 10.86 -3.66 49.75
CA GLU YA 287 11.14 -3.64 48.30
C GLU YA 287 11.26 -5.10 47.89
N ASN YA 288 12.03 -5.85 48.66
CA ASN YA 288 12.21 -7.27 48.31
C ASN YA 288 10.85 -7.94 48.39
N ALA YA 289 10.07 -7.56 49.41
CA ALA YA 289 8.84 -8.35 49.51
C ALA YA 289 7.99 -8.07 48.29
N PHE YA 290 7.87 -6.80 47.91
CA PHE YA 290 6.99 -6.43 46.78
C PHE YA 290 7.57 -7.04 45.52
N LYS YA 291 8.76 -7.62 45.66
CA LYS YA 291 9.42 -8.29 44.51
C LYS YA 291 9.17 -9.80 44.58
N ILE YA 292 9.16 -10.27 45.83
CA ILE YA 292 8.72 -11.66 46.08
C ILE YA 292 7.21 -11.50 45.85
N VAL YA 293 6.78 -10.26 45.68
CA VAL YA 293 5.34 -9.97 45.42
C VAL YA 293 5.20 -9.28 44.06
N GLU ZA 169 12.37 0.53 83.58
CA GLU ZA 169 12.74 -0.05 82.30
C GLU ZA 169 11.50 -0.22 81.41
N GLN ZA 170 10.39 -0.65 82.02
CA GLN ZA 170 9.15 -0.83 81.27
C GLN ZA 170 8.68 0.50 80.68
N SER ZA 171 8.92 1.61 81.36
CA SER ZA 171 8.56 2.89 80.75
C SER ZA 171 9.38 2.96 79.43
N GLU ZA 172 10.69 2.92 79.62
CA GLU ZA 172 11.56 3.12 78.44
C GLU ZA 172 11.21 2.04 77.43
N ALA ZA 173 10.76 0.89 77.93
CA ALA ZA 173 10.31 -0.17 77.01
C ALA ZA 173 9.08 0.35 76.27
N LEU ZA 174 8.22 1.11 76.94
CA LEU ZA 174 7.02 1.70 76.30
C LEU ZA 174 7.46 2.70 75.25
N LEU ZA 175 8.42 3.54 75.65
CA LEU ZA 175 8.92 4.60 74.75
C LEU ZA 175 9.53 3.88 73.56
N ALA ZA 176 10.06 2.69 73.83
CA ALA ZA 176 10.68 1.92 72.73
C ALA ZA 176 9.59 1.64 71.71
N MET ZA 177 8.37 1.38 72.17
CA MET ZA 177 7.28 0.98 71.26
C MET ZA 177 6.79 2.05 70.26
N SER ZA 178 6.60 3.30 70.67
CA SER ZA 178 5.95 4.31 69.78
C SER ZA 178 6.72 4.67 68.50
N THR ZA 179 8.04 4.85 68.57
CA THR ZA 179 8.79 5.33 67.38
C THR ZA 179 8.71 4.33 66.22
N PRO ZA 180 8.84 3.01 66.42
CA PRO ZA 180 8.65 2.05 65.33
C PRO ZA 180 7.22 2.11 64.80
N VAL ZA 181 6.26 2.21 65.71
CA VAL ZA 181 4.84 2.21 65.28
C VAL ZA 181 4.61 3.50 64.50
N THR ZA 182 5.58 4.41 64.50
CA THR ZA 182 5.45 5.58 63.60
C THR ZA 182 6.11 5.35 62.24
N MET ZA 183 7.35 4.84 62.20
CA MET ZA 183 8.12 4.77 60.92
C MET ZA 183 7.61 3.73 59.92
N ILE ZA 184 7.63 4.04 58.62
CA ILE ZA 184 7.30 3.02 57.58
C ILE ZA 184 8.02 3.33 56.25
N TRP ZA 185 8.30 2.28 55.48
CA TRP ZA 185 8.95 2.44 54.15
C TRP ZA 185 8.26 3.52 53.34
N GLN ZA 186 8.99 4.10 52.40
CA GLN ZA 186 8.36 5.09 51.49
C GLN ZA 186 7.80 6.28 52.27
N ASP ZA 187 8.39 6.64 53.42
CA ASP ZA 187 8.00 7.90 54.12
C ASP ZA 187 6.55 7.82 54.62
N ILE ZA 188 5.88 6.68 54.43
CA ILE ZA 188 4.52 6.62 55.02
C ILE ZA 188 4.72 6.58 56.53
N LEU ZA 189 3.79 7.14 57.30
CA LEU ZA 189 3.90 7.08 58.78
C LEU ZA 189 2.57 6.62 59.37
N MET ZA 190 2.58 6.13 60.61
CA MET ZA 190 1.35 5.68 61.29
C MET ZA 190 1.63 5.70 62.79
N LEU ZA 191 0.69 5.26 63.64
CA LEU ZA 191 1.07 5.17 65.07
C LEU ZA 191 0.20 4.19 65.86
N PRO ZA 192 0.33 2.85 65.71
CA PRO ZA 192 -0.41 1.94 66.61
C PRO ZA 192 0.02 2.08 68.08
N ILE ZA 193 -0.91 1.95 69.03
CA ILE ZA 193 -0.58 2.05 70.49
C ILE ZA 193 -1.60 1.32 71.37
N VAL ZA 194 -1.28 1.10 72.65
CA VAL ZA 194 -2.20 0.43 73.62
C VAL ZA 194 -3.27 1.43 74.07
N GLY ZA 195 -4.52 0.98 74.20
CA GLY ZA 195 -5.62 1.91 74.52
C GLY ZA 195 -5.64 2.41 75.95
N ILE ZA 196 -5.46 1.54 76.95
CA ILE ZA 196 -5.43 2.13 78.31
C ILE ZA 196 -3.99 2.56 78.53
N ILE ZA 197 -3.77 3.86 78.48
CA ILE ZA 197 -2.36 4.32 78.56
C ILE ZA 197 -2.34 5.57 79.45
N ASP ZA 198 -1.17 5.98 79.94
CA ASP ZA 198 -1.05 7.26 80.71
C ASP ZA 198 -1.24 8.50 79.83
N SER ZA 199 -1.95 9.51 80.34
CA SER ZA 199 -2.16 10.78 79.60
C SER ZA 199 -0.84 11.54 79.39
N LYS ZA 200 -0.01 11.53 80.42
CA LYS ZA 200 1.29 12.23 80.30
C LYS ZA 200 2.10 11.49 79.24
N ARG ZA 201 1.97 10.16 79.21
CA ARG ZA 201 2.69 9.34 78.20
C ARG ZA 201 2.17 9.71 76.81
N ALA ZA 202 0.88 9.97 76.72
CA ALA ZA 202 0.28 10.39 75.45
C ALA ZA 202 0.85 11.74 75.03
N GLN ZA 203 1.05 12.63 76.00
CA GLN ZA 203 1.70 13.92 75.67
C GLN ZA 203 3.11 13.61 75.19
N ASP ZA 204 3.69 12.58 75.76
CA ASP ZA 204 5.03 12.20 75.32
C ASP ZA 204 4.89 11.83 73.86
N ILE ZA 205 3.87 11.04 73.57
CA ILE ZA 205 3.74 10.58 72.17
C ILE ZA 205 3.54 11.82 71.33
N MET ZA 206 2.78 12.76 71.85
CA MET ZA 206 2.55 14.02 71.11
C MET ZA 206 3.91 14.60 70.75
N SER ZA 207 4.83 14.59 71.69
CA SER ZA 207 6.14 15.26 71.50
C SER ZA 207 6.89 14.42 70.48
N ALA ZA 208 6.70 13.10 70.60
CA ALA ZA 208 7.42 12.18 69.71
C ALA ZA 208 6.99 12.46 68.29
N VAL ZA 209 5.70 12.64 68.08
CA VAL ZA 209 5.26 12.83 66.67
C VAL ZA 209 5.89 14.12 66.19
N LEU ZA 210 5.92 15.16 67.01
CA LEU ZA 210 6.48 16.40 66.46
C LEU ZA 210 7.92 16.14 66.02
N ASN ZA 211 8.70 15.56 66.93
CA ASN ZA 211 10.12 15.42 66.55
C ASN ZA 211 10.19 14.47 65.37
N LYS ZA 212 9.33 13.46 65.36
CA LYS ZA 212 9.45 12.47 64.28
C LYS ZA 212 9.21 13.22 62.99
N ILE ZA 213 8.23 14.10 63.04
CA ILE ZA 213 7.88 14.79 61.78
C ILE ZA 213 9.09 15.59 61.36
N SER ZA 214 9.72 16.27 62.31
CA SER ZA 214 10.88 17.05 61.82
C SER ZA 214 11.84 16.05 61.21
N GLU ZA 215 12.09 14.99 61.96
CA GLU ZA 215 13.19 14.08 61.56
C GLU ZA 215 13.01 13.80 60.08
N ASN ZA 216 11.82 13.36 59.71
CA ASN ZA 216 11.62 13.26 58.27
C ASN ZA 216 10.29 13.93 58.10
N ARG ZA 217 10.31 15.08 57.47
CA ARG ZA 217 8.99 15.66 57.18
C ARG ZA 217 8.18 14.60 56.43
N ALA ZA 218 6.97 14.27 56.91
CA ALA ZA 218 6.07 13.29 56.22
C ALA ZA 218 4.66 13.86 56.10
N LYS ZA 219 4.11 14.02 54.90
CA LYS ZA 219 2.70 14.47 54.86
C LYS ZA 219 1.86 13.26 55.27
N ILE ZA 220 2.45 12.08 55.14
CA ILE ZA 220 1.69 10.82 55.41
C ILE ZA 220 1.95 10.41 56.84
N PHE ZA 221 0.88 10.20 57.60
CA PHE ZA 221 0.99 9.70 58.98
C PHE ZA 221 -0.36 9.11 59.36
N ILE ZA 222 -0.42 8.17 60.29
CA ILE ZA 222 -1.76 7.65 60.69
C ILE ZA 222 -1.82 7.40 62.19
N MET ZA 223 -3.04 7.42 62.72
CA MET ZA 223 -3.20 7.03 64.13
C MET ZA 223 -3.74 5.61 64.07
N ASP ZA 224 -2.98 4.64 64.57
CA ASP ZA 224 -3.57 3.28 64.58
C ASP ZA 224 -3.93 2.93 66.02
N ILE ZA 225 -5.15 2.47 66.25
CA ILE ZA 225 -5.60 2.15 67.63
C ILE ZA 225 -6.22 0.76 67.59
N SER ZA 226 -5.78 -0.05 66.63
CA SER ZA 226 -6.42 -1.37 66.50
C SER ZA 226 -6.53 -2.01 67.88
N GLY ZA 227 -7.71 -2.55 68.17
CA GLY ZA 227 -7.85 -3.25 69.45
C GLY ZA 227 -7.43 -2.33 70.57
N VAL ZA 228 -7.99 -1.11 70.61
CA VAL ZA 228 -7.50 -0.18 71.67
C VAL ZA 228 -7.68 -0.94 72.99
N ALA ZA 229 -6.65 -0.92 73.83
CA ALA ZA 229 -6.69 -1.77 75.05
C ALA ZA 229 -7.87 -1.41 75.93
N VAL ZA 230 -8.09 -0.12 76.17
CA VAL ZA 230 -9.29 0.28 76.93
C VAL ZA 230 -9.71 1.64 76.40
N VAL ZA 231 -11.02 1.86 76.23
CA VAL ZA 231 -11.53 3.19 75.75
C VAL ZA 231 -11.57 4.16 76.94
N ASP ZA 232 -10.40 4.67 77.36
CA ASP ZA 232 -10.34 5.62 78.51
C ASP ZA 232 -10.95 6.96 78.11
N THR ZA 233 -11.53 7.68 79.07
CA THR ZA 233 -12.20 8.97 78.78
C THR ZA 233 -11.18 10.00 78.27
N ALA ZA 234 -10.12 10.28 79.05
CA ALA ZA 234 -9.15 11.32 78.66
C ALA ZA 234 -8.42 10.86 77.41
N VAL ZA 235 -8.43 9.56 77.20
CA VAL ZA 235 -7.67 9.02 76.05
C VAL ZA 235 -8.27 9.56 74.76
N ALA ZA 236 -9.59 9.63 74.69
CA ALA ZA 236 -10.17 10.24 73.49
C ALA ZA 236 -9.48 11.58 73.40
N ASN ZA 237 -9.65 12.34 74.47
CA ASN ZA 237 -9.12 13.71 74.46
C ASN ZA 237 -7.83 13.75 73.73
N HIS ZA 238 -6.99 12.78 74.04
CA HIS ZA 238 -5.67 12.89 73.41
C HIS ZA 238 -5.91 12.89 71.90
N PHE ZA 239 -6.40 11.75 71.39
CA PHE ZA 239 -6.69 11.59 69.93
C PHE ZA 239 -7.66 12.67 69.46
N ILE ZA 240 -8.50 13.23 70.33
CA ILE ZA 240 -9.32 14.36 69.86
C ILE ZA 240 -8.33 15.46 69.49
N LYS ZA 241 -7.62 15.90 70.50
CA LYS ZA 241 -6.67 17.01 70.27
C LYS ZA 241 -5.63 16.51 69.29
N ILE ZA 242 -5.21 15.27 69.45
CA ILE ZA 242 -4.10 14.75 68.62
C ILE ZA 242 -4.51 14.71 67.17
N THR ZA 243 -5.71 14.25 66.91
CA THR ZA 243 -6.06 14.10 65.49
C THR ZA 243 -5.99 15.51 64.94
N LYS ZA 244 -6.56 16.43 65.71
CA LYS ZA 244 -6.61 17.77 65.09
C LYS ZA 244 -5.18 18.23 64.82
N ALA ZA 245 -4.32 18.08 65.82
CA ALA ZA 245 -2.98 18.67 65.65
C ALA ZA 245 -2.27 18.06 64.48
N THR ZA 246 -2.31 16.74 64.40
CA THR ZA 246 -1.51 16.09 63.35
C THR ZA 246 -1.98 16.51 61.99
N LYS ZA 247 -3.29 16.45 61.78
CA LYS ZA 247 -3.69 16.74 60.39
C LYS ZA 247 -3.32 18.16 60.08
N LEU ZA 248 -3.58 19.04 61.04
CA LEU ZA 248 -3.43 20.48 60.73
C LEU ZA 248 -1.95 20.87 60.66
N MET ZA 249 -1.08 19.98 61.08
CA MET ZA 249 0.37 20.23 60.90
C MET ZA 249 0.58 20.29 59.40
N GLY ZA 250 -0.38 19.79 58.65
CA GLY ZA 250 -0.18 19.68 57.21
C GLY ZA 250 0.30 18.26 57.05
N CYS ZA 251 0.35 17.56 58.17
CA CYS ZA 251 0.75 16.15 58.13
C CYS ZA 251 -0.47 15.30 58.42
N ASP ZA 252 -1.13 14.77 57.40
CA ASP ZA 252 -2.41 14.03 57.58
C ASP ZA 252 -2.32 12.95 58.66
N CYS ZA 253 -3.44 12.60 59.34
CA CYS ZA 253 -3.42 11.44 60.27
C CYS ZA 253 -4.68 10.62 60.02
N LEU ZA 254 -4.59 9.29 60.04
CA LEU ZA 254 -5.79 8.48 59.71
C LEU ZA 254 -5.98 7.40 60.78
N VAL ZA 255 -7.21 6.96 61.02
CA VAL ZA 255 -7.40 5.83 61.97
C VAL ZA 255 -7.63 4.54 61.16
N SER ZA 256 -6.68 3.62 61.21
CA SER ZA 256 -6.79 2.40 60.37
C SER ZA 256 -7.36 1.22 61.16
N GLY ZA 257 -7.02 1.09 62.44
CA GLY ZA 257 -7.48 -0.07 63.21
C GLY ZA 257 -8.07 0.40 64.52
N VAL ZA 258 -9.06 -0.32 65.07
CA VAL ZA 258 -9.74 0.12 66.32
C VAL ZA 258 -10.76 -0.95 66.72
N SER ZA 259 -11.33 -0.83 67.93
CA SER ZA 259 -12.40 -1.76 68.34
C SER ZA 259 -13.75 -1.06 68.13
N PRO ZA 260 -14.86 -1.81 67.97
CA PRO ZA 260 -16.20 -1.18 67.82
C PRO ZA 260 -16.89 -0.65 69.08
N SER ZA 261 -16.89 -1.42 70.17
CA SER ZA 261 -17.49 -0.91 71.42
C SER ZA 261 -16.63 0.23 71.88
N ILE ZA 262 -15.36 0.17 71.50
CA ILE ZA 262 -14.47 1.31 71.83
C ILE ZA 262 -15.13 2.49 71.14
N ALA ZA 263 -15.51 2.27 69.88
CA ALA ZA 263 -16.12 3.36 69.10
C ALA ZA 263 -17.46 3.72 69.72
N ARG ZA 264 -18.19 2.72 70.18
CA ARG ZA 264 -19.54 3.09 70.68
C ARG ZA 264 -19.34 3.98 71.87
N THR ZA 265 -18.40 3.60 72.71
CA THR ZA 265 -18.22 4.35 73.97
C THR ZA 265 -17.94 5.78 73.53
N MET ZA 266 -17.20 5.89 72.44
CA MET ZA 266 -16.87 7.24 71.91
C MET ZA 266 -18.14 7.92 71.44
N VAL ZA 267 -18.87 7.27 70.55
CA VAL ZA 267 -20.04 7.99 69.98
C VAL ZA 267 -20.96 8.32 71.13
N GLN ZA 268 -21.15 7.36 72.03
CA GLN ZA 268 -22.03 7.57 73.21
C GLN ZA 268 -21.55 8.82 73.95
N LEU ZA 269 -20.29 9.22 73.76
CA LEU ZA 269 -19.86 10.41 74.54
C LEU ZA 269 -20.58 11.59 73.91
N GLY ZA 270 -21.17 11.36 72.75
CA GLY ZA 270 -21.89 12.44 72.06
C GLY ZA 270 -20.87 13.20 71.25
N ILE ZA 271 -19.67 12.64 71.14
CA ILE ZA 271 -18.62 13.27 70.31
C ILE ZA 271 -19.26 13.73 68.99
N ASN ZA 272 -18.87 14.91 68.48
CA ASN ZA 272 -19.53 15.45 67.27
C ASN ZA 272 -18.51 16.04 66.31
N VAL ZA 273 -17.39 16.53 66.82
CA VAL ZA 273 -16.41 17.26 65.98
C VAL ZA 273 -15.77 16.39 64.90
N GLY ZA 274 -15.49 15.12 65.18
CA GLY ZA 274 -14.70 14.34 64.23
C GLY ZA 274 -15.23 14.32 62.82
N GLU ZA 275 -14.38 14.67 61.85
CA GLU ZA 275 -14.75 14.61 60.40
C GLU ZA 275 -13.45 14.39 59.63
N VAL ZA 276 -12.57 13.52 60.14
CA VAL ZA 276 -11.24 13.32 59.49
C VAL ZA 276 -11.27 12.06 58.63
N ARG ZA 277 -10.12 11.66 58.08
CA ARG ZA 277 -10.05 10.46 57.21
C ARG ZA 277 -9.68 9.23 58.04
N THR ZA 278 -10.26 8.08 57.73
CA THR ZA 278 -9.91 6.80 58.43
C THR ZA 278 -9.83 5.66 57.42
N ASN ZA 279 -9.59 4.43 57.86
CA ASN ZA 279 -9.40 3.28 56.93
C ASN ZA 279 -9.71 1.95 57.63
N ALA ZA 280 -9.81 0.85 56.87
CA ALA ZA 280 -10.06 -0.49 57.46
C ALA ZA 280 -8.72 -1.23 57.66
N THR ZA 281 -8.22 -1.30 58.89
CA THR ZA 281 -6.96 -2.02 59.22
C THR ZA 281 -5.79 -1.38 58.48
N LEU ZA 282 -4.59 -1.93 58.68
CA LEU ZA 282 -3.43 -1.40 57.93
C LEU ZA 282 -3.57 -1.81 56.46
N ARG ZA 283 -4.72 -2.40 56.08
CA ARG ZA 283 -4.80 -2.90 54.69
C ARG ZA 283 -5.32 -1.76 53.83
N ASP ZA 284 -6.56 -1.34 54.13
CA ASP ZA 284 -7.16 -0.20 53.38
C ASP ZA 284 -6.37 1.08 53.66
N ALA ZA 285 -5.60 1.14 54.76
CA ALA ZA 285 -4.87 2.40 54.98
C ALA ZA 285 -3.78 2.52 53.92
N LEU ZA 286 -3.03 1.44 53.72
CA LEU ZA 286 -1.91 1.46 52.77
C LEU ZA 286 -2.51 1.61 51.38
N GLU ZA 287 -3.63 0.93 51.16
CA GLU ZA 287 -4.13 1.00 49.79
C GLU ZA 287 -4.32 2.47 49.49
N ASN ZA 288 -4.96 3.17 50.42
CA ASN ZA 288 -5.20 4.61 50.20
C ASN ZA 288 -3.85 5.28 50.10
N ALA ZA 289 -2.92 4.86 50.95
CA ALA ZA 289 -1.69 5.66 50.90
C ALA ZA 289 -1.03 5.45 49.55
N PHE ZA 290 -0.98 4.21 49.08
CA PHE ZA 290 -0.28 3.93 47.80
C PHE ZA 290 -1.06 4.61 46.69
N LYS ZA 291 -2.22 5.16 47.04
CA LYS ZA 291 -3.05 5.89 46.06
C LYS ZA 291 -2.80 7.39 46.19
N ILE ZA 292 -2.59 7.79 47.45
CA ILE ZA 292 -2.12 9.16 47.70
C ILE ZA 292 -0.68 9.04 47.23
N VAL ZA 293 -0.26 7.81 46.91
CA VAL ZA 293 1.13 7.56 46.42
C VAL ZA 293 1.03 6.96 45.01
N GLU AB 169 4.72 53.75 -64.14
CA GLU AB 169 3.89 52.83 -63.38
C GLU AB 169 4.71 51.59 -62.97
N GLN AB 170 5.54 51.09 -63.87
CA GLN AB 170 6.36 49.93 -63.57
C GLN AB 170 7.32 50.23 -62.43
N SER AB 171 7.79 51.46 -62.31
CA SER AB 171 8.61 51.77 -61.14
C SER AB 171 7.72 51.49 -59.91
N GLU AB 172 6.62 52.23 -59.87
CA GLU AB 172 5.77 52.13 -58.65
C GLU AB 172 5.36 50.68 -58.51
N ALA AB 173 5.26 49.98 -59.64
CA ALA AB 173 4.94 48.54 -59.59
C ALA AB 173 6.10 47.85 -58.89
N LEU AB 174 7.34 48.29 -59.15
CA LEU AB 174 8.54 47.71 -58.49
C LEU AB 174 8.47 48.00 -56.99
N LEU AB 175 8.14 49.26 -56.70
CA LEU AB 175 8.09 49.69 -55.28
C LEU AB 175 7.00 48.85 -54.63
N ALA AB 176 6.00 48.50 -55.43
CA ALA AB 176 4.89 47.69 -54.88
C ALA AB 176 5.49 46.38 -54.40
N MET AB 177 6.49 45.86 -55.11
CA MET AB 177 7.06 44.53 -54.79
C MET AB 177 7.81 44.43 -53.45
N SER AB 178 8.67 45.38 -53.10
CA SER AB 178 9.56 45.21 -51.91
C SER AB 178 8.86 45.11 -50.55
N THR AB 179 7.85 45.93 -50.30
CA THR AB 179 7.24 45.95 -48.95
C THR AB 179 6.59 44.61 -48.58
N PRO AB 180 5.86 43.92 -49.48
CA PRO AB 180 5.34 42.58 -49.17
C PRO AB 180 6.50 41.60 -48.95
N VAL AB 181 7.53 41.70 -49.78
CA VAL AB 181 8.65 40.73 -49.66
C VAL AB 181 9.36 41.02 -48.34
N THR AB 182 8.99 42.11 -47.66
CA THR AB 182 9.52 42.30 -46.29
C THR AB 182 8.59 41.73 -45.21
N MET AB 183 7.28 41.98 -45.28
CA MET AB 183 6.36 41.61 -44.16
C MET AB 183 6.09 40.12 -44.04
N ILE AB 184 6.00 39.59 -42.80
CA ILE AB 184 5.58 38.17 -42.59
C ILE AB 184 4.89 37.99 -41.23
N TRP AB 185 3.99 37.01 -41.15
CA TRP AB 185 3.27 36.69 -39.89
C TRP AB 185 4.25 36.60 -38.74
N GLN AB 186 3.76 36.81 -37.52
CA GLN AB 186 4.63 36.63 -36.33
C GLN AB 186 5.83 37.57 -36.37
N ASP AB 187 5.72 38.75 -37.00
CA ASP AB 187 6.81 39.76 -36.92
C ASP AB 187 8.08 39.27 -37.60
N ILE AB 188 8.05 38.08 -38.20
CA ILE AB 188 9.27 37.68 -38.94
C ILE AB 188 9.36 38.61 -40.14
N LEU AB 189 10.57 38.94 -40.59
CA LEU AB 189 10.71 39.79 -41.80
C LEU AB 189 11.71 39.14 -42.77
N MET AB 190 11.68 39.55 -44.03
CA MET AB 190 12.62 38.99 -45.04
C MET AB 190 12.66 40.00 -46.20
N LEU AB 191 13.39 39.71 -47.28
CA LEU AB 191 13.29 40.66 -48.42
C LEU AB 191 13.68 40.02 -49.77
N PRO AB 192 12.88 39.12 -50.39
CA PRO AB 192 13.22 38.66 -51.74
C PRO AB 192 13.17 39.79 -52.77
N ILE AB 193 14.07 39.77 -53.77
CA ILE AB 193 14.10 40.83 -54.84
C ILE AB 193 14.77 40.32 -56.13
N VAL AB 194 14.61 41.08 -57.23
CA VAL AB 194 15.23 40.71 -58.55
C VAL AB 194 16.72 41.08 -58.52
N GLY AB 195 17.58 40.24 -59.08
CA GLY AB 195 19.04 40.47 -58.99
C GLY AB 195 19.56 41.59 -59.86
N ILE AB 196 19.15 41.67 -61.13
CA ILE AB 196 19.66 42.84 -61.89
C ILE AB 196 18.69 43.97 -61.59
N ILE AB 197 19.14 44.91 -60.77
CA ILE AB 197 18.21 45.97 -60.35
C ILE AB 197 18.97 47.30 -60.35
N ASP AB 198 18.27 48.43 -60.32
CA ASP AB 198 18.95 49.75 -60.20
C ASP AB 198 19.56 49.98 -58.82
N SER AB 199 20.75 50.57 -58.76
CA SER AB 199 21.45 50.88 -57.48
C SER AB 199 20.66 51.92 -56.67
N LYS AB 200 20.14 52.92 -57.36
CA LYS AB 200 19.36 53.97 -56.67
C LYS AB 200 18.11 53.28 -56.09
N ARG AB 201 17.55 52.34 -56.84
CA ARG AB 201 16.36 51.60 -56.38
C ARG AB 201 16.72 50.79 -55.14
N ALA AB 202 17.94 50.26 -55.12
CA ALA AB 202 18.43 49.51 -53.96
C ALA AB 202 18.54 50.45 -52.77
N GLN AB 203 18.99 51.68 -53.00
CA GLN AB 203 19.02 52.67 -51.90
C GLN AB 203 17.59 52.91 -51.46
N ASP AB 204 16.69 52.84 -52.42
CA ASP AB 204 15.27 53.02 -52.05
C ASP AB 204 14.95 51.89 -51.10
N ILE AB 205 15.38 50.70 -51.49
CA ILE AB 205 15.00 49.54 -50.65
C ILE AB 205 15.63 49.77 -49.29
N MET AB 206 16.85 50.30 -49.30
CA MET AB 206 17.54 50.59 -48.02
C MET AB 206 16.60 51.45 -47.18
N SER AB 207 15.99 52.44 -47.80
CA SER AB 207 15.17 53.43 -47.05
C SER AB 207 13.94 52.68 -46.59
N ALA AB 208 13.46 51.80 -47.46
CA ALA AB 208 12.23 51.06 -47.15
C ALA AB 208 12.48 50.22 -45.91
N VAL AB 209 13.63 49.56 -45.85
CA VAL AB 209 13.84 48.69 -44.67
C VAL AB 209 13.86 49.57 -43.46
N LEU AB 210 14.51 50.73 -43.53
CA LEU AB 210 14.56 51.51 -42.27
C LEU AB 210 13.12 51.82 -41.85
N ASN AB 211 12.34 52.35 -42.77
CA ASN AB 211 11.00 52.76 -42.32
C ASN AB 211 10.25 51.51 -41.89
N LYS AB 212 10.48 50.42 -42.60
CA LYS AB 212 9.68 49.22 -42.27
C LYS AB 212 10.03 48.86 -40.84
N ILE AB 213 11.31 48.96 -40.54
CA ILE AB 213 11.72 48.53 -39.20
C ILE AB 213 11.02 49.44 -38.20
N SER AB 214 11.00 50.73 -38.48
CA SER AB 214 10.30 51.55 -37.46
C SER AB 214 8.89 51.03 -37.37
N GLU AB 215 8.28 50.89 -38.54
CA GLU AB 215 6.83 50.62 -38.55
C GLU AB 215 6.57 49.51 -37.55
N ASN AB 216 7.29 48.43 -37.70
CA ASN AB 216 7.15 47.44 -36.62
C ASN AB 216 8.58 47.11 -36.33
N ARG AB 217 9.02 47.52 -35.17
CA ARG AB 217 10.38 47.08 -34.81
C ARG AB 217 10.40 45.54 -34.95
N ALA AB 218 11.35 44.99 -35.71
CA ALA AB 218 11.51 43.51 -35.85
C ALA AB 218 12.96 43.11 -35.66
N LYS AB 219 13.30 42.25 -34.70
CA LYS AB 219 14.71 41.81 -34.65
C LYS AB 219 14.88 40.82 -35.79
N ILE AB 220 13.77 40.28 -36.26
CA ILE AB 220 13.84 39.23 -37.32
C ILE AB 220 13.68 39.89 -38.67
N PHE AB 221 14.62 39.63 -39.58
CA PHE AB 221 14.52 40.16 -40.96
C PHE AB 221 15.44 39.29 -41.81
N ILE AB 222 15.19 39.17 -43.11
CA ILE AB 222 16.14 38.39 -43.94
C ILE AB 222 16.33 39.02 -45.31
N MET AB 223 17.47 38.74 -45.93
CA MET AB 223 17.66 39.18 -47.31
C MET AB 223 17.40 37.95 -48.16
N ASP AB 224 16.36 37.97 -48.98
CA ASP AB 224 16.19 36.79 -49.86
C ASP AB 224 16.58 37.21 -51.29
N ILE AB 225 17.44 36.41 -51.93
CA ILE AB 225 17.90 36.75 -53.30
C ILE AB 225 17.71 35.52 -54.16
N SER AB 226 16.78 34.66 -53.77
CA SER AB 226 16.63 33.40 -54.51
C SER AB 226 16.66 33.71 -56.01
N GLY AB 227 17.44 32.91 -56.75
CA GLY AB 227 17.44 33.12 -58.20
C GLY AB 227 17.76 34.56 -58.51
N VAL AB 228 18.83 35.10 -57.94
CA VAL AB 228 19.07 36.54 -58.19
C VAL AB 228 19.07 36.70 -59.70
N ALA AB 229 18.37 37.70 -60.22
CA ALA AB 229 18.20 37.82 -61.68
C ALA AB 229 19.55 37.95 -62.38
N VAL AB 230 20.41 38.82 -61.88
CA VAL AB 230 21.78 38.90 -62.46
C VAL AB 230 22.71 39.28 -61.33
N VAL AB 231 23.90 38.68 -61.28
CA VAL AB 231 24.90 39.02 -60.22
C VAL AB 231 25.63 40.30 -60.64
N ASP AB 232 24.98 41.46 -60.50
CA ASP AB 232 25.60 42.76 -60.87
C ASP AB 232 26.72 43.10 -59.89
N THR AB 233 27.75 43.82 -60.35
CA THR AB 233 28.91 44.17 -59.48
C THR AB 233 28.47 45.08 -58.32
N ALA AB 234 27.85 46.22 -58.62
CA ALA AB 234 27.47 47.18 -57.56
C ALA AB 234 26.40 46.55 -56.68
N VAL AB 235 25.72 45.56 -57.26
CA VAL AB 235 24.59 44.94 -56.53
C VAL AB 235 25.14 44.28 -55.27
N ALA AB 236 26.29 43.61 -55.39
CA ALA AB 236 26.87 43.04 -54.17
C ALA AB 236 26.93 44.22 -53.24
N ASN AB 237 27.64 45.23 -53.68
CA ASN AB 237 27.88 46.39 -52.81
C ASN AB 237 26.67 46.65 -52.00
N HIS AB 238 25.53 46.63 -52.64
CA HIS AB 238 24.36 47.00 -51.86
C HIS AB 238 24.28 46.03 -50.68
N PHE AB 239 24.04 44.75 -51.00
CA PHE AB 239 23.94 43.68 -49.96
C PHE AB 239 25.21 43.63 -49.12
N ILE AB 240 26.36 44.07 -49.65
CA ILE AB 240 27.54 44.13 -48.76
C ILE AB 240 27.18 45.14 -47.67
N LYS AB 241 26.98 46.36 -48.13
CA LYS AB 241 26.69 47.42 -47.15
C LYS AB 241 25.38 47.07 -46.47
N ILE AB 242 24.43 46.56 -47.24
CA ILE AB 242 23.07 46.32 -46.69
C ILE AB 242 23.15 45.27 -45.61
N THR AB 243 23.90 44.21 -45.85
CA THR AB 243 23.87 43.14 -44.86
C THR AB 243 24.41 43.79 -43.60
N LYS AB 244 25.49 44.54 -43.78
CA LYS AB 244 26.08 45.04 -42.54
C LYS AB 244 25.05 45.90 -41.82
N ALA AB 245 24.44 46.80 -42.56
CA ALA AB 245 23.57 47.78 -41.88
C ALA AB 245 22.43 47.06 -41.17
N THR AB 246 21.80 46.14 -41.86
CA THR AB 246 20.60 45.54 -41.26
C THR AB 246 20.97 44.80 -39.99
N LYS AB 247 22.02 43.99 -40.07
CA LYS AB 247 22.25 43.19 -38.86
C LYS AB 247 22.59 44.14 -37.74
N LEU AB 248 23.43 45.11 -38.05
CA LEU AB 248 23.96 45.96 -36.97
C LEU AB 248 22.89 46.92 -36.45
N MET AB 249 21.78 47.02 -37.14
CA MET AB 249 20.64 47.81 -36.62
C MET AB 249 20.22 47.11 -35.34
N GLY AB 250 20.65 45.87 -35.19
CA GLY AB 250 20.16 45.09 -34.05
C GLY AB 250 19.01 44.33 -34.64
N CYS AB 251 18.84 44.51 -35.94
CA CYS AB 251 17.78 43.76 -36.64
C CYS AB 251 18.45 42.76 -37.56
N ASP AB 252 18.55 41.51 -37.15
CA ASP AB 252 19.31 40.49 -37.92
C ASP AB 252 18.89 40.42 -39.39
N CYS AB 253 19.78 40.01 -40.30
CA CYS AB 253 19.36 39.79 -41.72
C CYS AB 253 19.97 38.47 -42.20
N LEU AB 254 19.23 37.67 -42.95
CA LEU AB 254 19.79 36.34 -43.34
C LEU AB 254 19.60 36.15 -44.85
N VAL AB 255 20.48 35.37 -45.49
CA VAL AB 255 20.23 35.06 -46.94
C VAL AB 255 19.65 33.66 -47.05
N SER AB 256 18.39 33.56 -47.46
CA SER AB 256 17.72 32.23 -47.50
C SER AB 256 17.76 31.61 -48.89
N GLY AB 257 17.63 32.43 -49.94
CA GLY AB 257 17.58 31.86 -51.30
C GLY AB 257 18.55 32.61 -52.19
N VAL AB 258 19.13 31.95 -53.19
CA VAL AB 258 20.16 32.59 -54.06
C VAL AB 258 20.56 31.60 -55.16
N SER AB 259 21.33 32.08 -56.16
CA SER AB 259 21.84 31.16 -57.20
C SER AB 259 23.29 30.82 -56.86
N PRO AB 260 23.84 29.68 -57.33
CA PRO AB 260 25.25 29.34 -57.07
C PRO AB 260 26.33 30.04 -57.90
N SER AB 261 26.14 30.14 -59.21
CA SER AB 261 27.14 30.88 -60.04
C SER AB 261 27.05 32.33 -59.61
N ILE AB 262 25.88 32.71 -59.12
CA ILE AB 262 25.76 34.10 -58.61
C ILE AB 262 26.78 34.15 -57.49
N ALA AB 263 26.77 33.11 -56.66
CA ALA AB 263 27.68 33.06 -55.51
C ALA AB 263 29.11 32.98 -56.02
N ARG AB 264 29.32 32.21 -57.08
CA ARG AB 264 30.72 32.04 -57.49
C ARG AB 264 31.22 33.42 -57.90
N THR AB 265 30.38 34.10 -58.66
CA THR AB 265 30.83 35.40 -59.21
C THR AB 265 31.23 36.23 -58.00
N MET AB 266 30.47 36.05 -56.93
CA MET AB 266 30.76 36.81 -55.70
C MET AB 266 32.10 36.35 -55.13
N VAL AB 267 32.23 35.05 -54.91
CA VAL AB 267 33.47 34.61 -54.22
C VAL AB 267 34.62 35.02 -55.12
N GLN AB 268 34.47 34.80 -56.42
CA GLN AB 268 35.54 35.15 -57.40
C GLN AB 268 35.89 36.63 -57.20
N LEU AB 269 34.99 37.43 -56.62
CA LEU AB 269 35.34 38.85 -56.49
C LEU AB 269 36.44 38.91 -55.44
N GLY AB 270 36.62 37.80 -54.73
CA GLY AB 270 37.64 37.77 -53.68
C GLY AB 270 37.01 38.31 -52.43
N ILE AB 271 35.69 38.49 -52.46
CA ILE AB 271 34.97 38.97 -51.25
C ILE AB 271 35.50 38.21 -50.04
N ASN AB 272 35.67 38.90 -48.90
CA ASN AB 272 36.27 38.22 -47.72
C ASN AB 272 35.53 38.58 -46.44
N VAL AB 273 34.93 39.75 -46.40
CA VAL AB 273 34.30 40.25 -45.14
C VAL AB 273 33.13 39.41 -44.66
N GLY AB 274 32.32 38.88 -45.56
CA GLY AB 274 31.08 38.23 -45.11
C GLY AB 274 31.26 37.14 -44.07
N GLU AB 275 30.55 37.26 -42.94
CA GLU AB 275 30.57 36.22 -41.88
C GLU AB 275 29.22 36.30 -41.17
N VAL AB 276 28.13 36.46 -41.93
CA VAL AB 276 26.78 36.63 -41.30
C VAL AB 276 26.03 35.30 -41.33
N ARG AB 277 24.76 35.32 -40.93
CA ARG AB 277 23.94 34.07 -40.89
C ARG AB 277 23.17 33.93 -42.21
N THR AB 278 23.02 32.71 -42.70
CA THR AB 278 22.22 32.45 -43.93
C THR AB 278 21.40 31.16 -43.75
N ASN AB 279 20.65 30.73 -44.78
CA ASN AB 279 19.76 29.54 -44.65
C ASN AB 279 19.48 28.92 -46.02
N ALA AB 280 18.88 27.72 -46.04
CA ALA AB 280 18.52 27.05 -47.32
C ALA AB 280 17.07 27.35 -47.69
N THR AB 281 16.83 28.26 -48.63
CA THR AB 281 15.46 28.59 -49.11
C THR AB 281 14.64 29.19 -47.96
N LEU AB 282 13.39 29.55 -48.23
CA LEU AB 282 12.53 30.06 -47.14
C LEU AB 282 12.19 28.89 -46.20
N ARG AB 283 12.80 27.72 -46.42
CA ARG AB 283 12.37 26.57 -45.59
C ARG AB 283 13.23 26.57 -44.35
N ASP AB 284 14.54 26.39 -44.54
CA ASP AB 284 15.48 26.40 -43.39
C ASP AB 284 15.50 27.80 -42.77
N ALA AB 285 15.07 28.85 -43.49
CA ALA AB 285 15.13 30.16 -42.83
C ALA AB 285 14.07 30.19 -41.74
N LEU AB 286 12.86 29.75 -42.07
CA LEU AB 286 11.74 29.80 -41.10
C LEU AB 286 12.07 28.81 -40.00
N GLU AB 287 12.66 27.68 -40.39
CA GLU AB 287 12.87 26.70 -39.32
C GLU AB 287 13.72 27.40 -38.27
N ASN AB 288 14.76 28.05 -38.73
CA ASN AB 288 15.64 28.74 -37.76
C ASN AB 288 14.82 29.81 -37.08
N ALA AB 289 13.97 30.49 -37.86
CA ALA AB 289 13.32 31.60 -37.17
C ALA AB 289 12.41 31.04 -36.09
N PHE AB 290 11.66 29.98 -36.41
CA PHE AB 290 10.70 29.43 -35.43
C PHE AB 290 11.51 28.86 -34.27
N LYS AB 291 12.82 28.84 -34.43
CA LYS AB 291 13.72 28.33 -33.36
C LYS AB 291 14.28 29.53 -32.57
N ILE AB 292 14.52 30.59 -33.32
CA ILE AB 292 14.86 31.87 -32.67
C ILE AB 292 13.48 32.26 -32.13
N VAL AB 293 12.47 31.48 -32.50
CA VAL AB 293 11.08 31.74 -32.01
C VAL AB 293 10.60 30.51 -31.24
N GLU BB 169 -29.18 66.83 42.99
CA GLU BB 169 -28.70 66.33 41.71
C GLU BB 169 -27.54 65.33 41.94
N GLN BB 170 -26.66 65.63 42.88
CA GLN BB 170 -25.54 64.75 43.17
C GLN BB 170 -26.05 63.40 43.66
N SER BB 171 -27.17 63.36 44.37
CA SER BB 171 -27.69 62.05 44.75
C SER BB 171 -27.98 61.31 43.41
N GLU BB 172 -28.85 61.93 42.63
CA GLU BB 172 -29.28 61.24 41.40
C GLU BB 172 -28.03 60.97 40.57
N ALA BB 173 -27.04 61.84 40.72
CA ALA BB 173 -25.75 61.60 40.01
C ALA BB 173 -25.15 60.33 40.59
N LEU BB 174 -25.29 60.10 41.89
CA LEU BB 174 -24.77 58.87 42.53
C LEU BB 174 -25.53 57.66 42.00
N LEU BB 175 -26.85 57.83 41.93
CA LEU BB 175 -27.73 56.73 41.48
C LEU BB 175 -27.33 56.46 40.04
N ALA BB 176 -26.89 57.52 39.35
CA ALA BB 176 -26.49 57.36 37.95
C ALA BB 176 -25.33 56.37 37.94
N MET BB 177 -24.46 56.44 38.93
CA MET BB 177 -23.23 55.60 38.94
C MET BB 177 -23.44 54.09 39.07
N SER BB 178 -24.31 53.61 39.97
CA SER BB 178 -24.39 52.15 40.26
C SER BB 178 -24.85 51.25 39.10
N THR BB 179 -25.86 51.67 38.34
CA THR BB 179 -26.41 50.77 37.28
C THR BB 179 -25.37 50.44 36.21
N PRO BB 180 -24.55 51.39 35.71
CA PRO BB 180 -23.49 51.05 34.77
C PRO BB 180 -22.46 50.12 35.41
N VAL BB 181 -22.12 50.41 36.68
CA VAL BB 181 -21.08 49.59 37.35
C VAL BB 181 -21.67 48.20 37.55
N THR BB 182 -22.96 48.02 37.28
CA THR BB 182 -23.50 46.64 37.28
C THR BB 182 -23.46 45.98 35.88
N MET BB 183 -23.87 46.68 34.83
CA MET BB 183 -24.03 46.03 33.48
C MET BB 183 -22.72 45.70 32.79
N ILE BB 184 -22.65 44.56 32.09
CA ILE BB 184 -21.44 44.25 31.25
C ILE BB 184 -21.82 43.33 30.07
N TRP BB 185 -21.06 43.44 28.97
CA TRP BB 185 -21.30 42.60 27.78
C TRP BB 185 -21.42 41.13 28.18
N GLN BB 186 -22.09 40.35 27.34
CA GLN BB 186 -22.18 38.89 27.60
C GLN BB 186 -22.85 38.61 28.94
N ASP BB 187 -23.77 39.47 29.41
CA ASP BB 187 -24.57 39.14 30.62
C ASP BB 187 -23.68 39.06 31.86
N ILE BB 188 -22.39 39.32 31.74
CA ILE BB 188 -21.59 39.32 32.98
C ILE BB 188 -22.05 40.54 33.78
N LEU BB 189 -22.03 40.47 35.11
CA LEU BB 189 -22.41 41.65 35.93
C LEU BB 189 -21.35 41.89 36.99
N MET BB 190 -21.32 43.10 37.56
CA MET BB 190 -20.33 43.44 38.62
C MET BB 190 -20.89 44.64 39.37
N LEU BB 191 -20.16 45.19 40.35
CA LEU BB 191 -20.69 46.45 40.96
C LEU BB 191 -19.60 47.30 41.62
N PRO BB 192 -18.68 47.99 40.91
CA PRO BB 192 -17.77 48.91 41.60
C PRO BB 192 -18.50 50.07 42.26
N ILE BB 193 -18.02 50.54 43.43
CA ILE BB 193 -18.66 51.69 44.15
C ILE BB 193 -17.67 52.40 45.10
N VAL BB 194 -18.04 53.59 45.59
CA VAL BB 194 -17.17 54.37 46.53
C VAL BB 194 -17.30 53.77 47.93
N GLY BB 195 -16.20 53.69 48.67
CA GLY BB 195 -16.22 53.01 49.98
C GLY BB 195 -16.90 53.80 51.08
N ILE BB 196 -16.63 55.09 51.23
CA ILE BB 196 -17.39 55.79 52.29
C ILE BB 196 -18.70 56.21 51.64
N ILE BB 197 -19.77 55.50 51.99
CA ILE BB 197 -21.04 55.81 51.30
C ILE BB 197 -22.16 55.77 52.34
N ASP BB 198 -23.34 56.31 52.02
CA ASP BB 198 -24.51 56.20 52.94
C ASP BB 198 -25.07 54.77 53.02
N SER BB 199 -25.46 54.33 54.22
CA SER BB 199 -26.05 52.99 54.43
C SER BB 199 -27.39 52.86 53.72
N LYS BB 200 -28.20 53.92 53.80
CA LYS BB 200 -29.51 53.90 53.13
C LYS BB 200 -29.26 53.80 51.63
N ARG BB 201 -28.22 54.49 51.16
CA ARG BB 201 -27.86 54.45 49.71
C ARG BB 201 -27.45 53.03 49.36
N ALA BB 202 -26.78 52.35 50.27
CA ALA BB 202 -26.39 50.95 50.05
C ALA BB 202 -27.62 50.08 49.96
N GLN BB 203 -28.62 50.37 50.78
CA GLN BB 203 -29.90 49.62 50.68
C GLN BB 203 -30.48 49.92 49.30
N ASP BB 204 -30.26 51.14 48.85
CA ASP BB 204 -30.76 51.49 47.52
C ASP BB 204 -30.05 50.56 46.56
N ILE BB 205 -28.76 50.43 46.75
CA ILE BB 205 -27.99 49.62 45.78
C ILE BB 205 -28.57 48.21 45.89
N MET BB 206 -28.87 47.79 47.11
CA MET BB 206 -29.44 46.45 47.31
C MET BB 206 -30.66 46.33 46.42
N SER BB 207 -31.48 47.36 46.37
CA SER BB 207 -32.76 47.30 45.65
C SER BB 207 -32.40 47.27 44.17
N ALA BB 208 -31.37 48.04 43.84
CA ALA BB 208 -30.97 48.16 42.43
C ALA BB 208 -30.55 46.77 41.95
N VAL BB 209 -29.79 46.06 42.76
CA VAL BB 209 -29.31 44.76 42.24
C VAL BB 209 -30.53 43.89 42.05
N LEU BB 210 -31.49 43.92 42.98
CA LEU BB 210 -32.61 42.99 42.76
C LEU BB 210 -33.26 43.33 41.42
N ASN BB 211 -33.57 44.60 41.22
CA ASN BB 211 -34.31 44.90 39.98
C ASN BB 211 -33.40 44.56 38.81
N LYS BB 212 -32.12 44.83 38.97
CA LYS BB 212 -31.23 44.63 37.81
C LYS BB 212 -31.30 43.16 37.48
N ILE BB 213 -31.29 42.35 38.53
CA ILE BB 213 -31.26 40.90 38.26
C ILE BB 213 -32.54 40.56 37.52
N SER BB 214 -33.66 41.10 37.95
CA SER BB 214 -34.86 40.71 37.19
C SER BB 214 -34.62 41.14 35.76
N GLU BB 215 -34.21 42.40 35.62
CA GLU BB 215 -34.18 42.99 34.27
C GLU BB 215 -33.51 41.99 33.36
N ASN BB 216 -32.33 41.55 33.76
CA ASN BB 216 -31.78 40.45 32.95
C ASN BB 216 -31.34 39.49 34.01
N ARG BB 217 -32.04 38.37 34.07
CA ARG BB 217 -31.52 37.37 35.01
C ARG BB 217 -30.04 37.13 34.65
N ALA BB 218 -29.13 37.25 35.63
CA ALA BB 218 -27.68 36.98 35.41
C ALA BB 218 -27.14 36.06 36.50
N LYS BB 219 -26.60 34.89 36.20
CA LYS BB 219 -25.99 34.12 37.31
C LYS BB 219 -24.67 34.82 37.62
N ILE BB 220 -24.18 35.60 36.66
CA ILE BB 220 -22.85 36.23 36.84
C ILE BB 220 -23.05 37.64 37.38
N PHE BB 221 -22.38 37.95 38.49
CA PHE BB 221 -22.43 39.31 39.07
C PHE BB 221 -21.20 39.45 39.97
N ILE BB 222 -20.72 40.66 40.21
CA ILE BB 222 -19.56 40.78 41.14
C ILE BB 222 -19.69 42.02 42.01
N MET BB 223 -19.05 41.99 43.16
CA MET BB 223 -18.99 43.20 43.98
C MET BB 223 -17.61 43.78 43.73
N ASP BB 224 -17.53 44.96 43.13
CA ASP BB 224 -16.17 45.54 42.99
C ASP BB 224 -16.03 46.68 43.99
N ILE BB 225 -14.95 46.69 44.76
CA ILE BB 225 -14.76 47.74 45.79
C ILE BB 225 -13.35 48.29 45.61
N SER BB 226 -12.83 48.18 44.39
CA SER BB 226 -11.43 48.61 44.20
C SER BB 226 -11.23 49.96 44.88
N GLY BB 227 -10.13 50.08 45.62
CA GLY BB 227 -9.86 51.38 46.23
C GLY BB 227 -11.05 51.83 47.02
N VAL BB 228 -11.57 50.98 47.91
CA VAL BB 228 -12.80 51.42 48.61
C VAL BB 228 -12.46 52.77 49.24
N ALA BB 229 -13.35 53.75 49.09
CA ALA BB 229 -13.00 55.12 49.53
C ALA BB 229 -12.70 55.16 51.02
N VAL BB 230 -13.53 54.54 51.84
CA VAL BB 230 -13.21 54.46 53.29
C VAL BB 230 -13.79 53.15 53.78
N VAL BB 231 -13.05 52.44 54.64
CA VAL BB 231 -13.55 51.15 55.23
C VAL BB 231 -14.51 51.48 56.38
N ASP BB 232 -15.73 51.91 56.07
CA ASP BB 232 -16.73 52.26 57.13
C ASP BB 232 -17.19 50.98 57.84
N THR BB 233 -17.56 51.09 59.12
CA THR BB 233 -17.97 49.89 59.91
C THR BB 233 -19.26 49.29 59.33
N ALA BB 234 -20.33 50.08 59.21
CA ALA BB 234 -21.63 49.53 58.74
C ALA BB 234 -21.49 49.12 57.29
N VAL BB 235 -20.50 49.70 56.63
CA VAL BB 235 -20.33 49.42 55.19
C VAL BB 235 -20.03 47.94 55.02
N ALA BB 236 -19.18 47.39 55.89
CA ALA BB 236 -18.96 45.94 55.78
C ALA BB 236 -20.34 45.36 55.81
N ASN BB 237 -21.04 45.67 56.88
CA ASN BB 237 -22.36 45.06 57.09
C ASN BB 237 -23.06 44.95 55.78
N HIS BB 238 -23.00 46.02 55.02
CA HIS BB 238 -23.79 45.94 53.79
C HIS BB 238 -23.28 44.74 53.00
N PHE BB 239 -22.01 44.82 52.56
CA PHE BB 239 -21.37 43.73 51.78
C PHE BB 239 -21.39 42.42 52.56
N ILE BB 240 -21.44 42.47 53.90
CA ILE BB 240 -21.60 41.19 54.62
C ILE BB 240 -22.95 40.64 54.18
N LYS BB 241 -23.98 41.40 54.51
CA LYS BB 241 -25.33 40.92 54.18
C LYS BB 241 -25.42 40.82 52.67
N ILE BB 242 -24.85 41.79 51.99
CA ILE BB 242 -25.01 41.88 50.52
C ILE BB 242 -24.37 40.66 49.87
N THR BB 243 -23.18 40.31 50.33
CA THR BB 243 -22.51 39.21 49.63
C THR BB 243 -23.44 38.03 49.81
N LYS BB 244 -23.83 37.79 51.05
CA LYS BB 244 -24.74 36.64 51.32
C LYS BB 244 -25.90 36.74 50.35
N ALA BB 245 -26.33 37.95 50.05
CA ALA BB 245 -27.54 38.15 49.21
C ALA BB 245 -27.39 37.65 47.78
N THR BB 246 -26.23 37.78 47.16
CA THR BB 246 -26.18 37.33 45.76
C THR BB 246 -26.45 35.84 45.83
N LYS BB 247 -25.81 35.20 46.78
CA LYS BB 247 -25.96 33.74 46.92
C LYS BB 247 -27.42 33.45 47.26
N LEU BB 248 -28.05 34.36 47.98
CA LEU BB 248 -29.46 34.19 48.37
C LEU BB 248 -30.36 34.19 47.13
N MET BB 249 -30.12 35.12 46.21
CA MET BB 249 -30.89 35.10 44.93
C MET BB 249 -30.50 33.80 44.26
N GLY BB 250 -29.29 33.36 44.51
CA GLY BB 250 -28.76 32.20 43.80
C GLY BB 250 -27.80 32.83 42.83
N CYS BB 251 -27.72 34.15 42.91
CA CYS BB 251 -26.78 34.90 42.05
C CYS BB 251 -25.37 34.65 42.56
N ASP BB 252 -24.38 34.84 41.69
CA ASP BB 252 -22.98 34.71 42.17
C ASP BB 252 -22.47 36.13 42.36
N CYS BB 253 -21.69 36.38 43.43
CA CYS BB 253 -21.09 37.74 43.53
C CYS BB 253 -19.62 37.59 43.88
N LEU BB 254 -18.73 38.38 43.28
CA LEU BB 254 -17.28 38.18 43.56
C LEU BB 254 -16.65 39.52 43.92
N VAL BB 255 -15.57 39.52 44.72
CA VAL BB 255 -14.86 40.81 44.97
C VAL BB 255 -13.61 40.86 44.10
N SER BB 256 -13.57 41.75 43.11
CA SER BB 256 -12.43 41.78 42.17
C SER BB 256 -11.40 42.83 42.57
N GLY BB 257 -11.84 43.97 43.08
CA GLY BB 257 -10.88 45.06 43.39
C GLY BB 257 -11.15 45.56 44.78
N VAL BB 258 -10.12 46.03 45.50
CA VAL BB 258 -10.27 46.47 46.92
C VAL BB 258 -8.93 47.02 47.41
N SER BB 259 -8.94 47.65 48.59
CA SER BB 259 -7.66 48.12 49.20
C SER BB 259 -7.23 47.09 50.25
N PRO BB 260 -5.92 47.02 50.60
CA PRO BB 260 -5.47 46.09 51.64
C PRO BB 260 -5.70 46.48 53.11
N SER BB 261 -5.40 47.72 53.47
CA SER BB 261 -5.66 48.17 54.86
C SER BB 261 -7.16 48.16 55.03
N ILE BB 262 -7.86 48.35 53.92
CA ILE BB 262 -9.34 48.27 53.99
C ILE BB 262 -9.59 46.85 54.49
N ALA BB 263 -8.89 45.90 53.87
CA ALA BB 263 -9.08 44.49 54.24
C ALA BB 263 -8.61 44.28 55.66
N ARG BB 264 -7.52 44.93 56.04
CA ARG BB 264 -7.02 44.63 57.39
C ARG BB 264 -8.08 45.08 58.36
N THR BB 265 -8.61 46.26 58.11
CA THR BB 265 -9.57 46.83 59.07
C THR BB 265 -10.68 45.79 59.19
N MET BB 266 -10.98 45.16 58.06
CA MET BB 266 -12.03 44.13 58.06
C MET BB 266 -11.58 42.94 58.90
N VAL BB 267 -10.42 42.41 58.57
CA VAL BB 267 -10.04 41.16 59.28
C VAL BB 267 -9.95 41.51 60.75
N GLN BB 268 -9.35 42.66 61.06
CA GLN BB 268 -9.20 43.12 62.46
C GLN BB 268 -10.59 43.12 63.11
N LEU BB 269 -11.66 43.19 62.32
CA LEU BB 269 -12.97 43.25 62.98
C LEU BB 269 -13.20 41.87 63.56
N GLY BB 270 -12.37 40.92 63.15
CA GLY BB 270 -12.51 39.54 63.63
C GLY BB 270 -13.52 38.86 62.76
N ILE BB 271 -13.88 39.52 61.65
CA ILE BB 271 -14.83 38.90 60.68
C ILE BB 271 -14.42 37.43 60.49
N ASN BB 272 -15.40 36.53 60.40
CA ASN BB 272 -15.07 35.09 60.30
C ASN BB 272 -15.93 34.38 59.26
N VAL BB 273 -17.13 34.88 59.02
CA VAL BB 273 -18.10 34.18 58.14
C VAL BB 273 -17.65 34.10 56.69
N GLY BB 274 -16.99 35.12 56.17
CA GLY BB 274 -16.72 35.13 54.72
C GLY BB 274 -16.02 33.90 54.19
N GLU BB 275 -16.59 33.27 53.17
CA GLU BB 275 -15.96 32.10 52.49
C GLU BB 275 -16.48 32.10 51.05
N VAL BB 276 -16.55 33.27 50.42
CA VAL BB 276 -17.12 33.37 49.04
C VAL BB 276 -15.99 33.43 48.02
N ARG BB 277 -16.33 33.65 46.75
CA ARG BB 277 -15.31 33.70 45.67
C ARG BB 277 -14.87 35.15 45.44
N THR BB 278 -13.59 35.37 45.16
CA THR BB 278 -13.09 36.74 44.86
C THR BB 278 -12.07 36.65 43.70
N ASN BB 279 -11.45 37.78 43.31
CA ASN BB 279 -10.52 37.79 42.14
C ASN BB 279 -9.54 38.96 42.23
N ALA BB 280 -8.50 38.98 41.39
CA ALA BB 280 -7.52 40.10 41.37
C ALA BB 280 -7.91 41.13 40.31
N THR BB 281 -8.49 42.26 40.72
CA THR BB 281 -8.87 43.36 39.78
C THR BB 281 -9.93 42.85 38.78
N LEU BB 282 -10.37 43.72 37.89
CA LEU BB 282 -11.33 43.27 36.85
C LEU BB 282 -10.59 42.36 35.87
N ARG BB 283 -9.33 42.01 36.17
CA ARG BB 283 -8.59 41.22 35.16
C ARG BB 283 -8.85 39.76 35.44
N ASP BB 284 -8.42 39.31 36.62
CA ASP BB 284 -8.65 37.90 37.02
C ASP BB 284 -10.16 37.66 37.18
N ALA BB 285 -10.97 38.71 37.38
CA ALA BB 285 -12.40 38.41 37.54
C ALA BB 285 -12.94 37.94 36.20
N LEU BB 286 -12.62 38.66 35.14
CA LEU BB 286 -13.14 38.32 33.80
C LEU BB 286 -12.53 37.01 33.40
N GLU BB 287 -11.26 36.83 33.74
CA GLU BB 287 -10.65 35.59 33.25
C GLU BB 287 -11.51 34.45 33.79
N ASN BB 288 -11.82 34.54 35.07
CA ASN BB 288 -12.63 33.47 35.68
C ASN BB 288 -13.98 33.49 34.99
N ALA BB 289 -14.49 34.69 34.72
CA ALA BB 289 -15.86 34.64 34.19
C ALA BB 289 -15.82 33.97 32.83
N PHE BB 290 -14.85 34.34 31.99
CA PHE BB 290 -14.79 33.79 30.62
C PHE BB 290 -14.51 32.30 30.74
N LYS BB 291 -14.23 31.85 31.95
CA LYS BB 291 -13.97 30.41 32.20
C LYS BB 291 -15.25 29.74 32.72
N ILE BB 292 -15.97 30.53 33.52
CA ILE BB 292 -17.32 30.11 33.93
C ILE BB 292 -18.07 30.33 32.62
N VAL BB 293 -17.38 30.93 31.64
CA VAL BB 293 -17.99 31.18 30.30
C VAL BB 293 -17.17 30.44 29.25
N GLU CB 169 67.26 52.24 -1.66
CA GLU CB 169 66.38 51.46 -0.80
C GLU CB 169 64.93 51.56 -1.29
N GLN CB 170 64.52 52.75 -1.72
CA GLN CB 170 63.16 52.94 -2.22
C GLN CB 170 62.92 52.08 -3.45
N SER CB 171 63.94 51.86 -4.28
CA SER CB 171 63.73 50.96 -5.40
C SER CB 171 63.35 49.59 -4.77
N GLU CB 172 64.27 49.10 -3.96
CA GLU CB 172 64.05 47.72 -3.43
C GLU CB 172 62.74 47.76 -2.66
N ALA CB 173 62.42 48.92 -2.10
CA ALA CB 173 61.12 49.06 -1.41
C ALA CB 173 60.03 48.88 -2.45
N LEU CB 174 60.23 49.39 -3.66
CA LEU CB 174 59.24 49.24 -4.76
C LEU CB 174 59.12 47.77 -5.12
N LEU CB 175 60.30 47.14 -5.24
CA LEU CB 175 60.34 45.72 -5.65
C LEU CB 175 59.63 44.95 -4.54
N ALA CB 176 59.74 45.48 -3.33
CA ALA CB 176 59.08 44.80 -2.19
C ALA CB 176 57.59 44.78 -2.49
N MET CB 177 57.07 45.85 -3.09
CA MET CB 177 55.61 45.96 -3.31
C MET CB 177 54.99 44.96 -4.29
N SER CB 178 55.59 44.69 -5.45
CA SER CB 178 54.91 43.88 -6.49
C SER CB 178 54.62 42.42 -6.14
N THR CB 179 55.54 41.73 -5.49
CA THR CB 179 55.34 40.27 -5.23
C THR CB 179 54.13 40.01 -4.33
N PRO CB 180 53.89 40.77 -3.25
CA PRO CB 180 52.67 40.60 -2.45
C PRO CB 180 51.43 40.91 -3.28
N VAL CB 181 51.51 41.97 -4.09
CA VAL CB 181 50.32 42.37 -4.88
C VAL CB 181 50.08 41.29 -5.92
N THR CB 182 51.01 40.33 -6.04
CA THR CB 182 50.70 39.17 -6.90
C THR CB 182 50.08 38.00 -6.13
N MET CB 183 50.63 37.63 -4.97
CA MET CB 183 50.20 36.38 -4.26
C MET CB 183 48.82 36.49 -3.60
N ILE CB 184 48.03 35.41 -3.65
CA ILE CB 184 46.73 35.37 -2.90
C ILE CB 184 46.35 33.93 -2.53
N TRP CB 185 45.62 33.79 -1.42
CA TRP CB 185 45.16 32.45 -0.96
C TRP CB 185 44.52 31.68 -2.11
N GLN CB 186 44.52 30.35 -1.99
CA GLN CB 186 43.84 29.53 -3.01
C GLN CB 186 44.45 29.74 -4.39
N ASP CB 187 45.75 30.06 -4.48
CA ASP CB 187 46.43 30.10 -5.80
C ASP CB 187 45.86 31.21 -6.69
N ILE CB 188 44.92 32.00 -6.18
CA ILE CB 188 44.46 33.12 -7.04
C ILE CB 188 45.64 34.10 -7.10
N LEU CB 189 45.79 34.80 -8.23
CA LEU CB 189 46.88 35.81 -8.33
C LEU CB 189 46.31 37.12 -8.85
N MET CB 190 47.02 38.22 -8.64
CA MET CB 190 46.58 39.55 -9.13
C MET CB 190 47.81 40.45 -9.18
N LEU CB 191 47.66 41.74 -9.53
CA LEU CB 191 48.88 42.60 -9.45
C LEU CB 191 48.55 44.09 -9.32
N PRO CB 192 48.06 44.61 -8.17
CA PRO CB 192 47.90 46.07 -8.04
C PRO CB 192 49.26 46.80 -8.10
N ILE CB 193 49.30 48.00 -8.70
CA ILE CB 193 50.57 48.80 -8.78
C ILE CB 193 50.29 50.30 -8.96
N VAL CB 194 51.32 51.14 -8.79
CA VAL CB 194 51.19 52.62 -8.96
C VAL CB 194 51.19 52.95 -10.45
N GLY CB 195 50.36 53.90 -10.88
CA GLY CB 195 50.22 54.20 -12.32
C GLY CB 195 51.39 54.95 -12.93
N ILE CB 196 51.89 55.99 -12.28
CA ILE CB 196 53.08 56.63 -12.92
C ILE CB 196 54.27 55.84 -12.42
N ILE CB 197 54.82 55.02 -13.30
CA ILE CB 197 55.92 54.15 -12.83
C ILE CB 197 57.00 54.12 -13.91
N ASP CB 198 58.21 53.66 -13.59
CA ASP CB 198 59.27 53.48 -14.64
C ASP CB 198 58.97 52.32 -15.59
N SER CB 199 59.24 52.50 -16.88
CA SER CB 199 59.04 51.44 -17.91
C SER CB 199 59.97 50.26 -17.66
N LYS CB 200 61.21 50.55 -17.30
CA LYS CB 200 62.18 49.46 -17.04
C LYS CB 200 61.67 48.70 -15.82
N ARG CB 201 61.11 49.42 -14.85
CA ARG CB 201 60.55 48.78 -13.63
C ARG CB 201 59.39 47.89 -14.03
N ALA CB 202 58.62 48.34 -15.01
CA ALA CB 202 57.49 47.53 -15.52
C ALA CB 202 58.03 46.26 -16.17
N GLN CB 203 59.15 46.37 -16.88
CA GLN CB 203 59.78 45.16 -17.45
C GLN CB 203 60.20 44.27 -16.29
N ASP CB 204 60.60 44.93 -15.21
CA ASP CB 204 60.99 44.14 -14.04
C ASP CB 204 59.74 43.38 -13.62
N ILE CB 205 58.64 44.09 -13.59
CA ILE CB 205 57.41 43.43 -13.09
C ILE CB 205 57.13 42.29 -14.06
N MET CB 206 57.35 42.55 -15.34
CA MET CB 206 57.13 41.51 -16.36
C MET CB 206 57.92 40.28 -15.93
N SER CB 207 59.16 40.48 -15.51
CA SER CB 207 60.06 39.36 -15.20
C SER CB 207 59.52 38.70 -13.95
N ALA CB 208 59.03 39.55 -13.05
CA ALA CB 208 58.53 39.05 -11.76
C ALA CB 208 57.35 38.12 -12.04
N VAL CB 209 56.47 38.54 -12.93
CA VAL CB 209 55.28 37.67 -13.13
C VAL CB 209 55.79 36.35 -13.69
N LEU CB 210 56.74 36.39 -14.61
CA LEU CB 210 57.13 35.07 -15.17
C LEU CB 210 57.63 34.20 -14.03
N ASN CB 211 58.55 34.72 -13.23
CA ASN CB 211 59.12 33.84 -12.20
C ASN CB 211 57.99 33.45 -11.26
N LYS CB 212 57.10 34.40 -10.98
CA LYS CB 212 56.07 34.10 -9.97
C LYS CB 212 55.28 32.93 -10.53
N ILE CB 213 55.01 33.00 -11.81
CA ILE CB 213 54.15 31.95 -12.38
C ILE CB 213 54.90 30.64 -12.22
N SER CB 214 56.19 30.63 -12.50
CA SER CB 214 56.84 29.31 -12.33
C SER CB 214 56.65 28.92 -10.89
N GLU CB 215 56.96 29.87 -10.01
CA GLU CB 215 57.03 29.50 -8.58
C GLU CB 215 55.80 28.71 -8.25
N ASN CB 216 54.66 29.27 -8.57
CA ASN CB 216 53.48 28.41 -8.41
C ASN CB 216 52.76 28.62 -9.71
N ARG CB 217 52.74 27.59 -10.51
CA ARG CB 217 51.92 27.74 -11.72
C ARG CB 217 50.52 28.17 -11.26
N ALA CB 218 49.98 29.26 -11.82
CA ALA CB 218 48.61 29.74 -11.49
C ALA CB 218 47.85 30.07 -12.78
N LYS CB 219 46.72 29.43 -13.06
CA LYS CB 219 45.97 29.88 -14.26
C LYS CB 219 45.31 31.20 -13.88
N ILE CB 220 45.18 31.42 -12.57
CA ILE CB 220 44.46 32.63 -12.10
C ILE CB 220 45.47 33.72 -11.82
N PHE CB 221 45.26 34.90 -12.42
CA PHE CB 221 46.14 36.06 -12.16
C PHE CB 221 45.35 37.29 -12.58
N ILE CB 222 45.65 38.46 -12.01
CA ILE CB 222 44.92 39.67 -12.48
C ILE CB 222 45.84 40.87 -12.52
N MET CB 223 45.47 41.84 -13.36
CA MET CB 223 46.22 43.11 -13.35
C MET CB 223 45.34 44.07 -12.56
N ASP CB 224 45.82 44.53 -11.41
CA ASP CB 224 44.99 45.54 -10.71
C ASP CB 224 45.67 46.90 -10.87
N ILE CB 225 44.90 47.91 -11.27
CA ILE CB 225 45.48 49.26 -11.50
C ILE CB 225 44.59 50.25 -10.77
N SER CB 226 43.90 49.78 -9.74
CA SER CB 226 42.95 50.69 -9.07
C SER CB 226 43.62 52.03 -8.85
N GLY CB 227 42.90 53.10 -9.17
CA GLY CB 227 43.48 54.42 -8.89
C GLY CB 227 44.84 54.52 -9.53
N VAL CB 228 44.95 54.21 -10.82
CA VAL CB 228 46.32 54.22 -11.40
C VAL CB 228 46.87 55.61 -11.10
N ALA CB 229 48.11 55.68 -10.62
CA ALA CB 229 48.64 56.98 -10.16
C ALA CB 229 48.65 58.01 -11.29
N VAL CB 230 49.14 57.62 -12.46
CA VAL CB 230 49.06 58.56 -13.62
C VAL CB 230 48.92 57.69 -14.85
N VAL CB 231 48.06 58.10 -15.80
CA VAL CB 231 47.88 57.34 -17.07
C VAL CB 231 49.02 57.68 -18.02
N ASP CB 232 50.22 57.14 -17.78
CA ASP CB 232 51.40 57.42 -18.65
C ASP CB 232 51.20 56.76 -20.02
N THR CB 233 51.77 57.35 -21.07
CA THR CB 233 51.60 56.81 -22.45
C THR CB 233 52.24 55.41 -22.56
N ALA CB 234 53.53 55.29 -22.25
CA ALA CB 234 54.23 53.99 -22.42
C ALA CB 234 53.65 52.99 -21.44
N VAL CB 235 53.04 53.52 -20.39
CA VAL CB 235 52.51 52.63 -19.34
C VAL CB 235 51.43 51.74 -19.95
N ALA CB 236 50.58 52.32 -20.79
CA ALA CB 236 49.60 51.46 -21.45
C ALA CB 236 50.43 50.37 -22.05
N ASN CB 237 51.34 50.80 -22.91
CA ASN CB 237 52.13 49.82 -23.66
C ASN CB 237 52.44 48.65 -22.81
N HIS CB 238 52.85 48.95 -21.59
CA HIS CB 238 53.25 47.79 -20.78
C HIS CB 238 52.05 46.86 -20.70
N PHE CB 239 50.98 47.33 -20.04
CA PHE CB 239 49.73 46.54 -19.87
C PHE CB 239 49.17 46.13 -21.23
N ILE CB 240 49.46 46.87 -22.31
CA ILE CB 240 49.02 46.38 -23.63
C ILE CB 240 49.75 45.06 -23.83
N LYS CB 241 51.06 45.19 -23.89
CA LYS CB 241 51.87 43.97 -24.16
C LYS CB 241 51.65 43.03 -22.99
N ILE CB 242 51.58 43.57 -21.79
CA ILE CB 242 51.52 42.71 -20.58
C ILE CB 242 50.23 41.92 -20.60
N THR CB 243 49.13 42.58 -20.93
CA THR CB 243 47.87 41.84 -20.82
C THR CB 243 48.03 40.70 -21.80
N LYS CB 244 48.52 41.04 -22.98
CA LYS CB 244 48.54 39.94 -23.96
C LYS CB 244 49.39 38.81 -23.41
N ALA CB 245 50.58 39.15 -22.93
CA ALA CB 245 51.50 38.07 -22.56
C ALA CB 245 50.89 37.21 -21.46
N THR CB 246 50.35 37.85 -20.45
CA THR CB 246 49.89 37.06 -19.30
C THR CB 246 48.79 36.12 -19.73
N LYS CB 247 47.81 36.66 -20.44
CA LYS CB 247 46.68 35.74 -20.70
C LYS CB 247 47.20 34.61 -21.54
N LEU CB 248 48.01 34.96 -22.53
CA LEU CB 248 48.39 33.93 -23.53
C LEU CB 248 49.39 32.94 -22.93
N MET CB 249 49.92 33.25 -21.77
CA MET CB 249 50.78 32.28 -21.06
C MET CB 249 49.89 31.10 -20.76
N GLY CB 250 48.59 31.32 -20.84
CA GLY CB 250 47.66 30.27 -20.41
C GLY CB 250 47.35 30.63 -19.00
N CYS CB 251 47.91 31.77 -18.59
CA CYS CB 251 47.64 32.25 -17.23
C CYS CB 251 46.80 33.51 -17.35
N ASP CB 252 45.49 33.40 -17.18
CA ASP CB 252 44.56 34.54 -17.40
C ASP CB 252 44.99 35.80 -16.66
N CYS CB 253 44.65 37.00 -17.16
CA CYS CB 253 44.91 38.26 -16.38
C CYS CB 253 43.67 39.14 -16.47
N LEU CB 254 43.28 39.78 -15.37
CA LEU CB 254 42.02 40.57 -15.42
C LEU CB 254 42.27 41.96 -14.84
N VAL CB 255 41.53 42.98 -15.28
CA VAL CB 255 41.68 44.32 -14.64
C VAL CB 255 40.52 44.54 -13.66
N SER CB 256 40.81 44.57 -12.36
CA SER CB 256 39.74 44.67 -11.36
C SER CB 256 39.52 46.10 -10.89
N GLY CB 257 40.59 46.89 -10.77
CA GLY CB 257 40.44 48.25 -10.25
C GLY CB 257 41.15 49.22 -11.17
N VAL CB 258 40.67 50.46 -11.27
CA VAL CB 258 41.27 51.46 -12.22
C VAL CB 258 40.56 52.79 -12.06
N SER CB 259 41.09 53.85 -12.67
CA SER CB 259 40.39 55.15 -12.65
C SER CB 259 39.65 55.33 -13.98
N PRO CB 260 38.59 56.16 -14.04
CA PRO CB 260 37.88 56.39 -15.32
C PRO CB 260 38.52 57.34 -16.35
N SER CB 261 39.00 58.50 -15.90
CA SER CB 261 39.70 59.41 -16.84
C SER CB 261 40.95 58.70 -17.28
N ILE CB 262 41.46 57.84 -16.42
CA ILE CB 262 42.63 57.04 -16.81
C ILE CB 262 42.15 56.28 -18.04
N ALA CB 263 40.96 55.71 -17.91
CA ALA CB 263 40.41 54.91 -19.02
C ALA CB 263 40.15 55.82 -20.20
N ARG CB 264 39.66 57.02 -19.94
CA ARG CB 264 39.30 57.85 -21.10
C ARG CB 264 40.58 58.11 -21.86
N THR CB 265 41.62 58.44 -21.11
CA THR CB 265 42.87 58.83 -21.77
C THR CB 265 43.25 57.65 -22.65
N MET CB 266 42.97 56.47 -22.14
CA MET CB 266 43.27 55.25 -22.91
C MET CB 266 42.39 55.19 -24.15
N VAL CB 267 41.09 55.28 -23.96
CA VAL CB 267 40.22 55.09 -25.14
C VAL CB 267 40.58 56.17 -26.12
N GLN CB 268 40.75 57.40 -25.62
CA GLN CB 268 41.10 58.55 -26.49
C GLN CB 268 42.36 58.18 -27.29
N LEU CB 269 43.15 57.22 -26.82
CA LEU CB 269 44.38 56.93 -27.59
C LEU CB 269 43.90 56.25 -28.86
N GLY CB 270 42.64 55.86 -28.88
CA GLY CB 270 42.09 55.17 -30.05
C GLY CB 270 42.42 53.71 -29.91
N ILE CB 271 42.89 53.32 -28.72
CA ILE CB 271 43.17 51.89 -28.47
C ILE CB 271 42.01 51.05 -29.02
N ASN CB 272 42.31 49.91 -29.63
CA ASN CB 272 41.24 49.11 -30.28
C ASN CB 272 41.40 47.63 -29.99
N VAL CB 273 42.63 47.17 -29.76
CA VAL CB 273 42.90 45.72 -29.63
C VAL CB 273 42.24 45.09 -28.40
N GLY CB 274 42.16 45.81 -27.28
CA GLY CB 274 41.72 45.14 -26.05
C GLY CB 274 40.38 44.44 -26.14
N GLU CB 275 40.35 43.16 -25.77
CA GLU CB 275 39.09 42.38 -25.74
C GLU CB 275 39.28 41.29 -24.67
N VAL CB 276 39.87 41.65 -23.52
CA VAL CB 276 40.17 40.64 -22.47
C VAL CB 276 39.10 40.71 -21.38
N ARG CB 277 39.30 39.95 -20.29
CA ARG CB 277 38.31 39.93 -19.18
C ARG CB 277 38.70 40.96 -18.12
N THR CB 278 37.71 41.63 -17.52
CA THR CB 278 37.98 42.59 -16.41
C THR CB 278 36.91 42.43 -15.32
N ASN CB 279 36.95 43.27 -14.27
CA ASN CB 279 36.00 43.11 -13.12
C ASN CB 279 35.85 44.44 -12.37
N ALA CB 280 34.86 44.52 -11.46
CA ALA CB 280 34.65 45.75 -10.65
C ALA CB 280 35.37 45.60 -9.30
N THR CB 281 36.52 46.25 -9.13
CA THR CB 281 37.27 46.22 -7.84
C THR CB 281 37.70 44.79 -7.51
N LEU CB 282 38.39 44.61 -6.39
CA LEU CB 282 38.78 43.23 -5.99
C LEU CB 282 37.51 42.50 -5.55
N ARG CB 283 36.32 43.11 -5.72
CA ARG CB 283 35.13 42.44 -5.18
C ARG CB 283 34.60 41.51 -6.27
N ASP CB 284 34.20 42.12 -7.39
CA ASP CB 284 33.68 41.32 -8.53
C ASP CB 284 34.83 40.45 -9.09
N ALA CB 285 36.09 40.80 -8.83
CA ALA CB 285 37.13 39.94 -9.42
C ALA CB 285 37.12 38.60 -8.70
N LEU CB 286 37.06 38.65 -7.37
CA LEU CB 286 37.09 37.42 -6.57
C LEU CB 286 35.80 36.66 -6.84
N GLU CB 287 34.72 37.42 -6.96
CA GLU CB 287 33.46 36.67 -7.12
C GLU CB 287 33.65 35.80 -8.35
N ASN CB 288 34.15 36.41 -9.41
CA ASN CB 288 34.35 35.63 -10.65
C ASN CB 288 35.35 34.54 -10.34
N ALA CB 289 36.39 34.90 -9.57
CA ALA CB 289 37.39 33.83 -9.44
C ALA CB 289 36.77 32.67 -8.69
N PHE CB 290 36.04 32.95 -7.61
CA PHE CB 290 35.48 31.87 -6.79
C PHE CB 290 34.45 31.13 -7.63
N LYS CB 291 34.18 31.67 -8.82
CA LYS CB 291 33.22 31.02 -9.76
C LYS CB 291 34.00 30.21 -10.80
N ILE CB 292 35.15 30.78 -11.15
CA ILE CB 292 36.11 30.02 -11.99
C ILE CB 292 36.63 29.03 -10.95
N VAL CB 293 36.22 29.24 -9.69
CA VAL CB 293 36.65 28.33 -8.58
C VAL CB 293 35.40 27.70 -7.97
N GLU DB 169 57.21 62.35 -4.06
CA GLU DB 169 56.31 61.46 -4.80
C GLU DB 169 56.35 60.05 -4.19
N GLN DB 170 57.53 59.59 -3.80
CA GLN DB 170 57.67 58.26 -3.21
C GLN DB 170 56.89 58.18 -1.90
N SER DB 171 56.80 59.28 -1.15
CA SER DB 171 55.96 59.23 0.03
C SER DB 171 54.53 58.89 -0.46
N GLU DB 172 54.04 59.79 -1.31
CA GLU DB 172 52.63 59.62 -1.73
C GLU DB 172 52.53 58.26 -2.39
N ALA DB 173 53.61 57.81 -2.99
CA ALA DB 173 53.61 56.45 -3.58
C ALA DB 173 53.44 55.45 -2.44
N LEU DB 174 54.05 55.72 -1.28
CA LEU DB 174 53.92 54.84 -0.09
C LEU DB 174 52.46 54.85 0.38
N LEU DB 175 51.94 56.07 0.44
CA LEU DB 175 50.55 56.25 0.93
C LEU DB 175 49.66 55.51 -0.06
N ALA DB 176 50.10 55.48 -1.31
CA ALA DB 176 49.31 54.78 -2.34
C ALA DB 176 49.21 53.33 -1.91
N MET DB 177 50.28 52.78 -1.34
CA MET DB 177 50.32 51.33 -1.00
C MET DB 177 49.34 50.87 0.09
N SER DB 178 49.21 51.59 1.21
CA SER DB 178 48.43 51.05 2.36
C SER DB 178 46.92 50.83 2.12
N THR DB 179 46.24 51.76 1.45
CA THR DB 179 44.77 51.64 1.31
C THR DB 179 44.36 50.38 0.53
N PRO DB 180 45.02 50.00 -0.57
CA PRO DB 180 44.71 48.73 -1.25
C PRO DB 180 45.01 47.55 -0.33
N VAL DB 181 46.12 47.61 0.38
CA VAL DB 181 46.51 46.47 1.24
C VAL DB 181 45.48 46.39 2.37
N THR DB 182 44.61 47.39 2.48
CA THR DB 182 43.49 47.24 3.45
C THR DB 182 42.23 46.65 2.80
N MET DB 183 41.82 47.12 1.62
CA MET DB 183 40.50 46.72 1.04
C MET DB 183 40.45 45.29 0.51
N ILE DB 184 39.32 44.59 0.69
CA ILE DB 184 39.16 43.24 0.06
C ILE DB 184 37.66 42.93 -0.19
N TRP DB 185 37.40 42.12 -1.21
CA TRP DB 185 36.01 41.72 -1.55
C TRP DB 185 35.28 41.25 -0.31
N GLN DB 186 33.96 41.33 -0.33
CA GLN DB 186 33.16 40.78 0.80
C GLN DB 186 33.50 41.50 2.11
N ASP DB 187 33.92 42.77 2.07
CA ASP DB 187 34.10 43.56 3.32
C ASP DB 187 35.23 42.98 4.17
N ILE DB 188 35.91 41.94 3.70
CA ILE DB 188 37.07 41.48 4.50
C ILE DB 188 38.12 42.58 4.41
N LEU DB 189 38.91 42.78 5.46
CA LEU DB 189 40.00 43.79 5.40
C LEU DB 189 41.30 43.16 5.88
N MET DB 190 42.44 43.79 5.54
CA MET DB 190 43.76 43.29 5.98
C MET DB 190 44.74 44.45 5.87
N LEU DB 191 46.04 44.25 6.13
CA LEU DB 191 46.97 45.39 5.90
C LEU DB 191 48.41 44.94 5.69
N PRO DB 192 48.82 44.32 4.56
CA PRO DB 192 50.25 44.05 4.35
C PRO DB 192 51.07 45.35 4.24
N ILE DB 193 52.31 45.35 4.75
CA ILE DB 193 53.20 46.57 4.67
C ILE DB 193 54.69 46.19 4.78
N VAL DB 194 55.57 47.14 4.46
CA VAL DB 194 57.06 46.92 4.54
C VAL DB 194 57.50 47.02 6.00
N GLY DB 195 58.42 46.17 6.43
CA GLY DB 195 58.80 46.12 7.85
C GLY DB 195 59.66 47.28 8.31
N ILE DB 196 60.71 47.65 7.56
CA ILE DB 196 61.46 48.83 8.04
C ILE DB 196 60.72 50.04 7.50
N ILE DB 197 60.00 50.72 8.38
CA ILE DB 197 59.17 51.83 7.87
C ILE DB 197 59.29 52.99 8.86
N ASP DB 198 58.89 54.20 8.48
CA ASP DB 198 58.85 55.35 9.43
C ASP DB 198 57.75 55.22 10.49
N SER DB 199 58.05 55.58 11.74
CA SER DB 199 57.06 55.54 12.84
C SER DB 199 55.92 56.53 12.60
N LYS DB 200 56.26 57.71 12.12
CA LYS DB 200 55.23 58.73 11.85
C LYS DB 200 54.35 58.18 10.73
N ARG DB 201 54.95 57.49 9.77
CA ARG DB 201 54.20 56.88 8.65
C ARG DB 201 53.26 55.83 9.19
N ALA DB 202 53.72 55.10 10.21
CA ALA DB 202 52.88 54.09 10.86
C ALA DB 202 51.70 54.77 11.54
N GLN DB 203 51.94 55.92 12.15
CA GLN DB 203 50.82 56.68 12.75
C GLN DB 203 49.88 57.07 11.62
N ASP DB 204 50.48 57.34 10.47
CA ASP DB 204 49.63 57.68 9.31
C ASP DB 204 48.76 56.47 9.06
N ILE DB 205 49.40 55.31 9.07
CA ILE DB 205 48.62 54.10 8.73
C ILE DB 205 47.53 53.98 9.80
N MET DB 206 47.91 54.29 11.04
CA MET DB 206 46.93 54.22 12.14
C MET DB 206 45.72 55.06 11.72
N SER DB 207 45.97 56.24 11.18
CA SER DB 207 44.89 57.19 10.88
C SER DB 207 44.11 56.60 9.72
N ALA DB 208 44.87 55.99 8.81
CA ALA DB 208 44.23 55.42 7.61
C ALA DB 208 43.26 54.34 8.05
N VAL DB 209 43.67 53.50 8.99
CA VAL DB 209 42.75 52.40 9.34
C VAL DB 209 41.51 53.03 9.95
N LEU DB 210 41.68 54.06 10.78
CA LEU DB 210 40.43 54.58 11.38
C LEU DB 210 39.52 55.05 10.26
N ASN DB 211 40.04 55.86 9.36
CA ASN DB 211 39.12 56.41 8.35
C ASN DB 211 38.60 55.24 7.52
N LYS DB 212 39.46 54.28 7.27
CA LYS DB 212 39.02 53.18 6.37
C LYS DB 212 37.85 52.52 7.07
N ILE DB 213 38.00 52.35 8.36
CA ILE DB 213 36.92 51.62 9.07
C ILE DB 213 35.66 52.44 8.94
N SER DB 214 35.76 53.75 9.11
CA SER DB 214 34.48 54.48 8.97
C SER DB 214 33.97 54.20 7.58
N GLU DB 215 34.86 54.38 6.62
CA GLU DB 215 34.41 54.36 5.22
C GLU DB 215 33.52 53.16 5.04
N ASN DB 216 34.02 52.01 5.43
CA ASN DB 216 33.09 50.89 5.42
C ASN DB 216 33.33 50.26 6.77
N ARG DB 217 32.36 50.38 7.63
CA ARG DB 217 32.55 49.66 8.89
C ARG DB 217 32.85 48.19 8.53
N ALA DB 218 33.95 47.62 9.05
CA ALA DB 218 34.30 46.21 8.81
C ALA DB 218 34.67 45.53 10.13
N LYS DB 219 33.98 44.47 10.55
CA LYS DB 219 34.47 43.78 11.78
C LYS DB 219 35.70 43.00 11.37
N ILE DB 220 35.82 42.76 10.07
CA ILE DB 220 36.95 41.92 9.58
C ILE DB 220 38.09 42.82 9.14
N PHE DB 221 39.28 42.58 9.67
CA PHE DB 221 40.48 43.35 9.26
C PHE DB 221 41.69 42.51 9.66
N ILE DB 222 42.83 42.68 8.99
CA ILE DB 222 44.01 41.89 9.43
C ILE DB 222 45.28 42.73 9.32
N MET DB 223 46.28 42.36 10.12
CA MET DB 223 47.59 43.02 9.96
C MET DB 223 48.43 42.02 9.18
N ASP DB 224 48.83 42.37 7.97
CA ASP DB 224 49.73 41.41 7.28
C ASP DB 224 51.13 42.00 7.29
N ILE DB 225 52.12 41.19 7.69
CA ILE DB 225 53.53 41.70 7.77
C ILE DB 225 54.40 40.68 7.06
N SER DB 226 53.80 39.95 6.12
CA SER DB 226 54.60 38.88 5.48
C SER DB 226 55.97 39.43 5.11
N GLY DB 227 57.01 38.67 5.42
CA GLY DB 227 58.34 39.13 5.01
C GLY DB 227 58.58 40.52 5.52
N VAL DB 228 58.35 40.76 6.81
CA VAL DB 228 58.51 42.17 7.27
C VAL DB 228 59.91 42.59 6.84
N ALA DB 229 60.02 43.78 6.24
CA ALA DB 229 61.32 44.18 5.65
C ALA DB 229 62.42 44.20 6.71
N VAL DB 230 62.16 44.81 7.86
CA VAL DB 230 63.16 44.77 8.95
C VAL DB 230 62.38 44.77 10.25
N VAL DB 231 62.80 43.97 11.23
CA VAL DB 231 62.12 43.94 12.57
C VAL DB 231 62.62 45.13 13.40
N ASP DB 232 62.13 46.34 13.08
CA ASP DB 232 62.55 47.56 13.83
C ASP DB 232 61.98 47.53 15.25
N THR DB 233 62.68 48.14 16.21
CA THR DB 233 62.24 48.12 17.63
C THR DB 233 60.90 48.86 17.79
N ALA DB 234 60.84 50.14 17.37
CA ALA DB 234 59.60 50.93 17.57
C ALA DB 234 58.50 50.34 16.71
N VAL DB 235 58.91 49.61 15.69
CA VAL DB 235 57.91 49.07 14.74
C VAL DB 235 57.00 48.11 15.50
N ALA DB 236 57.59 47.29 16.37
CA ALA DB 236 56.70 46.43 17.16
C ALA DB 236 55.72 47.38 17.77
N ASN DB 237 56.27 48.33 18.51
CA ASN DB 237 55.41 49.25 19.26
C ASN DB 237 54.20 49.57 18.45
N HIS DB 238 54.42 49.84 17.20
CA HIS DB 238 53.24 50.26 16.44
C HIS DB 238 52.23 49.14 16.52
N PHE DB 239 52.58 47.99 15.93
CA PHE DB 239 51.71 46.78 15.92
C PHE DB 239 51.36 46.37 17.35
N ILE DB 240 52.20 46.69 18.35
CA ILE DB 240 51.77 46.38 19.73
C ILE DB 240 50.52 47.23 19.95
N LYS DB 241 50.74 48.53 19.90
CA LYS DB 241 49.61 49.43 20.17
C LYS DB 241 48.56 49.19 19.10
N ILE DB 242 49.01 49.00 17.86
CA ILE DB 242 48.07 48.90 16.73
C ILE DB 242 47.19 47.67 16.90
N THR DB 243 47.80 46.56 17.28
CA THR DB 243 46.97 45.36 17.34
C THR DB 243 45.92 45.66 18.37
N LYS DB 244 46.34 46.14 19.52
CA LYS DB 244 45.28 46.40 20.51
C LYS DB 244 44.25 47.32 19.88
N ALA DB 245 44.69 48.18 18.96
CA ALA DB 245 43.79 49.22 18.41
C ALA DB 245 42.60 48.65 17.63
N THR DB 246 42.81 47.58 16.89
CA THR DB 246 41.64 47.13 16.09
C THR DB 246 40.56 46.75 17.08
N LYS DB 247 40.94 46.05 18.12
CA LYS DB 247 39.98 45.59 19.15
C LYS DB 247 39.43 46.80 19.88
N LEU DB 248 40.23 47.86 19.98
CA LEU DB 248 39.76 49.10 20.62
C LEU DB 248 38.61 49.67 19.80
N MET DB 249 38.79 49.69 18.48
CA MET DB 249 37.69 50.14 17.61
C MET DB 249 36.57 49.16 17.90
N GLY DB 250 36.96 47.92 18.13
CA GLY DB 250 35.98 46.85 18.30
C GLY DB 250 36.15 45.99 17.09
N CYS DB 251 37.09 46.41 16.23
CA CYS DB 251 37.37 45.65 15.00
C CYS DB 251 38.24 44.44 15.33
N ASP DB 252 38.35 43.50 14.39
CA ASP DB 252 39.24 42.32 14.59
C ASP DB 252 40.51 42.54 13.76
N CYS DB 253 41.69 42.20 14.30
CA CYS DB 253 42.88 42.31 13.42
C CYS DB 253 43.69 41.02 13.55
N LEU DB 254 44.23 40.49 12.45
CA LEU DB 254 44.94 39.19 12.54
C LEU DB 254 46.29 39.30 11.87
N VAL DB 255 47.28 38.52 12.29
CA VAL DB 255 48.58 38.51 11.55
C VAL DB 255 48.65 37.28 10.67
N SER DB 256 48.60 37.46 9.35
CA SER DB 256 48.57 36.30 8.42
C SER DB 256 49.94 35.94 7.89
N GLY DB 257 50.79 36.95 7.63
CA GLY DB 257 52.10 36.65 7.02
C GLY DB 257 53.17 37.37 7.81
N VAL DB 258 54.39 36.81 7.88
CA VAL DB 258 55.48 37.41 8.70
C VAL DB 258 56.75 36.59 8.51
N SER DB 259 57.89 37.09 9.01
CA SER DB 259 59.14 36.30 8.96
C SER DB 259 59.36 35.66 10.33
N PRO DB 260 60.11 34.56 10.44
CA PRO DB 260 60.40 33.94 11.74
C PRO DB 260 61.47 34.58 12.64
N SER DB 261 62.60 34.95 12.09
CA SER DB 261 63.63 35.65 12.89
C SER DB 261 63.05 36.99 13.27
N ILE DB 262 62.15 37.47 12.44
CA ILE DB 262 61.47 38.73 12.78
C ILE DB 262 60.77 38.41 14.09
N ALA DB 263 60.11 37.26 14.10
CA ALA DB 263 59.36 36.86 15.30
C ALA DB 263 60.34 36.62 16.44
N ARG DB 264 61.48 36.03 16.13
CA ARG DB 264 62.37 35.71 17.27
C ARG DB 264 62.77 37.03 17.90
N THR DB 265 63.11 37.97 17.04
CA THR DB 265 63.63 39.24 17.57
C THR DB 265 62.55 39.76 18.50
N MET DB 266 61.30 39.53 18.09
CA MET DB 266 60.17 39.98 18.91
C MET DB 266 60.15 39.22 20.22
N VAL DB 267 60.13 37.90 20.12
CA VAL DB 267 59.96 37.15 21.39
C VAL DB 267 61.15 37.50 22.27
N GLN DB 268 62.34 37.55 21.67
CA GLN DB 268 63.58 37.88 22.43
C GLN DB 268 63.36 39.22 23.13
N LEU DB 269 62.40 40.04 22.66
CA LEU DB 269 62.26 41.34 23.35
C LEU DB 269 61.64 41.02 24.70
N GLY DB 270 61.17 39.79 24.84
CA GLY DB 270 60.53 39.39 26.10
C GLY DB 270 59.09 39.81 26.04
N ILE DB 271 58.65 40.21 24.85
CA ILE DB 271 57.23 40.58 24.66
C ILE DB 271 56.36 39.52 25.37
N ASN DB 272 55.28 39.96 26.03
CA ASN DB 272 54.47 39.00 26.81
C ASN DB 272 52.97 39.24 26.61
N VAL DB 273 52.59 40.47 26.32
CA VAL DB 273 51.15 40.83 26.25
C VAL DB 273 50.39 40.13 25.13
N GLY DB 274 51.02 39.91 23.98
CA GLY DB 274 50.25 39.42 22.83
C GLY DB 274 49.46 38.15 23.09
N GLU DB 275 48.15 38.17 22.81
CA GLU DB 275 47.28 36.98 22.94
C GLU DB 275 46.15 37.15 21.92
N VAL DB 276 46.47 37.63 20.72
CA VAL DB 276 45.40 37.92 19.71
C VAL DB 276 45.32 36.77 18.71
N ARG DB 277 44.50 36.92 17.67
CA ARG DB 277 44.33 35.84 16.65
C ARG DB 277 45.30 36.08 15.49
N THR DB 278 45.86 35.00 14.93
CA THR DB 278 46.75 35.11 13.74
C THR DB 278 46.45 33.97 12.76
N ASN DB 279 47.19 33.86 11.66
CA ASN DB 279 46.90 32.84 10.62
C ASN DB 279 48.16 32.53 9.79
N ALA DB 280 48.11 31.47 8.97
CA ALA DB 280 49.25 31.11 8.08
C ALA DB 280 49.06 31.72 6.69
N THR DB 281 49.76 32.80 6.38
CA THR DB 281 49.69 33.45 5.04
C THR DB 281 48.28 33.95 4.77
N LEU DB 282 48.06 34.57 3.62
CA LEU DB 282 46.68 35.02 3.28
C LEU DB 282 45.84 33.77 2.99
N ARG DB 283 46.37 32.57 3.23
CA ARG DB 283 45.59 31.38 2.84
C ARG DB 283 44.71 31.01 4.02
N ASP DB 284 45.37 30.65 5.12
CA ASP DB 284 44.62 30.29 6.36
C ASP DB 284 43.89 31.53 6.88
N ALA DB 285 44.30 32.75 6.50
CA ALA DB 285 43.55 33.90 7.04
C ALA DB 285 42.16 33.91 6.41
N LEU DB 286 42.11 33.75 5.10
CA LEU DB 286 40.82 33.81 4.39
C LEU DB 286 40.01 32.60 4.82
N GLU DB 287 40.71 31.47 4.97
CA GLU DB 287 39.89 30.30 5.29
C GLU DB 287 39.12 30.64 6.55
N ASN DB 288 39.84 31.18 7.53
CA ASN DB 288 39.17 31.53 8.79
C ASN DB 288 38.13 32.58 8.48
N ALA DB 289 38.49 33.52 7.59
CA ALA DB 289 37.49 34.59 7.45
C ALA DB 289 36.24 34.00 6.84
N PHE DB 290 36.39 33.16 5.82
CA PHE DB 290 35.21 32.62 5.12
C PHE DB 290 34.47 31.71 6.09
N LYS DB 291 35.08 31.50 7.25
CA LYS DB 291 34.44 30.67 8.31
C LYS DB 291 33.76 31.58 9.33
N ILE DB 292 34.43 32.72 9.56
CA ILE DB 292 33.79 33.78 10.35
C ILE DB 292 32.77 34.29 9.34
N VAL DB 293 32.86 33.78 8.11
CA VAL DB 293 31.90 34.18 7.04
C VAL DB 293 31.14 32.93 6.57
N GLU EB 169 17.92 51.82 64.88
CA GLU EB 169 18.41 51.24 63.63
C GLU EB 169 17.96 49.77 63.54
N GLN EB 170 18.02 49.04 64.65
CA GLN EB 170 17.63 47.65 64.66
C GLN EB 170 16.15 47.51 64.30
N SER EB 171 15.32 48.48 64.69
CA SER EB 171 13.92 48.40 64.24
C SER EB 171 13.97 48.42 62.69
N GLU EB 172 14.53 49.50 62.18
CA GLU EB 172 14.49 49.66 60.71
C GLU EB 172 15.20 48.47 60.11
N ALA EB 173 16.16 47.91 60.85
CA ALA EB 173 16.83 46.68 60.37
C ALA EB 173 15.78 45.58 60.33
N LEU EB 174 14.87 45.54 61.30
CA LEU EB 174 13.78 44.53 61.32
C LEU EB 174 12.87 44.75 60.12
N LEU EB 175 12.53 46.02 59.91
CA LEU EB 175 11.61 46.38 58.81
C LEU EB 175 12.32 45.97 57.54
N ALA EB 176 13.65 46.04 57.56
CA ALA EB 176 14.43 45.68 56.37
C ALA EB 176 14.12 44.21 56.08
N MET EB 177 13.97 43.40 57.12
CA MET EB 177 13.80 41.94 56.93
C MET EB 177 12.49 41.50 56.25
N SER EB 178 11.33 42.05 56.61
CA SER EB 178 10.04 41.49 56.10
C SER EB 178 9.80 41.60 54.59
N THR EB 179 10.15 42.72 53.97
CA THR EB 179 9.81 42.90 52.52
C THR EB 179 10.52 41.86 51.64
N PRO EB 180 11.82 41.54 51.85
CA PRO EB 180 12.46 40.48 51.08
C PRO EB 180 11.79 39.13 51.36
N VAL EB 181 11.47 38.89 52.62
CA VAL EB 181 10.89 37.57 52.97
C VAL EB 181 9.50 37.52 52.34
N THR EB 182 9.03 38.62 51.78
CA THR EB 182 7.77 38.54 50.98
C THR EB 182 8.03 38.29 49.50
N MET EB 183 8.96 39.01 48.87
CA MET EB 183 9.12 38.95 47.38
C MET EB 183 9.74 37.65 46.87
N ILE EB 184 9.27 37.14 45.72
CA ILE EB 184 9.93 35.96 45.07
C ILE EB 184 9.72 35.98 43.55
N TRP EB 185 10.66 35.40 42.82
CA TRP EB 185 10.58 35.31 41.34
C TRP EB 185 9.20 34.80 40.92
N GLN EB 186 8.80 35.12 39.70
CA GLN EB 186 7.53 34.57 39.18
C GLN EB 186 6.35 35.01 40.04
N ASP EB 187 6.40 36.17 40.70
CA ASP EB 187 5.21 36.70 41.41
C ASP EB 187 4.81 35.80 42.58
N ILE EB 188 5.58 34.75 42.85
CA ILE EB 188 5.21 33.96 44.06
C ILE EB 188 5.54 34.85 45.25
N LEU EB 189 4.80 34.74 46.34
CA LEU EB 189 5.11 35.53 47.55
C LEU EB 189 5.13 34.61 48.77
N MET EB 190 5.75 35.06 49.86
CA MET EB 190 5.81 34.27 51.11
C MET EB 190 6.12 35.23 52.24
N LEU EB 191 6.30 34.75 53.49
CA LEU EB 191 6.73 35.73 54.53
C LEU EB 191 7.42 35.05 55.72
N PRO EB 192 8.68 34.55 55.62
CA PRO EB 192 9.36 34.06 56.83
C PRO EB 192 9.61 35.19 57.85
N ILE EB 193 9.52 34.88 59.16
CA ILE EB 193 9.77 35.90 60.23
C ILE EB 193 10.18 35.26 61.56
N VAL EB 194 10.69 36.07 62.50
CA VAL EB 194 11.11 35.57 63.85
C VAL EB 194 9.86 35.36 64.71
N GLY EB 195 9.82 34.29 65.51
CA GLY EB 195 8.60 33.96 66.28
C GLY EB 195 8.35 34.86 67.47
N ILE EB 196 9.36 35.15 68.29
CA ILE EB 196 9.04 36.09 69.40
C ILE EB 196 9.21 37.47 68.82
N ILE EB 197 8.10 38.13 68.56
CA ILE EB 197 8.21 39.44 67.89
C ILE EB 197 7.21 40.40 68.54
N ASP EB 198 7.34 41.71 68.32
CA ASP EB 198 6.33 42.68 68.83
C ASP EB 198 4.99 42.59 68.08
N SER EB 199 3.87 42.70 68.82
CA SER EB 199 2.52 42.67 68.21
C SER EB 199 2.29 43.88 67.29
N LYS EB 200 2.76 45.04 67.74
CA LYS EB 200 2.60 46.26 66.92
C LYS EB 200 3.41 46.06 65.65
N ARG EB 201 4.58 45.43 65.79
CA ARG EB 201 5.45 45.16 64.61
C ARG EB 201 4.72 44.21 63.67
N ALA EB 202 3.97 43.26 64.24
CA ALA EB 202 3.17 42.34 63.43
C ALA EB 202 2.10 43.10 62.68
N GLN EB 203 1.50 44.09 63.34
CA GLN EB 203 0.52 44.94 62.63
C GLN EB 203 1.25 45.67 61.51
N ASP EB 204 2.49 45.98 61.79
CA ASP EB 204 3.28 46.66 60.74
C ASP EB 204 3.35 45.68 59.59
N ILE EB 205 3.64 44.43 59.93
CA ILE EB 205 3.82 43.45 58.83
C ILE EB 205 2.48 43.37 58.12
N MET EB 206 1.41 43.42 58.90
CA MET EB 206 0.06 43.37 58.29
C MET EB 206 -0.01 44.46 57.24
N SER EB 207 0.48 45.65 57.57
CA SER EB 207 0.34 46.81 56.69
C SER EB 207 1.24 46.56 55.49
N ALA EB 208 2.38 45.96 55.79
CA ALA EB 208 3.37 45.71 54.72
C ALA EB 208 2.73 44.77 53.71
N VAL EB 209 2.06 43.74 54.18
CA VAL EB 209 1.52 42.79 53.18
C VAL EB 209 0.50 43.54 52.36
N LEU EB 210 -0.32 44.38 52.98
CA LEU EB 210 -1.33 45.03 52.11
C LEU EB 210 -0.62 45.82 51.04
N ASN EB 211 0.34 46.64 51.44
CA ASN EB 211 0.95 47.50 50.40
C ASN EB 211 1.66 46.59 49.42
N LYS EB 212 2.26 45.53 49.93
CA LYS EB 212 3.07 44.69 49.01
C LYS EB 212 2.09 44.16 47.98
N ILE EB 213 0.92 43.77 48.47
CA ILE EB 213 -0.02 43.14 47.51
C ILE EB 213 -0.37 44.20 46.48
N SER EB 214 -0.62 45.42 46.91
CA SER EB 214 -0.96 46.38 45.85
C SER EB 214 0.22 46.42 44.91
N GLU EB 215 1.40 46.58 45.49
CA GLU EB 215 2.58 46.86 44.65
C GLU EB 215 2.56 45.88 43.50
N ASN EB 216 2.46 44.61 43.83
CA ASN EB 216 2.26 43.69 42.70
C ASN EB 216 1.13 42.84 43.20
N ARG EB 217 -0.01 43.00 42.57
CA ARG EB 217 -1.08 42.06 42.96
C ARG EB 217 -0.52 40.65 42.80
N ALA EB 218 -0.60 39.82 43.85
CA ALA EB 218 -0.15 38.40 43.80
C ALA EB 218 -1.21 37.47 44.38
N LYS EB 219 -1.74 36.51 43.63
CA LYS EB 219 -2.68 35.58 44.29
C LYS EB 219 -1.83 34.65 45.14
N ILE EB 220 -0.54 34.59 44.82
CA ILE EB 220 0.35 33.64 45.53
C ILE EB 220 1.05 34.38 46.66
N PHE EB 221 0.95 33.85 47.87
CA PHE EB 221 1.66 34.44 49.03
C PHE EB 221 1.74 33.33 50.09
N ILE EB 222 2.72 33.38 50.99
CA ILE EB 222 2.75 32.35 52.05
C ILE EB 222 3.18 32.93 53.38
N MET EB 223 2.78 32.28 54.47
CA MET EB 223 3.29 32.69 55.78
C MET EB 223 4.39 31.69 56.11
N ASP EB 224 5.63 32.13 56.20
CA ASP EB 224 6.66 31.15 56.62
C ASP EB 224 7.04 31.46 58.07
N ILE EB 225 7.05 30.43 58.92
CA ILE EB 225 7.38 30.65 60.36
C ILE EB 225 8.42 29.61 60.74
N SER EB 226 9.18 29.15 59.75
CA SER EB 226 10.13 28.07 60.06
C SER EB 226 10.87 28.41 61.35
N GLY EB 227 10.97 27.43 62.23
CA GLY EB 227 11.75 27.70 63.46
C GLY EB 227 11.22 28.93 64.13
N VAL EB 228 9.91 29.00 64.36
CA VAL EB 228 9.40 30.27 64.95
C VAL EB 228 10.22 30.49 66.22
N ALA EB 229 10.71 31.71 66.42
CA ALA EB 229 11.65 31.95 67.54
C ALA EB 229 11.00 31.60 68.87
N VAL EB 230 9.78 32.08 69.10
CA VAL EB 230 9.07 31.69 70.35
C VAL EB 230 7.60 31.64 70.01
N VAL EB 231 6.88 30.63 70.51
CA VAL EB 231 5.41 30.53 70.26
C VAL EB 231 4.68 31.47 71.24
N ASP EB 232 4.71 32.77 70.96
CA ASP EB 232 4.04 33.77 71.84
C ASP EB 232 2.51 33.63 71.72
N THR EB 233 1.78 33.95 72.79
CA THR EB 233 0.30 33.79 72.78
C THR EB 233 -0.34 34.73 71.75
N ALA EB 234 -0.08 36.04 71.86
CA ALA EB 234 -0.72 37.02 70.94
C ALA EB 234 -0.22 36.78 69.53
N VAL EB 235 0.94 36.16 69.45
CA VAL EB 235 1.56 35.95 68.12
C VAL EB 235 0.63 35.07 67.29
N ALA EB 236 0.08 34.04 67.90
CA ALA EB 236 -0.88 33.23 67.13
C ALA EB 236 -1.85 34.25 66.61
N ASN EB 237 -2.46 34.95 67.55
CA ASN EB 237 -3.53 35.90 67.17
C ASN EB 237 -3.17 36.55 65.88
N HIS EB 238 -1.94 36.98 65.78
CA HIS EB 238 -1.64 37.71 64.55
C HIS EB 238 -1.94 36.79 63.38
N PHE EB 239 -1.17 35.69 63.29
CA PHE EB 239 -1.33 34.69 62.20
C PHE EB 239 -2.75 34.13 62.21
N ILE EB 240 -3.45 34.14 63.35
CA ILE EB 240 -4.87 33.72 63.29
C ILE EB 240 -5.56 34.73 62.38
N LYS EB 241 -5.55 35.96 62.86
CA LYS EB 241 -6.24 37.01 62.09
C LYS EB 241 -5.55 37.13 60.75
N ILE EB 242 -4.22 37.04 60.76
CA ILE EB 242 -3.44 37.29 59.53
C ILE EB 242 -3.78 36.24 58.49
N THR EB 243 -3.85 34.99 58.92
CA THR EB 243 -4.06 33.96 57.90
C THR EB 243 -5.40 34.29 57.30
N LYS EB 244 -6.35 34.59 58.17
CA LYS EB 244 -7.67 34.79 57.57
C LYS EB 244 -7.60 35.92 56.57
N ALA EB 245 -7.01 37.03 57.00
CA ALA EB 245 -7.06 38.22 56.13
C ALA EB 245 -6.40 37.94 54.80
N THR EB 246 -5.23 37.35 54.85
CA THR EB 246 -4.49 37.19 53.59
C THR EB 246 -5.25 36.32 52.63
N LYS EB 247 -5.73 35.18 53.13
CA LYS EB 247 -6.33 34.29 52.13
C LYS EB 247 -7.54 34.99 51.57
N LEU EB 248 -8.31 35.60 52.45
CA LEU EB 248 -9.61 36.14 52.02
C LEU EB 248 -9.43 37.40 51.18
N MET EB 249 -8.22 37.94 51.14
CA MET EB 249 -7.93 39.06 50.23
C MET EB 249 -8.14 38.51 48.84
N GLY EB 250 -8.15 37.19 48.74
CA GLY EB 250 -8.17 36.59 47.39
C GLY EB 250 -6.73 36.32 47.11
N CYS EB 251 -5.90 36.63 48.10
CA CYS EB 251 -4.46 36.36 47.96
C CYS EB 251 -4.10 35.23 48.91
N ASP EB 252 -4.00 34.01 48.39
CA ASP EB 252 -3.79 32.82 49.27
C ASP EB 252 -2.60 32.99 50.22
N CYS EB 253 -2.61 32.32 51.39
CA CYS EB 253 -1.40 32.34 52.26
C CYS EB 253 -1.16 30.92 52.77
N LEU EB 254 0.10 30.48 52.82
CA LEU EB 254 0.34 29.07 53.23
C LEU EB 254 1.42 29.03 54.31
N VAL EB 255 1.39 28.02 55.18
CA VAL EB 255 2.51 27.90 56.17
C VAL EB 255 3.47 26.81 55.70
N SER EB 256 4.69 27.21 55.31
CA SER EB 256 5.65 26.22 54.75
C SER EB 256 6.62 25.70 55.79
N GLY EB 257 7.05 26.56 56.72
CA GLY EB 257 8.06 26.13 57.70
C GLY EB 257 7.61 26.50 59.08
N VAL EB 258 7.98 25.73 60.11
CA VAL EB 258 7.50 26.00 61.50
C VAL EB 258 8.15 24.98 62.45
N SER EB 259 8.01 25.19 63.76
CA SER EB 259 8.52 24.21 64.74
C SER EB 259 7.35 23.33 65.20
N PRO EB 260 7.59 22.10 65.69
CA PRO EB 260 6.51 21.25 66.20
C PRO EB 260 5.94 21.54 67.60
N SER EB 261 6.80 21.78 68.57
CA SER EB 261 6.30 22.14 69.92
C SER EB 261 5.64 23.49 69.78
N ILE EB 262 6.10 24.25 68.82
CA ILE EB 262 5.46 25.55 68.56
C ILE EB 262 4.02 25.17 68.22
N ALA EB 263 3.90 24.17 67.36
CA ALA EB 263 2.56 23.73 66.93
C ALA EB 263 1.81 23.16 68.11
N ARG EB 264 2.52 22.42 68.96
CA ARG EB 264 1.77 21.77 70.05
C ARG EB 264 1.18 22.87 70.90
N THR EB 265 2.01 23.86 71.17
CA THR EB 265 1.58 24.92 72.09
C THR EB 265 0.32 25.49 71.48
N MET EB 266 0.33 25.55 70.15
CA MET EB 266 -0.86 26.08 69.43
C MET EB 266 -2.04 25.14 69.64
N VAL EB 267 -1.84 23.88 69.29
CA VAL EB 267 -3.01 22.98 69.34
C VAL EB 267 -3.50 22.97 70.78
N GLN EB 268 -2.55 22.89 71.73
CA GLN EB 268 -2.90 22.87 73.17
C GLN EB 268 -3.76 24.10 73.47
N LEU EB 269 -3.69 25.14 72.62
CA LEU EB 269 -4.50 26.33 72.98
C LEU EB 269 -5.94 25.94 72.74
N GLY EB 270 -6.12 24.80 72.07
CA GLY EB 270 -7.48 24.34 71.76
C GLY EB 270 -7.92 25.02 70.50
N ILE EB 271 -6.97 25.67 69.83
CA ILE EB 271 -7.28 26.32 68.52
C ILE EB 271 -8.13 25.36 67.70
N ASN EB 272 -9.14 25.87 66.98
CA ASN EB 272 -10.05 24.96 66.25
C ASN EB 272 -10.36 25.50 64.85
N VAL EB 273 -10.31 26.82 64.68
CA VAL EB 273 -10.74 27.45 63.41
C VAL EB 273 -9.86 27.07 62.21
N GLY EB 274 -8.55 26.92 62.41
CA GLY EB 274 -7.68 26.75 61.23
C GLY EB 274 -8.07 25.63 60.30
N GLU EB 275 -8.22 25.94 59.01
CA GLU EB 275 -8.51 24.91 57.98
C GLU EB 275 -7.94 25.45 56.66
N VAL EB 276 -6.75 26.03 56.71
CA VAL EB 276 -6.15 26.66 55.48
C VAL EB 276 -5.14 25.70 54.85
N ARG EB 277 -4.43 26.17 53.83
CA ARG EB 277 -3.43 25.31 53.13
C ARG EB 277 -2.05 25.53 53.74
N THR EB 278 -1.24 24.47 53.85
CA THR EB 278 0.14 24.59 54.37
C THR EB 278 1.08 23.69 53.53
N ASN EB 279 2.37 23.61 53.89
CA ASN EB 279 3.35 22.84 53.08
C ASN EB 279 4.56 22.43 53.93
N ALA EB 280 5.41 21.54 53.40
CA ALA EB 280 6.64 21.11 54.13
C ALA EB 280 7.84 21.94 53.68
N THR EB 281 8.26 22.92 54.48
CA THR EB 281 9.45 23.77 54.16
C THR EB 281 9.20 24.56 52.87
N LEU EB 282 10.18 25.37 52.47
CA LEU EB 282 10.02 26.11 51.20
C LEU EB 282 10.12 25.10 50.05
N ARG EB 283 10.18 23.80 50.35
CA ARG EB 283 10.39 22.84 49.24
C ARG EB 283 9.03 22.46 48.70
N ASP EB 284 8.23 21.82 49.55
CA ASP EB 284 6.86 21.43 49.14
C ASP EB 284 6.02 22.69 48.89
N ALA EB 285 6.41 23.86 49.42
CA ALA EB 285 5.56 25.02 49.15
C ALA EB 285 5.71 25.38 47.67
N LEU EB 286 6.94 25.44 47.20
CA LEU EB 286 7.20 25.84 45.80
C LEU EB 286 6.64 24.75 44.91
N GLU EB 287 6.81 23.50 45.35
CA GLU EB 287 6.35 22.46 44.43
C GLU EB 287 4.89 22.75 44.16
N ASN EB 288 4.15 22.99 45.23
CA ASN EB 288 2.72 23.26 45.06
C ASN EB 288 2.58 24.53 44.24
N ALA EB 289 3.45 25.50 44.52
CA ALA EB 289 3.17 26.74 43.79
C ALA EB 289 3.40 26.49 42.31
N PHE EB 290 4.49 25.81 41.97
CA PHE EB 290 4.82 25.60 40.54
C PHE EB 290 3.74 24.71 39.94
N LYS EB 291 2.86 24.22 40.80
CA LYS EB 291 1.73 23.37 40.33
C LYS EB 291 0.46 24.22 40.21
N ILE EB 292 0.37 25.17 41.15
CA ILE EB 292 -0.68 26.20 41.03
C ILE EB 292 -0.10 27.04 39.89
N VAL EB 293 1.14 26.72 39.49
CA VAL EB 293 1.82 27.44 38.38
C VAL EB 293 2.12 26.43 37.26
N GLU FB 169 19.44 39.88 72.68
CA GLU FB 169 18.43 39.15 71.92
C GLU FB 169 18.45 39.58 70.46
N GLN FB 170 18.62 40.88 70.21
CA GLN FB 170 18.66 41.39 68.85
C GLN FB 170 19.83 40.79 68.09
N SER FB 171 20.94 40.52 68.76
CA SER FB 171 22.03 39.84 68.05
C SER FB 171 21.44 38.49 67.57
N GLU FB 172 21.00 37.71 68.55
CA GLU FB 172 20.56 36.35 68.19
C GLU FB 172 19.42 36.50 67.19
N ALA FB 173 18.68 37.61 67.30
CA ALA FB 173 17.63 37.87 66.31
C ALA FB 173 18.29 38.06 64.96
N LEU FB 174 19.45 38.70 64.92
CA LEU FB 174 20.21 38.91 63.66
C LEU FB 174 20.65 37.55 63.12
N LEU FB 175 21.19 36.75 64.04
CA LEU FB 175 21.70 35.42 63.67
C LEU FB 175 20.52 34.64 63.14
N ALA FB 176 19.35 34.94 63.69
CA ALA FB 176 18.13 34.24 63.25
C ALA FB 176 17.96 34.53 61.77
N MET FB 177 18.27 35.76 61.35
CA MET FB 177 18.03 36.17 59.94
C MET FB 177 18.86 35.46 58.86
N SER FB 178 20.17 35.27 59.05
CA SER FB 178 21.02 34.76 57.94
C SER FB 178 20.72 33.34 57.44
N THR FB 179 20.46 32.39 58.34
CA THR FB 179 20.29 30.98 57.90
C THR FB 179 19.08 30.81 56.97
N PRO FB 180 17.91 31.43 57.21
CA PRO FB 180 16.81 31.36 56.26
C PRO FB 180 17.19 32.02 54.94
N VAL FB 181 17.88 33.16 55.02
CA VAL FB 181 18.23 33.89 53.77
C VAL FB 181 19.24 33.04 53.02
N THR FB 182 19.73 31.96 53.64
CA THR FB 182 20.57 31.02 52.85
C THR FB 182 19.74 29.88 52.24
N MET FB 183 18.84 29.24 52.99
CA MET FB 183 18.15 28.01 52.51
C MET FB 183 17.11 28.26 51.43
N ILE FB 184 17.00 27.35 50.44
CA ILE FB 184 15.89 27.45 49.43
C ILE FB 184 15.55 26.06 48.86
N TRP FB 185 14.30 25.89 48.44
CA TRP FB 185 13.84 24.62 47.85
C TRP FB 185 14.81 24.14 46.78
N GLN FB 186 14.81 22.85 46.51
CA GLN FB 186 15.64 22.32 45.41
C GLN FB 186 17.12 22.62 45.64
N ASP FB 187 17.58 22.71 46.91
CA ASP FB 187 19.04 22.83 47.18
C ASP FB 187 19.59 24.15 46.64
N ILE FB 188 18.76 25.00 46.07
CA ILE FB 188 19.33 26.31 45.65
C ILE FB 188 19.67 27.05 46.95
N LEU FB 189 20.71 27.88 46.95
CA LEU FB 189 21.04 28.67 48.15
C LEU FB 189 21.24 30.13 47.75
N MET FB 190 21.17 31.04 48.73
CA MET FB 190 21.37 32.48 48.47
C MET FB 190 21.72 33.14 49.79
N LEU FB 191 21.89 34.46 49.85
CA LEU FB 191 22.11 35.06 51.20
C LEU FB 191 21.74 36.55 51.26
N PRO FB 192 20.46 36.97 51.23
CA PRO FB 192 20.16 38.40 51.44
C PRO FB 192 20.56 38.88 52.86
N ILE FB 193 21.03 40.12 53.00
CA ILE FB 193 21.43 40.68 54.32
C ILE FB 193 21.38 42.22 54.35
N VAL FB 194 21.45 42.82 55.55
CA VAL FB 194 21.44 44.30 55.70
C VAL FB 194 22.82 44.85 55.37
N GLY FB 195 22.88 45.99 54.68
CA GLY FB 195 24.18 46.52 54.21
C GLY FB 195 25.05 47.13 55.29
N ILE FB 196 24.50 47.96 56.17
CA ILE FB 196 25.41 48.45 57.25
C ILE FB 196 25.36 47.39 58.34
N ILE FB 197 26.44 46.62 58.43
CA ILE FB 197 26.41 45.50 59.39
C ILE FB 197 27.76 45.43 60.08
N ASP FB 198 27.87 44.72 61.21
CA ASP FB 198 29.20 44.51 61.86
C ASP FB 198 30.12 43.59 61.06
N SER FB 199 31.41 43.91 61.00
CA SER FB 199 32.41 43.08 60.28
C SER FB 199 32.58 41.71 60.95
N LYS FB 200 32.59 41.72 62.28
CA LYS FB 200 32.73 40.45 63.02
C LYS FB 200 31.49 39.62 62.73
N ARG FB 201 30.33 40.27 62.63
CA ARG FB 201 29.07 39.56 62.31
C ARG FB 201 29.17 38.98 60.92
N ALA FB 202 29.82 39.69 60.02
CA ALA FB 202 30.04 39.20 58.64
C ALA FB 202 30.93 37.97 58.69
N GLN FB 203 31.93 37.98 59.55
CA GLN FB 203 32.77 36.77 59.72
C GLN FB 203 31.88 35.65 60.24
N ASP FB 204 30.93 36.05 61.06
CA ASP FB 204 30.00 35.03 61.58
C ASP FB 204 29.30 34.46 60.37
N ILE FB 205 28.86 35.36 59.48
CA ILE FB 205 28.08 34.86 58.34
C ILE FB 205 29.02 33.95 57.56
N MET FB 206 30.28 34.36 57.46
CA MET FB 206 31.27 33.54 56.74
C MET FB 206 31.22 32.14 57.33
N SER FB 207 31.17 32.04 58.64
CA SER FB 207 31.26 30.74 59.33
C SER FB 207 29.96 30.02 59.02
N ALA FB 208 28.88 30.79 59.01
CA ALA FB 208 27.56 30.20 58.78
C ALA FB 208 27.55 29.56 57.42
N VAL FB 209 28.09 30.26 56.42
CA VAL FB 209 28.00 29.67 55.07
C VAL FB 209 28.80 28.38 55.09
N LEU FB 210 29.96 28.37 55.74
CA LEU FB 210 30.73 27.11 55.66
C LEU FB 210 29.87 26.00 56.24
N ASN FB 211 29.35 26.22 57.44
CA ASN FB 211 28.63 25.09 58.06
C ASN FB 211 27.42 24.79 57.19
N LYS FB 212 26.81 25.83 56.66
CA LYS FB 212 25.56 25.57 55.91
C LYS FB 212 25.94 24.67 54.75
N ILE FB 213 27.08 24.98 54.16
CA ILE FB 213 27.46 24.20 52.95
C ILE FB 213 27.65 22.77 53.41
N SER FB 214 28.31 22.57 54.54
CA SER FB 214 28.47 21.15 54.91
C SER FB 214 27.07 20.58 55.05
N GLU FB 215 26.25 21.30 55.79
CA GLU FB 215 24.95 20.72 56.18
C GLU FB 215 24.34 20.13 54.94
N ASN FB 216 24.25 20.94 53.91
CA ASN FB 216 23.80 20.30 52.66
C ASN FB 216 24.80 20.83 51.68
N ARG FB 217 25.65 19.94 51.20
CA ARG FB 217 26.53 20.42 50.14
C ARG FB 217 25.63 21.03 49.05
N ALA FB 218 25.89 22.28 48.63
CA ALA FB 218 25.13 22.94 47.54
C ALA FB 218 26.09 23.59 46.55
N LYS FB 219 26.07 23.22 45.26
CA LYS FB 219 26.94 23.98 44.34
C LYS FB 219 26.25 25.32 44.11
N ILE FB 220 24.96 25.36 44.41
CA ILE FB 220 24.17 26.60 44.13
C ILE FB 220 24.12 27.44 45.40
N PHE FB 221 24.51 28.70 45.30
CA PHE FB 221 24.43 29.63 46.44
C PHE FB 221 24.48 31.05 45.86
N ILE FB 222 23.92 32.04 46.56
CA ILE FB 222 24.03 33.41 46.00
C ILE FB 222 24.24 34.43 47.11
N MET FB 223 24.84 35.56 46.76
CA MET FB 223 24.95 36.64 47.73
C MET FB 223 23.85 37.61 47.36
N ASP FB 224 22.86 37.81 48.22
CA ASP FB 224 21.85 38.83 47.86
C ASP FB 224 22.08 40.05 48.75
N ILE FB 225 22.15 41.23 48.14
CA ILE FB 225 22.42 42.47 48.92
C ILE FB 225 21.36 43.49 48.51
N SER FB 226 20.21 43.01 48.05
CA SER FB 226 19.21 43.96 47.55
C SER FB 226 19.07 45.10 48.53
N GLY FB 227 19.07 46.33 48.01
CA GLY FB 227 18.86 47.46 48.92
C GLY FB 227 19.87 47.41 50.03
N VAL FB 228 21.16 47.27 49.70
CA VAL FB 228 22.12 47.12 50.82
C VAL FB 228 21.88 48.33 51.74
N ALA FB 229 21.80 48.09 53.04
CA ALA FB 229 21.40 49.20 53.95
C ALA FB 229 22.39 50.35 53.87
N VAL FB 230 23.68 50.06 53.91
CA VAL FB 230 24.67 51.16 53.72
C VAL FB 230 25.87 50.54 53.05
N VAL FB 231 26.47 51.24 52.07
CA VAL FB 231 27.69 50.73 51.39
C VAL FB 231 28.91 51.00 52.27
N ASP FB 232 29.09 50.22 53.33
CA ASP FB 232 30.26 50.40 54.25
C ASP FB 232 31.55 49.99 53.54
N THR FB 233 32.67 50.62 53.91
CA THR FB 233 33.98 50.35 53.24
C THR FB 233 34.40 48.89 53.50
N ALA FB 234 34.51 48.48 54.77
CA ALA FB 234 35.00 47.12 55.09
C ALA FB 234 33.99 46.10 54.60
N VAL FB 235 32.76 46.58 54.44
CA VAL FB 235 31.67 45.64 54.05
C VAL FB 235 32.01 45.08 52.66
N ALA FB 236 32.50 45.92 51.77
CA ALA FB 236 32.89 45.36 50.47
C ALA FB 236 33.82 44.25 50.84
N ASN FB 237 34.87 44.62 51.55
CA ASN FB 237 35.92 43.64 51.87
C ASN FB 237 35.31 42.32 52.14
N HIS FB 238 34.25 42.35 52.92
CA HIS FB 238 33.71 41.03 53.26
C HIS FB 238 33.35 40.33 51.95
N PHE FB 239 32.36 40.89 51.25
CA PHE FB 239 31.89 40.33 49.95
C PHE FB 239 33.05 40.24 48.96
N ILE FB 240 34.09 41.07 49.09
CA ILE FB 240 35.25 40.87 48.20
C ILE FB 240 35.78 39.48 48.54
N LYS FB 241 36.23 39.37 49.77
CA LYS FB 241 36.83 38.10 50.19
C LYS FB 241 35.75 37.04 50.10
N ILE FB 242 34.54 37.39 50.50
CA ILE FB 242 33.46 36.39 50.59
C ILE FB 242 33.15 35.85 49.20
N THR FB 243 33.07 36.75 48.23
CA THR FB 243 32.65 36.25 46.92
C THR FB 243 33.72 35.25 46.54
N LYS FB 244 34.97 35.68 46.75
CA LYS FB 244 36.01 34.76 46.25
C LYS FB 244 35.84 33.41 46.94
N ALA FB 245 35.71 33.46 48.26
CA ALA FB 245 35.74 32.18 48.99
C ALA FB 245 34.61 31.29 48.54
N THR FB 246 33.42 31.86 48.46
CA THR FB 246 32.26 31.00 48.17
C THR FB 246 32.40 30.35 46.81
N LYS FB 247 32.75 31.16 45.82
CA LYS FB 247 32.73 30.53 44.49
C LYS FB 247 33.80 29.45 44.49
N LEU FB 248 34.94 29.79 45.05
CA LEU FB 248 36.09 28.88 44.91
C LEU FB 248 35.92 27.64 45.79
N MET FB 249 34.95 27.67 46.68
CA MET FB 249 34.62 26.47 47.46
C MET FB 249 34.18 25.42 46.45
N GLY FB 250 33.84 25.90 45.26
CA GLY FB 250 33.25 24.98 44.28
C GLY FB 250 31.78 25.18 44.47
N CYS FB 251 31.45 26.11 45.37
CA CYS FB 251 30.04 26.44 45.60
C CYS FB 251 29.79 27.83 45.04
N ASP FB 252 29.23 27.93 43.84
CA ASP FB 252 29.06 29.24 43.17
C ASP FB 252 28.37 30.29 44.06
N CYS FB 253 28.63 31.59 43.86
CA CYS FB 253 27.87 32.63 44.61
C CYS FB 253 27.48 33.73 43.61
N LEU FB 254 26.26 34.27 43.69
CA LEU FB 254 25.86 35.27 42.68
C LEU FB 254 25.27 36.48 43.39
N VAL FB 255 25.36 37.67 42.79
CA VAL FB 255 24.68 38.85 43.39
C VAL FB 255 23.37 39.12 42.64
N SER FB 256 22.24 38.90 43.29
CA SER FB 256 20.94 39.05 42.58
C SER FB 256 20.30 40.42 42.82
N GLY FB 257 20.44 40.96 44.02
CA GLY FB 257 19.78 42.24 44.34
C GLY FB 257 20.77 43.17 44.96
N VAL FB 258 20.62 44.49 44.75
CA VAL FB 258 21.61 45.49 45.27
C VAL FB 258 21.13 46.90 44.94
N SER FB 259 21.77 47.92 45.50
CA SER FB 259 21.42 49.31 45.14
C SER FB 259 22.44 49.81 44.11
N PRO FB 260 22.11 50.82 43.29
CA PRO FB 260 23.08 51.38 42.32
C PRO FB 260 24.15 52.34 42.83
N SER FB 261 23.77 53.30 43.68
CA SER FB 261 24.79 54.21 44.26
C SER FB 261 25.66 53.36 45.15
N ILE FB 262 25.06 52.29 45.68
CA ILE FB 262 25.88 51.36 46.48
C ILE FB 262 26.96 50.90 45.53
N ALA FB 263 26.53 50.54 44.33
CA ALA FB 263 27.49 50.04 43.33
C ALA FB 263 28.45 51.15 42.95
N ARG FB 264 27.93 52.36 42.83
CA ARG FB 264 28.85 53.41 42.36
C ARG FB 264 29.94 53.55 43.40
N THR FB 265 29.52 53.56 44.65
CA THR FB 265 30.49 53.81 45.72
C THR FB 265 31.54 52.74 45.56
N MET FB 266 31.08 51.55 45.19
CA MET FB 266 32.02 50.43 44.99
C MET FB 266 32.93 50.73 43.81
N VAL FB 267 32.34 51.02 42.67
CA VAL FB 267 33.21 51.16 41.48
C VAL FB 267 34.16 52.32 41.77
N GLN FB 268 33.62 53.39 42.35
CA GLN FB 268 34.45 54.58 42.69
C GLN FB 268 35.62 54.12 43.56
N LEU FB 269 35.50 52.95 44.22
CA LEU FB 269 36.64 52.57 45.08
C LEU FB 269 37.76 52.19 44.14
N GLY FB 270 37.42 52.04 42.86
CA GLY FB 270 38.43 51.65 41.87
C GLY FB 270 38.53 50.16 41.90
N ILE FB 271 37.59 49.52 42.58
CA ILE FB 271 37.55 48.02 42.60
C ILE FB 271 37.81 47.51 41.19
N ASN FB 272 38.58 46.44 41.05
CA ASN FB 272 38.94 45.96 39.68
C ASN FB 272 38.85 44.44 39.58
N VAL FB 273 39.06 43.75 40.70
CA VAL FB 273 39.13 42.26 40.66
C VAL FB 273 37.82 41.59 40.25
N GLY FB 274 36.68 42.13 40.66
CA GLY FB 274 35.42 41.38 40.43
C GLY FB 274 35.18 40.96 39.00
N GLU FB 275 34.94 39.67 38.79
CA GLU FB 275 34.59 39.12 37.45
C GLU FB 275 33.73 37.88 37.69
N VAL FB 276 32.80 37.95 38.64
CA VAL FB 276 31.97 36.75 38.99
C VAL FB 276 30.60 36.84 38.31
N ARG FB 277 29.71 35.91 38.63
CA ARG FB 277 28.35 35.90 38.01
C ARG FB 277 27.37 36.67 38.90
N THR FB 278 26.44 37.40 38.30
CA THR FB 278 25.39 38.12 39.07
C THR FB 278 24.04 38.00 38.34
N ASN FB 279 22.98 38.64 38.85
CA ASN FB 279 21.63 38.49 38.25
C ASN FB 279 20.73 39.69 38.61
N ALA FB 280 19.57 39.82 37.96
CA ALA FB 280 18.63 40.92 38.26
C ALA FB 280 17.58 40.45 39.27
N THR FB 281 17.70 40.84 40.54
CA THR FB 281 16.71 40.48 41.60
C THR FB 281 16.66 38.95 41.78
N LEU FB 282 15.83 38.48 42.70
CA LEU FB 282 15.69 37.01 42.86
C LEU FB 282 14.95 36.47 41.64
N ARG FB 283 14.70 37.31 40.62
CA ARG FB 283 13.89 36.79 39.50
C ARG FB 283 14.83 36.15 38.51
N ASP FB 284 15.72 36.98 37.95
CA ASP FB 284 16.72 36.47 36.97
C ASP FB 284 17.69 35.52 37.69
N ALA FB 285 17.79 35.59 39.02
CA ALA FB 285 18.74 34.64 39.65
C ALA FB 285 18.17 33.24 39.53
N LEU FB 286 16.89 33.09 39.86
CA LEU FB 286 16.25 31.76 39.85
C LEU FB 286 16.18 31.31 38.40
N GLU FB 287 15.91 32.27 37.52
CA GLU FB 287 15.74 31.79 36.14
C GLU FB 287 17.04 31.10 35.78
N ASN FB 288 18.14 31.76 36.09
CA ASN FB 288 19.45 31.16 35.75
C ASN FB 288 19.56 29.87 36.53
N ALA FB 289 19.12 29.90 37.79
CA ALA FB 289 19.40 28.67 38.54
C ALA FB 289 18.60 27.54 37.91
N PHE FB 290 17.33 27.78 37.58
CA PHE FB 290 16.48 26.70 37.05
C PHE FB 290 17.03 26.30 35.69
N LYS FB 291 18.02 27.06 35.23
CA LYS FB 291 18.67 26.75 33.93
C LYS FB 291 19.97 25.98 34.19
N ILE FB 292 20.61 26.38 35.29
CA ILE FB 292 21.76 25.59 35.78
C ILE FB 292 21.03 24.37 36.34
N VAL FB 293 19.69 24.46 36.37
CA VAL FB 293 18.85 23.33 36.86
C VAL FB 293 17.94 22.85 35.73
N GLU GB 169 48.83 11.32 68.28
CA GLU GB 169 48.34 11.93 67.05
C GLU GB 169 48.33 10.90 65.91
N GLN GB 170 49.37 10.08 65.84
CA GLN GB 170 49.44 9.06 64.80
C GLN GB 170 48.29 8.08 64.92
N SER GB 171 47.85 7.79 66.14
CA SER GB 171 46.67 6.93 66.25
C SER GB 171 45.53 7.66 65.50
N GLU GB 172 45.25 8.85 65.99
CA GLU GB 172 44.08 9.56 65.42
C GLU GB 172 44.34 9.74 63.94
N ALA GB 173 45.62 9.83 63.57
CA ALA GB 173 45.96 9.91 62.14
C ALA GB 173 45.55 8.61 61.49
N LEU GB 174 45.71 7.48 62.19
CA LEU GB 174 45.28 6.16 61.66
C LEU GB 174 43.77 6.14 61.51
N LEU GB 175 43.12 6.62 62.56
CA LEU GB 175 41.63 6.63 62.57
C LEU GB 175 41.21 7.52 61.42
N ALA GB 176 42.04 8.52 61.13
CA ALA GB 176 41.70 9.44 60.03
C ALA GB 176 41.64 8.59 58.76
N MET GB 177 42.52 7.60 58.63
CA MET GB 177 42.61 6.82 57.37
C MET GB 177 41.39 5.94 57.05
N SER GB 178 40.81 5.21 57.99
CA SER GB 178 39.76 4.20 57.65
C SER GB 178 38.45 4.76 57.07
N THR GB 179 37.94 5.86 57.60
CA THR GB 179 36.61 6.35 57.14
C THR GB 179 36.63 6.74 55.66
N PRO GB 180 37.66 7.44 55.13
CA PRO GB 180 37.72 7.72 53.70
C PRO GB 180 37.83 6.42 52.90
N VAL GB 181 38.63 5.49 53.40
CA VAL GB 181 38.84 4.22 52.64
C VAL GB 181 37.52 3.46 52.67
N THR GB 182 36.56 3.93 53.46
CA THR GB 182 35.20 3.32 53.34
C THR GB 182 34.30 4.06 52.34
N MET GB 183 34.24 5.39 52.38
CA MET GB 183 33.24 6.15 51.56
C MET GB 183 33.54 6.17 50.07
N ILE GB 184 32.50 6.08 49.22
CA ILE GB 184 32.70 6.25 47.74
C ILE GB 184 31.42 6.79 47.07
N TRP GB 185 31.59 7.52 45.97
CA TRP GB 185 30.45 8.07 45.21
C TRP GB 185 29.41 6.98 44.96
N GLN GB 186 28.17 7.40 44.74
CA GLN GB 186 27.11 6.43 44.39
C GLN GB 186 26.93 5.39 45.50
N ASP GB 187 27.19 5.73 46.76
CA ASP GB 187 26.85 4.81 47.89
C ASP GB 187 27.70 3.54 47.82
N ILE GB 188 28.61 3.44 46.86
CA ILE GB 188 29.47 2.23 46.90
C ILE GB 188 30.37 2.40 48.12
N LEU GB 189 30.76 1.29 48.77
CA LEU GB 189 31.67 1.38 49.93
C LEU GB 189 32.81 0.38 49.75
N MET GB 190 33.91 0.58 50.48
CA MET GB 190 35.06 -0.35 50.41
C MET GB 190 35.89 -0.13 51.68
N LEU GB 191 37.04 -0.80 51.83
CA LEU GB 191 37.86 -0.46 53.03
C LEU GB 191 39.34 -0.82 52.86
N PRO GB 192 40.17 -0.13 52.05
CA PRO GB 192 41.60 -0.42 52.04
C PRO GB 192 42.27 -0.11 53.39
N ILE GB 193 43.27 -0.92 53.80
CA ILE GB 193 43.98 -0.69 55.11
C ILE GB 193 45.39 -1.31 55.11
N VAL GB 194 46.22 -0.96 56.09
CA VAL GB 194 47.60 -1.51 56.21
C VAL GB 194 47.53 -2.92 56.81
N GLY GB 195 48.34 -3.85 56.31
CA GLY GB 195 48.25 -5.26 56.76
C GLY GB 195 48.77 -5.51 58.15
N ILE GB 196 49.95 -5.01 58.50
CA ILE GB 196 50.36 -5.26 59.91
C ILE GB 196 49.71 -4.16 60.73
N ILE GB 197 48.68 -4.53 61.46
CA ILE GB 197 47.93 -3.47 62.19
C ILE GB 197 47.59 -4.02 63.57
N ASP GB 198 47.21 -3.16 64.53
CA ASP GB 198 46.74 -3.63 65.85
C ASP GB 198 45.37 -4.33 65.79
N SER GB 199 45.20 -5.41 66.54
CA SER GB 199 43.91 -6.15 66.60
C SER GB 199 42.81 -5.29 67.22
N LYS GB 200 43.16 -4.56 68.27
CA LYS GB 200 42.16 -3.69 68.93
C LYS GB 200 41.76 -2.63 67.92
N ARG GB 201 42.72 -2.15 67.13
CA ARG GB 201 42.44 -1.12 66.09
C ARG GB 201 41.51 -1.72 65.06
N ALA GB 202 41.70 -3.00 64.76
CA ALA GB 202 40.80 -3.69 63.81
C ALA GB 202 39.40 -3.76 64.39
N GLN GB 203 39.29 -3.99 65.70
CA GLN GB 203 37.96 -3.97 66.34
C GLN GB 203 37.40 -2.55 66.18
N ASP GB 204 38.31 -1.60 66.24
CA ASP GB 204 37.86 -0.21 66.07
C ASP GB 204 37.26 -0.14 64.67
N ILE GB 205 37.99 -0.72 63.72
CA ILE GB 205 37.50 -0.59 62.33
C ILE GB 205 36.16 -1.29 62.29
N MET GB 206 36.06 -2.41 63.01
CA MET GB 206 34.79 -3.15 63.04
C MET GB 206 33.70 -2.17 63.46
N SER GB 207 33.98 -1.35 64.46
CA SER GB 207 32.96 -0.47 65.04
C SER GB 207 32.68 0.59 64.00
N ALA GB 208 33.74 1.00 63.33
CA ALA GB 208 33.61 2.07 62.33
C ALA GB 208 32.68 1.59 61.24
N VAL GB 209 32.85 0.35 60.80
CA VAL GB 209 31.99 -0.08 59.67
C VAL GB 209 30.57 -0.07 60.18
N LEU GB 210 30.33 -0.53 61.41
CA LEU GB 210 28.91 -0.56 61.81
C LEU GB 210 28.35 0.86 61.74
N ASN GB 211 29.06 1.79 62.36
CA ASN GB 211 28.46 3.15 62.39
C ASN GB 211 28.38 3.64 60.96
N LYS GB 212 29.38 3.32 60.16
CA LYS GB 212 29.38 3.89 58.80
C LYS GB 212 28.12 3.36 58.12
N ILE GB 213 27.86 2.09 58.36
CA ILE GB 213 26.70 1.51 57.65
C ILE GB 213 25.47 2.26 58.12
N SER GB 214 25.36 2.51 59.41
CA SER GB 214 24.12 3.22 59.79
C SER GB 214 24.13 4.53 59.02
N GLU GB 215 25.27 5.21 59.11
CA GLU GB 215 25.31 6.60 58.61
C GLU GB 215 24.66 6.60 57.25
N ASN GB 216 25.14 5.73 56.38
CA ASN GB 216 24.38 5.62 55.13
C ASN GB 216 24.25 4.14 54.97
N ARG GB 217 23.03 3.66 55.12
CA ARG GB 217 22.88 2.23 54.84
C ARG GB 217 23.45 1.99 53.42
N ALA GB 218 24.37 1.03 53.27
CA ALA GB 218 24.94 0.67 51.94
C ALA GB 218 24.93 -0.84 51.76
N LYS GB 219 24.26 -1.39 50.74
CA LYS GB 219 24.39 -2.85 50.55
C LYS GB 219 25.78 -3.07 49.97
N ILE GB 220 26.35 -2.02 49.39
CA ILE GB 220 27.65 -2.17 48.71
C ILE GB 220 28.76 -1.78 49.67
N PHE GB 221 29.73 -2.67 49.84
CA PHE GB 221 30.91 -2.38 50.69
C PHE GB 221 32.00 -3.35 50.28
N ILE GB 222 33.27 -3.01 50.49
CA ILE GB 222 34.33 -4.00 50.13
C ILE GB 222 35.45 -3.97 51.15
N MET GB 223 36.17 -5.08 51.24
CA MET GB 223 37.38 -5.08 52.08
C MET GB 223 38.53 -4.95 51.10
N ASP GB 224 39.27 -3.85 51.17
CA ASP GB 224 40.45 -3.79 50.27
C ASP GB 224 41.71 -3.99 51.12
N ILE GB 225 42.58 -4.90 50.69
CA ILE GB 225 43.81 -5.19 51.47
C ILE GB 225 44.98 -5.13 50.51
N SER GB 226 44.82 -4.36 49.43
CA SER GB 226 45.89 -4.34 48.42
C SER GB 226 47.24 -4.21 49.13
N GLY GB 227 48.20 -5.03 48.71
CA GLY GB 227 49.53 -4.88 49.31
C GLY GB 227 49.43 -4.94 50.81
N VAL GB 228 48.77 -5.97 51.34
CA VAL GB 228 48.59 -5.96 52.83
C VAL GB 228 50.00 -5.81 53.39
N ALA GB 229 50.18 -4.92 54.37
CA ALA GB 229 51.54 -4.62 54.85
C ALA GB 229 52.23 -5.86 55.39
N VAL GB 230 51.53 -6.62 56.23
CA VAL GB 230 52.12 -7.90 56.71
C VAL GB 230 50.96 -8.85 56.91
N VAL GB 231 51.12 -10.12 56.53
CA VAL GB 231 50.05 -11.14 56.73
C VAL GB 231 50.11 -11.63 58.18
N ASP GB 232 49.62 -10.83 59.13
CA ASP GB 232 49.64 -11.20 60.56
C ASP GB 232 48.63 -12.34 60.81
N THR GB 233 48.90 -13.19 61.80
CA THR GB 233 48.02 -14.36 62.08
C THR GB 233 46.63 -13.89 62.54
N ALA GB 234 46.57 -13.08 63.60
CA ALA GB 234 45.25 -12.65 64.15
C ALA GB 234 44.57 -11.76 63.13
N VAL GB 235 45.37 -11.19 62.24
CA VAL GB 235 44.80 -10.24 61.26
C VAL GB 235 43.81 -10.99 60.37
N ALA GB 236 44.16 -12.22 59.98
CA ALA GB 236 43.19 -12.97 59.21
C ALA GB 236 41.95 -12.94 60.06
N ASN GB 237 42.11 -13.44 61.27
CA ASN GB 237 40.95 -13.58 62.16
C ASN GB 237 40.06 -12.40 61.98
N HIS GB 238 40.65 -11.24 61.94
CA HIS GB 238 39.74 -10.09 61.87
C HIS GB 238 38.89 -10.26 60.62
N PHE GB 239 39.55 -10.21 59.45
CA PHE GB 239 38.86 -10.36 58.14
C PHE GB 239 38.12 -11.68 58.08
N ILE GB 240 38.54 -12.70 58.83
CA ILE GB 240 37.72 -13.93 58.84
C ILE GB 240 36.38 -13.52 59.44
N LYS GB 241 36.45 -13.10 60.68
CA LYS GB 241 35.20 -12.72 61.37
C LYS GB 241 34.60 -11.55 60.63
N ILE GB 242 35.45 -10.63 60.19
CA ILE GB 242 34.95 -9.38 59.58
C ILE GB 242 34.21 -9.69 58.30
N THR GB 243 34.78 -10.58 57.49
CA THR GB 243 34.13 -10.80 56.20
C THR GB 243 32.76 -11.34 56.56
N LYS GB 244 32.76 -12.27 57.50
CA LYS GB 244 31.44 -12.88 57.74
C LYS GB 244 30.48 -11.79 58.18
N ALA GB 245 30.91 -10.99 59.14
CA ALA GB 245 29.95 -10.04 59.71
C ALA GB 245 29.41 -9.09 58.66
N THR GB 246 30.32 -8.56 57.86
CA THR GB 246 29.87 -7.52 56.91
C THR GB 246 28.88 -8.11 55.93
N LYS GB 247 29.23 -9.25 55.37
CA LYS GB 247 28.31 -9.70 54.31
C LYS GB 247 26.97 -9.98 54.96
N LEU GB 248 27.03 -10.64 56.11
CA LEU GB 248 25.76 -11.12 56.70
C LEU GB 248 24.95 -9.97 57.28
N MET GB 249 25.55 -8.79 57.38
CA MET GB 249 24.79 -7.60 57.78
C MET GB 249 23.74 -7.40 56.71
N GLY GB 250 23.96 -8.03 55.56
CA GLY GB 250 23.09 -7.76 54.42
C GLY GB 250 23.82 -6.71 53.67
N CYS GB 251 25.01 -6.39 54.18
CA CYS GB 251 25.85 -5.41 53.48
C CYS GB 251 27.06 -6.15 52.90
N ASP GB 252 27.02 -6.47 51.61
CA ASP GB 252 28.07 -7.30 50.99
C ASP GB 252 29.49 -6.78 51.27
N CYS GB 253 30.52 -7.64 51.29
CA CYS GB 253 31.91 -7.14 51.39
C CYS GB 253 32.78 -7.91 50.39
N LEU GB 254 33.70 -7.23 49.70
CA LEU GB 254 34.48 -7.96 48.66
C LEU GB 254 35.96 -7.68 48.86
N VAL GB 255 36.83 -8.59 48.45
CA VAL GB 255 38.29 -8.28 48.52
C VAL GB 255 38.79 -7.91 47.12
N SER GB 256 39.16 -6.66 46.92
CA SER GB 256 39.55 -6.20 45.56
C SER GB 256 41.07 -6.21 45.37
N GLY GB 257 41.83 -5.88 46.40
CA GLY GB 257 43.30 -5.79 46.24
C GLY GB 257 43.96 -6.56 47.36
N VAL GB 258 45.14 -7.14 47.11
CA VAL GB 258 45.82 -7.99 48.14
C VAL GB 258 47.17 -8.45 47.57
N SER GB 259 48.02 -9.03 48.43
CA SER GB 259 49.30 -9.60 47.94
C SER GB 259 49.12 -11.12 47.77
N PRO GB 260 49.92 -11.78 46.93
CA PRO GB 260 49.84 -13.24 46.76
C PRO GB 260 50.46 -14.14 47.84
N SER GB 261 51.67 -13.82 48.27
CA SER GB 261 52.29 -14.61 49.37
C SER GB 261 51.48 -14.35 50.60
N ILE GB 262 50.85 -13.18 50.64
CA ILE GB 262 49.96 -12.88 51.77
C ILE GB 262 48.90 -13.98 51.69
N ALA GB 263 48.41 -14.19 50.47
CA ALA GB 263 47.36 -15.20 50.28
C ALA GB 263 47.92 -16.57 50.58
N ARG GB 264 49.17 -16.81 50.18
CA ARG GB 264 49.66 -18.18 50.38
C ARG GB 264 49.68 -18.42 51.88
N THR GB 265 50.18 -17.44 52.59
CA THR GB 265 50.35 -17.63 54.04
C THR GB 265 48.97 -18.00 54.56
N MET GB 266 47.97 -17.37 53.97
CA MET GB 266 46.58 -17.64 54.39
C MET GB 266 46.22 -19.07 54.04
N VAL GB 267 46.38 -19.42 52.77
CA VAL GB 267 45.90 -20.76 52.38
C VAL GB 267 46.68 -21.76 53.20
N GLN GB 268 47.99 -21.54 53.33
CA GLN GB 268 48.86 -22.45 54.11
C GLN GB 268 48.27 -22.58 55.52
N LEU GB 269 47.44 -21.62 55.96
CA LEU GB 269 46.93 -21.77 57.34
C LEU GB 269 45.94 -22.93 57.29
N GLY GB 270 45.59 -23.34 56.07
CA GLY GB 270 44.63 -24.44 55.92
C GLY GB 270 43.25 -23.83 55.99
N ILE GB 271 43.19 -22.50 55.94
CA ILE GB 271 41.86 -21.82 55.93
C ILE GB 271 40.94 -22.57 54.96
N ASN GB 272 39.66 -22.72 55.33
CA ASN GB 272 38.75 -23.53 54.47
C ASN GB 272 37.39 -22.85 54.33
N VAL GB 273 36.99 -22.06 55.33
CA VAL GB 273 35.61 -21.49 55.34
C VAL GB 273 35.36 -20.50 54.21
N GLY GB 274 36.35 -19.71 53.81
CA GLY GB 274 36.05 -18.62 52.86
C GLY GB 274 35.37 -19.06 51.59
N GLU GB 275 34.24 -18.44 51.26
CA GLU GB 275 33.52 -18.72 49.99
C GLU GB 275 32.76 -17.43 49.63
N VAL GB 276 33.40 -16.27 49.80
CA VAL GB 276 32.70 -14.96 49.56
C VAL GB 276 33.08 -14.42 48.19
N ARG GB 277 32.64 -13.20 47.87
CA ARG GB 277 32.93 -12.59 46.54
C ARG GB 277 34.20 -11.74 46.64
N THR GB 278 35.02 -11.75 45.59
CA THR GB 278 36.25 -10.89 45.55
C THR GB 278 36.41 -10.29 44.14
N ASN GB 279 37.49 -9.55 43.89
CA ASN GB 279 37.66 -8.86 42.58
C ASN GB 279 39.14 -8.55 42.32
N ALA GB 280 39.50 -8.16 41.10
CA ALA GB 280 40.90 -7.80 40.76
C ALA GB 280 41.11 -6.28 40.89
N THR GB 281 41.74 -5.84 41.97
CA THR GB 281 42.05 -4.39 42.18
C THR GB 281 40.74 -3.60 42.28
N LEU GB 282 40.85 -2.29 42.49
CA LEU GB 282 39.63 -1.45 42.52
C LEU GB 282 39.06 -1.38 41.10
N ARG GB 283 39.63 -2.14 40.15
CA ARG GB 283 39.16 -1.97 38.77
C ARG GB 283 37.99 -2.92 38.57
N ASP GB 284 38.27 -4.21 38.68
CA ASP GB 284 37.21 -5.24 38.53
C ASP GB 284 36.21 -5.09 39.68
N ALA GB 285 36.59 -4.45 40.80
CA ALA GB 285 35.59 -4.36 41.86
C ALA GB 285 34.49 -3.41 41.41
N LEU GB 286 34.88 -2.26 40.89
CA LEU GB 286 33.91 -1.24 40.46
C LEU GB 286 33.14 -1.80 39.29
N GLU GB 287 33.86 -2.51 38.43
CA GLU GB 287 33.12 -2.96 37.24
C GLU GB 287 31.95 -3.77 37.75
N ASN GB 288 32.24 -4.67 38.68
CA ASN GB 288 31.16 -5.51 39.22
C ASN GB 288 30.17 -4.60 39.90
N ALA GB 289 30.69 -3.59 40.61
CA ALA GB 289 29.68 -2.83 41.36
C ALA GB 289 28.78 -2.13 40.37
N PHE GB 290 29.35 -1.53 39.33
CA PHE GB 290 28.53 -0.74 38.37
C PHE GB 290 27.62 -1.72 37.64
N LYS GB 291 27.83 -3.00 37.90
CA LYS GB 291 26.98 -4.06 37.29
C LYS GB 291 25.90 -4.49 38.29
N ILE GB 292 26.34 -4.50 39.55
CA ILE GB 292 25.35 -4.69 40.64
C ILE GB 292 24.67 -3.33 40.62
N VAL GB 293 25.22 -2.41 39.82
CA VAL GB 293 24.62 -1.04 39.68
C VAL GB 293 24.21 -0.83 38.22
N GLU HB 169 57.95 2.65 61.73
CA GLU HB 169 56.94 1.89 61.02
C GLU HB 169 55.75 2.77 60.65
N GLN HB 170 55.36 3.66 61.55
CA GLN HB 170 54.24 4.55 61.29
C GLN HB 170 54.56 5.47 60.11
N SER HB 171 55.82 5.85 59.94
CA SER HB 171 56.13 6.63 58.73
C SER HB 171 55.75 5.73 57.53
N GLU HB 172 56.40 4.58 57.48
CA GLU HB 172 56.20 3.73 56.29
C GLU HB 172 54.71 3.42 56.22
N ALA HB 173 54.05 3.38 57.38
CA ALA HB 173 52.59 3.17 57.38
C ALA HB 173 51.96 4.36 56.69
N LEU HB 174 52.50 5.57 56.90
CA LEU HB 174 51.98 6.79 56.25
C LEU HB 174 52.19 6.68 54.74
N LEU HB 175 53.41 6.26 54.40
CA LEU HB 175 53.78 6.15 52.98
C LEU HB 175 52.85 5.12 52.37
N ALA HB 176 52.46 4.16 53.21
CA ALA HB 176 51.55 3.10 52.72
C ALA HB 176 50.28 3.79 52.27
N MET HB 177 49.85 4.83 52.99
CA MET HB 177 48.55 5.48 52.71
C MET HB 177 48.45 6.22 51.36
N SER HB 178 49.45 7.01 50.95
CA SER HB 178 49.28 7.89 49.77
C SER HB 178 49.08 7.18 48.42
N THR HB 179 49.82 6.11 48.15
CA THR HB 179 49.74 5.47 46.81
C THR HB 179 48.34 4.92 46.51
N PRO HB 180 47.64 4.25 47.45
CA PRO HB 180 46.26 3.83 47.21
C PRO HB 180 45.36 5.04 47.00
N VAL HB 181 45.56 6.08 47.80
CA VAL HB 181 44.67 7.27 47.70
C VAL HB 181 44.96 7.93 46.36
N THR HB 182 45.99 7.47 45.65
CA THR HB 182 46.16 7.97 44.26
C THR HB 182 45.48 7.06 43.22
N MET HB 183 45.64 5.74 43.30
CA MET HB 183 45.16 4.83 42.22
C MET HB 183 43.64 4.66 42.15
N ILE HB 184 43.07 4.58 40.94
CA ILE HB 184 41.61 4.27 40.81
C ILE HB 184 41.33 3.58 39.46
N TRP HB 185 40.28 2.75 39.44
CA TRP HB 185 39.87 2.03 38.21
C TRP HB 185 39.80 3.00 37.04
N GLN HB 186 39.92 2.47 35.83
CA GLN HB 186 39.75 3.33 34.63
C GLN HB 186 40.77 4.46 34.61
N ASP HB 187 41.97 4.27 35.19
CA ASP HB 187 43.05 5.28 35.05
C ASP HB 187 42.67 6.60 35.72
N ILE HB 188 41.51 6.67 36.37
CA ILE HB 188 41.23 7.92 37.10
C ILE HB 188 42.21 7.96 38.27
N LEU HB 189 42.65 9.16 38.68
CA LEU HB 189 43.55 9.26 39.85
C LEU HB 189 43.02 10.32 40.81
N MET HB 190 43.47 10.28 42.07
CA MET HB 190 43.04 11.28 43.08
C MET HB 190 44.07 11.26 44.19
N LEU HB 191 43.89 12.03 45.27
CA LEU HB 191 44.87 11.88 46.39
C LEU HB 191 44.32 12.33 47.74
N PRO HB 192 43.39 11.61 48.42
CA PRO HB 192 43.01 12.01 49.77
C PRO HB 192 44.18 11.90 50.76
N ILE HB 193 44.27 12.81 51.74
CA ILE HB 193 45.37 12.78 52.76
C ILE HB 193 44.97 13.50 54.06
N VAL HB 194 45.75 13.32 55.14
CA VAL HB 194 45.48 13.98 56.46
C VAL HB 194 45.95 15.43 56.38
N GLY HB 195 45.19 16.37 56.97
CA GLY HB 195 45.53 17.81 56.83
C GLY HB 195 46.72 18.25 57.65
N ILE HB 196 46.82 17.87 58.92
CA ILE HB 196 48.06 18.30 59.62
C ILE HB 196 49.10 17.25 59.30
N ILE HB 197 50.02 17.62 58.43
CA ILE HB 197 51.01 16.60 57.99
C ILE HB 197 52.38 17.26 57.92
N ASP HB 198 53.46 16.48 57.86
CA ASP HB 198 54.83 17.06 57.67
C ASP HB 198 55.04 17.63 56.27
N SER HB 199 55.71 18.78 56.18
CA SER HB 199 56.02 19.43 54.87
C SER HB 199 56.95 18.56 54.03
N LYS HB 200 57.95 17.98 54.69
CA LYS HB 200 58.90 17.10 53.97
C LYS HB 200 58.12 15.91 53.45
N ARG HB 201 57.16 15.43 54.24
CA ARG HB 201 56.31 14.28 53.84
C ARG HB 201 55.50 14.69 52.62
N ALA HB 202 55.05 15.94 52.61
CA ALA HB 202 54.29 16.46 51.45
C ALA HB 202 55.19 16.48 50.22
N GLN HB 203 56.45 16.84 50.40
CA GLN HB 203 57.40 16.79 49.27
C GLN HB 203 57.51 15.34 48.84
N ASP HB 204 57.42 14.46 49.82
CA ASP HB 204 57.49 13.03 49.47
C ASP HB 204 56.29 12.78 48.58
N ILE HB 205 55.15 13.29 49.00
CA ILE HB 205 53.94 12.99 48.22
C ILE HB 205 54.17 13.58 46.84
N MET HB 206 54.78 14.74 46.80
CA MET HB 206 55.07 15.40 45.51
C MET HB 206 55.81 14.38 44.65
N SER HB 207 56.79 13.71 45.24
CA SER HB 207 57.68 12.82 44.47
C SER HB 207 56.83 11.64 44.05
N ALA HB 208 55.95 11.23 44.98
CA ALA HB 208 55.11 10.06 44.72
C ALA HB 208 54.25 10.35 43.50
N VAL HB 209 53.67 11.54 43.45
CA VAL HB 209 52.76 11.78 42.31
C VAL HB 209 53.60 11.72 41.05
N LEU HB 210 54.80 12.29 41.06
CA LEU HB 210 55.54 12.26 39.79
C LEU HB 210 55.72 10.80 39.37
N ASN HB 211 56.23 9.99 40.29
CA ASN HB 211 56.52 8.61 39.85
C ASN HB 211 55.20 7.96 39.48
N LYS HB 212 54.16 8.27 40.23
CA LYS HB 212 52.89 7.56 39.96
C LYS HB 212 52.51 7.91 38.55
N ILE HB 213 52.68 9.17 38.22
CA ILE HB 213 52.23 9.60 36.87
C ILE HB 213 53.05 8.81 35.86
N SER HB 214 54.34 8.70 36.08
CA SER HB 214 55.07 7.94 35.05
C SER HB 214 54.45 6.57 35.01
N GLU HB 215 54.31 5.98 36.20
CA GLU HB 215 53.94 4.56 36.25
C GLU HB 215 52.79 4.36 35.30
N ASN HB 216 51.76 5.16 35.48
CA ASN HB 216 50.72 5.08 34.44
C ASN HB 216 50.47 6.52 34.13
N ARG HB 217 50.87 6.91 32.94
CA ARG HB 217 50.51 8.29 32.59
C ARG HB 217 48.99 8.42 32.77
N ALA HB 218 48.53 9.43 33.53
CA ALA HB 218 47.08 9.68 33.74
C ALA HB 218 46.77 11.17 33.54
N LYS HB 219 45.90 11.54 32.60
CA LYS HB 219 45.56 12.98 32.54
C LYS HB 219 44.64 13.25 33.72
N ILE HB 220 44.04 12.18 34.24
CA ILE HB 220 43.04 12.35 35.32
C ILE HB 220 43.73 12.15 36.67
N PHE HB 221 43.59 13.12 37.56
CA PHE HB 221 44.15 13.01 38.92
C PHE HB 221 43.39 14.01 39.79
N ILE HB 222 43.32 13.79 41.10
CA ILE HB 222 42.64 14.81 41.94
C ILE HB 222 43.34 14.98 43.27
N MET HB 223 43.16 16.14 43.87
CA MET HB 223 43.67 16.32 45.24
C MET HB 223 42.46 16.17 46.14
N ASP HB 224 42.44 15.15 46.98
CA ASP HB 224 41.29 15.07 47.91
C ASP HB 224 41.79 15.46 49.31
N ILE HB 225 41.08 16.37 49.97
CA ILE HB 225 41.52 16.84 51.32
C ILE HB 225 40.30 16.76 52.22
N SER HB 226 39.37 15.87 51.89
CA SER HB 226 38.13 15.83 52.70
C SER HB 226 38.49 15.87 54.17
N GLY HB 227 37.79 16.71 54.92
CA GLY HB 227 38.06 16.72 56.36
C GLY HB 227 39.53 16.93 56.61
N VAL HB 228 40.11 17.97 56.00
CA VAL HB 228 41.58 18.10 56.19
C VAL HB 228 41.80 18.12 57.69
N ALA HB 229 42.78 17.35 58.18
CA ALA HB 229 42.94 17.19 59.64
C ALA HB 229 43.19 18.55 60.31
N VAL HB 230 44.10 19.34 59.75
CA VAL HB 230 44.31 20.70 60.32
C VAL HB 230 44.70 21.58 59.14
N VAL HB 231 44.18 22.81 59.09
CA VAL HB 231 44.55 23.77 58.00
C VAL HB 231 45.90 24.41 58.35
N ASP HB 232 47.00 23.68 58.18
CA ASP HB 232 48.36 24.21 58.50
C ASP HB 232 48.74 25.28 57.47
N THR HB 233 49.55 26.26 57.89
CA THR HB 233 49.94 27.39 56.98
C THR HB 233 50.76 26.85 55.80
N ALA HB 234 51.87 26.17 56.06
CA ALA HB 234 52.75 25.70 54.96
C ALA HB 234 52.01 24.66 54.14
N VAL HB 235 51.01 24.06 54.77
CA VAL HB 235 50.28 22.97 54.08
C VAL HB 235 49.61 23.56 52.84
N ALA HB 236 49.03 24.75 52.97
CA ALA HB 236 48.46 25.34 51.76
C ALA HB 236 49.59 25.30 50.78
N ASN HB 237 50.67 25.94 51.17
CA ASN HB 237 51.80 26.09 50.25
C ASN HB 237 51.95 24.85 49.44
N HIS HB 238 51.87 23.73 50.12
CA HIS HB 238 52.12 22.51 49.34
C HIS HB 238 51.10 22.49 48.21
N PHE HB 239 49.82 22.35 48.57
CA PHE HB 239 48.71 22.31 47.59
C PHE HB 239 48.71 23.56 46.73
N ILE HB 240 49.26 24.69 47.21
CA ILE HB 240 49.36 25.85 46.30
C ILE HB 240 50.30 25.39 45.18
N LYS HB 241 51.52 25.12 45.59
CA LYS HB 241 52.51 24.73 44.57
C LYS HB 241 52.05 23.45 43.94
N ILE HB 242 51.50 22.55 44.75
CA ILE HB 242 51.14 21.21 44.23
C ILE HB 242 50.05 21.33 43.20
N THR HB 243 49.06 22.16 43.47
CA THR HB 243 47.96 22.19 42.51
C THR HB 243 48.59 22.66 41.21
N LYS HB 244 49.35 23.74 41.29
CA LYS HB 244 49.90 24.29 40.02
C LYS HB 244 50.66 23.19 39.32
N ALA HB 245 51.55 22.55 40.06
CA ALA HB 245 52.46 21.58 39.42
C ALA HB 245 51.72 20.42 38.77
N THR HB 246 50.56 20.03 39.31
CA THR HB 246 49.94 18.83 38.73
C THR HB 246 49.62 19.09 37.27
N LYS HB 247 49.00 20.23 37.03
CA LYS HB 247 48.59 20.47 35.64
C LYS HB 247 49.78 21.11 34.94
N LEU HB 248 50.79 21.48 35.71
CA LEU HB 248 52.03 21.96 35.05
C LEU HB 248 52.57 20.75 34.33
N MET HB 249 52.53 19.60 35.00
CA MET HB 249 52.93 18.33 34.34
C MET HB 249 51.94 18.13 33.23
N GLY HB 250 50.69 18.47 33.50
CA GLY HB 250 49.64 18.23 32.50
C GLY HB 250 48.67 17.28 33.14
N CYS HB 251 48.95 16.96 34.40
CA CYS HB 251 47.99 16.10 35.13
C CYS HB 251 46.94 17.01 35.74
N ASP HB 252 45.76 17.08 35.14
CA ASP HB 252 44.68 17.87 35.77
C ASP HB 252 44.50 17.36 37.19
N CYS HB 253 44.36 18.26 38.17
CA CYS HB 253 44.17 17.89 39.60
C CYS HB 253 42.92 18.60 40.12
N LEU HB 254 42.09 17.93 40.92
CA LEU HB 254 40.83 18.59 41.35
C LEU HB 254 40.68 18.44 42.86
N VAL HB 255 39.99 19.37 43.52
CA VAL HB 255 39.73 19.19 44.97
C VAL HB 255 38.29 18.70 45.16
N SER HB 256 38.11 17.46 45.60
CA SER HB 256 36.75 16.89 45.70
C SER HB 256 36.20 16.99 47.12
N GLY HB 257 37.04 16.83 48.13
CA GLY HB 257 36.53 16.84 49.52
C GLY HB 257 37.38 17.77 50.35
N VAL HB 258 36.80 18.41 51.38
CA VAL HB 258 37.55 19.40 52.20
C VAL HB 258 36.65 19.90 53.33
N SER HB 259 37.21 20.63 54.29
CA SER HB 259 36.37 21.23 55.36
C SER HB 259 36.13 22.70 55.00
N PRO HB 260 35.05 23.33 55.51
CA PRO HB 260 34.80 24.76 55.23
C PRO HB 260 35.61 25.81 56.01
N SER HB 261 35.76 25.63 57.32
CA SER HB 261 36.59 26.57 58.10
C SER HB 261 38.01 26.38 57.62
N ILE HB 262 38.29 25.18 57.14
CA ILE HB 262 39.64 24.95 56.57
C ILE HB 262 39.72 25.94 55.43
N ALA HB 263 38.64 25.99 54.64
CA ALA HB 263 38.62 26.90 53.48
C ALA HB 263 38.66 28.34 53.97
N ARG HB 264 37.95 28.62 55.05
CA ARG HB 264 37.91 30.03 55.44
C ARG HB 264 39.32 30.43 55.79
N THR HB 265 39.98 29.57 56.54
CA THR HB 265 41.32 29.93 57.02
C THR HB 265 42.13 30.24 55.77
N MET HB 266 41.85 29.48 54.73
CA MET HB 266 42.57 29.69 53.46
C MET HB 266 42.19 31.05 52.88
N VAL HB 267 40.90 31.27 52.70
CA VAL HB 267 40.53 32.53 52.02
C VAL HB 267 41.04 33.67 52.87
N GLN HB 268 40.87 33.56 54.19
CA GLN HB 268 41.33 34.61 55.13
C GLN HB 268 42.82 34.85 54.87
N LEU HB 269 43.53 33.88 54.27
CA LEU HB 269 44.98 34.14 54.08
C LEU HB 269 45.07 35.20 53.00
N GLY HB 270 43.94 35.45 52.34
CA GLY HB 270 43.94 36.45 51.27
C GLY HB 270 44.40 35.77 50.01
N ILE HB 271 44.47 34.44 50.06
CA ILE HB 271 44.85 33.66 48.85
C ILE HB 271 44.08 34.24 47.66
N ASN HB 272 44.73 34.33 46.50
CA ASN HB 272 44.06 34.97 45.33
C ASN HB 272 44.30 34.17 44.04
N VAL HB 273 45.43 33.48 43.97
CA VAL HB 273 45.84 32.81 42.70
C VAL HB 273 44.89 31.69 42.28
N GLY HB 274 44.34 30.93 43.22
CA GLY HB 274 43.59 29.73 42.81
C GLY HB 274 42.47 29.98 41.82
N GLU HB 275 42.49 29.24 40.71
CA GLU HB 275 41.41 29.33 39.69
C GLU HB 275 41.36 27.96 39.00
N VAL HB 276 41.48 26.87 39.77
CA VAL HB 276 41.53 25.50 39.16
C VAL HB 276 40.15 24.85 39.26
N ARG HB 277 40.06 23.57 38.88
CA ARG HB 277 38.76 22.85 38.91
C ARG HB 277 38.62 22.10 40.23
N THR HB 278 37.41 22.06 40.79
CA THR HB 278 37.14 21.30 42.05
C THR HB 278 35.79 20.57 41.92
N ASN HB 279 35.36 19.87 42.99
CA ASN HB 279 34.10 19.07 42.92
C ASN HB 279 33.52 18.85 44.32
N ALA HB 280 32.28 18.35 44.40
CA ALA HB 280 31.63 18.06 45.71
C ALA HB 280 31.85 16.59 46.10
N THR HB 281 32.78 16.31 47.01
CA THR HB 281 33.04 14.92 47.50
C THR HB 281 33.52 14.05 46.34
N LEU HB 282 33.81 12.78 46.62
CA LEU HB 282 34.21 11.86 45.53
C LEU HB 282 32.98 11.58 44.65
N ARG HB 283 31.86 12.28 44.90
CA ARG HB 283 30.65 11.93 44.13
C ARG HB 283 30.66 12.77 42.86
N ASP HB 284 30.58 14.08 43.05
CA ASP HB 284 30.62 15.00 41.88
C ASP HB 284 31.98 14.91 41.19
N ALA HB 285 33.02 14.42 41.88
CA ALA HB 285 34.31 14.37 41.17
C ALA HB 285 34.23 13.30 40.10
N LEU HB 286 33.71 12.14 40.47
CA LEU HB 286 33.63 11.00 39.53
C LEU HB 286 32.64 11.38 38.46
N GLU HB 287 31.57 12.04 38.88
CA GLU HB 287 30.56 12.31 37.84
C GLU HB 287 31.27 13.09 36.75
N ASN HB 288 32.02 14.10 37.16
CA ASN HB 288 32.73 14.90 36.16
C ASN HB 288 33.71 13.99 35.46
N ALA HB 289 34.36 13.11 36.22
CA ALA HB 289 35.40 12.36 35.49
C ALA HB 289 34.72 11.49 34.46
N PHE HB 290 33.63 10.82 34.83
CA PHE HB 290 32.97 9.89 33.89
C PHE HB 290 32.41 10.72 32.74
N LYS HB 291 32.49 12.03 32.88
CA LYS HB 291 32.01 12.94 31.80
C LYS HB 291 33.20 13.40 30.96
N ILE HB 292 34.32 13.58 31.67
CA ILE HB 292 35.59 13.81 30.96
C ILE HB 292 35.85 12.41 30.43
N VAL HB 293 35.02 11.46 30.85
CA VAL HB 293 35.15 10.04 30.39
C VAL HB 293 33.87 9.64 29.66
#